data_3MG4
#
_entry.id   3MG4
#
_cell.length_a   134.561
_cell.length_b   300.791
_cell.length_c   144.707
_cell.angle_alpha   90.00
_cell.angle_beta   112.73
_cell.angle_gamma   90.00
#
_symmetry.space_group_name_H-M   'P 1 21 1'
#
loop_
_entity.id
_entity.type
_entity.pdbx_description
1 polymer 'Proteasome component Y7'
2 polymer 'Proteasome component Y13'
3 polymer 'Proteasome component PRE6'
4 polymer 'Proteasome component PUP2'
5 polymer 'Proteasome component PRE5'
6 polymer 'Proteasome component C1'
7 polymer 'Proteasome component C7-alpha'
8 polymer 'Proteasome component PUP1'
9 polymer 'Proteasome component PUP3'
10 polymer 'Proteasome component C11'
11 polymer 'Proteasome component PRE2'
12 polymer 'Proteasome component C5'
13 polymer 'Proteasome component PRE4'
14 polymer 'Proteasome component PRE3'
15 non-polymer 'MAGNESIUM ION'
16 non-polymer (2S)-2-amino-N-[(1S)-1-({(1S)-1-[(4-methylbenzyl)carbamoyl]-3-phenylpropyl}carbamoyl)-3-phenylpropyl]-4-phenylbutanamide
17 non-polymer '2-(N-MORPHOLINO)-ETHANESULFONIC ACID'
#
loop_
_entity_poly.entity_id
_entity_poly.type
_entity_poly.pdbx_seq_one_letter_code
_entity_poly.pdbx_strand_id
1 'polypeptide(L)'
;MTDRYSFSLTTFSPSGKLGQIDYALTAVKQGVTSLGIKATNGVVIATEKKSSSPLAMSETLSKVSLLTPDIGAVYSGMGP
DYRVLVDKSRKVAHTSYKRIYGEYPPTKLLVSEVAKIMQEATQSGGVRPFGVSLLIAGHDEFNGFSLYQVDPSGSYFPWK
ATAIGKGSVAAKTFLEKRWNDELELEDAIHIALLTLKESVEGEFNGDTIELAIIGDENPDLLGYTGIPTDKGPRFRKLTS
QEINDRLEAL
;
A,O
2 'polypeptide(L)'
;GSRRYDSRTTIFSPEGRLYQVEYALESISHAGTAIGIMASDGIVLAAERKVTSTLLEQDTSTEKLYKLNDKIAVAVAGLT
ADAEILINTARIHAQNYLKTYNEDIPVEILVRRLSDIKQGYTQHGGLRPFGVSFIYAGYDDRYGYQLYTSNPSGNYTGWK
AISVGANTSAAQTLLQMDYKDDMKVDDAIELALKTLSKTTDSSALTYDRLEFATIRKGANDGEVYQKIFKPQEIKDILVK
TGIT
;
B,P
3 'polypeptide(L)'
;GYDRALSIFSPDGHIFQVEYALEAVKRGTCAVGVKGKNCVVLGCERRSTLKLQDTRITPSKVSKIDSHVVLSFSGLNADS
RILIEKARVEAQSHRLTLEDPVTVEYLTRYVAGVQQRYTQSGGVRPFGVSTLIAGFDPRDDEPKLYQTEPSGIYSSWSAQ
TIGRNSKTVREFLEKNYDRKEPPATVEECVKLTVRSLLEVVQTGAKNIEITVVKPDSDIVALSSEEINQYVTQIEQEKQE
Q
;
C,Q
4 'polypeptide(L)'
;DRGVSTFSPEGRLFQVEYSLEAIKLGSTAIGIATKEGVVLGVEKRATSPLLESDSIEKIVEIDRHIGCAMSGLTADARSM
IEHARTAAVTHNLYYDEDINVESLTQSVCDLALRFGEGASGEERLMSRPFGVALLIAGHDADDGYQLFHAEPSGTFYRYN
AKAIGSGSEGAQAELLNEWHSSLTLKEAELLVLKILKQVMEEKLDENNAQLSCITKQDGFKIYDNEKTAELIKELKEKEA
AE
;
D,R
5 'polypeptide(L)'
;FRNNYDGDTVTFSPTGRLFQVEYALEAIKQGSVTVGLRSNTHAVLVALKRNADELSSYQKKIIKCDEHMGLSLAGLAPDA
RVLSNYLRQQCNYSSLVFNRKLAVERAGHLLCDKAQKNTQSYGGRPYGVGLLIIGYDKSGAHLLEFQPSGNVTELYGTAI
GARSQGAKTYLERTLDTFIKIDGNPDELIKAGVEAISQSLRDESLTVDNLSIAIVGKDTPFTIYDGEAVAKYI
;
E,S
6 'polypeptide(L)'
;GTGYDLSNSVFSPDGRNFQVEYAVKAVENGTTSIGIKCNDGVVFAVEKLITSKLLVPQKNVKIQVVDRHIGCVYSGLIPD
GRHLVNRGREEAASFKKLYKTPIPIPAFADRLGQYVQAHTLYNSVRPFGVSTIFGGVDKNGAHLYMLEPSGSYWGYKGAA
TGKGRQSAKAELEKLVDHHPEGLSAREAVKQAAKIIYLAHEDNKEKDFELEISWCSLSETNGLHKFVKGDLLQEAIDFAQ
KEIN
;
F,T
7 'polypeptide(L)'
;AGYDRHITIFSPEGRLYQVEYAFKATNQTNINSLAVRGKDCTVVISQKKVPDKLLDPTTVSYIFCISRTIGMVVNGPIPD
ARNAALRAKAEAAEFRYKYGYDMPCDVLAKRMANLSQIYTQRAYMRPLGVILTFVSVDEELGPSIYKTDPAGYYVGYKAT
ATGPKQQEITTNLENHFKKSKIDHINEESWEKVVEFAITHMIDALGTEFSKNDLEVGVATKDKFFTLSAENIEERLVAIA
EQD
;
G,U
8 'polypeptide(L)'
;TTIVGVKFNNGVVIAADTRSTQGPIVADKNCAKLHRISPKIWCAGAGTAADTEAVTQLIGSNIELHSLYTSREPRVVSAL
QMLKQHLFKYQGHIGAYLIVAGVDPTGSHLFSIHAHGSTDVGYYLSLGSGSLAAMAVLESHWKQDLTKEEAIKLASDAIQ
AGIWNDLGSGSNVDVCVMEIGKDAEYLRNYLTPNVREEKQKSYKFPRGTTAVLKESIVNICD
;
H,V
9 'polypeptide(L)'
;SDPSSINGGIVVAMTGKDCVAIACDLRLGSQSLGVSNKFEKIFHYGHVFLGITGLATDVTTLNEMFRYKTNLYKLKEERA
IEPETFTQLVSSSLYERRFGPYFVGPVVAGINSKSGKPFIAGFDLIGCIDEAKDFIVSGTASDQLFGMCESLYEPNLEPE
DLFETISQALLNAADRDALSGWGAVVYIIKKDEVVKRYLKMRQD
;
I,W
10 'polypeptide(L)'
;MDIILGIRVQDSVILASSKAVTRGISVLKDSDDKTRQLSPHTLMSFAGEAGDTVQFAEYIQANIQLYSIREDYELSPQAV
SSFVRQELAKSIRSRRPYQVNVLIGGYDKKKNKPELYQIDYLGTKVELPYGAHGYSGFYTFSLLDHHYRPDMTTEEGLDL
LKLCVQELEKRMPMDFKGVIVKIVDKDGIRQVDDFQAQ
;
J,X
11 'polypeptide(L)'
;TTTLAFRFQGGIIVAVDSRATAGNWVASQTVKKVIEINPFLLGTMAGGAADCQFWETWLGSQCRLHELREKERISVAAAS
KILSNLVYQYKGAGLSMGTMICGYTRKEGPTIYYVDSDGTRLKGDIFCVGSGQTFAYGVLDSNYKWDLSVEDALYLGKRS
ILAAAHRDAYSGGSVNLYHVTEDGWIYHGNHDVGELFWKVKEEEGSFNNVIG
;
K,Y
12 'polypeptide(L)'
;QFNPYGDNGGTILGIAGEDFAVLAGDTRNITDYSINSRYEPKVFDCGDNIVMSANGFAADGDALVKRFKNSVKWYHFDHN
DKKLSINSAARNIQHLLYGKRFFPYYVHTIIAGLDEDGKGAVYSFDPVGSYEREQCRAGGAAASLIMPFLDNQVNFKNQY
EPGTNGKVKKPLKYLSVEEVIKLVRDSFTSATERHIQVGDGLEILIVTKDGVRKEFYELKRD
;
L,Z
13 'polypeptide(L)'
;TQQPIVTGTSVISMKYDNGVIIAADNLGSYGSLLRFNGVERLIPVGDNTVVGISGDISDMQHIERLLKDLVTENAYDNPL
ADAEEALEPSYIFEYLATVMYQRRSKMNPLWNAIIVAGVQSNGDQFLRYVNLLGVTYSSPTLATGFGAHMANPLLRKVVD
RESDIPKTTVQVAEEAIVNAMRVLYYRDARSSRNFSLAIIDKNTGLTFKKNLQVENMKWDFAKDIKGYGTQKI
;
M,1
14 'polypeptide(L)'
;TSIMAVTFKDGVILGADSRTTTGAYIANRVTDKLTRVHDKIWCCRSGSAADTQAIADIVQYHLELYTSQYGTPSTETAAS
VFKELCYENKDNLTAGIIVAGYDDKNKGEVYTIPLGGSVHKLPYAIAGSGSTFIYGYCDKNFRENMSKEETVDFIKHSLS
QAIKWDGSSGGVIRMVVLTAAGVERLIFYPDEYEQL
;
N,2
#
loop_
_chem_comp.id
_chem_comp.type
_chem_comp.name
_chem_comp.formula
LXT non-polymer (2S)-2-amino-N-[(1S)-1-({(1S)-1-[(4-methylbenzyl)carbamoyl]-3-phenylpropyl}carbamoyl)-3-phenylpropyl]-4-phenylbutanamide 'C38 H44 N4 O3'
MES non-polymer '2-(N-MORPHOLINO)-ETHANESULFONIC ACID' 'C6 H13 N O4 S'
MG non-polymer 'MAGNESIUM ION' 'Mg 2'
#
# COMPACT_ATOMS: atom_id res chain seq x y z
N MET A 1 -7.90 47.78 26.99
CA MET A 1 -7.47 48.15 25.62
C MET A 1 -8.63 47.95 24.63
N THR A 2 -8.27 47.73 23.36
CA THR A 2 -9.20 47.64 22.20
C THR A 2 -9.90 48.97 21.93
N ASP A 3 -9.96 49.33 20.65
CA ASP A 3 -10.80 50.41 20.16
C ASP A 3 -12.21 50.16 20.72
N ARG A 4 -12.55 50.82 21.82
CA ARG A 4 -13.88 50.66 22.43
C ARG A 4 -14.84 51.69 21.85
N TYR A 5 -14.32 52.48 20.90
CA TYR A 5 -15.11 53.43 20.15
C TYR A 5 -15.57 52.74 18.87
N SER A 6 -16.68 52.02 18.94
CA SER A 6 -17.18 51.32 17.76
C SER A 6 -18.41 52.02 17.15
N PHE A 7 -18.60 53.27 17.56
CA PHE A 7 -19.72 54.11 17.15
C PHE A 7 -19.20 55.34 16.40
N SER A 8 -20.05 55.94 15.56
CA SER A 8 -19.66 57.08 14.74
C SER A 8 -19.25 58.28 15.57
N LEU A 9 -18.25 59.02 15.10
CA LEU A 9 -17.89 60.29 15.71
C LEU A 9 -18.31 61.44 14.81
N THR A 10 -18.94 61.08 13.68
CA THR A 10 -19.60 62.03 12.79
C THR A 10 -21.07 61.67 12.81
N THR A 11 -21.90 62.58 13.32
CA THR A 11 -23.34 62.37 13.38
C THR A 11 -24.05 63.58 12.83
N PHE A 12 -25.35 63.44 12.59
CA PHE A 12 -26.15 64.52 12.08
C PHE A 12 -26.60 65.45 13.21
N SER A 13 -26.38 66.75 13.05
CA SER A 13 -26.91 67.73 14.00
C SER A 13 -28.32 68.11 13.55
N PRO A 14 -29.19 68.53 14.51
CA PRO A 14 -30.61 68.84 14.24
C PRO A 14 -30.89 69.56 12.91
N SER A 15 -29.99 70.45 12.50
CA SER A 15 -30.13 71.20 11.24
C SER A 15 -29.81 70.39 9.98
N GLY A 16 -29.30 69.17 10.15
CA GLY A 16 -28.95 68.31 9.02
C GLY A 16 -27.47 68.38 8.64
N LYS A 17 -26.70 69.18 9.38
CA LYS A 17 -25.27 69.30 9.14
C LYS A 17 -24.55 68.07 9.67
N LEU A 18 -23.52 67.65 8.96
CA LEU A 18 -22.57 66.69 9.52
C LEU A 18 -21.37 67.46 10.07
N GLY A 19 -21.38 67.66 11.38
CA GLY A 19 -20.44 68.51 12.08
C GLY A 19 -19.01 68.30 11.68
N GLN A 20 -18.53 67.06 11.83
CA GLN A 20 -17.13 66.76 11.60
C GLN A 20 -16.67 66.96 10.16
N ILE A 21 -17.57 66.82 9.19
CA ILE A 21 -17.24 67.04 7.78
C ILE A 21 -17.04 68.53 7.52
N ASP A 22 -17.94 69.34 8.06
CA ASP A 22 -17.86 70.80 8.02
C ASP A 22 -16.54 71.28 8.59
N TYR A 23 -16.15 70.75 9.75
CA TYR A 23 -14.94 71.20 10.40
C TYR A 23 -13.69 70.71 9.67
N ALA A 24 -13.79 69.55 9.03
CA ALA A 24 -12.70 69.06 8.20
C ALA A 24 -12.46 70.00 7.04
N LEU A 25 -13.53 70.40 6.37
CA LEU A 25 -13.45 71.35 5.26
C LEU A 25 -12.85 72.70 5.66
N THR A 26 -13.08 73.07 6.92
CA THR A 26 -12.53 74.31 7.47
C THR A 26 -11.00 74.20 7.55
N ALA A 27 -10.49 73.02 7.92
CA ALA A 27 -9.05 72.77 7.95
C ALA A 27 -8.43 72.85 6.57
N VAL A 28 -9.16 72.35 5.57
CA VAL A 28 -8.76 72.46 4.16
C VAL A 28 -8.64 73.93 3.74
N LYS A 29 -9.65 74.72 4.11
CA LYS A 29 -9.70 76.15 3.84
C LYS A 29 -8.43 76.91 4.26
N GLN A 30 -7.81 76.49 5.36
CA GLN A 30 -6.56 77.12 5.86
C GLN A 30 -5.32 76.57 5.17
N GLY A 31 -5.48 75.48 4.41
CA GLY A 31 -4.35 74.86 3.72
C GLY A 31 -3.78 75.70 2.62
N VAL A 32 -2.50 75.51 2.32
CA VAL A 32 -1.84 76.27 1.27
C VAL A 32 -2.51 76.01 -0.08
N THR A 33 -2.65 77.06 -0.88
CA THR A 33 -3.34 76.95 -2.16
C THR A 33 -2.71 75.90 -3.05
N SER A 34 -3.55 75.02 -3.58
CA SER A 34 -3.16 74.20 -4.73
C SER A 34 -4.26 74.24 -5.78
N LEU A 35 -3.87 73.98 -7.03
CA LEU A 35 -4.75 74.13 -8.17
C LEU A 35 -4.41 73.11 -9.23
N GLY A 36 -5.36 72.88 -10.14
CA GLY A 36 -5.17 72.01 -11.29
C GLY A 36 -5.92 72.54 -12.50
N ILE A 37 -5.28 72.48 -13.66
CA ILE A 37 -5.91 72.94 -14.89
C ILE A 37 -5.73 71.89 -15.98
N LYS A 38 -6.79 71.67 -16.75
CA LYS A 38 -6.80 70.68 -17.79
C LYS A 38 -6.68 71.31 -19.16
N ALA A 39 -5.67 70.90 -19.92
CA ALA A 39 -5.53 71.30 -21.33
C ALA A 39 -6.05 70.19 -22.27
N THR A 40 -5.95 70.43 -23.58
CA THR A 40 -6.40 69.45 -24.57
C THR A 40 -5.43 68.28 -24.75
N ASN A 41 -4.17 68.48 -24.35
CA ASN A 41 -3.16 67.44 -24.47
C ASN A 41 -2.33 67.29 -23.19
N GLY A 42 -2.97 67.41 -22.04
CA GLY A 42 -2.26 67.32 -20.77
C GLY A 42 -3.02 67.95 -19.62
N VAL A 43 -2.57 67.68 -18.40
CA VAL A 43 -3.13 68.30 -17.21
C VAL A 43 -1.98 68.82 -16.34
N VAL A 44 -2.25 69.82 -15.51
CA VAL A 44 -1.21 70.37 -14.65
C VAL A 44 -1.72 70.57 -13.22
N ILE A 45 -0.92 70.11 -12.26
CA ILE A 45 -1.18 70.36 -10.86
C ILE A 45 -0.02 71.14 -10.24
N ALA A 46 -0.35 72.17 -9.48
CA ALA A 46 0.64 73.04 -8.87
C ALA A 46 0.26 73.41 -7.44
N THR A 47 1.27 73.65 -6.61
CA THR A 47 1.06 74.10 -5.23
C THR A 47 2.29 74.82 -4.68
N GLU A 48 2.12 75.53 -3.57
CA GLU A 48 3.23 76.23 -2.92
C GLU A 48 3.90 75.38 -1.82
N LYS A 49 5.22 75.22 -1.94
CA LYS A 49 6.02 74.54 -0.91
C LYS A 49 6.32 75.49 0.26
N LYS A 50 5.29 75.79 1.04
CA LYS A 50 5.43 76.58 2.25
C LYS A 50 6.39 75.86 3.19
N SER A 51 7.56 76.45 3.41
CA SER A 51 8.60 75.83 4.24
C SER A 51 8.49 76.30 5.70
N SER A 52 8.35 75.34 6.61
CA SER A 52 8.19 75.65 8.04
C SER A 52 9.47 76.10 8.76
N SER A 53 10.59 76.09 8.03
CA SER A 53 11.88 76.61 8.51
C SER A 53 12.82 76.76 7.31
N PRO A 54 13.68 77.80 7.31
CA PRO A 54 14.68 77.83 6.22
C PRO A 54 15.79 76.80 6.48
N LEU A 55 15.70 76.12 7.62
CA LEU A 55 16.61 75.02 7.97
C LEU A 55 16.12 73.66 7.48
N ALA A 56 14.89 73.61 6.99
CA ALA A 56 14.34 72.40 6.40
C ALA A 56 14.72 72.34 4.94
N MET A 57 14.77 71.14 4.40
CA MET A 57 15.06 70.92 2.99
C MET A 57 13.74 70.59 2.33
N SER A 58 13.26 71.49 1.48
CA SER A 58 11.91 71.39 0.95
C SER A 58 11.75 70.32 -0.14
N GLU A 59 12.88 69.85 -0.68
CA GLU A 59 12.86 68.73 -1.63
C GLU A 59 12.42 67.43 -0.94
N THR A 60 12.94 67.19 0.28
CA THR A 60 12.60 65.99 1.06
C THR A 60 11.11 65.87 1.41
N LEU A 61 10.33 66.88 1.07
CA LEU A 61 8.88 66.81 1.25
C LEU A 61 8.15 67.21 -0.05
N SER A 62 7.67 66.21 -0.77
CA SER A 62 6.85 66.44 -1.95
C SER A 62 5.40 66.58 -1.53
N LYS A 63 4.77 67.63 -2.04
CA LYS A 63 3.32 67.80 -1.90
C LYS A 63 2.61 67.19 -3.11
N VAL A 64 3.34 67.07 -4.21
CA VAL A 64 2.84 66.43 -5.42
C VAL A 64 3.38 65.01 -5.49
N SER A 65 2.46 64.05 -5.63
CA SER A 65 2.78 62.64 -5.61
C SER A 65 2.29 61.88 -6.84
N LEU A 66 3.13 60.96 -7.34
CA LEU A 66 2.72 59.98 -8.34
C LEU A 66 1.91 58.88 -7.66
N LEU A 67 0.76 58.54 -8.24
CA LEU A 67 -0.09 57.48 -7.71
C LEU A 67 0.00 56.24 -8.59
N THR A 68 -0.16 56.43 -9.90
CA THR A 68 0.22 55.44 -10.90
C THR A 68 1.05 56.18 -11.94
N PRO A 69 1.80 55.46 -12.80
CA PRO A 69 2.62 56.18 -13.77
C PRO A 69 1.83 57.12 -14.69
N ASP A 70 0.51 57.14 -14.55
CA ASP A 70 -0.39 57.98 -15.34
C ASP A 70 -1.30 58.88 -14.48
N ILE A 71 -1.09 58.87 -13.17
CA ILE A 71 -1.98 59.61 -12.26
C ILE A 71 -1.20 60.28 -11.13
N GLY A 72 -1.44 61.58 -10.96
CA GLY A 72 -0.77 62.36 -9.93
C GLY A 72 -1.76 62.99 -8.97
N ALA A 73 -1.31 63.23 -7.75
CA ALA A 73 -2.14 63.86 -6.71
C ALA A 73 -1.51 65.11 -6.12
N VAL A 74 -2.37 66.04 -5.70
CA VAL A 74 -1.96 67.18 -4.89
C VAL A 74 -3.09 67.52 -3.91
N TYR A 75 -2.78 68.33 -2.90
CA TYR A 75 -3.73 68.54 -1.83
C TYR A 75 -3.64 69.92 -1.20
N SER A 76 -4.65 70.22 -0.39
CA SER A 76 -4.64 71.32 0.55
C SER A 76 -5.18 70.76 1.85
N GLY A 77 -4.52 71.06 2.95
CA GLY A 77 -5.00 70.60 4.23
C GLY A 77 -3.86 70.05 5.06
N MET A 78 -4.15 68.99 5.80
CA MET A 78 -3.19 68.43 6.72
C MET A 78 -2.29 67.44 6.00
N GLY A 79 -1.06 67.87 5.76
CA GLY A 79 -0.01 67.01 5.19
C GLY A 79 -0.08 65.56 5.61
N PRO A 80 0.01 65.27 6.93
CA PRO A 80 0.09 63.87 7.35
C PRO A 80 -1.10 63.00 6.86
N ASP A 81 -2.30 63.57 6.88
CA ASP A 81 -3.51 62.88 6.39
C ASP A 81 -3.36 62.54 4.90
N TYR A 82 -2.75 63.44 4.16
CA TYR A 82 -2.52 63.27 2.73
C TYR A 82 -1.52 62.16 2.50
N ARG A 83 -0.42 62.17 3.27
CA ARG A 83 0.66 61.19 3.11
C ARG A 83 0.17 59.75 3.23
N VAL A 84 -0.63 59.45 4.26
CA VAL A 84 -1.22 58.12 4.41
C VAL A 84 -2.38 57.90 3.45
N LEU A 85 -2.93 58.98 2.87
CA LEU A 85 -3.93 58.79 1.83
C LEU A 85 -3.26 58.44 0.52
N VAL A 86 -2.00 58.83 0.38
CA VAL A 86 -1.23 58.55 -0.84
C VAL A 86 -0.71 57.10 -0.84
N ASP A 87 -0.30 56.63 0.33
CA ASP A 87 0.12 55.25 0.48
C ASP A 87 -1.06 54.30 0.22
N LYS A 88 -2.21 54.58 0.82
CA LYS A 88 -3.41 53.77 0.62
C LYS A 88 -3.91 53.83 -0.83
N SER A 89 -3.80 55.00 -1.46
CA SER A 89 -4.24 55.15 -2.84
C SER A 89 -3.38 54.31 -3.79
N ARG A 90 -2.07 54.37 -3.55
CA ARG A 90 -1.11 53.59 -4.34
C ARG A 90 -1.41 52.10 -4.20
N LYS A 91 -1.63 51.65 -2.96
CA LYS A 91 -1.84 50.23 -2.68
C LYS A 91 -3.11 49.70 -3.32
N VAL A 92 -4.23 50.38 -3.08
CA VAL A 92 -5.51 50.01 -3.66
C VAL A 92 -5.47 49.96 -5.20
N ALA A 93 -4.56 50.72 -5.80
CA ALA A 93 -4.41 50.73 -7.25
C ALA A 93 -3.86 49.40 -7.74
N HIS A 94 -3.12 48.72 -6.87
CA HIS A 94 -2.61 47.38 -7.16
C HIS A 94 -3.62 46.31 -6.73
N THR A 95 -3.95 46.29 -5.44
CA THR A 95 -4.80 45.24 -4.87
C THR A 95 -6.16 45.13 -5.55
N SER A 96 -6.83 46.27 -5.71
CA SER A 96 -8.20 46.31 -6.26
C SER A 96 -8.27 46.34 -7.76
N TYR A 97 -7.12 46.44 -8.43
CA TYR A 97 -7.10 46.64 -9.88
C TYR A 97 -5.94 46.01 -10.64
N LYS A 98 -4.71 46.46 -10.39
CA LYS A 98 -3.58 45.96 -11.19
C LYS A 98 -3.40 44.44 -11.06
N ARG A 99 -3.49 43.92 -9.85
CA ARG A 99 -3.36 42.51 -9.60
C ARG A 99 -4.53 41.70 -10.12
N ILE A 100 -5.50 42.40 -10.69
CA ILE A 100 -6.64 41.74 -11.26
C ILE A 100 -6.61 41.79 -12.78
N TYR A 101 -6.31 42.95 -13.35
CA TYR A 101 -6.38 43.15 -14.80
C TYR A 101 -5.05 43.40 -15.49
N GLY A 102 -3.95 43.36 -14.76
CA GLY A 102 -2.63 43.57 -15.37
C GLY A 102 -2.38 44.95 -15.97
N GLU A 103 -3.29 45.90 -15.72
CA GLU A 103 -3.10 47.31 -16.11
C GLU A 103 -3.47 48.20 -14.94
N TYR A 104 -3.03 49.47 -14.94
CA TYR A 104 -3.39 50.40 -13.86
C TYR A 104 -4.81 50.90 -14.06
N PRO A 105 -5.47 51.32 -12.95
CA PRO A 105 -6.86 51.77 -13.07
C PRO A 105 -6.97 53.05 -13.86
N PRO A 106 -8.10 53.28 -14.53
CA PRO A 106 -8.34 54.60 -15.13
C PRO A 106 -8.48 55.65 -14.02
N THR A 107 -8.44 56.93 -14.38
CA THR A 107 -8.47 57.98 -13.37
C THR A 107 -9.73 57.93 -12.49
N LYS A 108 -10.91 57.85 -13.11
CA LYS A 108 -12.16 57.90 -12.33
C LYS A 108 -12.22 56.80 -11.27
N LEU A 109 -11.83 55.59 -11.64
CA LEU A 109 -11.99 54.44 -10.74
C LEU A 109 -11.10 54.52 -9.52
N LEU A 110 -9.84 54.92 -9.72
CA LEU A 110 -8.93 55.13 -8.60
C LEU A 110 -9.41 56.27 -7.70
N VAL A 111 -9.83 57.37 -8.32
CA VAL A 111 -10.42 58.49 -7.61
C VAL A 111 -11.52 57.94 -6.73
N SER A 112 -12.42 57.20 -7.35
CA SER A 112 -13.55 56.59 -6.68
C SER A 112 -13.11 55.74 -5.48
N GLU A 113 -11.96 55.09 -5.60
CA GLU A 113 -11.42 54.28 -4.52
C GLU A 113 -10.97 55.13 -3.33
N VAL A 114 -10.33 56.27 -3.61
CA VAL A 114 -9.92 57.22 -2.57
C VAL A 114 -11.16 57.80 -1.90
N ALA A 115 -12.12 58.21 -2.74
CA ALA A 115 -13.42 58.70 -2.26
C ALA A 115 -14.04 57.71 -1.29
N LYS A 116 -13.99 56.42 -1.62
CA LYS A 116 -14.47 55.38 -0.72
C LYS A 116 -13.70 55.38 0.59
N ILE A 117 -12.37 55.48 0.51
CA ILE A 117 -11.53 55.50 1.72
C ILE A 117 -11.87 56.68 2.66
N MET A 118 -12.21 57.82 2.06
CA MET A 118 -12.58 58.99 2.84
C MET A 118 -13.98 58.86 3.42
N GLN A 119 -14.94 58.48 2.58
CA GLN A 119 -16.32 58.22 3.02
C GLN A 119 -16.35 57.40 4.30
N GLU A 120 -15.49 56.41 4.39
CA GLU A 120 -15.51 55.51 5.54
C GLU A 120 -15.03 56.18 6.83
N ALA A 121 -14.12 57.14 6.72
CA ALA A 121 -13.65 57.91 7.89
C ALA A 121 -14.75 58.85 8.39
N THR A 122 -15.82 58.91 7.60
CA THR A 122 -17.00 59.74 7.85
C THR A 122 -18.13 58.93 8.49
N GLN A 123 -17.92 57.63 8.67
CA GLN A 123 -18.97 56.75 9.17
C GLN A 123 -18.47 55.68 10.14
N SER A 124 -17.26 55.16 9.94
CA SER A 124 -16.74 54.09 10.80
C SER A 124 -16.60 54.48 12.26
N GLY A 125 -16.59 53.47 13.12
CA GLY A 125 -16.44 53.71 14.55
C GLY A 125 -15.08 54.29 14.88
N GLY A 126 -15.09 55.35 15.67
CA GLY A 126 -13.89 55.85 16.30
C GLY A 126 -12.88 56.63 15.47
N VAL A 127 -13.33 57.22 14.37
CA VAL A 127 -12.45 58.09 13.58
C VAL A 127 -13.05 59.44 13.23
N ARG A 128 -12.17 60.44 13.06
CA ARG A 128 -12.51 61.71 12.46
C ARG A 128 -12.31 61.59 10.95
N PRO A 129 -12.95 62.47 10.16
CA PRO A 129 -12.73 62.47 8.72
C PRO A 129 -11.35 62.97 8.35
N PHE A 130 -10.96 62.73 7.11
CA PHE A 130 -9.68 63.21 6.61
C PHE A 130 -9.68 64.72 6.39
N GLY A 131 -8.65 65.39 6.90
CA GLY A 131 -8.59 66.84 6.87
C GLY A 131 -7.97 67.37 5.60
N VAL A 132 -8.20 66.69 4.49
CA VAL A 132 -7.67 67.19 3.22
C VAL A 132 -8.66 67.14 2.07
N SER A 133 -8.44 68.01 1.10
CA SER A 133 -9.07 67.89 -0.20
C SER A 133 -7.97 67.56 -1.19
N LEU A 134 -8.28 66.65 -2.09
CA LEU A 134 -7.31 66.17 -3.02
C LEU A 134 -7.66 66.67 -4.42
N LEU A 135 -6.63 67.00 -5.18
CA LEU A 135 -6.76 67.16 -6.62
C LEU A 135 -6.00 66.02 -7.27
N ILE A 136 -6.69 65.26 -8.11
CA ILE A 136 -6.12 64.10 -8.76
C ILE A 136 -6.17 64.29 -10.28
N ALA A 137 -5.01 64.18 -10.90
CA ALA A 137 -4.87 64.39 -12.34
C ALA A 137 -4.38 63.12 -13.02
N GLY A 138 -5.09 62.68 -14.05
CA GLY A 138 -4.71 61.45 -14.75
C GLY A 138 -5.02 61.36 -16.24
N HIS A 139 -4.42 60.35 -16.86
CA HIS A 139 -4.72 59.94 -18.23
C HIS A 139 -4.99 58.44 -18.27
N ASP A 140 -5.91 58.06 -19.14
CA ASP A 140 -6.09 56.65 -19.48
C ASP A 140 -6.67 56.55 -20.88
N GLU A 141 -6.25 55.49 -21.58
CA GLU A 141 -6.53 55.25 -23.00
C GLU A 141 -7.94 55.61 -23.43
N PHE A 142 -8.93 55.17 -22.66
CA PHE A 142 -10.33 55.26 -23.08
C PHE A 142 -11.05 56.52 -22.61
N ASN A 143 -10.49 57.25 -21.66
CA ASN A 143 -11.15 58.44 -21.17
C ASN A 143 -10.34 59.70 -21.43
N GLY A 144 -9.10 59.53 -21.85
CA GLY A 144 -8.19 60.64 -22.08
C GLY A 144 -7.76 61.31 -20.79
N PHE A 145 -7.55 62.63 -20.87
CA PHE A 145 -7.07 63.41 -19.72
C PHE A 145 -8.22 63.82 -18.81
N SER A 146 -8.00 63.72 -17.50
CA SER A 146 -9.03 64.13 -16.54
C SER A 146 -8.47 64.67 -15.23
N LEU A 147 -9.30 65.47 -14.57
CA LEU A 147 -8.97 66.12 -13.30
C LEU A 147 -10.17 66.01 -12.37
N TYR A 148 -9.89 65.60 -11.13
CA TYR A 148 -10.94 65.26 -10.19
C TYR A 148 -10.63 65.88 -8.83
N GLN A 149 -11.67 66.31 -8.13
CA GLN A 149 -11.49 66.79 -6.78
C GLN A 149 -12.16 65.83 -5.81
N VAL A 150 -11.50 65.56 -4.69
CA VAL A 150 -12.04 64.66 -3.66
C VAL A 150 -12.09 65.41 -2.34
N ASP A 151 -13.28 65.47 -1.74
CA ASP A 151 -13.50 66.21 -0.50
C ASP A 151 -13.56 65.26 0.68
N PRO A 152 -13.28 65.76 1.91
CA PRO A 152 -13.34 64.96 3.13
C PRO A 152 -14.64 64.18 3.29
N SER A 153 -15.68 64.63 2.60
CA SER A 153 -16.99 63.97 2.59
C SER A 153 -16.93 62.66 1.84
N GLY A 154 -15.93 62.52 0.98
CA GLY A 154 -15.84 61.39 0.07
C GLY A 154 -16.47 61.69 -1.28
N SER A 155 -16.88 62.95 -1.46
CA SER A 155 -17.55 63.38 -2.68
C SER A 155 -16.55 63.86 -3.71
N TYR A 156 -16.75 63.47 -4.96
CA TYR A 156 -15.82 63.83 -6.01
C TYR A 156 -16.55 64.37 -7.24
N PHE A 157 -15.89 65.30 -7.93
CA PHE A 157 -16.47 65.90 -9.11
C PHE A 157 -15.34 66.16 -10.10
N PRO A 158 -15.66 66.10 -11.41
CA PRO A 158 -14.68 66.42 -12.43
C PRO A 158 -14.65 67.90 -12.76
N TRP A 159 -13.46 68.41 -13.06
CA TRP A 159 -13.23 69.83 -13.27
C TRP A 159 -12.52 70.10 -14.58
N LYS A 160 -12.79 71.27 -15.17
CA LYS A 160 -12.00 71.77 -16.29
C LYS A 160 -10.78 72.46 -15.71
N ALA A 161 -10.97 73.03 -14.53
CA ALA A 161 -9.91 73.62 -13.70
C ALA A 161 -10.53 74.03 -12.39
N THR A 162 -9.71 74.10 -11.34
CA THR A 162 -10.18 74.56 -10.05
C THR A 162 -8.99 74.74 -9.12
N ALA A 163 -9.24 75.36 -7.98
CA ALA A 163 -8.24 75.47 -6.92
C ALA A 163 -8.91 75.17 -5.61
N ILE A 164 -8.09 74.86 -4.60
CA ILE A 164 -8.55 74.51 -3.26
C ILE A 164 -7.61 75.12 -2.24
N GLY A 165 -8.08 75.25 -0.99
CA GLY A 165 -7.26 75.80 0.08
C GLY A 165 -7.52 77.27 0.34
N LYS A 166 -6.45 78.04 0.50
CA LYS A 166 -6.53 79.45 0.85
C LYS A 166 -7.28 80.31 -0.18
N GLY A 167 -6.55 80.90 -1.12
CA GLY A 167 -7.14 81.87 -2.02
C GLY A 167 -7.94 81.25 -3.15
N SER A 168 -8.68 80.19 -2.83
CA SER A 168 -9.35 79.37 -3.83
C SER A 168 -10.48 80.12 -4.53
N VAL A 169 -11.16 80.98 -3.78
CA VAL A 169 -12.29 81.75 -4.30
C VAL A 169 -11.82 82.80 -5.32
N ALA A 170 -10.70 83.47 -5.00
CA ALA A 170 -10.03 84.38 -5.93
C ALA A 170 -9.56 83.63 -7.17
N ALA A 171 -8.91 82.48 -6.93
CA ALA A 171 -8.29 81.68 -7.98
C ALA A 171 -9.34 81.09 -8.92
N LYS A 172 -10.41 80.55 -8.36
CA LYS A 172 -11.50 80.03 -9.18
C LYS A 172 -12.10 81.12 -10.08
N THR A 173 -12.08 82.37 -9.60
CA THR A 173 -12.51 83.52 -10.41
C THR A 173 -11.46 83.76 -11.48
N PHE A 174 -10.19 83.79 -11.07
CA PHE A 174 -9.07 83.99 -11.99
C PHE A 174 -9.10 82.95 -13.11
N LEU A 175 -9.39 81.70 -12.75
CA LEU A 175 -9.35 80.60 -13.69
C LEU A 175 -10.50 80.62 -14.69
N GLU A 176 -11.69 81.01 -14.24
CA GLU A 176 -12.84 81.15 -15.14
C GLU A 176 -12.57 82.12 -16.27
N LYS A 177 -11.89 83.22 -15.95
CA LYS A 177 -11.48 84.22 -16.93
C LYS A 177 -10.62 83.59 -18.02
N ARG A 178 -9.60 82.83 -17.62
CA ARG A 178 -8.53 82.43 -18.55
C ARG A 178 -8.68 81.06 -19.25
N TRP A 179 -9.67 80.26 -18.90
CA TRP A 179 -9.81 78.90 -19.45
C TRP A 179 -10.63 78.82 -20.73
N ASN A 180 -10.19 77.96 -21.65
CA ASN A 180 -10.95 77.62 -22.84
C ASN A 180 -10.64 76.18 -23.24
N ASP A 181 -11.47 75.61 -24.10
CA ASP A 181 -11.32 74.21 -24.48
C ASP A 181 -10.29 73.95 -25.58
N GLU A 182 -9.51 74.98 -25.92
CA GLU A 182 -8.51 74.88 -27.00
C GLU A 182 -7.08 75.01 -26.49
N LEU A 183 -6.91 74.94 -25.17
CA LEU A 183 -5.61 75.15 -24.53
C LEU A 183 -4.62 74.02 -24.79
N GLU A 184 -3.40 74.39 -25.18
CA GLU A 184 -2.29 73.45 -25.28
C GLU A 184 -1.72 73.35 -23.86
N LEU A 185 -0.95 72.29 -23.59
CA LEU A 185 -0.42 72.05 -22.24
C LEU A 185 0.47 73.18 -21.74
N GLU A 186 1.35 73.67 -22.59
CA GLU A 186 2.26 74.76 -22.22
C GLU A 186 1.52 76.00 -21.75
N ASP A 187 0.35 76.24 -22.33
CA ASP A 187 -0.47 77.40 -22.02
C ASP A 187 -1.08 77.29 -20.63
N ALA A 188 -1.52 76.08 -20.27
CA ALA A 188 -2.11 75.84 -18.95
C ALA A 188 -1.07 75.93 -17.84
N ILE A 189 0.17 75.53 -18.14
CA ILE A 189 1.27 75.67 -17.20
C ILE A 189 1.46 77.16 -16.91
N HIS A 190 1.50 77.96 -17.97
CA HIS A 190 1.61 79.41 -17.88
C HIS A 190 0.51 80.04 -17.03
N ILE A 191 -0.73 79.61 -17.24
CA ILE A 191 -1.86 80.12 -16.47
C ILE A 191 -1.75 79.69 -15.00
N ALA A 192 -1.37 78.44 -14.79
CA ALA A 192 -1.19 77.90 -13.45
C ALA A 192 -0.19 78.71 -12.62
N LEU A 193 0.94 79.04 -13.24
CA LEU A 193 1.97 79.82 -12.57
C LEU A 193 1.43 81.19 -12.17
N LEU A 194 0.74 81.86 -13.09
CA LEU A 194 0.17 83.17 -12.84
C LEU A 194 -0.83 83.17 -11.68
N THR A 195 -1.73 82.19 -11.68
CA THR A 195 -2.77 82.05 -10.65
C THR A 195 -2.16 81.86 -9.27
N LEU A 196 -1.03 81.17 -9.23
CA LEU A 196 -0.39 80.85 -7.98
C LEU A 196 0.42 82.01 -7.41
N LYS A 197 0.83 82.95 -8.26
CA LYS A 197 1.52 84.17 -7.82
C LYS A 197 0.62 85.06 -6.95
N GLU A 198 -0.67 85.10 -7.26
CA GLU A 198 -1.64 85.83 -6.46
C GLU A 198 -1.62 85.40 -5.00
N SER A 199 -1.51 84.09 -4.77
CA SER A 199 -1.57 83.52 -3.42
C SER A 199 -0.22 83.46 -2.74
N VAL A 200 0.87 83.57 -3.50
CA VAL A 200 2.22 83.45 -2.93
C VAL A 200 2.76 84.78 -2.39
N GLU A 201 3.03 84.79 -1.08
CA GLU A 201 3.46 85.98 -0.34
C GLU A 201 4.92 86.28 -0.61
N GLY A 202 5.78 85.33 -0.24
CA GLY A 202 7.24 85.52 -0.25
C GLY A 202 7.90 85.40 -1.61
N GLU A 203 8.92 84.54 -1.68
CA GLU A 203 9.64 84.30 -2.92
C GLU A 203 8.80 83.39 -3.82
N PHE A 204 8.87 83.63 -5.12
CA PHE A 204 8.13 82.85 -6.10
C PHE A 204 9.06 82.38 -7.21
N ASN A 205 9.63 81.19 -7.02
CA ASN A 205 10.50 80.57 -8.01
C ASN A 205 10.46 79.05 -7.91
N GLY A 206 11.20 78.37 -8.78
CA GLY A 206 11.20 76.91 -8.84
C GLY A 206 11.69 76.15 -7.62
N ASP A 207 11.94 76.88 -6.53
CA ASP A 207 12.32 76.27 -5.27
C ASP A 207 11.18 76.31 -4.27
N THR A 208 10.32 77.32 -4.39
CA THR A 208 9.20 77.51 -3.48
C THR A 208 7.88 77.04 -4.10
N ILE A 209 7.98 76.50 -5.32
CA ILE A 209 6.84 76.01 -6.09
C ILE A 209 7.04 74.55 -6.48
N GLU A 210 5.97 73.76 -6.38
CA GLU A 210 5.98 72.39 -6.84
C GLU A 210 4.96 72.23 -7.96
N LEU A 211 5.37 71.65 -9.07
CA LEU A 211 4.52 71.58 -10.25
C LEU A 211 4.71 70.27 -11.01
N ALA A 212 3.59 69.63 -11.35
CA ALA A 212 3.58 68.37 -12.08
C ALA A 212 2.57 68.33 -13.21
N ILE A 213 2.89 67.56 -14.26
CA ILE A 213 2.01 67.39 -15.42
C ILE A 213 1.65 65.94 -15.70
N ILE A 214 0.58 65.76 -16.46
CA ILE A 214 0.22 64.49 -17.03
C ILE A 214 0.26 64.74 -18.53
N GLY A 215 1.39 64.43 -19.16
CA GLY A 215 1.60 64.72 -20.59
C GLY A 215 1.52 63.48 -21.45
N ASP A 216 2.42 63.37 -22.43
CA ASP A 216 2.58 62.11 -23.14
C ASP A 216 3.69 61.31 -22.48
N GLU A 217 3.85 60.06 -22.92
CA GLU A 217 4.74 59.10 -22.32
C GLU A 217 6.19 59.54 -22.49
N ASN A 218 6.98 59.35 -21.45
CA ASN A 218 8.40 59.64 -21.49
C ASN A 218 9.17 58.33 -21.69
N PRO A 219 9.40 57.90 -22.96
CA PRO A 219 10.02 56.60 -23.21
C PRO A 219 11.37 56.49 -22.51
N ASP A 220 11.73 57.56 -21.85
CA ASP A 220 13.06 57.76 -21.30
C ASP A 220 13.05 57.76 -19.77
N LEU A 221 11.87 57.68 -19.18
CA LEU A 221 11.75 57.50 -17.74
C LEU A 221 11.36 56.07 -17.43
N LEU A 222 11.13 55.29 -18.48
CA LEU A 222 10.66 53.91 -18.37
C LEU A 222 11.68 53.05 -17.64
N GLY A 223 12.94 53.14 -18.04
CA GLY A 223 14.01 52.40 -17.40
C GLY A 223 14.45 51.15 -18.15
N TYR A 224 13.67 50.75 -19.14
CA TYR A 224 14.03 49.65 -20.00
C TYR A 224 13.53 49.97 -21.39
N THR A 225 13.97 49.17 -22.36
CA THR A 225 13.47 49.28 -23.73
C THR A 225 13.47 47.90 -24.34
N GLY A 226 12.82 47.78 -25.49
CA GLY A 226 12.69 46.51 -26.18
C GLY A 226 11.24 46.11 -26.29
N ILE A 227 10.44 46.51 -25.31
CA ILE A 227 9.01 46.37 -25.39
C ILE A 227 8.45 47.65 -26.01
N PRO A 228 8.00 47.56 -27.29
CA PRO A 228 7.66 48.77 -28.03
C PRO A 228 6.30 49.35 -27.64
N THR A 229 5.49 48.58 -26.92
CA THR A 229 4.18 49.06 -26.45
C THR A 229 4.22 49.58 -25.00
N ASP A 230 5.41 49.85 -24.49
CA ASP A 230 5.56 50.53 -23.20
C ASP A 230 6.38 51.79 -23.43
N LYS A 231 5.69 52.92 -23.54
CA LYS A 231 6.40 54.18 -23.79
C LYS A 231 6.75 54.90 -22.50
N GLY A 232 6.21 54.44 -21.38
CA GLY A 232 6.61 54.98 -20.08
C GLY A 232 5.58 55.89 -19.45
N PRO A 233 5.96 56.56 -18.34
CA PRO A 233 4.99 57.32 -17.55
C PRO A 233 4.59 58.67 -18.18
N ARG A 234 3.34 59.06 -17.99
CA ARG A 234 2.85 60.34 -18.45
C ARG A 234 2.94 61.43 -17.36
N PHE A 235 3.02 60.99 -16.11
CA PHE A 235 3.29 61.86 -14.98
C PHE A 235 4.76 62.28 -14.94
N ARG A 236 5.00 63.59 -15.03
CA ARG A 236 6.34 64.13 -14.81
C ARG A 236 6.28 65.35 -13.89
N LYS A 237 7.02 65.26 -12.80
CA LYS A 237 7.19 66.37 -11.88
C LYS A 237 8.32 67.21 -12.42
N LEU A 238 8.05 68.49 -12.68
CA LEU A 238 9.03 69.41 -13.25
C LEU A 238 10.12 69.72 -12.26
N THR A 239 11.31 70.04 -12.78
CA THR A 239 12.48 70.32 -11.95
C THR A 239 12.53 71.78 -11.54
N SER A 240 13.27 72.04 -10.47
CA SER A 240 13.49 73.39 -9.98
C SER A 240 13.87 74.33 -11.13
N GLN A 241 14.75 73.85 -12.01
CA GLN A 241 15.17 74.60 -13.20
C GLN A 241 14.05 74.78 -14.22
N GLU A 242 13.37 73.68 -14.56
CA GLU A 242 12.31 73.72 -15.59
C GLU A 242 11.23 74.76 -15.28
N ILE A 243 10.96 74.97 -14.00
CA ILE A 243 9.96 75.94 -13.54
C ILE A 243 10.46 77.37 -13.79
N ASN A 244 11.72 77.63 -13.43
CA ASN A 244 12.34 78.95 -13.59
C ASN A 244 12.39 79.46 -15.02
N ASP A 245 12.52 78.55 -15.99
CA ASP A 245 12.55 78.88 -17.42
C ASP A 245 11.26 79.56 -17.86
N ARG A 246 10.14 79.06 -17.35
CA ARG A 246 8.84 79.62 -17.68
C ARG A 246 8.54 80.91 -16.92
N LEU A 247 9.39 81.21 -15.93
CA LEU A 247 9.24 82.44 -15.14
C LEU A 247 10.11 83.58 -15.65
N GLU A 248 11.31 83.26 -16.15
CA GLU A 248 12.22 84.27 -16.73
C GLU A 248 11.68 84.90 -18.02
N ALA A 249 10.72 84.19 -18.65
CA ALA A 249 9.94 84.74 -19.73
C ALA A 249 8.45 84.64 -19.38
N LEU A 250 8.11 85.06 -18.16
CA LEU A 250 6.73 84.95 -17.66
C LEU A 250 5.76 85.94 -18.33
N GLY B 1 -14.26 55.58 30.34
CA GLY B 1 -13.81 55.11 29.00
C GLY B 1 -14.49 55.81 27.82
N SER B 2 -15.23 55.03 27.04
CA SER B 2 -15.84 55.49 25.78
C SER B 2 -17.20 56.16 25.91
N ARG B 3 -18.05 55.66 26.82
CA ARG B 3 -19.47 56.07 26.92
C ARG B 3 -19.72 57.56 26.82
N ARG B 4 -18.77 58.33 27.34
CA ARG B 4 -18.82 59.78 27.37
C ARG B 4 -19.09 60.39 25.98
N TYR B 5 -18.48 59.81 24.95
CA TYR B 5 -18.43 60.42 23.61
C TYR B 5 -19.45 59.86 22.61
N ASP B 6 -20.22 58.86 23.04
CA ASP B 6 -21.23 58.16 22.22
C ASP B 6 -22.45 59.03 21.94
N SER B 7 -22.77 59.28 20.67
CA SER B 7 -23.97 60.03 20.30
C SER B 7 -25.22 59.17 20.42
N ARG B 8 -25.02 57.86 20.58
CA ARG B 8 -26.10 56.87 20.57
C ARG B 8 -27.02 57.13 19.39
N THR B 9 -26.61 56.67 18.22
CA THR B 9 -27.29 57.01 16.97
C THR B 9 -28.58 56.26 16.77
N THR B 10 -28.72 55.15 17.47
CA THR B 10 -29.84 54.24 17.28
C THR B 10 -30.78 54.21 18.47
N ILE B 11 -31.13 55.38 19.02
CA ILE B 11 -32.09 55.43 20.13
C ILE B 11 -33.37 56.14 19.72
N PHE B 12 -34.44 55.81 20.44
CA PHE B 12 -35.74 56.42 20.26
C PHE B 12 -35.80 57.73 21.03
N SER B 13 -36.56 58.69 20.51
CA SER B 13 -36.90 59.92 21.23
C SER B 13 -38.11 59.66 22.12
N PRO B 14 -38.41 60.57 23.06
CA PRO B 14 -39.62 60.32 23.88
C PRO B 14 -40.91 60.25 23.06
N GLU B 15 -40.86 60.76 21.83
CA GLU B 15 -42.01 60.73 20.93
C GLU B 15 -42.04 59.48 20.04
N GLY B 16 -41.05 58.58 20.22
CA GLY B 16 -40.93 57.38 19.39
C GLY B 16 -40.40 57.65 18.00
N ARG B 17 -39.43 58.55 17.92
CA ARG B 17 -38.82 58.89 16.64
C ARG B 17 -37.34 58.57 16.74
N LEU B 18 -36.68 58.48 15.60
CA LEU B 18 -35.24 58.26 15.58
C LEU B 18 -34.50 59.52 15.19
N TYR B 19 -33.97 60.22 16.19
CA TYR B 19 -33.30 61.51 15.98
C TYR B 19 -32.51 61.51 14.69
N GLN B 20 -31.54 60.60 14.62
CA GLN B 20 -30.59 60.53 13.52
C GLN B 20 -31.26 60.41 12.16
N VAL B 21 -32.30 59.59 12.06
CA VAL B 21 -33.03 59.45 10.81
C VAL B 21 -33.71 60.78 10.42
N GLU B 22 -34.28 61.46 11.42
CA GLU B 22 -34.95 62.72 11.19
C GLU B 22 -33.98 63.81 10.75
N TYR B 23 -32.83 63.90 11.40
CA TYR B 23 -31.81 64.89 11.04
C TYR B 23 -31.14 64.54 9.71
N ALA B 24 -31.07 63.25 9.42
CA ALA B 24 -30.61 62.79 8.13
C ALA B 24 -31.61 63.20 7.05
N LEU B 25 -32.91 63.05 7.36
CA LEU B 25 -34.00 63.48 6.48
C LEU B 25 -34.04 64.99 6.32
N GLU B 26 -33.67 65.69 7.39
CA GLU B 26 -33.48 67.14 7.36
C GLU B 26 -32.34 67.49 6.39
N SER B 27 -31.22 66.78 6.50
CA SER B 27 -30.09 66.93 5.59
C SER B 27 -30.49 66.86 4.13
N ILE B 28 -31.29 65.84 3.81
CA ILE B 28 -31.73 65.54 2.45
C ILE B 28 -32.59 66.66 1.88
N SER B 29 -33.41 67.28 2.72
CA SER B 29 -34.26 68.40 2.31
C SER B 29 -33.49 69.54 1.65
N HIS B 30 -32.24 69.77 2.08
CA HIS B 30 -31.37 70.80 1.49
C HIS B 30 -30.79 70.38 0.13
N ALA B 31 -30.63 69.08 -0.10
CA ALA B 31 -30.10 68.55 -1.37
C ALA B 31 -31.01 68.82 -2.58
N GLY B 32 -30.39 68.92 -3.76
CA GLY B 32 -31.12 69.16 -5.01
C GLY B 32 -32.21 68.15 -5.26
N THR B 33 -33.30 68.61 -5.88
CA THR B 33 -34.51 67.82 -6.08
C THR B 33 -34.37 66.75 -7.15
N ALA B 34 -34.93 65.57 -6.86
CA ALA B 34 -35.03 64.51 -7.86
C ALA B 34 -36.49 64.13 -8.04
N ILE B 35 -36.85 63.84 -9.29
CA ILE B 35 -38.21 63.49 -9.65
C ILE B 35 -38.22 62.24 -10.52
N GLY B 36 -39.17 61.36 -10.24
CA GLY B 36 -39.48 60.23 -11.11
C GLY B 36 -40.95 60.17 -11.44
N ILE B 37 -41.27 59.97 -12.72
CA ILE B 37 -42.66 59.84 -13.18
C ILE B 37 -42.80 58.60 -14.06
N MET B 38 -43.75 57.75 -13.72
CA MET B 38 -43.97 56.52 -14.47
C MET B 38 -45.20 56.60 -15.39
N ALA B 39 -44.96 56.44 -16.69
CA ALA B 39 -46.00 56.40 -17.71
C ALA B 39 -46.34 54.95 -18.07
N SER B 40 -47.26 54.76 -19.02
CA SER B 40 -47.60 53.41 -19.49
C SER B 40 -46.48 52.79 -20.33
N ASP B 41 -45.78 53.62 -21.11
CA ASP B 41 -44.75 53.14 -22.02
C ASP B 41 -43.33 53.55 -21.61
N GLY B 42 -43.12 53.75 -20.31
CA GLY B 42 -41.79 54.08 -19.78
C GLY B 42 -41.74 54.93 -18.52
N ILE B 43 -40.54 55.16 -18.03
CA ILE B 43 -40.30 55.91 -16.80
C ILE B 43 -39.33 57.07 -17.06
N VAL B 44 -39.51 58.16 -16.31
CA VAL B 44 -38.62 59.33 -16.41
C VAL B 44 -37.96 59.63 -15.08
N LEU B 45 -36.66 59.91 -15.12
CA LEU B 45 -35.90 60.40 -13.98
C LEU B 45 -35.24 61.75 -14.27
N ALA B 46 -35.54 62.74 -13.44
CA ALA B 46 -34.97 64.08 -13.60
C ALA B 46 -34.42 64.53 -12.26
N ALA B 47 -33.29 65.23 -12.28
CA ALA B 47 -32.65 65.69 -11.06
C ALA B 47 -31.88 67.00 -11.21
N GLU B 48 -31.77 67.75 -10.11
CA GLU B 48 -31.11 69.05 -10.09
C GLU B 48 -29.75 68.98 -9.41
N ARG B 49 -28.69 69.22 -10.18
CA ARG B 49 -27.33 69.37 -9.65
C ARG B 49 -27.26 70.61 -8.78
N LYS B 50 -27.07 70.40 -7.48
CA LYS B 50 -27.10 71.50 -6.52
C LYS B 50 -25.70 72.12 -6.40
N VAL B 51 -25.62 73.41 -6.72
CA VAL B 51 -24.36 74.19 -6.86
C VAL B 51 -23.53 73.76 -8.09
N THR B 52 -23.26 74.71 -8.99
CA THR B 52 -22.36 74.44 -10.11
C THR B 52 -21.41 75.60 -10.37
N SER B 53 -20.35 75.30 -11.11
CA SER B 53 -19.43 76.29 -11.63
C SER B 53 -19.46 76.13 -13.15
N THR B 54 -18.89 77.08 -13.88
CA THR B 54 -18.81 76.96 -15.35
C THR B 54 -17.57 76.15 -15.71
N LEU B 55 -16.76 75.87 -14.69
CA LEU B 55 -15.56 75.04 -14.82
C LEU B 55 -15.81 73.57 -14.52
N LEU B 56 -16.99 73.26 -13.97
CA LEU B 56 -17.36 71.87 -13.70
C LEU B 56 -17.56 71.11 -15.00
N GLU B 57 -16.83 70.00 -15.14
CA GLU B 57 -16.93 69.15 -16.31
C GLU B 57 -18.31 68.51 -16.35
N GLN B 58 -19.11 68.90 -17.34
CA GLN B 58 -20.50 68.48 -17.43
C GLN B 58 -20.69 67.06 -17.96
N ASP B 59 -19.87 66.69 -18.95
CA ASP B 59 -19.99 65.39 -19.62
C ASP B 59 -19.58 64.23 -18.73
N THR B 60 -18.32 64.22 -18.29
CA THR B 60 -17.73 63.15 -17.48
C THR B 60 -18.20 63.17 -16.02
N SER B 61 -19.43 63.65 -15.81
CA SER B 61 -19.95 63.82 -14.46
C SER B 61 -21.18 62.95 -14.22
N THR B 62 -21.34 62.54 -12.96
CA THR B 62 -22.49 61.77 -12.49
C THR B 62 -22.53 62.05 -11.01
N GLU B 63 -23.67 62.57 -10.53
CA GLU B 63 -23.83 62.79 -9.09
C GLU B 63 -25.24 62.48 -8.60
N LYS B 64 -26.16 62.25 -9.53
CA LYS B 64 -27.56 62.03 -9.16
C LYS B 64 -28.20 60.83 -9.86
N LEU B 65 -27.74 60.50 -11.06
CA LEU B 65 -28.32 59.40 -11.82
C LEU B 65 -27.34 58.24 -12.05
N TYR B 66 -27.65 57.10 -11.44
CA TYR B 66 -26.78 55.94 -11.46
C TYR B 66 -27.49 54.68 -11.97
N LYS B 67 -26.76 53.84 -12.69
CA LYS B 67 -27.25 52.59 -13.21
C LYS B 67 -26.92 51.42 -12.27
N LEU B 68 -27.87 50.54 -12.01
CA LEU B 68 -27.65 49.41 -11.10
C LEU B 68 -27.49 48.09 -11.85
N ASN B 69 -28.34 47.88 -12.85
CA ASN B 69 -28.17 46.85 -13.86
C ASN B 69 -28.82 47.37 -15.14
N ASP B 70 -29.09 46.49 -16.08
CA ASP B 70 -29.63 46.93 -17.36
C ASP B 70 -31.06 47.45 -17.31
N LYS B 71 -31.80 47.10 -16.26
CA LYS B 71 -33.22 47.44 -16.17
C LYS B 71 -33.55 48.36 -14.98
N ILE B 72 -32.59 48.60 -14.09
CA ILE B 72 -32.82 49.39 -12.90
C ILE B 72 -31.83 50.55 -12.79
N ALA B 73 -32.34 51.73 -12.47
CA ALA B 73 -31.53 52.93 -12.28
C ALA B 73 -32.02 53.68 -11.06
N VAL B 74 -31.20 54.56 -10.52
CA VAL B 74 -31.61 55.35 -9.35
C VAL B 74 -31.34 56.84 -9.47
N ALA B 75 -32.28 57.64 -8.97
CA ALA B 75 -32.02 59.04 -8.71
C ALA B 75 -31.60 59.19 -7.25
N VAL B 76 -30.59 60.02 -7.00
CA VAL B 76 -30.05 60.19 -5.65
C VAL B 76 -30.32 61.59 -5.11
N ALA B 77 -30.69 61.66 -3.83
CA ALA B 77 -30.67 62.95 -3.11
C ALA B 77 -30.01 62.79 -1.75
N GLY B 78 -28.99 63.61 -1.48
CA GLY B 78 -28.29 63.56 -0.20
C GLY B 78 -26.78 63.48 -0.35
N LEU B 79 -26.14 62.71 0.52
CA LEU B 79 -24.69 62.53 0.47
C LEU B 79 -24.26 61.63 -0.69
N THR B 80 -23.56 62.20 -1.66
CA THR B 80 -23.15 61.43 -2.83
C THR B 80 -22.27 60.24 -2.48
N ALA B 81 -21.30 60.47 -1.59
CA ALA B 81 -20.35 59.42 -1.19
C ALA B 81 -21.02 58.21 -0.51
N ASP B 82 -22.01 58.49 0.34
CA ASP B 82 -22.83 57.47 1.00
C ASP B 82 -23.62 56.68 -0.02
N ALA B 83 -24.14 57.37 -1.01
CA ALA B 83 -24.96 56.76 -2.05
C ALA B 83 -24.16 55.74 -2.84
N GLU B 84 -22.92 56.07 -3.19
CA GLU B 84 -22.09 55.15 -3.95
C GLU B 84 -21.79 53.86 -3.18
N ILE B 85 -21.56 53.98 -1.87
CA ILE B 85 -21.40 52.81 -1.00
C ILE B 85 -22.59 51.89 -1.12
N LEU B 86 -23.79 52.46 -1.10
CA LEU B 86 -25.01 51.69 -1.18
C LEU B 86 -25.25 51.20 -2.61
N ILE B 87 -24.86 52.01 -3.59
CA ILE B 87 -25.07 51.71 -5.00
C ILE B 87 -24.25 50.50 -5.44
N ASN B 88 -22.98 50.49 -5.05
CA ASN B 88 -22.11 49.36 -5.34
C ASN B 88 -22.69 48.05 -4.78
N THR B 89 -23.09 48.03 -3.51
CA THR B 89 -23.61 46.78 -2.92
C THR B 89 -24.88 46.33 -3.61
N ALA B 90 -25.68 47.32 -4.03
CA ALA B 90 -26.86 47.06 -4.83
C ALA B 90 -26.51 46.44 -6.17
N ARG B 91 -25.57 47.04 -6.90
CA ARG B 91 -25.08 46.47 -8.16
C ARG B 91 -24.66 45.01 -7.97
N ILE B 92 -24.06 44.69 -6.83
CA ILE B 92 -23.60 43.34 -6.50
C ILE B 92 -24.76 42.40 -6.22
N HIS B 93 -25.68 42.80 -5.33
CA HIS B 93 -26.86 41.97 -5.06
C HIS B 93 -27.62 41.60 -6.36
N ALA B 94 -27.62 42.50 -7.33
CA ALA B 94 -28.29 42.25 -8.60
C ALA B 94 -27.60 41.14 -9.36
N GLN B 95 -26.28 41.09 -9.21
CA GLN B 95 -25.45 40.12 -9.92
C GLN B 95 -25.43 38.75 -9.26
N ASN B 96 -25.43 38.72 -7.91
CA ASN B 96 -25.55 37.48 -7.17
C ASN B 96 -26.81 36.78 -7.60
N TYR B 97 -27.88 37.56 -7.73
CA TYR B 97 -29.20 37.06 -8.11
C TYR B 97 -29.17 36.44 -9.50
N LEU B 98 -28.59 37.15 -10.48
CA LEU B 98 -28.45 36.61 -11.82
C LEU B 98 -27.68 35.29 -11.81
N LYS B 99 -26.59 35.25 -11.05
CA LYS B 99 -25.78 34.04 -10.94
C LYS B 99 -26.57 32.86 -10.39
N THR B 100 -27.44 33.14 -9.43
CA THR B 100 -28.22 32.09 -8.76
C THR B 100 -29.37 31.58 -9.62
N TYR B 101 -30.09 32.50 -10.25
CA TYR B 101 -31.37 32.19 -10.84
C TYR B 101 -31.37 32.21 -12.35
N ASN B 102 -30.29 32.71 -12.93
CA ASN B 102 -30.22 32.95 -14.38
C ASN B 102 -31.36 33.81 -14.94
N GLU B 103 -31.77 34.79 -14.15
CA GLU B 103 -32.78 35.79 -14.50
C GLU B 103 -32.41 37.13 -13.85
N ASP B 104 -32.85 38.24 -14.45
CA ASP B 104 -32.55 39.57 -13.90
C ASP B 104 -33.39 39.82 -12.65
N ILE B 105 -32.77 40.37 -11.61
CA ILE B 105 -33.45 40.62 -10.33
C ILE B 105 -34.68 41.52 -10.48
N PRO B 106 -35.85 41.08 -9.96
CA PRO B 106 -37.06 41.88 -9.91
C PRO B 106 -36.87 43.10 -9.04
N VAL B 107 -37.26 44.25 -9.58
CA VAL B 107 -37.02 45.56 -8.96
C VAL B 107 -37.30 45.59 -7.46
N GLU B 108 -38.46 45.11 -7.04
CA GLU B 108 -38.79 45.15 -5.62
C GLU B 108 -37.76 44.44 -4.76
N ILE B 109 -37.31 43.28 -5.20
CA ILE B 109 -36.33 42.50 -4.41
C ILE B 109 -35.06 43.32 -4.22
N LEU B 110 -34.66 44.07 -5.24
CA LEU B 110 -33.47 44.89 -5.15
C LEU B 110 -33.71 46.01 -4.14
N VAL B 111 -34.84 46.69 -4.27
CA VAL B 111 -35.21 47.79 -3.40
C VAL B 111 -35.32 47.37 -1.91
N ARG B 112 -35.93 46.22 -1.66
CA ARG B 112 -36.08 45.72 -0.30
C ARG B 112 -34.73 45.47 0.35
N ARG B 113 -33.87 44.74 -0.37
CA ARG B 113 -32.53 44.36 0.10
C ARG B 113 -31.71 45.58 0.49
N LEU B 114 -31.73 46.60 -0.37
CA LEU B 114 -31.02 47.84 -0.14
C LEU B 114 -31.61 48.58 1.06
N SER B 115 -32.93 48.61 1.15
CA SER B 115 -33.63 49.28 2.25
C SER B 115 -33.42 48.53 3.56
N ASP B 116 -33.30 47.21 3.49
CA ASP B 116 -33.01 46.39 4.66
C ASP B 116 -31.64 46.70 5.22
N ILE B 117 -30.67 47.00 4.35
CA ILE B 117 -29.33 47.44 4.77
C ILE B 117 -29.45 48.73 5.55
N LYS B 118 -30.29 49.63 5.04
CA LYS B 118 -30.51 50.94 5.67
C LYS B 118 -31.14 50.82 7.05
N GLN B 119 -32.19 49.99 7.15
CA GLN B 119 -32.88 49.75 8.42
C GLN B 119 -31.90 49.22 9.44
N GLY B 120 -30.90 48.48 8.98
CA GLY B 120 -29.90 47.92 9.86
C GLY B 120 -29.22 48.99 10.69
N TYR B 121 -28.64 49.96 9.98
CA TYR B 121 -27.90 51.06 10.61
C TYR B 121 -28.77 51.87 11.58
N THR B 122 -30.08 51.72 11.43
CA THR B 122 -31.11 52.36 12.25
C THR B 122 -31.29 51.65 13.61
N GLN B 123 -30.97 50.36 13.66
CA GLN B 123 -31.35 49.53 14.78
C GLN B 123 -30.18 48.93 15.57
N HIS B 124 -29.02 48.82 14.94
CA HIS B 124 -27.83 48.36 15.66
C HIS B 124 -26.53 48.93 15.11
N GLY B 125 -25.44 48.65 15.82
CA GLY B 125 -24.10 48.97 15.34
C GLY B 125 -23.62 50.34 15.77
N GLY B 126 -24.55 51.20 16.17
CA GLY B 126 -24.23 52.55 16.64
C GLY B 126 -23.49 53.45 15.66
N LEU B 127 -23.64 53.18 14.36
CA LEU B 127 -23.08 54.07 13.34
C LEU B 127 -24.14 55.06 12.89
N ARG B 128 -23.75 56.11 12.17
CA ARG B 128 -24.74 57.07 11.67
C ARG B 128 -25.46 56.47 10.47
N PRO B 129 -26.77 56.76 10.33
CA PRO B 129 -27.55 56.42 9.14
C PRO B 129 -26.92 56.94 7.87
N PHE B 130 -27.28 56.33 6.75
CA PHE B 130 -26.87 56.81 5.44
C PHE B 130 -27.74 58.01 5.08
N GLY B 131 -27.10 59.15 4.82
CA GLY B 131 -27.84 60.37 4.53
C GLY B 131 -28.30 60.44 3.09
N VAL B 132 -29.08 59.44 2.67
CA VAL B 132 -29.41 59.28 1.27
C VAL B 132 -30.87 58.88 1.06
N SER B 133 -31.49 59.53 0.08
CA SER B 133 -32.78 59.09 -0.42
C SER B 133 -32.65 58.64 -1.87
N PHE B 134 -33.44 57.63 -2.21
CA PHE B 134 -33.37 57.01 -3.52
C PHE B 134 -34.71 57.00 -4.23
N ILE B 135 -34.73 57.45 -5.49
CA ILE B 135 -35.81 57.05 -6.37
C ILE B 135 -35.28 55.92 -7.24
N TYR B 136 -36.01 54.81 -7.28
CA TYR B 136 -35.65 53.66 -8.11
C TYR B 136 -36.57 53.59 -9.30
N ALA B 137 -35.98 53.50 -10.50
CA ALA B 137 -36.74 53.32 -11.72
C ALA B 137 -36.34 52.01 -12.36
N GLY B 138 -37.29 51.09 -12.53
CA GLY B 138 -36.95 49.78 -13.07
C GLY B 138 -38.01 49.12 -13.91
N TYR B 139 -37.60 48.08 -14.65
CA TYR B 139 -38.55 47.25 -15.36
C TYR B 139 -38.25 45.76 -15.16
N ASP B 140 -39.27 45.03 -14.75
CA ASP B 140 -39.21 43.58 -14.79
C ASP B 140 -40.52 43.03 -15.35
N ASP B 141 -40.48 41.79 -15.81
CA ASP B 141 -41.63 41.19 -16.51
C ASP B 141 -42.74 40.68 -15.57
N ARG B 142 -42.71 41.06 -14.30
CA ARG B 142 -43.79 40.70 -13.39
C ARG B 142 -44.75 41.86 -13.20
N TYR B 143 -44.17 43.04 -12.94
CA TYR B 143 -44.92 44.22 -12.59
C TYR B 143 -44.73 45.35 -13.60
N GLY B 144 -44.09 45.06 -14.74
CA GLY B 144 -43.76 46.09 -15.73
C GLY B 144 -42.98 47.24 -15.10
N TYR B 145 -43.19 48.44 -15.62
CA TYR B 145 -42.51 49.64 -15.11
C TYR B 145 -42.87 49.91 -13.65
N GLN B 146 -41.85 50.08 -12.83
CA GLN B 146 -42.01 50.28 -11.39
C GLN B 146 -41.24 51.49 -10.91
N LEU B 147 -41.78 52.14 -9.88
CA LEU B 147 -41.15 53.29 -9.33
C LEU B 147 -41.18 53.13 -7.82
N TYR B 148 -40.05 53.39 -7.18
CA TYR B 148 -39.93 53.19 -5.73
C TYR B 148 -39.13 54.29 -5.08
N THR B 149 -39.44 54.59 -3.82
CA THR B 149 -38.62 55.50 -3.05
C THR B 149 -38.14 54.83 -1.79
N SER B 150 -36.91 55.13 -1.38
CA SER B 150 -36.44 54.76 -0.06
C SER B 150 -35.66 55.90 0.60
N ASN B 151 -35.70 55.94 1.92
CA ASN B 151 -34.98 56.96 2.69
C ASN B 151 -34.20 56.34 3.85
N PRO B 152 -33.41 57.16 4.58
CA PRO B 152 -32.53 56.67 5.65
C PRO B 152 -33.19 55.74 6.67
N SER B 153 -34.51 55.78 6.78
CA SER B 153 -35.23 55.02 7.80
C SER B 153 -35.16 53.54 7.52
N GLY B 154 -35.23 53.20 6.24
CA GLY B 154 -35.29 51.82 5.79
C GLY B 154 -36.64 51.51 5.20
N ASN B 155 -37.45 52.54 5.01
CA ASN B 155 -38.75 52.37 4.44
C ASN B 155 -38.76 52.63 2.95
N TYR B 156 -39.37 51.71 2.20
CA TYR B 156 -39.58 51.93 0.78
C TYR B 156 -41.07 51.90 0.49
N THR B 157 -41.47 52.64 -0.54
CA THR B 157 -42.86 52.67 -1.01
C THR B 157 -42.88 52.75 -2.53
N GLY B 158 -44.03 52.41 -3.14
CA GLY B 158 -44.17 52.47 -4.60
C GLY B 158 -45.01 53.66 -5.07
N TRP B 159 -44.72 54.16 -6.27
CA TRP B 159 -45.32 55.41 -6.76
C TRP B 159 -45.67 55.40 -8.25
N LYS B 160 -46.57 56.31 -8.62
CA LYS B 160 -46.87 56.60 -10.02
C LYS B 160 -46.03 57.80 -10.43
N ALA B 161 -45.86 58.73 -9.49
CA ALA B 161 -44.88 59.81 -9.59
C ALA B 161 -44.43 60.24 -8.17
N ILE B 162 -43.16 60.62 -8.05
CA ILE B 162 -42.58 60.97 -6.74
C ILE B 162 -41.40 61.95 -6.89
N SER B 163 -41.00 62.55 -5.78
CA SER B 163 -39.84 63.45 -5.73
C SER B 163 -39.11 63.36 -4.40
N VAL B 164 -37.80 63.52 -4.41
CA VAL B 164 -37.04 63.53 -3.15
C VAL B 164 -36.06 64.69 -3.12
N GLY B 165 -35.78 65.17 -1.90
CA GLY B 165 -34.85 66.26 -1.69
C GLY B 165 -35.55 67.54 -1.33
N ALA B 166 -35.02 68.67 -1.84
CA ALA B 166 -35.59 69.99 -1.61
C ALA B 166 -36.97 70.16 -2.23
N ASN B 167 -37.85 70.86 -1.50
CA ASN B 167 -39.17 71.27 -2.02
C ASN B 167 -40.03 70.11 -2.48
N THR B 168 -40.09 69.04 -1.71
CA THR B 168 -40.87 67.87 -2.13
C THR B 168 -42.34 68.13 -1.93
N SER B 169 -42.65 69.00 -0.97
CA SER B 169 -44.02 69.43 -0.72
C SER B 169 -44.55 70.13 -1.98
N ALA B 170 -43.91 71.24 -2.35
CA ALA B 170 -44.21 71.96 -3.58
C ALA B 170 -44.30 71.03 -4.80
N ALA B 171 -43.31 70.16 -4.94
CA ALA B 171 -43.22 69.25 -6.09
C ALA B 171 -44.33 68.20 -6.12
N GLN B 172 -44.65 67.66 -4.95
CA GLN B 172 -45.61 66.56 -4.82
C GLN B 172 -47.05 66.98 -5.11
N THR B 173 -47.35 68.24 -4.84
CA THR B 173 -48.67 68.79 -5.08
C THR B 173 -48.86 69.11 -6.56
N LEU B 174 -47.79 69.62 -7.17
CA LEU B 174 -47.74 69.95 -8.59
C LEU B 174 -47.89 68.73 -9.50
N LEU B 175 -47.37 67.59 -9.04
CA LEU B 175 -47.42 66.33 -9.78
C LEU B 175 -48.79 65.69 -9.62
N GLN B 176 -49.31 65.73 -8.40
CA GLN B 176 -50.64 65.23 -8.06
C GLN B 176 -51.72 65.95 -8.88
N MET B 177 -51.37 67.16 -9.32
CA MET B 177 -52.29 68.05 -9.99
C MET B 177 -52.36 67.82 -11.50
N ASP B 178 -51.24 67.45 -12.12
CA ASP B 178 -51.19 67.30 -13.58
C ASP B 178 -50.96 65.87 -14.08
N TYR B 179 -50.92 64.90 -13.17
CA TYR B 179 -50.65 63.51 -13.57
C TYR B 179 -51.93 62.78 -13.95
N LYS B 180 -51.96 62.24 -15.16
CA LYS B 180 -53.02 61.29 -15.55
C LYS B 180 -52.41 59.92 -15.86
N ASP B 181 -53.11 58.85 -15.45
CA ASP B 181 -52.60 57.47 -15.52
C ASP B 181 -52.15 56.98 -16.89
N ASP B 182 -52.94 57.28 -17.91
CA ASP B 182 -52.64 56.87 -19.28
C ASP B 182 -51.74 57.89 -19.99
N MET B 183 -50.76 58.42 -19.26
CA MET B 183 -49.77 59.31 -19.83
C MET B 183 -48.83 58.57 -20.75
N LYS B 184 -48.54 59.18 -21.88
CA LYS B 184 -47.48 58.70 -22.77
C LYS B 184 -46.17 59.29 -22.22
N VAL B 185 -45.03 58.70 -22.60
CA VAL B 185 -43.73 59.06 -22.02
C VAL B 185 -43.32 60.51 -22.28
N ASP B 186 -43.60 61.00 -23.49
CA ASP B 186 -43.24 62.37 -23.86
C ASP B 186 -44.06 63.42 -23.14
N ASP B 187 -45.21 63.03 -22.62
CA ASP B 187 -45.96 63.87 -21.70
C ASP B 187 -45.22 63.93 -20.37
N ALA B 188 -44.75 62.78 -19.90
CA ALA B 188 -44.07 62.68 -18.60
C ALA B 188 -42.73 63.40 -18.55
N ILE B 189 -42.00 63.38 -19.66
CA ILE B 189 -40.78 64.17 -19.81
C ILE B 189 -41.11 65.63 -19.56
N GLU B 190 -42.15 66.11 -20.25
CA GLU B 190 -42.55 67.51 -20.17
C GLU B 190 -42.92 67.92 -18.75
N LEU B 191 -43.74 67.10 -18.08
CA LEU B 191 -44.19 67.38 -16.71
C LEU B 191 -43.05 67.44 -15.69
N ALA B 192 -42.07 66.53 -15.83
CA ALA B 192 -40.93 66.47 -14.91
C ALA B 192 -40.12 67.76 -14.90
N LEU B 193 -39.80 68.25 -16.10
CA LEU B 193 -39.09 69.51 -16.27
C LEU B 193 -39.89 70.72 -15.73
N LYS B 194 -41.19 70.74 -16.00
CA LYS B 194 -42.05 71.84 -15.55
C LYS B 194 -41.95 71.97 -14.04
N THR B 195 -42.17 70.86 -13.35
CA THR B 195 -42.18 70.80 -11.89
C THR B 195 -40.87 71.31 -11.29
N LEU B 196 -39.76 70.96 -11.93
CA LEU B 196 -38.45 71.39 -11.50
C LEU B 196 -38.23 72.88 -11.77
N SER B 197 -38.69 73.35 -12.93
CA SER B 197 -38.71 74.80 -13.25
C SER B 197 -39.38 75.59 -12.12
N LYS B 198 -40.50 75.05 -11.63
CA LYS B 198 -41.37 75.73 -10.69
C LYS B 198 -40.93 75.65 -9.23
N THR B 199 -39.91 74.84 -8.91
CA THR B 199 -39.48 74.66 -7.52
C THR B 199 -38.05 75.14 -7.24
N THR B 200 -37.25 75.24 -8.30
CA THR B 200 -35.86 75.71 -8.23
C THR B 200 -35.68 77.01 -7.44
N ASP B 201 -34.48 77.19 -6.90
CA ASP B 201 -34.11 78.43 -6.24
C ASP B 201 -33.13 79.23 -7.10
N SER B 202 -32.86 78.75 -8.31
CA SER B 202 -31.97 79.45 -9.23
C SER B 202 -32.76 80.43 -10.10
N SER B 203 -32.03 81.40 -10.65
CA SER B 203 -32.56 82.30 -11.69
C SER B 203 -33.54 81.56 -12.61
N ALA B 204 -33.00 80.59 -13.35
CA ALA B 204 -33.82 79.73 -14.18
C ALA B 204 -33.28 78.30 -14.09
N LEU B 205 -33.56 77.51 -15.13
CA LEU B 205 -33.15 76.11 -15.18
C LEU B 205 -32.44 75.82 -16.51
N THR B 206 -31.11 75.96 -16.52
CA THR B 206 -30.32 75.61 -17.71
C THR B 206 -29.92 74.13 -17.73
N TYR B 207 -29.42 73.68 -18.87
CA TYR B 207 -29.05 72.28 -19.09
C TYR B 207 -27.90 71.81 -18.22
N ASP B 208 -26.96 72.71 -17.93
CA ASP B 208 -25.80 72.38 -17.10
C ASP B 208 -26.20 72.09 -15.65
N ARG B 209 -27.44 72.40 -15.31
CA ARG B 209 -27.92 72.25 -13.95
C ARG B 209 -28.76 70.99 -13.78
N LEU B 210 -28.84 70.19 -14.84
CA LEU B 210 -29.72 69.03 -14.87
C LEU B 210 -29.04 67.70 -15.15
N GLU B 211 -29.63 66.65 -14.57
CA GLU B 211 -29.37 65.27 -14.97
C GLU B 211 -30.69 64.66 -15.37
N PHE B 212 -30.67 63.90 -16.45
CA PHE B 212 -31.90 63.42 -17.04
C PHE B 212 -31.73 62.04 -17.66
N ALA B 213 -32.65 61.13 -17.36
CA ALA B 213 -32.61 59.77 -17.93
C ALA B 213 -33.98 59.15 -18.10
N THR B 214 -34.11 58.28 -19.11
CA THR B 214 -35.35 57.55 -19.34
C THR B 214 -35.14 56.06 -19.48
N ILE B 215 -36.07 55.28 -18.93
CA ILE B 215 -36.16 53.87 -19.24
C ILE B 215 -37.31 53.71 -20.22
N ARG B 216 -36.98 53.31 -21.44
CA ARG B 216 -37.95 53.12 -22.51
C ARG B 216 -37.97 51.70 -23.06
N LYS B 217 -38.37 51.59 -24.32
CA LYS B 217 -38.52 50.32 -25.00
C LYS B 217 -38.82 50.67 -26.45
N GLY B 218 -37.79 50.67 -27.29
CA GLY B 218 -37.96 50.92 -28.74
C GLY B 218 -39.05 50.01 -29.30
N ALA B 219 -40.21 50.60 -29.61
CA ALA B 219 -41.46 49.85 -29.91
C ALA B 219 -41.33 48.70 -30.93
N ASN B 220 -40.35 48.79 -31.84
CA ASN B 220 -40.03 47.74 -32.80
C ASN B 220 -38.78 46.93 -32.39
N ASP B 221 -38.80 46.43 -31.15
CA ASP B 221 -37.67 45.68 -30.57
C ASP B 221 -38.17 44.59 -29.59
N GLY B 222 -39.04 45.00 -28.67
CA GLY B 222 -39.60 44.07 -27.67
C GLY B 222 -38.71 43.87 -26.46
N GLU B 223 -37.71 44.75 -26.29
CA GLU B 223 -36.80 44.69 -25.15
C GLU B 223 -36.48 46.09 -24.59
N VAL B 224 -36.19 46.14 -23.29
CA VAL B 224 -36.03 47.39 -22.53
C VAL B 224 -34.77 48.16 -22.91
N TYR B 225 -34.72 49.45 -22.61
CA TYR B 225 -33.57 50.30 -22.95
C TYR B 225 -33.43 51.49 -21.99
N GLN B 226 -32.21 51.70 -21.50
CA GLN B 226 -31.90 52.82 -20.60
C GLN B 226 -31.13 53.91 -21.34
N LYS B 227 -31.59 55.15 -21.20
CA LYS B 227 -30.94 56.27 -21.87
C LYS B 227 -30.62 57.38 -20.88
N ILE B 228 -29.35 57.48 -20.50
CA ILE B 228 -28.87 58.65 -19.75
C ILE B 228 -28.54 59.74 -20.77
N PHE B 229 -29.11 60.92 -20.55
CA PHE B 229 -29.00 62.00 -21.53
C PHE B 229 -27.66 62.70 -21.40
N LYS B 230 -26.98 62.85 -22.53
CA LYS B 230 -25.76 63.65 -22.61
C LYS B 230 -26.11 65.13 -22.48
N PRO B 231 -25.21 65.94 -21.87
CA PRO B 231 -25.47 67.35 -21.64
C PRO B 231 -26.13 68.06 -22.82
N GLN B 232 -25.73 67.73 -24.05
CA GLN B 232 -26.32 68.36 -25.25
C GLN B 232 -27.79 68.04 -25.43
N GLU B 233 -28.16 66.77 -25.20
CA GLU B 233 -29.53 66.31 -25.39
C GLU B 233 -30.51 66.93 -24.39
N ILE B 234 -30.03 67.26 -23.19
CA ILE B 234 -30.86 67.90 -22.17
C ILE B 234 -31.21 69.33 -22.60
N LYS B 235 -30.28 69.96 -23.31
CA LYS B 235 -30.47 71.31 -23.86
C LYS B 235 -31.48 71.30 -25.02
N ASP B 236 -31.49 70.21 -25.78
CA ASP B 236 -32.47 69.99 -26.85
C ASP B 236 -33.87 69.86 -26.25
N ILE B 237 -33.99 68.99 -25.24
CA ILE B 237 -35.28 68.69 -24.61
C ILE B 237 -35.81 69.84 -23.76
N LEU B 238 -34.93 70.80 -23.43
CA LEU B 238 -35.32 71.97 -22.67
C LEU B 238 -36.00 72.98 -23.61
N VAL B 239 -35.49 73.08 -24.84
CA VAL B 239 -36.05 73.95 -25.90
C VAL B 239 -37.47 73.53 -26.33
N LYS B 240 -37.65 72.25 -26.66
CA LYS B 240 -38.93 71.72 -27.13
C LYS B 240 -40.03 71.89 -26.09
N THR B 241 -39.69 71.62 -24.83
CA THR B 241 -40.65 71.76 -23.71
C THR B 241 -40.93 73.23 -23.36
N GLY B 242 -40.28 74.14 -24.08
CA GLY B 242 -40.61 75.55 -24.02
C GLY B 242 -40.09 76.30 -22.81
N ILE B 243 -38.82 76.05 -22.47
CA ILE B 243 -38.08 76.89 -21.52
C ILE B 243 -36.70 77.19 -22.12
N THR B 244 -36.67 77.46 -23.43
CA THR B 244 -35.44 77.47 -24.28
C THR B 244 -34.27 76.69 -23.63
N GLY C 1 -19.00 44.56 17.41
CA GLY C 1 -18.09 45.44 18.20
C GLY C 1 -18.84 46.33 19.16
N TYR C 2 -19.91 46.96 18.67
CA TYR C 2 -20.70 47.91 19.46
C TYR C 2 -21.74 47.22 20.33
N ASP C 3 -21.61 47.34 21.64
CA ASP C 3 -22.57 46.70 22.55
C ASP C 3 -23.13 47.57 23.69
N ARG C 4 -23.15 48.89 23.51
CA ARG C 4 -23.63 49.80 24.54
C ARG C 4 -25.05 49.44 24.96
N ALA C 5 -25.29 49.44 26.28
CA ALA C 5 -26.58 49.04 26.84
C ALA C 5 -27.63 50.14 26.68
N LEU C 6 -28.41 50.05 25.61
CA LEU C 6 -29.41 51.07 25.29
C LEU C 6 -30.73 50.89 26.05
N SER C 7 -31.20 49.65 26.19
CA SER C 7 -32.43 49.37 26.92
C SER C 7 -32.13 49.07 28.37
N ILE C 8 -32.33 50.07 29.23
CA ILE C 8 -32.02 49.95 30.67
C ILE C 8 -33.15 50.42 31.60
N PHE C 9 -33.06 50.04 32.87
CA PHE C 9 -34.02 50.47 33.88
C PHE C 9 -33.73 51.89 34.33
N SER C 10 -34.81 52.65 34.55
CA SER C 10 -34.73 53.97 35.17
C SER C 10 -35.27 53.87 36.61
N PRO C 11 -35.06 54.92 37.46
CA PRO C 11 -35.37 54.75 38.88
C PRO C 11 -36.81 54.39 39.24
N ASP C 12 -37.78 54.81 38.43
CA ASP C 12 -39.17 54.41 38.65
C ASP C 12 -39.45 52.97 38.20
N GLY C 13 -38.38 52.26 37.84
CA GLY C 13 -38.47 50.87 37.36
C GLY C 13 -38.95 50.70 35.94
N HIS C 14 -38.73 51.71 35.10
CA HIS C 14 -39.20 51.70 33.70
C HIS C 14 -38.05 51.55 32.71
N ILE C 15 -38.31 50.89 31.58
CA ILE C 15 -37.30 50.77 30.53
C ILE C 15 -37.64 51.69 29.38
N PHE C 16 -37.06 52.89 29.39
CA PHE C 16 -37.54 53.99 28.55
C PHE C 16 -37.57 53.71 27.06
N GLN C 17 -36.60 52.95 26.59
CA GLN C 17 -36.51 52.62 25.17
C GLN C 17 -37.69 51.78 24.68
N VAL C 18 -38.18 50.86 25.52
CA VAL C 18 -39.33 50.04 25.17
C VAL C 18 -40.61 50.86 25.20
N GLU C 19 -40.68 51.82 26.12
CA GLU C 19 -41.85 52.68 26.23
C GLU C 19 -41.92 53.66 25.08
N TYR C 20 -40.76 54.14 24.65
CA TYR C 20 -40.67 54.97 23.47
C TYR C 20 -40.94 54.17 22.20
N ALA C 21 -40.64 52.88 22.24
CA ALA C 21 -40.96 52.00 21.12
C ALA C 21 -42.45 51.99 20.91
N LEU C 22 -43.20 51.82 22.02
CA LEU C 22 -44.66 51.85 22.01
C LEU C 22 -45.22 53.15 21.44
N GLU C 23 -44.53 54.26 21.72
CA GLU C 23 -44.91 55.57 21.18
C GLU C 23 -44.83 55.59 19.66
N ALA C 24 -43.86 54.88 19.10
CA ALA C 24 -43.73 54.75 17.65
C ALA C 24 -44.91 53.98 17.06
N VAL C 25 -45.36 52.95 17.79
CA VAL C 25 -46.52 52.15 17.39
C VAL C 25 -47.77 53.02 17.42
N LYS C 26 -47.94 53.75 18.52
CA LYS C 26 -49.02 54.72 18.70
C LYS C 26 -49.20 55.67 17.52
N ARG C 27 -48.12 56.02 16.84
CA ARG C 27 -48.19 56.93 15.70
C ARG C 27 -48.26 56.17 14.37
N GLY C 28 -48.13 54.85 14.42
CA GLY C 28 -48.32 54.02 13.24
C GLY C 28 -49.78 53.95 12.85
N THR C 29 -50.05 53.73 11.57
CA THR C 29 -51.43 53.62 11.08
C THR C 29 -52.14 52.45 11.76
N CYS C 30 -53.43 52.62 12.01
CA CYS C 30 -54.23 51.68 12.80
C CYS C 30 -54.46 50.34 12.11
N ALA C 31 -54.25 49.27 12.88
CA ALA C 31 -54.59 47.92 12.45
C ALA C 31 -55.58 47.29 13.45
N VAL C 32 -56.54 46.54 12.91
CA VAL C 32 -57.56 45.89 13.71
C VAL C 32 -57.70 44.43 13.27
N GLY C 33 -58.03 43.58 14.21
CA GLY C 33 -58.31 42.18 13.93
C GLY C 33 -59.47 41.68 14.77
N VAL C 34 -60.43 41.04 14.11
CA VAL C 34 -61.56 40.42 14.80
C VAL C 34 -61.76 39.00 14.29
N LYS C 35 -62.19 38.10 15.18
CA LYS C 35 -62.43 36.73 14.76
C LYS C 35 -63.90 36.27 14.83
N GLY C 36 -64.29 35.51 13.81
CA GLY C 36 -65.66 34.99 13.68
C GLY C 36 -65.74 33.55 14.20
N LYS C 37 -66.65 32.78 13.62
CA LYS C 37 -66.81 31.40 14.05
C LYS C 37 -66.03 30.44 13.15
N ASN C 38 -65.62 30.96 12.01
CA ASN C 38 -65.04 30.16 10.94
C ASN C 38 -64.18 31.05 10.06
N CYS C 39 -63.63 32.11 10.69
CA CYS C 39 -62.73 33.05 10.01
C CYS C 39 -62.14 34.08 10.96
N VAL C 40 -60.96 34.61 10.59
CA VAL C 40 -60.40 35.80 11.21
C VAL C 40 -60.26 36.85 10.11
N VAL C 41 -60.59 38.09 10.43
CA VAL C 41 -60.53 39.20 9.46
C VAL C 41 -59.61 40.30 9.96
N LEU C 42 -58.68 40.72 9.11
CA LEU C 42 -57.69 41.74 9.44
C LEU C 42 -57.87 43.02 8.63
N GLY C 43 -58.00 44.14 9.33
CA GLY C 43 -58.17 45.43 8.70
C GLY C 43 -57.05 46.40 9.06
N CYS C 44 -56.66 47.21 8.08
CA CYS C 44 -55.66 48.25 8.28
C CYS C 44 -56.14 49.53 7.63
N GLU C 45 -55.68 50.68 8.13
CA GLU C 45 -55.94 51.95 7.48
C GLU C 45 -54.75 52.37 6.64
N ARG C 46 -55.01 53.15 5.61
CA ARG C 46 -53.96 53.74 4.80
C ARG C 46 -53.86 55.20 5.09
N ARG C 47 -52.63 55.72 5.06
CA ARG C 47 -52.39 57.13 5.30
C ARG C 47 -52.78 57.92 4.04
N SER C 48 -53.18 59.17 4.22
CA SER C 48 -53.46 60.08 3.10
C SER C 48 -52.78 61.45 3.26
N THR C 49 -51.48 61.41 3.55
CA THR C 49 -50.65 62.61 3.49
C THR C 49 -50.32 62.83 2.00
N LEU C 50 -49.66 61.83 1.40
CA LEU C 50 -49.46 61.76 -0.05
C LEU C 50 -50.12 60.48 -0.57
N LYS C 51 -50.97 60.61 -1.58
CA LYS C 51 -51.60 59.45 -2.21
C LYS C 51 -51.64 59.53 -3.74
N LEU C 52 -50.44 59.59 -4.32
CA LEU C 52 -50.23 59.39 -5.74
C LEU C 52 -49.51 58.04 -5.89
N GLN C 53 -50.00 57.06 -5.12
CA GLN C 53 -49.32 55.79 -4.89
C GLN C 53 -49.66 54.68 -5.88
N ASP C 54 -48.68 53.81 -6.11
CA ASP C 54 -48.81 52.68 -7.01
C ASP C 54 -49.15 51.46 -6.17
N THR C 55 -50.44 51.26 -5.91
CA THR C 55 -50.86 50.23 -4.95
C THR C 55 -50.67 48.78 -5.42
N ARG C 56 -50.28 48.61 -6.68
CA ARG C 56 -49.91 47.29 -7.19
C ARG C 56 -48.66 46.77 -6.48
N ILE C 57 -47.68 47.67 -6.31
CA ILE C 57 -46.34 47.28 -5.87
C ILE C 57 -46.02 47.60 -4.41
N THR C 58 -46.46 48.78 -3.94
CA THR C 58 -46.25 49.23 -2.55
C THR C 58 -46.52 48.09 -1.56
N PRO C 59 -45.59 47.88 -0.61
CA PRO C 59 -45.82 46.87 0.42
C PRO C 59 -47.17 47.08 1.12
N SER C 60 -47.99 46.04 1.15
CA SER C 60 -49.24 46.05 1.91
C SER C 60 -48.95 45.66 3.36
N LYS C 61 -49.87 46.00 4.27
CA LYS C 61 -49.64 45.79 5.70
C LYS C 61 -49.89 44.37 6.18
N VAL C 62 -50.77 43.65 5.50
CA VAL C 62 -51.05 42.25 5.88
C VAL C 62 -50.10 41.34 5.10
N SER C 63 -49.24 40.64 5.82
CA SER C 63 -48.25 39.78 5.20
C SER C 63 -48.47 38.32 5.53
N LYS C 64 -48.29 37.45 4.53
CA LYS C 64 -48.34 36.00 4.72
C LYS C 64 -47.04 35.50 5.33
N ILE C 65 -47.14 34.69 6.38
CA ILE C 65 -45.97 34.11 7.01
C ILE C 65 -45.75 32.67 6.53
N ASP C 66 -46.82 31.89 6.53
CA ASP C 66 -46.91 30.63 5.83
C ASP C 66 -48.22 30.74 5.06
N SER C 67 -48.69 29.67 4.42
CA SER C 67 -49.90 29.79 3.61
C SER C 67 -51.19 29.83 4.45
N HIS C 68 -51.06 29.61 5.76
CA HIS C 68 -52.20 29.51 6.68
C HIS C 68 -52.18 30.54 7.81
N VAL C 69 -51.18 31.41 7.83
CA VAL C 69 -51.04 32.45 8.87
C VAL C 69 -50.64 33.79 8.27
N VAL C 70 -51.26 34.86 8.76
CA VAL C 70 -50.90 36.21 8.32
C VAL C 70 -50.46 37.10 9.49
N LEU C 71 -49.82 38.22 9.15
CA LEU C 71 -49.29 39.16 10.13
C LEU C 71 -49.47 40.59 9.64
N SER C 72 -50.29 41.36 10.36
CA SER C 72 -50.34 42.80 10.16
C SER C 72 -49.66 43.47 11.33
N PHE C 73 -49.41 44.77 11.21
CA PHE C 73 -48.59 45.47 12.20
C PHE C 73 -48.87 46.96 12.26
N SER C 74 -48.39 47.58 13.34
CA SER C 74 -48.41 49.03 13.46
C SER C 74 -47.10 49.53 14.03
N GLY C 75 -46.52 50.52 13.35
CA GLY C 75 -45.27 51.13 13.79
C GLY C 75 -44.35 51.37 12.64
N LEU C 76 -43.04 51.31 12.91
CA LEU C 76 -42.01 51.47 11.88
C LEU C 76 -42.09 50.37 10.85
N ASN C 77 -42.34 50.75 9.59
CA ASN C 77 -42.45 49.81 8.48
C ASN C 77 -41.16 49.02 8.23
N ALA C 78 -40.02 49.69 8.37
CA ALA C 78 -38.71 49.06 8.18
C ALA C 78 -38.49 47.92 9.18
N ASP C 79 -38.77 48.17 10.45
CA ASP C 79 -38.57 47.17 11.50
C ASP C 79 -39.48 45.95 11.31
N SER C 80 -40.67 46.18 10.76
CA SER C 80 -41.64 45.11 10.56
C SER C 80 -41.11 44.04 9.61
N ARG C 81 -40.37 44.47 8.61
CA ARG C 81 -39.79 43.61 7.59
C ARG C 81 -38.78 42.67 8.18
N ILE C 82 -38.07 43.12 9.20
CA ILE C 82 -37.08 42.29 9.90
C ILE C 82 -37.75 41.20 10.74
N LEU C 83 -39.00 41.41 11.14
CA LEU C 83 -39.75 40.39 11.86
C LEU C 83 -40.43 39.45 10.90
N ILE C 84 -41.11 39.98 9.90
CA ILE C 84 -41.80 39.18 8.89
C ILE C 84 -40.83 38.20 8.23
N GLU C 85 -39.67 38.69 7.80
CA GLU C 85 -38.62 37.85 7.21
C GLU C 85 -38.15 36.75 8.16
N LYS C 86 -37.86 37.11 9.41
CA LYS C 86 -37.47 36.11 10.41
C LYS C 86 -38.54 35.06 10.66
N ALA C 87 -39.79 35.50 10.68
CA ALA C 87 -40.91 34.64 11.02
C ALA C 87 -41.22 33.68 9.89
N ARG C 88 -41.07 34.16 8.65
CA ARG C 88 -41.24 33.32 7.47
C ARG C 88 -40.19 32.22 7.45
N VAL C 89 -38.94 32.60 7.76
CA VAL C 89 -37.84 31.65 7.85
C VAL C 89 -38.09 30.57 8.92
N GLU C 90 -38.58 31.00 10.08
CA GLU C 90 -38.86 30.08 11.17
C GLU C 90 -40.03 29.15 10.85
N ALA C 91 -40.96 29.61 10.01
CA ALA C 91 -42.10 28.80 9.59
C ALA C 91 -41.64 27.62 8.74
N GLN C 92 -40.75 27.90 7.81
CA GLN C 92 -40.20 26.88 6.91
C GLN C 92 -39.33 25.89 7.66
N SER C 93 -38.60 26.40 8.64
CA SER C 93 -37.72 25.59 9.46
C SER C 93 -38.52 24.60 10.29
N HIS C 94 -39.67 25.05 10.79
CA HIS C 94 -40.55 24.24 11.61
C HIS C 94 -41.12 23.10 10.76
N ARG C 95 -41.57 23.42 9.55
CA ARG C 95 -42.12 22.43 8.62
C ARG C 95 -41.08 21.38 8.29
N LEU C 96 -39.82 21.80 8.32
CA LEU C 96 -38.69 20.97 7.91
C LEU C 96 -38.31 19.99 8.99
N THR C 97 -38.25 20.43 10.23
CA THR C 97 -37.73 19.59 11.29
C THR C 97 -38.82 18.85 12.08
N LEU C 98 -40.07 19.26 11.89
CA LEU C 98 -41.21 18.73 12.64
C LEU C 98 -42.23 18.03 11.74
N GLU C 99 -42.15 18.33 10.44
CA GLU C 99 -43.06 17.80 9.40
C GLU C 99 -44.51 18.19 9.64
N ASP C 100 -44.70 19.44 10.06
CA ASP C 100 -46.01 20.05 10.24
C ASP C 100 -45.85 21.57 10.31
N PRO C 101 -46.71 22.34 9.59
CA PRO C 101 -46.63 23.81 9.67
C PRO C 101 -46.88 24.32 11.10
N VAL C 102 -46.45 25.56 11.38
CA VAL C 102 -46.55 26.14 12.73
C VAL C 102 -47.99 26.33 13.21
N THR C 103 -48.20 26.15 14.51
CA THR C 103 -49.43 26.58 15.15
C THR C 103 -49.36 28.11 15.20
N VAL C 104 -50.50 28.77 15.34
CA VAL C 104 -50.54 30.23 15.33
C VAL C 104 -49.93 30.81 16.60
N GLU C 105 -50.10 30.09 17.70
CA GLU C 105 -49.51 30.50 18.97
C GLU C 105 -47.99 30.36 18.95
N TYR C 106 -47.49 29.32 18.30
CA TYR C 106 -46.05 29.10 18.16
C TYR C 106 -45.41 30.21 17.35
N LEU C 107 -45.95 30.47 16.16
CA LEU C 107 -45.40 31.51 15.31
C LEU C 107 -45.36 32.83 16.06
N THR C 108 -46.32 33.01 16.97
CA THR C 108 -46.45 34.23 17.75
C THR C 108 -45.40 34.23 18.86
N ARG C 109 -45.32 33.13 19.60
CA ARG C 109 -44.34 33.00 20.66
C ARG C 109 -42.93 33.28 20.10
N TYR C 110 -42.70 32.88 18.85
CA TYR C 110 -41.41 33.07 18.22
C TYR C 110 -41.10 34.53 17.94
N VAL C 111 -42.04 35.23 17.29
CA VAL C 111 -41.89 36.66 17.00
C VAL C 111 -41.67 37.44 18.29
N ALA C 112 -42.54 37.21 19.28
CA ALA C 112 -42.41 37.83 20.58
C ALA C 112 -41.02 37.61 21.18
N GLY C 113 -40.52 36.38 21.10
CA GLY C 113 -39.19 36.06 21.58
C GLY C 113 -38.14 36.98 20.97
N VAL C 114 -38.25 37.20 19.66
CA VAL C 114 -37.31 38.05 18.94
C VAL C 114 -37.41 39.48 19.47
N GLN C 115 -38.65 39.98 19.56
CA GLN C 115 -38.89 41.33 20.06
C GLN C 115 -38.32 41.56 21.45
N GLN C 116 -38.48 40.57 22.32
CA GLN C 116 -37.99 40.64 23.69
C GLN C 116 -36.48 40.78 23.75
N ARG C 117 -35.78 39.92 23.01
CA ARG C 117 -34.33 39.86 23.00
C ARG C 117 -33.72 41.23 22.64
N TYR C 118 -34.34 41.93 21.69
CA TYR C 118 -33.90 43.24 21.30
C TYR C 118 -34.06 44.29 22.41
N THR C 119 -34.67 43.87 23.52
CA THR C 119 -34.84 44.74 24.68
C THR C 119 -33.87 44.40 25.81
N GLN C 120 -33.08 43.34 25.65
CA GLN C 120 -31.98 43.09 26.61
C GLN C 120 -30.67 42.61 26.00
N SER C 121 -30.42 43.03 24.77
CA SER C 121 -29.16 42.77 24.10
C SER C 121 -28.46 44.09 23.81
N GLY C 122 -27.16 44.15 24.10
CA GLY C 122 -26.38 45.36 23.88
C GLY C 122 -26.28 45.81 22.43
N GLY C 123 -26.23 47.11 22.21
CA GLY C 123 -25.99 47.68 20.89
C GLY C 123 -27.18 47.70 19.96
N VAL C 124 -28.32 47.19 20.43
CA VAL C 124 -29.53 47.15 19.61
C VAL C 124 -30.71 47.83 20.29
N ARG C 125 -31.55 48.50 19.50
CA ARG C 125 -32.77 49.15 20.00
C ARG C 125 -34.01 48.29 19.70
N PRO C 126 -35.00 48.31 20.61
CA PRO C 126 -36.25 47.59 20.46
C PRO C 126 -36.96 47.85 19.13
N PHE C 127 -37.82 46.93 18.74
CA PHE C 127 -38.63 47.07 17.54
C PHE C 127 -39.77 48.02 17.82
N GLY C 128 -39.91 49.04 16.97
CA GLY C 128 -41.03 49.95 17.08
C GLY C 128 -42.19 49.37 16.31
N VAL C 129 -42.59 48.16 16.67
CA VAL C 129 -43.67 47.45 15.98
C VAL C 129 -44.50 46.67 16.98
N SER C 130 -45.82 46.72 16.79
CA SER C 130 -46.71 45.75 17.42
C SER C 130 -47.38 44.97 16.31
N THR C 131 -47.75 43.72 16.59
CA THR C 131 -48.29 42.86 15.54
C THR C 131 -49.63 42.26 15.93
N LEU C 132 -50.41 41.96 14.91
CA LEU C 132 -51.54 41.06 15.04
C LEU C 132 -51.27 39.85 14.16
N ILE C 133 -51.31 38.67 14.76
CA ILE C 133 -51.06 37.43 14.04
C ILE C 133 -52.34 36.61 14.00
N ALA C 134 -52.78 36.27 12.80
CA ALA C 134 -54.03 35.57 12.60
C ALA C 134 -53.87 34.37 11.69
N GLY C 135 -54.67 33.33 11.95
CA GLY C 135 -54.70 32.15 11.09
C GLY C 135 -55.26 30.91 11.76
N PHE C 136 -55.14 29.78 11.08
CA PHE C 136 -55.67 28.52 11.57
C PHE C 136 -54.57 27.47 11.73
N ASP C 137 -54.48 26.87 12.91
CA ASP C 137 -53.59 25.74 13.12
C ASP C 137 -53.89 24.67 12.08
N PRO C 138 -52.86 23.89 11.67
CA PRO C 138 -53.09 22.88 10.63
C PRO C 138 -54.14 21.85 11.05
N ARG C 139 -55.06 21.54 10.14
CA ARG C 139 -56.15 20.58 10.39
C ARG C 139 -57.17 21.01 11.46
N ASP C 140 -57.17 22.31 11.77
CA ASP C 140 -58.10 22.88 12.75
C ASP C 140 -58.99 23.91 12.07
N ASP C 141 -60.19 24.07 12.60
CA ASP C 141 -61.14 25.08 12.10
C ASP C 141 -61.44 26.18 13.14
N GLU C 142 -60.90 26.02 14.34
CA GLU C 142 -61.06 26.99 15.41
C GLU C 142 -60.05 28.13 15.25
N PRO C 143 -60.53 29.36 15.00
CA PRO C 143 -59.72 30.50 14.57
C PRO C 143 -58.86 31.11 15.68
N LYS C 144 -57.72 31.67 15.28
CA LYS C 144 -56.73 32.20 16.23
C LYS C 144 -56.33 33.64 15.88
N LEU C 145 -56.11 34.45 16.93
CA LEU C 145 -55.69 35.83 16.75
C LEU C 145 -54.87 36.29 17.95
N TYR C 146 -53.66 36.78 17.68
CA TYR C 146 -52.70 37.09 18.72
C TYR C 146 -52.13 38.48 18.53
N GLN C 147 -51.62 39.05 19.62
CA GLN C 147 -51.05 40.38 19.57
C GLN C 147 -49.71 40.37 20.29
N THR C 148 -48.70 40.97 19.65
CA THR C 148 -47.42 41.18 20.32
C THR C 148 -47.07 42.66 20.38
N GLU C 149 -46.30 43.03 21.40
CA GLU C 149 -45.79 44.38 21.53
C GLU C 149 -44.27 44.38 21.77
N PRO C 150 -43.61 45.52 21.53
CA PRO C 150 -42.15 45.63 21.58
C PRO C 150 -41.48 45.02 22.81
N SER C 151 -42.19 44.93 23.93
CA SER C 151 -41.62 44.42 25.18
C SER C 151 -41.36 42.92 25.15
N GLY C 152 -41.95 42.25 24.17
CA GLY C 152 -41.82 40.80 24.02
C GLY C 152 -43.06 40.08 24.51
N ILE C 153 -44.09 40.85 24.83
CA ILE C 153 -45.30 40.30 25.42
C ILE C 153 -46.30 39.95 24.31
N TYR C 154 -47.12 38.94 24.57
CA TYR C 154 -48.08 38.46 23.59
C TYR C 154 -49.24 37.80 24.30
N SER C 155 -50.40 37.78 23.64
CA SER C 155 -51.58 37.08 24.13
C SER C 155 -52.65 37.06 23.04
N SER C 156 -53.67 36.21 23.21
CA SER C 156 -54.75 36.15 22.22
C SER C 156 -55.91 37.10 22.56
N TRP C 157 -56.73 37.36 21.55
CA TRP C 157 -57.79 38.34 21.62
C TRP C 157 -58.99 37.88 20.81
N SER C 158 -60.19 38.13 21.34
CA SER C 158 -61.41 37.92 20.58
C SER C 158 -61.43 38.92 19.43
N ALA C 159 -61.01 40.15 19.74
CA ALA C 159 -60.77 41.22 18.78
C ALA C 159 -59.83 42.24 19.40
N GLN C 160 -59.04 42.91 18.57
CA GLN C 160 -58.05 43.85 19.06
C GLN C 160 -57.63 44.76 17.94
N THR C 161 -57.19 45.95 18.32
CA THR C 161 -56.70 46.94 17.40
C THR C 161 -55.42 47.51 17.99
N ILE C 162 -54.53 48.02 17.14
CA ILE C 162 -53.31 48.72 17.57
C ILE C 162 -52.96 49.85 16.61
N GLY C 163 -52.20 50.81 17.10
CA GLY C 163 -51.84 51.99 16.32
C GLY C 163 -52.60 53.22 16.77
N ARG C 164 -52.65 54.23 15.90
CA ARG C 164 -53.27 55.51 16.23
C ARG C 164 -54.78 55.42 16.32
N ASN C 165 -55.33 56.11 17.31
CA ASN C 165 -56.77 56.12 17.58
C ASN C 165 -57.30 54.72 17.86
N SER C 166 -56.46 53.86 18.42
CA SER C 166 -56.88 52.50 18.72
C SER C 166 -57.74 52.43 19.99
N LYS C 167 -57.67 53.45 20.84
CA LYS C 167 -58.62 53.56 21.97
C LYS C 167 -60.04 53.65 21.45
N THR C 168 -60.23 54.44 20.39
CA THR C 168 -61.54 54.67 19.77
C THR C 168 -62.12 53.40 19.15
N VAL C 169 -61.29 52.66 18.42
CA VAL C 169 -61.74 51.44 17.76
C VAL C 169 -61.86 50.26 18.74
N ARG C 170 -60.99 50.21 19.75
CA ARG C 170 -61.15 49.19 20.79
C ARG C 170 -62.43 49.42 21.55
N GLU C 171 -62.67 50.69 21.90
CA GLU C 171 -63.91 51.13 22.56
C GLU C 171 -65.12 50.62 21.80
N PHE C 172 -65.17 50.90 20.50
CA PHE C 172 -66.23 50.41 19.62
C PHE C 172 -66.41 48.90 19.69
N LEU C 173 -65.29 48.17 19.76
CA LEU C 173 -65.31 46.72 19.74
C LEU C 173 -65.72 46.12 21.07
N GLU C 174 -65.29 46.72 22.18
CA GLU C 174 -65.71 46.28 23.50
C GLU C 174 -67.22 46.40 23.69
N LYS C 175 -67.83 47.35 22.98
CA LYS C 175 -69.29 47.51 22.98
C LYS C 175 -69.91 46.50 22.04
N ASN C 176 -69.39 46.43 20.82
CA ASN C 176 -70.04 45.72 19.73
C ASN C 176 -69.59 44.27 19.48
N TYR C 177 -68.78 43.71 20.37
CA TYR C 177 -68.38 42.31 20.20
C TYR C 177 -68.98 41.43 21.29
N ASP C 178 -69.82 40.49 20.86
CA ASP C 178 -70.44 39.55 21.78
C ASP C 178 -69.75 38.19 21.67
N ARG C 179 -69.21 37.74 22.80
CA ARG C 179 -68.53 36.45 22.88
C ARG C 179 -69.49 35.27 23.03
N LYS C 180 -70.71 35.55 23.50
CA LYS C 180 -71.77 34.54 23.56
C LYS C 180 -72.05 34.03 22.15
N GLU C 181 -72.24 34.96 21.21
CA GLU C 181 -72.30 34.61 19.79
C GLU C 181 -71.46 35.56 18.92
N PRO C 182 -70.29 35.09 18.49
CA PRO C 182 -69.47 35.80 17.52
C PRO C 182 -70.11 35.89 16.14
N PRO C 183 -69.62 36.81 15.28
CA PRO C 183 -70.04 36.88 13.89
C PRO C 183 -70.05 35.50 13.25
N ALA C 184 -71.19 35.09 12.70
CA ALA C 184 -71.33 33.74 12.16
C ALA C 184 -71.01 33.64 10.68
N THR C 185 -71.14 34.75 9.95
CA THR C 185 -70.81 34.77 8.52
C THR C 185 -69.40 35.30 8.30
N VAL C 186 -68.85 34.98 7.14
CA VAL C 186 -67.69 35.70 6.61
C VAL C 186 -68.12 37.16 6.51
N GLU C 187 -69.23 37.38 5.79
CA GLU C 187 -69.79 38.71 5.51
C GLU C 187 -70.07 39.53 6.77
N GLU C 188 -70.73 38.93 7.76
CA GLU C 188 -71.09 39.69 8.96
C GLU C 188 -69.89 39.96 9.88
N CYS C 189 -68.78 39.29 9.60
CA CYS C 189 -67.53 39.52 10.33
C CYS C 189 -66.71 40.60 9.66
N VAL C 190 -66.76 40.63 8.33
CA VAL C 190 -66.12 41.69 7.55
C VAL C 190 -66.79 43.03 7.82
N LYS C 191 -68.13 43.02 7.91
CA LYS C 191 -68.90 44.23 8.21
C LYS C 191 -68.53 44.83 9.57
N LEU C 192 -68.41 43.96 10.58
CA LEU C 192 -68.02 44.39 11.92
C LEU C 192 -66.62 45.01 11.93
N THR C 193 -65.79 44.59 10.98
CA THR C 193 -64.43 45.11 10.89
C THR C 193 -64.41 46.50 10.24
N VAL C 194 -65.05 46.64 9.09
CA VAL C 194 -65.15 47.93 8.40
C VAL C 194 -65.73 48.99 9.33
N ARG C 195 -66.79 48.61 10.07
CA ARG C 195 -67.45 49.52 10.99
C ARG C 195 -66.50 50.15 12.01
N SER C 196 -65.59 49.33 12.56
CA SER C 196 -64.66 49.78 13.59
C SER C 196 -63.58 50.73 13.05
N LEU C 197 -63.21 50.56 11.80
CA LEU C 197 -62.25 51.47 11.17
C LEU C 197 -62.89 52.81 10.82
N LEU C 198 -64.17 52.76 10.45
CA LEU C 198 -64.91 53.96 10.08
C LEU C 198 -65.02 54.96 11.23
N GLU C 199 -64.76 54.51 12.45
CA GLU C 199 -64.67 55.40 13.60
C GLU C 199 -63.34 56.18 13.64
N VAL C 200 -62.46 55.91 12.69
CA VAL C 200 -61.10 56.49 12.69
C VAL C 200 -60.65 56.99 11.31
N VAL C 201 -61.14 56.37 10.25
CA VAL C 201 -60.63 56.66 8.91
C VAL C 201 -61.22 57.92 8.26
N GLN C 202 -62.54 58.08 8.33
CA GLN C 202 -63.28 59.13 7.60
C GLN C 202 -63.14 58.93 6.08
N THR C 203 -64.18 58.33 5.48
CA THR C 203 -64.18 57.77 4.11
C THR C 203 -62.99 56.83 3.84
N GLY C 204 -63.26 55.51 3.78
CA GLY C 204 -62.23 54.50 3.51
C GLY C 204 -62.50 53.84 2.18
N ALA C 205 -62.89 54.66 1.21
CA ALA C 205 -63.13 54.18 -0.16
C ALA C 205 -61.89 53.46 -0.67
N LYS C 206 -60.73 54.07 -0.44
CA LYS C 206 -59.45 53.48 -0.81
C LYS C 206 -58.43 53.57 0.34
N ASN C 207 -58.92 53.93 1.53
CA ASN C 207 -58.08 54.03 2.74
C ASN C 207 -58.37 52.95 3.79
N ILE C 208 -59.01 51.87 3.35
CA ILE C 208 -59.27 50.70 4.18
C ILE C 208 -58.93 49.46 3.35
N GLU C 209 -58.15 48.54 3.93
CA GLU C 209 -57.92 47.23 3.31
C GLU C 209 -58.28 46.09 4.25
N ILE C 210 -58.77 44.99 3.66
CA ILE C 210 -59.31 43.86 4.42
C ILE C 210 -58.80 42.55 3.85
N THR C 211 -58.36 41.66 4.74
CA THR C 211 -57.92 40.31 4.38
C THR C 211 -58.69 39.27 5.19
N VAL C 212 -59.20 38.24 4.51
CA VAL C 212 -60.03 37.20 5.13
C VAL C 212 -59.31 35.85 5.15
N VAL C 213 -59.00 35.35 6.35
CA VAL C 213 -58.40 34.02 6.47
C VAL C 213 -59.43 32.98 6.90
N LYS C 214 -59.30 31.79 6.31
CA LYS C 214 -60.20 30.67 6.56
C LYS C 214 -59.39 29.40 6.80
N PRO C 215 -60.03 28.33 7.32
CA PRO C 215 -59.30 27.08 7.51
C PRO C 215 -58.66 26.56 6.22
N ASP C 216 -57.59 25.78 6.36
CA ASP C 216 -56.90 25.08 5.26
C ASP C 216 -56.26 26.00 4.24
N SER C 217 -55.58 27.03 4.73
CA SER C 217 -54.78 27.94 3.89
C SER C 217 -55.60 28.67 2.84
N ASP C 218 -56.78 29.13 3.25
CA ASP C 218 -57.70 29.84 2.38
C ASP C 218 -57.72 31.33 2.71
N ILE C 219 -56.81 32.08 2.08
CA ILE C 219 -56.63 33.49 2.37
C ILE C 219 -56.77 34.33 1.11
N VAL C 220 -57.70 35.28 1.14
CA VAL C 220 -57.89 36.23 0.03
C VAL C 220 -58.08 37.66 0.55
N ALA C 221 -57.58 38.63 -0.21
CA ALA C 221 -57.78 40.03 0.13
C ALA C 221 -58.84 40.67 -0.78
N LEU C 222 -59.63 41.61 -0.22
CA LEU C 222 -60.64 42.33 -0.98
C LEU C 222 -60.07 43.53 -1.72
N SER C 223 -60.67 43.87 -2.85
CA SER C 223 -60.31 45.10 -3.59
C SER C 223 -61.32 46.21 -3.34
N SER C 224 -60.94 47.44 -3.68
CA SER C 224 -61.72 48.65 -3.38
C SER C 224 -63.23 48.50 -3.51
N GLU C 225 -63.70 48.11 -4.70
CA GLU C 225 -65.14 47.98 -5.02
C GLU C 225 -65.87 47.03 -4.07
N GLU C 226 -65.21 45.91 -3.74
CA GLU C 226 -65.74 44.94 -2.79
C GLU C 226 -65.87 45.55 -1.39
N ILE C 227 -64.88 46.33 -0.99
CA ILE C 227 -64.90 47.03 0.30
C ILE C 227 -65.86 48.21 0.25
N ASN C 228 -65.90 48.85 -0.93
CA ASN C 228 -66.78 50.00 -1.17
C ASN C 228 -68.24 49.62 -0.92
N GLN C 229 -68.61 48.41 -1.31
CA GLN C 229 -69.96 47.88 -1.12
C GLN C 229 -70.33 47.78 0.37
N TYR C 230 -69.33 47.59 1.22
CA TYR C 230 -69.54 47.53 2.67
C TYR C 230 -69.71 48.91 3.28
N VAL C 231 -68.78 49.83 2.95
CA VAL C 231 -68.85 51.22 3.38
C VAL C 231 -70.22 51.82 3.01
N THR C 232 -70.70 51.52 1.80
CA THR C 232 -71.99 51.98 1.29
C THR C 232 -73.15 51.51 2.17
N GLN C 233 -73.23 50.20 2.37
CA GLN C 233 -74.35 49.59 3.10
C GLN C 233 -74.30 49.85 4.62
N ILE C 234 -73.17 50.35 5.10
CA ILE C 234 -73.01 50.68 6.51
C ILE C 234 -73.55 52.09 6.84
N GLU C 235 -73.20 53.06 6.01
CA GLU C 235 -73.59 54.46 6.25
C GLU C 235 -75.02 54.78 5.84
N GLN C 236 -75.56 54.02 4.89
CA GLN C 236 -76.97 54.14 4.49
C GLN C 236 -77.87 53.60 5.61
N GLU C 237 -77.43 52.50 6.22
CA GLU C 237 -78.12 51.85 7.32
C GLU C 237 -78.07 52.72 8.58
N LYS C 238 -76.93 53.37 8.79
CA LYS C 238 -76.69 54.23 9.95
C LYS C 238 -77.42 55.58 9.83
N GLN C 239 -77.73 55.96 8.59
CA GLN C 239 -78.36 57.25 8.28
C GLN C 239 -79.73 57.39 8.93
N GLU C 240 -80.56 56.37 8.76
CA GLU C 240 -81.97 56.43 9.10
C GLU C 240 -82.30 55.94 10.51
N GLN C 241 -83.29 56.58 11.12
CA GLN C 241 -83.77 56.22 12.45
C GLN C 241 -85.04 57.00 12.81
N ASP D 1 -24.36 60.15 32.37
CA ASP D 1 -24.73 58.72 32.11
C ASP D 1 -23.58 57.77 32.46
N ARG D 2 -23.67 57.18 33.66
CA ARG D 2 -22.69 56.21 34.19
C ARG D 2 -22.83 54.80 33.56
N GLY D 3 -22.01 53.86 34.01
CA GLY D 3 -22.10 52.47 33.57
C GLY D 3 -23.34 51.75 34.06
N VAL D 4 -23.53 50.50 33.63
CA VAL D 4 -24.68 49.73 34.05
C VAL D 4 -24.48 49.04 35.40
N SER D 5 -23.27 48.53 35.62
CA SER D 5 -22.94 47.92 36.92
C SER D 5 -22.11 48.86 37.80
N THR D 6 -22.50 50.13 37.80
CA THR D 6 -22.01 51.12 38.73
C THR D 6 -22.65 50.83 40.10
N PHE D 7 -21.92 51.11 41.17
CA PHE D 7 -22.46 51.01 42.53
C PHE D 7 -22.94 52.38 43.00
N SER D 8 -24.03 52.40 43.76
CA SER D 8 -24.45 53.63 44.45
C SER D 8 -23.56 53.80 45.69
N PRO D 9 -23.45 55.05 46.20
CA PRO D 9 -22.57 55.28 47.35
C PRO D 9 -23.03 54.49 48.58
N GLU D 10 -24.32 54.13 48.60
CA GLU D 10 -24.89 53.30 49.66
C GLU D 10 -24.34 51.87 49.63
N GLY D 11 -23.82 51.47 48.47
CA GLY D 11 -23.22 50.13 48.30
C GLY D 11 -24.17 49.09 47.73
N ARG D 12 -24.89 49.48 46.68
CA ARG D 12 -25.83 48.61 46.00
C ARG D 12 -25.86 48.96 44.51
N LEU D 13 -26.15 47.96 43.68
CA LEU D 13 -26.13 48.16 42.23
C LEU D 13 -27.38 48.89 41.75
N PHE D 14 -27.16 49.97 41.01
CA PHE D 14 -28.23 50.80 40.47
C PHE D 14 -29.27 50.00 39.66
N GLN D 15 -28.83 49.31 38.63
CA GLN D 15 -29.73 48.59 37.74
C GLN D 15 -30.51 47.46 38.41
N VAL D 16 -29.95 46.90 39.47
CA VAL D 16 -30.59 45.79 40.19
C VAL D 16 -31.67 46.32 41.13
N GLU D 17 -31.47 47.53 41.63
CA GLU D 17 -32.43 48.15 42.52
C GLU D 17 -33.62 48.69 41.74
N TYR D 18 -33.37 49.19 40.53
CA TYR D 18 -34.44 49.70 39.70
C TYR D 18 -35.29 48.59 39.11
N SER D 19 -34.68 47.44 38.86
CA SER D 19 -35.41 46.28 38.36
C SER D 19 -36.44 45.84 39.37
N LEU D 20 -36.05 45.91 40.64
CA LEU D 20 -36.93 45.59 41.76
C LEU D 20 -38.15 46.49 41.80
N GLU D 21 -38.00 47.73 41.33
CA GLU D 21 -39.11 48.66 41.19
C GLU D 21 -40.07 48.17 40.11
N ALA D 22 -39.52 47.76 38.97
CA ALA D 22 -40.32 47.22 37.86
C ALA D 22 -41.19 46.05 38.30
N ILE D 23 -40.68 45.27 39.26
CA ILE D 23 -41.36 44.09 39.79
C ILE D 23 -42.59 44.44 40.64
N LYS D 24 -42.46 45.48 41.49
CA LYS D 24 -43.57 45.96 42.31
C LYS D 24 -44.80 46.32 41.47
N LEU D 25 -44.55 46.83 40.26
CA LEU D 25 -45.64 47.18 39.34
C LEU D 25 -46.33 45.94 38.76
N GLY D 26 -45.73 44.77 38.97
CA GLY D 26 -46.22 43.54 38.36
C GLY D 26 -47.44 42.94 39.01
N SER D 27 -48.08 42.02 38.30
CA SER D 27 -49.18 41.18 38.81
C SER D 27 -48.81 40.52 40.11
N THR D 28 -49.80 40.33 40.98
CA THR D 28 -49.57 39.66 42.24
C THR D 28 -49.42 38.15 42.01
N ALA D 29 -48.45 37.55 42.68
CA ALA D 29 -48.26 36.11 42.67
C ALA D 29 -47.98 35.65 44.09
N ILE D 30 -48.61 34.54 44.47
CA ILE D 30 -48.54 34.02 45.84
C ILE D 30 -48.21 32.53 45.87
N GLY D 31 -47.23 32.17 46.69
CA GLY D 31 -46.87 30.78 46.91
C GLY D 31 -46.90 30.40 48.37
N ILE D 32 -47.58 29.30 48.70
CA ILE D 32 -47.68 28.77 50.06
C ILE D 32 -47.25 27.30 50.10
N ALA D 33 -46.36 26.97 51.02
CA ALA D 33 -45.75 25.64 51.07
C ALA D 33 -46.21 24.84 52.28
N THR D 34 -46.92 23.73 52.03
CA THR D 34 -47.32 22.82 53.08
C THR D 34 -46.59 21.48 53.00
N LYS D 35 -46.86 20.59 53.96
CA LYS D 35 -46.34 19.23 53.95
C LYS D 35 -47.23 18.29 53.14
N GLU D 36 -47.96 18.84 52.19
CA GLU D 36 -48.87 18.08 51.35
C GLU D 36 -48.87 18.58 49.93
N GLY D 37 -47.94 19.49 49.64
CA GLY D 37 -47.89 20.15 48.34
C GLY D 37 -47.53 21.60 48.50
N VAL D 38 -47.28 22.27 47.38
CA VAL D 38 -47.03 23.70 47.36
C VAL D 38 -48.06 24.29 46.44
N VAL D 39 -48.60 25.45 46.82
CA VAL D 39 -49.66 26.09 46.02
C VAL D 39 -49.15 27.39 45.40
N LEU D 40 -49.42 27.55 44.11
CA LEU D 40 -49.06 28.77 43.39
C LEU D 40 -50.31 29.44 42.85
N GLY D 41 -50.44 30.73 43.13
CA GLY D 41 -51.56 31.53 42.65
C GLY D 41 -51.08 32.82 42.06
N VAL D 42 -51.70 33.22 40.93
CA VAL D 42 -51.37 34.49 40.29
C VAL D 42 -52.60 35.32 39.97
N GLU D 43 -52.38 36.62 39.83
CA GLU D 43 -53.36 37.52 39.26
C GLU D 43 -53.13 37.54 37.76
N LYS D 44 -54.17 37.22 36.97
CA LYS D 44 -54.07 37.35 35.53
C LYS D 44 -53.95 38.81 35.14
N ARG D 45 -54.92 39.64 35.51
CA ARG D 45 -54.92 41.08 35.20
C ARG D 45 -54.95 41.38 33.68
N ALA D 46 -56.00 40.90 33.02
CA ALA D 46 -56.22 41.23 31.63
C ALA D 46 -56.45 42.73 31.49
N THR D 47 -55.78 43.35 30.53
CA THR D 47 -55.85 44.80 30.32
C THR D 47 -57.09 45.24 29.53
N SER D 48 -58.03 44.32 29.33
CA SER D 48 -59.23 44.59 28.53
C SER D 48 -60.18 43.38 28.57
N PRO D 49 -61.50 43.62 28.48
CA PRO D 49 -62.49 42.53 28.35
C PRO D 49 -62.33 41.68 27.08
N LEU D 50 -61.68 42.23 26.06
CA LEU D 50 -61.52 41.55 24.77
C LEU D 50 -60.37 40.53 24.73
N LEU D 51 -59.47 40.63 25.70
CA LEU D 51 -58.34 39.70 25.89
C LEU D 51 -58.85 38.35 26.34
N GLU D 52 -58.41 37.29 25.68
CA GLU D 52 -58.79 35.94 26.11
C GLU D 52 -57.93 35.57 27.28
N SER D 53 -58.54 35.60 28.47
CA SER D 53 -57.79 35.59 29.72
C SER D 53 -57.03 34.31 30.03
N ASP D 54 -57.25 33.26 29.26
CA ASP D 54 -56.50 32.01 29.48
C ASP D 54 -55.26 31.86 28.60
N SER D 55 -55.07 32.75 27.63
CA SER D 55 -53.80 32.83 26.94
C SER D 55 -52.72 33.51 27.82
N ILE D 56 -53.09 33.87 29.04
CA ILE D 56 -52.14 34.44 30.01
C ILE D 56 -51.50 33.33 30.85
N GLU D 57 -50.21 33.15 30.63
CA GLU D 57 -49.41 32.12 31.27
C GLU D 57 -48.46 32.70 32.31
N LYS D 58 -48.91 32.78 33.55
CA LYS D 58 -48.05 33.28 34.61
C LYS D 58 -47.67 32.17 35.56
N ILE D 59 -48.17 30.97 35.27
CA ILE D 59 -47.71 29.76 35.93
C ILE D 59 -47.24 28.77 34.85
N VAL D 60 -45.99 28.32 34.99
CA VAL D 60 -45.38 27.43 34.00
C VAL D 60 -44.73 26.21 34.66
N GLU D 61 -44.77 25.09 33.94
CA GLU D 61 -44.09 23.85 34.32
C GLU D 61 -42.60 23.92 33.96
N ILE D 62 -41.75 23.54 34.91
CA ILE D 62 -40.33 23.42 34.66
C ILE D 62 -39.96 21.94 34.46
N ASP D 63 -40.33 21.10 35.41
CA ASP D 63 -40.35 19.64 35.25
C ASP D 63 -41.61 19.11 35.92
N ARG D 64 -41.78 17.79 35.97
CA ARG D 64 -42.95 17.21 36.64
C ARG D 64 -42.91 17.41 38.16
N HIS D 65 -41.82 17.94 38.68
CA HIS D 65 -41.70 18.13 40.13
C HIS D 65 -41.30 19.55 40.48
N ILE D 66 -41.27 20.43 39.47
CA ILE D 66 -40.96 21.85 39.65
C ILE D 66 -41.81 22.72 38.72
N GLY D 67 -42.51 23.68 39.29
CA GLY D 67 -43.20 24.70 38.52
C GLY D 67 -42.87 26.07 39.08
N CYS D 68 -43.13 27.13 38.30
CA CYS D 68 -42.91 28.47 38.86
C CYS D 68 -44.00 29.50 38.54
N ALA D 69 -44.08 30.52 39.39
CA ALA D 69 -44.91 31.69 39.14
C ALA D 69 -44.04 32.91 38.91
N MET D 70 -44.53 33.80 38.06
CA MET D 70 -43.78 35.01 37.69
C MET D 70 -44.54 36.30 38.02
N SER D 71 -43.79 37.38 38.21
CA SER D 71 -44.35 38.69 38.46
C SER D 71 -43.35 39.75 38.02
N GLY D 72 -43.81 40.64 37.14
CA GLY D 72 -42.98 41.75 36.65
C GLY D 72 -43.06 41.81 35.16
N LEU D 73 -41.96 42.23 34.53
CA LEU D 73 -41.86 42.16 33.08
C LEU D 73 -41.83 40.70 32.69
N THR D 74 -42.96 40.17 32.22
CA THR D 74 -43.11 38.72 32.07
C THR D 74 -42.51 38.14 30.79
N ALA D 75 -42.14 38.99 29.84
CA ALA D 75 -41.44 38.51 28.65
C ALA D 75 -40.00 38.12 29.02
N ASP D 76 -39.44 38.84 29.98
CA ASP D 76 -38.10 38.57 30.50
C ASP D 76 -37.98 37.16 31.08
N ALA D 77 -39.10 36.59 31.52
CA ALA D 77 -39.11 35.26 32.11
C ALA D 77 -38.97 34.13 31.09
N ARG D 78 -39.35 34.38 29.84
CA ARG D 78 -39.31 33.34 28.78
C ARG D 78 -37.96 32.61 28.70
N SER D 79 -36.87 33.36 28.67
CA SER D 79 -35.55 32.76 28.58
C SER D 79 -35.09 32.15 29.91
N MET D 80 -35.67 32.62 31.03
CA MET D 80 -35.33 32.07 32.34
C MET D 80 -35.91 30.68 32.52
N ILE D 81 -37.09 30.47 31.93
CA ILE D 81 -37.77 29.18 31.96
C ILE D 81 -37.08 28.23 31.00
N GLU D 82 -36.74 28.74 29.81
CA GLU D 82 -36.07 27.93 28.81
C GLU D 82 -34.80 27.32 29.39
N HIS D 83 -34.03 28.15 30.09
CA HIS D 83 -32.81 27.71 30.76
C HIS D 83 -33.12 26.76 31.91
N ALA D 84 -34.18 27.04 32.65
CA ALA D 84 -34.55 26.20 33.79
C ALA D 84 -34.98 24.83 33.32
N ARG D 85 -35.92 24.77 32.39
CA ARG D 85 -36.39 23.49 31.85
C ARG D 85 -35.19 22.68 31.34
N THR D 86 -34.37 23.32 30.53
CA THR D 86 -33.12 22.73 30.03
C THR D 86 -32.20 22.21 31.16
N ALA D 87 -31.93 23.04 32.17
CA ALA D 87 -31.12 22.62 33.32
C ALA D 87 -31.62 21.33 33.95
N ALA D 88 -32.95 21.23 34.08
CA ALA D 88 -33.58 20.09 34.69
C ALA D 88 -33.45 18.85 33.82
N VAL D 89 -33.87 18.98 32.55
CA VAL D 89 -33.79 17.90 31.57
C VAL D 89 -32.34 17.45 31.36
N THR D 90 -31.42 18.41 31.24
CA THR D 90 -29.99 18.11 31.12
C THR D 90 -29.54 17.30 32.31
N HIS D 91 -29.86 17.79 33.52
CA HIS D 91 -29.40 17.13 34.74
C HIS D 91 -29.88 15.69 34.79
N ASN D 92 -31.10 15.46 34.32
CA ASN D 92 -31.65 14.12 34.26
C ASN D 92 -30.86 13.21 33.32
N LEU D 93 -30.52 13.73 32.14
CA LEU D 93 -29.72 13.03 31.14
C LEU D 93 -28.38 12.56 31.70
N TYR D 94 -27.66 13.47 32.36
CA TYR D 94 -26.33 13.16 32.92
C TYR D 94 -26.40 12.22 34.10
N TYR D 95 -27.53 12.18 34.82
CA TYR D 95 -27.56 11.55 36.14
C TYR D 95 -28.68 10.56 36.45
N ASP D 96 -29.59 10.34 35.49
CA ASP D 96 -30.73 9.41 35.67
C ASP D 96 -31.55 9.68 36.96
N GLU D 97 -31.76 10.96 37.26
CA GLU D 97 -32.44 11.40 38.49
C GLU D 97 -33.05 12.79 38.31
N ASP D 98 -34.01 13.14 39.18
CA ASP D 98 -34.59 14.48 39.26
C ASP D 98 -33.64 15.51 39.88
N ILE D 99 -33.51 16.66 39.23
CA ILE D 99 -32.75 17.79 39.77
C ILE D 99 -33.38 18.30 41.07
N ASN D 100 -32.54 18.58 42.07
CA ASN D 100 -32.94 19.25 43.30
C ASN D 100 -33.49 20.66 43.04
N VAL D 101 -34.56 21.03 43.75
CA VAL D 101 -35.21 22.35 43.55
C VAL D 101 -34.23 23.48 43.89
N GLU D 102 -33.49 23.32 44.98
CA GLU D 102 -32.48 24.30 45.38
C GLU D 102 -31.39 24.44 44.31
N SER D 103 -31.12 23.35 43.59
CA SER D 103 -30.15 23.35 42.49
C SER D 103 -30.70 24.02 41.24
N LEU D 104 -31.94 23.68 40.88
CA LEU D 104 -32.61 24.35 39.79
C LEU D 104 -32.66 25.86 40.02
N THR D 105 -33.02 26.26 41.23
CA THR D 105 -33.09 27.68 41.58
C THR D 105 -31.72 28.34 41.48
N GLN D 106 -30.71 27.70 42.05
CA GLN D 106 -29.36 28.23 41.99
C GLN D 106 -28.93 28.45 40.54
N SER D 107 -29.30 27.51 39.67
CA SER D 107 -28.96 27.59 38.25
C SER D 107 -29.60 28.79 37.56
N VAL D 108 -30.87 29.05 37.88
CA VAL D 108 -31.60 30.19 37.33
C VAL D 108 -30.99 31.51 37.77
N CYS D 109 -30.64 31.61 39.06
CA CYS D 109 -30.06 32.81 39.63
C CYS D 109 -28.66 33.16 39.15
N ASP D 110 -27.92 32.16 38.67
CA ASP D 110 -26.58 32.37 38.11
C ASP D 110 -26.67 33.26 36.88
N LEU D 111 -27.65 32.94 36.03
CA LEU D 111 -27.99 33.73 34.87
C LEU D 111 -28.20 35.21 35.17
N ALA D 112 -28.77 35.49 36.34
CA ALA D 112 -29.33 36.80 36.63
C ALA D 112 -28.33 37.96 36.72
N LEU D 113 -27.11 37.68 37.21
CA LEU D 113 -26.11 38.76 37.33
C LEU D 113 -25.11 38.86 36.17
N ARG D 114 -25.39 38.11 35.10
CA ARG D 114 -24.58 38.16 33.89
C ARG D 114 -25.01 39.32 33.00
N PHE D 115 -24.75 40.56 33.42
CA PHE D 115 -24.96 41.69 32.52
C PHE D 115 -23.75 42.62 32.37
N GLY D 116 -22.77 42.17 31.58
CA GLY D 116 -21.51 42.89 31.33
C GLY D 116 -21.06 42.85 29.86
N GLU D 117 -19.76 42.55 29.64
CA GLU D 117 -19.10 42.63 28.31
C GLU D 117 -18.11 41.47 28.02
N GLY D 118 -17.68 40.78 29.07
CA GLY D 118 -16.62 39.78 28.98
C GLY D 118 -15.33 40.29 29.61
N ALA D 119 -15.19 41.62 29.65
CA ALA D 119 -14.05 42.30 30.30
C ALA D 119 -14.00 42.04 31.81
N SER D 120 -12.80 41.69 32.28
CA SER D 120 -12.53 41.42 33.73
C SER D 120 -13.55 40.49 34.41
N GLY D 121 -13.75 39.31 33.81
CA GLY D 121 -14.71 38.31 34.34
C GLY D 121 -14.64 36.93 33.70
N GLU D 122 -15.02 36.85 32.42
CA GLU D 122 -15.27 35.57 31.73
C GLU D 122 -15.92 35.91 30.29
N GLU D 123 -17.29 35.95 30.33
CA GLU D 123 -18.15 36.40 29.24
C GLU D 123 -19.54 36.55 29.85
N ARG D 124 -20.08 37.78 29.77
CA ARG D 124 -21.31 38.19 30.47
C ARG D 124 -22.21 38.94 29.50
N LEU D 125 -22.69 38.26 28.46
CA LEU D 125 -23.41 38.98 27.41
C LEU D 125 -24.92 39.07 27.69
N MET D 126 -25.37 40.32 27.90
CA MET D 126 -26.76 40.69 28.29
C MET D 126 -26.68 42.11 28.82
N SER D 127 -27.60 42.98 28.42
CA SER D 127 -27.43 44.43 28.65
C SER D 127 -27.98 44.95 29.97
N ARG D 128 -29.03 44.31 30.48
CA ARG D 128 -29.76 44.76 31.68
C ARG D 128 -30.23 43.56 32.49
N PRO D 129 -30.48 43.73 33.80
CA PRO D 129 -31.00 42.59 34.57
C PRO D 129 -32.39 42.18 34.10
N PHE D 130 -32.90 41.08 34.63
CA PHE D 130 -34.27 40.68 34.34
C PHE D 130 -35.24 41.59 35.10
N GLY D 131 -36.37 41.88 34.49
CA GLY D 131 -37.40 42.69 35.13
C GLY D 131 -38.46 41.88 35.84
N VAL D 132 -38.08 40.70 36.31
CA VAL D 132 -39.05 39.74 36.81
C VAL D 132 -38.51 38.95 37.99
N ALA D 133 -39.36 38.75 38.99
CA ALA D 133 -39.02 37.89 40.11
C ALA D 133 -39.77 36.59 39.91
N LEU D 134 -39.22 35.51 40.43
CA LEU D 134 -39.84 34.20 40.27
C LEU D 134 -40.13 33.55 41.61
N LEU D 135 -41.26 32.85 41.67
CA LEU D 135 -41.52 31.95 42.77
C LEU D 135 -41.36 30.56 42.22
N ILE D 136 -40.35 29.84 42.72
CA ILE D 136 -40.07 28.48 42.25
C ILE D 136 -40.48 27.45 43.30
N ALA D 137 -41.49 26.65 42.95
CA ALA D 137 -42.03 25.65 43.85
C ALA D 137 -41.83 24.22 43.34
N GLY D 138 -41.40 23.33 44.24
CA GLY D 138 -41.24 21.94 43.88
C GLY D 138 -40.97 20.98 45.03
N HIS D 139 -40.74 19.73 44.64
CA HIS D 139 -40.43 18.63 45.56
C HIS D 139 -39.20 17.82 45.13
N ASP D 140 -38.41 17.39 46.11
CA ASP D 140 -37.35 16.41 45.90
C ASP D 140 -37.18 15.57 47.18
N ALA D 141 -36.48 14.44 47.08
CA ALA D 141 -36.41 13.49 48.20
C ALA D 141 -35.60 13.98 49.42
N ASP D 142 -34.70 14.93 49.22
CA ASP D 142 -33.80 15.40 50.28
C ASP D 142 -34.45 16.42 51.22
N ASP D 143 -35.33 17.26 50.67
CA ASP D 143 -35.88 18.39 51.40
C ASP D 143 -37.40 18.55 51.22
N GLY D 144 -38.03 17.53 50.63
CA GLY D 144 -39.46 17.52 50.44
C GLY D 144 -39.96 18.72 49.66
N TYR D 145 -41.13 19.22 50.06
CA TYR D 145 -41.76 20.37 49.42
C TYR D 145 -41.02 21.67 49.72
N GLN D 146 -40.74 22.43 48.66
CA GLN D 146 -39.95 23.66 48.76
C GLN D 146 -40.53 24.81 47.95
N LEU D 147 -40.32 26.02 48.47
CA LEU D 147 -40.72 27.23 47.79
C LEU D 147 -39.58 28.23 47.85
N PHE D 148 -39.20 28.72 46.67
CA PHE D 148 -38.07 29.62 46.54
C PHE D 148 -38.47 30.91 45.84
N HIS D 149 -37.88 31.99 46.30
CA HIS D 149 -38.09 33.29 45.71
C HIS D 149 -36.82 33.67 44.96
N ALA D 150 -36.93 33.74 43.64
CA ALA D 150 -35.79 34.08 42.80
C ALA D 150 -35.86 35.52 42.31
N GLU D 151 -34.78 36.26 42.53
CA GLU D 151 -34.71 37.67 42.18
C GLU D 151 -33.76 37.95 41.02
N PRO D 152 -33.83 39.17 40.45
CA PRO D 152 -32.83 39.58 39.47
C PRO D 152 -31.52 39.97 40.14
N SER D 153 -31.50 39.96 41.47
CA SER D 153 -30.32 40.31 42.26
C SER D 153 -29.34 39.15 42.37
N GLY D 154 -29.74 37.99 41.87
CA GLY D 154 -28.91 36.80 41.96
C GLY D 154 -29.18 35.99 43.21
N THR D 155 -29.70 36.64 44.26
CA THR D 155 -29.98 35.92 45.49
C THR D 155 -31.36 35.27 45.42
N PHE D 156 -31.55 34.20 46.18
CA PHE D 156 -32.81 33.49 46.23
C PHE D 156 -33.04 33.01 47.65
N TYR D 157 -34.28 33.17 48.10
CA TYR D 157 -34.62 32.81 49.45
C TYR D 157 -35.57 31.65 49.48
N ARG D 158 -35.47 30.81 50.49
CA ARG D 158 -36.51 29.79 50.71
C ARG D 158 -37.59 30.38 51.61
N TYR D 159 -38.84 30.05 51.33
CA TYR D 159 -39.98 30.60 52.06
C TYR D 159 -40.98 29.50 52.39
N ASN D 160 -41.67 29.64 53.51
CA ASN D 160 -42.86 28.85 53.80
C ASN D 160 -44.03 29.40 53.00
N ALA D 161 -44.05 30.71 52.86
CA ALA D 161 -44.96 31.40 51.96
C ALA D 161 -44.33 32.71 51.50
N LYS D 162 -44.71 33.16 50.31
CA LYS D 162 -44.21 34.41 49.77
C LYS D 162 -45.17 34.94 48.73
N ALA D 163 -45.22 36.27 48.67
CA ALA D 163 -46.02 36.99 47.69
C ALA D 163 -45.17 38.04 46.99
N ILE D 164 -45.29 38.13 45.68
CA ILE D 164 -44.53 39.10 44.89
C ILE D 164 -45.50 39.84 43.99
N GLY D 165 -45.15 41.08 43.65
CA GLY D 165 -46.00 41.92 42.78
C GLY D 165 -46.53 43.18 43.45
N SER D 166 -47.65 43.71 42.93
CA SER D 166 -48.23 44.93 43.44
C SER D 166 -48.81 44.80 44.86
N GLY D 167 -49.44 43.67 45.16
CA GLY D 167 -50.00 43.46 46.49
C GLY D 167 -49.01 42.95 47.53
N SER D 168 -47.74 42.86 47.13
CA SER D 168 -46.73 42.08 47.86
C SER D 168 -46.48 42.42 49.34
N GLU D 169 -46.54 43.70 49.70
CA GLU D 169 -46.28 44.10 51.10
C GLU D 169 -47.48 43.86 52.03
N GLY D 170 -48.68 44.01 51.47
CA GLY D 170 -49.92 43.79 52.22
C GLY D 170 -50.26 42.32 52.36
N ALA D 171 -50.15 41.59 51.24
CA ALA D 171 -50.38 40.15 51.18
C ALA D 171 -49.44 39.36 52.09
N GLN D 172 -48.21 39.83 52.23
CA GLN D 172 -47.20 39.18 53.05
C GLN D 172 -47.58 39.24 54.52
N ALA D 173 -47.94 40.43 54.99
CA ALA D 173 -48.36 40.66 56.37
C ALA D 173 -49.56 39.79 56.73
N GLU D 174 -50.39 39.50 55.72
CA GLU D 174 -51.51 38.57 55.86
C GLU D 174 -51.01 37.13 56.04
N LEU D 175 -50.10 36.69 55.16
CA LEU D 175 -49.52 35.34 55.23
C LEU D 175 -48.88 35.10 56.58
N LEU D 176 -48.20 36.13 57.09
CA LEU D 176 -47.56 36.11 58.39
C LEU D 176 -48.52 35.61 59.49
N ASN D 177 -49.78 36.08 59.45
CA ASN D 177 -50.79 35.74 60.45
C ASN D 177 -51.38 34.34 60.25
N GLU D 178 -51.68 34.01 59.00
CA GLU D 178 -52.37 32.77 58.67
C GLU D 178 -51.49 31.54 58.77
N TRP D 179 -50.27 31.63 58.23
CA TRP D 179 -49.41 30.46 58.06
C TRP D 179 -48.99 29.80 59.37
N HIS D 180 -49.24 28.49 59.43
CA HIS D 180 -48.76 27.61 60.50
C HIS D 180 -48.29 26.29 59.86
N SER D 181 -47.41 25.57 60.56
CA SER D 181 -46.74 24.38 60.02
C SER D 181 -47.66 23.20 59.65
N SER D 182 -48.91 23.25 60.11
CA SER D 182 -49.83 22.12 59.98
C SER D 182 -50.88 22.28 58.88
N LEU D 183 -50.74 23.33 58.08
CA LEU D 183 -51.72 23.65 57.03
C LEU D 183 -51.91 22.51 56.05
N THR D 184 -53.16 22.21 55.74
CA THR D 184 -53.46 21.18 54.75
C THR D 184 -53.42 21.81 53.36
N LEU D 185 -53.48 20.97 52.32
CA LEU D 185 -53.44 21.46 50.94
C LEU D 185 -54.68 22.29 50.61
N LYS D 186 -55.87 21.77 50.93
CA LYS D 186 -57.13 22.51 50.71
C LYS D 186 -57.18 23.83 51.48
N GLU D 187 -56.59 23.84 52.68
CA GLU D 187 -56.50 25.03 53.50
C GLU D 187 -55.60 26.09 52.88
N ALA D 188 -54.56 25.64 52.18
CA ALA D 188 -53.64 26.53 51.47
C ALA D 188 -54.24 27.06 50.17
N GLU D 189 -54.97 26.20 49.46
CA GLU D 189 -55.66 26.59 48.23
C GLU D 189 -56.63 27.74 48.49
N LEU D 190 -57.33 27.65 49.63
CA LEU D 190 -58.27 28.71 50.04
C LEU D 190 -57.54 29.99 50.45
N LEU D 191 -56.51 29.86 51.29
CA LEU D 191 -55.66 30.98 51.70
C LEU D 191 -55.07 31.78 50.53
N VAL D 192 -54.68 31.09 49.46
CA VAL D 192 -54.15 31.75 48.28
C VAL D 192 -55.25 32.56 47.62
N LEU D 193 -56.42 31.93 47.52
CA LEU D 193 -57.58 32.51 46.85
C LEU D 193 -58.15 33.67 47.66
N LYS D 194 -57.99 33.61 48.98
CA LYS D 194 -58.43 34.66 49.89
C LYS D 194 -57.58 35.93 49.74
N ILE D 195 -56.26 35.77 49.86
CA ILE D 195 -55.33 36.89 49.82
C ILE D 195 -55.25 37.55 48.44
N LEU D 196 -55.54 36.79 47.39
CA LEU D 196 -55.57 37.37 46.04
C LEU D 196 -56.78 38.27 45.89
N LYS D 197 -57.92 37.78 46.39
CA LYS D 197 -59.19 38.49 46.40
C LYS D 197 -59.05 39.86 47.05
N GLN D 198 -58.24 39.93 48.12
CA GLN D 198 -57.99 41.16 48.86
C GLN D 198 -57.18 42.20 48.09
N VAL D 199 -56.01 41.81 47.59
CA VAL D 199 -55.06 42.77 46.99
C VAL D 199 -55.34 43.08 45.52
N MET D 200 -56.06 42.20 44.83
CA MET D 200 -56.49 42.47 43.48
C MET D 200 -57.42 43.66 43.46
N GLU D 201 -57.39 44.42 42.37
CA GLU D 201 -58.36 45.48 42.20
C GLU D 201 -59.70 44.91 41.77
N GLU D 202 -59.67 43.87 40.95
CA GLU D 202 -60.90 43.31 40.36
C GLU D 202 -61.59 42.27 41.25
N LYS D 203 -62.84 41.96 40.90
CA LYS D 203 -63.61 40.93 41.59
C LYS D 203 -63.17 39.57 41.10
N LEU D 204 -62.64 38.78 42.03
CA LEU D 204 -61.99 37.51 41.73
C LEU D 204 -62.94 36.41 41.27
N ASP D 205 -62.95 36.17 39.95
CA ASP D 205 -63.62 35.00 39.38
C ASP D 205 -62.55 34.03 38.84
N GLU D 206 -62.99 32.88 38.33
CA GLU D 206 -62.07 31.86 37.84
C GLU D 206 -61.35 32.29 36.55
N ASN D 207 -61.49 33.57 36.19
CA ASN D 207 -60.92 34.09 34.95
C ASN D 207 -59.78 35.07 35.11
N ASN D 208 -59.79 35.84 36.20
CA ASN D 208 -58.67 36.75 36.40
C ASN D 208 -57.74 36.32 37.53
N ALA D 209 -57.87 35.06 37.92
CA ALA D 209 -56.92 34.40 38.82
C ALA D 209 -56.67 32.95 38.40
N GLN D 210 -55.46 32.45 38.65
CA GLN D 210 -55.11 31.08 38.30
C GLN D 210 -54.43 30.38 39.46
N LEU D 211 -54.79 29.12 39.64
CA LEU D 211 -54.25 28.28 40.69
C LEU D 211 -53.47 27.10 40.13
N SER D 212 -52.47 26.67 40.90
CA SER D 212 -51.73 25.45 40.61
C SER D 212 -51.11 24.89 41.89
N CYS D 213 -50.72 23.62 41.85
CA CYS D 213 -50.02 23.01 42.97
C CYS D 213 -49.02 21.98 42.45
N ILE D 214 -48.05 21.65 43.29
CA ILE D 214 -47.17 20.52 43.01
C ILE D 214 -47.16 19.63 44.25
N THR D 215 -47.66 18.41 44.08
CA THR D 215 -47.56 17.36 45.10
C THR D 215 -46.65 16.24 44.61
N LYS D 216 -46.08 15.50 45.56
CA LYS D 216 -45.18 14.38 45.24
C LYS D 216 -45.89 13.27 44.45
N GLN D 217 -47.16 13.04 44.72
CA GLN D 217 -47.91 12.01 44.02
C GLN D 217 -48.18 12.35 42.54
N ASP D 218 -48.93 13.43 42.29
CA ASP D 218 -49.44 13.75 40.94
C ASP D 218 -48.61 14.78 40.17
N GLY D 219 -47.50 15.18 40.77
CA GLY D 219 -46.59 16.15 40.15
C GLY D 219 -47.11 17.57 40.22
N PHE D 220 -46.69 18.39 39.25
CA PHE D 220 -47.13 19.77 39.18
C PHE D 220 -48.32 19.87 38.24
N LYS D 221 -49.43 20.36 38.77
CA LYS D 221 -50.67 20.51 38.01
C LYS D 221 -51.16 21.94 38.03
N ILE D 222 -51.60 22.42 36.87
CA ILE D 222 -52.39 23.65 36.80
C ILE D 222 -53.85 23.26 36.99
N TYR D 223 -54.56 24.06 37.79
CA TYR D 223 -55.97 23.88 38.01
C TYR D 223 -56.72 24.53 36.87
N ASP D 224 -57.57 23.77 36.18
CA ASP D 224 -58.42 24.34 35.12
C ASP D 224 -59.57 25.14 35.73
N ASN D 225 -60.28 25.89 34.88
CA ASN D 225 -61.25 26.86 35.37
C ASN D 225 -62.36 26.29 36.25
N GLU D 226 -62.99 25.20 35.81
CA GLU D 226 -64.06 24.53 36.56
C GLU D 226 -63.69 24.20 37.99
N LYS D 227 -62.48 23.67 38.18
CA LYS D 227 -62.00 23.28 39.50
C LYS D 227 -61.68 24.49 40.39
N THR D 228 -61.10 25.52 39.79
CA THR D 228 -60.86 26.80 40.47
C THR D 228 -62.19 27.46 40.81
N ALA D 229 -63.14 27.40 39.86
CA ALA D 229 -64.48 27.97 40.06
C ALA D 229 -65.15 27.45 41.32
N GLU D 230 -64.98 26.17 41.62
CA GLU D 230 -65.66 25.54 42.75
C GLU D 230 -64.94 25.79 44.06
N LEU D 231 -63.71 26.28 43.98
CA LEU D 231 -62.94 26.60 45.18
C LEU D 231 -63.17 28.04 45.63
N ILE D 232 -63.59 28.90 44.70
CA ILE D 232 -64.04 30.26 45.02
C ILE D 232 -65.42 30.18 45.69
N LYS D 233 -66.35 29.49 45.01
CA LYS D 233 -67.66 29.09 45.54
C LYS D 233 -67.58 28.69 47.01
N GLU D 234 -66.55 27.92 47.36
CA GLU D 234 -66.35 27.42 48.71
C GLU D 234 -65.75 28.44 49.68
N LEU D 235 -65.03 29.42 49.14
CA LEU D 235 -64.42 30.46 49.97
C LEU D 235 -65.49 31.46 50.42
N LYS D 236 -66.35 31.85 49.48
CA LYS D 236 -67.46 32.75 49.75
C LYS D 236 -68.30 32.22 50.91
N GLU D 237 -68.64 30.93 50.86
CA GLU D 237 -69.43 30.27 51.89
C GLU D 237 -68.75 30.28 53.26
N LYS D 238 -67.44 30.03 53.26
CA LYS D 238 -66.69 29.87 54.50
C LYS D 238 -66.35 31.22 55.14
N GLU D 239 -66.40 32.28 54.35
CA GLU D 239 -66.16 33.64 54.83
C GLU D 239 -67.44 34.31 55.31
N ALA D 240 -68.55 33.99 54.64
CA ALA D 240 -69.85 34.44 55.09
C ALA D 240 -70.21 33.75 56.40
N ALA D 241 -69.75 32.51 56.55
CA ALA D 241 -70.00 31.69 57.75
C ALA D 241 -69.65 32.41 59.06
N GLU D 242 -68.51 33.11 59.07
CA GLU D 242 -68.12 33.93 60.21
C GLU D 242 -67.45 35.24 59.80
N PHE E 1 -15.36 67.22 42.87
CA PHE E 1 -15.04 66.05 43.77
C PHE E 1 -16.23 65.08 43.95
N ARG E 2 -15.96 63.93 44.59
CA ARG E 2 -16.92 62.83 44.84
C ARG E 2 -17.79 62.48 43.61
N ASN E 3 -18.84 63.28 43.45
CA ASN E 3 -19.78 63.28 42.32
C ASN E 3 -19.16 62.93 40.95
N ASN E 4 -18.10 63.62 40.57
CA ASN E 4 -17.56 63.51 39.22
C ASN E 4 -16.71 62.27 38.98
N TYR E 5 -16.19 61.67 40.05
CA TYR E 5 -15.15 60.66 39.94
C TYR E 5 -15.56 59.27 40.40
N ASP E 6 -16.84 58.92 40.24
CA ASP E 6 -17.34 57.64 40.73
C ASP E 6 -18.21 56.86 39.72
N GLY E 7 -18.07 57.22 38.45
CA GLY E 7 -18.84 56.58 37.38
C GLY E 7 -18.39 55.18 36.97
N ASP E 8 -17.17 54.81 37.37
CA ASP E 8 -16.55 53.51 37.06
C ASP E 8 -15.20 53.39 37.75
N THR E 9 -14.60 52.21 37.72
CA THR E 9 -13.38 51.95 38.50
C THR E 9 -12.10 52.39 37.78
N VAL E 10 -12.25 52.80 36.54
CA VAL E 10 -11.15 53.24 35.70
C VAL E 10 -10.63 54.66 36.05
N THR E 11 -11.33 55.33 36.97
CA THR E 11 -11.06 56.73 37.30
C THR E 11 -10.53 56.93 38.72
N PHE E 12 -9.46 57.71 38.83
CA PHE E 12 -8.94 58.14 40.12
C PHE E 12 -9.58 59.46 40.50
N SER E 13 -9.76 59.69 41.80
CA SER E 13 -10.16 61.00 42.31
C SER E 13 -8.89 61.86 42.42
N PRO E 14 -9.05 63.18 42.56
CA PRO E 14 -7.85 64.00 42.73
C PRO E 14 -7.11 63.73 44.05
N THR E 15 -7.82 63.19 45.05
CA THR E 15 -7.21 62.72 46.31
C THR E 15 -6.35 61.48 46.06
N GLY E 16 -6.76 60.67 45.08
CA GLY E 16 -6.08 59.42 44.75
C GLY E 16 -6.86 58.18 45.13
N ARG E 17 -8.18 58.27 45.05
CA ARG E 17 -9.05 57.22 45.54
C ARG E 17 -9.90 56.62 44.43
N LEU E 18 -10.29 55.36 44.62
CA LEU E 18 -11.16 54.70 43.66
C LEU E 18 -12.54 54.56 44.29
N PHE E 19 -13.44 55.44 43.92
CA PHE E 19 -14.74 55.53 44.59
C PHE E 19 -15.63 54.31 44.40
N GLN E 20 -15.59 53.72 43.19
CA GLN E 20 -16.36 52.52 42.94
C GLN E 20 -15.95 51.38 43.86
N VAL E 21 -14.66 51.32 44.17
CA VAL E 21 -14.12 50.32 45.09
C VAL E 21 -14.62 50.58 46.51
N GLU E 22 -14.61 51.84 46.91
CA GLU E 22 -15.05 52.25 48.25
C GLU E 22 -16.54 52.10 48.44
N TYR E 23 -17.29 52.15 47.35
CA TYR E 23 -18.73 51.87 47.39
C TYR E 23 -18.96 50.36 47.44
N ALA E 24 -18.05 49.60 46.84
CA ALA E 24 -18.06 48.16 46.99
C ALA E 24 -17.84 47.77 48.46
N LEU E 25 -16.88 48.42 49.09
CA LEU E 25 -16.57 48.17 50.50
C LEU E 25 -17.76 48.51 51.41
N GLU E 26 -18.64 49.36 50.91
CA GLU E 26 -19.84 49.77 51.64
C GLU E 26 -20.91 48.67 51.65
N ALA E 27 -20.85 47.76 50.68
CA ALA E 27 -21.78 46.64 50.62
C ALA E 27 -21.48 45.67 51.75
N ILE E 28 -20.20 45.59 52.12
CA ILE E 28 -19.75 44.75 53.23
C ILE E 28 -20.37 45.23 54.53
N LYS E 29 -20.16 46.50 54.85
CA LYS E 29 -20.69 47.14 56.06
C LYS E 29 -22.20 46.95 56.18
N GLN E 30 -22.88 47.04 55.04
CA GLN E 30 -24.33 46.86 54.94
C GLN E 30 -24.75 45.38 55.10
N GLY E 31 -23.76 44.49 55.16
CA GLY E 31 -24.02 43.05 55.20
C GLY E 31 -23.92 42.43 56.58
N SER E 32 -24.50 41.25 56.73
CA SER E 32 -24.58 40.56 58.03
C SER E 32 -23.22 40.11 58.54
N VAL E 33 -23.02 40.18 59.85
CA VAL E 33 -21.69 39.96 60.45
C VAL E 33 -21.21 38.51 60.42
N THR E 34 -19.89 38.35 60.28
CA THR E 34 -19.24 37.04 60.40
C THR E 34 -17.84 37.16 61.01
N VAL E 35 -17.44 36.12 61.73
CA VAL E 35 -16.24 36.17 62.56
C VAL E 35 -15.31 34.98 62.25
N GLY E 36 -14.01 35.24 62.32
CA GLY E 36 -13.02 34.20 62.12
C GLY E 36 -11.94 34.29 63.17
N LEU E 37 -11.43 33.14 63.60
CA LEU E 37 -10.37 33.05 64.60
C LEU E 37 -9.72 31.67 64.57
N ARG E 38 -8.41 31.64 64.81
CA ARG E 38 -7.65 30.39 64.80
C ARG E 38 -6.77 30.24 66.04
N SER E 39 -6.52 29.00 66.45
CA SER E 39 -5.48 28.73 67.44
C SER E 39 -4.25 28.22 66.68
N ASN E 40 -3.54 27.24 67.23
CA ASN E 40 -2.45 26.62 66.50
C ASN E 40 -2.86 25.29 65.90
N THR E 41 -3.96 24.72 66.39
CA THR E 41 -4.45 23.46 65.85
C THR E 41 -5.78 23.55 65.08
N HIS E 42 -6.54 24.61 65.29
CA HIS E 42 -7.83 24.76 64.61
C HIS E 42 -8.09 26.21 64.14
N ALA E 43 -9.06 26.36 63.24
CA ALA E 43 -9.52 27.67 62.76
C ALA E 43 -11.04 27.65 62.63
N VAL E 44 -11.70 28.64 63.23
CA VAL E 44 -13.18 28.65 63.25
C VAL E 44 -13.74 29.84 62.49
N LEU E 45 -14.84 29.59 61.77
CA LEU E 45 -15.68 30.63 61.20
C LEU E 45 -17.06 30.58 61.86
N VAL E 46 -17.50 31.72 62.40
CA VAL E 46 -18.85 31.87 62.96
C VAL E 46 -19.62 32.96 62.18
N ALA E 47 -20.88 32.68 61.85
CA ALA E 47 -21.66 33.65 61.08
C ALA E 47 -23.11 33.80 61.56
N LEU E 48 -23.54 35.05 61.68
CA LEU E 48 -24.94 35.38 61.93
C LEU E 48 -25.65 35.45 60.59
N LYS E 49 -26.57 34.52 60.36
CA LYS E 49 -27.31 34.48 59.10
C LYS E 49 -28.52 35.42 59.17
N ARG E 50 -28.83 36.06 58.05
CA ARG E 50 -29.88 37.07 57.98
C ARG E 50 -31.05 36.59 57.13
N ASN E 51 -32.26 36.84 57.62
CA ASN E 51 -33.50 36.52 56.89
C ASN E 51 -34.24 37.77 56.39
N ALA E 52 -35.06 37.60 55.36
CA ALA E 52 -35.88 38.70 54.84
C ALA E 52 -37.14 38.90 55.69
N ASP E 53 -38.09 37.98 55.55
CA ASP E 53 -39.27 37.94 56.40
C ASP E 53 -38.98 37.11 57.62
N GLU E 54 -40.02 36.77 58.38
CA GLU E 54 -39.92 35.77 59.45
C GLU E 54 -40.47 34.45 58.92
N LEU E 55 -40.79 34.47 57.63
CA LEU E 55 -41.33 33.33 56.92
C LEU E 55 -40.29 32.81 55.91
N SER E 56 -39.07 33.36 55.99
CA SER E 56 -38.00 33.04 55.05
C SER E 56 -36.83 32.29 55.70
N SER E 57 -36.05 31.62 54.85
CA SER E 57 -34.83 30.93 55.26
C SER E 57 -33.81 31.93 55.80
N TYR E 58 -32.87 31.43 56.60
CA TYR E 58 -31.70 32.21 56.96
C TYR E 58 -30.62 31.88 55.94
N GLN E 59 -30.32 32.86 55.09
CA GLN E 59 -29.42 32.69 53.96
C GLN E 59 -27.99 32.34 54.38
N LYS E 60 -27.48 31.23 53.85
CA LYS E 60 -26.22 30.61 54.28
C LYS E 60 -24.99 31.45 53.93
N LYS E 61 -24.05 31.55 54.87
CA LYS E 61 -22.92 32.46 54.71
C LYS E 61 -21.55 31.78 54.64
N ILE E 62 -21.52 30.47 54.79
CA ILE E 62 -20.27 29.71 54.78
C ILE E 62 -20.23 28.70 53.65
N ILE E 63 -19.12 28.72 52.90
CA ILE E 63 -18.93 27.86 51.75
C ILE E 63 -17.65 27.03 51.90
N LYS E 64 -17.75 25.76 51.53
CA LYS E 64 -16.62 24.84 51.50
C LYS E 64 -15.90 24.90 50.14
N CYS E 65 -14.59 25.13 50.17
CA CYS E 65 -13.78 25.20 48.95
C CYS E 65 -13.06 23.88 48.65
N ASP E 66 -12.53 23.27 49.70
CA ASP E 66 -11.87 21.97 49.63
C ASP E 66 -11.99 21.31 50.98
N GLU E 67 -11.38 20.15 51.12
CA GLU E 67 -11.44 19.39 52.36
C GLU E 67 -10.64 20.05 53.48
N HIS E 68 -9.76 20.98 53.12
CA HIS E 68 -8.87 21.60 54.07
C HIS E 68 -9.02 23.12 54.13
N MET E 69 -10.06 23.65 53.46
CA MET E 69 -10.21 25.10 53.26
C MET E 69 -11.64 25.54 52.93
N GLY E 70 -12.10 26.58 53.63
CA GLY E 70 -13.41 27.19 53.39
C GLY E 70 -13.47 28.67 53.75
N LEU E 71 -14.57 29.33 53.42
CA LEU E 71 -14.66 30.77 53.65
C LEU E 71 -16.04 31.22 54.15
N SER E 72 -16.10 32.40 54.75
CA SER E 72 -17.40 33.02 55.05
C SER E 72 -17.55 34.34 54.31
N LEU E 73 -18.79 34.63 53.91
CA LEU E 73 -19.09 35.79 53.10
C LEU E 73 -19.86 36.86 53.87
N ALA E 74 -19.55 38.12 53.58
CA ALA E 74 -20.31 39.25 54.11
C ALA E 74 -20.47 40.28 53.00
N GLY E 75 -21.69 40.41 52.50
CA GLY E 75 -21.95 41.30 51.38
C GLY E 75 -22.76 40.63 50.29
N LEU E 76 -22.44 40.97 49.05
CA LEU E 76 -23.12 40.40 47.88
C LEU E 76 -22.88 38.91 47.73
N ALA E 77 -23.88 38.11 48.09
CA ALA E 77 -23.81 36.65 48.05
C ALA E 77 -23.49 36.02 46.67
N PRO E 78 -24.08 36.55 45.57
CA PRO E 78 -23.72 35.99 44.27
C PRO E 78 -22.23 36.17 43.93
N ASP E 79 -21.60 37.22 44.45
CA ASP E 79 -20.17 37.45 44.22
C ASP E 79 -19.28 36.48 45.00
N ALA E 80 -19.77 36.03 46.15
CA ALA E 80 -19.04 35.09 46.97
C ALA E 80 -19.13 33.71 46.34
N ARG E 81 -20.21 33.49 45.58
CA ARG E 81 -20.36 32.30 44.77
C ARG E 81 -19.36 32.29 43.62
N VAL E 82 -19.20 33.43 42.94
CA VAL E 82 -18.28 33.55 41.82
C VAL E 82 -16.84 33.29 42.26
N LEU E 83 -16.49 33.82 43.42
CA LEU E 83 -15.11 33.76 43.92
C LEU E 83 -14.75 32.45 44.61
N SER E 84 -15.69 31.88 45.35
CA SER E 84 -15.47 30.56 45.94
C SER E 84 -15.40 29.51 44.83
N ASN E 85 -16.26 29.67 43.81
CA ASN E 85 -16.23 28.77 42.66
C ASN E 85 -14.87 28.81 41.95
N TYR E 86 -14.31 30.01 41.82
CA TYR E 86 -12.97 30.17 41.28
C TYR E 86 -11.94 29.54 42.19
N LEU E 87 -12.17 29.67 43.50
CA LEU E 87 -11.23 29.16 44.50
C LEU E 87 -11.26 27.64 44.57
N ARG E 88 -12.46 27.08 44.45
CA ARG E 88 -12.62 25.64 44.36
C ARG E 88 -11.76 25.08 43.23
N GLN E 89 -11.87 25.70 42.06
CA GLN E 89 -11.10 25.32 40.90
C GLN E 89 -9.60 25.34 41.13
N GLN E 90 -9.14 26.33 41.88
CA GLN E 90 -7.70 26.47 42.13
C GLN E 90 -7.23 25.43 43.12
N CYS E 91 -8.07 25.12 44.10
CA CYS E 91 -7.79 24.04 45.04
C CYS E 91 -7.72 22.71 44.31
N ASN E 92 -8.74 22.48 43.49
CA ASN E 92 -8.91 21.30 42.66
C ASN E 92 -7.77 21.12 41.66
N TYR E 93 -7.42 22.21 40.97
CA TYR E 93 -6.29 22.20 40.02
C TYR E 93 -5.01 21.72 40.70
N SER E 94 -4.74 22.21 41.90
CA SER E 94 -3.53 21.86 42.63
C SER E 94 -3.47 20.37 43.00
N SER E 95 -4.58 19.82 43.46
CA SER E 95 -4.66 18.40 43.79
C SER E 95 -4.42 17.53 42.56
N LEU E 96 -5.11 17.87 41.47
CA LEU E 96 -5.04 17.08 40.26
C LEU E 96 -3.67 17.15 39.60
N VAL E 97 -3.15 18.35 39.39
CA VAL E 97 -1.89 18.52 38.66
C VAL E 97 -0.64 18.25 39.50
N PHE E 98 -0.55 18.86 40.69
CA PHE E 98 0.65 18.70 41.50
C PHE E 98 0.50 17.69 42.64
N ASN E 99 -0.70 17.12 42.78
CA ASN E 99 -1.07 16.26 43.91
C ASN E 99 -0.72 16.91 45.25
N ARG E 100 -1.06 18.18 45.35
CA ARG E 100 -0.62 19.06 46.42
C ARG E 100 -1.82 19.84 46.90
N LYS E 101 -2.01 19.93 48.22
CA LYS E 101 -3.09 20.75 48.76
C LYS E 101 -2.68 22.21 48.72
N LEU E 102 -3.53 23.05 48.13
CA LEU E 102 -3.25 24.48 47.96
C LEU E 102 -2.99 25.16 49.30
N ALA E 103 -1.84 25.83 49.41
CA ALA E 103 -1.49 26.65 50.59
C ALA E 103 -2.46 27.81 50.76
N VAL E 104 -2.84 28.09 52.02
CA VAL E 104 -3.88 29.08 52.31
C VAL E 104 -3.38 30.47 51.99
N GLU E 105 -2.12 30.72 52.36
CA GLU E 105 -1.42 31.93 51.96
C GLU E 105 -1.56 32.21 50.45
N ARG E 106 -1.54 31.14 49.65
CA ARG E 106 -1.58 31.26 48.20
C ARG E 106 -2.98 31.55 47.66
N ALA E 107 -3.99 31.00 48.33
CA ALA E 107 -5.39 31.25 48.00
C ALA E 107 -5.67 32.74 48.09
N GLY E 108 -5.07 33.38 49.09
CA GLY E 108 -5.11 34.82 49.24
C GLY E 108 -4.56 35.51 48.01
N HIS E 109 -3.34 35.13 47.64
CA HIS E 109 -2.67 35.71 46.47
C HIS E 109 -3.52 35.55 45.21
N LEU E 110 -4.21 34.42 45.11
CA LEU E 110 -5.06 34.14 43.96
C LEU E 110 -6.29 35.04 43.91
N LEU E 111 -6.94 35.20 45.06
CA LEU E 111 -8.14 36.01 45.17
C LEU E 111 -7.83 37.47 44.91
N CYS E 112 -6.82 37.98 45.61
CA CYS E 112 -6.33 39.33 45.40
C CYS E 112 -6.18 39.66 43.91
N ASP E 113 -5.43 38.82 43.20
CA ASP E 113 -5.14 38.97 41.79
C ASP E 113 -6.39 39.00 40.93
N LYS E 114 -7.40 38.23 41.33
CA LYS E 114 -8.65 38.17 40.59
C LYS E 114 -9.49 39.41 40.83
N ALA E 115 -9.50 39.86 42.08
CA ALA E 115 -10.25 41.04 42.48
C ALA E 115 -9.65 42.28 41.84
N GLN E 116 -8.31 42.32 41.81
CA GLN E 116 -7.57 43.45 41.30
C GLN E 116 -7.89 43.71 39.83
N LYS E 117 -8.03 42.65 39.06
CA LYS E 117 -8.35 42.77 37.63
C LYS E 117 -9.63 43.57 37.36
N ASN E 118 -10.59 43.48 38.29
CA ASN E 118 -11.87 44.19 38.19
C ASN E 118 -11.78 45.69 38.51
N THR E 119 -10.71 46.08 39.19
CA THR E 119 -10.50 47.46 39.64
C THR E 119 -9.64 48.33 38.69
N GLN E 120 -9.34 47.82 37.50
CA GLN E 120 -8.46 48.53 36.58
C GLN E 120 -9.01 48.60 35.16
N SER E 121 -10.06 47.84 34.89
CA SER E 121 -10.64 47.79 33.54
C SER E 121 -12.04 48.37 33.41
N TYR E 122 -12.23 49.01 32.27
CA TYR E 122 -13.48 49.63 31.89
C TYR E 122 -14.58 48.59 31.75
N GLY E 123 -15.81 49.01 32.06
CA GLY E 123 -16.98 48.15 31.93
C GLY E 123 -17.03 46.99 32.91
N GLY E 124 -16.09 46.97 33.83
CA GLY E 124 -16.09 45.99 34.93
C GLY E 124 -16.67 46.62 36.18
N ARG E 125 -16.81 45.81 37.22
CA ARG E 125 -17.19 46.31 38.52
C ARG E 125 -16.48 45.51 39.61
N PRO E 126 -16.07 46.18 40.70
CA PRO E 126 -15.42 45.49 41.80
C PRO E 126 -16.31 44.39 42.34
N TYR E 127 -15.72 43.43 43.02
CA TYR E 127 -16.50 42.44 43.73
C TYR E 127 -17.12 43.11 44.95
N GLY E 128 -18.41 42.86 45.19
CA GLY E 128 -19.11 43.49 46.29
C GLY E 128 -19.26 42.59 47.50
N VAL E 129 -18.17 41.94 47.89
CA VAL E 129 -18.23 40.99 49.01
C VAL E 129 -16.92 40.90 49.78
N GLY E 130 -17.04 40.80 51.11
CA GLY E 130 -15.91 40.53 51.98
C GLY E 130 -15.87 39.05 52.28
N LEU E 131 -14.67 38.52 52.50
CA LEU E 131 -14.51 37.09 52.69
C LEU E 131 -13.54 36.80 53.79
N LEU E 132 -13.89 35.81 54.62
CA LEU E 132 -12.96 35.30 55.60
C LEU E 132 -12.62 33.86 55.23
N ILE E 133 -11.34 33.57 55.05
CA ILE E 133 -10.86 32.28 54.56
C ILE E 133 -10.09 31.55 55.65
N ILE E 134 -10.55 30.36 56.02
CA ILE E 134 -9.82 29.50 56.97
C ILE E 134 -9.33 28.23 56.30
N GLY E 135 -8.23 27.68 56.82
CA GLY E 135 -7.69 26.44 56.29
C GLY E 135 -6.57 25.89 57.13
N TYR E 136 -6.40 24.58 57.06
CA TYR E 136 -5.25 23.94 57.68
C TYR E 136 -4.39 23.34 56.57
N ASP E 137 -3.25 23.96 56.31
CA ASP E 137 -2.35 23.46 55.28
C ASP E 137 -1.11 22.82 55.93
N LYS E 138 0.01 22.82 55.21
CA LYS E 138 1.24 22.16 55.65
C LYS E 138 2.08 22.99 56.63
N SER E 139 1.56 24.16 57.03
CA SER E 139 2.24 25.01 58.02
C SER E 139 1.28 25.45 59.14
N GLY E 140 0.18 24.72 59.31
CA GLY E 140 -0.70 24.90 60.46
C GLY E 140 -2.04 25.55 60.17
N ALA E 141 -2.54 26.31 61.15
CA ALA E 141 -3.80 27.02 61.00
C ALA E 141 -3.61 28.38 60.35
N HIS E 142 -4.58 28.77 59.53
CA HIS E 142 -4.54 30.06 58.83
C HIS E 142 -5.93 30.71 58.77
N LEU E 143 -5.94 32.03 58.95
CA LEU E 143 -7.14 32.82 58.70
C LEU E 143 -6.81 34.04 57.87
N LEU E 144 -7.58 34.25 56.81
CA LEU E 144 -7.39 35.34 55.89
C LEU E 144 -8.61 36.26 55.85
N GLU E 145 -8.37 37.56 55.74
CA GLU E 145 -9.42 38.54 55.49
C GLU E 145 -9.23 39.10 54.08
N PHE E 146 -10.28 39.03 53.27
CA PHE E 146 -10.23 39.47 51.89
C PHE E 146 -11.13 40.68 51.68
N GLN E 147 -10.58 41.73 51.06
CA GLN E 147 -11.36 42.92 50.68
C GLN E 147 -11.50 43.01 49.16
N PRO E 148 -12.67 43.44 48.68
CA PRO E 148 -12.97 43.74 47.27
C PRO E 148 -11.94 44.65 46.60
N SER E 149 -11.13 45.33 47.40
CA SER E 149 -10.07 46.17 46.89
C SER E 149 -8.90 45.34 46.42
N GLY E 150 -8.87 44.08 46.85
CA GLY E 150 -7.77 43.17 46.56
C GLY E 150 -6.87 42.91 47.75
N ASN E 151 -7.15 43.55 48.88
CA ASN E 151 -6.31 43.40 50.05
C ASN E 151 -6.66 42.21 50.93
N VAL E 152 -5.73 41.27 50.94
CA VAL E 152 -5.87 40.04 51.71
C VAL E 152 -4.81 40.02 52.79
N THR E 153 -5.25 39.86 54.03
CA THR E 153 -4.36 39.97 55.18
C THR E 153 -4.48 38.72 56.01
N GLU E 154 -3.35 38.26 56.56
CA GLU E 154 -3.37 37.10 57.46
C GLU E 154 -3.37 37.52 58.93
N LEU E 155 -4.41 37.09 59.64
CA LEU E 155 -4.64 37.50 61.01
C LEU E 155 -4.81 36.26 61.87
N TYR E 156 -4.89 36.46 63.18
CA TYR E 156 -5.24 35.39 64.11
C TYR E 156 -6.76 35.33 64.20
N GLY E 157 -7.38 36.51 64.21
CA GLY E 157 -8.83 36.65 64.32
C GLY E 157 -9.31 37.96 63.72
N THR E 158 -10.58 37.99 63.30
CA THR E 158 -11.19 39.20 62.73
C THR E 158 -12.69 39.03 62.50
N ALA E 159 -13.36 40.14 62.19
CA ALA E 159 -14.76 40.11 61.79
C ALA E 159 -15.05 41.15 60.71
N ILE E 160 -16.09 40.89 59.92
CA ILE E 160 -16.53 41.79 58.86
C ILE E 160 -18.06 41.78 58.78
N GLY E 161 -18.63 42.88 58.27
CA GLY E 161 -20.07 43.06 58.19
C GLY E 161 -20.59 44.16 59.11
N ALA E 162 -21.89 44.12 59.40
CA ALA E 162 -22.52 45.09 60.27
C ALA E 162 -22.07 44.91 61.72
N ARG E 163 -21.66 46.01 62.35
CA ARG E 163 -21.33 46.06 63.78
C ARG E 163 -20.14 45.18 64.13
N SER E 164 -19.45 44.70 63.11
CA SER E 164 -18.27 43.84 63.26
C SER E 164 -17.17 44.46 64.14
N GLN E 165 -17.21 45.78 64.31
CA GLN E 165 -16.23 46.53 65.08
C GLN E 165 -16.21 46.10 66.54
N GLY E 166 -17.36 45.64 67.05
CA GLY E 166 -17.47 45.13 68.41
C GLY E 166 -16.73 43.83 68.63
N ALA E 167 -16.88 42.90 67.68
CA ALA E 167 -16.20 41.62 67.71
C ALA E 167 -14.70 41.80 67.54
N LYS E 168 -14.31 42.72 66.66
CA LYS E 168 -12.90 42.96 66.36
C LYS E 168 -12.12 43.44 67.59
N THR E 169 -12.74 44.29 68.41
CA THR E 169 -12.11 44.79 69.65
C THR E 169 -12.01 43.67 70.69
N TYR E 170 -13.07 42.87 70.78
CA TYR E 170 -13.11 41.74 71.70
C TYR E 170 -11.92 40.81 71.47
N LEU E 171 -11.73 40.40 70.22
CA LEU E 171 -10.66 39.47 69.83
C LEU E 171 -9.28 40.05 70.12
N GLU E 172 -9.14 41.36 69.89
CA GLU E 172 -7.89 42.07 70.16
C GLU E 172 -7.50 41.96 71.63
N ARG E 173 -8.51 41.85 72.50
CA ARG E 173 -8.35 41.72 73.94
C ARG E 173 -8.14 40.25 74.33
N THR E 174 -8.95 39.35 73.75
CA THR E 174 -8.89 37.92 74.04
C THR E 174 -7.73 37.19 73.34
N LEU E 175 -6.94 37.91 72.55
CA LEU E 175 -5.87 37.32 71.73
C LEU E 175 -5.07 36.22 72.44
N ASP E 176 -4.52 36.55 73.62
CA ASP E 176 -3.60 35.66 74.34
C ASP E 176 -4.26 34.41 74.92
N THR E 177 -5.59 34.46 75.08
CA THR E 177 -6.35 33.29 75.54
C THR E 177 -6.60 32.32 74.38
N PHE E 178 -7.19 32.82 73.30
CA PHE E 178 -7.65 31.95 72.21
C PHE E 178 -6.54 31.37 71.34
N ILE E 179 -5.41 32.09 71.23
CA ILE E 179 -4.26 31.60 70.47
C ILE E 179 -3.75 30.27 71.05
N LYS E 180 -4.04 30.01 72.32
CA LYS E 180 -3.53 28.83 73.05
C LYS E 180 -4.53 27.68 73.17
N ILE E 181 -5.70 27.81 72.54
CA ILE E 181 -6.69 26.74 72.55
C ILE E 181 -6.33 25.65 71.53
N ASP E 182 -5.22 24.95 71.82
CA ASP E 182 -4.67 23.95 70.91
C ASP E 182 -5.11 22.56 71.30
N GLY E 183 -6.02 21.99 70.54
CA GLY E 183 -6.41 20.61 70.78
C GLY E 183 -7.84 20.45 71.23
N ASN E 184 -8.46 21.55 71.63
CA ASN E 184 -9.90 21.54 71.89
C ASN E 184 -10.66 22.37 70.87
N PRO E 185 -11.41 21.69 69.99
CA PRO E 185 -12.36 22.38 69.11
C PRO E 185 -13.45 23.09 69.91
N ASP E 186 -14.20 22.33 70.72
CA ASP E 186 -15.39 22.85 71.41
C ASP E 186 -15.18 24.17 72.13
N GLU E 187 -14.01 24.33 72.75
CA GLU E 187 -13.69 25.54 73.50
C GLU E 187 -13.36 26.74 72.61
N LEU E 188 -12.80 26.47 71.43
CA LEU E 188 -12.45 27.51 70.46
C LEU E 188 -13.70 28.09 69.80
N ILE E 189 -14.71 27.23 69.57
CA ILE E 189 -15.99 27.67 69.03
C ILE E 189 -16.75 28.50 70.07
N LYS E 190 -16.77 28.01 71.31
CA LYS E 190 -17.33 28.76 72.45
C LYS E 190 -16.82 30.21 72.45
N ALA E 191 -15.52 30.37 72.21
CA ALA E 191 -14.89 31.70 72.12
C ALA E 191 -15.18 32.43 70.81
N GLY E 192 -15.82 31.75 69.86
CA GLY E 192 -16.21 32.38 68.60
C GLY E 192 -17.66 32.85 68.61
N VAL E 193 -18.47 32.22 69.44
CA VAL E 193 -19.86 32.63 69.64
C VAL E 193 -19.89 33.80 70.61
N GLU E 194 -19.02 33.73 71.60
CA GLU E 194 -18.81 34.82 72.53
C GLU E 194 -18.32 36.08 71.81
N ALA E 195 -17.49 35.90 70.79
CA ALA E 195 -16.94 37.01 70.02
C ALA E 195 -17.99 37.64 69.12
N ILE E 196 -18.84 36.82 68.53
CA ILE E 196 -19.87 37.32 67.62
C ILE E 196 -21.00 38.05 68.38
N SER E 197 -21.04 37.86 69.70
CA SER E 197 -22.07 38.46 70.54
C SER E 197 -21.85 39.95 70.81
N GLN E 198 -20.62 40.41 70.66
CA GLN E 198 -20.28 41.84 70.75
C GLN E 198 -20.80 42.64 69.55
N SER E 199 -21.56 41.99 68.66
CA SER E 199 -22.05 42.63 67.45
C SER E 199 -23.57 42.43 67.27
N LEU E 200 -24.31 42.63 68.36
CA LEU E 200 -25.75 42.38 68.38
C LEU E 200 -26.56 43.49 69.08
N ARG E 201 -27.29 44.27 68.30
CA ARG E 201 -28.36 45.11 68.84
C ARG E 201 -29.64 44.32 68.60
N ASP E 202 -29.56 43.42 67.63
CA ASP E 202 -30.67 42.61 67.13
C ASP E 202 -31.36 41.80 68.22
N GLU E 203 -30.90 40.57 68.46
CA GLU E 203 -31.57 39.63 69.36
C GLU E 203 -30.69 38.44 69.75
N SER E 204 -31.30 37.49 70.44
CA SER E 204 -30.71 36.20 70.78
C SER E 204 -30.36 35.45 69.50
N LEU E 205 -29.17 34.86 69.45
CA LEU E 205 -28.77 34.04 68.30
C LEU E 205 -29.30 32.62 68.46
N THR E 206 -30.27 32.27 67.61
CA THR E 206 -31.02 31.01 67.74
C THR E 206 -30.45 29.86 66.90
N VAL E 207 -31.21 28.75 66.85
CA VAL E 207 -30.82 27.54 66.14
C VAL E 207 -30.76 27.75 64.62
N ASP E 208 -31.73 28.49 64.08
CA ASP E 208 -31.81 28.73 62.63
C ASP E 208 -30.90 29.88 62.24
N ASN E 209 -30.44 30.61 63.25
CA ASN E 209 -29.70 31.85 63.09
C ASN E 209 -28.20 31.65 62.94
N LEU E 210 -27.68 30.68 63.69
CA LEU E 210 -26.24 30.47 63.82
C LEU E 210 -25.70 29.53 62.77
N SER E 211 -24.44 29.74 62.44
CA SER E 211 -23.73 28.97 61.43
C SER E 211 -22.27 28.91 61.85
N ILE E 212 -21.77 27.70 62.06
CA ILE E 212 -20.37 27.51 62.48
C ILE E 212 -19.65 26.46 61.64
N ALA E 213 -18.41 26.75 61.27
CA ALA E 213 -17.57 25.85 60.49
C ALA E 213 -16.18 25.73 61.13
N ILE E 214 -15.59 24.55 61.03
CA ILE E 214 -14.30 24.29 61.67
C ILE E 214 -13.37 23.43 60.80
N VAL E 215 -12.06 23.69 60.91
CA VAL E 215 -11.04 22.94 60.20
C VAL E 215 -9.75 22.92 61.03
N GLY E 216 -8.97 21.85 60.88
CA GLY E 216 -7.68 21.74 61.54
C GLY E 216 -7.12 20.33 61.65
N LYS E 217 -5.92 20.24 62.22
CA LYS E 217 -5.19 18.99 62.50
C LYS E 217 -5.88 17.69 62.09
N ASP E 218 -6.91 17.28 62.83
CA ASP E 218 -7.58 16.02 62.58
C ASP E 218 -9.03 16.19 62.15
N THR E 219 -9.38 17.39 61.69
CA THR E 219 -10.74 17.67 61.25
C THR E 219 -10.80 18.27 59.86
N PRO E 220 -11.47 17.58 58.91
CA PRO E 220 -11.77 18.19 57.63
C PRO E 220 -12.83 19.28 57.79
N PHE E 221 -12.76 20.31 56.93
CA PHE E 221 -13.71 21.42 56.93
C PHE E 221 -15.15 20.92 56.85
N THR E 222 -15.94 21.24 57.88
CA THR E 222 -17.35 20.86 57.95
C THR E 222 -18.20 21.99 58.55
N ILE E 223 -19.45 22.09 58.11
CA ILE E 223 -20.36 23.19 58.50
C ILE E 223 -21.49 22.71 59.41
N TYR E 224 -21.82 23.51 60.42
CA TYR E 224 -22.90 23.18 61.37
C TYR E 224 -24.06 24.19 61.38
N ASP E 225 -25.27 23.67 61.23
CA ASP E 225 -26.51 24.45 61.26
C ASP E 225 -27.62 23.59 61.84
N GLY E 226 -28.48 24.19 62.65
CA GLY E 226 -29.58 23.46 63.28
C GLY E 226 -29.21 22.98 64.67
N GLU E 227 -29.77 21.84 65.08
CA GLU E 227 -29.44 21.24 66.38
C GLU E 227 -27.94 20.94 66.48
N ALA E 228 -27.27 20.99 65.34
CA ALA E 228 -25.82 20.87 65.26
C ALA E 228 -25.14 21.96 66.07
N VAL E 229 -25.74 23.16 66.12
CA VAL E 229 -25.21 24.28 66.90
C VAL E 229 -25.94 24.52 68.22
N ALA E 230 -26.90 23.64 68.54
CA ALA E 230 -27.67 23.74 69.77
C ALA E 230 -26.77 23.93 70.99
N LYS E 231 -25.81 23.04 71.18
CA LYS E 231 -24.93 23.06 72.35
C LYS E 231 -24.03 24.30 72.46
N TYR E 232 -24.25 25.29 71.58
CA TYR E 232 -23.39 26.48 71.54
C TYR E 232 -24.12 27.80 71.80
N ILE E 233 -25.44 27.79 71.60
CA ILE E 233 -26.27 29.00 71.79
C ILE E 233 -26.21 29.45 73.25
N GLY F 1 -14.16 76.16 29.95
CA GLY F 1 -14.55 74.71 29.87
C GLY F 1 -13.40 73.75 30.16
N THR F 2 -13.58 72.92 31.20
CA THR F 2 -12.56 71.94 31.62
C THR F 2 -13.05 70.48 31.49
N GLY F 3 -12.77 69.65 32.50
CA GLY F 3 -13.09 68.20 32.45
C GLY F 3 -11.94 67.36 31.90
N TYR F 4 -10.72 67.90 32.02
CA TYR F 4 -9.52 67.30 31.46
C TYR F 4 -8.97 66.13 32.28
N ASP F 5 -9.50 65.96 33.48
CA ASP F 5 -8.96 64.98 34.43
C ASP F 5 -9.83 63.74 34.62
N LEU F 6 -10.84 63.57 33.77
CA LEU F 6 -11.79 62.47 33.93
C LEU F 6 -11.37 61.19 33.18
N SER F 7 -10.82 61.34 31.98
CA SER F 7 -10.31 60.22 31.19
C SER F 7 -8.80 60.04 31.31
N ASN F 8 -8.34 58.80 31.18
CA ASN F 8 -6.94 58.45 31.40
C ASN F 8 -5.94 58.96 30.37
N SER F 9 -6.27 58.91 29.08
CA SER F 9 -5.24 59.23 28.10
C SER F 9 -5.27 60.66 27.57
N VAL F 10 -5.93 61.57 28.30
CA VAL F 10 -6.20 62.92 27.79
C VAL F 10 -5.12 63.90 28.21
N PHE F 11 -4.63 64.69 27.25
CA PHE F 11 -3.68 65.75 27.52
C PHE F 11 -4.44 66.99 27.98
N SER F 12 -4.00 67.59 29.07
CA SER F 12 -4.56 68.87 29.51
C SER F 12 -3.94 69.96 28.66
N PRO F 13 -4.53 71.17 28.66
CA PRO F 13 -4.03 72.25 27.78
C PRO F 13 -2.58 72.61 27.97
N ASP F 14 -2.05 72.35 29.17
CA ASP F 14 -0.64 72.62 29.47
C ASP F 14 0.27 71.38 29.30
N GLY F 15 -0.31 70.28 28.82
CA GLY F 15 0.46 69.11 28.37
C GLY F 15 0.51 67.95 29.33
N ARG F 16 -0.21 68.04 30.44
CA ARG F 16 -0.15 67.02 31.47
C ARG F 16 -1.27 65.97 31.35
N ASN F 17 -1.02 64.81 31.93
CA ASN F 17 -2.00 63.75 32.04
C ASN F 17 -2.43 63.59 33.49
N PHE F 18 -3.54 64.23 33.84
CA PHE F 18 -3.97 64.40 35.24
C PHE F 18 -4.20 63.09 35.98
N GLN F 19 -4.78 62.10 35.29
CA GLN F 19 -5.03 60.79 35.88
C GLN F 19 -3.74 60.17 36.42
N VAL F 20 -2.65 60.33 35.69
CA VAL F 20 -1.36 59.82 36.15
C VAL F 20 -0.90 60.59 37.37
N GLU F 21 -1.15 61.90 37.38
CA GLU F 21 -0.84 62.75 38.53
C GLU F 21 -1.68 62.38 39.77
N TYR F 22 -2.93 61.99 39.55
CA TYR F 22 -3.78 61.50 40.63
C TYR F 22 -3.34 60.13 41.11
N ALA F 23 -2.80 59.33 40.18
CA ALA F 23 -2.27 58.03 40.55
C ALA F 23 -1.13 58.20 41.57
N VAL F 24 -0.24 59.17 41.30
CA VAL F 24 0.88 59.47 42.18
C VAL F 24 0.40 59.74 43.61
N LYS F 25 -0.77 60.35 43.73
CA LYS F 25 -1.34 60.67 45.03
C LYS F 25 -1.55 59.41 45.87
N ALA F 26 -2.10 58.37 45.25
CA ALA F 26 -2.35 57.10 45.93
C ALA F 26 -1.02 56.47 46.40
N VAL F 27 0.04 56.70 45.63
CA VAL F 27 1.40 56.26 45.98
C VAL F 27 1.89 56.96 47.25
N GLU F 28 1.90 58.29 47.20
CA GLU F 28 2.33 59.14 48.30
C GLU F 28 1.55 58.85 49.57
N ASN F 29 0.31 58.46 49.40
CA ASN F 29 -0.54 58.08 50.51
C ASN F 29 -0.08 56.74 51.14
N GLY F 30 0.58 55.91 50.35
CA GLY F 30 0.96 54.58 50.81
C GLY F 30 2.11 54.52 51.80
N THR F 31 2.31 53.32 52.35
CA THR F 31 3.45 52.97 53.20
C THR F 31 4.79 53.31 52.54
N THR F 32 5.81 53.60 53.35
CA THR F 32 7.11 53.99 52.80
C THR F 32 8.03 52.79 52.54
N SER F 33 8.75 52.86 51.42
CA SER F 33 9.65 51.79 50.99
C SER F 33 10.90 52.33 50.29
N ILE F 34 12.03 51.65 50.46
CA ILE F 34 13.31 52.15 49.95
C ILE F 34 14.19 51.08 49.31
N GLY F 35 15.18 51.54 48.54
CA GLY F 35 16.18 50.67 47.96
C GLY F 35 17.55 51.31 48.02
N ILE F 36 18.57 50.50 48.33
CA ILE F 36 19.96 50.98 48.38
C ILE F 36 20.88 50.12 47.55
N LYS F 37 21.50 50.73 46.55
CA LYS F 37 22.49 50.04 45.71
C LYS F 37 23.88 50.15 46.34
N CYS F 38 24.42 49.02 46.77
CA CYS F 38 25.79 48.99 47.27
C CYS F 38 26.82 48.66 46.17
N ASN F 39 28.03 48.32 46.57
CA ASN F 39 29.12 48.08 45.61
C ASN F 39 29.13 46.68 44.95
N ASP F 40 28.17 45.82 45.31
CA ASP F 40 28.07 44.47 44.76
C ASP F 40 26.66 43.85 44.83
N GLY F 41 25.70 44.63 45.32
CA GLY F 41 24.34 44.14 45.50
C GLY F 41 23.30 45.23 45.65
N VAL F 42 22.17 44.89 46.25
CA VAL F 42 21.07 45.83 46.45
C VAL F 42 20.26 45.44 47.67
N VAL F 43 19.74 46.43 48.39
CA VAL F 43 18.97 46.19 49.59
C VAL F 43 17.58 46.81 49.42
N PHE F 44 16.56 46.08 49.84
CA PHE F 44 15.18 46.54 49.74
C PHE F 44 14.50 46.46 51.11
N ALA F 45 13.98 47.58 51.56
CA ALA F 45 13.30 47.64 52.84
C ALA F 45 11.94 48.31 52.73
N VAL F 46 11.00 47.86 53.56
CA VAL F 46 9.66 48.42 53.57
C VAL F 46 9.11 48.54 54.99
N GLU F 47 8.24 49.52 55.18
CA GLU F 47 7.51 49.75 56.42
C GLU F 47 6.23 48.92 56.34
N LYS F 48 5.82 48.31 57.45
CA LYS F 48 4.60 47.51 57.47
C LYS F 48 3.68 47.94 58.61
N LEU F 49 2.68 48.76 58.30
CA LEU F 49 1.80 49.31 59.35
C LEU F 49 0.96 48.26 60.05
N ILE F 50 1.32 47.98 61.31
CA ILE F 50 0.54 47.09 62.16
C ILE F 50 -0.65 47.86 62.70
N THR F 51 -1.82 47.60 62.13
CA THR F 51 -3.04 48.27 62.57
C THR F 51 -3.49 47.70 63.91
N SER F 52 -3.17 46.43 64.14
CA SER F 52 -3.73 45.69 65.26
C SER F 52 -2.81 44.56 65.75
N LYS F 53 -3.03 44.14 67.00
CA LYS F 53 -2.35 42.95 67.55
C LYS F 53 -2.76 41.69 66.80
N LEU F 54 -3.88 41.78 66.08
CA LEU F 54 -4.44 40.67 65.32
C LEU F 54 -3.63 40.27 64.09
N LEU F 55 -3.00 41.23 63.43
CA LEU F 55 -2.09 40.91 62.34
C LEU F 55 -1.01 39.96 62.86
N VAL F 56 -0.81 38.85 62.14
CA VAL F 56 0.24 37.89 62.49
C VAL F 56 1.61 38.47 62.11
N PRO F 57 2.56 38.51 63.07
CA PRO F 57 3.91 38.99 62.76
C PRO F 57 4.61 38.06 61.79
N GLN F 58 5.60 38.59 61.07
CA GLN F 58 6.41 37.84 60.10
C GLN F 58 5.63 37.33 58.87
N LYS F 59 4.31 37.45 58.88
CA LYS F 59 3.51 36.74 57.89
C LYS F 59 3.08 37.47 56.60
N ASN F 60 2.64 38.71 56.71
CA ASN F 60 2.10 39.40 55.53
C ASN F 60 3.17 39.99 54.62
N VAL F 61 3.82 39.14 53.82
CA VAL F 61 5.01 39.52 53.08
C VAL F 61 4.71 40.47 51.92
N LYS F 62 5.45 41.59 51.87
CA LYS F 62 5.25 42.68 50.89
C LYS F 62 6.25 42.68 49.74
N ILE F 63 7.49 42.29 50.02
CA ILE F 63 8.53 42.21 48.99
C ILE F 63 8.34 40.97 48.12
N GLN F 64 8.49 41.15 46.81
CA GLN F 64 8.34 40.06 45.86
C GLN F 64 9.62 39.80 45.09
N VAL F 65 9.87 38.52 44.81
CA VAL F 65 11.01 38.09 43.99
C VAL F 65 10.54 37.81 42.57
N VAL F 66 11.33 38.25 41.60
CA VAL F 66 11.05 38.02 40.20
C VAL F 66 12.22 37.20 39.65
N ASP F 67 11.90 36.06 39.02
CA ASP F 67 12.90 35.06 38.63
C ASP F 67 13.59 34.57 39.91
N ARG F 68 14.91 34.46 39.89
CA ARG F 68 15.63 34.05 41.09
C ARG F 68 16.50 35.17 41.64
N HIS F 69 16.71 36.21 40.83
CA HIS F 69 17.74 37.22 41.09
C HIS F 69 17.25 38.65 41.22
N ILE F 70 15.96 38.89 41.01
CA ILE F 70 15.41 40.24 41.08
C ILE F 70 14.48 40.40 42.28
N GLY F 71 14.66 41.49 43.04
CA GLY F 71 13.74 41.85 44.11
C GLY F 71 12.90 43.08 43.79
N CYS F 72 11.61 43.04 44.17
CA CYS F 72 10.70 44.17 43.98
C CYS F 72 10.00 44.61 45.24
N VAL F 73 10.03 45.92 45.49
CA VAL F 73 9.25 46.49 46.57
C VAL F 73 8.51 47.72 46.03
N TYR F 74 7.26 47.91 46.47
CA TYR F 74 6.38 48.95 45.94
C TYR F 74 5.51 49.60 47.01
N SER F 75 5.24 50.88 46.82
CA SER F 75 4.45 51.70 47.72
C SER F 75 3.17 52.13 47.04
N GLY F 76 2.07 52.00 47.76
CA GLY F 76 0.79 52.48 47.24
C GLY F 76 -0.30 51.43 47.29
N LEU F 77 -1.03 51.28 46.19
CA LEU F 77 -2.07 50.28 46.09
C LEU F 77 -1.45 48.88 45.95
N ILE F 78 -1.37 48.18 47.08
CA ILE F 78 -0.77 46.84 47.16
C ILE F 78 -1.20 45.84 46.06
N PRO F 79 -2.51 45.75 45.74
CA PRO F 79 -2.92 44.81 44.70
C PRO F 79 -2.42 45.18 43.31
N ASP F 80 -2.17 46.46 43.06
CA ASP F 80 -1.60 46.88 41.77
C ASP F 80 -0.16 46.38 41.62
N GLY F 81 0.66 46.59 42.64
CA GLY F 81 2.04 46.18 42.61
C GLY F 81 2.19 44.68 42.54
N ARG F 82 1.22 43.96 43.11
CA ARG F 82 1.16 42.50 42.98
C ARG F 82 0.96 42.11 41.54
N HIS F 83 -0.03 42.75 40.90
CA HIS F 83 -0.32 42.59 39.47
C HIS F 83 0.87 42.96 38.58
N LEU F 84 1.59 44.02 38.96
CA LEU F 84 2.73 44.46 38.18
C LEU F 84 3.88 43.45 38.22
N VAL F 85 4.08 42.86 39.39
CA VAL F 85 5.08 41.81 39.57
C VAL F 85 4.70 40.52 38.84
N ASN F 86 3.40 40.22 38.79
CA ASN F 86 2.89 39.11 38.00
C ASN F 86 3.26 39.26 36.53
N ARG F 87 3.13 40.46 36.02
CA ARG F 87 3.50 40.75 34.65
C ARG F 87 5.01 40.72 34.50
N GLY F 88 5.70 41.03 35.59
CA GLY F 88 7.16 41.06 35.59
C GLY F 88 7.75 39.66 35.57
N ARG F 89 7.02 38.73 36.17
CA ARG F 89 7.44 37.34 36.21
C ARG F 89 7.25 36.68 34.85
N GLU F 90 6.11 36.96 34.22
CA GLU F 90 5.81 36.49 32.86
C GLU F 90 6.85 37.00 31.88
N GLU F 91 7.22 38.26 32.06
CA GLU F 91 8.17 38.92 31.18
C GLU F 91 9.56 38.29 31.36
N ALA F 92 9.91 37.96 32.60
CA ALA F 92 11.21 37.39 32.91
C ALA F 92 11.36 35.94 32.41
N ALA F 93 10.30 35.15 32.57
CA ALA F 93 10.27 33.78 32.07
C ALA F 93 10.35 33.74 30.54
N SER F 94 9.50 34.50 29.88
CA SER F 94 9.52 34.63 28.42
C SER F 94 10.91 34.97 27.85
N PHE F 95 11.61 35.88 28.51
CA PHE F 95 12.96 36.30 28.12
C PHE F 95 13.97 35.19 28.31
N LYS F 96 13.87 34.47 29.42
CA LYS F 96 14.76 33.35 29.73
C LYS F 96 14.57 32.20 28.74
N LYS F 97 13.31 31.85 28.49
CA LYS F 97 12.96 30.79 27.53
C LYS F 97 13.63 31.00 26.18
N LEU F 98 13.54 32.21 25.64
CA LEU F 98 14.11 32.51 24.33
C LEU F 98 15.63 32.65 24.36
N TYR F 99 16.16 33.36 25.36
CA TYR F 99 17.58 33.76 25.36
C TYR F 99 18.48 33.00 26.35
N LYS F 100 17.90 32.08 27.12
CA LYS F 100 18.64 31.21 28.06
C LYS F 100 19.17 31.95 29.29
N THR F 101 19.97 32.98 29.04
CA THR F 101 20.44 33.89 30.08
C THR F 101 19.27 34.53 30.86
N PRO F 102 19.30 34.48 32.21
CA PRO F 102 18.31 35.17 33.04
C PRO F 102 18.34 36.67 32.77
N ILE F 103 17.17 37.31 32.77
CA ILE F 103 17.02 38.69 32.28
C ILE F 103 17.87 39.75 33.03
N PRO F 104 18.66 40.56 32.28
CA PRO F 104 19.41 41.67 32.86
C PRO F 104 18.49 42.72 33.48
N ILE F 105 18.95 43.38 34.53
CA ILE F 105 18.10 44.33 35.27
C ILE F 105 17.66 45.53 34.44
N PRO F 106 18.59 46.13 33.64
CA PRO F 106 18.12 47.18 32.73
C PRO F 106 17.07 46.62 31.78
N ALA F 107 17.37 45.48 31.17
CA ALA F 107 16.44 44.80 30.29
C ALA F 107 15.06 44.67 30.96
N PHE F 108 15.09 44.17 32.20
CA PHE F 108 13.88 43.94 32.99
C PHE F 108 13.12 45.22 33.29
N ALA F 109 13.87 46.25 33.68
CA ALA F 109 13.28 47.55 34.02
C ALA F 109 12.37 48.01 32.90
N ASP F 110 12.91 48.11 31.70
CA ASP F 110 12.14 48.55 30.53
C ASP F 110 10.89 47.71 30.27
N ARG F 111 10.92 46.44 30.67
CA ARG F 111 9.76 45.57 30.48
C ARG F 111 8.58 46.07 31.31
N LEU F 112 8.88 46.47 32.55
CA LEU F 112 7.88 47.08 33.41
C LEU F 112 7.55 48.48 32.89
N GLY F 113 8.60 49.21 32.53
CA GLY F 113 8.47 50.54 31.96
C GLY F 113 7.47 50.57 30.82
N GLN F 114 7.67 49.69 29.84
CA GLN F 114 6.83 49.66 28.62
C GLN F 114 5.38 49.31 28.93
N TYR F 115 5.19 48.39 29.87
CA TYR F 115 3.88 47.90 30.26
C TYR F 115 3.09 48.94 31.06
N VAL F 116 3.79 49.63 31.99
CA VAL F 116 3.19 50.68 32.82
C VAL F 116 2.83 51.91 32.00
N GLN F 117 3.76 52.37 31.16
CA GLN F 117 3.51 53.44 30.20
C GLN F 117 2.27 53.12 29.37
N ALA F 118 2.12 51.84 29.00
CA ALA F 118 1.03 51.41 28.14
C ALA F 118 -0.32 51.51 28.84
N HIS F 119 -0.32 51.86 30.13
CA HIS F 119 -1.56 52.05 30.87
C HIS F 119 -1.89 53.51 31.05
N THR F 120 -1.22 54.36 30.27
CA THR F 120 -1.46 55.78 30.28
C THR F 120 -1.78 56.16 28.84
N LEU F 121 -2.09 55.16 28.02
CA LEU F 121 -2.30 55.35 26.58
C LEU F 121 -3.76 55.36 26.15
N TYR F 122 -4.64 54.79 26.97
CA TYR F 122 -6.05 54.64 26.59
C TYR F 122 -6.97 54.93 27.78
N ASN F 123 -8.16 55.45 27.50
CA ASN F 123 -9.12 55.74 28.55
C ASN F 123 -9.78 54.48 29.13
N SER F 124 -9.57 53.35 28.47
CA SER F 124 -10.24 52.13 28.85
C SER F 124 -9.54 51.45 30.03
N VAL F 125 -8.36 51.93 30.38
CA VAL F 125 -7.65 51.45 31.59
C VAL F 125 -7.25 52.62 32.49
N ARG F 126 -6.98 52.33 33.75
CA ARG F 126 -6.41 53.33 34.65
C ARG F 126 -4.93 53.05 34.86
N PRO F 127 -4.14 54.09 35.22
CA PRO F 127 -2.73 53.94 35.57
C PRO F 127 -2.51 53.08 36.82
N PHE F 128 -1.26 52.70 37.06
CA PHE F 128 -0.93 51.90 38.22
C PHE F 128 -0.77 52.75 39.47
N GLY F 129 -1.49 52.38 40.52
CA GLY F 129 -1.39 53.08 41.79
C GLY F 129 -0.20 52.65 42.65
N VAL F 130 0.97 52.55 42.03
CA VAL F 130 2.19 52.16 42.75
C VAL F 130 3.46 52.79 42.16
N SER F 131 4.45 53.03 43.02
CA SER F 131 5.83 53.28 42.58
C SER F 131 6.62 52.06 42.98
N THR F 132 7.49 51.59 42.09
CA THR F 132 8.17 50.33 42.32
C THR F 132 9.67 50.49 42.37
N ILE F 133 10.26 49.96 43.44
CA ILE F 133 11.69 49.93 43.59
C ILE F 133 12.15 48.48 43.44
N PHE F 134 13.05 48.26 42.48
CA PHE F 134 13.45 46.93 42.11
C PHE F 134 14.87 46.92 41.56
N GLY F 135 15.48 45.74 41.55
CA GLY F 135 16.84 45.59 41.06
C GLY F 135 17.41 44.23 41.38
N GLY F 136 18.68 44.04 41.04
CA GLY F 136 19.35 42.78 41.30
C GLY F 136 20.73 42.80 40.67
N VAL F 137 21.40 41.65 40.67
CA VAL F 137 22.75 41.54 40.13
C VAL F 137 22.75 40.77 38.81
N ASP F 138 23.20 41.41 37.75
CA ASP F 138 23.30 40.74 36.47
C ASP F 138 24.77 40.52 36.06
N LYS F 139 24.96 40.20 34.78
CA LYS F 139 26.25 39.87 34.19
C LYS F 139 27.29 41.00 34.29
N ASN F 140 26.84 42.20 34.63
CA ASN F 140 27.77 43.32 34.88
C ASN F 140 27.31 44.34 35.94
N GLY F 141 27.18 43.87 37.17
CA GLY F 141 26.98 44.77 38.29
C GLY F 141 25.63 44.65 38.94
N ALA F 142 25.45 45.42 40.00
CA ALA F 142 24.15 45.60 40.62
C ALA F 142 23.46 46.80 39.97
N HIS F 143 22.14 46.79 39.99
CA HIS F 143 21.34 47.85 39.39
C HIS F 143 20.19 48.15 40.31
N LEU F 144 19.87 49.43 40.46
CA LEU F 144 18.71 49.83 41.26
C LEU F 144 17.81 50.76 40.46
N TYR F 145 16.52 50.52 40.52
CA TYR F 145 15.61 51.27 39.69
C TYR F 145 14.38 51.69 40.47
N MET F 146 13.75 52.77 40.03
CA MET F 146 12.44 53.15 40.53
C MET F 146 11.52 53.58 39.37
N LEU F 147 10.28 53.11 39.44
CA LEU F 147 9.32 53.27 38.36
C LEU F 147 8.07 53.99 38.82
N GLU F 148 7.77 55.12 38.19
CA GLU F 148 6.57 55.92 38.49
C GLU F 148 5.36 55.42 37.70
N PRO F 149 4.14 55.64 38.23
CA PRO F 149 2.89 55.40 37.51
C PRO F 149 2.87 55.92 36.06
N SER F 150 3.66 56.95 35.78
CA SER F 150 3.74 57.53 34.44
C SER F 150 4.40 56.57 33.44
N GLY F 151 5.18 55.64 33.97
CA GLY F 151 6.01 54.76 33.15
C GLY F 151 7.48 55.14 33.24
N SER F 152 7.75 56.32 33.78
CA SER F 152 9.12 56.79 33.97
C SER F 152 9.88 55.89 34.95
N TYR F 153 11.13 55.61 34.62
CA TYR F 153 12.05 54.88 35.50
C TYR F 153 13.46 55.38 35.24
N TRP F 154 14.28 55.39 36.29
CA TRP F 154 15.69 55.74 36.18
C TRP F 154 16.51 54.82 37.08
N GLY F 155 17.81 54.73 36.79
CA GLY F 155 18.74 54.05 37.69
C GLY F 155 19.06 54.93 38.88
N TYR F 156 19.08 54.34 40.07
CA TYR F 156 19.32 55.09 41.30
C TYR F 156 20.56 54.62 42.06
N LYS F 157 21.18 55.52 42.83
CA LYS F 157 22.14 55.12 43.85
C LYS F 157 21.32 54.68 45.05
N GLY F 158 20.28 55.44 45.33
CA GLY F 158 19.30 55.11 46.35
C GLY F 158 17.96 55.65 45.91
N ALA F 159 16.89 54.99 46.35
CA ALA F 159 15.56 55.38 45.96
C ALA F 159 14.57 55.21 47.11
N ALA F 160 13.56 56.06 47.15
CA ALA F 160 12.55 56.02 48.20
C ALA F 160 11.18 56.47 47.69
N THR F 161 10.13 55.93 48.30
CA THR F 161 8.78 56.33 47.93
C THR F 161 7.76 55.99 49.03
N GLY F 162 6.63 56.70 49.03
CA GLY F 162 5.58 56.49 50.02
C GLY F 162 5.37 57.69 50.94
N LYS F 163 4.82 57.43 52.12
CA LYS F 163 4.52 58.48 53.10
C LYS F 163 5.79 59.10 53.69
N GLY F 164 6.82 58.28 53.91
CA GLY F 164 8.07 58.76 54.49
C GLY F 164 9.11 59.16 53.46
N ARG F 165 8.64 59.42 52.23
CA ARG F 165 9.52 59.59 51.07
C ARG F 165 10.54 60.73 51.16
N GLN F 166 10.18 61.82 51.84
CA GLN F 166 11.02 63.03 51.87
C GLN F 166 12.17 62.96 52.87
N SER F 167 11.90 62.42 54.06
CA SER F 167 12.94 62.25 55.09
C SER F 167 13.95 61.19 54.68
N ALA F 168 13.49 60.17 53.95
CA ALA F 168 14.33 59.10 53.45
C ALA F 168 15.35 59.62 52.45
N LYS F 169 14.88 60.23 51.37
CA LYS F 169 15.77 60.84 50.38
C LYS F 169 16.86 61.72 51.00
N ALA F 170 16.56 62.36 52.12
CA ALA F 170 17.52 63.17 52.85
C ALA F 170 18.61 62.32 53.48
N GLU F 171 18.19 61.22 54.10
CA GLU F 171 19.14 60.25 54.67
C GLU F 171 19.98 59.56 53.60
N LEU F 172 19.32 59.23 52.48
CA LEU F 172 19.96 58.63 51.32
C LEU F 172 21.03 59.51 50.71
N GLU F 173 20.72 60.80 50.57
CA GLU F 173 21.65 61.76 49.99
C GLU F 173 22.90 61.92 50.85
N LYS F 174 22.71 61.85 52.18
CA LYS F 174 23.85 61.85 53.12
C LYS F 174 24.83 60.75 52.78
N LEU F 175 24.35 59.51 52.78
CA LEU F 175 25.18 58.34 52.46
C LEU F 175 25.98 58.47 51.18
N VAL F 176 25.36 59.02 50.13
CA VAL F 176 26.02 59.22 48.84
C VAL F 176 27.22 60.18 48.94
N ASP F 177 27.23 61.04 49.96
CA ASP F 177 28.31 62.00 50.16
C ASP F 177 29.49 61.46 50.99
N HIS F 178 29.18 60.68 52.01
CA HIS F 178 30.17 60.10 52.92
C HIS F 178 31.00 59.00 52.26
N HIS F 179 30.33 58.16 51.48
CA HIS F 179 31.00 57.04 50.84
C HIS F 179 30.91 57.12 49.31
N PRO F 180 31.69 58.02 48.68
CA PRO F 180 31.71 57.96 47.22
C PRO F 180 32.61 56.79 46.80
N GLU F 181 33.04 56.02 47.80
CA GLU F 181 33.95 54.89 47.68
C GLU F 181 33.20 53.60 47.30
N GLY F 182 32.00 53.46 47.86
CA GLY F 182 31.27 52.21 47.84
C GLY F 182 30.24 52.24 48.96
N LEU F 183 30.39 51.33 49.92
CA LEU F 183 29.38 51.00 50.97
C LEU F 183 29.02 49.55 50.77
N SER F 184 29.40 48.70 51.72
CA SER F 184 29.34 47.26 51.52
C SER F 184 27.92 46.70 51.60
N ALA F 185 27.80 45.43 51.23
CA ALA F 185 26.53 44.72 51.30
C ALA F 185 26.02 44.66 52.75
N ARG F 186 26.93 44.30 53.65
CA ARG F 186 26.61 44.06 55.07
C ARG F 186 26.25 45.35 55.82
N GLU F 187 26.85 46.46 55.41
CA GLU F 187 26.61 47.78 55.99
C GLU F 187 25.24 48.35 55.59
N ALA F 188 24.95 48.30 54.30
CA ALA F 188 23.70 48.85 53.73
C ALA F 188 22.41 48.20 54.27
N VAL F 189 22.50 46.94 54.70
CA VAL F 189 21.39 46.26 55.35
C VAL F 189 21.03 46.96 56.66
N LYS F 190 22.05 47.30 57.44
CA LYS F 190 21.85 48.02 58.71
C LYS F 190 21.36 49.44 58.45
N GLN F 191 21.92 50.06 57.41
CA GLN F 191 21.64 51.44 57.06
C GLN F 191 20.24 51.60 56.49
N ALA F 192 19.72 50.56 55.87
CA ALA F 192 18.33 50.53 55.41
C ALA F 192 17.34 50.46 56.57
N ALA F 193 17.67 49.66 57.58
CA ALA F 193 16.85 49.54 58.79
C ALA F 193 16.75 50.88 59.53
N LYS F 194 17.85 51.63 59.51
CA LYS F 194 17.87 52.98 60.07
C LYS F 194 16.95 53.91 59.29
N ILE F 195 17.15 53.97 57.97
CA ILE F 195 16.36 54.87 57.11
C ILE F 195 14.86 54.57 57.13
N ILE F 196 14.49 53.32 57.39
CA ILE F 196 13.07 52.97 57.54
C ILE F 196 12.56 53.44 58.90
N TYR F 197 13.39 53.25 59.93
CA TYR F 197 13.05 53.70 61.28
C TYR F 197 12.84 55.22 61.37
N LEU F 198 13.75 55.98 60.76
CA LEU F 198 13.65 57.44 60.73
C LEU F 198 12.42 57.93 59.93
N ALA F 199 12.05 57.19 58.90
CA ALA F 199 10.90 57.52 58.04
C ALA F 199 9.57 57.09 58.62
N HIS F 200 9.61 56.34 59.73
CA HIS F 200 8.40 55.91 60.43
C HIS F 200 7.84 57.02 61.31
N GLU F 201 8.68 58.03 61.57
CA GLU F 201 8.30 59.30 62.21
C GLU F 201 6.96 59.91 61.70
N ASP F 202 6.65 59.69 60.42
CA ASP F 202 5.43 60.23 59.77
C ASP F 202 4.16 59.41 60.09
N ASN F 203 4.31 58.09 60.12
CA ASN F 203 3.23 57.16 60.46
C ASN F 203 3.27 56.77 61.94
N LYS F 204 3.65 57.73 62.78
CA LYS F 204 4.03 57.50 64.19
C LYS F 204 2.96 56.93 65.13
N GLU F 205 1.69 57.25 64.87
CA GLU F 205 0.58 56.84 65.74
C GLU F 205 0.28 55.33 65.70
N LYS F 206 0.74 54.66 64.64
CA LYS F 206 0.58 53.21 64.49
C LYS F 206 1.91 52.48 64.57
N ASP F 207 1.90 51.30 65.18
CA ASP F 207 3.11 50.47 65.31
C ASP F 207 3.41 49.78 63.96
N PHE F 208 4.67 49.36 63.77
CA PHE F 208 5.12 48.86 62.47
C PHE F 208 6.08 47.68 62.55
N GLU F 209 6.25 47.01 61.41
CA GLU F 209 7.15 45.87 61.29
C GLU F 209 8.08 46.06 60.11
N LEU F 210 9.37 45.85 60.35
CA LEU F 210 10.39 46.05 59.35
C LEU F 210 10.57 44.78 58.54
N GLU F 211 10.85 44.93 57.24
CA GLU F 211 11.12 43.80 56.36
C GLU F 211 12.23 44.18 55.38
N ILE F 212 13.31 43.39 55.38
CA ILE F 212 14.47 43.67 54.55
C ILE F 212 14.75 42.48 53.64
N SER F 213 15.30 42.78 52.46
CA SER F 213 15.77 41.76 51.55
C SER F 213 16.97 42.27 50.77
N TRP F 214 17.80 41.36 50.31
CA TRP F 214 19.00 41.74 49.59
C TRP F 214 19.40 40.74 48.52
N CYS F 215 20.24 41.23 47.61
CA CYS F 215 20.72 40.47 46.50
C CYS F 215 22.16 40.93 46.32
N SER F 216 23.12 40.10 46.77
CA SER F 216 24.53 40.47 46.79
C SER F 216 25.41 39.41 46.16
N LEU F 217 26.34 39.84 45.31
CA LEU F 217 27.25 38.94 44.60
C LEU F 217 28.11 38.11 45.55
N SER F 218 28.38 38.63 46.74
CA SER F 218 29.24 37.98 47.71
C SER F 218 28.49 37.34 48.88
N GLU F 219 27.30 37.85 49.16
CA GLU F 219 26.59 37.46 50.37
C GLU F 219 25.39 36.57 50.12
N THR F 220 24.93 36.53 48.86
CA THR F 220 23.76 35.73 48.49
C THR F 220 23.96 35.00 47.17
N ASN F 221 25.18 35.05 46.63
CA ASN F 221 25.51 34.38 45.37
C ASN F 221 24.89 35.05 44.14
N GLY F 222 24.43 36.29 44.32
CA GLY F 222 23.76 37.01 43.23
C GLY F 222 22.31 36.60 43.09
N LEU F 223 21.75 36.03 44.15
CA LEU F 223 20.35 35.61 44.21
C LEU F 223 19.62 36.41 45.26
N HIS F 224 18.33 36.63 45.05
CA HIS F 224 17.52 37.40 45.98
C HIS F 224 17.13 36.53 47.17
N LYS F 225 17.31 37.08 48.37
CA LYS F 225 17.01 36.38 49.61
C LYS F 225 16.52 37.37 50.67
N PHE F 226 15.61 36.92 51.54
CA PHE F 226 15.13 37.71 52.67
C PHE F 226 16.12 37.76 53.83
N VAL F 227 16.15 38.90 54.52
CA VAL F 227 16.94 39.05 55.72
C VAL F 227 16.13 38.51 56.89
N LYS F 228 16.69 37.53 57.59
CA LYS F 228 15.95 36.80 58.62
C LYS F 228 16.77 36.68 59.92
N GLY F 229 16.07 36.33 61.00
CA GLY F 229 16.68 35.95 62.28
C GLY F 229 17.77 36.85 62.85
N ASP F 230 18.99 36.31 62.93
CA ASP F 230 20.11 36.98 63.59
C ASP F 230 20.53 38.26 62.91
N LEU F 231 20.61 38.23 61.58
CA LEU F 231 21.00 39.40 60.82
C LEU F 231 19.88 40.44 60.75
N LEU F 232 18.64 40.00 60.92
CA LEU F 232 17.51 40.91 60.98
C LEU F 232 17.47 41.64 62.33
N GLN F 233 17.61 40.88 63.41
CA GLN F 233 17.60 41.45 64.75
C GLN F 233 18.78 42.38 64.99
N GLU F 234 19.92 42.06 64.37
CA GLU F 234 21.12 42.87 64.49
C GLU F 234 20.98 44.25 63.81
N ALA F 235 20.11 44.31 62.80
CA ALA F 235 19.86 45.56 62.07
C ALA F 235 18.71 46.36 62.66
N ILE F 236 17.77 45.65 63.30
CA ILE F 236 16.71 46.30 64.06
C ILE F 236 17.32 47.04 65.26
N ASP F 237 18.26 46.38 65.93
CA ASP F 237 18.93 46.96 67.08
C ASP F 237 19.79 48.16 66.69
N PHE F 238 20.52 48.03 65.58
CA PHE F 238 21.31 49.14 65.03
C PHE F 238 20.45 50.38 64.75
N ALA F 239 19.20 50.14 64.35
CA ALA F 239 18.26 51.22 64.07
C ALA F 239 17.73 51.87 65.35
N GLN F 240 17.41 51.05 66.34
CA GLN F 240 16.93 51.52 67.64
C GLN F 240 18.01 52.33 68.36
N LYS F 241 19.20 51.75 68.48
CA LYS F 241 20.36 52.40 69.07
C LYS F 241 20.61 53.79 68.47
N GLU F 242 20.49 53.88 67.14
CA GLU F 242 20.77 55.13 66.42
C GLU F 242 19.54 56.01 66.15
N ILE F 243 18.41 55.70 66.79
CA ILE F 243 17.24 56.57 66.72
C ILE F 243 17.26 57.62 67.85
N ASN F 244 18.21 57.47 68.78
CA ASN F 244 18.30 58.35 69.94
C ASN F 244 19.58 59.20 69.93
N ALA G 1 -21.45 70.48 26.35
CA ALA G 1 -20.19 69.68 26.29
C ALA G 1 -19.14 70.31 25.35
N GLY G 2 -17.89 70.38 25.84
CA GLY G 2 -16.73 70.78 25.05
C GLY G 2 -15.75 69.63 24.86
N TYR G 3 -16.31 68.45 24.54
CA TYR G 3 -15.56 67.20 24.40
C TYR G 3 -14.64 67.15 23.19
N ASP G 4 -14.82 68.07 22.25
CA ASP G 4 -13.94 68.20 21.10
C ASP G 4 -12.52 68.63 21.50
N ARG G 5 -12.26 68.58 22.81
CA ARG G 5 -10.99 69.00 23.39
C ARG G 5 -10.33 67.87 24.14
N HIS G 6 -10.90 66.67 24.04
CA HIS G 6 -10.46 65.52 24.82
C HIS G 6 -9.98 64.36 23.96
N ILE G 7 -10.65 64.17 22.83
CA ILE G 7 -10.25 63.15 21.86
C ILE G 7 -9.77 63.85 20.59
N THR G 8 -9.30 63.05 19.64
CA THR G 8 -8.75 63.58 18.41
C THR G 8 -9.81 63.71 17.31
N ILE G 9 -10.76 64.62 17.53
CA ILE G 9 -11.71 65.05 16.50
C ILE G 9 -11.58 66.53 16.24
N PHE G 10 -12.24 67.02 15.19
CA PHE G 10 -12.10 68.41 14.80
C PHE G 10 -12.90 69.37 15.68
N SER G 11 -12.27 70.48 16.04
CA SER G 11 -12.95 71.63 16.64
C SER G 11 -13.67 72.39 15.52
N PRO G 12 -14.62 73.29 15.88
CA PRO G 12 -15.30 74.01 14.79
C PRO G 12 -14.35 74.82 13.89
N GLU G 13 -13.23 75.30 14.44
CA GLU G 13 -12.26 76.05 13.64
C GLU G 13 -11.33 75.11 12.87
N GLY G 14 -11.49 73.81 13.10
CA GLY G 14 -10.82 72.78 12.30
C GLY G 14 -9.47 72.32 12.82
N ARG G 15 -9.27 72.43 14.12
CA ARG G 15 -8.00 72.08 14.74
C ARG G 15 -8.16 70.86 15.64
N LEU G 16 -7.05 70.23 15.98
CA LEU G 16 -7.07 69.06 16.87
C LEU G 16 -6.30 69.45 18.11
N TYR G 17 -7.02 69.77 19.18
CA TYR G 17 -6.39 70.31 20.38
C TYR G 17 -5.45 69.35 21.04
N GLN G 18 -5.81 68.07 21.01
CA GLN G 18 -4.99 67.04 21.64
C GLN G 18 -3.61 66.98 21.01
N VAL G 19 -3.56 67.15 19.69
CA VAL G 19 -2.30 67.25 18.96
C VAL G 19 -1.52 68.46 19.47
N GLU G 20 -2.20 69.59 19.52
CA GLU G 20 -1.60 70.85 19.97
C GLU G 20 -1.07 70.78 21.40
N TYR G 21 -1.78 70.05 22.25
CA TYR G 21 -1.36 69.93 23.63
C TYR G 21 -0.19 68.97 23.74
N ALA G 22 -0.13 68.00 22.83
CA ALA G 22 0.93 67.03 22.87
C ALA G 22 2.28 67.70 22.63
N PHE G 23 2.28 68.75 21.82
CA PHE G 23 3.47 69.57 21.62
C PHE G 23 3.92 70.20 22.94
N LYS G 24 2.95 70.70 23.72
CA LYS G 24 3.24 71.25 25.05
C LYS G 24 4.05 70.28 25.93
N ALA G 25 3.71 69.00 25.83
CA ALA G 25 4.34 67.97 26.65
C ALA G 25 5.80 67.75 26.30
N THR G 26 6.16 68.03 25.04
CA THR G 26 7.53 67.81 24.58
C THR G 26 8.50 68.70 25.34
N ASN G 27 8.07 69.92 25.61
CA ASN G 27 8.91 70.89 26.27
C ASN G 27 9.01 70.67 27.77
N GLN G 28 8.24 69.72 28.28
CA GLN G 28 8.10 69.52 29.71
C GLN G 28 9.39 69.04 30.39
N THR G 29 10.30 68.44 29.63
CA THR G 29 11.61 68.03 30.19
C THR G 29 12.55 69.20 30.38
N ASN G 30 12.44 70.20 29.50
CA ASN G 30 13.28 71.39 29.52
C ASN G 30 14.69 70.95 29.16
N ILE G 31 14.76 70.18 28.09
CA ILE G 31 16.00 69.74 27.48
C ILE G 31 16.09 70.36 26.09
N ASN G 32 17.20 71.03 25.80
CA ASN G 32 17.45 71.52 24.44
C ASN G 32 18.41 70.60 23.70
N SER G 33 18.13 70.41 22.40
CA SER G 33 18.94 69.53 21.57
C SER G 33 19.07 70.08 20.16
N LEU G 34 20.17 69.74 19.50
CA LEU G 34 20.39 70.16 18.13
C LEU G 34 21.10 69.08 17.33
N ALA G 35 21.00 69.20 16.01
CA ALA G 35 21.62 68.26 15.10
C ALA G 35 22.28 69.01 13.94
N VAL G 36 23.45 68.54 13.53
CA VAL G 36 24.17 69.14 12.40
C VAL G 36 24.81 68.09 11.52
N ARG G 37 24.98 68.43 10.24
CA ARG G 37 25.55 67.52 9.28
C ARG G 37 27.00 67.91 8.92
N GLY G 38 27.91 66.95 9.09
CA GLY G 38 29.30 67.09 8.67
C GLY G 38 29.51 66.83 7.19
N LYS G 39 30.75 66.55 6.80
CA LYS G 39 31.10 66.25 5.40
C LYS G 39 30.70 64.81 5.08
N ASP G 40 30.89 63.93 6.06
CA ASP G 40 30.45 62.54 5.99
C ASP G 40 30.13 61.99 7.38
N CYS G 41 29.28 62.71 8.11
CA CYS G 41 28.79 62.29 9.43
C CYS G 41 27.66 63.21 9.89
N THR G 42 27.00 62.84 10.99
CA THR G 42 25.92 63.64 11.56
C THR G 42 26.02 63.58 13.07
N VAL G 43 25.93 64.73 13.72
CA VAL G 43 26.08 64.79 15.18
C VAL G 43 24.85 65.37 15.89
N VAL G 44 24.44 64.74 17.00
CA VAL G 44 23.38 65.29 17.84
C VAL G 44 23.89 65.60 19.25
N ILE G 45 23.51 66.78 19.74
CA ILE G 45 23.87 67.24 21.06
C ILE G 45 22.59 67.43 21.85
N SER G 46 22.60 67.04 23.11
CA SER G 46 21.46 67.22 23.99
C SER G 46 21.96 67.68 25.33
N GLN G 47 21.17 68.49 26.00
CA GLN G 47 21.50 68.87 27.37
C GLN G 47 21.25 67.66 28.27
N LYS G 48 22.25 67.33 29.06
CA LYS G 48 22.10 66.31 30.08
C LYS G 48 21.92 67.02 31.42
N LYS G 49 20.75 66.88 32.03
CA LYS G 49 20.48 67.49 33.32
C LYS G 49 20.11 66.44 34.34
N VAL G 50 20.89 66.35 35.41
CA VAL G 50 20.63 65.37 36.48
C VAL G 50 20.26 66.11 37.77
N PRO G 51 18.94 66.37 37.98
CA PRO G 51 18.49 67.18 39.11
C PRO G 51 18.72 66.50 40.47
N ASP G 52 18.55 65.20 40.53
CA ASP G 52 18.63 64.46 41.78
C ASP G 52 20.02 63.85 41.95
N LYS G 53 20.59 64.05 43.15
CA LYS G 53 21.89 63.47 43.51
C LYS G 53 21.81 61.96 43.69
N LEU G 54 20.59 61.46 43.91
CA LEU G 54 20.34 60.03 44.08
C LEU G 54 20.32 59.23 42.77
N LEU G 55 20.25 59.93 41.65
CA LEU G 55 20.23 59.31 40.35
C LEU G 55 21.60 58.77 39.96
N ASP G 56 21.59 57.61 39.32
CA ASP G 56 22.71 57.08 38.57
C ASP G 56 22.76 57.83 37.23
N PRO G 57 23.71 58.77 37.08
CA PRO G 57 23.78 59.65 35.91
C PRO G 57 23.96 58.92 34.58
N THR G 58 24.42 57.67 34.63
CA THR G 58 24.71 56.90 33.41
C THR G 58 23.46 56.33 32.76
N THR G 59 22.36 56.33 33.51
CA THR G 59 21.08 55.82 33.04
C THR G 59 20.14 56.95 32.60
N VAL G 60 20.62 58.19 32.68
CA VAL G 60 19.79 59.37 32.38
C VAL G 60 20.13 59.91 30.98
N SER G 61 19.42 59.40 29.99
CA SER G 61 19.70 59.74 28.59
C SER G 61 18.46 59.85 27.74
N TYR G 62 18.51 60.74 26.76
CA TYR G 62 17.40 60.91 25.82
C TYR G 62 17.86 60.64 24.40
N ILE G 63 19.07 60.10 24.28
CA ILE G 63 19.63 59.63 22.99
C ILE G 63 19.59 58.11 22.93
N PHE G 64 19.01 57.58 21.84
CA PHE G 64 18.81 56.15 21.66
C PHE G 64 19.48 55.61 20.42
N CYS G 65 19.97 54.37 20.53
CA CYS G 65 20.49 53.63 19.38
C CYS G 65 19.42 52.73 18.76
N ILE G 66 18.96 53.12 17.57
CA ILE G 66 17.89 52.38 16.90
C ILE G 66 18.44 51.18 16.13
N SER G 67 19.48 51.40 15.33
CA SER G 67 20.12 50.29 14.67
C SER G 67 21.63 50.47 14.72
N ARG G 68 22.33 49.64 13.97
CA ARG G 68 23.75 49.83 13.76
C ARG G 68 23.98 51.25 13.18
N THR G 69 23.08 51.71 12.30
CA THR G 69 23.29 52.97 11.58
C THR G 69 22.42 54.16 12.03
N ILE G 70 21.23 53.88 12.55
CA ILE G 70 20.30 54.94 12.93
C ILE G 70 20.40 55.29 14.41
N GLY G 71 20.44 56.59 14.67
CA GLY G 71 20.37 57.11 16.03
C GLY G 71 19.18 58.04 16.14
N MET G 72 18.58 58.08 17.34
CA MET G 72 17.41 58.91 17.58
C MET G 72 17.50 59.64 18.91
N VAL G 73 17.29 60.95 18.88
CA VAL G 73 17.19 61.74 20.11
C VAL G 73 15.75 62.22 20.27
N VAL G 74 15.30 62.32 21.52
CA VAL G 74 13.90 62.61 21.82
C VAL G 74 13.75 63.82 22.73
N ASN G 75 12.96 64.78 22.27
CA ASN G 75 12.47 65.86 23.11
C ASN G 75 11.07 65.54 23.60
N GLY G 76 10.95 65.30 24.91
CA GLY G 76 9.69 64.88 25.50
C GLY G 76 9.91 63.98 26.69
N PRO G 77 8.84 63.63 27.42
CA PRO G 77 8.95 62.80 28.62
C PRO G 77 9.60 61.47 28.29
N ILE G 78 10.28 60.87 29.26
CA ILE G 78 10.98 59.61 29.04
C ILE G 78 10.06 58.40 28.76
N PRO G 79 8.90 58.29 29.45
CA PRO G 79 8.17 57.07 29.16
C PRO G 79 7.66 57.01 27.72
N ASP G 80 7.22 58.14 27.16
CA ASP G 80 6.75 58.17 25.78
C ASP G 80 7.93 58.04 24.83
N ALA G 81 9.10 58.50 25.27
CA ALA G 81 10.30 58.42 24.46
C ALA G 81 10.72 56.97 24.30
N ARG G 82 10.69 56.20 25.39
CA ARG G 82 11.07 54.78 25.37
C ARG G 82 10.06 53.93 24.61
N ASN G 83 8.78 54.27 24.76
CA ASN G 83 7.72 53.74 23.92
C ASN G 83 8.02 53.95 22.44
N ALA G 84 8.47 55.14 22.08
CA ALA G 84 8.79 55.44 20.68
C ALA G 84 10.07 54.75 20.21
N ALA G 85 11.09 54.73 21.08
CA ALA G 85 12.37 54.08 20.80
C ALA G 85 12.19 52.59 20.51
N LEU G 86 11.37 51.91 21.32
CA LEU G 86 11.14 50.48 21.15
C LEU G 86 10.49 50.17 19.80
N ARG G 87 9.39 50.85 19.49
CA ARG G 87 8.74 50.67 18.20
C ARG G 87 9.77 50.80 17.09
N ALA G 88 10.54 51.87 17.13
CA ALA G 88 11.55 52.19 16.10
C ALA G 88 12.58 51.07 15.92
N LYS G 89 13.07 50.52 17.03
CA LYS G 89 14.01 49.39 16.99
C LYS G 89 13.35 48.15 16.39
N ALA G 90 12.10 47.90 16.76
CA ALA G 90 11.33 46.78 16.20
C ALA G 90 11.04 46.98 14.71
N GLU G 91 10.59 48.18 14.35
CA GLU G 91 10.35 48.52 12.95
C GLU G 91 11.61 48.38 12.09
N ALA G 92 12.76 48.77 12.65
CA ALA G 92 14.02 48.76 11.92
C ALA G 92 14.54 47.35 11.72
N ALA G 93 14.42 46.53 12.75
CA ALA G 93 14.82 45.13 12.68
C ALA G 93 14.01 44.41 11.58
N GLU G 94 12.69 44.54 11.66
CA GLU G 94 11.78 43.90 10.71
C GLU G 94 11.98 44.35 9.26
N PHE G 95 12.33 45.62 9.07
CA PHE G 95 12.60 46.12 7.71
C PHE G 95 13.69 45.27 7.06
N ARG G 96 14.79 45.09 7.79
CA ARG G 96 15.97 44.37 7.35
C ARG G 96 15.65 42.93 7.00
N TYR G 97 14.93 42.25 7.89
CA TYR G 97 14.51 40.87 7.70
C TYR G 97 13.67 40.69 6.44
N LYS G 98 12.66 41.53 6.27
CA LYS G 98 11.75 41.45 5.14
C LYS G 98 12.39 41.88 3.84
N TYR G 99 13.24 42.91 3.88
CA TYR G 99 13.73 43.57 2.65
C TYR G 99 15.22 43.45 2.34
N GLY G 100 15.98 42.95 3.32
CA GLY G 100 17.39 42.56 3.09
C GLY G 100 18.39 43.69 3.03
N TYR G 101 18.01 44.85 3.52
CA TYR G 101 18.91 45.98 3.63
C TYR G 101 18.44 46.93 4.69
N ASP G 102 19.42 47.46 5.42
CA ASP G 102 19.24 48.40 6.52
C ASP G 102 18.18 49.47 6.28
N MET G 103 17.30 49.63 7.27
CA MET G 103 16.25 50.64 7.20
C MET G 103 16.89 52.03 7.17
N PRO G 104 16.59 52.80 6.10
CA PRO G 104 17.13 54.15 5.97
C PRO G 104 16.45 55.10 6.91
N CYS G 105 17.26 55.98 7.49
CA CYS G 105 16.84 57.09 8.34
C CYS G 105 15.48 57.72 7.99
N ASP G 106 15.36 58.21 6.75
CA ASP G 106 14.14 58.89 6.30
C ASP G 106 12.90 58.01 6.27
N VAL G 107 13.11 56.73 5.95
CA VAL G 107 12.01 55.78 5.85
C VAL G 107 11.50 55.44 7.25
N LEU G 108 12.43 55.21 8.18
CA LEU G 108 12.05 55.00 9.57
C LEU G 108 11.24 56.19 10.09
N ALA G 109 11.75 57.40 9.81
CA ALA G 109 11.04 58.63 10.13
C ALA G 109 9.63 58.64 9.52
N LYS G 110 9.52 58.35 8.23
CA LYS G 110 8.21 58.30 7.57
C LYS G 110 7.26 57.31 8.26
N ARG G 111 7.78 56.14 8.61
CA ARG G 111 7.00 55.12 9.32
C ARG G 111 6.54 55.63 10.68
N MET G 112 7.48 56.12 11.49
CA MET G 112 7.15 56.63 12.81
C MET G 112 6.13 57.76 12.75
N ALA G 113 6.26 58.60 11.72
CA ALA G 113 5.34 59.70 11.44
C ALA G 113 3.98 59.19 11.02
N ASN G 114 3.98 58.08 10.27
CA ASN G 114 2.74 57.42 9.88
C ASN G 114 2.02 56.79 11.08
N LEU G 115 2.79 56.30 12.05
CA LEU G 115 2.18 55.81 13.29
C LEU G 115 1.57 56.96 14.08
N SER G 116 2.25 58.11 14.09
CA SER G 116 1.76 59.32 14.76
C SER G 116 0.46 59.82 14.12
N GLN G 117 0.47 59.99 12.81
CA GLN G 117 -0.73 60.37 12.08
C GLN G 117 -1.91 59.51 12.48
N ILE G 118 -1.68 58.23 12.76
CA ILE G 118 -2.77 57.34 13.20
C ILE G 118 -3.36 57.76 14.55
N TYR G 119 -2.53 58.17 15.50
CA TYR G 119 -3.05 58.56 16.81
C TYR G 119 -3.82 59.89 16.71
N THR G 120 -3.59 60.58 15.59
CA THR G 120 -4.26 61.82 15.23
C THR G 120 -5.70 61.60 14.77
N GLN G 121 -5.98 60.40 14.23
CA GLN G 121 -7.24 60.10 13.55
C GLN G 121 -8.10 59.07 14.27
N ARG G 122 -7.46 58.01 14.75
CA ARG G 122 -8.15 56.98 15.52
C ARG G 122 -8.33 57.49 16.94
N ALA G 123 -9.57 57.47 17.42
CA ALA G 123 -9.92 58.14 18.66
C ALA G 123 -9.33 57.49 19.92
N TYR G 124 -9.23 56.16 19.94
CA TYR G 124 -8.86 55.46 21.18
C TYR G 124 -7.39 55.64 21.58
N MET G 125 -6.54 55.96 20.61
CA MET G 125 -5.11 56.23 20.85
C MET G 125 -4.88 57.73 21.12
N ARG G 126 -4.14 58.04 22.19
CA ARG G 126 -3.61 59.39 22.39
C ARG G 126 -2.30 59.55 21.62
N PRO G 127 -2.02 60.76 21.11
CA PRO G 127 -0.69 60.98 20.52
C PRO G 127 0.44 60.74 21.53
N LEU G 128 1.65 60.56 21.02
CA LEU G 128 2.81 60.46 21.88
C LEU G 128 3.35 61.87 22.00
N GLY G 129 3.56 62.31 23.23
CA GLY G 129 4.01 63.67 23.47
C GLY G 129 5.50 63.87 23.29
N VAL G 130 6.00 63.58 22.10
CA VAL G 130 7.43 63.64 21.86
C VAL G 130 7.75 64.16 20.47
N ILE G 131 8.94 64.72 20.32
CA ILE G 131 9.46 65.10 19.02
C ILE G 131 10.70 64.25 18.76
N LEU G 132 10.72 63.58 17.62
CA LEU G 132 11.75 62.57 17.36
C LEU G 132 12.69 63.01 16.26
N THR G 133 13.97 63.10 16.60
CA THR G 133 15.00 63.49 15.65
C THR G 133 15.83 62.27 15.34
N PHE G 134 15.86 61.90 14.06
CA PHE G 134 16.63 60.75 13.58
C PHE G 134 17.87 61.21 12.85
N VAL G 135 18.97 60.48 13.04
CA VAL G 135 20.22 60.77 12.36
C VAL G 135 20.93 59.51 11.91
N SER G 136 21.66 59.62 10.79
CA SER G 136 22.51 58.57 10.28
C SER G 136 23.28 59.12 9.10
N VAL G 137 24.28 58.35 8.64
CA VAL G 137 24.88 58.60 7.34
C VAL G 137 24.30 57.57 6.39
N ASP G 138 23.31 57.99 5.62
CA ASP G 138 22.63 57.07 4.72
C ASP G 138 23.51 56.65 3.56
N GLU G 139 23.44 55.37 3.21
CA GLU G 139 24.26 54.82 2.14
C GLU G 139 23.90 55.41 0.78
N GLU G 140 22.68 55.93 0.68
CA GLU G 140 22.18 56.48 -0.57
C GLU G 140 22.07 58.01 -0.56
N LEU G 141 21.63 58.59 0.56
CA LEU G 141 21.41 60.03 0.63
C LEU G 141 22.55 60.85 1.26
N GLY G 142 23.57 60.19 1.79
CA GLY G 142 24.58 60.90 2.58
C GLY G 142 24.08 61.11 4.00
N PRO G 143 24.75 62.00 4.77
CA PRO G 143 24.40 62.22 6.20
C PRO G 143 23.02 62.86 6.33
N SER G 144 22.20 62.38 7.26
CA SER G 144 20.79 62.76 7.26
C SER G 144 20.20 63.13 8.61
N ILE G 145 19.43 64.22 8.62
CA ILE G 145 18.60 64.59 9.77
C ILE G 145 17.12 64.58 9.37
N TYR G 146 16.31 63.82 10.11
CA TYR G 146 14.88 63.69 9.85
C TYR G 146 14.12 63.73 11.16
N LYS G 147 13.11 64.59 11.24
CA LYS G 147 12.42 64.84 12.49
C LYS G 147 10.90 64.71 12.37
N THR G 148 10.28 64.10 13.39
CA THR G 148 8.83 63.92 13.42
C THR G 148 8.24 64.39 14.74
N ASP G 149 6.94 64.71 14.70
CA ASP G 149 6.20 65.29 15.83
C ASP G 149 4.84 64.61 16.07
N PRO G 150 4.10 65.01 17.14
CA PRO G 150 2.80 64.37 17.40
C PRO G 150 1.75 64.62 16.32
N ALA G 151 2.02 65.57 15.43
CA ALA G 151 1.10 65.93 14.36
C ALA G 151 1.07 64.89 13.24
N GLY G 152 2.15 64.13 13.11
CA GLY G 152 2.27 63.14 12.05
C GLY G 152 3.14 63.72 10.96
N TYR G 153 3.70 64.88 11.25
CA TYR G 153 4.53 65.62 10.33
C TYR G 153 5.95 65.09 10.38
N TYR G 154 6.66 65.14 9.25
CA TYR G 154 8.09 64.80 9.19
C TYR G 154 8.76 65.48 8.00
N VAL G 155 9.99 65.95 8.22
CA VAL G 155 10.79 66.56 7.16
C VAL G 155 12.28 66.34 7.40
N GLY G 156 13.07 66.58 6.37
CA GLY G 156 14.53 66.55 6.47
C GLY G 156 15.13 67.93 6.70
N TYR G 157 16.11 68.00 7.60
CA TYR G 157 16.78 69.25 7.95
C TYR G 157 18.27 69.28 7.56
N LYS G 158 18.78 70.48 7.29
CA LYS G 158 20.21 70.74 7.10
C LYS G 158 20.87 70.69 8.45
N ALA G 159 20.18 71.30 9.42
CA ALA G 159 20.46 71.18 10.84
C ALA G 159 19.14 71.54 11.53
N THR G 160 18.96 71.09 12.75
CA THR G 160 17.74 71.42 13.48
C THR G 160 18.02 71.47 14.97
N ALA G 161 17.11 72.10 15.71
CA ALA G 161 17.19 72.15 17.15
C ALA G 161 15.80 72.06 17.73
N THR G 162 15.70 71.56 18.96
CA THR G 162 14.42 71.33 19.59
C THR G 162 14.53 71.46 21.09
N GLY G 163 13.41 71.77 21.73
CA GLY G 163 13.33 72.00 23.17
C GLY G 163 12.80 73.39 23.44
N PRO G 164 12.76 73.79 24.72
CA PRO G 164 12.18 75.08 25.12
C PRO G 164 12.84 76.26 24.43
N LYS G 165 14.15 76.17 24.16
CA LYS G 165 14.86 77.23 23.48
C LYS G 165 15.24 76.82 22.06
N GLN G 166 14.27 76.17 21.41
CA GLN G 166 14.35 75.80 19.99
C GLN G 166 14.81 76.98 19.16
N GLN G 167 14.20 78.13 19.40
CA GLN G 167 14.37 79.30 18.53
C GLN G 167 15.74 79.99 18.58
N GLU G 168 16.30 80.16 19.78
CA GLU G 168 17.64 80.75 19.90
C GLU G 168 18.63 80.01 19.01
N ILE G 169 18.71 78.70 19.22
CA ILE G 169 19.64 77.85 18.48
C ILE G 169 19.36 77.85 16.99
N THR G 170 18.08 77.75 16.62
CA THR G 170 17.66 77.75 15.22
C THR G 170 18.16 78.99 14.47
N THR G 171 17.97 80.17 15.05
CA THR G 171 18.43 81.43 14.45
C THR G 171 19.96 81.52 14.39
N ASN G 172 20.61 81.00 15.42
CA ASN G 172 22.07 80.93 15.46
C ASN G 172 22.63 80.21 14.23
N LEU G 173 22.03 79.08 13.91
CA LEU G 173 22.44 78.23 12.80
C LEU G 173 21.98 78.82 11.47
N GLU G 174 20.76 79.37 11.45
CA GLU G 174 20.23 80.07 10.27
C GLU G 174 21.23 81.09 9.74
N ASN G 175 21.86 81.82 10.66
CA ASN G 175 22.87 82.80 10.34
C ASN G 175 24.10 82.14 9.75
N HIS G 176 24.66 81.17 10.48
CA HIS G 176 25.88 80.49 10.06
C HIS G 176 25.84 80.01 8.62
N PHE G 177 24.73 79.40 8.24
CA PHE G 177 24.59 78.77 6.92
C PHE G 177 24.49 79.76 5.77
N LYS G 178 24.23 81.02 6.09
CA LYS G 178 24.21 82.07 5.06
C LYS G 178 25.58 82.62 4.76
N LYS G 179 26.36 82.88 5.82
CA LYS G 179 27.74 83.28 5.65
C LYS G 179 28.58 82.17 5.00
N SER G 180 28.38 80.92 5.45
CA SER G 180 29.10 79.77 4.88
C SER G 180 28.54 79.30 3.53
N LYS G 181 27.31 79.72 3.22
CA LYS G 181 26.66 79.50 1.90
C LYS G 181 26.42 78.04 1.50
N ILE G 182 27.08 77.11 2.20
CA ILE G 182 26.86 75.68 2.01
C ILE G 182 25.86 75.19 3.05
N ASP G 183 25.20 74.08 2.75
CA ASP G 183 24.17 73.52 3.64
C ASP G 183 24.66 72.33 4.50
N HIS G 184 25.95 72.36 4.84
CA HIS G 184 26.53 71.44 5.83
C HIS G 184 27.76 72.10 6.46
N ILE G 185 28.44 71.37 7.33
CA ILE G 185 29.69 71.84 7.90
C ILE G 185 30.85 71.24 7.13
N ASN G 186 31.70 72.07 6.53
CA ASN G 186 32.81 71.56 5.70
C ASN G 186 34.01 71.09 6.53
N GLU G 187 33.89 69.89 7.10
CA GLU G 187 34.90 69.32 7.99
C GLU G 187 34.96 67.79 7.89
N GLU G 188 36.17 67.25 7.74
CA GLU G 188 36.37 65.81 7.50
C GLU G 188 36.22 64.94 8.73
N SER G 189 36.92 65.28 9.81
CA SER G 189 36.84 64.49 11.04
C SER G 189 35.59 64.85 11.82
N TRP G 190 34.92 63.83 12.35
CA TRP G 190 33.70 64.02 13.15
C TRP G 190 33.98 64.75 14.46
N GLU G 191 35.21 64.61 14.98
CA GLU G 191 35.59 65.24 16.25
C GLU G 191 35.49 66.76 16.15
N LYS G 192 35.77 67.31 14.97
CA LYS G 192 35.68 68.74 14.73
C LYS G 192 34.25 69.23 14.56
N VAL G 193 33.41 68.42 13.88
CA VAL G 193 31.98 68.69 13.77
C VAL G 193 31.27 68.53 15.12
N VAL G 194 31.73 67.63 15.99
CA VAL G 194 31.19 67.52 17.35
C VAL G 194 31.48 68.79 18.15
N GLU G 195 32.67 69.34 17.95
CA GLU G 195 33.08 70.59 18.59
C GLU G 195 32.22 71.77 18.08
N PHE G 196 32.15 71.92 16.76
CA PHE G 196 31.34 72.95 16.13
C PHE G 196 29.93 73.05 16.72
N ALA G 197 29.32 71.91 16.96
CA ALA G 197 27.98 71.86 17.51
C ALA G 197 27.96 72.35 18.96
N ILE G 198 28.87 71.82 19.77
CA ILE G 198 28.98 72.23 21.18
C ILE G 198 29.20 73.74 21.28
N THR G 199 30.02 74.27 20.38
CA THR G 199 30.31 75.71 20.34
C THR G 199 29.05 76.55 20.09
N HIS G 200 28.33 76.28 19.00
CA HIS G 200 27.13 77.04 18.65
C HIS G 200 25.95 76.80 19.59
N MET G 201 26.07 75.78 20.45
CA MET G 201 25.10 75.53 21.52
C MET G 201 25.38 76.44 22.71
N ILE G 202 26.66 76.65 22.99
CA ILE G 202 27.09 77.61 24.02
C ILE G 202 26.70 79.01 23.57
N ASP G 203 27.04 79.36 22.33
CA ASP G 203 26.85 80.72 21.80
C ASP G 203 25.39 81.11 21.61
N ALA G 204 24.53 80.12 21.38
CA ALA G 204 23.10 80.37 21.25
C ALA G 204 22.44 80.45 22.61
N LEU G 205 22.64 79.42 23.43
CA LEU G 205 22.05 79.37 24.76
C LEU G 205 22.73 80.32 25.73
N GLY G 206 24.00 80.62 25.49
CA GLY G 206 24.79 81.48 26.38
C GLY G 206 25.22 80.83 27.68
N THR G 207 25.48 79.52 27.64
CA THR G 207 25.91 78.78 28.84
C THR G 207 27.17 77.97 28.57
N GLU G 208 27.90 77.68 29.65
CA GLU G 208 29.08 76.81 29.62
C GLU G 208 28.68 75.39 30.05
N PHE G 209 29.40 74.38 29.58
CA PHE G 209 29.08 72.98 29.93
C PHE G 209 30.28 72.22 30.48
N SER G 210 30.03 71.34 31.45
CA SER G 210 31.01 70.33 31.84
C SER G 210 30.65 69.00 31.17
N LYS G 211 31.60 68.08 31.14
CA LYS G 211 31.40 66.76 30.52
C LYS G 211 30.13 66.05 31.00
N ASN G 212 29.59 66.48 32.15
CA ASN G 212 28.40 65.89 32.76
C ASN G 212 27.10 66.64 32.44
N ASP G 213 27.21 67.68 31.60
CA ASP G 213 26.07 68.54 31.23
C ASP G 213 25.62 68.27 29.81
N LEU G 214 26.43 67.54 29.06
CA LEU G 214 26.11 67.24 27.69
C LEU G 214 25.88 65.76 27.44
N GLU G 215 25.37 65.48 26.27
CA GLU G 215 25.12 64.13 25.80
C GLU G 215 25.33 64.21 24.32
N VAL G 216 26.19 63.34 23.78
CA VAL G 216 26.52 63.44 22.36
C VAL G 216 26.37 62.11 21.63
N GLY G 217 25.73 62.18 20.46
CA GLY G 217 25.60 61.03 19.58
C GLY G 217 26.17 61.39 18.22
N VAL G 218 26.87 60.44 17.61
CA VAL G 218 27.55 60.64 16.34
C VAL G 218 27.15 59.51 15.39
N ALA G 219 26.90 59.86 14.13
CA ALA G 219 26.66 58.87 13.09
C ALA G 219 27.76 58.97 12.04
N THR G 220 28.34 57.83 11.69
CA THR G 220 29.28 57.72 10.57
C THR G 220 28.82 56.65 9.59
N LYS G 221 29.56 56.50 8.49
CA LYS G 221 29.32 55.40 7.57
C LYS G 221 29.30 54.10 8.37
N ASP G 222 28.18 53.40 8.33
CA ASP G 222 28.04 52.05 8.91
C ASP G 222 28.00 51.98 10.45
N LYS G 223 28.16 53.10 11.14
CA LYS G 223 28.02 53.10 12.60
C LYS G 223 27.43 54.38 13.19
N PHE G 224 26.57 54.21 14.19
CA PHE G 224 26.13 55.30 15.06
C PHE G 224 26.53 54.98 16.49
N PHE G 225 27.19 55.93 17.16
CA PHE G 225 27.65 55.74 18.54
C PHE G 225 27.46 56.99 19.39
N THR G 226 27.49 56.82 20.71
CA THR G 226 27.42 57.95 21.65
C THR G 226 28.75 58.10 22.40
N LEU G 227 29.14 59.34 22.67
CA LEU G 227 30.39 59.62 23.39
C LEU G 227 30.21 59.47 24.89
N SER G 228 31.25 58.99 25.56
CA SER G 228 31.26 58.98 27.03
C SER G 228 31.64 60.37 27.49
N ALA G 229 31.58 60.60 28.81
CA ALA G 229 31.99 61.88 29.38
C ALA G 229 33.44 62.23 29.01
N GLU G 230 34.30 61.22 28.96
CA GLU G 230 35.73 61.40 28.68
C GLU G 230 35.98 61.79 27.22
N ASN G 231 35.15 61.26 26.32
CA ASN G 231 35.23 61.59 24.90
C ASN G 231 34.75 63.02 24.64
N ILE G 232 33.84 63.48 25.48
CA ILE G 232 33.33 64.85 25.47
C ILE G 232 34.35 65.77 26.13
N GLU G 233 34.89 65.34 27.27
CA GLU G 233 35.92 66.09 27.99
C GLU G 233 37.06 66.49 27.06
N GLU G 234 37.44 65.58 26.18
CA GLU G 234 38.42 65.84 25.14
C GLU G 234 37.93 66.95 24.20
N ARG G 235 36.63 66.90 23.88
CA ARG G 235 35.97 67.89 23.02
C ARG G 235 35.89 69.29 23.66
N LEU G 236 35.51 69.34 24.94
CA LEU G 236 35.40 70.58 25.72
C LEU G 236 36.74 71.25 25.97
N VAL G 237 37.78 70.43 26.11
CA VAL G 237 39.17 70.87 26.20
C VAL G 237 39.61 71.52 24.90
N ALA G 238 39.29 70.86 23.78
CA ALA G 238 39.67 71.33 22.46
C ALA G 238 39.05 72.70 22.11
N ILE G 239 37.77 72.87 22.38
CA ILE G 239 37.10 74.15 22.07
C ILE G 239 37.77 75.32 22.80
N ALA G 240 38.15 75.07 24.06
CA ALA G 240 38.59 76.11 25.00
C ALA G 240 40.01 76.67 24.77
N GLU G 241 40.75 76.08 23.83
CA GLU G 241 42.12 76.53 23.52
C GLU G 241 42.17 77.28 22.20
N GLN G 242 41.35 78.33 22.07
CA GLN G 242 41.16 79.05 20.80
C GLN G 242 40.10 80.15 20.90
N ASP G 243 39.07 79.89 21.74
CA ASP G 243 37.89 80.76 21.87
C ASP G 243 37.63 81.17 23.35
N THR H 1 12.68 24.15 -20.74
CA THR H 1 13.13 25.54 -20.47
C THR H 1 14.63 25.55 -20.20
N THR H 2 15.34 26.46 -20.87
CA THR H 2 16.72 26.72 -20.53
C THR H 2 16.84 28.19 -20.23
N ILE H 3 17.15 28.51 -18.97
CA ILE H 3 17.41 29.89 -18.57
C ILE H 3 18.82 29.96 -17.98
N VAL H 4 19.59 30.97 -18.41
CA VAL H 4 20.91 31.21 -17.82
C VAL H 4 21.06 32.66 -17.39
N GLY H 5 21.98 32.87 -16.44
CA GLY H 5 22.34 34.20 -15.97
C GLY H 5 23.85 34.30 -15.92
N VAL H 6 24.41 35.24 -16.68
CA VAL H 6 25.85 35.45 -16.74
C VAL H 6 26.14 36.86 -16.26
N LYS H 7 27.12 36.97 -15.38
CA LYS H 7 27.51 38.25 -14.83
C LYS H 7 28.78 38.73 -15.53
N PHE H 8 28.77 40.00 -15.97
CA PHE H 8 30.00 40.62 -16.50
C PHE H 8 30.56 41.74 -15.61
N ASN H 9 31.52 42.52 -16.12
CA ASN H 9 32.20 43.52 -15.26
C ASN H 9 31.38 44.78 -14.98
N ASN H 10 30.65 45.26 -15.99
CA ASN H 10 29.78 46.41 -15.78
C ASN H 10 28.37 46.06 -15.30
N GLY H 11 27.92 44.82 -15.52
CA GLY H 11 26.56 44.43 -15.12
C GLY H 11 26.24 42.95 -15.05
N VAL H 12 25.12 42.59 -15.69
CA VAL H 12 24.56 41.25 -15.65
C VAL H 12 23.61 41.05 -16.85
N VAL H 13 23.64 39.85 -17.43
CA VAL H 13 22.78 39.51 -18.56
C VAL H 13 22.02 38.21 -18.28
N ILE H 14 20.76 38.15 -18.69
CA ILE H 14 20.02 36.89 -18.63
C ILE H 14 19.37 36.51 -19.94
N ALA H 15 19.28 35.21 -20.18
CA ALA H 15 18.73 34.68 -21.43
C ALA H 15 17.90 33.42 -21.22
N ALA H 16 17.00 33.15 -22.17
CA ALA H 16 16.04 32.07 -22.07
C ALA H 16 15.62 31.61 -23.45
N ASP H 17 15.16 30.37 -23.55
CA ASP H 17 14.58 29.84 -24.79
C ASP H 17 13.12 30.26 -24.87
N THR H 18 12.47 29.95 -25.98
CA THR H 18 11.08 30.38 -26.20
C THR H 18 10.09 29.25 -26.48
N ARG H 19 10.22 28.12 -25.78
CA ARG H 19 9.35 26.95 -25.97
C ARG H 19 8.62 26.55 -24.69
N SER H 20 7.30 26.69 -24.67
CA SER H 20 6.52 26.18 -23.54
C SER H 20 5.84 24.90 -23.95
N THR H 21 6.05 23.85 -23.17
CA THR H 21 5.52 22.54 -23.51
C THR H 21 4.44 22.11 -22.55
N GLN H 22 3.36 21.58 -23.11
CA GLN H 22 2.34 20.85 -22.35
C GLN H 22 2.65 19.34 -22.49
N GLY H 23 3.42 18.78 -21.57
CA GLY H 23 3.87 17.40 -21.69
C GLY H 23 4.86 17.25 -22.84
N PRO H 24 4.59 16.33 -23.79
CA PRO H 24 5.44 16.22 -24.97
C PRO H 24 5.05 17.20 -26.08
N ILE H 25 3.98 17.95 -25.88
CA ILE H 25 3.48 18.85 -26.92
C ILE H 25 3.95 20.28 -26.69
N VAL H 26 4.33 20.95 -27.78
CA VAL H 26 4.79 22.33 -27.75
C VAL H 26 3.61 23.28 -27.90
N ALA H 27 3.22 23.93 -26.81
CA ALA H 27 2.07 24.86 -26.82
C ALA H 27 2.42 26.21 -27.46
N ASP H 28 3.54 26.80 -27.08
CA ASP H 28 4.00 28.01 -27.75
C ASP H 28 5.44 27.90 -28.27
N LYS H 29 5.56 28.09 -29.58
CA LYS H 29 6.83 28.00 -30.29
C LYS H 29 7.64 29.26 -30.13
N ASN H 30 7.10 30.20 -29.35
CA ASN H 30 7.70 31.51 -29.10
C ASN H 30 6.95 32.25 -28.00
N CYS H 31 7.33 31.99 -26.75
CA CYS H 31 6.78 32.76 -25.65
C CYS H 31 7.93 33.42 -24.89
N ALA H 32 7.65 34.54 -24.23
CA ALA H 32 8.68 35.26 -23.49
C ALA H 32 8.78 34.75 -22.05
N LYS H 33 9.92 34.18 -21.71
CA LYS H 33 10.14 33.65 -20.38
C LYS H 33 10.85 34.66 -19.49
N LEU H 34 11.31 35.74 -20.11
CA LEU H 34 11.98 36.86 -19.44
C LEU H 34 10.99 37.86 -18.85
N HIS H 35 10.93 37.91 -17.52
CA HIS H 35 9.93 38.71 -16.82
C HIS H 35 10.53 39.86 -16.05
N ARG H 36 9.71 40.85 -15.75
CA ARG H 36 10.18 42.07 -15.15
C ARG H 36 9.67 42.21 -13.71
N ILE H 37 10.57 42.55 -12.79
CA ILE H 37 10.16 42.82 -11.42
C ILE H 37 10.12 44.32 -11.21
N SER H 38 11.15 44.99 -11.71
CA SER H 38 11.14 46.44 -11.84
C SER H 38 11.92 46.74 -13.12
N PRO H 39 12.05 48.03 -13.48
CA PRO H 39 12.65 48.28 -14.79
C PRO H 39 14.05 47.69 -14.97
N LYS H 40 14.81 47.58 -13.88
CA LYS H 40 16.20 47.11 -13.93
C LYS H 40 16.46 45.80 -13.18
N ILE H 41 15.39 45.10 -12.81
CA ILE H 41 15.49 43.77 -12.22
C ILE H 41 14.65 42.81 -13.05
N TRP H 42 15.30 41.97 -13.81
CA TRP H 42 14.56 41.00 -14.63
C TRP H 42 14.65 39.61 -14.07
N CYS H 43 13.73 38.76 -14.52
CA CYS H 43 13.54 37.47 -13.94
C CYS H 43 13.36 36.43 -15.04
N ALA H 44 13.76 35.20 -14.73
CA ALA H 44 13.54 34.06 -15.63
C ALA H 44 13.08 32.85 -14.84
N GLY H 45 12.04 32.19 -15.35
CA GLY H 45 11.37 31.11 -14.61
C GLY H 45 11.23 29.75 -15.28
N ALA H 46 11.32 28.71 -14.45
CA ALA H 46 11.08 27.32 -14.84
C ALA H 46 10.29 26.64 -13.72
N GLY H 47 9.71 25.47 -14.01
CA GLY H 47 8.81 24.79 -13.08
C GLY H 47 7.39 25.01 -13.55
N THR H 48 6.42 24.98 -12.62
CA THR H 48 5.03 25.34 -12.93
C THR H 48 5.00 26.78 -13.42
N ALA H 49 4.53 26.98 -14.64
CA ALA H 49 4.66 28.29 -15.28
C ALA H 49 3.68 29.35 -14.74
N ALA H 50 2.43 28.95 -14.50
CA ALA H 50 1.50 29.84 -13.82
C ALA H 50 2.12 30.26 -12.50
N ASP H 51 2.74 29.32 -11.81
CA ASP H 51 3.42 29.58 -10.54
C ASP H 51 4.56 30.58 -10.59
N THR H 52 5.39 30.52 -11.63
CA THR H 52 6.51 31.45 -11.76
C THR H 52 6.02 32.83 -12.17
N GLU H 53 5.04 32.87 -13.09
CA GLU H 53 4.48 34.11 -13.59
C GLU H 53 3.78 34.85 -12.46
N ALA H 54 3.09 34.10 -11.62
CA ALA H 54 2.32 34.64 -10.52
C ALA H 54 3.21 35.22 -9.44
N VAL H 55 4.21 34.44 -9.02
CA VAL H 55 5.15 34.86 -7.97
C VAL H 55 6.01 36.03 -8.41
N THR H 56 6.25 36.15 -9.71
CA THR H 56 7.03 37.26 -10.25
C THR H 56 6.25 38.55 -10.14
N GLN H 57 4.94 38.48 -10.34
CA GLN H 57 4.12 39.68 -10.43
C GLN H 57 3.67 40.21 -9.09
N LEU H 58 3.44 39.31 -8.15
CA LEU H 58 3.10 39.67 -6.79
C LEU H 58 4.28 40.42 -6.15
N ILE H 59 5.46 39.82 -6.26
CA ILE H 59 6.68 40.43 -5.79
C ILE H 59 7.01 41.70 -6.60
N GLY H 60 6.64 41.70 -7.88
CA GLY H 60 6.81 42.87 -8.76
C GLY H 60 5.95 44.05 -8.32
N SER H 61 4.70 43.76 -7.99
CA SER H 61 3.77 44.74 -7.45
C SER H 61 4.25 45.26 -6.10
N ASN H 62 4.62 44.35 -5.21
CA ASN H 62 5.10 44.73 -3.90
C ASN H 62 6.34 45.60 -3.96
N ILE H 63 7.27 45.23 -4.84
CA ILE H 63 8.50 46.01 -5.05
C ILE H 63 8.18 47.45 -5.45
N GLU H 64 7.29 47.61 -6.44
CA GLU H 64 6.91 48.94 -6.89
C GLU H 64 6.36 49.77 -5.72
N LEU H 65 5.40 49.20 -4.99
CA LEU H 65 4.83 49.84 -3.80
C LEU H 65 5.90 50.22 -2.76
N HIS H 66 6.83 49.31 -2.52
CA HIS H 66 7.91 49.54 -1.57
C HIS H 66 8.82 50.66 -2.05
N SER H 67 9.10 50.66 -3.34
CA SER H 67 9.95 51.67 -3.96
C SER H 67 9.34 53.05 -3.81
N LEU H 68 8.06 53.17 -4.15
CA LEU H 68 7.31 54.41 -3.99
C LEU H 68 7.33 54.90 -2.55
N TYR H 69 7.07 54.00 -1.60
CA TYR H 69 7.10 54.32 -0.17
C TYR H 69 8.43 54.95 0.25
N THR H 70 9.53 54.32 -0.19
CA THR H 70 10.88 54.66 0.28
C THR H 70 11.63 55.66 -0.61
N SER H 71 11.04 56.03 -1.74
CA SER H 71 11.61 57.00 -2.68
C SER H 71 13.01 56.60 -3.14
N ARG H 72 13.26 55.29 -3.18
CA ARG H 72 14.51 54.75 -3.67
C ARG H 72 14.27 53.76 -4.82
N GLU H 73 15.25 53.62 -5.70
CA GLU H 73 15.18 52.59 -6.72
C GLU H 73 15.24 51.22 -6.03
N PRO H 74 14.43 50.25 -6.51
CA PRO H 74 14.27 48.98 -5.79
C PRO H 74 15.49 48.09 -5.92
N ARG H 75 15.87 47.43 -4.82
CA ARG H 75 17.05 46.57 -4.82
C ARG H 75 16.77 45.10 -5.15
N VAL H 76 17.77 44.42 -5.71
CA VAL H 76 17.65 43.01 -6.07
C VAL H 76 17.54 42.17 -4.81
N VAL H 77 18.38 42.46 -3.81
CA VAL H 77 18.30 41.81 -2.50
C VAL H 77 16.89 41.83 -1.94
N SER H 78 16.13 42.88 -2.25
CA SER H 78 14.74 42.95 -1.80
C SER H 78 13.86 41.96 -2.55
N ALA H 79 13.88 42.04 -3.88
CA ALA H 79 13.14 41.12 -4.72
C ALA H 79 13.46 39.69 -4.33
N LEU H 80 14.71 39.46 -3.93
CA LEU H 80 15.17 38.14 -3.50
C LEU H 80 14.54 37.73 -2.17
N GLN H 81 14.77 38.53 -1.15
CA GLN H 81 14.29 38.22 0.19
C GLN H 81 12.77 38.00 0.23
N MET H 82 12.06 38.74 -0.61
CA MET H 82 10.59 38.67 -0.65
C MET H 82 10.12 37.37 -1.27
N LEU H 83 10.64 37.05 -2.45
CA LEU H 83 10.42 35.78 -3.17
C LEU H 83 10.77 34.58 -2.32
N LYS H 84 11.98 34.57 -1.79
CA LYS H 84 12.46 33.54 -0.89
C LYS H 84 11.49 33.24 0.25
N GLN H 85 11.02 34.28 0.94
CA GLN H 85 10.16 34.10 2.11
C GLN H 85 8.77 33.68 1.74
N HIS H 86 8.32 34.06 0.54
CA HIS H 86 7.01 33.69 0.04
C HIS H 86 6.98 32.22 -0.35
N LEU H 87 7.97 31.82 -1.13
CA LEU H 87 8.12 30.43 -1.56
C LEU H 87 8.29 29.49 -0.37
N PHE H 88 9.13 29.87 0.58
CA PHE H 88 9.33 29.07 1.78
C PHE H 88 8.06 28.85 2.58
N LYS H 89 7.17 29.85 2.59
CA LYS H 89 5.92 29.71 3.31
C LYS H 89 5.14 28.48 2.82
N TYR H 90 5.25 28.19 1.52
CA TYR H 90 4.53 27.09 0.89
C TYR H 90 5.37 25.81 0.78
N GLN H 91 6.04 25.45 1.87
CA GLN H 91 7.04 24.39 1.91
C GLN H 91 7.17 23.56 0.61
N GLY H 92 7.32 24.26 -0.53
CA GLY H 92 7.54 23.62 -1.83
C GLY H 92 6.43 23.73 -2.88
N HIS H 93 5.19 23.89 -2.40
CA HIS H 93 3.99 23.80 -3.24
C HIS H 93 3.85 24.80 -4.37
N ILE H 94 4.58 25.91 -4.30
CA ILE H 94 4.57 26.85 -5.41
C ILE H 94 5.76 26.53 -6.31
N GLY H 95 5.47 25.89 -7.44
CA GLY H 95 6.50 25.34 -8.32
C GLY H 95 7.36 26.36 -9.05
N ALA H 96 7.88 27.34 -8.31
CA ALA H 96 8.65 28.41 -8.93
C ALA H 96 10.16 28.24 -8.75
N TYR H 97 10.86 28.01 -9.86
CA TYR H 97 12.30 27.97 -9.84
C TYR H 97 12.74 29.13 -10.69
N LEU H 98 13.54 30.02 -10.12
CA LEU H 98 13.86 31.28 -10.79
C LEU H 98 15.34 31.64 -10.83
N ILE H 99 15.73 32.36 -11.88
CA ILE H 99 17.00 33.09 -11.88
C ILE H 99 16.64 34.57 -11.97
N VAL H 100 17.15 35.37 -11.04
CA VAL H 100 16.81 36.79 -10.99
C VAL H 100 18.06 37.70 -11.04
N ALA H 101 18.05 38.63 -12.00
CA ALA H 101 19.21 39.48 -12.27
C ALA H 101 18.83 40.94 -12.30
N GLY H 102 19.76 41.81 -11.92
CA GLY H 102 19.53 43.23 -12.03
C GLY H 102 20.62 44.12 -11.50
N VAL H 103 20.46 45.41 -11.79
CA VAL H 103 21.32 46.47 -11.25
C VAL H 103 20.50 47.37 -10.36
N ASP H 104 21.16 47.92 -9.35
CA ASP H 104 20.59 48.94 -8.49
C ASP H 104 21.71 49.89 -8.02
N PRO H 105 21.43 50.76 -7.04
CA PRO H 105 22.50 51.63 -6.54
C PRO H 105 23.70 50.91 -5.93
N THR H 106 23.51 49.69 -5.43
CA THR H 106 24.59 48.99 -4.73
C THR H 106 25.44 48.06 -5.62
N GLY H 107 25.18 48.09 -6.93
CA GLY H 107 25.92 47.26 -7.89
C GLY H 107 25.04 46.37 -8.74
N SER H 108 25.66 45.34 -9.34
CA SER H 108 24.92 44.34 -10.12
C SER H 108 24.78 43.02 -9.34
N HIS H 109 23.73 42.26 -9.63
CA HIS H 109 23.39 41.05 -8.87
C HIS H 109 22.82 39.91 -9.70
N LEU H 110 23.15 38.69 -9.30
CA LEU H 110 22.64 37.48 -9.93
C LEU H 110 22.41 36.41 -8.87
N PHE H 111 21.18 35.93 -8.80
CA PHE H 111 20.76 34.95 -7.82
C PHE H 111 19.87 33.91 -8.47
N SER H 112 19.75 32.77 -7.79
CA SER H 112 18.76 31.77 -8.16
C SER H 112 17.88 31.48 -6.95
N ILE H 113 16.60 31.23 -7.21
CA ILE H 113 15.67 30.76 -6.16
C ILE H 113 15.06 29.42 -6.55
N HIS H 114 14.94 28.53 -5.55
CA HIS H 114 14.27 27.25 -5.74
C HIS H 114 12.92 27.23 -5.03
N ALA H 115 12.02 26.39 -5.54
CA ALA H 115 10.63 26.31 -5.09
C ALA H 115 10.42 26.19 -3.59
N HIS H 116 11.41 25.67 -2.88
CA HIS H 116 11.29 25.44 -1.45
C HIS H 116 11.76 26.65 -0.67
N GLY H 117 12.44 27.56 -1.35
CA GLY H 117 12.88 28.82 -0.77
C GLY H 117 14.35 28.91 -0.40
N SER H 118 15.21 28.19 -1.11
CA SER H 118 16.64 28.36 -0.96
C SER H 118 17.13 29.29 -2.05
N THR H 119 18.15 30.08 -1.74
CA THR H 119 18.74 30.99 -2.71
C THR H 119 20.24 30.72 -2.87
N ASP H 120 20.73 30.95 -4.08
CA ASP H 120 22.15 30.73 -4.40
C ASP H 120 22.69 31.96 -5.14
N VAL H 121 23.96 32.27 -4.89
CA VAL H 121 24.60 33.42 -5.54
C VAL H 121 25.80 32.99 -6.40
N GLY H 122 26.06 33.71 -7.49
CA GLY H 122 27.19 33.38 -8.36
C GLY H 122 27.35 34.27 -9.58
N TYR H 123 28.34 33.94 -10.40
CA TYR H 123 28.65 34.73 -11.59
C TYR H 123 27.98 34.15 -12.83
N TYR H 124 27.74 32.84 -12.80
CA TYR H 124 26.97 32.18 -13.85
C TYR H 124 26.05 31.13 -13.25
N LEU H 125 24.81 31.13 -13.70
CA LEU H 125 23.82 30.20 -13.23
C LEU H 125 22.97 29.70 -14.39
N SER H 126 22.38 28.52 -14.21
CA SER H 126 21.45 28.00 -15.18
C SER H 126 20.32 27.27 -14.48
N LEU H 127 19.14 27.30 -15.09
CA LEU H 127 18.01 26.53 -14.62
C LEU H 127 17.21 26.02 -15.78
N GLY H 128 16.41 24.98 -15.51
CA GLY H 128 15.52 24.41 -16.49
C GLY H 128 15.90 23.00 -16.84
N SER H 129 15.07 22.36 -17.66
CA SER H 129 15.31 21.02 -18.17
C SER H 129 16.59 20.98 -19.00
N GLY H 130 16.90 22.10 -19.67
CA GLY H 130 18.16 22.25 -20.40
C GLY H 130 19.29 22.75 -19.52
N SER H 131 19.03 22.79 -18.21
CA SER H 131 19.96 23.24 -17.17
C SER H 131 21.39 22.77 -17.41
N LEU H 132 21.53 21.51 -17.78
CA LEU H 132 22.83 20.85 -17.77
C LEU H 132 23.59 21.07 -19.05
N ALA H 133 22.89 21.04 -20.19
CA ALA H 133 23.50 21.40 -21.46
C ALA H 133 24.13 22.79 -21.38
N ALA H 134 23.35 23.76 -20.89
CA ALA H 134 23.79 25.14 -20.71
C ALA H 134 24.98 25.24 -19.78
N MET H 135 24.89 24.62 -18.61
CA MET H 135 25.96 24.67 -17.62
C MET H 135 27.28 24.12 -18.16
N ALA H 136 27.20 23.14 -19.05
CA ALA H 136 28.41 22.61 -19.71
C ALA H 136 29.10 23.69 -20.51
N VAL H 137 28.34 24.39 -21.35
CA VAL H 137 28.89 25.52 -22.08
C VAL H 137 29.50 26.56 -21.12
N LEU H 138 28.73 26.99 -20.13
CA LEU H 138 29.22 28.00 -19.20
C LEU H 138 30.49 27.56 -18.48
N GLU H 139 30.57 26.28 -18.12
CA GLU H 139 31.75 25.78 -17.41
C GLU H 139 32.99 25.76 -18.31
N SER H 140 32.75 25.67 -19.62
CA SER H 140 33.80 25.63 -20.63
C SER H 140 34.33 26.98 -21.09
N HIS H 141 33.46 28.00 -21.14
CA HIS H 141 33.82 29.30 -21.73
C HIS H 141 33.74 30.53 -20.84
N TRP H 142 33.44 30.35 -19.56
CA TRP H 142 33.38 31.50 -18.66
C TRP H 142 34.77 31.86 -18.19
N LYS H 143 35.09 33.15 -18.27
CA LYS H 143 36.25 33.72 -17.59
C LYS H 143 35.81 34.95 -16.80
N GLN H 144 36.62 35.31 -15.79
CA GLN H 144 36.35 36.49 -14.99
C GLN H 144 36.66 37.76 -15.79
N ASP H 145 35.83 38.78 -15.61
CA ASP H 145 35.91 40.03 -16.37
C ASP H 145 35.61 39.83 -17.86
N LEU H 146 34.37 39.46 -18.14
CA LEU H 146 33.87 39.43 -19.50
C LEU H 146 33.40 40.83 -19.88
N THR H 147 33.66 41.23 -21.12
CA THR H 147 33.09 42.47 -21.62
C THR H 147 31.58 42.25 -21.81
N LYS H 148 30.88 43.28 -22.22
CA LYS H 148 29.45 43.15 -22.44
C LYS H 148 29.18 42.20 -23.59
N GLU H 149 29.94 42.32 -24.67
CA GLU H 149 29.70 41.53 -25.88
C GLU H 149 30.08 40.07 -25.69
N GLU H 150 31.08 39.83 -24.85
CA GLU H 150 31.52 38.48 -24.50
C GLU H 150 30.43 37.77 -23.72
N ALA H 151 29.89 38.47 -22.73
CA ALA H 151 28.89 37.93 -21.84
C ALA H 151 27.57 37.64 -22.53
N ILE H 152 27.24 38.38 -23.58
CA ILE H 152 26.07 38.04 -24.38
C ILE H 152 26.35 36.78 -25.21
N LYS H 153 27.53 36.72 -25.82
CA LYS H 153 27.89 35.59 -26.67
C LYS H 153 27.90 34.33 -25.84
N LEU H 154 28.43 34.41 -24.62
CA LEU H 154 28.45 33.26 -23.73
C LEU H 154 27.05 32.81 -23.30
N ALA H 155 26.17 33.75 -22.96
CA ALA H 155 24.84 33.42 -22.49
C ALA H 155 23.99 32.96 -23.66
N SER H 156 24.25 33.54 -24.83
CA SER H 156 23.56 33.16 -26.04
C SER H 156 23.93 31.74 -26.44
N ASP H 157 25.22 31.42 -26.34
CA ASP H 157 25.70 30.06 -26.61
C ASP H 157 25.10 29.02 -25.68
N ALA H 158 24.93 29.37 -24.40
CA ALA H 158 24.40 28.43 -23.39
C ALA H 158 22.95 28.00 -23.64
N ILE H 159 22.11 28.95 -24.05
CA ILE H 159 20.73 28.65 -24.40
C ILE H 159 20.68 27.79 -25.67
N GLN H 160 21.67 27.97 -26.53
CA GLN H 160 21.76 27.12 -27.71
C GLN H 160 22.07 25.68 -27.36
N ALA H 161 22.94 25.47 -26.38
CA ALA H 161 23.17 24.12 -25.85
C ALA H 161 21.83 23.45 -25.57
N GLY H 162 21.00 24.14 -24.79
CA GLY H 162 19.71 23.62 -24.37
C GLY H 162 18.73 23.46 -25.51
N ILE H 163 18.78 24.36 -26.49
CA ILE H 163 17.85 24.30 -27.63
C ILE H 163 18.07 23.04 -28.47
N TRP H 164 19.33 22.77 -28.80
CA TRP H 164 19.67 21.63 -29.62
C TRP H 164 19.64 20.31 -28.86
N ASN H 165 20.25 20.28 -27.68
CA ASN H 165 20.40 19.04 -26.91
C ASN H 165 19.28 18.65 -25.95
N ASP H 166 18.51 19.63 -25.46
CA ASP H 166 17.39 19.33 -24.57
C ASP H 166 16.06 19.40 -25.28
N LEU H 167 15.25 18.36 -25.12
CA LEU H 167 13.96 18.26 -25.77
C LEU H 167 12.91 19.25 -25.25
N GLY H 168 13.08 19.67 -23.99
CA GLY H 168 12.13 20.58 -23.34
C GLY H 168 12.44 22.05 -23.55
N SER H 169 13.35 22.34 -24.48
CA SER H 169 13.78 23.69 -24.79
C SER H 169 14.02 23.76 -26.29
N GLY H 170 13.59 24.87 -26.90
CA GLY H 170 13.68 25.02 -28.35
C GLY H 170 13.41 26.43 -28.83
N SER H 171 13.18 26.55 -30.14
CA SER H 171 12.86 27.81 -30.83
C SER H 171 13.92 28.91 -30.70
N ASN H 172 13.56 30.04 -30.09
CA ASN H 172 14.39 31.25 -30.17
C ASN H 172 15.09 31.63 -28.87
N VAL H 173 15.98 32.62 -28.95
CA VAL H 173 16.72 33.09 -27.78
C VAL H 173 16.36 34.53 -27.44
N ASP H 174 15.83 34.73 -26.24
CA ASP H 174 15.59 36.06 -25.68
C ASP H 174 16.71 36.46 -24.72
N VAL H 175 17.16 37.71 -24.81
CA VAL H 175 18.21 38.21 -23.93
C VAL H 175 17.79 39.51 -23.28
N CYS H 176 18.21 39.71 -22.03
CA CYS H 176 18.06 41.00 -21.38
C CYS H 176 19.36 41.39 -20.68
N VAL H 177 19.84 42.59 -21.01
CA VAL H 177 21.10 43.10 -20.48
C VAL H 177 20.84 44.20 -19.47
N MET H 178 21.55 44.13 -18.36
CA MET H 178 21.47 45.15 -17.34
C MET H 178 22.89 45.62 -17.09
N GLU H 179 23.10 46.93 -17.24
CA GLU H 179 24.41 47.53 -17.05
C GLU H 179 24.30 48.63 -15.99
N ILE H 180 25.31 48.77 -15.14
CA ILE H 180 25.22 49.67 -13.98
C ILE H 180 24.94 51.11 -14.42
N GLY H 181 25.52 51.51 -15.55
CA GLY H 181 25.24 52.82 -16.11
C GLY H 181 23.81 53.03 -16.59
N LYS H 182 23.39 52.19 -17.54
CA LYS H 182 22.28 52.53 -18.45
C LYS H 182 20.89 51.94 -18.12
N ASP H 183 19.96 52.11 -19.05
CA ASP H 183 18.66 51.45 -19.04
C ASP H 183 18.82 49.98 -19.41
N ALA H 184 18.15 49.10 -18.67
CA ALA H 184 18.10 47.68 -19.01
C ALA H 184 17.56 47.46 -20.43
N GLU H 185 18.32 46.75 -21.27
CA GLU H 185 17.85 46.49 -22.62
C GLU H 185 17.38 45.06 -22.87
N TYR H 186 16.17 44.95 -23.39
CA TYR H 186 15.48 43.69 -23.56
C TYR H 186 15.46 43.35 -25.04
N LEU H 187 16.20 42.31 -25.41
CA LEU H 187 16.28 41.89 -26.80
C LEU H 187 15.44 40.63 -27.03
N ARG H 188 14.15 40.82 -27.29
CA ARG H 188 13.22 39.74 -27.63
C ARG H 188 13.59 39.14 -28.99
N ASN H 189 13.50 37.81 -29.11
CA ASN H 189 14.00 37.07 -30.27
C ASN H 189 15.30 37.65 -30.78
N TYR H 190 16.30 37.66 -29.90
CA TYR H 190 17.66 38.11 -30.21
C TYR H 190 18.31 37.19 -31.24
N LEU H 191 17.91 35.92 -31.20
CA LEU H 191 18.30 34.91 -32.18
C LEU H 191 17.09 34.11 -32.60
N THR H 192 16.92 33.92 -33.91
CA THR H 192 15.90 32.99 -34.42
C THR H 192 16.54 31.98 -35.38
N PRO H 193 17.15 30.91 -34.82
CA PRO H 193 17.77 29.91 -35.68
C PRO H 193 16.79 28.81 -36.12
N ASN H 194 15.54 28.88 -35.63
CA ASN H 194 14.59 27.79 -35.83
C ASN H 194 13.39 28.10 -36.72
N VAL H 195 13.64 28.81 -37.82
CA VAL H 195 12.61 29.17 -38.80
C VAL H 195 12.03 27.90 -39.43
N ARG H 196 10.72 27.72 -39.31
CA ARG H 196 10.01 26.59 -39.94
C ARG H 196 10.06 26.72 -41.46
N GLU H 197 10.41 25.63 -42.14
CA GLU H 197 10.55 25.66 -43.59
C GLU H 197 9.22 25.81 -44.31
N GLU H 198 9.25 26.52 -45.43
CA GLU H 198 8.07 26.73 -46.26
C GLU H 198 7.44 25.38 -46.64
N LYS H 199 6.13 25.26 -46.47
CA LYS H 199 5.45 23.98 -46.65
C LYS H 199 5.42 23.52 -48.09
N GLN H 200 5.20 22.24 -48.27
CA GLN H 200 5.27 21.60 -49.57
C GLN H 200 4.03 21.92 -50.40
N LYS H 201 3.00 22.41 -49.71
CA LYS H 201 1.68 22.58 -50.30
C LYS H 201 0.88 23.64 -49.52
N SER H 202 -0.14 24.19 -50.17
CA SER H 202 -1.10 25.05 -49.46
C SER H 202 -2.31 24.19 -49.14
N TYR H 203 -2.91 24.42 -47.96
CA TYR H 203 -4.04 23.58 -47.53
C TYR H 203 -5.32 24.38 -47.40
N LYS H 204 -5.42 25.38 -48.25
CA LYS H 204 -6.54 26.28 -48.30
C LYS H 204 -7.70 25.57 -49.00
N PHE H 205 -8.82 25.47 -48.30
CA PHE H 205 -9.98 24.75 -48.83
C PHE H 205 -10.76 25.65 -49.79
N PRO H 206 -11.31 25.06 -50.87
CA PRO H 206 -12.17 25.87 -51.73
C PRO H 206 -13.50 26.15 -51.02
N ARG H 207 -13.87 27.43 -50.90
CA ARG H 207 -15.07 27.84 -50.15
C ARG H 207 -16.31 27.03 -50.47
N GLY H 208 -17.00 26.57 -49.42
CA GLY H 208 -18.21 25.75 -49.55
C GLY H 208 -18.00 24.27 -49.25
N THR H 209 -16.75 23.92 -48.92
CA THR H 209 -16.35 22.53 -48.62
C THR H 209 -17.03 21.95 -47.37
N THR H 210 -17.49 22.84 -46.49
CA THR H 210 -18.04 22.43 -45.20
C THR H 210 -19.56 22.52 -45.18
N ALA H 211 -20.19 21.45 -44.68
CA ALA H 211 -21.65 21.39 -44.53
C ALA H 211 -22.10 22.22 -43.34
N VAL H 212 -23.13 23.04 -43.56
CA VAL H 212 -23.65 23.95 -42.54
C VAL H 212 -25.13 23.66 -42.31
N LEU H 213 -25.54 23.52 -41.04
CA LEU H 213 -26.94 23.20 -40.72
C LEU H 213 -27.87 24.42 -40.63
N LYS H 214 -27.61 25.32 -39.68
CA LYS H 214 -28.29 26.61 -39.63
C LYS H 214 -27.27 27.72 -39.44
N GLU H 215 -27.72 28.97 -39.47
CA GLU H 215 -26.81 30.12 -39.53
C GLU H 215 -27.54 31.39 -39.09
N SER H 216 -26.88 32.22 -38.28
CA SER H 216 -27.48 33.47 -37.79
C SER H 216 -26.44 34.49 -37.32
N ILE H 217 -26.79 35.77 -37.41
CA ILE H 217 -25.96 36.88 -36.95
C ILE H 217 -26.14 37.04 -35.44
N VAL H 218 -25.04 37.13 -34.70
CA VAL H 218 -25.08 37.22 -33.23
C VAL H 218 -25.29 38.65 -32.73
N ASN H 219 -26.23 38.82 -31.80
CA ASN H 219 -26.52 40.11 -31.19
C ASN H 219 -25.53 40.46 -30.08
N ILE H 220 -24.61 41.38 -30.38
CA ILE H 220 -23.51 41.77 -29.48
C ILE H 220 -23.90 42.93 -28.56
N CYS H 221 -24.72 43.84 -29.09
CA CYS H 221 -24.95 45.13 -28.46
C CYS H 221 -26.09 45.14 -27.43
N ASP H 222 -26.67 46.33 -27.25
CA ASP H 222 -27.76 46.58 -26.30
C ASP H 222 -28.59 47.80 -26.75
N SER I 1 -12.49 10.09 -13.27
CA SER I 1 -11.25 10.06 -12.44
C SER I 1 -10.31 11.24 -12.76
N ASP I 2 -9.94 11.40 -14.02
CA ASP I 2 -9.34 12.64 -14.51
C ASP I 2 -10.49 13.57 -14.90
N PRO I 3 -10.73 14.62 -14.10
CA PRO I 3 -11.89 15.50 -14.28
C PRO I 3 -11.99 16.18 -15.63
N SER I 4 -10.86 16.46 -16.27
CA SER I 4 -10.89 17.10 -17.58
C SER I 4 -11.19 16.10 -18.71
N SER I 5 -11.58 14.89 -18.32
CA SER I 5 -11.92 13.83 -19.27
C SER I 5 -13.25 13.12 -18.99
N ILE I 6 -14.06 13.68 -18.10
CA ILE I 6 -15.35 13.09 -17.78
C ILE I 6 -16.41 13.47 -18.82
N ASN I 7 -16.47 14.76 -19.15
CA ASN I 7 -17.49 15.28 -20.06
C ASN I 7 -17.01 15.51 -21.50
N GLY I 8 -15.68 15.58 -21.68
CA GLY I 8 -15.09 15.70 -23.01
C GLY I 8 -15.29 17.07 -23.63
N GLY I 9 -15.24 17.14 -24.95
CA GLY I 9 -15.40 18.41 -25.64
C GLY I 9 -14.08 19.11 -25.96
N ILE I 10 -14.11 19.94 -27.00
CA ILE I 10 -12.93 20.66 -27.51
C ILE I 10 -13.24 22.07 -27.99
N VAL I 11 -12.27 22.97 -27.84
CA VAL I 11 -12.37 24.34 -28.33
C VAL I 11 -11.10 24.72 -29.11
N VAL I 12 -11.28 25.47 -30.17
CA VAL I 12 -10.16 25.98 -30.97
C VAL I 12 -10.43 27.44 -31.38
N ALA I 13 -9.40 28.28 -31.30
CA ALA I 13 -9.49 29.66 -31.77
C ALA I 13 -8.41 29.94 -32.79
N MET I 14 -8.71 30.82 -33.74
CA MET I 14 -7.76 31.20 -34.79
C MET I 14 -7.84 32.68 -35.14
N THR I 15 -6.76 33.21 -35.74
CA THR I 15 -6.77 34.59 -36.25
C THR I 15 -6.62 34.66 -37.76
N GLY I 16 -7.35 35.60 -38.36
CA GLY I 16 -7.28 35.85 -39.81
C GLY I 16 -6.97 37.30 -40.06
N LYS I 17 -7.49 37.82 -41.17
CA LYS I 17 -7.27 39.22 -41.54
C LYS I 17 -8.46 40.05 -41.06
N ASP I 18 -8.20 40.95 -40.11
CA ASP I 18 -9.24 41.79 -39.45
C ASP I 18 -10.35 40.94 -38.82
N CYS I 19 -10.03 39.70 -38.50
CA CYS I 19 -11.02 38.80 -37.94
C CYS I 19 -10.38 37.70 -37.11
N VAL I 20 -11.18 37.14 -36.21
CA VAL I 20 -10.83 35.96 -35.44
C VAL I 20 -11.97 34.98 -35.51
N ALA I 21 -11.68 33.71 -35.24
CA ALA I 21 -12.70 32.67 -35.24
C ALA I 21 -12.58 31.84 -33.98
N ILE I 22 -13.68 31.23 -33.56
CA ILE I 22 -13.64 30.31 -32.43
C ILE I 22 -14.70 29.24 -32.57
N ALA I 23 -14.31 28.00 -32.26
CA ALA I 23 -15.18 26.85 -32.46
C ALA I 23 -15.15 25.88 -31.29
N CYS I 24 -16.29 25.22 -31.07
CA CYS I 24 -16.41 24.14 -30.08
C CYS I 24 -17.29 23.02 -30.64
N ASP I 25 -17.11 21.80 -30.13
CA ASP I 25 -18.02 20.70 -30.43
C ASP I 25 -19.23 20.85 -29.52
N LEU I 26 -20.19 19.93 -29.60
CA LEU I 26 -21.41 20.08 -28.81
C LEU I 26 -21.62 19.01 -27.73
N ARG I 27 -20.71 18.06 -27.63
CA ARG I 27 -20.90 16.91 -26.75
C ARG I 27 -20.78 17.22 -25.28
N LEU I 28 -21.73 16.69 -24.51
CA LEU I 28 -21.61 16.57 -23.06
C LEU I 28 -21.80 15.09 -22.79
N GLY I 29 -20.77 14.43 -22.30
CA GLY I 29 -20.86 13.03 -22.02
C GLY I 29 -20.72 12.74 -20.54
N SER I 30 -20.67 11.46 -20.22
CA SER I 30 -20.29 11.02 -18.90
C SER I 30 -19.63 9.68 -19.10
N GLN I 31 -18.30 9.71 -19.17
CA GLN I 31 -17.51 8.59 -19.66
C GLN I 31 -18.04 8.25 -21.04
N SER I 32 -18.37 6.98 -21.25
CA SER I 32 -18.85 6.46 -22.52
C SER I 32 -20.20 7.02 -22.95
N LEU I 33 -21.05 7.36 -21.97
CA LEU I 33 -22.45 7.71 -22.23
C LEU I 33 -22.59 9.14 -22.69
N GLY I 34 -23.19 9.34 -23.85
CA GLY I 34 -23.48 10.67 -24.36
C GLY I 34 -24.78 11.22 -23.80
N VAL I 35 -24.70 12.36 -23.11
CA VAL I 35 -25.83 12.95 -22.42
C VAL I 35 -26.50 14.06 -23.23
N SER I 36 -25.69 14.95 -23.82
CA SER I 36 -26.25 16.09 -24.54
C SER I 36 -25.59 16.46 -25.88
N ASN I 37 -26.44 16.84 -26.83
CA ASN I 37 -26.07 17.28 -28.16
C ASN I 37 -25.95 18.80 -28.26
N LYS I 38 -26.46 19.48 -27.24
CA LYS I 38 -26.69 20.90 -27.35
C LYS I 38 -25.80 21.73 -26.42
N PHE I 39 -24.80 21.09 -25.84
CA PHE I 39 -23.93 21.76 -24.87
C PHE I 39 -22.88 22.63 -25.56
N GLU I 40 -23.18 23.93 -25.67
CA GLU I 40 -22.23 24.86 -26.26
C GLU I 40 -21.19 25.25 -25.23
N LYS I 41 -19.98 25.49 -25.70
CA LYS I 41 -18.84 25.71 -24.83
C LYS I 41 -18.23 27.08 -25.09
N ILE I 42 -18.90 27.88 -25.92
CA ILE I 42 -18.48 29.24 -26.21
C ILE I 42 -19.51 30.23 -25.72
N PHE I 43 -19.04 31.23 -24.99
CA PHE I 43 -19.85 32.30 -24.42
C PHE I 43 -19.25 33.65 -24.79
N HIS I 44 -20.06 34.70 -24.81
CA HIS I 44 -19.53 36.04 -25.05
C HIS I 44 -19.98 37.03 -23.98
N TYR I 45 -19.14 38.02 -23.74
CA TYR I 45 -19.44 39.10 -22.82
C TYR I 45 -19.12 40.41 -23.55
N GLY I 46 -20.16 41.01 -24.11
CA GLY I 46 -19.97 42.10 -25.05
C GLY I 46 -19.42 41.54 -26.36
N HIS I 47 -18.31 42.10 -26.82
CA HIS I 47 -17.66 41.67 -28.07
C HIS I 47 -16.49 40.70 -27.81
N VAL I 48 -16.39 40.19 -26.58
CA VAL I 48 -15.31 39.30 -26.20
C VAL I 48 -15.86 37.89 -26.03
N PHE I 49 -15.23 36.93 -26.70
CA PHE I 49 -15.71 35.56 -26.74
C PHE I 49 -14.81 34.66 -25.94
N LEU I 50 -15.42 33.82 -25.12
CA LEU I 50 -14.70 32.85 -24.31
C LEU I 50 -15.24 31.45 -24.51
N GLY I 51 -14.38 30.54 -24.94
CA GLY I 51 -14.70 29.12 -24.98
C GLY I 51 -14.06 28.44 -23.79
N ILE I 52 -14.77 27.49 -23.19
CA ILE I 52 -14.22 26.72 -22.07
C ILE I 52 -14.49 25.22 -22.27
N THR I 53 -13.44 24.41 -22.20
CA THR I 53 -13.60 22.96 -22.14
C THR I 53 -13.11 22.46 -20.80
N GLY I 54 -13.53 21.26 -20.43
CA GLY I 54 -13.08 20.66 -19.19
C GLY I 54 -14.23 20.00 -18.48
N LEU I 55 -14.23 20.07 -17.16
CA LEU I 55 -15.35 19.61 -16.36
C LEU I 55 -16.53 20.56 -16.55
N ALA I 56 -17.70 19.99 -16.86
CA ALA I 56 -18.86 20.77 -17.30
C ALA I 56 -19.49 21.59 -16.19
N THR I 57 -19.43 21.10 -14.95
CA THR I 57 -19.96 21.88 -13.82
C THR I 57 -19.14 23.15 -13.64
N ASP I 58 -17.89 23.10 -14.07
CA ASP I 58 -16.98 24.24 -14.03
C ASP I 58 -17.10 25.14 -15.25
N VAL I 59 -17.23 24.56 -16.44
CA VAL I 59 -17.56 25.33 -17.65
C VAL I 59 -18.76 26.23 -17.38
N THR I 60 -19.79 25.66 -16.76
CA THR I 60 -20.97 26.40 -16.34
C THR I 60 -20.61 27.46 -15.30
N THR I 61 -20.07 27.06 -14.15
CA THR I 61 -19.77 28.01 -13.06
C THR I 61 -18.92 29.19 -13.53
N LEU I 62 -17.90 28.92 -14.32
CA LEU I 62 -17.05 29.97 -14.84
C LEU I 62 -17.79 30.93 -15.77
N ASN I 63 -18.63 30.41 -16.65
CA ASN I 63 -19.40 31.30 -17.50
C ASN I 63 -20.27 32.25 -16.69
N GLU I 64 -20.96 31.69 -15.69
CA GLU I 64 -21.76 32.46 -14.77
C GLU I 64 -20.89 33.47 -14.00
N MET I 65 -19.66 33.06 -13.65
CA MET I 65 -18.75 33.93 -12.92
C MET I 65 -18.26 35.13 -13.76
N PHE I 66 -17.89 34.88 -15.02
CA PHE I 66 -17.42 35.94 -15.89
C PHE I 66 -18.53 36.86 -16.40
N ARG I 67 -19.76 36.35 -16.49
CA ARG I 67 -20.90 37.20 -16.78
C ARG I 67 -20.96 38.24 -15.69
N TYR I 68 -21.13 37.76 -14.46
CA TYR I 68 -21.02 38.54 -13.21
C TYR I 68 -19.91 39.60 -13.26
N LYS I 69 -18.67 39.16 -13.44
CA LYS I 69 -17.51 40.05 -13.34
C LYS I 69 -17.42 41.10 -14.44
N THR I 70 -17.77 40.74 -15.67
CA THR I 70 -17.80 41.71 -16.76
C THR I 70 -18.98 42.68 -16.67
N ASN I 71 -20.09 42.21 -16.08
CA ASN I 71 -21.25 43.07 -15.84
C ASN I 71 -20.89 44.27 -14.97
N LEU I 72 -20.26 43.98 -13.83
CA LEU I 72 -19.84 45.01 -12.88
C LEU I 72 -18.71 45.87 -13.45
N TYR I 73 -17.93 45.28 -14.35
CA TYR I 73 -16.87 46.02 -15.04
C TYR I 73 -17.50 47.10 -15.90
N LYS I 74 -18.46 46.73 -16.74
CA LYS I 74 -19.14 47.66 -17.63
C LYS I 74 -19.83 48.79 -16.86
N LEU I 75 -20.42 48.46 -15.70
CA LEU I 75 -21.12 49.41 -14.86
C LEU I 75 -20.18 50.46 -14.25
N LYS I 76 -18.94 50.05 -13.98
CA LYS I 76 -17.95 50.93 -13.39
C LYS I 76 -17.19 51.71 -14.46
N GLU I 77 -16.70 51.00 -15.47
CA GLU I 77 -15.87 51.64 -16.47
C GLU I 77 -16.70 52.37 -17.53
N GLU I 78 -18.00 52.06 -17.59
CA GLU I 78 -18.91 52.61 -18.60
C GLU I 78 -18.52 52.26 -20.04
N ARG I 79 -17.72 51.20 -20.18
CA ARG I 79 -17.36 50.65 -21.49
C ARG I 79 -17.24 49.14 -21.35
N ALA I 80 -17.49 48.42 -22.44
CA ALA I 80 -17.39 46.97 -22.45
C ALA I 80 -15.92 46.57 -22.41
N ILE I 81 -15.64 45.47 -21.72
CA ILE I 81 -14.27 44.99 -21.49
C ILE I 81 -13.56 44.51 -22.78
N GLU I 82 -12.27 44.84 -22.91
CA GLU I 82 -11.46 44.42 -24.07
C GLU I 82 -10.88 43.02 -23.92
N PRO I 83 -10.51 42.36 -25.06
CA PRO I 83 -9.96 41.00 -25.03
C PRO I 83 -8.71 40.85 -24.16
N GLU I 84 -7.75 41.75 -24.31
CA GLU I 84 -6.49 41.71 -23.58
C GLU I 84 -6.70 41.84 -22.07
N THR I 85 -7.66 42.67 -21.69
CA THR I 85 -8.04 42.87 -20.28
C THR I 85 -8.75 41.63 -19.76
N PHE I 86 -9.72 41.15 -20.52
CA PHE I 86 -10.52 40.01 -20.09
C PHE I 86 -9.63 38.81 -19.85
N THR I 87 -8.63 38.66 -20.72
CA THR I 87 -7.64 37.59 -20.62
C THR I 87 -6.92 37.65 -19.29
N GLN I 88 -6.50 38.84 -18.91
CA GLN I 88 -5.88 39.07 -17.61
C GLN I 88 -6.84 38.76 -16.46
N LEU I 89 -8.12 39.04 -16.68
CA LEU I 89 -9.13 38.75 -15.68
C LEU I 89 -9.27 37.26 -15.47
N VAL I 90 -9.35 36.49 -16.57
CA VAL I 90 -9.46 35.02 -16.47
C VAL I 90 -8.26 34.41 -15.72
N SER I 91 -7.07 34.76 -16.20
CA SER I 91 -5.81 34.38 -15.59
C SER I 91 -5.77 34.59 -14.06
N SER I 92 -6.08 35.80 -13.62
CA SER I 92 -6.06 36.09 -12.19
C SER I 92 -7.19 35.39 -11.44
N SER I 93 -8.33 35.19 -12.10
CA SER I 93 -9.47 34.51 -11.49
C SER I 93 -9.18 33.04 -11.22
N LEU I 94 -8.52 32.40 -12.18
CA LEU I 94 -8.18 30.99 -12.12
C LEU I 94 -7.09 30.72 -11.08
N TYR I 95 -6.12 31.62 -10.99
CA TYR I 95 -5.02 31.44 -10.05
C TYR I 95 -5.48 31.66 -8.62
N GLU I 96 -6.58 32.36 -8.45
CA GLU I 96 -7.14 32.57 -7.13
C GLU I 96 -7.55 31.23 -6.52
N ARG I 97 -7.87 30.26 -7.37
CA ARG I 97 -8.19 28.93 -6.90
C ARG I 97 -7.00 27.98 -7.08
N ARG I 98 -5.79 28.49 -6.88
CA ARG I 98 -4.56 27.73 -7.18
C ARG I 98 -4.51 26.32 -6.58
N PHE I 99 -4.88 26.17 -5.30
CA PHE I 99 -4.82 24.85 -4.64
C PHE I 99 -6.19 24.19 -4.51
N GLY I 100 -7.04 24.41 -5.51
CA GLY I 100 -8.36 23.78 -5.58
C GLY I 100 -9.05 24.20 -6.86
N PRO I 101 -8.35 24.07 -8.00
CA PRO I 101 -8.68 24.83 -9.21
C PRO I 101 -9.89 24.31 -9.95
N TYR I 102 -10.35 25.12 -10.90
CA TYR I 102 -11.40 24.72 -11.82
C TYR I 102 -10.79 23.85 -12.90
N PHE I 103 -11.43 22.73 -13.21
CA PHE I 103 -10.88 21.75 -14.15
C PHE I 103 -11.31 22.10 -15.58
N VAL I 104 -10.67 23.13 -16.11
CA VAL I 104 -11.07 23.75 -17.37
C VAL I 104 -9.86 24.16 -18.18
N GLY I 105 -10.10 24.45 -19.45
CA GLY I 105 -9.09 24.97 -20.35
C GLY I 105 -9.72 26.05 -21.20
N PRO I 106 -9.71 27.31 -20.70
CA PRO I 106 -10.38 28.42 -21.37
C PRO I 106 -9.64 28.94 -22.60
N VAL I 107 -10.38 29.52 -23.53
CA VAL I 107 -9.82 30.11 -24.73
C VAL I 107 -10.56 31.42 -25.00
N VAL I 108 -9.81 32.51 -25.13
CA VAL I 108 -10.36 33.85 -25.32
C VAL I 108 -10.11 34.31 -26.75
N ALA I 109 -11.13 34.85 -27.38
CA ALA I 109 -11.02 35.37 -28.75
C ALA I 109 -11.84 36.64 -28.95
N GLY I 110 -11.31 37.58 -29.71
CA GLY I 110 -11.98 38.84 -29.96
C GLY I 110 -11.13 39.84 -30.71
N ILE I 111 -11.76 40.96 -31.07
CA ILE I 111 -11.06 42.03 -31.75
C ILE I 111 -11.15 43.29 -30.90
N ASN I 112 -10.00 43.84 -30.56
CA ASN I 112 -9.94 45.09 -29.82
C ASN I 112 -10.71 46.18 -30.56
N SER I 113 -11.65 46.82 -29.88
CA SER I 113 -12.53 47.81 -30.53
C SER I 113 -11.79 49.11 -30.82
N LYS I 114 -10.90 49.49 -29.91
CA LYS I 114 -10.03 50.66 -30.12
C LYS I 114 -9.00 50.38 -31.22
N SER I 115 -8.12 49.39 -30.99
CA SER I 115 -6.97 49.12 -31.86
C SER I 115 -7.34 48.42 -33.17
N GLY I 116 -8.46 47.71 -33.18
CA GLY I 116 -8.92 47.00 -34.37
C GLY I 116 -8.22 45.68 -34.66
N LYS I 117 -7.21 45.35 -33.84
CA LYS I 117 -6.38 44.18 -34.12
C LYS I 117 -6.98 42.92 -33.48
N PRO I 118 -6.85 41.77 -34.17
CA PRO I 118 -7.36 40.48 -33.70
C PRO I 118 -6.54 39.91 -32.57
N PHE I 119 -7.23 39.29 -31.62
CA PHE I 119 -6.57 38.77 -30.43
C PHE I 119 -7.17 37.45 -29.97
N ILE I 120 -6.30 36.48 -29.68
CA ILE I 120 -6.68 35.21 -29.09
C ILE I 120 -5.68 34.78 -28.02
N ALA I 121 -6.16 34.10 -27.00
CA ALA I 121 -5.28 33.52 -25.97
C ALA I 121 -5.89 32.29 -25.31
N GLY I 122 -5.07 31.54 -24.58
CA GLY I 122 -5.52 30.34 -23.88
C GLY I 122 -4.79 30.11 -22.57
N PHE I 123 -5.35 29.27 -21.71
CA PHE I 123 -4.82 29.10 -20.35
C PHE I 123 -4.71 27.63 -19.98
N ASP I 124 -3.87 27.33 -18.99
CA ASP I 124 -4.00 26.07 -18.27
C ASP I 124 -4.96 26.26 -17.08
N LEU I 125 -5.29 25.16 -16.39
CA LEU I 125 -6.32 25.14 -15.33
C LEU I 125 -6.11 26.12 -14.18
N ILE I 126 -4.85 26.48 -13.92
CA ILE I 126 -4.51 27.45 -12.87
C ILE I 126 -4.17 28.86 -13.40
N GLY I 127 -4.33 29.07 -14.71
CA GLY I 127 -4.35 30.42 -15.28
C GLY I 127 -3.10 30.94 -15.99
N CYS I 128 -2.20 30.05 -16.38
CA CYS I 128 -1.03 30.46 -17.12
C CYS I 128 -1.42 30.87 -18.53
N ILE I 129 -1.15 32.12 -18.89
CA ILE I 129 -1.49 32.65 -20.21
C ILE I 129 -0.58 32.08 -21.29
N ASP I 130 -1.20 31.55 -22.34
CA ASP I 130 -0.53 31.15 -23.56
C ASP I 130 -1.00 32.13 -24.63
N GLU I 131 -0.09 32.96 -25.11
CA GLU I 131 -0.49 33.92 -26.12
C GLU I 131 0.18 33.71 -27.45
N ALA I 132 -0.44 32.87 -28.28
CA ALA I 132 -0.01 32.70 -29.64
C ALA I 132 -0.76 33.70 -30.54
N LYS I 133 -0.15 34.01 -31.68
CA LYS I 133 -0.78 34.88 -32.66
C LYS I 133 -1.63 34.06 -33.67
N ASP I 134 -1.40 32.74 -33.73
CA ASP I 134 -2.03 31.87 -34.73
C ASP I 134 -3.29 31.13 -34.24
N PHE I 135 -3.11 30.10 -33.42
CA PHE I 135 -4.23 29.32 -32.92
C PHE I 135 -4.07 28.84 -31.47
N ILE I 136 -5.21 28.61 -30.82
CA ILE I 136 -5.26 28.10 -29.47
C ILE I 136 -6.20 26.90 -29.45
N VAL I 137 -5.73 25.78 -28.88
CA VAL I 137 -6.55 24.57 -28.79
C VAL I 137 -6.70 24.09 -27.36
N SER I 138 -7.79 23.39 -27.10
CA SER I 138 -8.13 22.95 -25.76
C SER I 138 -9.08 21.76 -25.81
N GLY I 139 -9.02 20.92 -24.78
CA GLY I 139 -9.96 19.81 -24.69
C GLY I 139 -9.34 18.45 -24.81
N THR I 140 -10.19 17.43 -24.93
CA THR I 140 -9.76 16.04 -24.97
C THR I 140 -9.00 15.72 -26.27
N ALA I 141 -9.53 16.18 -27.40
CA ALA I 141 -8.85 16.06 -28.69
C ALA I 141 -7.90 17.24 -29.01
N SER I 142 -7.12 17.66 -28.02
CA SER I 142 -6.21 18.80 -28.21
C SER I 142 -4.98 18.44 -29.03
N ASP I 143 -4.43 17.25 -28.76
CA ASP I 143 -3.35 16.70 -29.58
C ASP I 143 -3.71 16.68 -31.05
N GLN I 144 -4.88 16.12 -31.37
CA GLN I 144 -5.36 16.03 -32.74
C GLN I 144 -5.59 17.43 -33.31
N LEU I 145 -6.10 18.33 -32.48
CA LEU I 145 -6.26 19.72 -32.87
C LEU I 145 -4.91 20.40 -33.15
N PHE I 146 -3.92 20.14 -32.29
CA PHE I 146 -2.59 20.69 -32.49
C PHE I 146 -2.00 20.30 -33.84
N GLY I 147 -2.32 19.10 -34.29
CA GLY I 147 -1.79 18.57 -35.53
C GLY I 147 -2.53 19.13 -36.72
N MET I 148 -3.86 19.18 -36.62
CA MET I 148 -4.71 19.69 -37.69
C MET I 148 -4.35 21.13 -37.97
N CYS I 149 -4.27 21.93 -36.92
CA CYS I 149 -3.94 23.35 -37.00
C CYS I 149 -2.57 23.58 -37.62
N GLU I 150 -1.54 22.93 -37.08
CA GLU I 150 -0.18 23.14 -37.55
C GLU I 150 -0.07 22.96 -39.07
N SER I 151 -0.79 21.98 -39.60
CA SER I 151 -0.77 21.70 -41.03
C SER I 151 -1.63 22.69 -41.81
N LEU I 152 -2.89 22.84 -41.40
CA LEU I 152 -3.88 23.60 -42.15
C LEU I 152 -3.71 25.12 -42.12
N TYR I 153 -3.35 25.65 -40.96
CA TYR I 153 -3.30 27.10 -40.75
C TYR I 153 -2.30 27.83 -41.63
N GLU I 154 -2.71 28.98 -42.15
CA GLU I 154 -1.80 29.94 -42.77
C GLU I 154 -2.25 31.37 -42.40
N PRO I 155 -1.29 32.30 -42.20
CA PRO I 155 -1.63 33.63 -41.68
C PRO I 155 -2.53 34.44 -42.62
N ASN I 156 -3.27 35.39 -42.06
CA ASN I 156 -4.07 36.37 -42.83
C ASN I 156 -5.11 35.78 -43.75
N LEU I 157 -5.86 34.81 -43.27
CA LEU I 157 -6.97 34.29 -44.04
C LEU I 157 -8.15 35.25 -43.95
N GLU I 158 -8.87 35.38 -45.06
CA GLU I 158 -10.11 36.13 -45.07
C GLU I 158 -11.19 35.38 -44.28
N PRO I 159 -12.26 36.07 -43.84
CA PRO I 159 -13.22 35.44 -42.94
C PRO I 159 -13.94 34.20 -43.50
N GLU I 160 -13.97 34.06 -44.83
CA GLU I 160 -14.66 32.94 -45.49
C GLU I 160 -13.74 31.73 -45.65
N ASP I 161 -12.46 32.02 -45.85
CA ASP I 161 -11.43 31.00 -45.93
C ASP I 161 -11.08 30.51 -44.53
N LEU I 162 -10.86 31.43 -43.59
CA LEU I 162 -10.60 31.09 -42.18
C LEU I 162 -11.70 30.21 -41.60
N PHE I 163 -12.94 30.43 -42.04
CA PHE I 163 -14.05 29.58 -41.65
C PHE I 163 -13.80 28.13 -42.08
N GLU I 164 -13.42 27.95 -43.34
CA GLU I 164 -13.18 26.61 -43.89
C GLU I 164 -12.05 25.93 -43.16
N THR I 165 -10.98 26.67 -42.92
CA THR I 165 -9.82 26.15 -42.22
C THR I 165 -10.18 25.68 -40.82
N ILE I 166 -10.75 26.57 -40.01
CA ILE I 166 -11.08 26.23 -38.62
C ILE I 166 -12.11 25.10 -38.52
N SER I 167 -13.07 25.09 -39.44
CA SER I 167 -14.13 24.08 -39.45
C SER I 167 -13.60 22.68 -39.67
N GLN I 168 -12.58 22.59 -40.52
CA GLN I 168 -12.00 21.31 -40.89
C GLN I 168 -11.03 20.84 -39.83
N ALA I 169 -10.40 21.79 -39.15
CA ALA I 169 -9.47 21.49 -38.06
C ALA I 169 -10.21 20.87 -36.88
N LEU I 170 -11.37 21.45 -36.55
CA LEU I 170 -12.23 20.95 -35.49
C LEU I 170 -12.83 19.60 -35.83
N LEU I 171 -13.53 19.54 -36.97
CA LEU I 171 -14.23 18.33 -37.44
C LEU I 171 -13.36 17.08 -37.46
N ASN I 172 -12.21 17.15 -38.12
CA ASN I 172 -11.36 15.97 -38.29
C ASN I 172 -10.64 15.50 -37.05
N ALA I 173 -10.43 16.41 -36.10
CA ALA I 173 -9.84 16.08 -34.81
C ALA I 173 -10.88 15.48 -33.88
N ALA I 174 -12.10 16.00 -33.96
CA ALA I 174 -13.24 15.49 -33.18
C ALA I 174 -13.67 14.09 -33.58
N ASP I 175 -13.24 13.68 -34.79
CA ASP I 175 -13.60 12.39 -35.32
C ASP I 175 -12.57 11.34 -34.99
N ARG I 176 -11.49 11.77 -34.34
CA ARG I 176 -10.47 10.87 -33.82
C ARG I 176 -10.46 10.83 -32.29
N ASP I 177 -11.25 11.69 -31.65
CA ASP I 177 -11.45 11.60 -30.22
C ASP I 177 -12.81 11.03 -29.92
N ALA I 178 -12.85 10.08 -28.98
CA ALA I 178 -14.07 9.38 -28.66
C ALA I 178 -15.02 10.22 -27.81
N LEU I 179 -14.46 11.19 -27.08
CA LEU I 179 -15.24 11.99 -26.15
C LEU I 179 -15.70 13.35 -26.70
N SER I 180 -15.33 13.66 -27.94
CA SER I 180 -15.75 14.90 -28.62
C SER I 180 -16.68 14.61 -29.81
N GLY I 181 -17.28 15.67 -30.36
CA GLY I 181 -18.18 15.56 -31.51
C GLY I 181 -19.63 15.86 -31.20
N TRP I 182 -20.53 15.13 -31.86
CA TRP I 182 -21.99 15.28 -31.68
C TRP I 182 -22.54 16.64 -32.10
N GLY I 183 -21.89 17.27 -33.08
CA GLY I 183 -22.27 18.60 -33.51
C GLY I 183 -21.13 19.55 -33.21
N ALA I 184 -21.21 20.75 -33.76
CA ALA I 184 -20.14 21.73 -33.59
C ALA I 184 -20.65 23.10 -34.02
N VAL I 185 -20.09 24.13 -33.40
CA VAL I 185 -20.49 25.50 -33.68
C VAL I 185 -19.25 26.36 -33.95
N VAL I 186 -19.38 27.28 -34.92
CA VAL I 186 -18.28 28.14 -35.33
C VAL I 186 -18.76 29.59 -35.30
N TYR I 187 -17.95 30.47 -34.70
CA TYR I 187 -18.21 31.90 -34.71
C TYR I 187 -17.17 32.59 -35.58
N ILE I 188 -17.63 33.38 -36.55
CA ILE I 188 -16.74 34.23 -37.34
C ILE I 188 -16.91 35.68 -36.90
N ILE I 189 -15.84 36.18 -36.27
CA ILE I 189 -15.89 37.45 -35.58
C ILE I 189 -15.14 38.53 -36.35
N LYS I 190 -15.86 39.60 -36.69
CA LYS I 190 -15.27 40.81 -37.32
C LYS I 190 -15.55 42.05 -36.45
N LYS I 191 -14.88 43.16 -36.76
CA LYS I 191 -15.03 44.45 -36.03
C LYS I 191 -16.49 44.84 -35.83
N ASP I 192 -17.28 44.64 -36.88
CA ASP I 192 -18.64 45.14 -36.99
C ASP I 192 -19.70 44.07 -36.73
N GLU I 193 -19.52 42.88 -37.29
CA GLU I 193 -20.50 41.78 -37.19
C GLU I 193 -19.93 40.39 -36.87
N VAL I 194 -20.81 39.51 -36.38
CA VAL I 194 -20.44 38.16 -35.92
C VAL I 194 -21.42 37.11 -36.43
N VAL I 195 -20.89 36.12 -37.16
CA VAL I 195 -21.71 35.07 -37.78
C VAL I 195 -21.53 33.74 -37.03
N LYS I 196 -22.64 33.06 -36.76
CA LYS I 196 -22.62 31.79 -36.03
C LYS I 196 -23.18 30.66 -36.89
N ARG I 197 -22.32 29.70 -37.25
CA ARG I 197 -22.73 28.60 -38.11
C ARG I 197 -22.62 27.24 -37.41
N TYR I 198 -23.71 26.48 -37.45
CA TYR I 198 -23.74 25.12 -36.93
C TYR I 198 -23.30 24.16 -38.04
N LEU I 199 -22.49 23.17 -37.68
CA LEU I 199 -21.92 22.26 -38.68
C LEU I 199 -22.58 20.89 -38.66
N LYS I 200 -22.59 20.25 -39.83
CA LYS I 200 -23.07 18.87 -39.99
C LYS I 200 -21.90 17.90 -39.91
N MET I 201 -21.95 16.99 -38.95
CA MET I 201 -20.87 16.04 -38.70
C MET I 201 -21.42 14.71 -38.23
N ARG I 202 -20.56 13.69 -38.20
CA ARG I 202 -20.96 12.37 -37.71
C ARG I 202 -21.64 12.48 -36.36
N GLN I 203 -22.63 11.62 -36.11
CA GLN I 203 -23.25 11.57 -34.78
C GLN I 203 -22.96 10.27 -34.03
N ASP I 204 -21.69 9.83 -34.05
CA ASP I 204 -21.30 8.56 -33.43
C ASP I 204 -20.12 8.67 -32.43
N MET J 1 -27.56 1.25 -8.59
CA MET J 1 -28.31 2.48 -8.17
C MET J 1 -29.84 2.37 -8.47
N ASP J 2 -30.60 3.21 -7.73
CA ASP J 2 -31.98 3.63 -8.06
C ASP J 2 -32.27 4.04 -9.51
N ILE J 3 -33.52 3.89 -9.94
CA ILE J 3 -33.94 4.35 -11.27
C ILE J 3 -34.69 5.69 -11.22
N ILE J 4 -34.17 6.66 -11.96
CA ILE J 4 -34.73 8.00 -12.04
C ILE J 4 -34.85 8.35 -13.52
N LEU J 5 -36.09 8.46 -13.98
CA LEU J 5 -36.38 8.73 -15.38
C LEU J 5 -37.27 9.94 -15.52
N GLY J 6 -37.16 10.61 -16.66
CA GLY J 6 -37.97 11.78 -16.97
C GLY J 6 -38.13 11.97 -18.46
N ILE J 7 -39.33 12.36 -18.88
CA ILE J 7 -39.62 12.61 -20.30
C ILE J 7 -40.56 13.82 -20.46
N ARG J 8 -40.11 14.79 -21.27
CA ARG J 8 -40.86 16.00 -21.56
C ARG J 8 -41.61 15.78 -22.86
N VAL J 9 -42.93 15.65 -22.75
CA VAL J 9 -43.78 15.52 -23.93
C VAL J 9 -44.11 16.90 -24.50
N GLN J 10 -45.38 17.22 -24.68
CA GLN J 10 -45.71 18.50 -25.28
C GLN J 10 -46.50 19.40 -24.34
N ASP J 11 -47.45 18.80 -23.63
CA ASP J 11 -48.27 19.51 -22.68
C ASP J 11 -47.69 19.45 -21.28
N SER J 12 -46.77 18.51 -21.05
CA SER J 12 -46.36 18.18 -19.69
C SER J 12 -45.01 17.48 -19.60
N VAL J 13 -44.63 17.18 -18.37
CA VAL J 13 -43.41 16.43 -18.04
C VAL J 13 -43.79 15.20 -17.23
N ILE J 14 -43.21 14.06 -17.57
CA ILE J 14 -43.52 12.81 -16.90
C ILE J 14 -42.30 12.31 -16.17
N LEU J 15 -42.48 11.99 -14.89
CA LEU J 15 -41.37 11.50 -14.08
C LEU J 15 -41.62 10.10 -13.52
N ALA J 16 -40.75 9.16 -13.88
CA ALA J 16 -40.79 7.81 -13.32
C ALA J 16 -39.62 7.57 -12.36
N SER J 17 -39.93 6.96 -11.22
CA SER J 17 -38.97 6.82 -10.13
C SER J 17 -39.17 5.49 -9.47
N SER J 18 -38.10 4.70 -9.34
CA SER J 18 -38.20 3.35 -8.79
C SER J 18 -38.74 3.39 -7.36
N LYS J 19 -39.40 2.32 -6.95
CA LYS J 19 -40.05 2.27 -5.63
C LYS J 19 -39.21 1.58 -4.56
N ALA J 20 -38.13 0.91 -4.93
CA ALA J 20 -37.39 0.09 -3.98
C ALA J 20 -36.41 0.87 -3.09
N VAL J 21 -36.22 0.40 -1.86
CA VAL J 21 -35.15 0.91 -0.98
C VAL J 21 -34.35 -0.26 -0.47
N THR J 22 -33.19 -0.49 -1.09
CA THR J 22 -32.35 -1.61 -0.74
C THR J 22 -31.21 -1.13 0.13
N ARG J 23 -31.06 -1.73 1.31
CA ARG J 23 -29.88 -1.52 2.11
C ARG J 23 -29.16 -2.85 2.31
N GLY J 24 -28.01 -2.98 1.66
CA GLY J 24 -27.18 -4.17 1.74
C GLY J 24 -27.86 -5.37 1.09
N ILE J 25 -28.23 -6.32 1.92
CA ILE J 25 -28.77 -7.61 1.48
C ILE J 25 -30.30 -7.63 1.38
N SER J 26 -30.97 -6.73 2.10
CA SER J 26 -32.43 -6.68 2.13
C SER J 26 -33.06 -5.49 1.42
N VAL J 27 -34.20 -5.74 0.77
CA VAL J 27 -35.08 -4.68 0.29
C VAL J 27 -35.99 -4.29 1.43
N LEU J 28 -35.80 -3.08 1.95
CA LEU J 28 -36.46 -2.61 3.16
C LEU J 28 -37.81 -1.95 2.93
N LYS J 29 -38.16 -1.70 1.67
CA LYS J 29 -39.41 -1.04 1.33
C LYS J 29 -39.58 -1.03 -0.17
N ASP J 30 -40.79 -1.32 -0.65
CA ASP J 30 -41.07 -1.38 -2.08
C ASP J 30 -42.15 -0.39 -2.54
N SER J 31 -42.27 0.71 -1.80
CA SER J 31 -43.31 1.71 -2.05
C SER J 31 -42.76 3.11 -1.79
N ASP J 32 -41.52 3.35 -2.21
CA ASP J 32 -40.81 4.56 -1.88
C ASP J 32 -40.98 5.62 -2.95
N ASP J 33 -41.29 6.83 -2.50
CA ASP J 33 -41.53 7.93 -3.40
C ASP J 33 -40.31 8.84 -3.47
N LYS J 34 -39.49 8.64 -4.49
CA LYS J 34 -38.24 9.37 -4.65
C LYS J 34 -38.49 10.73 -5.29
N THR J 35 -39.42 11.50 -4.70
CA THR J 35 -39.78 12.82 -5.22
C THR J 35 -40.13 13.88 -4.15
N ARG J 36 -40.00 15.16 -4.51
CA ARG J 36 -40.50 16.26 -3.72
C ARG J 36 -41.11 17.30 -4.63
N GLN J 37 -42.27 17.82 -4.22
CA GLN J 37 -42.89 18.94 -4.90
C GLN J 37 -42.27 20.22 -4.33
N LEU J 38 -41.67 21.01 -5.23
CA LEU J 38 -40.97 22.22 -4.83
C LEU J 38 -41.90 23.44 -4.83
N SER J 39 -42.76 23.52 -5.85
CA SER J 39 -43.83 24.49 -5.89
C SER J 39 -44.96 23.82 -6.67
N PRO J 40 -46.20 24.34 -6.59
CA PRO J 40 -47.35 23.83 -7.34
C PRO J 40 -47.07 23.26 -8.74
N HIS J 41 -46.14 23.85 -9.48
CA HIS J 41 -45.86 23.45 -10.87
C HIS J 41 -44.43 22.95 -11.13
N THR J 42 -43.67 22.67 -10.06
CA THR J 42 -42.30 22.19 -10.22
C THR J 42 -42.01 20.99 -9.31
N LEU J 43 -41.53 19.92 -9.95
CA LEU J 43 -41.31 18.64 -9.28
C LEU J 43 -39.87 18.19 -9.46
N MET J 44 -39.30 17.63 -8.40
CA MET J 44 -37.93 17.13 -8.41
C MET J 44 -37.85 15.67 -7.93
N SER J 45 -37.18 14.82 -8.72
CA SER J 45 -36.84 13.48 -8.30
C SER J 45 -35.34 13.36 -8.12
N PHE J 46 -34.91 12.35 -7.37
CA PHE J 46 -33.53 12.26 -6.88
C PHE J 46 -33.10 10.84 -6.54
N ALA J 47 -31.86 10.51 -6.89
CA ALA J 47 -31.25 9.23 -6.49
C ALA J 47 -29.80 9.42 -6.11
N GLY J 48 -29.36 8.72 -5.07
CA GLY J 48 -27.95 8.77 -4.68
C GLY J 48 -27.64 8.16 -3.34
N GLU J 49 -26.50 8.57 -2.78
CA GLU J 49 -26.01 8.13 -1.47
C GLU J 49 -27.09 8.21 -0.38
N ALA J 50 -27.07 7.25 0.54
CA ALA J 50 -28.11 7.04 1.55
C ALA J 50 -28.83 8.26 2.13
N GLY J 51 -28.26 8.89 3.15
CA GLY J 51 -28.94 10.00 3.82
C GLY J 51 -29.09 11.24 2.95
N ASP J 52 -28.00 11.58 2.26
CA ASP J 52 -27.88 12.78 1.41
C ASP J 52 -29.06 13.00 0.47
N THR J 53 -29.63 11.91 0.00
CA THR J 53 -30.59 11.95 -1.08
C THR J 53 -31.81 12.76 -0.67
N VAL J 54 -32.38 12.42 0.49
CA VAL J 54 -33.56 13.11 1.01
C VAL J 54 -33.20 14.47 1.61
N GLN J 55 -32.21 14.50 2.52
CA GLN J 55 -31.77 15.73 3.19
C GLN J 55 -31.54 16.90 2.25
N PHE J 56 -31.06 16.61 1.05
CA PHE J 56 -30.86 17.64 0.04
C PHE J 56 -32.18 18.03 -0.57
N ALA J 57 -32.97 17.04 -0.97
CA ALA J 57 -34.27 17.28 -1.60
C ALA J 57 -35.18 18.15 -0.73
N GLU J 58 -35.26 17.81 0.56
CA GLU J 58 -36.10 18.54 1.49
C GLU J 58 -35.58 19.96 1.69
N TYR J 59 -34.26 20.11 1.72
CA TYR J 59 -33.61 21.40 1.86
C TYR J 59 -34.00 22.34 0.72
N ILE J 60 -33.83 21.87 -0.52
CA ILE J 60 -34.21 22.63 -1.71
C ILE J 60 -35.69 22.98 -1.67
N GLN J 61 -36.51 22.04 -1.23
CA GLN J 61 -37.95 22.25 -1.13
C GLN J 61 -38.29 23.43 -0.25
N ALA J 62 -37.75 23.42 0.98
CA ALA J 62 -37.98 24.49 1.95
C ALA J 62 -37.53 25.85 1.42
N ASN J 63 -36.38 25.88 0.76
CA ASN J 63 -35.87 27.10 0.16
C ASN J 63 -36.74 27.71 -0.94
N ILE J 64 -37.39 26.88 -1.75
CA ILE J 64 -38.30 27.41 -2.76
C ILE J 64 -39.63 27.83 -2.11
N GLN J 65 -40.09 27.03 -1.14
CA GLN J 65 -41.29 27.39 -0.39
C GLN J 65 -41.13 28.75 0.30
N LEU J 66 -39.95 28.99 0.88
CA LEU J 66 -39.64 30.29 1.48
C LEU J 66 -39.68 31.42 0.45
N TYR J 67 -39.07 31.18 -0.72
CA TYR J 67 -39.02 32.17 -1.78
C TYR J 67 -40.42 32.54 -2.27
N SER J 68 -41.28 31.52 -2.39
CA SER J 68 -42.65 31.70 -2.85
C SER J 68 -43.43 32.59 -1.89
N ILE J 69 -43.29 32.34 -0.60
CA ILE J 69 -43.99 33.12 0.43
C ILE J 69 -43.42 34.55 0.51
N ARG J 70 -42.12 34.70 0.34
CA ARG J 70 -41.50 36.01 0.38
C ARG J 70 -41.93 36.89 -0.78
N GLU J 71 -42.10 36.30 -1.95
CA GLU J 71 -42.43 37.07 -3.13
C GLU J 71 -43.88 36.94 -3.60
N ASP J 72 -44.70 36.21 -2.83
CA ASP J 72 -46.00 35.71 -3.31
C ASP J 72 -45.96 35.43 -4.81
N TYR J 73 -45.06 34.54 -5.20
CA TYR J 73 -44.76 34.26 -6.59
C TYR J 73 -44.05 32.91 -6.70
N GLU J 74 -44.38 32.14 -7.73
CA GLU J 74 -43.69 30.88 -8.01
C GLU J 74 -42.64 31.09 -9.09
N LEU J 75 -41.38 30.82 -8.75
CA LEU J 75 -40.26 30.91 -9.69
C LEU J 75 -40.51 30.08 -10.92
N SER J 76 -39.91 30.46 -12.04
CA SER J 76 -39.95 29.61 -13.24
C SER J 76 -39.08 28.36 -13.02
N PRO J 77 -39.46 27.23 -13.67
CA PRO J 77 -38.63 26.03 -13.57
C PRO J 77 -37.16 26.31 -13.94
N GLN J 78 -36.95 27.14 -14.97
CA GLN J 78 -35.59 27.51 -15.37
C GLN J 78 -34.81 28.10 -14.21
N ALA J 79 -35.46 28.92 -13.40
CA ALA J 79 -34.81 29.54 -12.25
C ALA J 79 -34.59 28.56 -11.10
N VAL J 80 -35.51 27.61 -10.92
CA VAL J 80 -35.38 26.63 -9.83
C VAL J 80 -34.16 25.73 -10.03
N SER J 81 -33.96 25.24 -11.25
CA SER J 81 -32.83 24.38 -11.56
C SER J 81 -31.51 25.13 -11.47
N SER J 82 -31.49 26.39 -11.92
CA SER J 82 -30.33 27.25 -11.77
C SER J 82 -29.94 27.39 -10.30
N PHE J 83 -30.94 27.47 -9.44
CA PHE J 83 -30.71 27.53 -8.01
C PHE J 83 -30.15 26.21 -7.54
N VAL J 84 -30.79 25.11 -7.96
CA VAL J 84 -30.37 23.76 -7.58
C VAL J 84 -28.93 23.48 -8.04
N ARG J 85 -28.63 23.79 -9.30
CA ARG J 85 -27.30 23.59 -9.84
C ARG J 85 -26.24 24.28 -8.99
N GLN J 86 -26.48 25.55 -8.65
CA GLN J 86 -25.56 26.29 -7.80
C GLN J 86 -25.34 25.59 -6.47
N GLU J 87 -26.41 25.11 -5.84
CA GLU J 87 -26.29 24.40 -4.56
C GLU J 87 -25.38 23.20 -4.67
N LEU J 88 -25.52 22.46 -5.77
CA LEU J 88 -24.70 21.28 -5.98
C LEU J 88 -23.28 21.66 -6.34
N ALA J 89 -23.12 22.60 -7.26
CA ALA J 89 -21.80 23.12 -7.62
C ALA J 89 -21.01 23.63 -6.39
N LYS J 90 -21.72 24.23 -5.43
CA LYS J 90 -21.13 24.61 -4.13
C LYS J 90 -20.75 23.39 -3.32
N SER J 91 -21.61 22.39 -3.35
CA SER J 91 -21.51 21.19 -2.54
C SER J 91 -20.28 20.36 -2.88
N ILE J 92 -19.89 20.34 -4.15
CA ILE J 92 -18.79 19.49 -4.59
C ILE J 92 -17.42 19.87 -4.02
N ARG J 93 -17.20 21.15 -3.74
CA ARG J 93 -15.92 21.62 -3.21
C ARG J 93 -15.93 21.75 -1.68
N SER J 94 -17.06 21.40 -1.07
CA SER J 94 -17.18 21.42 0.39
C SER J 94 -16.46 20.23 1.01
N ARG J 95 -16.46 20.18 2.35
CA ARG J 95 -15.74 19.14 3.08
C ARG J 95 -16.34 17.78 2.81
N ARG J 96 -17.67 17.71 2.79
CA ARG J 96 -18.37 16.48 2.42
C ARG J 96 -19.53 16.78 1.47
N PRO J 97 -19.35 16.44 0.17
CA PRO J 97 -20.37 16.79 -0.82
C PRO J 97 -21.65 15.96 -0.69
N TYR J 98 -22.78 16.58 -1.04
CA TYR J 98 -24.02 15.85 -1.26
C TYR J 98 -23.84 15.03 -2.50
N GLN J 99 -24.01 13.71 -2.36
CA GLN J 99 -23.96 12.82 -3.51
C GLN J 99 -25.36 12.51 -4.03
N VAL J 100 -25.95 13.47 -4.73
CA VAL J 100 -27.32 13.37 -5.18
C VAL J 100 -27.46 13.81 -6.63
N ASN J 101 -28.03 12.93 -7.46
CA ASN J 101 -28.38 13.29 -8.83
C ASN J 101 -29.87 13.54 -8.88
N VAL J 102 -30.29 14.61 -9.55
CA VAL J 102 -31.71 14.96 -9.56
C VAL J 102 -32.25 15.19 -10.96
N LEU J 103 -33.55 14.98 -11.10
CA LEU J 103 -34.29 15.44 -12.26
C LEU J 103 -35.27 16.50 -11.82
N ILE J 104 -35.36 17.60 -12.56
CA ILE J 104 -36.33 18.65 -12.26
C ILE J 104 -37.25 18.83 -13.44
N GLY J 105 -38.51 18.45 -13.21
CA GLY J 105 -39.56 18.59 -14.22
C GLY J 105 -40.55 19.64 -13.79
N GLY J 106 -40.77 20.62 -14.65
CA GLY J 106 -41.67 21.73 -14.33
C GLY J 106 -42.49 22.21 -15.51
N TYR J 107 -43.59 22.89 -15.21
CA TYR J 107 -44.40 23.57 -16.21
C TYR J 107 -44.28 25.07 -16.05
N ASP J 108 -43.72 25.72 -17.05
CA ASP J 108 -43.55 27.18 -17.03
C ASP J 108 -44.84 27.85 -17.47
N LYS J 109 -45.34 28.73 -16.61
CA LYS J 109 -46.61 29.40 -16.84
C LYS J 109 -46.51 30.60 -17.80
N LYS J 110 -45.40 31.35 -17.73
CA LYS J 110 -45.18 32.42 -18.70
C LYS J 110 -45.20 31.84 -20.12
N LYS J 111 -44.24 30.97 -20.43
CA LYS J 111 -44.04 30.47 -21.79
C LYS J 111 -45.07 29.41 -22.18
N ASN J 112 -45.78 28.88 -21.18
CA ASN J 112 -46.76 27.78 -21.33
C ASN J 112 -46.16 26.52 -21.94
N LYS J 113 -44.96 26.19 -21.48
CA LYS J 113 -44.18 25.08 -22.03
C LYS J 113 -43.62 24.21 -20.90
N PRO J 114 -43.71 22.87 -21.05
CA PRO J 114 -43.09 22.03 -20.04
C PRO J 114 -41.58 22.00 -20.24
N GLU J 115 -40.84 21.73 -19.16
CA GLU J 115 -39.39 21.74 -19.19
C GLU J 115 -38.79 20.66 -18.29
N LEU J 116 -37.79 19.95 -18.81
CA LEU J 116 -37.11 18.93 -18.04
C LEU J 116 -35.61 19.22 -17.93
N TYR J 117 -35.14 19.30 -16.69
CA TYR J 117 -33.73 19.58 -16.39
C TYR J 117 -33.07 18.41 -15.66
N GLN J 118 -31.89 18.03 -16.13
CA GLN J 118 -31.12 16.95 -15.52
C GLN J 118 -29.86 17.53 -14.91
N ILE J 119 -29.70 17.34 -13.60
CA ILE J 119 -28.52 17.80 -12.88
C ILE J 119 -27.93 16.66 -12.09
N ASP J 120 -26.64 16.40 -12.24
CA ASP J 120 -25.96 15.37 -11.46
C ASP J 120 -25.34 16.00 -10.22
N TYR J 121 -24.80 15.17 -9.33
CA TYR J 121 -24.23 15.65 -8.06
C TYR J 121 -23.08 16.65 -8.20
N LEU J 122 -22.48 16.72 -9.39
CA LEU J 122 -21.35 17.62 -9.63
C LEU J 122 -21.78 19.06 -9.88
N GLY J 123 -23.03 19.23 -10.28
CA GLY J 123 -23.54 20.52 -10.73
C GLY J 123 -23.50 20.62 -12.25
N THR J 124 -23.74 19.50 -12.92
CA THR J 124 -23.78 19.47 -14.38
C THR J 124 -25.23 19.51 -14.77
N LYS J 125 -25.70 20.68 -15.20
CA LYS J 125 -27.08 20.81 -15.66
C LYS J 125 -27.16 20.80 -17.18
N VAL J 126 -28.20 20.15 -17.71
CA VAL J 126 -28.63 20.34 -19.10
C VAL J 126 -30.15 20.17 -19.25
N GLU J 127 -30.75 20.95 -20.17
CA GLU J 127 -32.19 20.82 -20.50
C GLU J 127 -32.34 19.80 -21.61
N LEU J 128 -33.30 18.89 -21.45
CA LEU J 128 -33.43 17.73 -22.33
C LEU J 128 -34.89 17.44 -22.71
N PRO J 129 -35.10 16.66 -23.79
CA PRO J 129 -36.42 16.11 -24.04
C PRO J 129 -36.71 14.97 -23.08
N TYR J 130 -35.71 14.12 -22.85
CA TYR J 130 -35.81 13.03 -21.90
C TYR J 130 -34.45 12.84 -21.23
N GLY J 131 -34.48 12.40 -19.97
CA GLY J 131 -33.26 12.19 -19.22
C GLY J 131 -33.40 11.03 -18.24
N ALA J 132 -32.26 10.62 -17.70
CA ALA J 132 -32.18 9.52 -16.74
C ALA J 132 -30.89 9.67 -15.96
N HIS J 133 -30.85 9.14 -14.75
CA HIS J 133 -29.62 9.16 -13.95
C HIS J 133 -29.14 7.76 -13.62
N GLY J 134 -27.82 7.58 -13.66
CA GLY J 134 -27.21 6.29 -13.37
C GLY J 134 -27.21 5.36 -14.57
N TYR J 135 -27.45 4.08 -14.33
CA TYR J 135 -27.41 3.06 -15.37
C TYR J 135 -28.64 3.08 -16.26
N SER J 136 -29.76 3.55 -15.71
CA SER J 136 -31.00 3.68 -16.46
C SER J 136 -30.75 4.13 -17.89
N GLY J 137 -30.01 5.23 -18.03
CA GLY J 137 -29.70 5.82 -19.33
C GLY J 137 -29.27 4.81 -20.38
N PHE J 138 -28.25 4.01 -20.02
CA PHE J 138 -27.65 3.00 -20.91
C PHE J 138 -28.64 2.09 -21.61
N TYR J 139 -29.79 1.83 -20.97
CA TYR J 139 -30.84 1.02 -21.58
C TYR J 139 -31.86 1.86 -22.33
N THR J 140 -32.38 2.89 -21.63
CA THR J 140 -33.54 3.65 -22.07
C THR J 140 -33.30 4.69 -23.15
N PHE J 141 -32.16 5.38 -23.10
CA PHE J 141 -31.87 6.43 -24.08
C PHE J 141 -32.07 6.02 -25.54
N SER J 142 -31.51 4.86 -25.91
CA SER J 142 -31.57 4.35 -27.29
C SER J 142 -33.00 4.07 -27.73
N LEU J 143 -33.80 3.62 -26.78
CA LEU J 143 -35.18 3.25 -27.00
C LEU J 143 -36.03 4.51 -27.15
N LEU J 144 -35.66 5.56 -26.42
CA LEU J 144 -36.33 6.85 -26.50
C LEU J 144 -35.86 7.65 -27.72
N ASP J 145 -34.57 7.57 -28.04
CA ASP J 145 -34.06 8.12 -29.30
C ASP J 145 -34.99 7.72 -30.46
N HIS J 146 -35.34 6.44 -30.50
CA HIS J 146 -36.21 5.87 -31.51
C HIS J 146 -37.64 6.40 -31.43
N HIS J 147 -38.32 6.13 -30.32
CA HIS J 147 -39.77 6.34 -30.24
C HIS J 147 -40.24 7.72 -29.80
N TYR J 148 -39.34 8.69 -29.67
CA TYR J 148 -39.74 10.01 -29.18
C TYR J 148 -40.10 10.99 -30.29
N ARG J 149 -41.26 11.63 -30.13
CA ARG J 149 -41.65 12.76 -30.98
C ARG J 149 -41.97 13.96 -30.07
N PRO J 150 -41.48 15.18 -30.41
CA PRO J 150 -41.62 16.32 -29.50
C PRO J 150 -43.07 16.71 -29.24
N ASP J 151 -43.95 16.30 -30.16
CA ASP J 151 -45.39 16.59 -30.13
C ASP J 151 -46.24 15.41 -29.61
N MET J 152 -45.63 14.54 -28.80
CA MET J 152 -46.36 13.45 -28.16
C MET J 152 -47.37 13.95 -27.14
N THR J 153 -48.42 13.18 -26.91
CA THR J 153 -49.38 13.53 -25.88
C THR J 153 -49.01 12.83 -24.58
N THR J 154 -49.57 13.30 -23.48
CA THR J 154 -49.35 12.70 -22.17
C THR J 154 -49.63 11.20 -22.23
N GLU J 155 -50.66 10.82 -22.99
CA GLU J 155 -51.02 9.42 -23.18
C GLU J 155 -49.91 8.64 -23.93
N GLU J 156 -49.43 9.19 -25.04
CA GLU J 156 -48.37 8.57 -25.84
C GLU J 156 -47.06 8.51 -25.05
N GLY J 157 -46.81 9.55 -24.27
CA GLY J 157 -45.61 9.64 -23.45
C GLY J 157 -45.59 8.57 -22.39
N LEU J 158 -46.73 8.34 -21.75
CA LEU J 158 -46.88 7.25 -20.79
C LEU J 158 -46.69 5.88 -21.45
N ASP J 159 -47.09 5.74 -22.72
CA ASP J 159 -46.90 4.49 -23.47
C ASP J 159 -45.43 4.23 -23.71
N LEU J 160 -44.71 5.31 -23.99
CA LEU J 160 -43.29 5.29 -24.27
C LEU J 160 -42.49 4.96 -23.00
N LEU J 161 -42.96 5.45 -21.86
CA LEU J 161 -42.38 5.11 -20.55
C LEU J 161 -42.56 3.65 -20.20
N LYS J 162 -43.79 3.17 -20.41
CA LYS J 162 -44.16 1.78 -20.15
C LYS J 162 -43.19 0.86 -20.87
N LEU J 163 -42.69 1.34 -22.00
CA LEU J 163 -41.75 0.59 -22.80
C LEU J 163 -40.34 0.62 -22.21
N CYS J 164 -39.99 1.73 -21.55
CA CYS J 164 -38.70 1.85 -20.89
C CYS J 164 -38.64 0.99 -19.63
N VAL J 165 -39.69 1.06 -18.83
CA VAL J 165 -39.78 0.32 -17.60
C VAL J 165 -39.73 -1.20 -17.84
N GLN J 166 -40.28 -1.63 -18.98
CA GLN J 166 -40.29 -3.05 -19.36
C GLN J 166 -38.90 -3.53 -19.73
N GLU J 167 -38.19 -2.69 -20.48
CA GLU J 167 -36.82 -2.96 -20.91
C GLU J 167 -35.87 -3.06 -19.72
N LEU J 168 -36.10 -2.23 -18.72
CA LEU J 168 -35.32 -2.27 -17.49
C LEU J 168 -35.68 -3.48 -16.64
N GLU J 169 -36.97 -3.79 -16.52
CA GLU J 169 -37.39 -4.96 -15.77
C GLU J 169 -36.85 -6.24 -16.41
N LYS J 170 -36.54 -6.16 -17.69
CA LYS J 170 -35.96 -7.29 -18.43
C LYS J 170 -34.45 -7.46 -18.23
N ARG J 171 -33.68 -6.38 -18.42
CA ARG J 171 -32.22 -6.45 -18.51
C ARG J 171 -31.43 -5.98 -17.29
N MET J 172 -32.05 -5.18 -16.44
CA MET J 172 -31.43 -4.74 -15.19
C MET J 172 -31.29 -5.90 -14.22
N PRO J 173 -30.09 -6.09 -13.66
CA PRO J 173 -29.85 -7.19 -12.71
C PRO J 173 -30.67 -7.04 -11.43
N MET J 174 -31.03 -5.81 -11.08
CA MET J 174 -31.71 -5.53 -9.82
C MET J 174 -33.21 -5.35 -9.95
N ASP J 175 -33.93 -5.87 -8.96
CA ASP J 175 -35.38 -5.69 -8.83
C ASP J 175 -35.64 -4.35 -8.15
N PHE J 176 -36.07 -3.36 -8.93
CA PHE J 176 -36.33 -2.03 -8.37
C PHE J 176 -37.78 -1.84 -7.97
N LYS J 177 -38.51 -2.94 -7.85
CA LYS J 177 -39.89 -3.01 -7.32
C LYS J 177 -40.91 -2.07 -7.97
N GLY J 178 -40.84 -1.92 -9.29
CA GLY J 178 -41.75 -1.05 -10.03
C GLY J 178 -41.43 0.42 -9.85
N VAL J 179 -42.25 1.29 -10.44
CA VAL J 179 -42.03 2.74 -10.35
C VAL J 179 -43.24 3.50 -9.81
N ILE J 180 -43.04 4.77 -9.46
CA ILE J 180 -44.13 5.71 -9.21
C ILE J 180 -44.00 6.82 -10.25
N VAL J 181 -45.06 6.99 -11.05
CA VAL J 181 -45.07 7.98 -12.12
C VAL J 181 -45.87 9.23 -11.73
N LYS J 182 -45.36 10.41 -12.08
CA LYS J 182 -46.07 11.67 -11.79
C LYS J 182 -46.09 12.58 -13.02
N ILE J 183 -47.22 13.25 -13.24
CA ILE J 183 -47.33 14.21 -14.36
C ILE J 183 -47.32 15.65 -13.85
N VAL J 184 -46.57 16.50 -14.56
CA VAL J 184 -46.50 17.93 -14.30
C VAL J 184 -47.03 18.65 -15.53
N ASP J 185 -48.19 19.31 -15.39
CA ASP J 185 -48.74 20.14 -16.47
C ASP J 185 -49.36 21.42 -15.90
N LYS J 186 -50.01 22.18 -16.79
CA LYS J 186 -50.60 23.48 -16.45
C LYS J 186 -51.57 23.46 -15.25
N ASP J 187 -52.13 22.31 -14.95
CA ASP J 187 -53.08 22.18 -13.84
C ASP J 187 -52.44 21.63 -12.58
N GLY J 188 -51.11 21.59 -12.56
CA GLY J 188 -50.36 21.21 -11.36
C GLY J 188 -49.69 19.86 -11.44
N ILE J 189 -49.65 19.18 -10.31
CA ILE J 189 -48.96 17.89 -10.16
C ILE J 189 -49.93 16.80 -9.74
N ARG J 190 -50.02 15.75 -10.55
CA ARG J 190 -50.84 14.58 -10.21
C ARG J 190 -50.04 13.29 -10.35
N GLN J 191 -50.51 12.24 -9.69
CA GLN J 191 -49.84 10.94 -9.71
C GLN J 191 -50.70 9.87 -10.38
N VAL J 192 -50.14 9.22 -11.40
CA VAL J 192 -50.80 8.08 -12.04
C VAL J 192 -50.66 6.87 -11.11
N ASP J 193 -51.63 6.69 -10.23
CA ASP J 193 -51.56 5.69 -9.14
C ASP J 193 -51.64 4.23 -9.63
N ASP J 194 -52.08 4.07 -10.87
CA ASP J 194 -52.26 2.76 -11.47
C ASP J 194 -51.18 2.49 -12.53
N PHE J 195 -49.95 2.22 -12.10
CA PHE J 195 -48.92 1.81 -13.07
C PHE J 195 -48.49 0.36 -12.90
N GLN J 196 -48.95 -0.25 -11.80
CA GLN J 196 -48.74 -1.69 -11.54
C GLN J 196 -49.54 -2.54 -12.54
N ALA J 197 -50.82 -2.18 -12.73
CA ALA J 197 -51.70 -2.83 -13.70
C ALA J 197 -52.40 -1.77 -14.58
N GLN J 198 -51.74 -1.43 -15.69
CA GLN J 198 -52.26 -0.44 -16.66
C GLN J 198 -52.14 -0.94 -18.11
N THR K 1 -27.56 -9.23 16.38
CA THR K 1 -28.83 -8.62 16.88
C THR K 1 -29.98 -8.81 15.90
N THR K 2 -31.13 -9.17 16.42
CA THR K 2 -32.35 -9.11 15.63
C THR K 2 -33.38 -8.25 16.35
N THR K 3 -33.69 -7.10 15.75
CA THR K 3 -34.77 -6.27 16.24
C THR K 3 -35.83 -6.18 15.14
N LEU K 4 -37.09 -6.24 15.54
CA LEU K 4 -38.20 -6.14 14.59
C LEU K 4 -39.40 -5.37 15.16
N ALA K 5 -40.11 -4.69 14.27
CA ALA K 5 -41.36 -4.06 14.63
C ALA K 5 -42.33 -4.10 13.47
N PHE K 6 -43.57 -4.42 13.78
CA PHE K 6 -44.61 -4.37 12.77
C PHE K 6 -45.89 -3.75 13.27
N ARG K 7 -46.73 -3.37 12.31
CA ARG K 7 -47.95 -2.62 12.55
C ARG K 7 -49.10 -3.47 12.05
N PHE K 8 -50.11 -3.64 12.90
CA PHE K 8 -51.31 -4.41 12.54
C PHE K 8 -52.55 -3.67 13.04
N GLN K 9 -53.72 -4.31 12.91
CA GLN K 9 -54.99 -3.74 13.41
C GLN K 9 -54.91 -3.27 14.88
N GLY K 10 -54.31 -4.08 15.75
CA GLY K 10 -54.27 -3.75 17.18
C GLY K 10 -53.09 -2.90 17.58
N GLY K 11 -52.53 -2.16 16.61
CA GLY K 11 -51.39 -1.27 16.87
C GLY K 11 -50.03 -1.79 16.40
N ILE K 12 -49.05 -1.73 17.29
CA ILE K 12 -47.66 -2.09 16.98
C ILE K 12 -47.12 -3.18 17.90
N ILE K 13 -46.42 -4.14 17.31
CA ILE K 13 -45.65 -5.13 18.07
C ILE K 13 -44.17 -4.84 17.93
N VAL K 14 -43.43 -4.92 19.02
CA VAL K 14 -42.00 -4.72 19.00
C VAL K 14 -41.30 -5.86 19.73
N ALA K 15 -40.37 -6.54 19.05
CA ALA K 15 -39.60 -7.61 19.67
C ALA K 15 -38.11 -7.54 19.32
N VAL K 16 -37.27 -7.83 20.32
CA VAL K 16 -35.82 -7.80 20.13
C VAL K 16 -35.21 -9.04 20.74
N ASP K 17 -33.97 -9.37 20.36
CA ASP K 17 -33.21 -10.39 21.06
C ASP K 17 -32.50 -9.73 22.24
N SER K 18 -31.44 -10.35 22.74
CA SER K 18 -30.69 -9.73 23.82
C SER K 18 -29.22 -10.06 23.83
N ARG K 19 -28.71 -10.58 22.70
CA ARG K 19 -27.31 -11.01 22.64
C ARG K 19 -26.40 -9.86 22.23
N ALA K 20 -25.31 -9.71 22.95
CA ALA K 20 -24.30 -8.71 22.62
C ALA K 20 -22.94 -9.36 22.51
N THR K 21 -22.23 -9.02 21.45
CA THR K 21 -20.96 -9.68 21.11
C THR K 21 -19.76 -8.72 20.97
N ALA K 22 -18.56 -9.27 21.14
CA ALA K 22 -17.34 -8.58 20.76
C ALA K 22 -16.50 -9.58 19.95
N GLY K 23 -16.59 -9.48 18.62
CA GLY K 23 -16.00 -10.48 17.75
C GLY K 23 -16.84 -11.74 17.81
N ASN K 24 -16.29 -12.81 18.38
CA ASN K 24 -16.99 -14.10 18.51
C ASN K 24 -17.24 -14.48 19.96
N TRP K 25 -16.74 -13.61 20.83
CA TRP K 25 -17.02 -13.63 22.24
C TRP K 25 -18.45 -13.12 22.45
N VAL K 26 -19.22 -13.85 23.25
CA VAL K 26 -20.54 -13.39 23.68
C VAL K 26 -20.38 -12.64 24.99
N ALA K 27 -20.59 -11.33 24.95
CA ALA K 27 -20.33 -10.44 26.08
C ALA K 27 -21.48 -10.45 27.07
N SER K 28 -22.70 -10.42 26.54
CA SER K 28 -23.89 -10.48 27.37
C SER K 28 -25.06 -11.07 26.59
N GLN K 29 -25.94 -11.76 27.32
CA GLN K 29 -27.19 -12.30 26.77
C GLN K 29 -28.41 -11.69 27.45
N THR K 30 -28.14 -10.78 28.39
CA THR K 30 -29.18 -10.13 29.20
C THR K 30 -29.19 -8.62 28.92
N VAL K 31 -29.29 -8.26 27.64
CA VAL K 31 -29.13 -6.86 27.22
C VAL K 31 -30.45 -6.26 26.73
N LYS K 32 -30.80 -5.08 27.24
CA LYS K 32 -32.03 -4.41 26.81
C LYS K 32 -31.80 -3.63 25.52
N LYS K 33 -32.49 -4.04 24.46
CA LYS K 33 -32.32 -3.41 23.15
C LYS K 33 -33.51 -2.54 22.76
N VAL K 34 -34.48 -2.43 23.66
CA VAL K 34 -35.55 -1.45 23.53
C VAL K 34 -35.32 -0.34 24.53
N ILE K 35 -35.48 0.90 24.07
CA ILE K 35 -35.45 2.05 24.96
C ILE K 35 -36.84 2.63 25.09
N GLU K 36 -37.27 2.81 26.33
CA GLU K 36 -38.53 3.47 26.60
C GLU K 36 -38.29 4.97 26.63
N ILE K 37 -38.60 5.63 25.52
CA ILE K 37 -38.40 7.08 25.37
C ILE K 37 -39.44 7.82 26.22
N ASN K 38 -40.66 7.28 26.24
CA ASN K 38 -41.73 7.72 27.12
C ASN K 38 -42.90 6.74 27.00
N PRO K 39 -43.78 6.68 28.02
CA PRO K 39 -45.04 5.94 28.01
C PRO K 39 -45.71 5.70 26.62
N PHE K 40 -45.34 6.48 25.59
CA PHE K 40 -45.92 6.32 24.25
C PHE K 40 -44.91 6.02 23.12
N LEU K 41 -43.62 6.04 23.46
CA LEU K 41 -42.54 5.96 22.48
C LEU K 41 -41.48 4.93 22.81
N LEU K 42 -41.23 4.03 21.83
CA LEU K 42 -40.18 3.02 21.95
C LEU K 42 -39.15 3.16 20.84
N GLY K 43 -37.90 2.82 21.15
CA GLY K 43 -36.83 2.78 20.16
C GLY K 43 -36.02 1.50 20.27
N THR K 44 -35.71 0.89 19.13
CA THR K 44 -34.92 -0.36 19.07
C THR K 44 -33.44 -0.08 18.91
N MET K 45 -32.60 -1.09 19.13
CA MET K 45 -31.14 -0.88 19.09
C MET K 45 -30.37 -1.97 18.35
N ALA K 46 -29.64 -1.55 17.31
CA ALA K 46 -28.80 -2.41 16.51
C ALA K 46 -27.64 -1.56 16.00
N GLY K 47 -26.50 -2.17 15.74
CA GLY K 47 -25.27 -1.43 15.43
C GLY K 47 -24.44 -1.31 16.69
N GLY K 48 -23.74 -0.19 16.85
CA GLY K 48 -22.97 0.07 18.07
C GLY K 48 -23.87 0.24 19.27
N ALA K 49 -23.52 -0.42 20.37
CA ALA K 49 -24.32 -0.36 21.59
C ALA K 49 -24.31 1.05 22.20
N ALA K 50 -23.13 1.65 22.30
CA ALA K 50 -23.01 3.02 22.81
C ALA K 50 -23.76 3.99 21.91
N ASP K 51 -23.51 3.95 20.62
CA ASP K 51 -24.16 4.88 19.68
C ASP K 51 -25.67 4.82 19.74
N CYS K 52 -26.22 3.67 20.08
CA CYS K 52 -27.67 3.52 20.22
C CYS K 52 -28.17 4.01 21.58
N GLN K 53 -27.61 3.47 22.66
CA GLN K 53 -27.96 3.86 24.02
C GLN K 53 -27.88 5.37 24.25
N PHE K 54 -26.73 5.94 23.89
CA PHE K 54 -26.45 7.34 24.18
C PHE K 54 -27.38 8.27 23.41
N TRP K 55 -27.53 8.03 22.11
CA TRP K 55 -28.27 8.95 21.26
C TRP K 55 -29.79 8.85 21.35
N GLU K 56 -30.27 7.71 21.83
CA GLU K 56 -31.69 7.54 22.08
C GLU K 56 -32.11 7.96 23.50
N THR K 57 -31.23 7.74 24.48
CA THR K 57 -31.42 8.35 25.80
C THR K 57 -31.47 9.86 25.61
N TRP K 58 -30.62 10.38 24.73
CA TRP K 58 -30.63 11.80 24.37
C TRP K 58 -31.93 12.20 23.68
N LEU K 59 -32.38 11.37 22.75
CA LEU K 59 -33.61 11.64 22.03
C LEU K 59 -34.76 11.85 23.00
N GLY K 60 -34.77 11.04 24.06
CA GLY K 60 -35.81 11.04 25.09
C GLY K 60 -35.84 12.35 25.84
N SER K 61 -34.67 12.92 26.07
CA SER K 61 -34.55 14.26 26.63
C SER K 61 -35.14 15.33 25.71
N GLN K 62 -34.79 15.26 24.43
CA GLN K 62 -35.34 16.19 23.42
C GLN K 62 -36.84 16.11 23.35
N CYS K 63 -37.38 14.91 23.59
CA CYS K 63 -38.82 14.64 23.54
C CYS K 63 -39.53 15.19 24.77
N ARG K 64 -38.93 15.00 25.93
CA ARG K 64 -39.43 15.59 27.16
C ARG K 64 -39.45 17.11 27.03
N LEU K 65 -38.34 17.64 26.51
CA LEU K 65 -38.16 19.05 26.30
C LEU K 65 -39.18 19.61 25.31
N HIS K 66 -39.59 18.81 24.33
CA HIS K 66 -40.61 19.22 23.36
C HIS K 66 -41.96 19.40 24.05
N GLU K 67 -42.33 18.43 24.90
CA GLU K 67 -43.61 18.45 25.62
C GLU K 67 -43.76 19.62 26.56
N LEU K 68 -42.67 19.98 27.24
CA LEU K 68 -42.69 21.13 28.13
C LEU K 68 -42.93 22.39 27.34
N ARG K 69 -42.31 22.47 26.17
CA ARG K 69 -42.29 23.67 25.38
C ARG K 69 -43.63 23.92 24.68
N GLU K 70 -44.25 22.86 24.18
CA GLU K 70 -45.41 22.98 23.31
C GLU K 70 -46.67 22.42 23.94
N LYS K 71 -46.55 21.97 25.18
CA LYS K 71 -47.67 21.39 25.95
C LYS K 71 -48.36 20.17 25.34
N GLU K 72 -48.09 19.89 24.07
CA GLU K 72 -48.54 18.68 23.39
C GLU K 72 -47.41 17.63 23.35
N ARG K 73 -47.76 16.35 23.36
CA ARG K 73 -46.78 15.26 23.27
C ARG K 73 -46.26 15.15 21.83
N ILE K 74 -44.96 14.89 21.69
CA ILE K 74 -44.31 14.89 20.37
C ILE K 74 -44.80 13.76 19.46
N SER K 75 -45.02 14.09 18.19
CA SER K 75 -45.41 13.10 17.18
C SER K 75 -44.28 12.13 16.87
N VAL K 76 -44.65 10.94 16.42
CA VAL K 76 -43.65 9.94 16.05
C VAL K 76 -42.82 10.41 14.84
N ALA K 77 -43.47 11.10 13.91
CA ALA K 77 -42.77 11.67 12.78
C ALA K 77 -41.65 12.62 13.22
N ALA K 78 -41.94 13.46 14.20
CA ALA K 78 -41.00 14.50 14.61
C ALA K 78 -39.91 13.97 15.51
N ALA K 79 -40.26 13.03 16.40
CA ALA K 79 -39.27 12.43 17.28
C ALA K 79 -38.20 11.67 16.49
N SER K 80 -38.63 11.03 15.39
CA SER K 80 -37.71 10.35 14.51
C SER K 80 -36.78 11.35 13.84
N LYS K 81 -37.35 12.38 13.21
CA LYS K 81 -36.54 13.37 12.50
C LYS K 81 -35.48 14.01 13.41
N ILE K 82 -35.84 14.25 14.67
CA ILE K 82 -34.88 14.77 15.64
C ILE K 82 -33.66 13.86 15.71
N LEU K 83 -33.88 12.54 15.72
CA LEU K 83 -32.77 11.57 15.82
C LEU K 83 -32.03 11.48 14.50
N SER K 84 -32.80 11.35 13.42
CA SER K 84 -32.29 11.28 12.07
C SER K 84 -31.34 12.45 11.76
N ASN K 85 -31.76 13.66 12.10
CA ASN K 85 -31.01 14.86 11.78
C ASN K 85 -29.77 15.02 12.63
N LEU K 86 -29.83 14.49 13.85
CA LEU K 86 -28.65 14.46 14.72
C LEU K 86 -27.64 13.50 14.12
N VAL K 87 -28.10 12.32 13.75
CA VAL K 87 -27.25 11.33 13.13
C VAL K 87 -26.63 11.82 11.82
N TYR K 88 -27.42 12.52 11.00
CA TYR K 88 -26.93 13.04 9.73
C TYR K 88 -25.86 14.09 9.97
N GLN K 89 -25.92 14.76 11.13
CA GLN K 89 -24.89 15.71 11.55
C GLN K 89 -23.52 15.05 11.56
N TYR K 90 -23.48 13.80 12.02
CA TYR K 90 -22.23 13.10 12.24
C TYR K 90 -21.89 12.16 11.07
N LYS K 91 -22.66 12.25 9.99
CA LYS K 91 -22.48 11.35 8.85
C LYS K 91 -21.03 11.41 8.37
N GLY K 92 -20.39 10.25 8.33
CA GLY K 92 -19.00 10.16 7.95
C GLY K 92 -18.08 9.83 9.11
N ALA K 93 -18.37 10.34 10.30
CA ALA K 93 -17.53 10.12 11.50
C ALA K 93 -17.53 8.67 12.01
N GLY K 94 -18.43 7.84 11.49
CA GLY K 94 -18.45 6.43 11.84
C GLY K 94 -19.38 6.00 12.95
N LEU K 95 -20.42 6.78 13.24
CA LEU K 95 -21.50 6.29 14.11
C LEU K 95 -22.10 5.07 13.44
N SER K 96 -22.41 4.05 14.24
CA SER K 96 -23.03 2.83 13.71
C SER K 96 -24.29 2.51 14.48
N MET K 97 -25.44 2.67 13.81
CA MET K 97 -26.73 2.36 14.43
C MET K 97 -27.81 2.15 13.39
N GLY K 98 -28.67 1.18 13.67
CA GLY K 98 -29.85 0.89 12.87
C GLY K 98 -30.98 0.78 13.87
N THR K 99 -31.99 1.63 13.73
CA THR K 99 -33.00 1.70 14.75
C THR K 99 -34.39 2.00 14.21
N MET K 100 -35.40 1.56 14.96
CA MET K 100 -36.78 1.87 14.65
C MET K 100 -37.39 2.66 15.79
N ILE K 101 -38.09 3.74 15.44
CA ILE K 101 -38.78 4.57 16.41
C ILE K 101 -40.29 4.32 16.28
N CYS K 102 -40.87 3.76 17.34
CA CYS K 102 -42.24 3.26 17.32
C CYS K 102 -43.11 3.95 18.35
N GLY K 103 -44.31 4.34 17.94
CA GLY K 103 -45.25 4.96 18.84
C GLY K 103 -46.64 5.14 18.29
N TYR K 104 -47.55 5.54 19.18
CA TYR K 104 -48.90 5.90 18.80
C TYR K 104 -49.21 7.32 19.23
N THR K 105 -49.71 8.11 18.28
CA THR K 105 -50.30 9.42 18.57
C THR K 105 -51.67 9.52 17.90
N ARG K 106 -52.50 10.42 18.41
CA ARG K 106 -53.86 10.62 17.90
C ARG K 106 -53.85 11.08 16.45
N LYS K 107 -52.97 12.02 16.12
CA LYS K 107 -52.87 12.62 14.79
C LYS K 107 -52.44 11.59 13.75
N GLU K 108 -51.66 10.61 14.20
CA GLU K 108 -50.87 9.74 13.31
C GLU K 108 -51.35 8.29 13.27
N GLY K 109 -51.97 7.84 14.35
CA GLY K 109 -52.28 6.43 14.51
C GLY K 109 -51.00 5.70 14.86
N PRO K 110 -50.96 4.37 14.63
CA PRO K 110 -49.72 3.66 14.87
C PRO K 110 -48.71 4.01 13.78
N THR K 111 -47.45 4.24 14.18
CA THR K 111 -46.41 4.60 13.22
C THR K 111 -45.04 4.03 13.60
N ILE K 112 -44.34 3.52 12.58
CA ILE K 112 -42.97 3.05 12.72
C ILE K 112 -42.06 3.81 11.75
N TYR K 113 -40.91 4.25 12.24
CA TYR K 113 -39.89 4.88 11.42
C TYR K 113 -38.57 4.14 11.57
N TYR K 114 -37.98 3.75 10.44
CA TYR K 114 -36.63 3.19 10.42
C TYR K 114 -35.63 4.35 10.30
N VAL K 115 -34.64 4.38 11.19
CA VAL K 115 -33.60 5.41 11.18
C VAL K 115 -32.23 4.73 11.36
N ASP K 116 -31.32 4.93 10.42
CA ASP K 116 -29.96 4.40 10.56
C ASP K 116 -28.91 5.52 10.50
N SER K 117 -27.66 5.16 10.79
CA SER K 117 -26.55 6.12 10.82
C SER K 117 -26.10 6.65 9.45
N ASP K 118 -26.51 5.96 8.39
CA ASP K 118 -26.33 6.45 7.02
C ASP K 118 -27.09 7.76 6.84
N GLY K 119 -28.17 7.88 7.61
CA GLY K 119 -29.04 9.05 7.57
C GLY K 119 -30.43 8.74 7.05
N THR K 120 -30.64 7.54 6.53
CA THR K 120 -31.91 7.14 5.94
C THR K 120 -33.02 7.12 6.99
N ARG K 121 -34.13 7.80 6.71
CA ARG K 121 -35.33 7.80 7.56
C ARG K 121 -36.47 7.26 6.73
N LEU K 122 -37.11 6.19 7.22
CA LEU K 122 -38.16 5.50 6.45
C LEU K 122 -39.40 5.15 7.25
N LYS K 123 -40.56 5.52 6.71
CA LYS K 123 -41.85 5.15 7.27
C LYS K 123 -42.34 3.84 6.66
N GLY K 124 -42.88 2.97 7.50
CA GLY K 124 -43.41 1.68 7.02
C GLY K 124 -44.19 0.88 8.05
N ASP K 125 -44.46 -0.38 7.71
CA ASP K 125 -45.34 -1.22 8.53
C ASP K 125 -44.63 -2.43 9.11
N ILE K 126 -43.57 -2.88 8.43
CA ILE K 126 -42.77 -4.01 8.90
C ILE K 126 -41.30 -3.67 8.73
N PHE K 127 -40.53 -3.81 9.80
CA PHE K 127 -39.10 -3.58 9.72
C PHE K 127 -38.30 -4.57 10.53
N CYS K 128 -37.17 -5.02 9.99
CA CYS K 128 -36.20 -5.84 10.73
C CYS K 128 -34.80 -5.32 10.59
N VAL K 129 -34.10 -5.18 11.70
CA VAL K 129 -32.75 -4.65 11.68
C VAL K 129 -31.79 -5.51 12.46
N GLY K 130 -30.59 -5.66 11.92
CA GLY K 130 -29.52 -6.41 12.57
C GLY K 130 -29.00 -7.55 11.74
N SER K 131 -27.98 -8.22 12.26
CA SER K 131 -27.36 -9.36 11.59
C SER K 131 -28.34 -10.50 11.33
N GLY K 132 -29.37 -10.61 12.17
CA GLY K 132 -30.40 -11.63 12.01
C GLY K 132 -31.66 -11.17 11.29
N GLN K 133 -31.61 -9.98 10.69
CA GLN K 133 -32.81 -9.36 10.12
C GLN K 133 -33.54 -10.23 9.09
N THR K 134 -32.77 -10.96 8.29
CA THR K 134 -33.31 -11.72 7.16
C THR K 134 -34.06 -12.94 7.64
N PHE K 135 -33.57 -13.54 8.73
CA PHE K 135 -34.20 -14.71 9.33
C PHE K 135 -35.58 -14.34 9.86
N ALA K 136 -35.65 -13.27 10.65
CA ALA K 136 -36.91 -12.72 11.11
C ALA K 136 -37.85 -12.44 9.96
N TYR K 137 -37.32 -11.82 8.90
CA TYR K 137 -38.09 -11.40 7.72
C TYR K 137 -38.77 -12.55 6.98
N GLY K 138 -38.13 -13.72 6.97
CA GLY K 138 -38.72 -14.91 6.33
C GLY K 138 -39.99 -15.35 7.02
N VAL K 139 -39.89 -15.57 8.34
CA VAL K 139 -41.01 -16.00 9.19
C VAL K 139 -42.13 -14.94 9.27
N LEU K 140 -41.73 -13.67 9.18
CA LEU K 140 -42.66 -12.56 9.35
C LEU K 140 -43.51 -12.31 8.11
N ASP K 141 -42.86 -12.24 6.94
CA ASP K 141 -43.58 -11.95 5.71
C ASP K 141 -44.57 -13.05 5.30
N SER K 142 -44.27 -14.29 5.69
CA SER K 142 -45.13 -15.42 5.36
C SER K 142 -46.40 -15.50 6.23
N ASN K 143 -46.24 -15.33 7.54
CA ASN K 143 -47.38 -15.38 8.45
C ASN K 143 -48.08 -14.05 8.74
N TYR K 144 -47.81 -13.03 7.94
CA TYR K 144 -48.36 -11.70 8.24
C TYR K 144 -49.75 -11.46 7.61
N LYS K 145 -50.64 -10.90 8.45
CA LYS K 145 -51.91 -10.30 8.01
C LYS K 145 -52.14 -9.06 8.85
N TRP K 146 -52.81 -8.05 8.28
CA TRP K 146 -53.22 -6.88 9.06
C TRP K 146 -54.16 -7.29 10.20
N ASP K 147 -54.96 -8.33 9.93
CA ASP K 147 -56.13 -8.73 10.75
C ASP K 147 -55.81 -9.68 11.91
N LEU K 148 -54.54 -9.75 12.31
CA LEU K 148 -54.12 -10.61 13.42
C LEU K 148 -54.61 -10.10 14.75
N SER K 149 -54.92 -11.03 15.64
CA SER K 149 -55.24 -10.71 17.03
C SER K 149 -54.03 -10.19 17.79
N VAL K 150 -54.27 -9.49 18.90
CA VAL K 150 -53.19 -9.04 19.76
C VAL K 150 -52.42 -10.23 20.35
N GLU K 151 -53.13 -11.32 20.61
CA GLU K 151 -52.51 -12.56 21.08
C GLU K 151 -51.62 -13.20 20.00
N ASP K 152 -52.15 -13.31 18.78
CA ASP K 152 -51.43 -13.88 17.64
C ASP K 152 -50.25 -13.02 17.15
N ALA K 153 -50.47 -11.71 17.06
CA ALA K 153 -49.42 -10.79 16.62
C ALA K 153 -48.24 -10.81 17.58
N LEU K 154 -48.53 -10.79 18.87
CA LEU K 154 -47.50 -10.91 19.89
C LEU K 154 -46.68 -12.20 19.74
N TYR K 155 -47.36 -13.27 19.36
CA TYR K 155 -46.70 -14.56 19.13
C TYR K 155 -45.85 -14.55 17.85
N LEU K 156 -46.36 -13.91 16.79
CA LEU K 156 -45.62 -13.85 15.54
C LEU K 156 -44.25 -13.17 15.72
N GLY K 157 -44.20 -12.13 16.54
CA GLY K 157 -42.96 -11.42 16.79
C GLY K 157 -42.01 -12.27 17.61
N LYS K 158 -42.55 -12.86 18.67
CA LYS K 158 -41.84 -13.81 19.52
C LYS K 158 -41.20 -14.88 18.64
N ARG K 159 -42.01 -15.53 17.80
CA ARG K 159 -41.52 -16.63 16.96
C ARG K 159 -40.42 -16.18 16.01
N SER K 160 -40.62 -15.01 15.40
CA SER K 160 -39.68 -14.46 14.43
C SER K 160 -38.31 -14.10 14.97
N ILE K 161 -38.25 -13.67 16.23
CA ILE K 161 -36.95 -13.42 16.87
C ILE K 161 -36.27 -14.76 17.11
N LEU K 162 -37.03 -15.73 17.61
CA LEU K 162 -36.55 -17.09 17.84
C LEU K 162 -35.96 -17.70 16.57
N ALA K 163 -36.67 -17.51 15.45
CA ALA K 163 -36.21 -17.96 14.14
C ALA K 163 -34.80 -17.49 13.86
N ALA K 164 -34.53 -16.23 14.20
CA ALA K 164 -33.20 -15.63 14.07
C ALA K 164 -32.22 -16.12 15.15
N ALA K 165 -32.61 -15.99 16.42
CA ALA K 165 -31.80 -16.48 17.54
C ALA K 165 -31.17 -17.82 17.20
N HIS K 166 -31.92 -18.66 16.49
CA HIS K 166 -31.49 -19.98 16.10
C HIS K 166 -30.34 -19.97 15.07
N ARG K 167 -30.56 -19.31 13.93
CA ARG K 167 -29.60 -19.34 12.82
C ARG K 167 -28.47 -18.35 12.95
N ASP K 168 -28.79 -17.09 13.27
CA ASP K 168 -27.79 -16.04 13.38
C ASP K 168 -26.94 -16.26 14.60
N ALA K 169 -25.66 -16.51 14.37
CA ALA K 169 -24.71 -16.79 15.44
C ALA K 169 -24.58 -15.60 16.39
N TYR K 170 -25.00 -14.44 15.92
CA TYR K 170 -24.85 -13.20 16.68
C TYR K 170 -26.15 -12.68 17.28
N SER K 171 -27.24 -13.43 17.14
CA SER K 171 -28.49 -13.12 17.79
C SER K 171 -28.87 -14.24 18.74
N GLY K 172 -29.50 -13.89 19.85
CA GLY K 172 -29.94 -14.89 20.82
C GLY K 172 -30.22 -14.33 22.20
N GLY K 173 -29.80 -15.09 23.22
CA GLY K 173 -30.11 -14.78 24.62
C GLY K 173 -31.56 -14.98 25.04
N SER K 174 -32.34 -13.91 24.93
CA SER K 174 -33.75 -13.92 25.29
C SER K 174 -34.53 -12.98 24.39
N VAL K 175 -35.84 -13.10 24.41
CA VAL K 175 -36.71 -12.25 23.60
C VAL K 175 -37.50 -11.30 24.49
N ASN K 176 -37.41 -10.01 24.18
CA ASN K 176 -38.19 -8.98 24.86
C ASN K 176 -39.34 -8.45 24.00
N LEU K 177 -40.56 -8.54 24.54
CA LEU K 177 -41.76 -8.20 23.80
C LEU K 177 -42.37 -6.87 24.24
N TYR K 178 -43.01 -6.19 23.31
CA TYR K 178 -43.67 -4.93 23.58
C TYR K 178 -44.87 -4.79 22.69
N HIS K 179 -45.94 -4.24 23.25
CA HIS K 179 -47.16 -3.97 22.50
C HIS K 179 -47.44 -2.49 22.63
N VAL K 180 -47.66 -1.83 21.50
CA VAL K 180 -47.98 -0.39 21.47
C VAL K 180 -49.41 -0.18 21.01
N THR K 181 -50.16 0.51 21.88
CA THR K 181 -51.57 0.78 21.69
C THR K 181 -51.85 2.27 21.73
N GLU K 182 -53.12 2.59 21.49
CA GLU K 182 -53.70 3.91 21.74
C GLU K 182 -53.14 4.58 23.01
N ASP K 183 -53.12 3.82 24.10
CA ASP K 183 -52.82 4.33 25.44
C ASP K 183 -51.34 4.26 25.79
N GLY K 184 -50.54 3.76 24.85
CA GLY K 184 -49.08 3.65 25.02
C GLY K 184 -48.59 2.23 24.86
N TRP K 185 -47.38 1.98 25.36
CA TRP K 185 -46.78 0.65 25.28
C TRP K 185 -47.00 -0.17 26.55
N ILE K 186 -47.09 -1.48 26.37
CA ILE K 186 -47.20 -2.41 27.48
C ILE K 186 -46.16 -3.48 27.25
N TYR K 187 -45.35 -3.72 28.29
CA TYR K 187 -44.33 -4.77 28.28
C TYR K 187 -45.01 -6.14 28.31
N HIS K 188 -44.56 -7.06 27.47
CA HIS K 188 -45.08 -8.41 27.47
C HIS K 188 -44.00 -9.45 27.78
N GLY K 189 -43.05 -9.05 28.62
CA GLY K 189 -42.14 -9.98 29.28
C GLY K 189 -40.86 -10.37 28.58
N ASN K 190 -40.00 -11.06 29.33
CA ASN K 190 -38.68 -11.49 28.88
C ASN K 190 -38.62 -13.01 28.73
N HIS K 191 -38.49 -13.47 27.50
CA HIS K 191 -38.62 -14.89 27.18
C HIS K 191 -37.32 -15.54 26.73
N ASP K 192 -36.69 -16.26 27.65
CA ASP K 192 -35.43 -16.94 27.37
C ASP K 192 -35.55 -17.95 26.24
N VAL K 193 -34.62 -17.85 25.29
CA VAL K 193 -34.56 -18.75 24.13
C VAL K 193 -34.16 -20.18 24.54
N GLY K 194 -33.48 -20.29 25.67
CA GLY K 194 -33.17 -21.57 26.29
C GLY K 194 -34.41 -22.42 26.45
N GLU K 195 -35.37 -21.94 27.26
CA GLU K 195 -36.61 -22.66 27.46
C GLU K 195 -37.54 -22.56 26.25
N LEU K 196 -37.65 -21.36 25.69
CA LEU K 196 -38.65 -21.07 24.64
C LEU K 196 -38.55 -21.98 23.42
N PHE K 197 -37.32 -22.27 22.98
CA PHE K 197 -37.07 -23.09 21.79
C PHE K 197 -37.74 -24.45 21.87
N TRP K 198 -37.43 -25.20 22.92
CA TRP K 198 -37.95 -26.54 23.12
C TRP K 198 -39.46 -26.52 23.27
N LYS K 199 -39.97 -25.55 24.03
CA LYS K 199 -41.41 -25.33 24.18
C LYS K 199 -42.07 -25.13 22.82
N VAL K 200 -41.52 -24.25 22.00
CA VAL K 200 -42.08 -23.98 20.68
C VAL K 200 -42.06 -25.23 19.82
N LYS K 201 -40.92 -25.92 19.83
CA LYS K 201 -40.73 -27.14 19.04
C LYS K 201 -41.82 -28.16 19.39
N GLU K 202 -41.85 -28.54 20.65
CA GLU K 202 -42.90 -29.35 21.25
C GLU K 202 -44.30 -28.98 20.76
N GLU K 203 -44.72 -27.74 20.99
CA GLU K 203 -46.11 -27.31 20.77
C GLU K 203 -46.48 -27.04 19.33
N GLU K 204 -45.49 -26.78 18.48
CA GLU K 204 -45.75 -26.38 17.10
C GLU K 204 -45.26 -27.38 16.06
N GLY K 205 -44.39 -28.30 16.47
CA GLY K 205 -43.87 -29.35 15.59
C GLY K 205 -42.85 -28.89 14.55
N SER K 206 -42.45 -27.62 14.66
CA SER K 206 -41.40 -27.03 13.84
C SER K 206 -40.02 -27.41 14.39
N PHE K 207 -38.97 -26.99 13.69
CA PHE K 207 -37.58 -27.29 14.05
C PHE K 207 -37.27 -28.78 14.04
N ASN K 208 -37.28 -29.35 12.85
CA ASN K 208 -36.86 -30.74 12.67
C ASN K 208 -35.35 -30.87 12.49
N ASN K 209 -34.72 -29.83 11.93
CA ASN K 209 -33.25 -29.75 11.83
C ASN K 209 -32.54 -30.09 13.15
N VAL K 210 -33.22 -29.84 14.26
CA VAL K 210 -32.67 -30.08 15.59
C VAL K 210 -33.02 -31.48 16.07
N ILE K 211 -31.98 -32.24 16.38
CA ILE K 211 -32.17 -33.57 16.96
C ILE K 211 -32.40 -33.44 18.47
N GLY K 212 -33.18 -34.37 19.02
CA GLY K 212 -33.52 -34.36 20.44
C GLY K 212 -34.96 -33.96 20.66
N GLN L 1 5.72 5.36 13.58
CA GLN L 1 4.43 6.08 13.76
C GLN L 1 3.93 5.89 15.20
N PHE L 2 3.59 7.00 15.86
CA PHE L 2 3.16 6.98 17.26
C PHE L 2 1.75 6.43 17.50
N ASN L 3 1.69 5.35 18.27
CA ASN L 3 0.45 4.68 18.65
C ASN L 3 0.12 5.11 20.06
N PRO L 4 -0.98 5.86 20.23
CA PRO L 4 -1.32 6.48 21.52
C PRO L 4 -1.75 5.49 22.57
N TYR L 5 -2.06 4.26 22.15
CA TYR L 5 -2.61 3.25 23.04
C TYR L 5 -1.60 2.17 23.39
N GLY L 6 -1.71 1.64 24.60
CA GLY L 6 -0.91 0.49 25.03
C GLY L 6 -1.80 -0.49 25.76
N ASP L 7 -1.23 -1.61 26.20
CA ASP L 7 -1.98 -2.58 26.97
C ASP L 7 -1.19 -2.98 28.21
N ASN L 8 -1.82 -2.87 29.37
CA ASN L 8 -1.17 -3.13 30.65
C ASN L 8 -1.70 -4.37 31.31
N GLY L 9 -2.46 -5.15 30.57
CA GLY L 9 -2.94 -6.44 31.02
C GLY L 9 -3.98 -6.31 32.10
N GLY L 10 -3.82 -7.12 33.16
CA GLY L 10 -4.75 -7.12 34.29
C GLY L 10 -6.13 -7.69 34.00
N THR L 11 -6.82 -8.05 35.07
CA THR L 11 -8.17 -8.60 35.00
C THR L 11 -8.94 -8.24 36.26
N ILE L 12 -10.21 -7.91 36.08
CA ILE L 12 -11.07 -7.47 37.17
C ILE L 12 -12.35 -8.26 37.19
N LEU L 13 -12.89 -8.44 38.39
CA LEU L 13 -14.15 -9.15 38.59
C LEU L 13 -15.06 -8.36 39.53
N GLY L 14 -16.34 -8.28 39.18
CA GLY L 14 -17.33 -7.63 40.04
C GLY L 14 -18.59 -8.46 40.22
N ILE L 15 -18.88 -8.84 41.46
CA ILE L 15 -20.10 -9.62 41.78
C ILE L 15 -21.03 -8.88 42.73
N ALA L 16 -22.27 -8.73 42.30
CA ALA L 16 -23.30 -8.08 43.08
C ALA L 16 -24.05 -9.11 43.93
N GLY L 17 -23.84 -9.02 45.24
CA GLY L 17 -24.57 -9.84 46.20
C GLY L 17 -25.98 -9.31 46.47
N GLU L 18 -26.67 -9.96 47.40
CA GLU L 18 -28.07 -9.65 47.63
C GLU L 18 -28.22 -8.42 48.51
N ASP L 19 -27.15 -8.03 49.20
CA ASP L 19 -27.12 -6.84 50.04
C ASP L 19 -25.68 -6.33 50.22
N PHE L 20 -24.82 -6.70 49.27
CA PHE L 20 -23.40 -6.34 49.26
C PHE L 20 -22.89 -6.38 47.82
N ALA L 21 -21.66 -5.94 47.60
CA ALA L 21 -21.00 -6.08 46.30
C ALA L 21 -19.51 -6.22 46.46
N VAL L 22 -18.90 -6.97 45.54
CA VAL L 22 -17.44 -7.06 45.50
C VAL L 22 -16.92 -6.69 44.12
N LEU L 23 -15.77 -6.02 44.11
CA LEU L 23 -15.03 -5.73 42.89
C LEU L 23 -13.58 -6.05 43.15
N ALA L 24 -13.08 -7.08 42.47
CA ALA L 24 -11.70 -7.54 42.64
C ALA L 24 -10.86 -7.37 41.38
N GLY L 25 -9.56 -7.23 41.56
CA GLY L 25 -8.62 -7.23 40.47
C GLY L 25 -7.24 -7.63 40.93
N ASP L 26 -6.46 -8.21 40.02
CA ASP L 26 -5.06 -8.56 40.28
C ASP L 26 -4.20 -7.32 40.41
N THR L 27 -3.06 -7.45 41.07
CA THR L 27 -2.20 -6.30 41.32
C THR L 27 -1.07 -6.16 40.31
N ARG L 28 -1.21 -6.84 39.16
CA ARG L 28 -0.12 -6.95 38.21
C ARG L 28 -0.31 -6.01 37.03
N ASN L 29 0.68 -5.15 36.83
CA ASN L 29 0.74 -4.27 35.69
C ASN L 29 1.83 -4.81 34.78
N ILE L 30 1.54 -4.93 33.48
CA ILE L 30 2.50 -5.52 32.54
C ILE L 30 2.55 -4.84 31.18
N THR L 31 3.74 -4.81 30.60
CA THR L 31 3.93 -4.39 29.22
C THR L 31 4.53 -5.57 28.47
N ASP L 32 3.88 -5.95 27.37
CA ASP L 32 4.36 -7.03 26.54
C ASP L 32 4.69 -8.25 27.40
N TYR L 33 5.97 -8.61 27.47
CA TYR L 33 6.41 -9.77 28.25
C TYR L 33 7.14 -9.40 29.53
N SER L 34 7.36 -8.11 29.77
CA SER L 34 8.01 -7.69 30.99
C SER L 34 6.97 -7.38 32.03
N ILE L 35 7.35 -7.52 33.30
CA ILE L 35 6.53 -7.08 34.40
C ILE L 35 6.98 -5.67 34.78
N ASN L 36 6.03 -4.82 35.14
CA ASN L 36 6.32 -3.44 35.57
C ASN L 36 6.24 -3.29 37.08
N SER L 37 5.16 -3.85 37.65
CA SER L 37 4.92 -3.78 39.07
C SER L 37 4.14 -5.01 39.47
N ARG L 38 4.43 -5.53 40.67
CA ARG L 38 3.71 -6.69 41.19
C ARG L 38 2.60 -6.23 42.14
N TYR L 39 2.73 -5.00 42.64
CA TYR L 39 1.65 -4.35 43.38
C TYR L 39 1.33 -2.98 42.79
N GLU L 40 0.22 -2.93 42.07
CA GLU L 40 -0.30 -1.70 41.49
C GLU L 40 -1.81 -1.83 41.46
N PRO L 41 -2.49 -1.37 42.53
CA PRO L 41 -3.93 -1.62 42.64
C PRO L 41 -4.69 -0.85 41.55
N LYS L 42 -5.74 -1.46 41.01
CA LYS L 42 -6.53 -0.79 39.98
C LYS L 42 -8.04 -0.80 40.27
N VAL L 43 -8.37 -1.20 41.50
CA VAL L 43 -9.71 -1.08 42.05
C VAL L 43 -9.68 0.02 43.13
N PHE L 44 -10.50 1.06 42.94
CA PHE L 44 -10.48 2.27 43.78
C PHE L 44 -11.78 2.60 44.47
N ASP L 45 -11.66 3.09 45.70
CA ASP L 45 -12.74 3.67 46.49
C ASP L 45 -12.94 5.11 46.03
N CYS L 46 -14.16 5.46 45.67
CA CYS L 46 -14.48 6.81 45.20
C CYS L 46 -15.44 7.55 46.13
N GLY L 47 -15.73 6.95 47.28
CA GLY L 47 -16.70 7.52 48.23
C GLY L 47 -18.13 7.33 47.75
N ASP L 48 -19.07 7.79 48.57
CA ASP L 48 -20.51 7.55 48.38
C ASP L 48 -20.82 6.06 48.17
N ASN L 49 -19.99 5.20 48.78
CA ASN L 49 -20.04 3.73 48.64
C ASN L 49 -20.09 3.21 47.21
N ILE L 50 -19.14 3.71 46.42
CA ILE L 50 -18.96 3.30 45.03
C ILE L 50 -17.51 2.92 44.85
N VAL L 51 -17.27 1.70 44.39
CA VAL L 51 -15.92 1.27 44.02
C VAL L 51 -15.81 1.09 42.50
N MET L 52 -14.65 1.38 41.94
CA MET L 52 -14.49 1.42 40.49
C MET L 52 -13.15 0.87 39.98
N SER L 53 -13.22 0.18 38.84
CA SER L 53 -12.03 -0.22 38.11
C SER L 53 -12.22 0.09 36.63
N ALA L 54 -11.16 0.59 36.02
CA ALA L 54 -11.13 0.83 34.59
C ALA L 54 -9.93 0.09 34.07
N ASN L 55 -10.14 -1.14 33.63
CA ASN L 55 -9.03 -1.99 33.21
C ASN L 55 -8.77 -1.96 31.70
N GLY L 56 -7.50 -2.12 31.34
CA GLY L 56 -7.11 -2.13 29.94
C GLY L 56 -5.80 -1.38 29.79
N PHE L 57 -5.86 -0.22 29.16
CA PHE L 57 -4.73 0.68 29.01
C PHE L 57 -4.61 1.55 30.27
N ALA L 58 -3.57 1.33 31.07
CA ALA L 58 -3.44 1.94 32.41
C ALA L 58 -3.43 3.49 32.47
N ALA L 59 -3.01 4.14 31.39
CA ALA L 59 -2.99 5.61 31.38
C ALA L 59 -4.40 6.15 31.25
N ASP L 60 -5.18 5.58 30.34
CA ASP L 60 -6.59 5.93 30.18
C ASP L 60 -7.42 5.52 31.40
N GLY L 61 -6.98 4.46 32.07
CA GLY L 61 -7.66 3.95 33.27
C GLY L 61 -7.59 4.94 34.42
N ASP L 62 -6.39 5.44 34.68
CA ASP L 62 -6.14 6.43 35.74
C ASP L 62 -6.83 7.74 35.44
N ALA L 63 -6.87 8.10 34.16
CA ALA L 63 -7.51 9.33 33.67
C ALA L 63 -8.99 9.30 33.91
N LEU L 64 -9.61 8.16 33.66
CA LEU L 64 -11.04 8.00 33.88
C LEU L 64 -11.33 7.94 35.37
N VAL L 65 -10.63 7.07 36.10
CA VAL L 65 -10.77 7.02 37.56
C VAL L 65 -10.70 8.43 38.16
N LYS L 66 -9.64 9.16 37.83
CA LYS L 66 -9.44 10.53 38.31
C LYS L 66 -10.57 11.49 37.94
N ARG L 67 -11.07 11.40 36.70
CA ARG L 67 -12.16 12.26 36.25
C ARG L 67 -13.49 12.00 36.93
N PHE L 68 -13.79 10.73 37.19
CA PHE L 68 -15.02 10.37 37.89
C PHE L 68 -14.93 10.74 39.38
N LYS L 69 -13.75 10.57 39.97
CA LYS L 69 -13.56 10.92 41.37
C LYS L 69 -13.84 12.40 41.58
N ASN L 70 -13.41 13.19 40.61
CA ASN L 70 -13.61 14.61 40.57
C ASN L 70 -15.07 14.99 40.30
N SER L 71 -15.79 14.13 39.56
CA SER L 71 -17.23 14.27 39.37
C SER L 71 -17.98 14.14 40.68
N VAL L 72 -17.58 13.16 41.48
CA VAL L 72 -18.09 12.97 42.84
C VAL L 72 -17.88 14.26 43.66
N LYS L 73 -16.63 14.75 43.69
CA LYS L 73 -16.29 15.91 44.49
C LYS L 73 -17.22 17.06 44.15
N TRP L 74 -17.33 17.33 42.84
CA TRP L 74 -18.08 18.46 42.30
C TRP L 74 -19.58 18.25 42.34
N TYR L 75 -20.01 17.03 42.60
CA TYR L 75 -21.43 16.76 42.75
C TYR L 75 -21.88 17.26 44.10
N HIS L 76 -21.05 17.02 45.11
CA HIS L 76 -21.33 17.50 46.46
C HIS L 76 -21.38 19.04 46.49
N PHE L 77 -20.41 19.67 45.83
CA PHE L 77 -20.35 21.12 45.73
C PHE L 77 -21.54 21.74 45.04
N ASP L 78 -22.10 21.01 44.07
CA ASP L 78 -23.16 21.56 43.26
C ASP L 78 -24.57 21.19 43.74
N HIS L 79 -24.68 20.21 44.62
CA HIS L 79 -26.00 19.67 44.98
C HIS L 79 -26.21 19.47 46.48
N ASN L 80 -25.63 20.38 47.25
CA ASN L 80 -25.79 20.38 48.70
C ASN L 80 -25.46 19.02 49.30
N ASP L 81 -24.23 18.58 49.08
CA ASP L 81 -23.69 17.34 49.67
C ASP L 81 -24.53 16.06 49.53
N LYS L 82 -25.28 15.97 48.42
CA LYS L 82 -26.08 14.78 48.13
C LYS L 82 -25.20 13.54 47.86
N LYS L 83 -25.74 12.37 48.21
CA LYS L 83 -25.08 11.12 47.89
C LYS L 83 -25.33 10.81 46.42
N LEU L 84 -24.26 10.45 45.71
CA LEU L 84 -24.36 10.03 44.33
C LEU L 84 -24.73 8.55 44.34
N SER L 85 -25.97 8.25 43.96
CA SER L 85 -26.44 6.87 43.96
C SER L 85 -25.77 6.11 42.82
N ILE L 86 -25.69 4.78 42.97
CA ILE L 86 -24.98 3.95 42.01
C ILE L 86 -25.47 4.14 40.57
N ASN L 87 -26.79 4.23 40.38
CA ASN L 87 -27.39 4.40 39.05
C ASN L 87 -27.01 5.73 38.42
N SER L 88 -26.92 6.76 39.27
CA SER L 88 -26.53 8.10 38.86
C SER L 88 -25.10 8.09 38.39
N ALA L 89 -24.21 7.54 39.22
CA ALA L 89 -22.79 7.39 38.91
C ALA L 89 -22.59 6.73 37.55
N ALA L 90 -23.23 5.57 37.35
CA ALA L 90 -23.21 4.89 36.07
C ALA L 90 -23.48 5.84 34.91
N ARG L 91 -24.64 6.52 34.93
CA ARG L 91 -25.02 7.46 33.87
C ARG L 91 -23.98 8.55 33.65
N ASN L 92 -23.53 9.16 34.74
CA ASN L 92 -22.41 10.11 34.73
C ASN L 92 -21.21 9.57 33.95
N ILE L 93 -20.77 8.36 34.27
CA ILE L 93 -19.64 7.69 33.56
C ILE L 93 -19.94 7.50 32.06
N GLN L 94 -21.12 7.00 31.71
CA GLN L 94 -21.49 6.88 30.30
C GLN L 94 -21.16 8.18 29.55
N HIS L 95 -21.35 9.31 30.24
CA HIS L 95 -21.14 10.59 29.63
C HIS L 95 -19.69 10.99 29.57
N LEU L 96 -18.96 10.65 30.63
CA LEU L 96 -17.52 10.83 30.68
C LEU L 96 -16.86 10.08 29.55
N LEU L 97 -17.33 8.85 29.32
CA LEU L 97 -16.75 7.97 28.31
C LEU L 97 -17.13 8.41 26.90
N TYR L 98 -18.43 8.43 26.61
CA TYR L 98 -18.91 8.81 25.28
C TYR L 98 -18.40 10.18 24.87
N GLY L 99 -18.05 11.00 25.87
CA GLY L 99 -17.43 12.29 25.63
C GLY L 99 -16.19 12.19 24.75
N LYS L 100 -15.47 11.07 24.88
CA LYS L 100 -14.31 10.77 24.06
C LYS L 100 -14.61 9.70 23.02
N ARG L 101 -15.79 9.79 22.41
CA ARG L 101 -16.26 8.76 21.47
C ARG L 101 -15.36 8.65 20.25
N PHE L 102 -14.61 9.69 19.93
CA PHE L 102 -13.75 9.62 18.76
C PHE L 102 -12.26 9.57 19.08
N PHE L 103 -11.95 9.37 20.35
CA PHE L 103 -10.60 9.06 20.80
C PHE L 103 -10.77 8.35 22.16
N PRO L 104 -11.33 7.11 22.13
CA PRO L 104 -11.85 6.41 23.30
C PRO L 104 -10.86 6.20 24.41
N TYR L 105 -11.37 6.09 25.63
CA TYR L 105 -10.59 5.59 26.73
C TYR L 105 -10.57 4.08 26.51
N TYR L 106 -9.38 3.52 26.31
CA TYR L 106 -9.26 2.10 25.94
C TYR L 106 -9.38 1.19 27.17
N VAL L 107 -10.56 1.17 27.75
CA VAL L 107 -10.79 0.46 29.02
C VAL L 107 -12.17 -0.16 29.14
N HIS L 108 -12.20 -1.43 29.55
CA HIS L 108 -13.42 -2.01 30.07
C HIS L 108 -13.52 -1.62 31.54
N THR L 109 -14.61 -0.93 31.89
CA THR L 109 -14.73 -0.37 33.21
C THR L 109 -15.91 -0.97 33.97
N ILE L 110 -15.71 -1.18 35.27
CA ILE L 110 -16.71 -1.79 36.15
C ILE L 110 -16.81 -0.97 37.43
N ILE L 111 -18.04 -0.67 37.85
CA ILE L 111 -18.27 -0.08 39.17
C ILE L 111 -19.19 -0.95 40.02
N ALA L 112 -19.07 -0.80 41.33
CA ALA L 112 -19.84 -1.60 42.27
C ALA L 112 -20.21 -0.81 43.51
N GLY L 113 -21.37 -1.14 44.06
CA GLY L 113 -21.85 -0.55 45.31
C GLY L 113 -23.21 -1.07 45.71
N LEU L 114 -24.03 -0.20 46.28
CA LEU L 114 -25.38 -0.57 46.64
C LEU L 114 -26.35 0.34 45.93
N ASP L 115 -27.48 -0.21 45.50
CA ASP L 115 -28.51 0.63 44.91
C ASP L 115 -29.34 1.37 45.98
N GLU L 116 -30.39 2.04 45.52
CA GLU L 116 -31.26 2.84 46.37
C GLU L 116 -31.92 2.02 47.49
N ASP L 117 -32.18 0.73 47.24
CA ASP L 117 -32.91 -0.13 48.17
C ASP L 117 -32.04 -0.98 49.08
N GLY L 118 -30.72 -0.81 48.97
CA GLY L 118 -29.78 -1.57 49.78
C GLY L 118 -29.23 -2.79 49.08
N LYS L 119 -29.92 -3.25 48.03
CA LYS L 119 -29.46 -4.39 47.23
C LYS L 119 -28.08 -4.13 46.65
N GLY L 120 -27.33 -5.20 46.36
CA GLY L 120 -26.03 -5.07 45.72
C GLY L 120 -26.20 -4.71 44.26
N ALA L 121 -25.27 -3.95 43.72
CA ALA L 121 -25.30 -3.57 42.31
C ALA L 121 -23.92 -3.52 41.67
N VAL L 122 -23.89 -3.91 40.40
CA VAL L 122 -22.70 -3.86 39.58
C VAL L 122 -23.04 -3.29 38.20
N TYR L 123 -22.22 -2.36 37.73
CA TYR L 123 -22.37 -1.80 36.39
C TYR L 123 -21.10 -2.03 35.54
N SER L 124 -21.27 -2.36 34.26
CA SER L 124 -20.13 -2.53 33.36
C SER L 124 -20.24 -1.69 32.08
N PHE L 125 -19.08 -1.24 31.60
CA PHE L 125 -19.01 -0.29 30.49
C PHE L 125 -18.05 -0.74 29.41
N ASP L 126 -18.47 -0.65 28.15
CA ASP L 126 -17.55 -0.81 27.04
C ASP L 126 -16.63 0.44 26.96
N PRO L 127 -15.71 0.50 25.97
CA PRO L 127 -14.82 1.69 25.95
C PRO L 127 -15.50 3.02 25.61
N VAL L 128 -16.61 2.98 24.89
CA VAL L 128 -17.32 4.22 24.49
C VAL L 128 -18.59 4.55 25.30
N GLY L 129 -18.84 3.81 26.38
CA GLY L 129 -19.86 4.21 27.36
C GLY L 129 -21.18 3.47 27.37
N SER L 130 -21.26 2.36 26.66
CA SER L 130 -22.45 1.54 26.67
C SER L 130 -22.48 0.75 27.98
N TYR L 131 -23.64 0.66 28.62
CA TYR L 131 -23.72 0.02 29.94
C TYR L 131 -25.01 -0.73 30.29
N GLU L 132 -24.90 -1.63 31.26
CA GLU L 132 -26.03 -2.38 31.80
C GLU L 132 -25.79 -2.63 33.27
N ARG L 133 -26.86 -2.79 34.05
CA ARG L 133 -26.68 -3.31 35.39
C ARG L 133 -26.59 -4.82 35.21
N GLU L 134 -25.67 -5.44 35.94
CA GLU L 134 -25.44 -6.87 35.77
C GLU L 134 -25.27 -7.58 37.09
N GLN L 135 -25.49 -8.89 37.06
CA GLN L 135 -25.37 -9.76 38.21
C GLN L 135 -23.92 -9.86 38.65
N CYS L 136 -23.06 -10.15 37.67
CA CYS L 136 -21.62 -10.29 37.85
C CYS L 136 -20.96 -10.08 36.49
N ARG L 137 -19.73 -9.57 36.52
CA ARG L 137 -19.00 -9.27 35.29
C ARG L 137 -17.48 -9.30 35.48
N ALA L 138 -16.82 -10.00 34.57
CA ALA L 138 -15.37 -10.07 34.50
C ALA L 138 -14.88 -9.18 33.35
N GLY L 139 -13.70 -8.61 33.53
CA GLY L 139 -13.16 -7.72 32.51
C GLY L 139 -11.66 -7.81 32.40
N GLY L 140 -11.16 -7.61 31.18
CA GLY L 140 -9.73 -7.59 30.97
C GLY L 140 -9.22 -8.88 30.38
N ALA L 141 -7.93 -9.13 30.56
CA ALA L 141 -7.23 -10.24 29.92
C ALA L 141 -7.99 -11.57 29.99
N ALA L 142 -8.14 -12.07 31.21
CA ALA L 142 -8.72 -13.39 31.45
C ALA L 142 -10.26 -13.39 31.47
N ALA L 143 -10.87 -12.30 31.00
CA ALA L 143 -12.33 -12.21 31.03
C ALA L 143 -13.00 -13.40 30.36
N SER L 144 -12.43 -13.87 29.25
CA SER L 144 -12.99 -15.00 28.51
C SER L 144 -12.81 -16.32 29.25
N LEU L 145 -11.90 -16.34 30.23
CA LEU L 145 -11.66 -17.53 31.06
C LEU L 145 -12.55 -17.57 32.28
N ILE L 146 -12.91 -16.40 32.80
CA ILE L 146 -13.71 -16.35 34.01
C ILE L 146 -15.23 -16.29 33.77
N MET L 147 -15.67 -15.51 32.78
CA MET L 147 -17.11 -15.34 32.53
C MET L 147 -17.94 -16.62 32.35
N PRO L 148 -17.41 -17.63 31.63
CA PRO L 148 -18.24 -18.83 31.51
C PRO L 148 -18.32 -19.61 32.81
N PHE L 149 -17.27 -19.54 33.63
CA PHE L 149 -17.25 -20.16 34.96
C PHE L 149 -18.31 -19.54 35.86
N LEU L 150 -18.49 -18.23 35.74
CA LEU L 150 -19.45 -17.51 36.55
C LEU L 150 -20.88 -17.77 36.11
N ASP L 151 -21.09 -18.01 34.82
CA ASP L 151 -22.41 -18.37 34.34
C ASP L 151 -22.85 -19.66 35.01
N ASN L 152 -21.87 -20.51 35.33
CA ASN L 152 -22.14 -21.82 35.88
C ASN L 152 -22.33 -21.79 37.38
N GLN L 153 -21.44 -21.10 38.08
CA GLN L 153 -21.39 -21.16 39.54
C GLN L 153 -22.14 -20.05 40.28
N VAL L 154 -22.63 -19.05 39.54
CA VAL L 154 -23.40 -17.93 40.13
C VAL L 154 -24.84 -17.95 39.65
N ASN L 155 -25.05 -18.01 38.34
CA ASN L 155 -26.41 -18.06 37.79
C ASN L 155 -26.89 -19.50 37.56
N PHE L 156 -26.07 -20.46 37.98
CA PHE L 156 -26.38 -21.89 37.88
C PHE L 156 -26.91 -22.31 36.51
N LYS L 157 -26.29 -21.76 35.47
CA LYS L 157 -26.71 -22.07 34.11
C LYS L 157 -26.24 -23.47 33.71
N ASN L 158 -27.12 -24.21 33.03
CA ASN L 158 -26.88 -25.61 32.56
C ASN L 158 -26.97 -26.70 33.62
N GLN L 159 -26.91 -26.30 34.88
CA GLN L 159 -27.17 -27.20 35.98
C GLN L 159 -28.67 -27.37 36.11
N TYR L 160 -29.12 -28.62 36.16
CA TYR L 160 -30.52 -28.96 36.35
C TYR L 160 -30.70 -29.74 37.64
N GLU L 161 -31.95 -29.90 38.08
CA GLU L 161 -32.24 -30.64 39.32
C GLU L 161 -31.90 -32.10 39.17
N PRO L 162 -30.93 -32.57 39.97
CA PRO L 162 -30.45 -33.94 39.90
C PRO L 162 -31.61 -34.94 39.85
N GLY L 163 -31.81 -35.55 38.68
CA GLY L 163 -32.82 -36.59 38.54
C GLY L 163 -34.13 -36.17 37.89
N THR L 164 -34.39 -34.86 37.82
CA THR L 164 -35.63 -34.37 37.22
C THR L 164 -35.60 -34.45 35.69
N ASN L 165 -34.79 -35.39 35.19
CA ASN L 165 -34.60 -35.62 33.75
C ASN L 165 -33.76 -34.52 33.12
N GLY L 166 -33.72 -33.37 33.77
CA GLY L 166 -33.23 -32.15 33.16
C GLY L 166 -34.39 -31.24 32.82
N LYS L 167 -35.20 -30.91 33.83
CA LYS L 167 -36.18 -29.83 33.71
C LYS L 167 -36.06 -28.83 34.87
N VAL L 168 -36.58 -29.19 36.04
CA VAL L 168 -36.50 -28.30 37.19
C VAL L 168 -35.04 -27.83 37.26
N LYS L 169 -34.83 -26.51 37.20
CA LYS L 169 -33.49 -25.94 37.21
C LYS L 169 -33.03 -25.78 38.62
N LYS L 170 -31.74 -25.96 38.84
CA LYS L 170 -31.17 -25.61 40.12
C LYS L 170 -31.61 -24.17 40.38
N PRO L 171 -32.37 -23.94 41.48
CA PRO L 171 -32.99 -22.64 41.69
C PRO L 171 -31.93 -21.57 41.90
N LEU L 172 -32.23 -20.36 41.44
CA LEU L 172 -31.30 -19.23 41.49
C LEU L 172 -31.03 -18.74 42.92
N LYS L 173 -31.12 -19.63 43.91
CA LYS L 173 -30.86 -19.30 45.33
C LYS L 173 -29.58 -18.49 45.46
N TYR L 174 -29.61 -17.41 46.24
CA TYR L 174 -28.49 -16.45 46.22
C TYR L 174 -27.43 -16.59 47.32
N LEU L 175 -26.25 -16.05 47.02
CA LEU L 175 -25.02 -16.39 47.71
C LEU L 175 -24.62 -15.37 48.77
N SER L 176 -23.91 -15.87 49.78
CA SER L 176 -23.40 -15.03 50.87
C SER L 176 -22.06 -14.42 50.50
N VAL L 177 -21.64 -13.41 51.25
CA VAL L 177 -20.37 -12.72 51.02
C VAL L 177 -19.14 -13.63 51.06
N GLU L 178 -19.19 -14.66 51.91
CA GLU L 178 -18.07 -15.59 52.05
C GLU L 178 -18.01 -16.60 50.89
N GLU L 179 -19.20 -17.02 50.44
CA GLU L 179 -19.34 -17.95 49.31
C GLU L 179 -18.99 -17.27 47.98
N VAL L 180 -19.21 -15.96 47.89
CA VAL L 180 -18.78 -15.15 46.74
C VAL L 180 -17.26 -15.01 46.70
N ILE L 181 -16.67 -14.60 47.82
CA ILE L 181 -15.22 -14.43 47.95
C ILE L 181 -14.46 -15.71 47.59
N LYS L 182 -15.04 -16.87 47.88
CA LYS L 182 -14.43 -18.15 47.49
C LYS L 182 -14.32 -18.23 45.97
N LEU L 183 -15.44 -17.95 45.30
CA LEU L 183 -15.52 -17.98 43.86
C LEU L 183 -14.59 -16.98 43.18
N VAL L 184 -14.36 -15.84 43.83
CA VAL L 184 -13.42 -14.85 43.31
C VAL L 184 -11.99 -15.40 43.34
N ARG L 185 -11.58 -15.94 44.49
CA ARG L 185 -10.23 -16.49 44.67
C ARG L 185 -9.98 -17.68 43.77
N ASP L 186 -11.01 -18.50 43.58
CA ASP L 186 -10.91 -19.63 42.67
C ASP L 186 -10.92 -19.21 41.20
N SER L 187 -11.51 -18.05 40.91
CA SER L 187 -11.49 -17.51 39.55
C SER L 187 -10.11 -16.94 39.25
N PHE L 188 -9.48 -16.37 40.26
CA PHE L 188 -8.19 -15.71 40.06
C PHE L 188 -7.01 -16.64 40.19
N THR L 189 -7.16 -17.75 40.93
CA THR L 189 -6.08 -18.74 40.95
C THR L 189 -6.14 -19.55 39.67
N SER L 190 -7.33 -19.70 39.09
CA SER L 190 -7.48 -20.31 37.78
C SER L 190 -6.93 -19.40 36.69
N ALA L 191 -7.35 -18.13 36.70
CA ALA L 191 -6.85 -17.14 35.74
C ALA L 191 -5.33 -17.06 35.72
N THR L 192 -4.72 -17.15 36.91
CA THR L 192 -3.26 -17.10 37.06
C THR L 192 -2.54 -18.23 36.32
N GLU L 193 -3.01 -19.45 36.54
CA GLU L 193 -2.43 -20.66 35.97
C GLU L 193 -2.44 -20.68 34.45
N ARG L 194 -3.50 -20.16 33.83
CA ARG L 194 -3.73 -20.36 32.40
C ARG L 194 -3.59 -19.12 31.53
N HIS L 195 -3.36 -17.97 32.15
CA HIS L 195 -3.12 -16.73 31.42
C HIS L 195 -1.86 -16.06 31.95
N ILE L 196 -1.00 -15.62 31.04
CA ILE L 196 0.30 -15.10 31.42
C ILE L 196 0.27 -13.68 31.97
N GLN L 197 -0.75 -12.91 31.61
CA GLN L 197 -0.85 -11.53 32.06
C GLN L 197 -1.41 -11.38 33.48
N VAL L 198 -2.01 -12.45 34.01
CA VAL L 198 -2.63 -12.43 35.33
C VAL L 198 -1.75 -13.11 36.38
N GLY L 199 -1.63 -12.47 37.55
CA GLY L 199 -0.92 -13.08 38.68
C GLY L 199 -0.50 -12.13 39.79
N ASP L 200 0.57 -12.51 40.49
CA ASP L 200 1.21 -11.69 41.52
C ASP L 200 0.41 -11.51 42.82
N GLY L 201 -0.76 -10.87 42.71
CA GLY L 201 -1.62 -10.60 43.87
C GLY L 201 -3.07 -10.33 43.50
N LEU L 202 -3.94 -10.31 44.50
CA LEU L 202 -5.37 -10.09 44.30
C LEU L 202 -5.91 -9.14 45.37
N GLU L 203 -6.62 -8.11 44.94
CA GLU L 203 -7.20 -7.15 45.88
C GLU L 203 -8.70 -7.15 45.68
N ILE L 204 -9.43 -7.50 46.72
CA ILE L 204 -10.89 -7.44 46.67
C ILE L 204 -11.39 -6.29 47.52
N LEU L 205 -12.37 -5.58 46.99
CA LEU L 205 -13.07 -4.52 47.73
C LEU L 205 -14.52 -4.94 48.00
N ILE L 206 -14.94 -4.84 49.26
CA ILE L 206 -16.22 -5.37 49.69
C ILE L 206 -17.14 -4.26 50.20
N VAL L 207 -18.18 -3.98 49.40
CA VAL L 207 -19.08 -2.86 49.65
C VAL L 207 -20.33 -3.30 50.42
N THR L 208 -20.35 -2.96 51.70
CA THR L 208 -21.45 -3.25 52.62
C THR L 208 -22.07 -1.93 53.01
N LYS L 209 -23.25 -1.97 53.62
CA LYS L 209 -23.90 -0.73 54.07
C LYS L 209 -23.12 -0.01 55.18
N ASP L 210 -22.01 -0.62 55.59
CA ASP L 210 -21.11 -0.05 56.61
C ASP L 210 -19.90 0.67 55.99
N GLY L 211 -19.84 0.66 54.66
CA GLY L 211 -18.71 1.24 53.95
C GLY L 211 -17.91 0.20 53.20
N VAL L 212 -16.67 0.56 52.89
CA VAL L 212 -15.84 -0.23 51.99
C VAL L 212 -14.73 -0.94 52.75
N ARG L 213 -14.67 -2.26 52.57
CA ARG L 213 -13.64 -3.10 53.18
C ARG L 213 -12.65 -3.58 52.10
N LYS L 214 -11.38 -3.74 52.47
CA LYS L 214 -10.34 -4.23 51.56
C LYS L 214 -9.83 -5.61 51.97
N GLU L 215 -9.38 -6.38 50.99
CA GLU L 215 -8.78 -7.70 51.23
C GLU L 215 -7.76 -8.02 50.16
N PHE L 216 -6.70 -8.73 50.53
CA PHE L 216 -5.60 -9.03 49.61
C PHE L 216 -5.13 -10.47 49.70
N TYR L 217 -4.79 -11.04 48.55
CA TYR L 217 -4.34 -12.42 48.48
C TYR L 217 -3.17 -12.59 47.54
N GLU L 218 -2.13 -13.27 48.03
CA GLU L 218 -0.97 -13.67 47.24
C GLU L 218 -1.40 -14.48 46.02
N LEU L 219 -0.74 -14.24 44.90
CA LEU L 219 -0.94 -15.06 43.71
C LEU L 219 0.41 -15.46 43.12
N LYS L 220 0.42 -16.51 42.29
CA LYS L 220 1.66 -17.03 41.72
C LYS L 220 2.36 -16.00 40.85
N ARG L 221 3.68 -15.92 41.01
CA ARG L 221 4.46 -14.82 40.47
C ARG L 221 5.27 -15.14 39.21
N ASP L 222 4.91 -16.23 38.52
CA ASP L 222 5.61 -16.66 37.30
C ASP L 222 5.08 -16.03 35.97
N THR M 1 3.10 13.06 17.07
CA THR M 1 3.52 12.38 15.81
C THR M 1 4.92 12.86 15.47
N GLN M 2 5.90 12.23 16.12
CA GLN M 2 7.32 12.51 15.90
C GLN M 2 8.11 11.20 15.94
N GLN M 3 9.44 11.31 15.86
CA GLN M 3 10.33 10.15 15.98
C GLN M 3 11.64 10.59 16.64
N PRO M 4 12.07 9.89 17.71
CA PRO M 4 13.29 10.24 18.45
C PRO M 4 14.52 10.29 17.56
N ILE M 5 15.47 11.15 17.90
CA ILE M 5 16.67 11.31 17.09
C ILE M 5 17.88 10.97 17.94
N VAL M 6 18.26 11.87 18.84
CA VAL M 6 19.35 11.62 19.80
C VAL M 6 18.73 11.01 21.04
N THR M 7 19.18 9.80 21.41
CA THR M 7 18.54 9.09 22.52
C THR M 7 19.51 8.68 23.62
N GLY M 8 18.98 8.54 24.83
CA GLY M 8 19.72 7.93 25.94
C GLY M 8 19.07 6.59 26.21
N THR M 9 19.86 5.62 26.67
CA THR M 9 19.33 4.28 26.97
C THR M 9 18.72 4.20 28.38
N SER M 10 18.85 3.04 29.04
CA SER M 10 18.19 2.74 30.34
C SER M 10 18.48 3.70 31.47
N VAL M 11 17.48 3.86 32.33
CA VAL M 11 17.63 4.42 33.66
C VAL M 11 17.23 3.30 34.59
N ILE M 12 18.02 3.06 35.64
CA ILE M 12 17.69 2.00 36.59
C ILE M 12 17.63 2.52 38.02
N SER M 13 16.77 1.91 38.85
CA SER M 13 16.60 2.38 40.23
C SER M 13 15.93 1.37 41.15
N MET M 14 16.23 1.48 42.43
CA MET M 14 15.57 0.69 43.47
C MET M 14 15.54 1.49 44.75
N LYS M 15 14.88 0.94 45.75
CA LYS M 15 14.84 1.57 47.04
C LYS M 15 15.35 0.64 48.12
N TYR M 16 16.25 1.15 48.95
CA TYR M 16 16.71 0.45 50.13
C TYR M 16 15.98 1.01 51.36
N ASP M 17 16.47 0.65 52.56
CA ASP M 17 15.81 0.98 53.83
C ASP M 17 15.67 2.49 54.14
N ASN M 18 16.65 3.27 53.69
CA ASN M 18 16.78 4.68 54.05
C ASN M 18 16.54 5.69 52.92
N GLY M 19 16.11 5.19 51.77
CA GLY M 19 15.90 6.05 50.63
C GLY M 19 15.96 5.29 49.33
N VAL M 20 16.52 5.93 48.30
CA VAL M 20 16.53 5.38 46.95
C VAL M 20 17.87 5.58 46.24
N ILE M 21 18.16 4.73 45.26
CA ILE M 21 19.26 4.95 44.33
C ILE M 21 18.73 4.98 42.89
N ILE M 22 19.32 5.85 42.08
CA ILE M 22 19.01 5.94 40.65
C ILE M 22 20.32 6.10 39.86
N ALA M 23 20.40 5.45 38.69
CA ALA M 23 21.57 5.60 37.82
C ALA M 23 21.23 5.55 36.32
N ALA M 24 22.07 6.20 35.50
CA ALA M 24 21.94 6.20 34.04
C ALA M 24 23.24 6.61 33.36
N ASP M 25 23.64 5.87 32.32
CA ASP M 25 24.89 6.19 31.64
C ASP M 25 24.89 7.56 30.97
N ASN M 26 26.07 8.00 30.52
CA ASN M 26 26.25 9.35 30.01
C ASN M 26 26.19 9.46 28.49
N LEU M 27 25.30 8.69 27.87
CA LEU M 27 25.32 8.57 26.42
C LEU M 27 24.08 9.11 25.72
N GLY M 28 24.32 9.84 24.64
CA GLY M 28 23.28 10.25 23.73
C GLY M 28 23.64 9.72 22.36
N SER M 29 23.02 8.61 21.97
CA SER M 29 23.30 7.97 20.70
C SER M 29 22.42 8.58 19.60
N TYR M 30 22.93 8.54 18.38
CA TYR M 30 22.26 9.06 17.20
C TYR M 30 22.08 7.88 16.29
N GLY M 31 21.01 7.12 16.50
CA GLY M 31 20.82 5.87 15.79
C GLY M 31 21.81 4.91 16.40
N SER M 32 22.63 4.29 15.57
CA SER M 32 23.69 3.39 16.07
C SER M 32 25.05 4.10 16.17
N LEU M 33 25.08 5.39 15.85
CA LEU M 33 26.24 6.21 16.14
C LEU M 33 26.19 6.71 17.59
N LEU M 34 27.18 6.34 18.39
CA LEU M 34 27.26 6.79 19.78
C LEU M 34 27.83 8.21 19.77
N ARG M 35 26.94 9.18 19.57
CA ARG M 35 27.34 10.54 19.22
C ARG M 35 27.92 11.36 20.37
N PHE M 36 27.28 11.34 21.54
CA PHE M 36 27.66 12.26 22.62
C PHE M 36 27.96 11.58 23.94
N ASN M 37 29.00 12.06 24.62
CA ASN M 37 29.40 11.42 25.88
C ASN M 37 29.33 12.24 27.17
N GLY M 38 29.09 13.54 27.05
CA GLY M 38 28.97 14.38 28.22
C GLY M 38 27.52 14.57 28.58
N VAL M 39 26.72 13.54 28.41
CA VAL M 39 25.27 13.67 28.60
C VAL M 39 24.83 13.28 30.01
N GLU M 40 24.63 14.28 30.85
CA GLU M 40 24.07 14.02 32.15
C GLU M 40 22.59 13.70 32.01
N ARG M 41 22.20 12.48 32.34
CA ARG M 41 20.79 12.07 32.20
C ARG M 41 20.05 12.03 33.54
N LEU M 42 20.78 12.29 34.61
CA LEU M 42 20.17 12.46 35.92
C LEU M 42 20.00 13.93 36.27
N ILE M 43 18.75 14.29 36.54
CA ILE M 43 18.36 15.65 36.83
C ILE M 43 17.91 15.74 38.28
N PRO M 44 18.74 16.38 39.12
CA PRO M 44 18.37 16.57 40.51
C PRO M 44 17.48 17.81 40.61
N VAL M 45 16.40 17.69 41.38
CA VAL M 45 15.45 18.78 41.58
C VAL M 45 15.25 18.99 43.08
N GLY M 46 15.87 20.04 43.62
CA GLY M 46 15.93 20.23 45.06
C GLY M 46 16.92 19.24 45.66
N ASP M 47 16.90 19.11 46.98
CA ASP M 47 17.83 18.21 47.69
C ASP M 47 17.19 16.87 48.09
N ASN M 48 15.97 16.64 47.59
CA ASN M 48 15.21 15.44 47.94
C ASN M 48 14.76 14.59 46.74
N THR M 49 15.03 15.08 45.52
CA THR M 49 14.53 14.45 44.30
C THR M 49 15.59 14.39 43.21
N VAL M 50 15.69 13.25 42.54
CA VAL M 50 16.41 13.13 41.26
C VAL M 50 15.47 12.56 40.20
N VAL M 51 15.45 13.19 39.02
CA VAL M 51 14.64 12.71 37.91
C VAL M 51 15.56 12.16 36.82
N GLY M 52 15.45 10.85 36.56
CA GLY M 52 16.24 10.21 35.51
C GLY M 52 15.43 9.98 34.25
N ILE M 53 15.96 10.42 33.11
CA ILE M 53 15.23 10.36 31.84
C ILE M 53 15.94 9.55 30.76
N SER M 54 15.18 8.68 30.11
CA SER M 54 15.62 7.96 28.90
C SER M 54 14.78 8.39 27.70
N GLY M 55 15.31 8.18 26.50
CA GLY M 55 14.55 8.51 25.30
C GLY M 55 15.15 9.70 24.60
N ASP M 56 14.31 10.42 23.85
CA ASP M 56 14.73 11.56 23.05
C ASP M 56 15.40 12.63 23.93
N ILE M 57 16.61 13.03 23.55
CA ILE M 57 17.43 13.96 24.35
C ILE M 57 16.88 15.39 24.30
N SER M 58 16.42 15.83 23.13
CA SER M 58 15.83 17.16 22.99
C SER M 58 14.61 17.34 23.86
N ASP M 59 13.78 16.30 23.96
CA ASP M 59 12.61 16.31 24.85
C ASP M 59 13.05 16.32 26.32
N MET M 60 14.08 15.56 26.67
CA MET M 60 14.64 15.55 28.02
C MET M 60 15.10 16.94 28.42
N GLN M 61 15.80 17.62 27.52
CA GLN M 61 16.28 18.97 27.76
C GLN M 61 15.12 19.92 28.00
N HIS M 62 14.02 19.71 27.27
CA HIS M 62 12.80 20.48 27.46
C HIS M 62 12.21 20.22 28.85
N ILE M 63 12.15 18.95 29.27
CA ILE M 63 11.69 18.62 30.61
C ILE M 63 12.61 19.22 31.67
N GLU M 64 13.92 19.25 31.40
CA GLU M 64 14.88 19.91 32.28
C GLU M 64 14.47 21.35 32.59
N ARG M 65 14.25 22.12 31.52
CA ARG M 65 13.86 23.53 31.61
C ARG M 65 12.54 23.70 32.38
N LEU M 66 11.62 22.76 32.21
CA LEU M 66 10.35 22.78 32.90
C LEU M 66 10.52 22.63 34.40
N LEU M 67 11.51 21.84 34.80
CA LEU M 67 11.81 21.59 36.21
C LEU M 67 12.60 22.73 36.88
N LYS M 68 13.59 23.28 36.18
CA LYS M 68 14.27 24.48 36.67
C LYS M 68 13.25 25.59 36.85
N ASP M 69 12.35 25.65 35.88
CA ASP M 69 11.31 26.65 35.82
C ASP M 69 10.24 26.39 36.89
N LEU M 70 10.14 25.15 37.34
CA LEU M 70 9.13 24.76 38.31
C LEU M 70 9.61 25.00 39.75
N VAL M 71 10.92 25.14 39.92
CA VAL M 71 11.49 25.48 41.23
C VAL M 71 11.35 26.99 41.44
N THR M 72 11.80 27.76 40.45
CA THR M 72 11.57 29.21 40.38
C THR M 72 10.14 29.57 40.77
N GLU M 73 9.17 28.89 40.14
CA GLU M 73 7.76 29.15 40.34
C GLU M 73 7.35 28.91 41.79
N ASN M 74 7.75 27.78 42.35
CA ASN M 74 7.37 27.43 43.71
C ASN M 74 7.93 28.42 44.73
N ALA M 75 9.09 28.98 44.40
CA ALA M 75 9.74 29.98 45.23
C ALA M 75 8.95 31.31 45.32
N TYR M 76 8.26 31.67 44.25
CA TYR M 76 7.45 32.90 44.21
C TYR M 76 6.43 33.00 45.34
N ASP M 77 6.44 34.13 46.06
CA ASP M 77 5.48 34.42 47.16
C ASP M 77 5.34 33.25 48.13
N ASN M 78 6.49 32.69 48.50
CA ASN M 78 6.54 31.47 49.29
C ASN M 78 7.73 31.49 50.26
N PRO M 79 7.55 32.06 51.46
CA PRO M 79 8.64 32.13 52.42
C PRO M 79 9.02 30.76 53.01
N LEU M 80 8.27 29.73 52.62
CA LEU M 80 8.55 28.36 53.07
C LEU M 80 9.00 27.43 51.93
N ALA M 81 9.60 28.01 50.89
CA ALA M 81 10.07 27.27 49.71
C ALA M 81 11.24 26.34 49.99
N ASP M 82 11.98 26.63 51.05
CA ASP M 82 13.08 25.77 51.51
C ASP M 82 12.73 25.06 52.81
N ALA M 83 11.43 25.03 53.12
CA ALA M 83 10.95 24.42 54.34
C ALA M 83 9.71 23.58 54.07
N GLU M 84 8.61 23.93 54.72
CA GLU M 84 7.36 23.18 54.66
C GLU M 84 6.73 23.11 53.26
N GLU M 85 6.89 24.18 52.49
CA GLU M 85 6.31 24.26 51.15
C GLU M 85 7.40 24.11 50.09
N ALA M 86 8.28 23.15 50.33
CA ALA M 86 9.26 22.77 49.33
C ALA M 86 8.62 21.78 48.36
N LEU M 87 9.29 21.58 47.23
CA LEU M 87 8.88 20.58 46.29
C LEU M 87 9.11 19.18 46.87
N GLU M 88 8.02 18.44 47.02
CA GLU M 88 8.08 17.02 47.28
C GLU M 88 8.34 16.28 45.96
N PRO M 89 8.91 15.05 46.04
CA PRO M 89 8.97 14.16 44.89
C PRO M 89 7.61 13.91 44.27
N SER M 90 6.60 13.63 45.10
CA SER M 90 5.27 13.34 44.57
C SER M 90 4.68 14.49 43.75
N TYR M 91 5.03 15.73 44.11
CA TYR M 91 4.57 16.91 43.37
C TYR M 91 5.21 16.97 41.99
N ILE M 92 6.52 16.77 41.93
CA ILE M 92 7.27 16.82 40.68
C ILE M 92 6.78 15.70 39.76
N PHE M 93 6.51 14.55 40.35
CA PHE M 93 6.02 13.44 39.57
C PHE M 93 4.66 13.74 38.97
N GLU M 94 3.69 14.04 39.82
CA GLU M 94 2.32 14.27 39.34
C GLU M 94 2.29 15.29 38.21
N TYR M 95 3.16 16.29 38.31
CA TYR M 95 3.28 17.33 37.31
C TYR M 95 3.68 16.73 35.97
N LEU M 96 4.80 16.03 35.97
CA LEU M 96 5.29 15.35 34.78
C LEU M 96 4.28 14.36 34.24
N ALA M 97 3.77 13.49 35.10
CA ALA M 97 2.77 12.50 34.70
C ALA M 97 1.57 13.16 34.01
N THR M 98 1.27 14.39 34.41
CA THR M 98 0.25 15.21 33.75
C THR M 98 0.72 15.66 32.38
N VAL M 99 1.81 16.44 32.38
CA VAL M 99 2.42 16.91 31.15
C VAL M 99 2.54 15.77 30.13
N MET M 100 3.02 14.61 30.60
CA MET M 100 3.22 13.43 29.76
C MET M 100 1.94 12.95 29.11
N TYR M 101 0.94 12.69 29.95
CA TYR M 101 -0.36 12.19 29.49
C TYR M 101 -1.07 13.17 28.55
N GLN M 102 -0.95 14.46 28.85
CA GLN M 102 -1.55 15.51 28.04
C GLN M 102 -0.95 15.64 26.65
N ARG M 103 0.34 15.34 26.53
CA ARG M 103 1.01 15.41 25.24
C ARG M 103 0.60 14.23 24.37
N ARG M 104 0.49 13.03 24.95
CA ARG M 104 0.08 11.87 24.16
C ARG M 104 -1.36 12.06 23.71
N SER M 105 -2.16 12.70 24.56
CA SER M 105 -3.57 12.91 24.28
C SER M 105 -3.77 13.99 23.22
N LYS M 106 -2.75 14.82 23.03
CA LYS M 106 -2.74 15.80 21.94
C LYS M 106 -1.99 15.26 20.70
N MET M 107 -1.79 13.95 20.66
CA MET M 107 -1.06 13.27 19.57
C MET M 107 0.34 13.82 19.30
N ASN M 108 1.05 14.15 20.37
CA ASN M 108 2.32 14.82 20.23
C ASN M 108 3.20 14.60 21.47
N PRO M 109 3.69 13.36 21.65
CA PRO M 109 4.28 12.99 22.93
C PRO M 109 5.67 13.58 23.18
N LEU M 110 6.04 13.66 24.44
CA LEU M 110 7.43 13.88 24.80
C LEU M 110 8.05 12.50 24.84
N TRP M 111 8.90 12.20 23.88
CA TRP M 111 9.28 10.81 23.61
C TRP M 111 10.26 10.23 24.64
N ASN M 112 9.77 10.03 25.86
CA ASN M 112 10.63 9.65 26.97
C ASN M 112 10.04 8.59 27.85
N ALA M 113 10.91 8.01 28.67
CA ALA M 113 10.50 7.26 29.85
C ALA M 113 11.27 7.93 30.99
N ILE M 114 10.57 8.21 32.08
CA ILE M 114 11.09 8.98 33.20
C ILE M 114 10.92 8.21 34.51
N ILE M 115 11.97 8.18 35.34
CA ILE M 115 11.82 7.72 36.71
C ILE M 115 12.12 8.84 37.70
N VAL M 116 11.11 9.15 38.53
CA VAL M 116 11.24 10.13 39.61
C VAL M 116 11.59 9.43 40.92
N ALA M 117 12.78 9.72 41.42
CA ALA M 117 13.29 9.09 42.62
C ALA M 117 13.47 10.13 43.71
N GLY M 118 13.07 9.80 44.94
CA GLY M 118 13.33 10.71 46.04
C GLY M 118 12.75 10.30 47.38
N VAL M 119 13.12 11.05 48.41
CA VAL M 119 12.56 10.85 49.73
C VAL M 119 11.57 11.97 50.00
N GLN M 120 10.36 11.57 50.36
CA GLN M 120 9.31 12.48 50.78
C GLN M 120 9.70 13.07 52.12
N SER M 121 9.26 14.30 52.37
CA SER M 121 9.53 15.03 53.62
C SER M 121 9.35 14.22 54.90
N ASN M 122 8.26 13.46 54.98
CA ASN M 122 7.98 12.60 56.12
C ASN M 122 8.87 11.34 56.19
N GLY M 123 9.89 11.28 55.36
CA GLY M 123 10.84 10.15 55.36
C GLY M 123 10.57 9.02 54.37
N ASP M 124 9.32 8.92 53.92
CA ASP M 124 8.88 7.88 52.95
C ASP M 124 9.70 7.91 51.65
N GLN M 125 10.06 6.72 51.15
CA GLN M 125 10.72 6.58 49.85
C GLN M 125 9.71 6.84 48.75
N PHE M 126 10.14 7.53 47.70
CA PHE M 126 9.30 7.71 46.52
C PHE M 126 10.05 7.20 45.29
N LEU M 127 9.35 6.39 44.50
CA LEU M 127 9.93 5.87 43.27
C LEU M 127 8.81 5.56 42.30
N ARG M 128 8.75 6.30 41.20
CA ARG M 128 7.68 6.11 40.23
C ARG M 128 8.11 6.37 38.78
N TYR M 129 7.41 5.71 37.86
CA TYR M 129 7.71 5.71 36.44
C TYR M 129 6.59 6.37 35.65
N VAL M 130 6.94 7.13 34.63
CA VAL M 130 5.99 7.60 33.62
C VAL M 130 6.64 7.59 32.23
N ASN M 131 5.86 7.36 31.20
CA ASN M 131 6.41 7.37 29.84
C ASN M 131 5.57 8.13 28.82
N LEU M 132 6.04 8.12 27.58
CA LEU M 132 5.45 8.87 26.49
C LEU M 132 3.94 8.66 26.31
N LEU M 133 3.42 7.54 26.82
CA LEU M 133 1.99 7.23 26.71
C LEU M 133 1.24 7.79 27.89
N GLY M 134 1.97 8.12 28.96
CA GLY M 134 1.37 8.66 30.17
C GLY M 134 1.12 7.59 31.21
N VAL M 135 1.59 6.38 30.91
CA VAL M 135 1.47 5.25 31.84
C VAL M 135 2.32 5.49 33.09
N THR M 136 1.75 5.19 34.25
CA THR M 136 2.47 5.32 35.52
C THR M 136 2.39 4.02 36.34
N TYR M 137 3.49 3.69 37.02
CA TYR M 137 3.52 2.58 37.99
C TYR M 137 4.67 2.73 38.98
N SER M 138 4.47 2.16 40.15
CA SER M 138 5.45 2.15 41.23
C SER M 138 5.82 0.69 41.51
N SER M 139 7.06 0.47 41.95
CA SER M 139 7.57 -0.86 42.29
C SER M 139 8.87 -0.72 43.12
N PRO M 140 9.18 -1.72 43.97
CA PRO M 140 10.45 -1.70 44.70
C PRO M 140 11.71 -1.53 43.82
N THR M 141 11.61 -1.89 42.55
CA THR M 141 12.64 -1.62 41.54
C THR M 141 11.96 -1.07 40.29
N LEU M 142 12.64 -0.17 39.59
CA LEU M 142 12.12 0.39 38.34
C LEU M 142 13.23 0.60 37.35
N ALA M 143 12.93 0.33 36.08
CA ALA M 143 13.91 0.49 35.01
C ALA M 143 13.25 0.80 33.67
N THR M 144 13.96 1.52 32.81
CA THR M 144 13.43 1.87 31.49
C THR M 144 14.10 1.09 30.35
N GLY M 145 13.47 1.11 29.18
CA GLY M 145 14.02 0.48 27.96
C GLY M 145 14.61 -0.88 28.19
N PHE M 146 15.93 -1.00 28.02
CA PHE M 146 16.63 -2.26 28.24
C PHE M 146 16.68 -2.74 29.67
N GLY M 147 16.98 -1.82 30.58
CA GLY M 147 17.08 -2.12 32.00
C GLY M 147 15.88 -2.90 32.49
N ALA M 148 14.72 -2.63 31.86
CA ALA M 148 13.49 -3.33 32.17
C ALA M 148 13.66 -4.84 32.05
N HIS M 149 14.46 -5.27 31.05
CA HIS M 149 14.68 -6.68 30.74
C HIS M 149 15.84 -7.32 31.49
N MET M 150 16.89 -6.54 31.75
CA MET M 150 18.11 -7.09 32.33
C MET M 150 18.43 -6.60 33.73
N ALA M 151 18.20 -5.32 34.00
CA ALA M 151 18.46 -4.78 35.33
C ALA M 151 17.45 -5.26 36.36
N ASN M 152 16.16 -5.03 36.08
CA ASN M 152 15.09 -5.49 36.98
C ASN M 152 15.26 -6.92 37.50
N PRO M 153 15.48 -7.93 36.61
CA PRO M 153 15.69 -9.30 37.08
C PRO M 153 16.75 -9.45 38.17
N LEU M 154 17.82 -8.67 38.09
CA LEU M 154 18.94 -8.75 39.05
C LEU M 154 18.61 -8.04 40.35
N LEU M 155 17.90 -6.93 40.24
CA LEU M 155 17.56 -6.11 41.38
C LEU M 155 16.41 -6.74 42.17
N ARG M 156 15.46 -7.35 41.47
CA ARG M 156 14.37 -8.06 42.12
C ARG M 156 14.87 -9.28 42.92
N LYS M 157 16.13 -9.64 42.72
CA LYS M 157 16.77 -10.71 43.49
C LYS M 157 17.21 -10.19 44.85
N VAL M 158 17.25 -8.87 44.98
CA VAL M 158 17.59 -8.19 46.23
C VAL M 158 16.31 -7.74 46.93
N VAL M 159 15.61 -6.77 46.33
CA VAL M 159 14.30 -6.35 46.82
C VAL M 159 13.17 -6.97 46.01
N ASP M 160 12.69 -8.12 46.49
CA ASP M 160 11.70 -8.91 45.78
C ASP M 160 10.29 -8.44 46.09
N ARG M 161 9.95 -8.32 47.37
CA ARG M 161 8.67 -7.75 47.74
C ARG M 161 8.86 -6.58 48.70
N GLU M 162 7.76 -5.92 49.08
CA GLU M 162 7.80 -4.74 49.95
C GLU M 162 8.67 -4.98 51.18
N SER M 163 8.42 -6.09 51.85
CA SER M 163 9.10 -6.47 53.08
C SER M 163 10.62 -6.54 52.98
N ASP M 164 11.14 -6.59 51.76
CA ASP M 164 12.59 -6.70 51.56
C ASP M 164 13.32 -5.37 51.74
N ILE M 165 12.57 -4.27 51.74
CA ILE M 165 13.17 -2.93 51.74
C ILE M 165 13.83 -2.57 53.08
N PRO M 166 13.13 -2.74 54.21
CA PRO M 166 13.75 -2.51 55.53
C PRO M 166 15.04 -3.30 55.75
N LYS M 167 15.21 -4.37 54.98
CA LYS M 167 16.38 -5.23 55.03
C LYS M 167 17.58 -4.69 54.23
N THR M 168 17.33 -4.22 53.01
CA THR M 168 18.39 -3.78 52.09
C THR M 168 19.13 -2.51 52.51
N THR M 169 20.46 -2.54 52.50
CA THR M 169 21.25 -1.38 52.92
C THR M 169 21.90 -0.64 51.75
N VAL M 170 22.18 0.64 51.94
CA VAL M 170 22.83 1.51 50.94
C VAL M 170 24.04 0.87 50.26
N GLN M 171 24.78 0.04 50.99
CA GLN M 171 25.94 -0.68 50.45
C GLN M 171 25.47 -1.81 49.56
N VAL M 172 24.63 -2.70 50.11
CA VAL M 172 24.04 -3.80 49.35
C VAL M 172 23.31 -3.29 48.11
N ALA M 173 22.40 -2.33 48.31
CA ALA M 173 21.63 -1.76 47.20
C ALA M 173 22.50 -1.10 46.15
N GLU M 174 23.44 -0.24 46.56
CA GLU M 174 24.30 0.43 45.60
C GLU M 174 25.10 -0.56 44.77
N GLU M 175 25.63 -1.59 45.44
CA GLU M 175 26.45 -2.60 44.76
C GLU M 175 25.65 -3.36 43.69
N ALA M 176 24.38 -3.62 43.99
CA ALA M 176 23.45 -4.20 43.02
C ALA M 176 23.31 -3.33 41.76
N ILE M 177 23.05 -2.04 41.94
CA ILE M 177 22.97 -1.10 40.83
C ILE M 177 24.26 -1.10 40.00
N VAL M 178 25.40 -1.03 40.68
CA VAL M 178 26.71 -0.93 40.00
C VAL M 178 26.97 -2.13 39.08
N ASN M 179 26.64 -3.32 39.59
CA ASN M 179 26.77 -4.57 38.83
C ASN M 179 25.79 -4.61 37.65
N ALA M 180 24.56 -4.17 37.89
CA ALA M 180 23.51 -4.13 36.87
C ALA M 180 23.92 -3.24 35.71
N MET M 181 24.57 -2.12 36.05
CA MET M 181 25.05 -1.16 35.04
C MET M 181 26.13 -1.78 34.16
N ARG M 182 26.93 -2.65 34.76
CA ARG M 182 27.95 -3.41 34.04
C ARG M 182 27.28 -4.44 33.10
N VAL M 183 26.25 -5.11 33.60
CA VAL M 183 25.54 -6.12 32.79
C VAL M 183 24.93 -5.47 31.54
N LEU M 184 24.32 -4.30 31.70
CA LEU M 184 23.81 -3.53 30.56
C LEU M 184 24.93 -3.11 29.60
N TYR M 185 26.11 -2.82 30.16
CA TYR M 185 27.24 -2.46 29.31
C TYR M 185 27.69 -3.65 28.48
N TYR M 186 27.56 -4.83 29.06
CA TYR M 186 27.92 -6.08 28.40
C TYR M 186 27.00 -6.35 27.23
N ARG M 187 25.70 -6.10 27.39
CA ARG M 187 24.68 -6.60 26.45
C ARG M 187 23.78 -5.58 25.73
N ASP M 188 23.96 -4.28 25.98
CA ASP M 188 23.18 -3.21 25.32
C ASP M 188 24.07 -2.45 24.36
N ALA M 189 23.76 -2.52 23.07
CA ALA M 189 24.57 -1.88 22.03
C ALA M 189 24.52 -0.35 22.04
N ARG M 190 23.53 0.18 22.77
CA ARG M 190 23.30 1.62 22.86
C ARG M 190 23.77 2.21 24.19
N SER M 191 24.77 1.60 24.83
CA SER M 191 25.20 2.02 26.18
C SER M 191 26.68 2.38 26.29
N SER M 192 26.98 3.22 27.29
CA SER M 192 28.33 3.72 27.54
C SER M 192 28.94 3.12 28.79
N ARG M 193 30.26 3.17 28.87
CA ARG M 193 30.98 2.66 30.04
C ARG M 193 30.84 3.61 31.24
N ASN M 194 30.80 4.91 30.94
CA ASN M 194 30.64 5.94 31.93
C ASN M 194 29.18 6.15 32.28
N PHE M 195 28.90 6.50 33.52
CA PHE M 195 27.53 6.75 33.97
C PHE M 195 27.49 7.60 35.22
N SER M 196 26.31 8.04 35.59
CA SER M 196 26.13 8.82 36.81
C SER M 196 25.25 8.03 37.75
N LEU M 197 25.51 8.16 39.05
CA LEU M 197 24.71 7.49 40.05
C LEU M 197 24.32 8.48 41.13
N ALA M 198 23.13 8.33 41.68
CA ALA M 198 22.63 9.25 42.69
C ALA M 198 21.89 8.53 43.81
N ILE M 199 22.28 8.82 45.05
CA ILE M 199 21.66 8.24 46.25
C ILE M 199 20.91 9.33 47.01
N ILE M 200 19.63 9.09 47.26
CA ILE M 200 18.83 10.01 48.06
C ILE M 200 18.42 9.32 49.35
N ASP M 201 19.16 9.65 50.40
CA ASP M 201 19.03 9.04 51.72
C ASP M 201 18.29 10.00 52.63
N LYS M 202 17.36 9.47 53.42
CA LYS M 202 16.59 10.31 54.34
C LYS M 202 17.43 10.87 55.49
N ASN M 203 18.68 10.42 55.61
CA ASN M 203 19.60 10.97 56.59
C ASN M 203 20.76 11.72 55.94
N THR M 204 21.39 11.10 54.94
CA THR M 204 22.56 11.71 54.27
C THR M 204 22.18 12.85 53.33
N GLY M 205 20.93 12.85 52.89
CA GLY M 205 20.46 13.78 51.84
C GLY M 205 20.85 13.26 50.45
N LEU M 206 20.93 14.18 49.49
CA LEU M 206 21.30 13.82 48.11
C LEU M 206 22.80 13.66 47.96
N THR M 207 23.24 12.48 47.53
CA THR M 207 24.63 12.24 47.15
C THR M 207 24.66 12.02 45.63
N PHE M 208 25.53 12.74 44.93
CA PHE M 208 25.54 12.67 43.48
C PHE M 208 26.92 12.34 42.93
N LYS M 209 27.03 11.17 42.30
CA LYS M 209 28.30 10.68 41.77
C LYS M 209 28.39 10.76 40.24
N LYS M 210 29.21 11.69 39.75
CA LYS M 210 29.45 11.84 38.33
C LYS M 210 30.66 11.03 37.92
N ASN M 211 30.83 10.85 36.62
CA ASN M 211 32.05 10.27 36.01
C ASN M 211 32.44 8.89 36.50
N LEU M 212 31.45 8.12 36.96
CA LEU M 212 31.66 6.72 37.33
C LEU M 212 31.96 5.88 36.09
N GLN M 213 32.66 4.78 36.30
CA GLN M 213 33.02 3.88 35.21
C GLN M 213 32.77 2.43 35.58
N VAL M 214 32.39 1.63 34.58
CA VAL M 214 32.23 0.20 34.78
C VAL M 214 33.60 -0.44 34.95
N GLU M 215 33.79 -1.07 36.11
CA GLU M 215 35.04 -1.75 36.48
C GLU M 215 34.78 -3.24 36.76
N ASN M 216 35.87 -4.00 36.97
CA ASN M 216 35.83 -5.46 37.26
C ASN M 216 35.16 -6.33 36.19
N MET M 217 35.48 -6.08 34.93
CA MET M 217 34.89 -6.81 33.82
C MET M 217 35.60 -8.13 33.53
N LYS M 218 34.84 -9.10 33.03
CA LYS M 218 35.34 -10.43 32.71
C LYS M 218 35.40 -10.63 31.20
N TRP M 219 36.60 -10.52 30.63
CA TRP M 219 36.81 -10.66 29.19
C TRP M 219 37.82 -11.76 28.82
N ASP M 220 38.56 -12.24 29.80
CA ASP M 220 39.67 -13.18 29.59
C ASP M 220 39.31 -14.36 28.70
N PHE M 221 38.19 -15.01 29.02
CA PHE M 221 37.72 -16.21 28.31
C PHE M 221 37.53 -16.07 26.79
N ALA M 222 37.47 -14.84 26.31
CA ALA M 222 37.28 -14.57 24.89
C ALA M 222 38.41 -15.14 24.02
N LYS M 223 39.60 -15.31 24.60
CA LYS M 223 40.79 -15.76 23.85
C LYS M 223 40.75 -17.24 23.53
N ASP M 224 39.95 -17.98 24.29
CA ASP M 224 39.77 -19.41 24.11
C ASP M 224 38.76 -19.68 23.01
N ILE M 225 37.81 -18.78 22.84
CA ILE M 225 36.78 -18.92 21.82
C ILE M 225 37.35 -18.64 20.44
N LYS M 226 37.32 -19.66 19.58
CA LYS M 226 37.63 -19.47 18.16
C LYS M 226 36.66 -20.22 17.26
N GLY M 227 36.52 -19.76 16.03
CA GLY M 227 35.55 -20.30 15.07
C GLY M 227 34.12 -20.08 15.49
N TYR M 228 33.19 -20.67 14.74
CA TYR M 228 31.78 -20.65 15.09
C TYR M 228 31.19 -22.05 15.09
N GLY M 229 32.05 -23.05 15.08
CA GLY M 229 31.62 -24.44 15.09
C GLY M 229 32.73 -25.48 15.03
N THR M 230 33.28 -25.67 13.83
CA THR M 230 34.20 -26.78 13.59
C THR M 230 35.68 -26.38 13.66
N GLN M 231 35.97 -25.13 13.31
CA GLN M 231 37.33 -24.55 13.33
C GLN M 231 38.02 -24.74 14.68
N LYS M 232 39.32 -25.02 14.64
CA LYS M 232 40.08 -25.46 15.82
C LYS M 232 41.17 -24.50 16.30
N ILE M 233 41.76 -23.75 15.37
CA ILE M 233 42.87 -22.83 15.68
C ILE M 233 42.53 -21.34 15.51
N THR N 1 27.65 17.57 2.16
CA THR N 1 28.11 18.68 3.06
C THR N 1 29.02 18.18 4.18
N SER N 2 30.16 18.83 4.32
CA SER N 2 31.09 18.55 5.43
C SER N 2 31.35 19.85 6.15
N ILE N 3 31.03 19.90 7.45
CA ILE N 3 31.18 21.11 8.23
C ILE N 3 31.70 20.83 9.63
N MET N 4 32.50 21.76 10.16
CA MET N 4 33.00 21.67 11.52
C MET N 4 33.37 23.04 12.10
N ALA N 5 33.34 23.14 13.43
CA ALA N 5 33.89 24.29 14.13
C ALA N 5 34.80 23.79 15.26
N VAL N 6 35.94 24.46 15.42
CA VAL N 6 36.95 24.06 16.40
C VAL N 6 37.36 25.23 17.29
N THR N 7 37.33 25.03 18.60
CA THR N 7 37.80 26.05 19.53
C THR N 7 39.28 25.87 19.80
N PHE N 8 40.07 26.88 19.47
CA PHE N 8 41.47 26.92 19.84
C PHE N 8 41.77 28.03 20.87
N LYS N 9 43.06 28.24 21.18
CA LYS N 9 43.50 29.18 22.22
C LYS N 9 42.95 30.61 22.10
N ASP N 10 43.14 31.24 20.93
CA ASP N 10 42.76 32.65 20.71
C ASP N 10 41.29 32.84 20.36
N GLY N 11 40.53 31.76 20.20
CA GLY N 11 39.14 31.86 19.76
C GLY N 11 38.59 30.60 19.14
N VAL N 12 38.07 30.73 17.92
CA VAL N 12 37.36 29.62 17.26
C VAL N 12 37.39 29.73 15.73
N ILE N 13 37.42 28.59 15.04
CA ILE N 13 37.40 28.56 13.58
C ILE N 13 36.29 27.65 13.04
N LEU N 14 35.62 28.12 11.99
CA LEU N 14 34.54 27.39 11.36
C LEU N 14 35.01 26.95 9.99
N GLY N 15 34.72 25.71 9.62
CA GLY N 15 35.13 25.16 8.33
C GLY N 15 33.98 24.50 7.59
N ALA N 16 34.06 24.50 6.25
CA ALA N 16 33.05 23.86 5.40
C ALA N 16 33.57 23.56 4.01
N ASP N 17 32.91 22.63 3.31
CA ASP N 17 33.09 22.48 1.88
C ASP N 17 32.16 23.45 1.17
N SER N 18 32.07 23.36 -0.14
CA SER N 18 31.27 24.33 -0.88
C SER N 18 30.33 23.69 -1.88
N ARG N 19 30.09 22.39 -1.73
CA ARG N 19 29.25 21.68 -2.67
C ARG N 19 27.80 21.56 -2.20
N THR N 20 26.86 21.89 -3.08
CA THR N 20 25.46 21.50 -2.87
C THR N 20 24.95 20.73 -4.09
N THR N 21 24.39 19.55 -3.82
CA THR N 21 23.91 18.63 -4.85
C THR N 21 22.41 18.47 -4.82
N THR N 22 21.81 18.30 -6.00
CA THR N 22 20.44 17.79 -6.08
C THR N 22 20.52 16.46 -6.80
N GLY N 23 20.43 15.39 -6.02
CA GLY N 23 20.72 14.05 -6.53
C GLY N 23 22.22 13.90 -6.67
N ALA N 24 22.67 13.53 -7.86
CA ALA N 24 24.10 13.36 -8.11
C ALA N 24 24.63 14.53 -8.93
N TYR N 25 23.76 15.48 -9.26
CA TYR N 25 24.15 16.73 -9.92
C TYR N 25 24.62 17.74 -8.89
N ILE N 26 25.76 18.37 -9.16
CA ILE N 26 26.26 19.42 -8.29
C ILE N 26 25.62 20.75 -8.69
N ALA N 27 24.62 21.16 -7.91
CA ALA N 27 23.81 22.33 -8.20
C ALA N 27 24.64 23.59 -8.14
N ASN N 28 25.38 23.74 -7.05
CA ASN N 28 26.35 24.81 -6.87
C ASN N 28 27.62 24.26 -6.28
N ARG N 29 28.76 24.59 -6.91
CA ARG N 29 30.05 24.08 -6.45
C ARG N 29 30.85 25.09 -5.60
N VAL N 30 30.26 26.26 -5.35
CA VAL N 30 30.94 27.32 -4.62
C VAL N 30 30.08 27.90 -3.48
N THR N 31 29.19 27.08 -2.92
CA THR N 31 28.31 27.50 -1.81
C THR N 31 29.09 28.06 -0.61
N ASP N 32 28.56 29.12 -0.03
CA ASP N 32 29.07 29.60 1.24
C ASP N 32 28.17 29.07 2.36
N LYS N 33 28.67 28.05 3.05
CA LYS N 33 27.90 27.42 4.11
C LYS N 33 28.29 28.00 5.48
N LEU N 34 29.15 29.02 5.46
CA LEU N 34 29.53 29.73 6.68
C LEU N 34 28.77 31.05 6.75
N THR N 35 27.78 31.09 7.65
CA THR N 35 26.81 32.20 7.68
C THR N 35 26.86 33.05 8.95
N ARG N 36 26.90 34.37 8.75
CA ARG N 36 26.92 35.35 9.83
C ARG N 36 25.54 35.49 10.44
N VAL N 37 25.43 35.32 11.76
CA VAL N 37 24.18 35.69 12.43
C VAL N 37 24.41 36.93 13.28
N HIS N 38 25.69 37.21 13.54
CA HIS N 38 26.12 38.40 14.26
C HIS N 38 27.62 38.65 14.01
N ASP N 39 28.09 39.82 14.44
CA ASP N 39 29.48 40.23 14.27
C ASP N 39 30.47 39.09 14.49
N LYS N 40 30.43 38.51 15.68
CA LYS N 40 31.27 37.37 15.98
C LYS N 40 30.45 36.17 16.45
N ILE N 41 29.33 35.93 15.77
CA ILE N 41 28.61 34.68 15.88
C ILE N 41 28.24 34.23 14.48
N TRP N 42 28.75 33.08 14.09
CA TRP N 42 28.52 32.51 12.77
C TRP N 42 27.96 31.13 12.92
N CYS N 43 27.60 30.51 11.80
CA CYS N 43 27.01 29.17 11.82
C CYS N 43 27.37 28.35 10.58
N CYS N 44 27.47 27.04 10.80
CA CYS N 44 27.62 26.09 9.73
C CYS N 44 26.27 25.46 9.50
N ARG N 45 25.82 25.51 8.24
CA ARG N 45 24.50 25.01 7.88
C ARG N 45 24.56 23.65 7.18
N SER N 46 23.68 22.74 7.61
CA SER N 46 23.52 21.42 6.99
C SER N 46 22.06 20.96 7.03
N GLY N 47 21.65 20.24 5.99
CA GLY N 47 20.27 19.79 5.84
C GLY N 47 19.62 20.52 4.68
N SER N 48 18.32 20.78 4.81
CA SER N 48 17.61 21.57 3.81
C SER N 48 18.19 22.98 3.77
N ALA N 49 18.83 23.33 2.64
CA ALA N 49 19.28 24.72 2.40
C ALA N 49 18.11 25.64 2.62
N ALA N 50 17.02 25.42 1.89
CA ALA N 50 15.79 26.17 2.10
C ALA N 50 15.47 26.39 3.58
N ASP N 51 15.42 25.31 4.35
CA ASP N 51 15.12 25.35 5.79
C ASP N 51 16.18 26.12 6.56
N THR N 52 17.46 25.77 6.41
CA THR N 52 18.54 26.40 7.19
C THR N 52 18.77 27.88 6.87
N GLN N 53 18.65 28.24 5.59
CA GLN N 53 18.62 29.66 5.18
C GLN N 53 17.50 30.44 5.90
N ALA N 54 16.27 29.94 5.82
CA ALA N 54 15.14 30.54 6.55
C ALA N 54 15.39 30.65 8.05
N ILE N 55 15.98 29.62 8.65
CA ILE N 55 16.32 29.61 10.07
C ILE N 55 17.41 30.63 10.36
N ALA N 56 18.46 30.62 9.56
CA ALA N 56 19.58 31.54 9.75
C ALA N 56 19.13 32.99 9.64
N ASP N 57 18.21 33.27 8.71
CA ASP N 57 17.66 34.60 8.51
C ASP N 57 16.85 35.10 9.73
N ILE N 58 16.07 34.18 10.33
CA ILE N 58 15.23 34.51 11.49
C ILE N 58 16.04 34.66 12.78
N VAL N 59 17.18 33.99 12.85
CA VAL N 59 18.09 34.16 13.99
C VAL N 59 18.78 35.50 13.90
N GLN N 60 19.27 35.83 12.71
CA GLN N 60 19.97 37.07 12.48
C GLN N 60 19.10 38.24 12.89
N TYR N 61 17.80 38.14 12.55
CA TYR N 61 16.80 39.12 12.92
C TYR N 61 16.66 39.22 14.44
N HIS N 62 16.43 38.09 15.10
CA HIS N 62 16.26 38.05 16.54
C HIS N 62 17.43 38.64 17.33
N LEU N 63 18.64 38.43 16.85
CA LEU N 63 19.84 38.90 17.53
C LEU N 63 20.08 40.38 17.27
N GLU N 64 19.75 40.84 16.06
CA GLU N 64 19.79 42.26 15.70
C GLU N 64 18.89 43.07 16.61
N LEU N 65 17.67 42.57 16.82
CA LEU N 65 16.75 43.17 17.78
C LEU N 65 17.28 43.04 19.20
N TYR N 66 17.89 41.90 19.51
CA TYR N 66 18.51 41.69 20.82
C TYR N 66 19.55 42.79 21.08
N THR N 67 20.37 43.05 20.07
CA THR N 67 21.48 43.99 20.20
C THR N 67 21.01 45.43 20.42
N SER N 68 20.01 45.85 19.65
CA SER N 68 19.40 47.18 19.80
C SER N 68 19.00 47.48 21.23
N GLN N 69 18.39 46.51 21.90
CA GLN N 69 17.83 46.69 23.24
C GLN N 69 18.80 46.31 24.36
N TYR N 70 19.52 45.20 24.21
CA TYR N 70 20.30 44.68 25.32
C TYR N 70 21.80 44.52 25.01
N GLY N 71 22.27 45.16 23.94
CA GLY N 71 23.68 45.08 23.54
C GLY N 71 24.08 43.74 22.97
N THR N 72 25.38 43.48 22.93
CA THR N 72 25.93 42.25 22.37
C THR N 72 25.41 40.99 23.07
N PRO N 73 24.86 40.02 22.29
CA PRO N 73 24.39 38.75 22.83
C PRO N 73 25.53 37.75 23.03
N SER N 74 25.38 36.85 23.99
CA SER N 74 26.33 35.76 24.17
C SER N 74 26.20 34.74 23.04
N THR N 75 27.26 33.97 22.82
CA THR N 75 27.22 32.86 21.87
C THR N 75 26.15 31.89 22.34
N GLU N 76 26.13 31.64 23.65
CA GLU N 76 25.13 30.79 24.25
C GLU N 76 23.69 31.21 23.93
N THR N 77 23.43 32.53 23.93
CA THR N 77 22.11 33.08 23.55
C THR N 77 21.76 32.75 22.10
N ALA N 78 22.74 32.89 21.21
CA ALA N 78 22.53 32.61 19.80
C ALA N 78 22.10 31.15 19.61
N ALA N 79 22.84 30.24 20.25
CA ALA N 79 22.49 28.83 20.28
C ALA N 79 21.08 28.60 20.80
N SER N 80 20.68 29.34 21.83
CA SER N 80 19.35 29.24 22.42
C SER N 80 18.25 29.57 21.41
N VAL N 81 18.44 30.67 20.68
CA VAL N 81 17.48 31.10 19.65
C VAL N 81 17.35 30.07 18.52
N PHE N 82 18.48 29.57 18.03
CA PHE N 82 18.52 28.47 17.05
C PHE N 82 17.79 27.24 17.59
N LYS N 83 18.16 26.76 18.77
CA LYS N 83 17.49 25.62 19.39
C LYS N 83 15.97 25.82 19.43
N GLU N 84 15.57 27.03 19.84
CA GLU N 84 14.18 27.37 20.05
C GLU N 84 13.33 27.20 18.78
N LEU N 85 13.93 27.48 17.63
CA LEU N 85 13.23 27.34 16.35
C LEU N 85 13.28 25.91 15.87
N CYS N 86 14.43 25.26 16.04
CA CYS N 86 14.62 23.89 15.57
C CYS N 86 13.80 22.92 16.40
N TYR N 87 13.86 23.07 17.72
CA TYR N 87 13.12 22.21 18.62
C TYR N 87 11.63 22.39 18.41
N GLU N 88 11.15 23.63 18.50
CA GLU N 88 9.73 23.89 18.40
C GLU N 88 9.16 23.51 17.05
N ASN N 89 9.96 23.64 16.01
CA ASN N 89 9.50 23.37 14.65
C ASN N 89 10.10 22.09 14.09
N LYS N 90 10.28 21.09 14.96
CA LYS N 90 11.01 19.87 14.60
C LYS N 90 10.30 18.99 13.59
N ASP N 91 8.97 19.00 13.62
CA ASP N 91 8.19 18.19 12.68
C ASP N 91 8.30 18.64 11.20
N ASN N 92 8.76 19.87 10.95
CA ASN N 92 8.84 20.43 9.59
C ASN N 92 10.21 20.96 9.17
N LEU N 93 11.25 20.58 9.90
CA LEU N 93 12.61 21.03 9.58
C LEU N 93 13.59 19.87 9.44
N THR N 94 14.42 19.94 8.41
CA THR N 94 15.56 19.05 8.31
C THR N 94 16.79 19.94 8.34
N ALA N 95 17.25 20.22 9.55
CA ALA N 95 18.39 21.10 9.76
C ALA N 95 19.24 20.65 10.94
N GLY N 96 20.53 20.52 10.69
CA GLY N 96 21.52 20.35 11.74
C GLY N 96 22.48 21.50 11.63
N ILE N 97 22.60 22.28 12.71
CA ILE N 97 23.41 23.52 12.70
C ILE N 97 24.53 23.50 13.75
N ILE N 98 25.71 23.96 13.38
CA ILE N 98 26.78 24.20 14.35
C ILE N 98 26.96 25.70 14.50
N VAL N 99 26.90 26.17 15.75
CA VAL N 99 27.01 27.59 16.07
C VAL N 99 28.34 27.82 16.77
N ALA N 100 29.09 28.81 16.30
CA ALA N 100 30.38 29.12 16.89
C ALA N 100 30.56 30.61 17.02
N GLY N 101 31.04 31.06 18.18
CA GLY N 101 31.20 32.49 18.43
C GLY N 101 32.36 32.89 19.31
N TYR N 102 32.73 34.16 19.21
CA TYR N 102 33.80 34.72 20.04
C TYR N 102 33.32 35.77 21.04
N ASP N 103 33.92 35.71 22.22
CA ASP N 103 33.59 36.51 23.37
C ASP N 103 34.91 36.82 24.08
N ASP N 104 34.98 37.92 24.83
CA ASP N 104 36.20 38.20 25.59
C ASP N 104 36.23 37.52 26.95
N LYS N 105 35.11 37.58 27.67
CA LYS N 105 34.94 36.83 28.91
C LYS N 105 35.07 35.33 28.65
N ASN N 106 34.52 34.88 27.51
CA ASN N 106 34.37 33.45 27.21
C ASN N 106 35.33 32.83 26.20
N LYS N 107 36.00 33.66 25.40
CA LYS N 107 36.86 33.19 24.31
C LYS N 107 36.06 32.36 23.30
N GLY N 108 36.64 31.30 22.74
CA GLY N 108 35.95 30.46 21.76
C GLY N 108 34.89 29.57 22.37
N GLU N 109 33.70 29.55 21.76
CA GLU N 109 32.60 28.68 22.18
C GLU N 109 31.98 27.97 20.98
N VAL N 110 31.65 26.69 21.13
CA VAL N 110 31.00 25.93 20.05
C VAL N 110 29.78 25.16 20.58
N TYR N 111 28.66 25.34 19.89
CA TYR N 111 27.41 24.68 20.23
C TYR N 111 26.92 23.92 19.01
N THR N 112 26.47 22.69 19.21
CA THR N 112 25.91 21.91 18.11
C THR N 112 24.44 21.59 18.35
N ILE N 113 23.65 21.87 17.32
CA ILE N 113 22.23 21.59 17.34
C ILE N 113 21.93 20.58 16.23
N PRO N 114 21.84 19.29 16.61
CA PRO N 114 21.55 18.24 15.66
C PRO N 114 20.08 18.21 15.25
N LEU N 115 19.77 17.32 14.32
CA LEU N 115 18.42 17.16 13.78
C LEU N 115 17.34 17.20 14.86
N GLY N 116 17.62 16.57 16.01
CA GLY N 116 16.67 16.60 17.14
C GLY N 116 16.05 17.96 17.51
N GLY N 117 16.90 18.92 17.84
CA GLY N 117 16.47 20.17 18.45
C GLY N 117 17.28 20.33 19.73
N SER N 118 18.00 19.26 20.07
CA SER N 118 18.89 19.25 21.23
C SER N 118 20.06 20.21 21.03
N VAL N 119 20.56 20.77 22.13
CA VAL N 119 21.78 21.58 22.08
C VAL N 119 22.86 20.85 22.82
N HIS N 120 24.08 20.92 22.27
CA HIS N 120 25.24 20.33 22.91
C HIS N 120 26.41 21.29 22.79
N LYS N 121 27.04 21.62 23.92
CA LYS N 121 28.21 22.50 23.96
C LYS N 121 29.47 21.63 23.93
N LEU N 122 30.41 21.99 23.07
CA LEU N 122 31.53 21.13 22.75
C LEU N 122 32.83 21.89 22.49
N PRO N 123 33.99 21.25 22.74
CA PRO N 123 35.30 21.71 22.29
C PRO N 123 35.37 21.87 20.78
N TYR N 124 34.92 20.86 20.05
CA TYR N 124 34.82 20.92 18.58
C TYR N 124 33.56 20.17 18.14
N ALA N 125 33.14 20.40 16.91
CA ALA N 125 31.93 19.79 16.42
C ALA N 125 32.07 19.56 14.95
N ILE N 126 31.67 18.37 14.50
CA ILE N 126 31.61 18.04 13.09
C ILE N 126 30.17 17.66 12.71
N ALA N 127 29.82 17.84 11.44
CA ALA N 127 28.48 17.53 10.96
C ALA N 127 28.38 17.51 9.44
N GLY N 128 27.22 17.11 8.94
CA GLY N 128 27.01 16.92 7.52
C GLY N 128 27.26 15.48 7.11
N SER N 129 26.76 15.12 5.94
CA SER N 129 26.91 13.77 5.40
C SER N 129 28.36 13.23 5.45
N GLY N 130 29.34 14.08 5.10
CA GLY N 130 30.74 13.69 5.03
C GLY N 130 31.53 13.58 6.32
N SER N 131 30.92 13.98 7.43
CA SER N 131 31.58 13.96 8.72
C SER N 131 31.78 12.56 9.27
N THR N 132 30.86 11.65 8.93
CA THR N 132 30.89 10.30 9.50
C THR N 132 32.25 9.64 9.28
N PHE N 133 32.87 9.94 8.13
CA PHE N 133 34.18 9.38 7.75
C PHE N 133 35.33 9.92 8.57
N ILE N 134 35.15 11.12 9.11
CA ILE N 134 36.23 11.76 9.84
C ILE N 134 36.00 11.80 11.35
N TYR N 135 35.06 11.00 11.86
CA TYR N 135 34.85 10.89 13.31
C TYR N 135 36.10 10.36 13.99
N GLY N 136 36.64 9.27 13.46
CA GLY N 136 37.82 8.63 14.01
C GLY N 136 39.03 9.54 13.94
N TYR N 137 39.26 10.11 12.76
CA TYR N 137 40.40 10.99 12.55
C TYR N 137 40.42 12.20 13.48
N CYS N 138 39.30 12.92 13.53
CA CYS N 138 39.16 14.10 14.39
C CYS N 138 39.40 13.78 15.86
N ASP N 139 38.79 12.70 16.34
CA ASP N 139 38.96 12.30 17.73
C ASP N 139 40.42 12.10 18.08
N LYS N 140 41.18 11.61 17.12
CA LYS N 140 42.59 11.24 17.31
C LYS N 140 43.56 12.39 17.07
N ASN N 141 43.07 13.53 16.58
CA ASN N 141 43.94 14.65 16.28
C ASN N 141 43.55 15.98 16.94
N PHE N 142 42.47 15.98 17.72
CA PHE N 142 42.08 17.17 18.42
C PHE N 142 42.85 17.33 19.72
N ARG N 143 43.39 18.53 19.93
CA ARG N 143 43.93 18.97 21.22
C ARG N 143 43.32 20.33 21.57
N GLU N 144 43.01 20.54 22.84
CA GLU N 144 42.55 21.85 23.26
C GLU N 144 43.67 22.89 23.17
N ASN N 145 43.28 24.15 22.95
CA ASN N 145 44.23 25.26 22.91
C ASN N 145 45.35 25.11 21.88
N MET N 146 44.97 24.73 20.66
CA MET N 146 45.90 24.70 19.55
C MET N 146 46.16 26.13 19.11
N SER N 147 47.31 26.36 18.48
CA SER N 147 47.60 27.67 17.92
C SER N 147 46.67 27.91 16.74
N LYS N 148 46.66 29.11 16.19
CA LYS N 148 45.77 29.42 15.09
C LYS N 148 46.07 28.52 13.90
N GLU N 149 47.28 28.60 13.38
CA GLU N 149 47.67 27.83 12.18
C GLU N 149 47.75 26.32 12.40
N GLU N 150 47.79 25.90 13.67
CA GLU N 150 47.62 24.50 14.04
C GLU N 150 46.19 24.04 13.73
N THR N 151 45.23 24.89 14.11
CA THR N 151 43.81 24.64 13.92
C THR N 151 43.38 24.79 12.47
N VAL N 152 43.98 25.71 11.74
CA VAL N 152 43.75 25.79 10.31
C VAL N 152 44.21 24.49 9.63
N ASP N 153 45.23 23.84 10.19
CA ASP N 153 45.72 22.57 9.64
C ASP N 153 44.80 21.40 9.98
N PHE N 154 44.41 21.30 11.25
CA PHE N 154 43.47 20.27 11.70
C PHE N 154 42.21 20.26 10.84
N ILE N 155 41.59 21.42 10.67
CA ILE N 155 40.39 21.56 9.85
C ILE N 155 40.66 21.21 8.39
N LYS N 156 41.74 21.77 7.85
CA LYS N 156 42.15 21.55 6.45
C LYS N 156 42.26 20.06 6.15
N HIS N 157 42.90 19.31 7.04
CA HIS N 157 43.10 17.87 6.91
C HIS N 157 41.79 17.09 7.09
N SER N 158 41.08 17.36 8.20
CA SER N 158 39.79 16.73 8.45
C SER N 158 38.84 16.84 7.25
N LEU N 159 38.52 18.06 6.84
CA LEU N 159 37.55 18.28 5.77
C LEU N 159 37.99 17.71 4.42
N SER N 160 39.29 17.77 4.13
CA SER N 160 39.83 17.24 2.88
C SER N 160 39.61 15.73 2.78
N GLN N 161 39.61 15.06 3.92
CA GLN N 161 39.27 13.64 3.97
C GLN N 161 37.78 13.44 3.76
N ALA N 162 36.96 14.16 4.52
CA ALA N 162 35.53 14.12 4.36
C ALA N 162 35.15 14.33 2.89
N ILE N 163 35.84 15.26 2.24
CA ILE N 163 35.66 15.54 0.81
C ILE N 163 36.06 14.36 -0.07
N LYS N 164 37.18 13.73 0.32
CA LYS N 164 37.76 12.61 -0.43
C LYS N 164 36.78 11.45 -0.53
N TRP N 165 36.09 11.18 0.57
CA TRP N 165 35.22 10.02 0.68
C TRP N 165 33.73 10.30 0.44
N ASP N 166 33.27 11.49 0.79
CA ASP N 166 31.86 11.81 0.63
C ASP N 166 31.58 12.52 -0.69
N GLY N 167 30.78 11.87 -1.53
CA GLY N 167 30.42 12.45 -2.81
C GLY N 167 29.55 13.68 -2.68
N SER N 168 28.85 13.79 -1.55
CA SER N 168 27.98 14.93 -1.31
C SER N 168 28.83 16.18 -1.07
N SER N 169 30.03 15.98 -0.51
CA SER N 169 30.96 17.07 -0.19
C SER N 169 32.03 17.26 -1.28
N GLY N 170 32.60 18.46 -1.32
CA GLY N 170 33.59 18.83 -2.34
C GLY N 170 33.67 20.31 -2.62
N GLY N 171 34.43 20.68 -3.66
CA GLY N 171 34.70 22.08 -4.00
C GLY N 171 35.87 22.65 -3.23
N VAL N 172 35.73 23.87 -2.73
CA VAL N 172 36.78 24.54 -1.96
C VAL N 172 36.56 24.31 -0.45
N ILE N 173 37.58 24.62 0.36
CA ILE N 173 37.39 24.66 1.81
C ILE N 173 37.29 26.12 2.23
N ARG N 174 36.23 26.47 2.91
CA ARG N 174 36.12 27.81 3.49
C ARG N 174 36.27 27.73 4.99
N MET N 175 36.87 28.77 5.56
CA MET N 175 36.95 28.91 6.99
C MET N 175 36.61 30.33 7.37
N VAL N 176 36.24 30.52 8.63
CA VAL N 176 36.08 31.82 9.20
C VAL N 176 36.69 31.79 10.60
N VAL N 177 37.74 32.59 10.79
CA VAL N 177 38.42 32.69 12.08
C VAL N 177 37.79 33.79 12.92
N LEU N 178 37.50 33.47 14.17
CA LEU N 178 36.80 34.39 15.05
C LEU N 178 37.58 34.59 16.32
N THR N 179 38.22 35.75 16.44
CA THR N 179 39.08 36.09 17.60
C THR N 179 38.92 37.55 18.02
N ALA N 180 39.57 37.93 19.12
CA ALA N 180 39.60 39.33 19.57
C ALA N 180 40.00 40.28 18.43
N ALA N 181 40.94 39.84 17.60
CA ALA N 181 41.42 40.58 16.43
C ALA N 181 40.31 40.89 15.42
N GLY N 182 39.28 40.05 15.39
CA GLY N 182 38.20 40.21 14.42
C GLY N 182 37.92 38.99 13.57
N VAL N 183 37.54 39.23 12.32
CA VAL N 183 37.00 38.22 11.44
C VAL N 183 37.87 38.05 10.21
N GLU N 184 38.31 36.81 9.99
CA GLU N 184 39.14 36.47 8.84
C GLU N 184 38.56 35.32 8.03
N ARG N 185 38.53 35.50 6.72
CA ARG N 185 38.06 34.50 5.75
C ARG N 185 39.21 33.72 5.14
N LEU N 186 39.20 32.40 5.27
CA LEU N 186 40.20 31.57 4.62
C LEU N 186 39.54 30.73 3.53
N ILE N 187 40.20 30.69 2.37
CA ILE N 187 39.79 29.79 1.30
C ILE N 187 40.97 28.90 0.91
N PHE N 188 40.71 27.62 0.67
CA PHE N 188 41.73 26.67 0.22
C PHE N 188 41.19 25.88 -0.95
N TYR N 189 42.08 25.49 -1.87
CA TYR N 189 41.68 24.94 -3.16
C TYR N 189 42.00 23.48 -3.37
N PRO N 190 41.30 22.84 -4.34
CA PRO N 190 41.50 21.44 -4.63
C PRO N 190 42.97 21.10 -4.84
N ASP N 191 43.63 21.83 -5.74
CA ASP N 191 45.03 21.61 -6.06
C ASP N 191 45.91 21.52 -4.82
N GLU N 192 45.47 22.12 -3.73
CA GLU N 192 46.24 22.13 -2.51
C GLU N 192 45.82 21.08 -1.49
N TYR N 193 44.53 21.06 -1.13
CA TYR N 193 44.06 20.18 -0.06
C TYR N 193 43.95 18.69 -0.45
N GLU N 194 43.82 18.42 -1.74
CA GLU N 194 43.76 17.03 -2.25
C GLU N 194 45.09 16.33 -2.01
N GLN N 195 46.18 17.08 -2.19
CA GLN N 195 47.54 16.58 -2.07
C GLN N 195 47.98 16.32 -0.62
N LEU N 196 47.20 16.78 0.34
CA LEU N 196 47.56 16.61 1.76
C LEU N 196 47.50 15.15 2.16
N MET O 1 26.20 -43.66 -22.21
CA MET O 1 26.10 -43.84 -20.73
C MET O 1 24.67 -44.23 -20.34
N THR O 2 24.31 -43.95 -19.07
CA THR O 2 23.02 -44.31 -18.46
C THR O 2 22.86 -45.83 -18.28
N ASP O 3 22.22 -46.22 -17.19
CA ASP O 3 21.76 -47.58 -17.01
C ASP O 3 20.79 -47.88 -18.15
N ARG O 4 21.30 -48.54 -19.18
CA ARG O 4 20.50 -48.94 -20.35
C ARG O 4 19.95 -50.35 -20.14
N TYR O 5 20.22 -50.91 -18.96
CA TYR O 5 19.62 -52.16 -18.51
C TYR O 5 18.36 -51.82 -17.73
N SER O 6 17.23 -51.89 -18.41
CA SER O 6 15.93 -51.66 -17.79
C SER O 6 15.04 -52.91 -17.94
N PHE O 7 15.66 -54.04 -18.26
CA PHE O 7 14.98 -55.34 -18.35
C PHE O 7 15.50 -56.28 -17.28
N SER O 8 14.68 -57.26 -16.90
CA SER O 8 15.05 -58.16 -15.81
C SER O 8 16.19 -59.05 -16.24
N LEU O 9 17.08 -59.32 -15.30
CA LEU O 9 18.18 -60.27 -15.50
C LEU O 9 17.85 -61.57 -14.81
N THR O 10 16.61 -61.66 -14.35
CA THR O 10 16.09 -62.83 -13.69
C THR O 10 14.74 -63.14 -14.35
N THR O 11 14.71 -64.20 -15.15
CA THR O 11 13.49 -64.56 -15.86
C THR O 11 13.09 -66.02 -15.62
N PHE O 12 11.89 -66.39 -16.06
CA PHE O 12 11.43 -67.76 -15.90
C PHE O 12 11.95 -68.66 -17.01
N SER O 13 12.56 -69.78 -16.61
CA SER O 13 13.00 -70.81 -17.56
C SER O 13 11.82 -71.73 -17.84
N PRO O 14 11.86 -72.45 -18.98
CA PRO O 14 10.82 -73.40 -19.39
C PRO O 14 10.34 -74.35 -18.30
N SER O 15 11.25 -74.80 -17.43
CA SER O 15 10.89 -75.67 -16.32
C SER O 15 10.14 -74.94 -15.20
N GLY O 16 10.21 -73.61 -15.20
CA GLY O 16 9.53 -72.79 -14.19
C GLY O 16 10.47 -72.28 -13.10
N LYS O 17 11.75 -72.64 -13.21
CA LYS O 17 12.78 -72.15 -12.29
C LYS O 17 13.02 -70.68 -12.55
N LEU O 18 13.34 -69.93 -11.50
CA LEU O 18 13.93 -68.61 -11.69
C LEU O 18 15.44 -68.73 -11.57
N GLY O 19 16.12 -68.69 -12.73
CA GLY O 19 17.54 -69.00 -12.84
C GLY O 19 18.39 -68.44 -11.73
N GLN O 20 18.48 -67.11 -11.71
CA GLN O 20 19.39 -66.39 -10.80
C GLN O 20 19.13 -66.59 -9.31
N ILE O 21 17.86 -66.78 -8.92
CA ILE O 21 17.55 -66.98 -7.50
C ILE O 21 18.18 -68.28 -7.02
N ASP O 22 18.03 -69.34 -7.82
CA ASP O 22 18.70 -70.61 -7.54
C ASP O 22 20.19 -70.40 -7.34
N TYR O 23 20.84 -69.78 -8.32
CA TYR O 23 22.28 -69.59 -8.28
C TYR O 23 22.69 -68.78 -7.06
N ALA O 24 21.90 -67.78 -6.73
CA ALA O 24 22.11 -66.99 -5.53
C ALA O 24 22.03 -67.86 -4.28
N LEU O 25 21.12 -68.83 -4.29
CA LEU O 25 21.00 -69.78 -3.19
C LEU O 25 22.21 -70.70 -3.09
N THR O 26 22.77 -71.06 -4.24
CA THR O 26 24.01 -71.86 -4.30
C THR O 26 25.15 -71.04 -3.70
N ALA O 27 25.19 -69.75 -4.02
CA ALA O 27 26.19 -68.85 -3.47
C ALA O 27 26.10 -68.78 -1.96
N VAL O 28 24.87 -68.87 -1.44
CA VAL O 28 24.64 -68.87 0.01
C VAL O 28 25.20 -70.14 0.65
N LYS O 29 24.97 -71.29 -0.01
CA LYS O 29 25.49 -72.61 0.45
C LYS O 29 26.99 -72.65 0.75
N GLN O 30 27.80 -71.99 -0.10
CA GLN O 30 29.24 -71.88 0.11
C GLN O 30 29.59 -71.00 1.30
N GLY O 31 28.67 -70.13 1.69
CA GLY O 31 28.89 -69.20 2.80
C GLY O 31 29.13 -69.92 4.10
N VAL O 32 29.93 -69.33 4.97
CA VAL O 32 30.18 -69.90 6.30
C VAL O 32 28.89 -70.04 7.11
N THR O 33 28.79 -71.14 7.85
CA THR O 33 27.61 -71.43 8.65
C THR O 33 27.28 -70.30 9.61
N SER O 34 25.98 -70.07 9.80
CA SER O 34 25.47 -69.18 10.84
C SER O 34 24.08 -69.67 11.23
N LEU O 35 23.72 -69.48 12.49
CA LEU O 35 22.54 -70.10 13.06
C LEU O 35 21.77 -69.16 13.99
N GLY O 36 20.53 -69.53 14.30
CA GLY O 36 19.71 -68.79 15.24
C GLY O 36 18.84 -69.70 16.09
N ILE O 37 18.81 -69.44 17.40
CA ILE O 37 17.98 -70.21 18.32
C ILE O 37 17.12 -69.27 19.16
N LYS O 38 15.84 -69.57 19.22
CA LYS O 38 14.91 -68.75 19.97
C LYS O 38 14.56 -69.41 21.30
N ALA O 39 15.03 -68.82 22.40
CA ALA O 39 14.65 -69.26 23.76
C ALA O 39 13.30 -68.66 24.17
N THR O 40 12.99 -68.68 25.46
CA THR O 40 11.74 -68.09 25.93
C THR O 40 11.95 -66.62 26.22
N ASN O 41 13.08 -66.29 26.85
CA ASN O 41 13.33 -64.94 27.32
C ASN O 41 14.41 -64.21 26.52
N GLY O 42 14.58 -64.61 25.26
CA GLY O 42 15.63 -64.07 24.41
C GLY O 42 15.91 -64.88 23.16
N VAL O 43 16.74 -64.33 22.28
CA VAL O 43 17.16 -65.03 21.05
C VAL O 43 18.68 -64.94 20.91
N VAL O 44 19.27 -65.91 20.20
CA VAL O 44 20.72 -65.91 19.94
C VAL O 44 21.01 -66.12 18.46
N ILE O 45 21.91 -65.30 17.93
CA ILE O 45 22.46 -65.51 16.59
C ILE O 45 23.98 -65.56 16.64
N ALA O 46 24.55 -66.51 15.88
CA ALA O 46 26.00 -66.74 15.89
C ALA O 46 26.54 -67.16 14.53
N THR O 47 27.79 -66.82 14.28
CA THR O 47 28.49 -67.21 13.07
C THR O 47 29.97 -67.33 13.38
N GLU O 48 30.72 -67.81 12.38
CA GLU O 48 32.16 -67.94 12.48
C GLU O 48 32.82 -66.69 11.89
N LYS O 49 33.82 -66.16 12.60
CA LYS O 49 34.64 -65.05 12.10
C LYS O 49 35.87 -65.58 11.33
N LYS O 50 35.59 -66.25 10.21
CA LYS O 50 36.62 -66.73 9.28
C LYS O 50 37.67 -65.65 9.00
N SER O 51 38.89 -65.88 9.45
CA SER O 51 39.93 -64.86 9.36
C SER O 51 40.91 -65.14 8.22
N SER O 52 40.64 -64.57 7.04
CA SER O 52 41.49 -64.76 5.83
C SER O 52 42.90 -64.13 5.96
N SER O 53 43.78 -64.85 6.68
CA SER O 53 45.10 -64.35 7.14
C SER O 53 44.98 -63.81 8.57
N PRO O 54 45.94 -64.16 9.46
CA PRO O 54 45.90 -63.69 10.86
C PRO O 54 46.26 -62.21 11.00
N LEU O 55 46.75 -61.61 9.92
CA LEU O 55 47.06 -60.18 9.88
C LEU O 55 45.80 -59.32 9.95
N ALA O 56 44.71 -59.81 9.35
CA ALA O 56 43.42 -59.15 9.41
C ALA O 56 42.89 -59.13 10.83
N MET O 57 42.19 -58.05 11.15
CA MET O 57 41.56 -57.87 12.45
C MET O 57 40.11 -58.32 12.32
N SER O 58 39.81 -59.42 12.99
CA SER O 58 38.50 -60.05 12.89
C SER O 58 37.41 -59.18 13.54
N GLU O 59 37.80 -58.49 14.61
CA GLU O 59 36.93 -57.54 15.32
C GLU O 59 36.38 -56.50 14.36
N THR O 60 37.26 -55.88 13.57
CA THR O 60 36.86 -54.90 12.55
C THR O 60 36.14 -55.56 11.38
N LEU O 61 35.30 -56.53 11.69
CA LEU O 61 34.45 -57.13 10.67
C LEU O 61 33.09 -57.47 11.25
N SER O 62 32.11 -56.68 10.83
CA SER O 62 30.72 -56.97 11.12
C SER O 62 30.34 -58.23 10.37
N LYS O 63 29.94 -59.24 11.11
CA LYS O 63 29.10 -60.30 10.56
C LYS O 63 27.77 -60.29 11.29
N VAL O 64 27.80 -59.87 12.55
CA VAL O 64 26.61 -59.70 13.39
C VAL O 64 26.36 -58.20 13.63
N SER O 65 25.17 -57.72 13.23
CA SER O 65 24.86 -56.29 13.23
C SER O 65 23.55 -55.90 13.93
N LEU O 66 23.60 -54.74 14.59
CA LEU O 66 22.41 -54.10 15.16
C LEU O 66 21.69 -53.36 14.05
N LEU O 67 20.39 -53.61 13.93
CA LEU O 67 19.55 -52.89 12.98
C LEU O 67 18.78 -51.78 13.71
N THR O 68 18.12 -52.15 14.81
CA THR O 68 17.46 -51.25 15.73
C THR O 68 17.85 -51.74 17.12
N PRO O 69 17.68 -50.92 18.19
CA PRO O 69 18.15 -51.40 19.50
C PRO O 69 17.44 -52.66 20.04
N ASP O 70 16.50 -53.20 19.27
CA ASP O 70 15.79 -54.43 19.63
C ASP O 70 15.88 -55.48 18.52
N ILE O 71 16.67 -55.22 17.47
CA ILE O 71 16.75 -56.13 16.32
C ILE O 71 18.19 -56.32 15.82
N GLY O 72 18.61 -57.58 15.71
CA GLY O 72 19.96 -57.90 15.23
C GLY O 72 19.90 -58.79 13.99
N ALA O 73 20.98 -58.78 13.22
CA ALA O 73 21.06 -59.59 11.99
C ALA O 73 22.41 -60.26 11.76
N VAL O 74 22.37 -61.36 11.01
CA VAL O 74 23.53 -62.16 10.66
C VAL O 74 23.24 -62.84 9.34
N TYR O 75 24.29 -63.35 8.67
CA TYR O 75 24.13 -63.79 7.30
C TYR O 75 25.01 -64.98 6.91
N SER O 76 24.71 -65.54 5.74
CA SER O 76 25.57 -66.50 5.09
C SER O 76 25.56 -66.16 3.61
N GLY O 77 26.75 -66.17 3.00
CA GLY O 77 26.87 -65.79 1.61
C GLY O 77 27.79 -64.59 1.47
N MET O 78 27.44 -63.67 0.58
CA MET O 78 28.36 -62.61 0.18
C MET O 78 28.42 -61.43 1.14
N GLY O 79 29.53 -61.33 1.86
CA GLY O 79 29.77 -60.23 2.81
C GLY O 79 29.35 -58.85 2.37
N PRO O 80 29.92 -58.36 1.25
CA PRO O 80 29.54 -57.12 0.58
C PRO O 80 28.02 -56.91 0.45
N ASP O 81 27.30 -57.88 -0.11
CA ASP O 81 25.86 -57.76 -0.28
C ASP O 81 25.12 -57.54 1.05
N TYR O 82 25.53 -58.28 2.07
CA TYR O 82 24.99 -58.16 3.43
C TYR O 82 25.22 -56.78 4.03
N ARG O 83 26.42 -56.26 3.85
CA ARG O 83 26.79 -54.97 4.40
C ARG O 83 25.85 -53.86 3.91
N VAL O 84 25.59 -53.82 2.60
CA VAL O 84 24.69 -52.80 2.05
C VAL O 84 23.24 -53.03 2.46
N LEU O 85 22.88 -54.28 2.73
CA LEU O 85 21.53 -54.58 3.21
C LEU O 85 21.34 -54.12 4.66
N VAL O 86 22.43 -54.10 5.42
CA VAL O 86 22.37 -53.63 6.80
C VAL O 86 22.15 -52.10 6.82
N ASP O 87 22.84 -51.39 5.94
CA ASP O 87 22.65 -49.95 5.80
C ASP O 87 21.21 -49.66 5.35
N LYS O 88 20.79 -50.27 4.25
CA LYS O 88 19.43 -50.07 3.73
C LYS O 88 18.33 -50.45 4.74
N SER O 89 18.63 -51.42 5.60
CA SER O 89 17.68 -51.88 6.63
C SER O 89 17.61 -50.90 7.77
N ARG O 90 18.77 -50.45 8.24
CA ARG O 90 18.82 -49.46 9.30
C ARG O 90 18.11 -48.17 8.91
N LYS O 91 18.21 -47.79 7.63
CA LYS O 91 17.60 -46.57 7.13
C LYS O 91 16.09 -46.70 7.03
N VAL O 92 15.61 -47.78 6.41
CA VAL O 92 14.18 -47.98 6.19
C VAL O 92 13.43 -48.16 7.54
N ALA O 93 14.17 -48.55 8.58
CA ALA O 93 13.61 -48.64 9.94
C ALA O 93 13.33 -47.25 10.50
N HIS O 94 13.92 -46.23 9.87
CA HIS O 94 13.63 -44.82 10.18
C HIS O 94 12.64 -44.21 9.19
N THR O 95 13.01 -44.23 7.91
CA THR O 95 12.26 -43.53 6.87
C THR O 95 10.84 -44.04 6.63
N SER O 96 10.60 -45.30 6.97
CA SER O 96 9.28 -45.89 6.77
C SER O 96 8.56 -46.12 8.08
N TYR O 97 9.25 -45.95 9.19
CA TYR O 97 8.65 -46.29 10.46
C TYR O 97 8.94 -45.33 11.62
N LYS O 98 10.19 -45.20 12.05
CA LYS O 98 10.48 -44.36 13.20
C LYS O 98 10.05 -42.89 13.02
N ARG O 99 10.36 -42.33 11.87
CA ARG O 99 10.02 -40.94 11.53
C ARG O 99 8.51 -40.74 11.35
N ILE O 100 7.75 -41.84 11.33
CA ILE O 100 6.30 -41.78 11.17
C ILE O 100 5.57 -42.05 12.48
N TYR O 101 5.86 -43.18 13.12
CA TYR O 101 5.14 -43.59 14.32
C TYR O 101 5.92 -43.31 15.61
N GLY O 102 7.09 -42.71 15.51
CA GLY O 102 7.87 -42.37 16.70
C GLY O 102 8.40 -43.56 17.48
N GLU O 103 8.12 -44.78 17.01
CA GLU O 103 8.71 -45.98 17.59
C GLU O 103 9.43 -46.81 16.51
N TYR O 104 10.25 -47.75 16.96
CA TYR O 104 10.98 -48.62 16.06
C TYR O 104 10.08 -49.72 15.51
N PRO O 105 10.31 -50.13 14.26
CA PRO O 105 9.44 -51.16 13.72
C PRO O 105 9.53 -52.48 14.52
N PRO O 106 8.43 -53.24 14.57
CA PRO O 106 8.46 -54.62 15.07
C PRO O 106 9.29 -55.52 14.14
N THR O 107 9.80 -56.62 14.67
CA THR O 107 10.64 -57.53 13.89
C THR O 107 10.01 -57.97 12.54
N LYS O 108 8.80 -58.53 12.57
CA LYS O 108 8.18 -59.04 11.35
C LYS O 108 8.03 -58.00 10.26
N LEU O 109 7.93 -56.73 10.67
CA LEU O 109 7.72 -55.63 9.74
C LEU O 109 9.00 -55.15 9.08
N LEU O 110 10.05 -54.99 9.89
CA LEU O 110 11.36 -54.62 9.37
C LEU O 110 11.88 -55.72 8.46
N VAL O 111 11.67 -56.98 8.88
CA VAL O 111 12.02 -58.15 8.08
C VAL O 111 11.28 -58.09 6.76
N SER O 112 10.00 -57.78 6.85
CA SER O 112 9.16 -57.61 5.68
C SER O 112 9.76 -56.60 4.71
N GLU O 113 10.31 -55.53 5.28
CA GLU O 113 10.92 -54.44 4.52
C GLU O 113 12.20 -54.85 3.82
N VAL O 114 13.01 -55.68 4.51
CA VAL O 114 14.26 -56.19 3.95
C VAL O 114 13.93 -57.15 2.82
N ALA O 115 12.98 -58.03 3.09
CA ALA O 115 12.43 -58.94 2.09
C ALA O 115 12.02 -58.21 0.81
N LYS O 116 11.46 -57.02 0.97
CA LYS O 116 10.98 -56.23 -0.15
C LYS O 116 12.14 -55.70 -0.99
N ILE O 117 13.20 -55.26 -0.31
CA ILE O 117 14.40 -54.77 -0.98
C ILE O 117 14.98 -55.88 -1.84
N MET O 118 15.02 -57.09 -1.26
CA MET O 118 15.58 -58.25 -1.93
C MET O 118 14.69 -58.73 -3.07
N GLN O 119 13.39 -58.65 -2.90
CA GLN O 119 12.47 -59.04 -3.97
C GLN O 119 12.74 -58.24 -5.21
N GLU O 120 12.94 -56.93 -5.06
CA GLU O 120 13.06 -56.04 -6.21
C GLU O 120 14.28 -56.36 -7.07
N ALA O 121 15.35 -56.81 -6.43
CA ALA O 121 16.59 -57.26 -7.10
C ALA O 121 16.38 -58.55 -7.90
N THR O 122 15.22 -59.16 -7.67
CA THR O 122 14.78 -60.35 -8.34
C THR O 122 13.97 -60.00 -9.59
N GLN O 123 13.67 -58.71 -9.77
CA GLN O 123 12.73 -58.26 -10.80
C GLN O 123 13.07 -56.92 -11.46
N SER O 124 13.62 -55.97 -10.70
CA SER O 124 14.03 -54.67 -11.25
C SER O 124 14.93 -54.86 -12.47
N GLY O 125 14.82 -53.95 -13.42
CA GLY O 125 15.69 -53.98 -14.59
C GLY O 125 17.14 -53.87 -14.15
N GLY O 126 18.03 -54.50 -14.89
CA GLY O 126 19.47 -54.34 -14.72
C GLY O 126 20.14 -54.72 -13.42
N VAL O 127 19.59 -55.69 -12.70
CA VAL O 127 20.22 -56.18 -11.46
C VAL O 127 20.24 -57.71 -11.24
N ARG O 128 21.15 -58.15 -10.38
CA ARG O 128 21.17 -59.50 -9.85
C ARG O 128 20.64 -59.53 -8.42
N PRO O 129 19.97 -60.64 -8.03
CA PRO O 129 19.60 -60.93 -6.65
C PRO O 129 20.79 -60.84 -5.71
N PHE O 130 20.52 -60.65 -4.43
CA PHE O 130 21.57 -60.64 -3.41
C PHE O 130 22.01 -62.08 -3.15
N GLY O 131 23.32 -62.28 -3.05
CA GLY O 131 23.86 -63.60 -2.74
C GLY O 131 24.01 -63.81 -1.24
N VAL O 132 22.97 -63.47 -0.49
CA VAL O 132 22.95 -63.73 0.96
C VAL O 132 21.62 -64.26 1.44
N SER O 133 21.68 -64.96 2.56
CA SER O 133 20.50 -65.22 3.37
C SER O 133 20.74 -64.59 4.72
N LEU O 134 19.69 -64.04 5.32
CA LEU O 134 19.81 -63.38 6.59
C LEU O 134 19.00 -64.09 7.64
N LEU O 135 19.54 -64.13 8.85
CA LEU O 135 18.74 -64.47 10.01
C LEU O 135 18.62 -63.19 10.80
N ILE O 136 17.38 -62.79 11.07
CA ILE O 136 17.06 -61.57 11.82
C ILE O 136 16.31 -61.93 13.11
N ALA O 137 16.79 -61.41 14.24
CA ALA O 137 16.18 -61.70 15.52
C ALA O 137 15.87 -60.41 16.25
N GLY O 138 14.66 -60.30 16.74
CA GLY O 138 14.25 -59.12 17.48
C GLY O 138 13.12 -59.33 18.49
N HIS O 139 12.84 -58.28 19.25
CA HIS O 139 11.74 -58.27 20.22
C HIS O 139 10.95 -56.99 20.09
N ASP O 140 9.66 -57.10 19.78
CA ASP O 140 8.76 -55.97 19.89
C ASP O 140 7.73 -56.27 20.95
N GLU O 141 7.10 -55.24 21.47
CA GLU O 141 6.24 -55.36 22.64
C GLU O 141 5.04 -56.28 22.41
N PHE O 142 4.44 -56.18 21.23
CA PHE O 142 3.19 -56.89 20.97
C PHE O 142 3.37 -58.30 20.41
N ASN O 143 4.59 -58.63 19.98
CA ASN O 143 4.89 -59.96 19.45
C ASN O 143 5.88 -60.76 20.27
N GLY O 144 6.55 -60.11 21.22
CA GLY O 144 7.62 -60.74 22.00
C GLY O 144 8.85 -61.03 21.16
N PHE O 145 9.61 -62.07 21.51
CA PHE O 145 10.82 -62.43 20.79
C PHE O 145 10.50 -63.22 19.53
N SER O 146 11.17 -62.88 18.43
CA SER O 146 11.02 -63.68 17.21
C SER O 146 12.31 -63.80 16.39
N LEU O 147 12.31 -64.75 15.46
CA LEU O 147 13.45 -65.03 14.59
C LEU O 147 12.96 -65.41 13.18
N TYR O 148 13.50 -64.72 12.20
CA TYR O 148 13.08 -64.90 10.81
C TYR O 148 14.28 -65.22 9.94
N GLN O 149 14.04 -65.85 8.80
CA GLN O 149 15.09 -66.07 7.81
C GLN O 149 14.67 -65.38 6.52
N VAL O 150 15.61 -64.69 5.87
CA VAL O 150 15.30 -64.02 4.61
C VAL O 150 16.15 -64.57 3.47
N ASP O 151 15.51 -64.90 2.36
CA ASP O 151 16.17 -65.51 1.22
C ASP O 151 16.30 -64.57 0.02
N PRO O 152 17.32 -64.80 -0.84
CA PRO O 152 17.55 -64.08 -2.09
C PRO O 152 16.30 -63.88 -2.95
N SER O 153 15.31 -64.73 -2.76
CA SER O 153 14.04 -64.60 -3.48
C SER O 153 13.20 -63.45 -2.93
N GLY O 154 13.43 -63.12 -1.67
CA GLY O 154 12.61 -62.16 -0.94
C GLY O 154 11.65 -62.87 0.00
N SER O 155 11.76 -64.18 0.06
CA SER O 155 10.93 -64.96 0.96
C SER O 155 11.45 -64.86 2.38
N TYR O 156 10.54 -64.96 3.34
CA TYR O 156 10.90 -65.04 4.74
C TYR O 156 9.91 -65.95 5.46
N PHE O 157 10.40 -66.58 6.52
CA PHE O 157 9.61 -67.47 7.35
C PHE O 157 10.15 -67.34 8.76
N PRO O 158 9.32 -67.63 9.76
CA PRO O 158 9.77 -67.58 11.16
C PRO O 158 10.22 -68.95 11.64
N TRP O 159 11.21 -68.97 12.53
CA TRP O 159 11.78 -70.22 13.03
C TRP O 159 11.80 -70.27 14.55
N LYS O 160 11.70 -71.48 15.09
CA LYS O 160 12.04 -71.73 16.48
C LYS O 160 13.57 -71.76 16.58
N ALA O 161 14.20 -72.45 15.62
CA ALA O 161 15.65 -72.43 15.40
C ALA O 161 15.94 -72.83 13.96
N THR O 162 17.13 -72.49 13.46
CA THR O 162 17.56 -72.85 12.10
C THR O 162 18.99 -72.39 11.85
N ALA O 163 19.59 -72.91 10.78
CA ALA O 163 20.93 -72.50 10.36
C ALA O 163 21.00 -72.36 8.85
N ILE O 164 22.01 -71.65 8.35
CA ILE O 164 22.17 -71.42 6.91
C ILE O 164 23.62 -71.58 6.47
N GLY O 165 23.81 -71.84 5.17
CA GLY O 165 25.13 -71.92 4.58
C GLY O 165 25.76 -73.29 4.49
N LYS O 166 27.08 -73.35 4.76
CA LYS O 166 27.91 -74.54 4.64
C LYS O 166 27.30 -75.78 5.28
N GLY O 167 27.27 -75.78 6.62
CA GLY O 167 26.82 -76.95 7.39
C GLY O 167 25.40 -76.81 7.87
N SER O 168 24.53 -76.32 7.01
CA SER O 168 23.15 -76.02 7.35
C SER O 168 22.29 -77.27 7.54
N VAL O 169 22.48 -78.29 6.72
CA VAL O 169 21.68 -79.51 6.84
C VAL O 169 22.07 -80.25 8.11
N ALA O 170 23.38 -80.40 8.33
CA ALA O 170 23.90 -81.03 9.54
C ALA O 170 23.46 -80.32 10.82
N ALA O 171 23.37 -78.99 10.75
CA ALA O 171 23.03 -78.18 11.92
C ALA O 171 21.55 -78.24 12.28
N LYS O 172 20.68 -78.17 11.28
CA LYS O 172 19.23 -78.26 11.50
C LYS O 172 18.85 -79.59 12.16
N THR O 173 19.51 -80.66 11.74
CA THR O 173 19.36 -81.96 12.39
C THR O 173 19.74 -81.84 13.86
N PHE O 174 20.97 -81.38 14.13
CA PHE O 174 21.47 -81.27 15.49
C PHE O 174 20.62 -80.35 16.37
N LEU O 175 19.91 -79.41 15.75
CA LEU O 175 19.09 -78.46 16.50
C LEU O 175 17.77 -79.08 16.94
N GLU O 176 17.16 -79.88 16.06
CA GLU O 176 15.93 -80.58 16.39
C GLU O 176 16.07 -81.52 17.58
N LYS O 177 17.23 -82.17 17.70
CA LYS O 177 17.55 -83.00 18.86
C LYS O 177 17.61 -82.21 20.16
N ARG O 178 17.60 -80.87 20.06
CA ARG O 178 17.91 -80.03 21.22
C ARG O 178 16.87 -78.98 21.58
N TRP O 179 15.97 -78.66 20.64
CA TRP O 179 15.02 -77.58 20.86
C TRP O 179 13.72 -78.01 21.56
N ASN O 180 13.50 -77.46 22.74
CA ASN O 180 12.22 -77.54 23.43
C ASN O 180 11.63 -76.12 23.58
N ASP O 181 10.34 -76.02 23.85
CA ASP O 181 9.72 -74.71 24.03
C ASP O 181 9.90 -74.13 25.44
N GLU O 182 10.81 -74.71 26.22
CA GLU O 182 10.99 -74.27 27.60
C GLU O 182 12.39 -73.73 27.92
N LEU O 183 13.20 -73.51 26.87
CA LEU O 183 14.58 -73.08 27.03
C LEU O 183 14.74 -71.68 27.58
N GLU O 184 15.56 -71.54 28.63
CA GLU O 184 15.99 -70.23 29.10
C GLU O 184 17.05 -69.72 28.10
N LEU O 185 17.43 -68.45 28.19
CA LEU O 185 18.41 -67.88 27.25
C LEU O 185 19.80 -68.52 27.35
N GLU O 186 20.32 -68.64 28.58
CA GLU O 186 21.65 -69.23 28.85
C GLU O 186 21.78 -70.64 28.33
N ASP O 187 20.65 -71.35 28.30
CA ASP O 187 20.55 -72.70 27.75
C ASP O 187 20.73 -72.65 26.25
N ALA O 188 20.01 -71.75 25.59
CA ALA O 188 20.03 -71.66 24.12
C ALA O 188 21.33 -71.09 23.57
N ILE O 189 22.07 -70.35 24.40
CA ILE O 189 23.39 -69.85 24.03
C ILE O 189 24.36 -71.03 23.98
N HIS O 190 24.24 -71.89 24.99
CA HIS O 190 25.03 -73.11 25.12
C HIS O 190 24.82 -74.05 23.92
N ILE O 191 23.57 -74.28 23.55
CA ILE O 191 23.21 -75.09 22.37
C ILE O 191 23.73 -74.47 21.06
N ALA O 192 23.75 -73.15 20.99
CA ALA O 192 24.30 -72.43 19.84
C ALA O 192 25.80 -72.65 19.71
N LEU O 193 26.49 -72.62 20.86
CA LEU O 193 27.93 -72.86 20.91
C LEU O 193 28.32 -74.31 20.57
N LEU O 194 27.38 -75.24 20.77
CA LEU O 194 27.62 -76.65 20.44
C LEU O 194 27.49 -76.91 18.94
N THR O 195 26.44 -76.37 18.34
CA THR O 195 26.15 -76.54 16.92
C THR O 195 27.22 -75.91 16.04
N LEU O 196 27.86 -74.89 16.59
CA LEU O 196 28.86 -74.13 15.85
C LEU O 196 30.21 -74.86 15.83
N LYS O 197 30.44 -75.70 16.85
CA LYS O 197 31.65 -76.52 16.93
C LYS O 197 31.76 -77.55 15.79
N GLU O 198 30.62 -78.08 15.33
CA GLU O 198 30.60 -79.05 14.23
C GLU O 198 30.96 -78.46 12.86
N SER O 199 30.68 -77.17 12.67
CA SER O 199 30.92 -76.50 11.40
C SER O 199 32.36 -76.00 11.28
N VAL O 200 32.93 -75.58 12.42
CA VAL O 200 34.25 -74.96 12.45
C VAL O 200 35.37 -75.99 12.35
N GLU O 201 36.21 -75.81 11.32
CA GLU O 201 37.34 -76.69 11.06
C GLU O 201 38.50 -76.36 11.99
N GLY O 202 38.99 -75.12 11.93
CA GLY O 202 40.16 -74.68 12.71
C GLY O 202 39.86 -74.32 14.15
N GLU O 203 40.49 -73.24 14.63
CA GLU O 203 40.36 -72.80 16.02
C GLU O 203 38.91 -72.51 16.40
N PHE O 204 38.62 -72.55 17.70
CA PHE O 204 37.28 -72.33 18.20
C PHE O 204 37.35 -71.58 19.52
N ASN O 205 37.26 -70.26 19.43
CA ASN O 205 37.32 -69.36 20.60
C ASN O 205 36.64 -68.01 20.32
N GLY O 206 36.55 -67.18 21.36
CA GLY O 206 35.89 -65.88 21.27
C GLY O 206 36.39 -64.92 20.19
N ASP O 207 37.58 -65.19 19.65
CA ASP O 207 38.15 -64.35 18.61
C ASP O 207 37.84 -64.88 17.20
N THR O 208 37.37 -66.13 17.13
CA THR O 208 36.95 -66.75 15.85
C THR O 208 35.43 -66.86 15.74
N ILE O 209 34.74 -66.52 16.84
CA ILE O 209 33.28 -66.63 16.97
C ILE O 209 32.67 -65.25 17.21
N GLU O 210 31.67 -64.90 16.41
CA GLU O 210 30.88 -63.71 16.64
C GLU O 210 29.53 -64.17 17.18
N LEU O 211 29.08 -63.56 18.27
CA LEU O 211 27.82 -63.96 18.89
C LEU O 211 27.11 -62.80 19.57
N ALA O 212 25.80 -62.71 19.33
CA ALA O 212 24.94 -61.62 19.82
C ALA O 212 23.61 -62.15 20.33
N ILE O 213 23.02 -61.42 21.30
CA ILE O 213 21.69 -61.78 21.83
C ILE O 213 20.64 -60.69 21.67
N ILE O 214 19.38 -61.08 21.81
CA ILE O 214 18.23 -60.18 21.91
C ILE O 214 17.55 -60.63 23.20
N GLY O 215 17.73 -59.87 24.28
CA GLY O 215 17.22 -60.31 25.59
C GLY O 215 16.63 -59.25 26.50
N ASP O 216 17.12 -59.20 27.73
CA ASP O 216 16.72 -58.17 28.67
C ASP O 216 17.24 -56.82 28.20
N GLU O 217 16.59 -55.76 28.68
CA GLU O 217 17.04 -54.40 28.39
C GLU O 217 18.29 -54.07 29.20
N ASN O 218 19.18 -53.27 28.63
CA ASN O 218 20.48 -52.92 29.23
C ASN O 218 20.58 -51.45 29.68
N PRO O 219 20.29 -51.18 30.96
CA PRO O 219 20.31 -49.78 31.41
C PRO O 219 21.74 -49.27 31.51
N ASP O 220 22.67 -50.22 31.60
CA ASP O 220 24.10 -49.94 31.60
C ASP O 220 24.60 -49.54 30.21
N LEU O 221 23.82 -49.85 29.18
CA LEU O 221 24.22 -49.61 27.78
C LEU O 221 23.33 -48.59 27.08
N LEU O 222 22.63 -47.78 27.87
CA LEU O 222 21.69 -46.81 27.29
C LEU O 222 22.34 -45.50 26.84
N GLY O 223 23.21 -44.94 27.68
CA GLY O 223 23.90 -43.69 27.36
C GLY O 223 23.43 -42.52 28.21
N TYR O 224 22.21 -42.64 28.74
CA TYR O 224 21.62 -41.61 29.59
C TYR O 224 20.69 -42.19 30.66
N THR O 225 20.72 -41.58 31.84
CA THR O 225 19.70 -41.81 32.86
C THR O 225 18.76 -40.64 32.85
N GLY O 226 17.54 -40.87 33.31
CA GLY O 226 16.58 -39.78 33.42
C GLY O 226 15.17 -40.27 33.18
N ILE O 227 14.85 -40.50 31.90
CA ILE O 227 13.57 -41.07 31.50
C ILE O 227 13.58 -42.54 31.95
N PRO O 228 13.01 -42.83 33.14
CA PRO O 228 13.30 -44.14 33.73
C PRO O 228 12.54 -45.22 32.97
N THR O 229 11.71 -44.76 32.03
CA THR O 229 10.99 -45.63 31.11
C THR O 229 11.86 -45.98 29.90
N ASP O 230 13.15 -46.21 30.16
CA ASP O 230 13.92 -47.20 29.42
C ASP O 230 15.02 -47.90 30.19
N LYS O 231 14.84 -49.21 30.30
CA LYS O 231 15.90 -50.09 30.77
C LYS O 231 17.08 -50.19 29.74
N GLY O 232 16.89 -49.69 28.51
CA GLY O 232 17.97 -49.68 27.48
C GLY O 232 17.73 -50.54 26.25
N PRO O 233 18.78 -50.76 25.42
CA PRO O 233 18.69 -51.57 24.20
C PRO O 233 18.72 -53.06 24.48
N ARG O 234 17.90 -53.84 23.76
CA ARG O 234 17.80 -55.30 24.00
C ARG O 234 18.88 -56.12 23.28
N PHE O 235 19.34 -55.63 22.14
CA PHE O 235 20.45 -56.22 21.41
C PHE O 235 21.76 -56.05 22.17
N ARG O 236 22.49 -57.13 22.38
CA ARG O 236 23.82 -57.08 22.94
C ARG O 236 24.72 -58.06 22.21
N LYS O 237 25.87 -57.56 21.74
CA LYS O 237 26.90 -58.41 21.15
C LYS O 237 27.84 -58.87 22.27
N LEU O 238 28.11 -60.18 22.34
CA LEU O 238 28.92 -60.74 23.41
C LEU O 238 30.40 -60.52 23.15
N THR O 239 31.15 -60.23 24.20
CA THR O 239 32.57 -59.91 24.06
C THR O 239 33.37 -61.17 23.80
N SER O 240 34.45 -61.04 23.02
CA SER O 240 35.43 -62.10 22.82
C SER O 240 35.73 -62.78 24.16
N GLN O 241 35.82 -61.96 25.20
CA GLN O 241 36.04 -62.42 26.57
C GLN O 241 34.85 -63.22 27.14
N GLU O 242 33.63 -62.78 26.85
CA GLU O 242 32.43 -63.44 27.37
C GLU O 242 32.17 -64.82 26.76
N ILE O 243 32.49 -64.97 25.47
CA ILE O 243 32.30 -66.22 24.74
C ILE O 243 33.20 -67.31 25.32
N ASN O 244 34.44 -66.95 25.64
CA ASN O 244 35.41 -67.90 26.18
C ASN O 244 35.03 -68.51 27.52
N ASP O 245 34.39 -67.72 28.39
CA ASP O 245 33.96 -68.17 29.72
C ASP O 245 32.89 -69.27 29.69
N ARG O 246 32.13 -69.33 28.61
CA ARG O 246 31.10 -70.36 28.42
C ARG O 246 31.67 -71.56 27.68
N LEU O 247 32.88 -71.40 27.13
CA LEU O 247 33.62 -72.51 26.54
C LEU O 247 34.44 -73.24 27.61
N GLU O 248 34.88 -72.49 28.61
CA GLU O 248 35.62 -73.03 29.78
C GLU O 248 34.72 -73.85 30.71
N ALA O 249 33.47 -74.02 30.31
CA ALA O 249 32.54 -74.94 30.95
C ALA O 249 31.72 -75.63 29.87
N LEU O 250 32.37 -75.96 28.75
CA LEU O 250 31.71 -76.58 27.59
C LEU O 250 31.72 -78.10 27.68
N GLY P 1 26.38 -53.11 -27.41
CA GLY P 1 25.41 -52.64 -26.38
C GLY P 1 24.79 -53.73 -25.53
N SER P 2 23.68 -53.40 -24.88
CA SER P 2 22.98 -54.31 -23.97
C SER P 2 22.03 -55.32 -24.64
N ARG P 3 21.65 -55.04 -25.88
CA ARG P 3 20.64 -55.86 -26.59
C ARG P 3 20.80 -57.37 -26.46
N ARG P 4 22.04 -57.84 -26.38
CA ARG P 4 22.34 -59.26 -26.28
C ARG P 4 21.73 -59.95 -25.05
N TYR P 5 21.73 -59.23 -23.93
CA TYR P 5 21.34 -59.81 -22.63
C TYR P 5 19.83 -59.77 -22.37
N ASP P 6 19.10 -59.01 -23.19
CA ASP P 6 17.64 -58.88 -23.10
C ASP P 6 16.92 -60.18 -23.47
N SER P 7 16.36 -60.86 -22.46
CA SER P 7 15.53 -62.05 -22.66
C SER P 7 14.26 -61.75 -23.45
N ARG P 8 13.93 -60.46 -23.55
CA ARG P 8 12.72 -59.98 -24.23
C ARG P 8 11.50 -60.62 -23.59
N THR P 9 11.23 -60.25 -22.34
CA THR P 9 10.24 -60.96 -21.54
C THR P 9 8.82 -60.87 -22.07
N THR P 10 8.48 -59.80 -22.78
CA THR P 10 7.11 -59.54 -23.20
C THR P 10 6.81 -59.83 -24.67
N ILE P 11 7.57 -60.74 -25.27
CA ILE P 11 7.34 -61.11 -26.69
C ILE P 11 6.43 -62.34 -26.86
N PHE P 12 5.88 -62.45 -28.07
CA PHE P 12 5.06 -63.58 -28.49
C PHE P 12 5.88 -64.77 -29.01
N SER P 13 5.44 -65.98 -28.68
CA SER P 13 5.89 -67.20 -29.36
C SER P 13 5.22 -67.30 -30.74
N PRO P 14 5.87 -67.97 -31.72
CA PRO P 14 5.32 -68.10 -33.07
C PRO P 14 3.87 -68.58 -33.08
N GLU P 15 3.52 -69.39 -32.07
CA GLU P 15 2.19 -69.97 -31.90
C GLU P 15 1.17 -68.98 -31.32
N GLY P 16 1.69 -67.90 -30.71
CA GLY P 16 0.85 -66.84 -30.15
C GLY P 16 0.61 -66.97 -28.66
N ARG P 17 1.58 -67.53 -27.95
CA ARG P 17 1.53 -67.64 -26.49
C ARG P 17 2.62 -66.76 -25.91
N LEU P 18 2.50 -66.40 -24.64
CA LEU P 18 3.51 -65.56 -24.00
C LEU P 18 4.53 -66.40 -23.25
N TYR P 19 5.66 -66.64 -23.89
CA TYR P 19 6.73 -67.45 -23.33
C TYR P 19 6.76 -67.33 -21.82
N GLN P 20 7.04 -66.12 -21.36
CA GLN P 20 7.34 -65.86 -19.95
C GLN P 20 6.21 -66.19 -18.98
N VAL P 21 4.97 -65.98 -19.43
CA VAL P 21 3.77 -66.26 -18.64
C VAL P 21 3.55 -67.77 -18.49
N GLU P 22 3.71 -68.47 -19.61
CA GLU P 22 3.64 -69.93 -19.66
C GLU P 22 4.54 -70.53 -18.60
N TYR P 23 5.78 -70.03 -18.53
CA TYR P 23 6.76 -70.58 -17.61
C TYR P 23 6.50 -70.16 -16.17
N ALA P 24 5.86 -69.01 -15.99
CA ALA P 24 5.47 -68.56 -14.67
C ALA P 24 4.35 -69.44 -14.12
N LEU P 25 3.37 -69.73 -14.99
CA LEU P 25 2.32 -70.71 -14.69
C LEU P 25 2.94 -72.05 -14.28
N GLU P 26 3.91 -72.49 -15.07
CA GLU P 26 4.70 -73.68 -14.78
C GLU P 26 5.31 -73.59 -13.39
N SER P 27 5.81 -72.41 -13.04
CA SER P 27 6.43 -72.18 -11.74
C SER P 27 5.40 -72.41 -10.65
N ILE P 28 4.19 -71.91 -10.89
CA ILE P 28 3.11 -71.93 -9.90
C ILE P 28 2.62 -73.34 -9.61
N SER P 29 2.62 -74.17 -10.66
CA SER P 29 2.19 -75.57 -10.55
C SER P 29 3.07 -76.40 -9.60
N HIS P 30 4.16 -75.82 -9.09
CA HIS P 30 5.00 -76.48 -8.09
C HIS P 30 4.79 -75.97 -6.65
N ALA P 31 3.85 -75.04 -6.48
CA ALA P 31 3.56 -74.43 -5.19
C ALA P 31 2.48 -75.17 -4.42
N GLY P 32 2.47 -75.02 -3.10
CA GLY P 32 1.39 -75.59 -2.27
C GLY P 32 0.02 -75.36 -2.89
N THR P 33 -0.86 -76.35 -2.75
CA THR P 33 -2.22 -76.26 -3.29
C THR P 33 -3.10 -75.35 -2.45
N ALA P 34 -3.87 -74.51 -3.12
CA ALA P 34 -4.84 -73.67 -2.47
C ALA P 34 -6.20 -73.90 -3.10
N ILE P 35 -7.22 -73.97 -2.25
CA ILE P 35 -8.59 -74.24 -2.67
C ILE P 35 -9.50 -73.12 -2.20
N GLY P 36 -10.44 -72.75 -3.05
CA GLY P 36 -11.52 -71.85 -2.67
C GLY P 36 -12.84 -72.52 -3.00
N ILE P 37 -13.72 -72.60 -2.00
CA ILE P 37 -15.07 -73.13 -2.21
C ILE P 37 -16.10 -72.13 -1.70
N MET P 38 -17.14 -71.93 -2.50
CA MET P 38 -18.17 -70.95 -2.23
C MET P 38 -19.48 -71.60 -1.89
N ALA P 39 -19.85 -71.52 -0.61
CA ALA P 39 -21.14 -71.99 -0.11
C ALA P 39 -22.21 -70.91 -0.28
N SER P 40 -23.45 -71.26 0.05
CA SER P 40 -24.57 -70.32 -0.02
C SER P 40 -24.55 -69.32 1.14
N ASP P 41 -23.93 -69.73 2.25
CA ASP P 41 -23.84 -68.88 3.44
C ASP P 41 -22.41 -68.55 3.84
N GLY P 42 -21.46 -68.75 2.92
CA GLY P 42 -20.05 -68.46 3.20
C GLY P 42 -19.04 -68.86 2.13
N ILE P 43 -17.78 -68.51 2.37
CA ILE P 43 -16.68 -68.85 1.48
C ILE P 43 -15.57 -69.45 2.31
N VAL P 44 -14.95 -70.52 1.81
CA VAL P 44 -13.85 -71.19 2.49
C VAL P 44 -12.55 -71.00 1.70
N LEU P 45 -11.46 -70.68 2.41
CA LEU P 45 -10.13 -70.69 1.83
C LEU P 45 -9.27 -71.69 2.58
N ALA P 46 -8.63 -72.56 1.81
CA ALA P 46 -7.75 -73.60 2.35
C ALA P 46 -6.47 -73.68 1.53
N ALA P 47 -5.34 -73.85 2.20
CA ALA P 47 -4.07 -73.89 1.50
C ALA P 47 -3.03 -74.75 2.21
N GLU P 48 -2.19 -75.39 1.40
CA GLU P 48 -1.18 -76.29 1.90
C GLU P 48 0.15 -75.57 1.90
N ARG P 49 0.76 -75.45 3.08
CA ARG P 49 2.12 -74.90 3.18
C ARG P 49 3.11 -75.83 2.51
N LYS P 50 3.81 -75.31 1.50
CA LYS P 50 4.76 -76.12 0.73
C LYS P 50 6.04 -76.36 1.55
N VAL P 51 6.13 -77.55 2.15
CA VAL P 51 7.23 -77.96 3.06
C VAL P 51 7.36 -77.13 4.35
N THR P 52 7.56 -77.83 5.45
CA THR P 52 7.79 -77.22 6.75
C THR P 52 8.84 -78.06 7.50
N SER P 53 9.13 -77.67 8.74
CA SER P 53 10.01 -78.43 9.62
C SER P 53 9.32 -78.52 10.98
N THR P 54 9.92 -79.23 11.94
CA THR P 54 9.41 -79.22 13.32
C THR P 54 9.74 -77.86 13.91
N LEU P 55 10.84 -77.29 13.42
CA LEU P 55 11.39 -76.04 13.95
C LEU P 55 10.79 -74.79 13.33
N LEU P 56 9.98 -74.94 12.28
CA LEU P 56 9.28 -73.79 11.73
C LEU P 56 8.21 -73.32 12.70
N GLU P 57 8.18 -72.02 12.93
CA GLU P 57 7.17 -71.39 13.75
C GLU P 57 5.86 -71.36 12.95
N GLN P 58 4.94 -72.24 13.34
CA GLN P 58 3.65 -72.34 12.65
C GLN P 58 2.74 -71.20 13.08
N ASP P 59 2.86 -70.84 14.36
CA ASP P 59 2.10 -69.76 14.97
C ASP P 59 2.22 -68.44 14.19
N THR P 60 3.43 -67.88 14.20
CA THR P 60 3.65 -66.50 13.77
C THR P 60 3.84 -66.34 12.25
N SER P 61 3.32 -67.30 11.48
CA SER P 61 3.44 -67.23 10.01
C SER P 61 2.14 -66.95 9.28
N THR P 62 2.30 -66.32 8.12
CA THR P 62 1.22 -66.08 7.17
C THR P 62 1.92 -66.12 5.81
N GLU P 63 1.90 -67.28 5.16
CA GLU P 63 2.62 -67.44 3.90
C GLU P 63 1.69 -67.69 2.72
N LYS P 64 0.40 -67.94 2.99
CA LYS P 64 -0.52 -68.35 1.92
C LYS P 64 -1.90 -67.68 1.95
N LEU P 65 -2.32 -67.22 3.12
CA LEU P 65 -3.62 -66.58 3.29
C LEU P 65 -3.49 -65.17 3.87
N TYR P 66 -3.71 -64.18 3.02
CA TYR P 66 -3.54 -62.79 3.42
C TYR P 66 -4.86 -62.03 3.39
N LYS P 67 -4.97 -61.05 4.27
CA LYS P 67 -6.14 -60.19 4.34
C LYS P 67 -5.97 -58.95 3.45
N LEU P 68 -7.04 -58.54 2.75
CA LEU P 68 -6.97 -57.31 1.94
C LEU P 68 -7.70 -56.10 2.59
N ASN P 69 -9.03 -56.19 2.70
CA ASN P 69 -9.80 -55.29 3.56
C ASN P 69 -10.54 -56.15 4.58
N ASP P 70 -11.69 -55.70 5.07
CA ASP P 70 -12.45 -56.49 6.05
C ASP P 70 -13.38 -57.53 5.42
N LYS P 71 -13.56 -57.43 4.11
CA LYS P 71 -14.51 -58.26 3.38
C LYS P 71 -13.87 -59.12 2.27
N ILE P 72 -12.57 -58.95 2.05
CA ILE P 72 -11.86 -59.66 0.99
C ILE P 72 -10.54 -60.20 1.50
N ALA P 73 -10.31 -61.50 1.26
CA ALA P 73 -9.01 -62.11 1.53
C ALA P 73 -8.58 -62.93 0.31
N VAL P 74 -7.29 -63.26 0.25
CA VAL P 74 -6.76 -64.05 -0.87
C VAL P 74 -5.99 -65.28 -0.41
N ALA P 75 -6.01 -66.31 -1.26
CA ALA P 75 -5.12 -67.45 -1.13
C ALA P 75 -4.04 -67.33 -2.21
N VAL P 76 -2.80 -67.53 -1.79
CA VAL P 76 -1.62 -67.29 -2.63
C VAL P 76 -1.01 -68.61 -3.11
N ALA P 77 -0.77 -68.71 -4.43
CA ALA P 77 0.03 -69.80 -4.98
C ALA P 77 1.15 -69.26 -5.84
N GLY P 78 2.39 -69.47 -5.40
CA GLY P 78 3.56 -69.06 -6.17
C GLY P 78 4.63 -68.44 -5.29
N LEU P 79 5.32 -67.43 -5.80
CA LEU P 79 6.38 -66.74 -5.07
C LEU P 79 5.81 -65.85 -3.96
N THR P 80 6.05 -66.23 -2.71
CA THR P 80 5.61 -65.46 -1.53
C THR P 80 5.90 -63.95 -1.62
N ALA P 81 7.14 -63.60 -1.94
CA ALA P 81 7.56 -62.21 -2.04
C ALA P 81 6.81 -61.45 -3.15
N ASP P 82 6.63 -62.09 -4.30
CA ASP P 82 5.93 -61.48 -5.43
C ASP P 82 4.48 -61.18 -5.07
N ALA P 83 3.91 -62.03 -4.21
CA ALA P 83 2.54 -61.88 -3.78
C ALA P 83 2.42 -60.69 -2.84
N GLU P 84 3.37 -60.56 -1.92
CA GLU P 84 3.38 -59.47 -0.95
C GLU P 84 3.45 -58.07 -1.57
N ILE P 85 4.19 -57.93 -2.66
CA ILE P 85 4.21 -56.70 -3.46
C ILE P 85 2.82 -56.40 -4.03
N LEU P 86 2.11 -57.45 -4.44
CA LEU P 86 0.80 -57.30 -5.06
C LEU P 86 -0.34 -57.16 -4.05
N ILE P 87 -0.19 -57.82 -2.89
CA ILE P 87 -1.14 -57.73 -1.80
C ILE P 87 -1.16 -56.29 -1.32
N ASN P 88 0.04 -55.74 -1.11
CA ASN P 88 0.19 -54.40 -0.62
C ASN P 88 -0.35 -53.30 -1.52
N THR P 89 -0.29 -53.47 -2.84
CA THR P 89 -0.88 -52.43 -3.69
C THR P 89 -2.39 -52.59 -3.77
N ALA P 90 -2.85 -53.83 -3.67
CA ALA P 90 -4.29 -54.11 -3.62
C ALA P 90 -4.88 -53.51 -2.35
N ARG P 91 -4.24 -53.80 -1.21
CA ARG P 91 -4.61 -53.22 0.09
C ARG P 91 -4.77 -51.70 0.03
N ILE P 92 -3.90 -51.04 -0.75
CA ILE P 92 -4.01 -49.61 -1.01
C ILE P 92 -5.20 -49.27 -1.92
N HIS P 93 -5.36 -49.97 -3.04
CA HIS P 93 -6.48 -49.66 -3.94
C HIS P 93 -7.83 -49.68 -3.21
N ALA P 94 -7.93 -50.55 -2.21
CA ALA P 94 -9.13 -50.70 -1.39
C ALA P 94 -9.38 -49.48 -0.50
N GLN P 95 -8.30 -48.97 0.08
CA GLN P 95 -8.33 -47.78 0.88
C GLN P 95 -8.60 -46.52 0.04
N ASN P 96 -8.09 -46.47 -1.18
CA ASN P 96 -8.38 -45.37 -2.07
C ASN P 96 -9.85 -45.34 -2.38
N TYR P 97 -10.41 -46.49 -2.70
CA TYR P 97 -11.83 -46.58 -3.02
C TYR P 97 -12.69 -46.18 -1.80
N LEU P 98 -12.30 -46.62 -0.60
CA LEU P 98 -13.00 -46.23 0.63
C LEU P 98 -12.96 -44.72 0.87
N LYS P 99 -11.78 -44.12 0.71
CA LYS P 99 -11.62 -42.67 0.83
C LYS P 99 -12.48 -41.92 -0.20
N THR P 100 -12.37 -42.29 -1.47
CA THR P 100 -13.07 -41.59 -2.54
C THR P 100 -14.60 -41.69 -2.46
N TYR P 101 -15.11 -42.87 -2.11
CA TYR P 101 -16.54 -43.12 -2.22
C TYR P 101 -17.26 -43.30 -0.88
N ASN P 102 -16.50 -43.44 0.19
CA ASN P 102 -17.05 -43.76 1.52
C ASN P 102 -17.91 -45.03 1.51
N GLU P 103 -17.51 -45.97 0.67
CA GLU P 103 -18.09 -47.30 0.60
C GLU P 103 -16.94 -48.26 0.35
N ASP P 104 -17.09 -49.50 0.81
CA ASP P 104 -16.08 -50.55 0.57
C ASP P 104 -15.99 -50.94 -0.91
N ILE P 105 -14.79 -51.27 -1.35
CA ILE P 105 -14.57 -51.66 -2.75
C ILE P 105 -15.23 -52.99 -3.14
N PRO P 106 -16.10 -52.96 -4.18
CA PRO P 106 -16.70 -54.17 -4.72
C PRO P 106 -15.62 -55.13 -5.16
N VAL P 107 -15.80 -56.42 -4.86
CA VAL P 107 -14.74 -57.42 -5.03
C VAL P 107 -14.24 -57.47 -6.46
N GLU P 108 -15.16 -57.53 -7.41
CA GLU P 108 -14.87 -57.58 -8.84
C GLU P 108 -13.98 -56.42 -9.29
N ILE P 109 -14.08 -55.28 -8.62
CA ILE P 109 -13.28 -54.10 -8.97
C ILE P 109 -11.84 -54.26 -8.52
N LEU P 110 -11.64 -54.67 -7.27
CA LEU P 110 -10.31 -54.83 -6.70
C LEU P 110 -9.57 -55.94 -7.40
N VAL P 111 -10.32 -56.97 -7.80
CA VAL P 111 -9.76 -58.08 -8.55
C VAL P 111 -9.33 -57.61 -9.93
N ARG P 112 -10.19 -56.82 -10.61
CA ARG P 112 -9.82 -56.28 -11.92
C ARG P 112 -8.52 -55.44 -11.86
N ARG P 113 -8.51 -54.44 -10.97
CA ARG P 113 -7.38 -53.56 -10.77
C ARG P 113 -6.09 -54.38 -10.59
N LEU P 114 -6.12 -55.39 -9.74
CA LEU P 114 -4.93 -56.21 -9.47
C LEU P 114 -4.54 -56.99 -10.70
N SER P 115 -5.52 -57.62 -11.36
CA SER P 115 -5.29 -58.34 -12.61
C SER P 115 -4.71 -57.44 -13.69
N ASP P 116 -5.20 -56.20 -13.76
CA ASP P 116 -4.72 -55.18 -14.71
C ASP P 116 -3.24 -54.89 -14.51
N ILE P 117 -2.82 -54.83 -13.24
CA ILE P 117 -1.43 -54.59 -12.91
C ILE P 117 -0.58 -55.69 -13.51
N LYS P 118 -0.97 -56.94 -13.25
CA LYS P 118 -0.27 -58.12 -13.75
C LYS P 118 -0.19 -58.12 -15.27
N GLN P 119 -1.35 -57.94 -15.92
CA GLN P 119 -1.41 -57.81 -17.36
C GLN P 119 -0.36 -56.85 -17.89
N GLY P 120 -0.11 -55.77 -17.15
CA GLY P 120 0.89 -54.78 -17.55
C GLY P 120 2.27 -55.36 -17.81
N TYR P 121 2.77 -56.14 -16.85
CA TYR P 121 4.08 -56.78 -16.95
C TYR P 121 4.13 -57.82 -18.07
N THR P 122 3.15 -57.77 -18.95
CA THR P 122 2.90 -58.76 -19.98
C THR P 122 2.95 -58.10 -21.35
N GLN P 123 2.83 -56.78 -21.35
CA GLN P 123 2.67 -56.04 -22.59
C GLN P 123 3.76 -55.01 -22.76
N HIS P 124 4.36 -54.58 -21.64
CA HIS P 124 5.43 -53.59 -21.69
C HIS P 124 6.36 -53.63 -20.48
N GLY P 125 7.57 -53.12 -20.66
CA GLY P 125 8.45 -52.83 -19.53
C GLY P 125 9.66 -53.72 -19.41
N GLY P 126 9.65 -54.83 -20.15
CA GLY P 126 10.78 -55.77 -20.16
C GLY P 126 11.07 -56.42 -18.82
N LEU P 127 10.11 -56.36 -17.90
CA LEU P 127 10.27 -57.02 -16.61
C LEU P 127 9.62 -58.40 -16.64
N ARG P 128 10.11 -59.30 -15.81
CA ARG P 128 9.50 -60.62 -15.71
C ARG P 128 8.12 -60.49 -15.08
N PRO P 129 7.14 -61.26 -15.58
CA PRO P 129 5.87 -61.47 -14.88
C PRO P 129 6.04 -61.80 -13.39
N PHE P 130 4.96 -61.64 -12.64
CA PHE P 130 4.92 -62.06 -11.25
C PHE P 130 4.57 -63.56 -11.22
N GLY P 131 5.34 -64.34 -10.46
CA GLY P 131 5.08 -65.77 -10.36
C GLY P 131 4.07 -66.06 -9.27
N VAL P 132 2.83 -65.65 -9.50
CA VAL P 132 1.80 -65.71 -8.48
C VAL P 132 0.42 -65.99 -9.08
N SER P 133 -0.35 -66.83 -8.40
CA SER P 133 -1.78 -66.90 -8.64
C SER P 133 -2.56 -66.60 -7.38
N PHE P 134 -3.76 -66.06 -7.57
CA PHE P 134 -4.59 -65.65 -6.46
C PHE P 134 -5.96 -66.29 -6.51
N ILE P 135 -6.44 -66.69 -5.33
CA ILE P 135 -7.85 -66.94 -5.12
C ILE P 135 -8.41 -65.85 -4.24
N TYR P 136 -9.30 -65.02 -4.82
CA TYR P 136 -9.98 -63.96 -4.08
C TYR P 136 -11.31 -64.47 -3.53
N ALA P 137 -11.41 -64.48 -2.19
CA ALA P 137 -12.66 -64.75 -1.51
C ALA P 137 -13.18 -63.43 -0.96
N GLY P 138 -14.37 -63.03 -1.40
CA GLY P 138 -14.91 -61.73 -1.02
C GLY P 138 -16.42 -61.59 -1.00
N TYR P 139 -16.87 -60.62 -0.22
CA TYR P 139 -18.27 -60.25 -0.13
C TYR P 139 -18.48 -58.75 -0.33
N ASP P 140 -19.39 -58.39 -1.23
CA ASP P 140 -19.86 -57.03 -1.33
C ASP P 140 -21.37 -57.10 -1.42
N ASP P 141 -22.05 -55.98 -1.20
CA ASP P 141 -23.50 -56.00 -1.17
C ASP P 141 -24.14 -55.88 -2.56
N ARG P 142 -23.41 -56.25 -3.60
CA ARG P 142 -23.95 -56.17 -4.95
C ARG P 142 -24.15 -57.56 -5.55
N TYR P 143 -23.24 -58.47 -5.21
CA TYR P 143 -23.27 -59.82 -5.74
C TYR P 143 -23.19 -60.82 -4.61
N GLY P 144 -23.03 -60.32 -3.39
CA GLY P 144 -22.87 -61.16 -2.22
C GLY P 144 -21.53 -61.88 -2.21
N TYR P 145 -21.58 -63.17 -1.90
CA TYR P 145 -20.38 -63.99 -1.83
C TYR P 145 -19.82 -64.19 -3.22
N GLN P 146 -18.53 -63.87 -3.37
CA GLN P 146 -17.85 -63.98 -4.66
C GLN P 146 -16.53 -64.70 -4.51
N LEU P 147 -16.20 -65.47 -5.56
CA LEU P 147 -14.97 -66.23 -5.60
C LEU P 147 -14.26 -65.99 -6.92
N TYR P 148 -13.02 -65.51 -6.85
CA TYR P 148 -12.23 -65.21 -8.04
C TYR P 148 -10.86 -65.88 -8.10
N THR P 149 -10.39 -66.08 -9.33
CA THR P 149 -9.06 -66.62 -9.60
C THR P 149 -8.32 -65.67 -10.54
N SER P 150 -7.06 -65.39 -10.24
CA SER P 150 -6.19 -64.66 -11.18
C SER P 150 -4.79 -65.26 -11.27
N ASN P 151 -4.22 -65.19 -12.47
CA ASN P 151 -2.90 -65.74 -12.74
C ASN P 151 -1.97 -64.68 -13.36
N PRO P 152 -0.70 -65.05 -13.68
CA PRO P 152 0.27 -64.14 -14.29
C PRO P 152 -0.14 -63.50 -15.62
N SER P 153 -1.03 -64.14 -16.37
CA SER P 153 -1.42 -63.61 -17.69
C SER P 153 -2.28 -62.36 -17.58
N GLY P 154 -2.81 -62.12 -16.38
CA GLY P 154 -3.65 -60.97 -16.11
C GLY P 154 -5.14 -61.27 -16.18
N ASN P 155 -5.47 -62.54 -16.31
CA ASN P 155 -6.87 -62.92 -16.43
C ASN P 155 -7.53 -63.34 -15.10
N TYR P 156 -8.82 -63.01 -14.99
CA TYR P 156 -9.61 -63.38 -13.83
C TYR P 156 -10.96 -63.97 -14.28
N THR P 157 -11.45 -64.92 -13.47
CA THR P 157 -12.74 -65.57 -13.71
C THR P 157 -13.39 -65.89 -12.38
N GLY P 158 -14.71 -66.03 -12.41
CA GLY P 158 -15.49 -66.31 -11.19
C GLY P 158 -15.81 -67.78 -11.04
N TRP P 159 -15.76 -68.26 -9.80
CA TRP P 159 -15.87 -69.69 -9.51
C TRP P 159 -16.82 -70.02 -8.39
N LYS P 160 -17.37 -71.24 -8.44
CA LYS P 160 -18.12 -71.85 -7.34
C LYS P 160 -17.17 -72.59 -6.39
N ALA P 161 -16.23 -73.32 -6.97
CA ALA P 161 -15.09 -73.89 -6.24
C ALA P 161 -13.90 -73.99 -7.19
N ILE P 162 -12.73 -73.61 -6.69
CA ILE P 162 -11.55 -73.57 -7.55
C ILE P 162 -10.26 -73.83 -6.77
N SER P 163 -9.26 -74.33 -7.50
CA SER P 163 -7.95 -74.61 -6.93
C SER P 163 -6.85 -73.99 -7.79
N VAL P 164 -5.71 -73.71 -7.16
CA VAL P 164 -4.53 -73.20 -7.85
C VAL P 164 -3.26 -73.78 -7.20
N GLY P 165 -2.21 -73.91 -7.99
CA GLY P 165 -0.95 -74.44 -7.51
C GLY P 165 -0.77 -75.87 -7.97
N ALA P 166 -0.29 -76.72 -7.06
CA ALA P 166 0.06 -78.10 -7.36
C ALA P 166 -1.16 -79.03 -7.55
N ASN P 167 -1.07 -79.89 -8.56
CA ASN P 167 -2.07 -80.93 -8.83
C ASN P 167 -3.48 -80.40 -8.96
N THR P 168 -3.66 -79.38 -9.80
CA THR P 168 -5.01 -78.79 -9.94
C THR P 168 -5.95 -79.68 -10.75
N SER P 169 -5.37 -80.47 -11.64
CA SER P 169 -6.09 -81.47 -12.42
C SER P 169 -6.82 -82.44 -11.50
N ALA P 170 -6.06 -83.01 -10.56
CA ALA P 170 -6.60 -83.93 -9.57
C ALA P 170 -7.67 -83.26 -8.69
N ALA P 171 -7.37 -82.06 -8.20
CA ALA P 171 -8.27 -81.32 -7.31
C ALA P 171 -9.57 -80.87 -7.99
N GLN P 172 -9.48 -80.45 -9.24
CA GLN P 172 -10.64 -79.91 -9.96
C GLN P 172 -11.66 -80.99 -10.32
N THR P 173 -11.21 -82.24 -10.39
CA THR P 173 -12.10 -83.38 -10.61
C THR P 173 -12.78 -83.79 -9.31
N LEU P 174 -12.02 -83.80 -8.21
CA LEU P 174 -12.54 -84.20 -6.90
C LEU P 174 -13.58 -83.22 -6.33
N LEU P 175 -13.52 -81.97 -6.78
CA LEU P 175 -14.48 -80.95 -6.36
C LEU P 175 -15.70 -81.00 -7.27
N GLN P 176 -15.46 -81.16 -8.57
CA GLN P 176 -16.52 -81.28 -9.56
C GLN P 176 -17.38 -82.50 -9.25
N MET P 177 -16.82 -83.40 -8.44
CA MET P 177 -17.46 -84.64 -8.03
C MET P 177 -18.42 -84.41 -6.86
N ASP P 178 -17.96 -83.69 -5.84
CA ASP P 178 -18.68 -83.58 -4.56
C ASP P 178 -19.31 -82.22 -4.28
N TYR P 179 -19.10 -81.25 -5.16
CA TYR P 179 -19.66 -79.93 -4.96
C TYR P 179 -21.12 -79.86 -5.39
N LYS P 180 -22.00 -79.39 -4.51
CA LYS P 180 -23.36 -79.06 -4.93
C LYS P 180 -23.78 -77.62 -4.55
N ASP P 181 -24.68 -77.04 -5.35
CA ASP P 181 -25.05 -75.62 -5.25
C ASP P 181 -25.54 -75.13 -3.88
N ASP P 182 -26.20 -76.00 -3.14
CA ASP P 182 -26.78 -75.60 -1.86
C ASP P 182 -26.01 -76.19 -0.69
N MET P 183 -24.70 -75.99 -0.70
CA MET P 183 -23.86 -76.40 0.42
C MET P 183 -23.96 -75.38 1.53
N LYS P 184 -23.78 -75.87 2.76
CA LYS P 184 -23.54 -75.01 3.90
C LYS P 184 -22.02 -74.88 4.00
N VAL P 185 -21.55 -74.05 4.92
CA VAL P 185 -20.13 -73.77 5.08
C VAL P 185 -19.37 -74.98 5.65
N ASP P 186 -19.98 -75.66 6.61
CA ASP P 186 -19.36 -76.84 7.24
C ASP P 186 -19.23 -77.98 6.24
N ASP P 187 -20.12 -78.01 5.26
CA ASP P 187 -19.99 -78.95 4.14
C ASP P 187 -18.81 -78.58 3.25
N ALA P 188 -18.61 -77.28 3.03
CA ALA P 188 -17.51 -76.79 2.22
C ALA P 188 -16.16 -76.89 2.93
N ILE P 189 -16.13 -76.64 4.24
CA ILE P 189 -14.91 -76.79 5.04
C ILE P 189 -14.42 -78.24 4.94
N GLU P 190 -15.36 -79.16 5.10
CA GLU P 190 -15.10 -80.60 4.99
C GLU P 190 -14.58 -80.94 3.60
N LEU P 191 -15.31 -80.53 2.56
CA LEU P 191 -14.93 -80.79 1.16
C LEU P 191 -13.54 -80.26 0.85
N ALA P 192 -13.23 -79.07 1.36
CA ALA P 192 -11.94 -78.44 1.14
C ALA P 192 -10.82 -79.31 1.69
N LEU P 193 -10.93 -79.69 2.95
CA LEU P 193 -9.97 -80.57 3.62
C LEU P 193 -9.86 -81.96 2.99
N LYS P 194 -10.99 -82.49 2.48
CA LYS P 194 -10.99 -83.81 1.81
C LYS P 194 -10.19 -83.77 0.53
N THR P 195 -10.34 -82.71 -0.24
CA THR P 195 -9.65 -82.59 -1.52
C THR P 195 -8.14 -82.47 -1.28
N LEU P 196 -7.77 -81.71 -0.26
CA LEU P 196 -6.37 -81.54 0.09
C LEU P 196 -5.75 -82.83 0.61
N SER P 197 -6.57 -83.71 1.19
CA SER P 197 -6.13 -85.00 1.72
C SER P 197 -5.60 -85.94 0.64
N LYS P 198 -6.06 -85.73 -0.59
CA LYS P 198 -5.82 -86.65 -1.68
C LYS P 198 -4.93 -86.08 -2.77
N THR P 199 -4.53 -84.82 -2.61
CA THR P 199 -3.64 -84.14 -3.58
C THR P 199 -2.29 -83.74 -2.98
N THR P 200 -2.13 -83.97 -1.67
CA THR P 200 -0.86 -83.76 -0.97
C THR P 200 0.27 -84.55 -1.61
N ASP P 201 1.48 -84.02 -1.53
CA ASP P 201 2.66 -84.82 -1.86
C ASP P 201 3.25 -85.38 -0.57
N SER P 202 2.58 -85.16 0.55
CA SER P 202 3.01 -85.63 1.87
C SER P 202 2.32 -86.90 2.30
N SER P 203 2.82 -87.47 3.40
CA SER P 203 2.27 -88.69 4.01
C SER P 203 0.78 -88.54 4.33
N ALA P 204 0.49 -87.90 5.47
CA ALA P 204 -0.86 -87.53 5.85
C ALA P 204 -1.00 -86.01 5.74
N LEU P 205 -2.01 -85.47 6.41
CA LEU P 205 -2.25 -84.04 6.42
C LEU P 205 -2.45 -83.61 7.87
N THR P 206 -1.43 -83.00 8.45
CA THR P 206 -1.51 -82.50 9.83
C THR P 206 -1.92 -81.04 9.88
N TYR P 207 -2.11 -80.54 11.09
CA TYR P 207 -2.49 -79.14 11.32
C TYR P 207 -1.41 -78.12 10.94
N ASP P 208 -0.15 -78.46 11.20
CA ASP P 208 0.98 -77.56 10.96
C ASP P 208 1.30 -77.30 9.49
N ARG P 209 0.66 -78.05 8.59
CA ARG P 209 0.94 -77.93 7.17
C ARG P 209 -0.16 -77.16 6.44
N LEU P 210 -1.05 -76.53 7.20
CA LEU P 210 -2.22 -75.88 6.64
C LEU P 210 -2.47 -74.48 7.14
N GLU P 211 -3.06 -73.67 6.26
CA GLU P 211 -3.67 -72.40 6.64
C GLU P 211 -5.16 -72.49 6.25
N PHE P 212 -6.00 -71.77 6.99
CA PHE P 212 -7.45 -71.86 6.78
C PHE P 212 -8.14 -70.53 7.05
N ALA P 213 -9.14 -70.20 6.23
CA ALA P 213 -9.94 -68.98 6.41
C ALA P 213 -11.37 -69.09 5.89
N THR P 214 -12.31 -68.47 6.62
CA THR P 214 -13.73 -68.44 6.24
C THR P 214 -14.32 -67.05 6.30
N ILE P 215 -15.06 -66.69 5.24
CA ILE P 215 -15.83 -65.45 5.20
C ILE P 215 -17.30 -65.78 5.37
N ARG P 216 -17.77 -65.69 6.62
CA ARG P 216 -19.12 -66.09 7.00
C ARG P 216 -20.03 -64.89 7.21
N LYS P 217 -20.88 -65.00 8.24
CA LYS P 217 -21.82 -63.95 8.64
C LYS P 217 -22.45 -64.22 10.02
N GLY P 218 -21.67 -64.80 10.94
CA GLY P 218 -22.08 -65.17 12.33
C GLY P 218 -23.55 -65.01 12.73
N ALA P 219 -24.24 -66.14 12.90
CA ALA P 219 -25.72 -66.21 13.10
C ALA P 219 -26.37 -65.07 13.91
N ASN P 220 -25.76 -64.72 15.05
CA ASN P 220 -26.17 -63.56 15.84
C ASN P 220 -25.22 -62.37 15.61
N ASP P 221 -25.46 -61.66 14.51
CA ASP P 221 -24.59 -60.57 14.06
C ASP P 221 -25.34 -59.71 13.03
N GLY P 222 -25.71 -60.33 11.91
CA GLY P 222 -26.35 -59.64 10.79
C GLY P 222 -25.37 -58.95 9.85
N GLU P 223 -24.07 -59.21 10.07
CA GLU P 223 -23.01 -58.61 9.26
C GLU P 223 -21.79 -59.53 9.07
N VAL P 224 -21.04 -59.30 7.98
CA VAL P 224 -19.96 -60.18 7.50
C VAL P 224 -18.71 -60.22 8.37
N TYR P 225 -18.18 -61.42 8.60
CA TYR P 225 -17.03 -61.63 9.49
C TYR P 225 -15.96 -62.54 8.86
N GLN P 226 -14.69 -62.22 9.11
CA GLN P 226 -13.54 -62.93 8.54
C GLN P 226 -12.73 -63.68 9.58
N LYS P 227 -12.57 -64.99 9.37
CA LYS P 227 -11.86 -65.83 10.32
C LYS P 227 -10.59 -66.41 9.70
N ILE P 228 -9.43 -66.01 10.21
CA ILE P 228 -8.18 -66.68 9.87
C ILE P 228 -7.83 -67.67 10.98
N PHE P 229 -8.14 -68.94 10.72
CA PHE P 229 -8.04 -70.01 11.70
C PHE P 229 -6.69 -70.06 12.40
N LYS P 230 -6.72 -70.20 13.72
CA LYS P 230 -5.51 -70.42 14.50
C LYS P 230 -5.01 -71.86 14.29
N PRO P 231 -3.70 -72.10 14.51
CA PRO P 231 -3.15 -73.47 14.52
C PRO P 231 -4.01 -74.49 15.28
N GLN P 232 -4.32 -74.18 16.54
CA GLN P 232 -5.17 -75.06 17.38
C GLN P 232 -6.55 -75.35 16.79
N GLU P 233 -7.12 -74.36 16.08
CA GLU P 233 -8.45 -74.49 15.47
C GLU P 233 -8.48 -75.37 14.22
N ILE P 234 -7.38 -75.38 13.46
CA ILE P 234 -7.26 -76.27 12.31
C ILE P 234 -7.10 -77.70 12.81
N LYS P 235 -6.37 -77.86 13.92
CA LYS P 235 -6.21 -79.16 14.58
C LYS P 235 -7.55 -79.72 15.00
N ASP P 236 -8.40 -78.85 15.54
CA ASP P 236 -9.76 -79.21 15.93
C ASP P 236 -10.59 -79.61 14.71
N ILE P 237 -10.72 -78.71 13.75
CA ILE P 237 -11.58 -78.92 12.59
C ILE P 237 -11.15 -80.12 11.76
N LEU P 238 -9.99 -80.66 12.11
CA LEU P 238 -9.43 -81.84 11.44
C LEU P 238 -9.90 -83.11 12.14
N VAL P 239 -9.99 -83.05 13.47
CA VAL P 239 -10.48 -84.14 14.30
C VAL P 239 -11.97 -84.45 14.02
N LYS P 240 -12.77 -83.39 13.90
CA LYS P 240 -14.22 -83.54 13.61
C LYS P 240 -14.44 -84.27 12.30
N THR P 241 -13.85 -83.77 11.23
CA THR P 241 -14.02 -84.35 9.90
C THR P 241 -13.23 -85.66 9.75
N GLY P 242 -12.81 -86.22 10.88
CA GLY P 242 -12.24 -87.56 10.97
C GLY P 242 -10.97 -87.81 10.17
N ILE P 243 -9.91 -87.10 10.53
CA ILE P 243 -8.56 -87.43 10.06
C ILE P 243 -7.57 -87.24 11.23
N THR P 244 -8.09 -87.31 12.46
CA THR P 244 -7.41 -86.83 13.69
C THR P 244 -6.30 -85.81 13.36
N GLY Q 1 12.42 -46.89 -18.49
CA GLY Q 1 12.91 -46.35 -19.80
C GLY Q 1 13.26 -47.46 -20.79
N TYR Q 2 12.51 -48.56 -20.73
CA TYR Q 2 12.75 -49.70 -21.62
C TYR Q 2 11.99 -49.48 -22.90
N ASP Q 3 12.72 -49.23 -23.99
CA ASP Q 3 12.09 -48.96 -25.28
C ASP Q 3 12.63 -49.81 -26.44
N ARG Q 4 13.09 -51.02 -26.14
CA ARG Q 4 13.61 -51.93 -27.18
C ARG Q 4 12.56 -52.21 -28.25
N ALA Q 5 12.97 -52.08 -29.51
CA ALA Q 5 12.09 -52.33 -30.65
C ALA Q 5 11.74 -53.82 -30.74
N LEU Q 6 10.51 -54.16 -30.34
CA LEU Q 6 10.04 -55.55 -30.35
C LEU Q 6 9.31 -55.91 -31.65
N SER Q 7 8.46 -55.01 -32.14
CA SER Q 7 7.79 -55.17 -33.44
C SER Q 7 8.66 -54.57 -34.53
N ILE Q 8 9.34 -55.43 -35.29
CA ILE Q 8 10.29 -54.99 -36.33
C ILE Q 8 10.13 -55.77 -37.64
N PHE Q 9 10.63 -55.19 -38.73
CA PHE Q 9 10.57 -55.83 -40.04
C PHE Q 9 11.58 -56.98 -40.19
N SER Q 10 11.18 -58.00 -40.96
CA SER Q 10 12.04 -59.12 -41.29
C SER Q 10 12.12 -59.22 -42.81
N PRO Q 11 13.21 -59.81 -43.36
CA PRO Q 11 13.59 -59.67 -44.77
C PRO Q 11 12.51 -59.90 -45.83
N ASP Q 12 11.47 -60.66 -45.49
CA ASP Q 12 10.37 -60.90 -46.42
C ASP Q 12 9.30 -59.81 -46.35
N GLY Q 13 9.51 -58.84 -45.45
CA GLY Q 13 8.63 -57.68 -45.27
C GLY Q 13 7.64 -57.79 -44.14
N HIS Q 14 7.70 -58.89 -43.40
CA HIS Q 14 6.68 -59.18 -42.39
C HIS Q 14 7.08 -58.65 -41.02
N ILE Q 15 6.09 -58.24 -40.22
CA ILE Q 15 6.32 -57.90 -38.82
C ILE Q 15 5.81 -59.06 -37.98
N PHE Q 16 6.75 -59.88 -37.52
CA PHE Q 16 6.44 -61.17 -36.89
C PHE Q 16 5.58 -61.07 -35.62
N GLN Q 17 5.84 -60.06 -34.80
CA GLN Q 17 5.07 -59.89 -33.57
C GLN Q 17 3.62 -59.52 -33.86
N VAL Q 18 3.39 -58.78 -34.93
CA VAL Q 18 2.03 -58.47 -35.38
C VAL Q 18 1.34 -59.75 -35.85
N GLU Q 19 2.11 -60.64 -36.49
CA GLU Q 19 1.57 -61.93 -36.93
C GLU Q 19 1.30 -62.88 -35.77
N TYR Q 20 2.26 -62.99 -34.85
CA TYR Q 20 2.06 -63.88 -33.71
C TYR Q 20 0.94 -63.39 -32.80
N ALA Q 21 0.54 -62.14 -32.98
CA ALA Q 21 -0.66 -61.60 -32.32
C ALA Q 21 -1.93 -62.20 -32.94
N LEU Q 22 -1.98 -62.22 -34.27
CA LEU Q 22 -3.08 -62.88 -34.98
C LEU Q 22 -3.18 -64.36 -34.60
N GLU Q 23 -2.02 -65.00 -34.42
CA GLU Q 23 -1.97 -66.41 -33.98
C GLU Q 23 -2.70 -66.61 -32.65
N ALA Q 24 -2.57 -65.62 -31.76
CA ALA Q 24 -3.26 -65.61 -30.48
C ALA Q 24 -4.77 -65.38 -30.66
N VAL Q 25 -5.13 -64.55 -31.63
CA VAL Q 25 -6.53 -64.27 -31.94
C VAL Q 25 -7.25 -65.52 -32.44
N LYS Q 26 -6.61 -66.24 -33.35
CA LYS Q 26 -7.19 -67.45 -33.95
C LYS Q 26 -7.30 -68.62 -32.99
N ARG Q 27 -6.48 -68.62 -31.94
CA ARG Q 27 -6.58 -69.64 -30.90
C ARG Q 27 -7.55 -69.21 -29.79
N GLY Q 28 -8.06 -67.97 -29.90
CA GLY Q 28 -9.07 -67.47 -28.98
C GLY Q 28 -10.45 -67.96 -29.38
N THR Q 29 -11.38 -67.97 -28.43
CA THR Q 29 -12.75 -68.44 -28.66
C THR Q 29 -13.46 -67.61 -29.74
N CYS Q 30 -14.29 -68.25 -30.56
CA CYS Q 30 -14.92 -67.61 -31.72
C CYS Q 30 -15.95 -66.55 -31.34
N ALA Q 31 -16.05 -65.52 -32.17
CA ALA Q 31 -17.07 -64.48 -32.04
C ALA Q 31 -17.61 -64.08 -33.41
N VAL Q 32 -18.88 -63.69 -33.45
CA VAL Q 32 -19.52 -63.32 -34.72
C VAL Q 32 -20.53 -62.17 -34.56
N GLY Q 33 -20.71 -61.43 -35.64
CA GLY Q 33 -21.70 -60.38 -35.70
C GLY Q 33 -22.31 -60.28 -37.08
N VAL Q 34 -23.64 -60.38 -37.14
CA VAL Q 34 -24.37 -60.20 -38.40
C VAL Q 34 -25.32 -59.03 -38.24
N LYS Q 35 -25.51 -58.27 -39.32
CA LYS Q 35 -26.33 -57.07 -39.18
C LYS Q 35 -27.60 -57.12 -40.02
N GLY Q 36 -28.72 -56.83 -39.35
CA GLY Q 36 -30.04 -56.84 -39.96
C GLY Q 36 -30.32 -55.59 -40.77
N LYS Q 37 -31.60 -55.28 -40.95
CA LYS Q 37 -32.00 -54.08 -41.66
C LYS Q 37 -32.21 -52.96 -40.64
N ASN Q 38 -32.33 -53.36 -39.38
CA ASN Q 38 -32.77 -52.52 -38.28
C ASN Q 38 -32.10 -52.92 -36.97
N CYS Q 39 -31.18 -53.88 -37.05
CA CYS Q 39 -30.43 -54.32 -35.86
C CYS Q 39 -29.07 -54.95 -36.19
N VAL Q 40 -28.26 -55.17 -35.15
CA VAL Q 40 -27.00 -55.91 -35.26
C VAL Q 40 -26.96 -56.95 -34.16
N VAL Q 41 -26.60 -58.17 -34.51
CA VAL Q 41 -26.56 -59.26 -33.54
C VAL Q 41 -25.14 -59.74 -33.32
N LEU Q 42 -24.75 -59.87 -32.05
CA LEU Q 42 -23.42 -60.39 -31.70
C LEU Q 42 -23.53 -61.71 -30.96
N GLY Q 43 -22.68 -62.66 -31.35
CA GLY Q 43 -22.66 -64.00 -30.75
C GLY Q 43 -21.25 -64.44 -30.41
N CYS Q 44 -21.13 -65.18 -29.31
CA CYS Q 44 -19.84 -65.70 -28.86
C CYS Q 44 -19.93 -67.19 -28.56
N GLU Q 45 -18.82 -67.76 -28.12
CA GLU Q 45 -18.81 -69.15 -27.68
C GLU Q 45 -18.05 -69.28 -26.35
N ARG Q 46 -18.13 -70.46 -25.73
CA ARG Q 46 -17.47 -70.71 -24.45
C ARG Q 46 -16.57 -71.95 -24.46
N ARG Q 47 -15.41 -71.81 -23.83
CA ARG Q 47 -14.39 -72.86 -23.72
C ARG Q 47 -14.88 -74.03 -22.82
N SER Q 48 -14.00 -75.03 -22.64
CA SER Q 48 -14.17 -76.11 -21.64
C SER Q 48 -12.86 -76.83 -21.26
N THR Q 49 -12.08 -76.21 -20.37
CA THR Q 49 -11.01 -76.88 -19.61
C THR Q 49 -11.57 -77.22 -18.22
N LEU Q 50 -12.53 -76.40 -17.77
CA LEU Q 50 -13.27 -76.52 -16.51
C LEU Q 50 -14.74 -76.05 -16.70
N LYS Q 51 -15.67 -76.50 -15.85
CA LYS Q 51 -17.08 -76.04 -15.92
C LYS Q 51 -17.79 -75.93 -14.56
N LEU Q 52 -17.00 -75.58 -13.54
CA LEU Q 52 -17.48 -75.36 -12.17
C LEU Q 52 -17.52 -73.86 -11.90
N GLN Q 53 -17.93 -73.11 -12.91
CA GLN Q 53 -17.87 -71.65 -12.94
C GLN Q 53 -19.02 -70.95 -12.23
N ASP Q 54 -18.83 -69.66 -11.97
CA ASP Q 54 -19.88 -68.80 -11.42
C ASP Q 54 -20.19 -67.71 -12.45
N THR Q 55 -21.10 -68.00 -13.38
CA THR Q 55 -21.37 -67.10 -14.52
C THR Q 55 -22.33 -65.94 -14.21
N ARG Q 56 -22.50 -65.64 -12.93
CA ARG Q 56 -23.12 -64.39 -12.50
C ARG Q 56 -22.09 -63.27 -12.65
N ILE Q 57 -20.83 -63.58 -12.28
CA ILE Q 57 -19.76 -62.58 -12.19
C ILE Q 57 -18.76 -62.57 -13.36
N THR Q 58 -18.42 -63.76 -13.88
CA THR Q 58 -17.44 -63.95 -14.96
C THR Q 58 -17.65 -62.97 -16.14
N PRO Q 59 -16.61 -62.17 -16.45
CA PRO Q 59 -16.69 -61.08 -17.44
C PRO Q 59 -17.09 -61.55 -18.85
N SER Q 60 -18.40 -61.61 -19.13
CA SER Q 60 -18.91 -62.10 -20.42
C SER Q 60 -18.39 -61.28 -21.61
N LYS Q 61 -18.26 -61.92 -22.77
CA LYS Q 61 -17.43 -61.42 -23.86
C LYS Q 61 -17.87 -60.08 -24.45
N VAL Q 62 -19.18 -59.87 -24.59
CA VAL Q 62 -19.69 -58.62 -25.17
C VAL Q 62 -19.67 -57.50 -24.14
N SER Q 63 -19.02 -56.39 -24.49
CA SER Q 63 -18.89 -55.27 -23.57
C SER Q 63 -19.59 -54.00 -24.08
N LYS Q 64 -20.15 -53.25 -23.14
CA LYS Q 64 -20.74 -51.94 -23.41
C LYS Q 64 -19.66 -50.87 -23.38
N ILE Q 65 -19.49 -50.16 -24.50
CA ILE Q 65 -18.53 -49.06 -24.56
C ILE Q 65 -19.24 -47.77 -24.15
N ASP Q 66 -20.25 -47.40 -24.92
CA ASP Q 66 -21.23 -46.38 -24.54
C ASP Q 66 -22.61 -47.07 -24.57
N SER Q 67 -23.66 -46.35 -24.22
CA SER Q 67 -24.99 -46.96 -24.12
C SER Q 67 -25.62 -47.33 -25.48
N HIS Q 68 -24.90 -47.07 -26.57
CA HIS Q 68 -25.40 -47.33 -27.93
C HIS Q 68 -24.37 -48.06 -28.79
N VAL Q 69 -23.23 -48.41 -28.21
CA VAL Q 69 -22.14 -49.07 -28.93
C VAL Q 69 -21.51 -50.15 -28.07
N VAL Q 70 -21.41 -51.37 -28.63
CA VAL Q 70 -20.79 -52.51 -27.96
C VAL Q 70 -19.58 -53.05 -28.71
N LEU Q 71 -18.76 -53.82 -27.98
CA LEU Q 71 -17.53 -54.40 -28.52
C LEU Q 71 -17.35 -55.84 -28.05
N SER Q 72 -17.05 -56.71 -29.01
CA SER Q 72 -16.70 -58.11 -28.73
C SER Q 72 -15.30 -58.37 -29.28
N PHE Q 73 -14.64 -59.40 -28.76
CA PHE Q 73 -13.25 -59.66 -29.12
C PHE Q 73 -12.90 -61.15 -29.13
N SER Q 74 -11.88 -61.49 -29.92
CA SER Q 74 -11.24 -62.79 -29.81
C SER Q 74 -9.77 -62.55 -29.53
N GLY Q 75 -9.16 -63.45 -28.77
CA GLY Q 75 -7.76 -63.31 -28.45
C GLY Q 75 -7.54 -63.16 -26.96
N LEU Q 76 -6.36 -62.67 -26.58
CA LEU Q 76 -5.98 -62.55 -25.18
C LEU Q 76 -6.99 -61.72 -24.40
N ASN Q 77 -7.46 -62.28 -23.28
CA ASN Q 77 -8.51 -61.66 -22.49
C ASN Q 77 -8.02 -60.41 -21.79
N ALA Q 78 -6.97 -60.57 -20.98
CA ALA Q 78 -6.37 -59.48 -20.25
C ALA Q 78 -6.03 -58.30 -21.17
N ASP Q 79 -5.62 -58.59 -22.41
CA ASP Q 79 -5.33 -57.57 -23.41
C ASP Q 79 -6.56 -56.75 -23.81
N SER Q 80 -7.73 -57.37 -23.82
CA SER Q 80 -8.91 -56.67 -24.30
C SER Q 80 -9.48 -55.69 -23.29
N ARG Q 81 -9.24 -55.96 -22.01
CA ARG Q 81 -9.73 -55.07 -20.94
C ARG Q 81 -9.06 -53.69 -21.00
N ILE Q 82 -7.76 -53.69 -21.31
CA ILE Q 82 -7.00 -52.47 -21.56
C ILE Q 82 -7.59 -51.71 -22.74
N LEU Q 83 -7.97 -52.41 -23.80
CA LEU Q 83 -8.56 -51.75 -24.96
C LEU Q 83 -9.96 -51.23 -24.69
N ILE Q 84 -10.74 -51.95 -23.88
CA ILE Q 84 -12.11 -51.55 -23.55
C ILE Q 84 -12.11 -50.31 -22.66
N GLU Q 85 -11.24 -50.32 -21.65
CA GLU Q 85 -11.04 -49.14 -20.80
C GLU Q 85 -10.83 -47.89 -21.67
N LYS Q 86 -9.79 -47.92 -22.49
CA LYS Q 86 -9.42 -46.77 -23.33
C LYS Q 86 -10.56 -46.27 -24.19
N ALA Q 87 -11.30 -47.20 -24.79
CA ALA Q 87 -12.41 -46.85 -25.66
C ALA Q 87 -13.55 -46.22 -24.87
N ARG Q 88 -13.77 -46.70 -23.65
CA ARG Q 88 -14.83 -46.18 -22.78
C ARG Q 88 -14.57 -44.74 -22.33
N VAL Q 89 -13.30 -44.44 -22.05
CA VAL Q 89 -12.87 -43.08 -21.75
C VAL Q 89 -13.07 -42.18 -22.97
N GLU Q 90 -12.47 -42.55 -24.11
CA GLU Q 90 -12.60 -41.73 -25.31
C GLU Q 90 -14.06 -41.52 -25.68
N ALA Q 91 -14.91 -42.47 -25.28
CA ALA Q 91 -16.35 -42.34 -25.45
C ALA Q 91 -16.90 -41.14 -24.69
N GLN Q 92 -16.50 -41.00 -23.42
CA GLN Q 92 -16.95 -39.90 -22.56
C GLN Q 92 -16.34 -38.57 -22.98
N SER Q 93 -15.01 -38.58 -23.10
CA SER Q 93 -14.21 -37.42 -23.53
C SER Q 93 -14.79 -36.77 -24.79
N HIS Q 94 -15.30 -37.58 -25.71
CA HIS Q 94 -15.92 -37.11 -26.93
C HIS Q 94 -17.26 -36.39 -26.66
N ARG Q 95 -18.15 -37.02 -25.88
CA ARG Q 95 -19.41 -36.40 -25.46
C ARG Q 95 -19.15 -35.10 -24.72
N LEU Q 96 -18.05 -35.07 -23.96
CA LEU Q 96 -17.65 -33.93 -23.14
C LEU Q 96 -17.15 -32.72 -23.94
N THR Q 97 -16.66 -32.93 -25.16
CA THR Q 97 -16.10 -31.83 -25.95
C THR Q 97 -16.84 -31.57 -27.27
N LEU Q 98 -17.64 -32.54 -27.71
CA LEU Q 98 -18.35 -32.42 -28.98
C LEU Q 98 -19.85 -32.37 -28.74
N GLU Q 99 -20.24 -32.56 -27.48
CA GLU Q 99 -21.64 -32.59 -27.07
C GLU Q 99 -22.48 -33.57 -27.90
N ASP Q 100 -21.93 -34.76 -28.14
CA ASP Q 100 -22.51 -35.76 -29.04
C ASP Q 100 -21.81 -37.10 -28.77
N PRO Q 101 -22.57 -38.20 -28.64
CA PRO Q 101 -21.93 -39.49 -28.43
C PRO Q 101 -21.14 -39.90 -29.65
N VAL Q 102 -20.15 -40.78 -29.46
CA VAL Q 102 -19.28 -41.21 -30.55
C VAL Q 102 -20.09 -41.91 -31.64
N THR Q 103 -19.70 -41.70 -32.89
CA THR Q 103 -20.20 -42.55 -33.96
C THR Q 103 -19.43 -43.87 -33.84
N VAL Q 104 -20.05 -44.97 -34.28
CA VAL Q 104 -19.43 -46.29 -34.21
C VAL Q 104 -18.12 -46.30 -34.99
N GLU Q 105 -18.18 -45.74 -36.20
CA GLU Q 105 -17.03 -45.63 -37.07
C GLU Q 105 -15.87 -44.96 -36.33
N TYR Q 106 -16.13 -43.80 -35.73
CA TYR Q 106 -15.15 -43.06 -34.91
C TYR Q 106 -14.57 -43.91 -33.77
N LEU Q 107 -15.44 -44.50 -32.96
CA LEU Q 107 -15.00 -45.36 -31.85
C LEU Q 107 -14.13 -46.52 -32.35
N THR Q 108 -14.41 -46.98 -33.56
CA THR Q 108 -13.61 -48.03 -34.16
C THR Q 108 -12.26 -47.45 -34.50
N ARG Q 109 -12.26 -46.41 -35.34
CA ARG Q 109 -11.03 -45.76 -35.80
C ARG Q 109 -10.07 -45.51 -34.65
N TYR Q 110 -10.64 -45.20 -33.49
CA TYR Q 110 -9.87 -44.94 -32.28
C TYR Q 110 -9.14 -46.18 -31.78
N VAL Q 111 -9.90 -47.25 -31.53
CA VAL Q 111 -9.35 -48.53 -31.03
C VAL Q 111 -8.37 -49.13 -32.05
N ALA Q 112 -8.69 -48.98 -33.33
CA ALA Q 112 -7.77 -49.36 -34.39
C ALA Q 112 -6.44 -48.61 -34.22
N GLY Q 113 -6.55 -47.29 -34.02
CA GLY Q 113 -5.41 -46.41 -33.77
C GLY Q 113 -4.58 -46.81 -32.56
N VAL Q 114 -5.25 -47.15 -31.47
CA VAL Q 114 -4.58 -47.57 -30.25
C VAL Q 114 -3.74 -48.82 -30.53
N GLN Q 115 -4.35 -49.77 -31.24
CA GLN Q 115 -3.67 -51.00 -31.61
C GLN Q 115 -2.48 -50.75 -32.53
N GLN Q 116 -2.66 -49.91 -33.55
CA GLN Q 116 -1.58 -49.57 -34.46
C GLN Q 116 -0.39 -48.92 -33.74
N ARG Q 117 -0.68 -48.00 -32.81
CA ARG Q 117 0.34 -47.35 -31.97
C ARG Q 117 1.20 -48.39 -31.22
N TYR Q 118 0.57 -49.48 -30.79
CA TYR Q 118 1.26 -50.54 -30.05
C TYR Q 118 2.08 -51.44 -30.96
N THR Q 119 1.97 -51.22 -32.26
CA THR Q 119 2.76 -51.99 -33.22
C THR Q 119 3.98 -51.22 -33.73
N GLN Q 120 4.12 -49.95 -33.33
CA GLN Q 120 5.38 -49.23 -33.61
C GLN Q 120 5.94 -48.33 -32.50
N SER Q 121 5.64 -48.69 -31.25
CA SER Q 121 6.20 -48.03 -30.08
C SER Q 121 7.15 -48.99 -29.39
N GLY Q 122 8.36 -48.52 -29.11
CA GLY Q 122 9.34 -49.31 -28.37
C GLY Q 122 8.87 -49.76 -26.99
N GLY Q 123 9.40 -50.88 -26.49
CA GLY Q 123 9.07 -51.36 -25.16
C GLY Q 123 7.75 -52.11 -25.03
N VAL Q 124 6.96 -52.16 -26.10
CA VAL Q 124 5.63 -52.80 -26.05
C VAL Q 124 5.39 -53.83 -27.16
N ARG Q 125 4.47 -54.75 -26.91
CA ARG Q 125 4.02 -55.73 -27.91
C ARG Q 125 2.61 -55.41 -28.40
N PRO Q 126 2.27 -55.80 -29.64
CA PRO Q 126 0.90 -55.58 -30.14
C PRO Q 126 -0.13 -56.26 -29.27
N PHE Q 127 -1.40 -55.92 -29.49
CA PHE Q 127 -2.48 -56.56 -28.75
C PHE Q 127 -2.81 -57.90 -29.37
N GLY Q 128 -2.90 -58.92 -28.52
CA GLY Q 128 -3.35 -60.22 -28.96
C GLY Q 128 -4.86 -60.21 -29.02
N VAL Q 129 -5.41 -59.26 -29.76
CA VAL Q 129 -6.86 -59.06 -29.84
C VAL Q 129 -7.30 -58.59 -31.21
N SER Q 130 -8.45 -59.09 -31.65
CA SER Q 130 -9.14 -58.57 -32.81
C SER Q 130 -10.54 -58.31 -32.31
N THR Q 131 -11.19 -57.25 -32.80
CA THR Q 131 -12.46 -56.81 -32.22
C THR Q 131 -13.57 -56.71 -33.24
N LEU Q 132 -14.79 -56.90 -32.74
CA LEU Q 132 -16.00 -56.55 -33.48
C LEU Q 132 -16.72 -55.45 -32.70
N ILE Q 133 -16.86 -54.29 -33.32
CA ILE Q 133 -17.55 -53.17 -32.72
C ILE Q 133 -18.83 -52.94 -33.49
N ALA Q 134 -19.94 -52.87 -32.76
CA ALA Q 134 -21.23 -52.64 -33.40
C ALA Q 134 -22.11 -51.74 -32.55
N GLY Q 135 -22.99 -51.01 -33.23
CA GLY Q 135 -23.93 -50.15 -32.56
C GLY Q 135 -24.60 -49.24 -33.56
N PHE Q 136 -25.22 -48.17 -33.06
CA PHE Q 136 -25.87 -47.17 -33.90
C PHE Q 136 -25.38 -45.76 -33.63
N ASP Q 137 -25.15 -45.01 -34.72
CA ASP Q 137 -24.93 -43.57 -34.64
C ASP Q 137 -26.08 -42.87 -33.88
N PRO Q 138 -25.78 -41.76 -33.17
CA PRO Q 138 -26.86 -41.04 -32.49
C PRO Q 138 -27.92 -40.51 -33.47
N ARG Q 139 -29.19 -40.54 -33.06
CA ARG Q 139 -30.34 -40.11 -33.89
C ARG Q 139 -30.32 -40.66 -35.33
N ASP Q 140 -29.88 -41.91 -35.47
CA ASP Q 140 -29.79 -42.58 -36.76
C ASP Q 140 -30.03 -44.07 -36.57
N ASP Q 141 -30.56 -44.71 -37.61
CA ASP Q 141 -31.08 -46.09 -37.54
C ASP Q 141 -30.37 -47.13 -38.43
N GLU Q 142 -29.55 -46.67 -39.37
CA GLU Q 142 -28.80 -47.56 -40.28
C GLU Q 142 -27.63 -48.28 -39.57
N PRO Q 143 -27.76 -49.61 -39.32
CA PRO Q 143 -26.85 -50.38 -38.45
C PRO Q 143 -25.39 -50.44 -38.90
N LYS Q 144 -24.47 -50.54 -37.93
CA LYS Q 144 -23.03 -50.51 -38.22
C LYS Q 144 -22.31 -51.70 -37.58
N LEU Q 145 -21.45 -52.35 -38.37
CA LEU Q 145 -20.58 -53.40 -37.87
C LEU Q 145 -19.16 -53.19 -38.36
N TYR Q 146 -18.20 -53.24 -37.44
CA TYR Q 146 -16.78 -52.97 -37.74
C TYR Q 146 -15.85 -53.98 -37.12
N GLN Q 147 -14.69 -54.13 -37.72
CA GLN Q 147 -13.71 -55.08 -37.24
C GLN Q 147 -12.31 -54.49 -37.24
N THR Q 148 -11.64 -54.60 -36.11
CA THR Q 148 -10.23 -54.22 -36.00
C THR Q 148 -9.41 -55.49 -35.75
N GLU Q 149 -8.10 -55.40 -36.01
CA GLU Q 149 -7.15 -56.48 -35.75
C GLU Q 149 -5.81 -55.92 -35.24
N PRO Q 150 -4.90 -56.79 -34.76
CA PRO Q 150 -3.67 -56.32 -34.10
C PRO Q 150 -2.82 -55.36 -34.95
N SER Q 151 -2.81 -55.58 -36.26
CA SER Q 151 -2.10 -54.70 -37.19
C SER Q 151 -2.50 -53.25 -37.02
N GLY Q 152 -3.79 -53.04 -36.74
CA GLY Q 152 -4.35 -51.70 -36.59
C GLY Q 152 -5.36 -51.37 -37.67
N ILE Q 153 -5.43 -52.24 -38.68
CA ILE Q 153 -6.38 -52.07 -39.79
C ILE Q 153 -7.82 -52.23 -39.28
N TYR Q 154 -8.75 -51.49 -39.87
CA TYR Q 154 -10.17 -51.64 -39.53
C TYR Q 154 -11.01 -51.48 -40.79
N SER Q 155 -12.20 -52.06 -40.76
CA SER Q 155 -13.14 -51.99 -41.89
C SER Q 155 -14.51 -52.50 -41.48
N SER Q 156 -15.53 -52.17 -42.28
CA SER Q 156 -16.89 -52.61 -41.98
C SER Q 156 -17.28 -53.91 -42.72
N TRP Q 157 -18.28 -54.59 -42.16
CA TRP Q 157 -18.75 -55.88 -42.65
C TRP Q 157 -20.27 -55.93 -42.56
N SER Q 158 -20.91 -56.60 -43.53
CA SER Q 158 -22.34 -56.94 -43.42
C SER Q 158 -22.45 -58.02 -42.34
N ALA Q 159 -21.51 -58.95 -42.36
CA ALA Q 159 -21.32 -59.92 -41.29
C ALA Q 159 -19.88 -60.38 -41.29
N GLN Q 160 -19.40 -60.81 -40.13
CA GLN Q 160 -18.01 -61.19 -39.96
C GLN Q 160 -17.79 -61.95 -38.67
N THR Q 161 -16.73 -62.74 -38.64
CA THR Q 161 -16.40 -63.55 -37.50
C THR Q 161 -14.89 -63.53 -37.31
N ILE Q 162 -14.47 -63.74 -36.07
CA ILE Q 162 -13.06 -63.73 -35.71
C ILE Q 162 -12.84 -64.86 -34.72
N GLY Q 163 -11.62 -65.42 -34.74
CA GLY Q 163 -11.25 -66.44 -33.76
C GLY Q 163 -11.01 -67.82 -34.35
N ARG Q 164 -11.19 -68.84 -33.52
CA ARG Q 164 -10.98 -70.22 -33.96
C ARG Q 164 -12.18 -70.70 -34.76
N ASN Q 165 -11.88 -71.35 -35.88
CA ASN Q 165 -12.89 -71.81 -36.81
C ASN Q 165 -13.73 -70.65 -37.35
N SER Q 166 -13.16 -69.45 -37.31
CA SER Q 166 -13.74 -68.29 -37.98
C SER Q 166 -13.76 -68.54 -39.50
N LYS Q 167 -12.73 -69.26 -39.97
CA LYS Q 167 -12.61 -69.68 -41.36
C LYS Q 167 -13.87 -70.42 -41.79
N THR Q 168 -14.28 -71.38 -40.95
CA THR Q 168 -15.44 -72.23 -41.20
C THR Q 168 -16.77 -71.47 -41.17
N VAL Q 169 -16.94 -70.61 -40.17
CA VAL Q 169 -18.19 -69.83 -40.04
C VAL Q 169 -18.27 -68.69 -41.06
N ARG Q 170 -17.14 -68.09 -41.40
CA ARG Q 170 -17.11 -67.10 -42.49
C ARG Q 170 -17.62 -67.77 -43.76
N GLU Q 171 -17.13 -68.99 -44.01
CA GLU Q 171 -17.65 -69.85 -45.07
C GLU Q 171 -19.17 -69.92 -45.03
N PHE Q 172 -19.72 -70.36 -43.90
CA PHE Q 172 -21.16 -70.44 -43.71
C PHE Q 172 -21.85 -69.13 -44.13
N LEU Q 173 -21.39 -68.03 -43.53
CA LEU Q 173 -21.97 -66.70 -43.77
C LEU Q 173 -21.87 -66.25 -45.22
N GLU Q 174 -20.77 -66.61 -45.89
CA GLU Q 174 -20.57 -66.27 -47.29
C GLU Q 174 -21.60 -66.89 -48.24
N LYS Q 175 -22.19 -68.01 -47.84
CA LYS Q 175 -23.26 -68.65 -48.61
C LYS Q 175 -24.62 -68.12 -48.19
N ASN Q 176 -24.74 -67.78 -46.90
CA ASN Q 176 -26.03 -67.53 -46.26
C ASN Q 176 -26.47 -66.07 -46.04
N TYR Q 177 -25.63 -65.11 -46.45
CA TYR Q 177 -25.96 -63.69 -46.30
C TYR Q 177 -26.17 -63.02 -47.66
N ASP Q 178 -27.43 -62.78 -48.01
CA ASP Q 178 -27.73 -62.08 -49.25
C ASP Q 178 -27.74 -60.58 -48.99
N ARG Q 179 -26.99 -59.84 -49.80
CA ARG Q 179 -27.00 -58.39 -49.70
C ARG Q 179 -28.26 -57.76 -50.30
N LYS Q 180 -28.93 -58.49 -51.21
CA LYS Q 180 -30.24 -58.06 -51.72
C LYS Q 180 -31.24 -57.84 -50.57
N GLU Q 181 -31.27 -58.76 -49.60
CA GLU Q 181 -31.99 -58.53 -48.35
C GLU Q 181 -31.34 -59.11 -47.09
N PRO Q 182 -30.78 -58.22 -46.27
CA PRO Q 182 -30.38 -58.55 -44.90
C PRO Q 182 -31.57 -59.04 -44.07
N PRO Q 183 -31.33 -60.02 -43.17
CA PRO Q 183 -32.35 -60.62 -42.28
C PRO Q 183 -33.25 -59.60 -41.55
N ALA Q 184 -34.26 -59.09 -42.27
CA ALA Q 184 -35.06 -57.93 -41.84
C ALA Q 184 -35.99 -58.16 -40.62
N THR Q 185 -35.67 -59.11 -39.76
CA THR Q 185 -36.36 -59.26 -38.49
C THR Q 185 -35.34 -59.23 -37.36
N VAL Q 186 -35.74 -58.64 -36.25
CA VAL Q 186 -35.03 -58.79 -34.99
C VAL Q 186 -34.82 -60.29 -34.73
N GLU Q 187 -35.84 -61.09 -35.08
CA GLU Q 187 -35.83 -62.55 -34.89
C GLU Q 187 -35.03 -63.34 -35.95
N GLU Q 188 -35.35 -63.13 -37.23
CA GLU Q 188 -34.72 -63.89 -38.32
C GLU Q 188 -33.24 -63.52 -38.52
N CYS Q 189 -32.81 -62.44 -37.87
CA CYS Q 189 -31.39 -62.10 -37.82
C CYS Q 189 -30.69 -62.82 -36.68
N VAL Q 190 -31.34 -62.97 -35.53
CA VAL Q 190 -30.79 -63.75 -34.42
C VAL Q 190 -30.65 -65.22 -34.82
N LYS Q 191 -31.48 -65.65 -35.78
CA LYS Q 191 -31.47 -67.01 -36.31
C LYS Q 191 -30.15 -67.33 -37.03
N LEU Q 192 -29.86 -66.57 -38.09
CA LEU Q 192 -28.64 -66.75 -38.92
C LEU Q 192 -27.32 -66.69 -38.14
N THR Q 193 -27.38 -66.16 -36.92
CA THR Q 193 -26.22 -66.07 -36.04
C THR Q 193 -25.98 -67.41 -35.34
N VAL Q 194 -27.06 -67.99 -34.79
CA VAL Q 194 -26.98 -69.28 -34.09
C VAL Q 194 -26.66 -70.38 -35.10
N ARG Q 195 -27.30 -70.31 -36.27
CA ARG Q 195 -27.01 -71.22 -37.39
C ARG Q 195 -25.52 -71.23 -37.74
N SER Q 196 -24.90 -70.05 -37.74
CA SER Q 196 -23.48 -69.91 -38.06
C SER Q 196 -22.53 -70.43 -36.97
N LEU Q 197 -22.90 -70.21 -35.71
CA LEU Q 197 -22.07 -70.64 -34.58
C LEU Q 197 -22.14 -72.13 -34.28
N LEU Q 198 -23.22 -72.78 -34.74
CA LEU Q 198 -23.36 -74.22 -34.53
C LEU Q 198 -22.39 -75.04 -35.37
N GLU Q 199 -21.95 -74.49 -36.50
CA GLU Q 199 -20.91 -75.09 -37.33
C GLU Q 199 -19.60 -75.32 -36.58
N VAL Q 200 -19.50 -74.80 -35.36
CA VAL Q 200 -18.24 -74.82 -34.61
C VAL Q 200 -18.40 -75.39 -33.19
N VAL Q 201 -19.44 -74.94 -32.49
CA VAL Q 201 -19.54 -75.09 -31.03
C VAL Q 201 -19.90 -76.50 -30.50
N GLN Q 202 -20.62 -77.28 -31.32
CA GLN Q 202 -21.33 -78.49 -30.86
C GLN Q 202 -22.56 -78.03 -30.06
N THR Q 203 -22.94 -78.76 -29.00
CA THR Q 203 -24.10 -78.36 -28.19
C THR Q 203 -23.82 -77.06 -27.43
N GLY Q 204 -24.58 -76.02 -27.75
CA GLY Q 204 -24.38 -74.70 -27.16
C GLY Q 204 -25.49 -74.25 -26.23
N ALA Q 205 -25.91 -75.16 -25.35
CA ALA Q 205 -26.91 -74.84 -24.32
C ALA Q 205 -26.40 -73.75 -23.37
N LYS Q 206 -25.19 -73.93 -22.85
CA LYS Q 206 -24.51 -72.93 -22.01
C LYS Q 206 -23.29 -72.31 -22.70
N ASN Q 207 -23.01 -72.74 -23.94
CA ASN Q 207 -21.81 -72.32 -24.66
C ASN Q 207 -22.00 -71.12 -25.59
N ILE Q 208 -23.24 -70.90 -26.04
CA ILE Q 208 -23.56 -69.83 -26.99
C ILE Q 208 -24.40 -68.71 -26.36
N GLU Q 209 -23.86 -67.49 -26.36
CA GLU Q 209 -24.57 -66.29 -25.89
C GLU Q 209 -24.83 -65.31 -27.04
N ILE Q 210 -25.98 -64.63 -26.99
CA ILE Q 210 -26.37 -63.66 -28.02
C ILE Q 210 -26.74 -62.32 -27.39
N THR Q 211 -26.46 -61.23 -28.12
CA THR Q 211 -26.81 -59.87 -27.71
C THR Q 211 -27.34 -59.08 -28.92
N VAL Q 212 -28.41 -58.31 -28.71
CA VAL Q 212 -29.09 -57.60 -29.80
C VAL Q 212 -29.12 -56.09 -29.61
N VAL Q 213 -28.56 -55.36 -30.58
CA VAL Q 213 -28.52 -53.90 -30.51
C VAL Q 213 -29.49 -53.25 -31.51
N LYS Q 214 -30.33 -52.35 -31.01
CA LYS Q 214 -31.32 -51.63 -31.81
C LYS Q 214 -31.12 -50.11 -31.67
N PRO Q 215 -31.59 -49.30 -32.66
CA PRO Q 215 -31.42 -47.85 -32.56
C PRO Q 215 -31.90 -47.26 -31.23
N ASP Q 216 -31.33 -46.11 -30.86
CA ASP Q 216 -31.68 -45.40 -29.62
C ASP Q 216 -31.35 -46.18 -28.35
N SER Q 217 -30.14 -46.73 -28.31
CA SER Q 217 -29.57 -47.30 -27.09
C SER Q 217 -30.34 -48.49 -26.50
N ASP Q 218 -30.93 -49.29 -27.37
CA ASP Q 218 -31.64 -50.50 -26.96
C ASP Q 218 -30.74 -51.74 -27.12
N ILE Q 219 -30.18 -52.20 -26.01
CA ILE Q 219 -29.27 -53.35 -26.02
C ILE Q 219 -29.71 -54.41 -25.02
N VAL Q 220 -30.17 -55.54 -25.56
CA VAL Q 220 -30.68 -56.65 -24.75
C VAL Q 220 -29.87 -57.92 -24.96
N ALA Q 221 -29.46 -58.55 -23.85
CA ALA Q 221 -28.75 -59.82 -23.90
C ALA Q 221 -29.68 -60.97 -23.49
N LEU Q 222 -29.74 -62.01 -24.31
CA LEU Q 222 -30.54 -63.20 -24.01
C LEU Q 222 -29.78 -64.14 -23.08
N SER Q 223 -30.48 -64.75 -22.14
CA SER Q 223 -29.92 -65.87 -21.37
C SER Q 223 -30.48 -67.21 -21.89
N SER Q 224 -29.77 -68.29 -21.56
CA SER Q 224 -29.98 -69.64 -22.13
C SER Q 224 -31.34 -69.92 -22.77
N GLU Q 225 -32.39 -69.92 -21.94
CA GLU Q 225 -33.76 -70.35 -22.32
C GLU Q 225 -34.27 -69.71 -23.62
N GLU Q 226 -34.00 -68.42 -23.79
CA GLU Q 226 -34.41 -67.68 -24.98
C GLU Q 226 -33.65 -68.18 -26.22
N ILE Q 227 -32.35 -68.43 -26.04
CA ILE Q 227 -31.48 -68.91 -27.11
C ILE Q 227 -31.73 -70.39 -27.36
N ASN Q 228 -32.04 -71.12 -26.29
CA ASN Q 228 -32.28 -72.56 -26.35
C ASN Q 228 -33.48 -72.89 -27.23
N GLN Q 229 -34.36 -71.90 -27.41
CA GLN Q 229 -35.53 -72.03 -28.29
C GLN Q 229 -35.17 -71.82 -29.76
N TYR Q 230 -33.96 -71.30 -30.00
CA TYR Q 230 -33.41 -71.22 -31.35
C TYR Q 230 -32.57 -72.46 -31.65
N VAL Q 231 -31.84 -72.94 -30.64
CA VAL Q 231 -31.12 -74.23 -30.70
C VAL Q 231 -32.09 -75.36 -31.06
N THR Q 232 -33.26 -75.36 -30.43
CA THR Q 232 -34.31 -76.38 -30.64
C THR Q 232 -34.93 -76.32 -32.05
N GLN Q 233 -35.40 -75.14 -32.43
CA GLN Q 233 -36.10 -74.99 -33.72
C GLN Q 233 -35.16 -75.00 -34.94
N ILE Q 234 -33.85 -75.12 -34.70
CA ILE Q 234 -32.86 -75.22 -35.78
C ILE Q 234 -32.45 -76.68 -36.07
N GLU Q 235 -32.18 -77.44 -35.01
CA GLU Q 235 -31.71 -78.83 -35.12
C GLU Q 235 -32.75 -79.83 -35.64
N GLN Q 236 -34.03 -79.53 -35.41
CA GLN Q 236 -35.14 -80.37 -35.86
C GLN Q 236 -35.63 -80.00 -37.26
N GLU Q 237 -35.41 -78.75 -37.64
CA GLU Q 237 -35.79 -78.23 -38.95
C GLU Q 237 -34.71 -78.49 -40.01
N LYS Q 238 -33.47 -78.65 -39.56
CA LYS Q 238 -32.30 -78.95 -40.42
C LYS Q 238 -32.19 -80.45 -40.67
N GLN Q 239 -32.52 -81.23 -39.63
CA GLN Q 239 -32.54 -82.70 -39.63
C GLN Q 239 -33.28 -83.32 -40.83
N GLU Q 240 -34.40 -82.70 -41.22
CA GLU Q 240 -35.27 -83.25 -42.26
C GLU Q 240 -34.97 -82.72 -43.67
N GLN Q 241 -34.76 -83.66 -44.60
CA GLN Q 241 -34.69 -83.37 -46.04
C GLN Q 241 -34.48 -84.63 -46.86
N ASP R 1 20.87 -61.00 -33.62
CA ASP R 1 20.00 -59.80 -33.78
C ASP R 1 20.78 -58.50 -33.46
N ARG R 2 20.99 -57.68 -34.49
CA ARG R 2 21.68 -56.38 -34.37
C ARG R 2 20.69 -55.24 -34.06
N GLY R 3 21.10 -53.99 -34.30
CA GLY R 3 20.25 -52.81 -34.07
C GLY R 3 19.08 -52.69 -35.05
N VAL R 4 18.23 -51.67 -34.86
CA VAL R 4 17.19 -51.37 -35.84
C VAL R 4 17.79 -50.62 -37.03
N SER R 5 18.15 -49.35 -36.82
CA SER R 5 18.87 -48.59 -37.82
C SER R 5 20.36 -48.99 -37.89
N THR R 6 20.65 -50.01 -38.70
CA THR R 6 22.01 -50.49 -38.94
C THR R 6 22.23 -50.66 -40.43
N PHE R 7 23.49 -50.56 -40.86
CA PHE R 7 23.84 -50.65 -42.27
C PHE R 7 24.24 -52.06 -42.70
N SER R 8 23.83 -52.43 -43.91
CA SER R 8 24.36 -53.62 -44.58
C SER R 8 25.77 -53.33 -45.07
N PRO R 9 26.55 -54.37 -45.38
CA PRO R 9 27.85 -54.11 -46.01
C PRO R 9 27.75 -53.38 -47.37
N GLU R 10 26.58 -53.41 -47.98
CA GLU R 10 26.31 -52.73 -49.26
C GLU R 10 25.94 -51.25 -49.07
N GLY R 11 25.87 -50.83 -47.81
CA GLY R 11 25.53 -49.44 -47.47
C GLY R 11 24.05 -49.13 -47.58
N ARG R 12 23.20 -50.04 -47.10
CA ARG R 12 21.76 -49.78 -47.05
C ARG R 12 21.22 -50.08 -45.65
N LEU R 13 20.09 -49.47 -45.31
CA LEU R 13 19.48 -49.67 -44.00
C LEU R 13 18.52 -50.85 -44.04
N PHE R 14 18.90 -51.95 -43.38
CA PHE R 14 18.11 -53.16 -43.34
C PHE R 14 16.63 -52.87 -43.13
N GLN R 15 16.29 -52.21 -42.03
CA GLN R 15 14.91 -51.91 -41.70
C GLN R 15 14.16 -51.24 -42.83
N VAL R 16 14.84 -50.32 -43.51
CA VAL R 16 14.25 -49.58 -44.62
C VAL R 16 14.03 -50.49 -45.83
N GLU R 17 15.06 -51.28 -46.17
CA GLU R 17 14.95 -52.25 -47.25
C GLU R 17 13.85 -53.26 -46.98
N TYR R 18 13.81 -53.79 -45.75
CA TYR R 18 12.79 -54.75 -45.36
C TYR R 18 11.39 -54.14 -45.39
N SER R 19 11.28 -52.85 -45.10
CA SER R 19 9.97 -52.19 -45.16
C SER R 19 9.48 -52.08 -46.60
N LEU R 20 10.41 -51.82 -47.52
CA LEU R 20 10.09 -51.78 -48.96
C LEU R 20 9.51 -53.10 -49.49
N GLU R 21 9.87 -54.21 -48.84
CA GLU R 21 9.33 -55.52 -49.18
C GLU R 21 7.88 -55.67 -48.77
N ALA R 22 7.53 -55.01 -47.67
CA ALA R 22 6.14 -55.00 -47.19
C ALA R 22 5.23 -54.19 -48.13
N ILE R 23 5.78 -53.11 -48.68
CA ILE R 23 5.06 -52.29 -49.64
C ILE R 23 4.75 -53.06 -50.92
N LYS R 24 5.71 -53.89 -51.34
CA LYS R 24 5.54 -54.77 -52.49
C LYS R 24 4.33 -55.69 -52.34
N LEU R 25 3.95 -55.97 -51.10
CA LEU R 25 2.80 -56.82 -50.79
C LEU R 25 1.49 -56.07 -50.80
N GLY R 26 1.56 -54.74 -50.76
CA GLY R 26 0.36 -53.90 -50.66
C GLY R 26 -0.42 -53.80 -51.94
N SER R 27 -1.65 -53.31 -51.84
CA SER R 27 -2.48 -53.10 -53.01
C SER R 27 -1.86 -52.10 -53.97
N THR R 28 -2.08 -52.33 -55.26
CA THR R 28 -1.54 -51.42 -56.26
C THR R 28 -2.19 -50.05 -56.13
N ALA R 29 -1.35 -49.01 -56.23
CA ALA R 29 -1.81 -47.62 -56.33
C ALA R 29 -1.07 -46.94 -57.47
N ILE R 30 -1.80 -46.24 -58.33
CA ILE R 30 -1.21 -45.59 -59.50
C ILE R 30 -1.54 -44.10 -59.53
N GLY R 31 -0.52 -43.29 -59.83
CA GLY R 31 -0.70 -41.86 -60.02
C GLY R 31 -0.23 -41.36 -61.37
N ILE R 32 -1.01 -40.46 -61.97
CA ILE R 32 -0.65 -39.79 -63.24
C ILE R 32 -0.90 -38.27 -63.18
N ALA R 33 0.16 -37.49 -63.41
CA ALA R 33 0.07 -36.03 -63.38
C ALA R 33 0.00 -35.49 -64.80
N THR R 34 -1.02 -34.66 -65.06
CA THR R 34 -1.18 -34.02 -66.36
C THR R 34 -0.99 -32.50 -66.27
N LYS R 35 -1.66 -31.76 -67.16
CA LYS R 35 -1.68 -30.30 -67.12
C LYS R 35 -3.13 -29.83 -66.91
N GLU R 36 -4.01 -30.80 -66.70
CA GLU R 36 -5.42 -30.54 -66.41
C GLU R 36 -5.78 -31.15 -65.06
N GLY R 37 -4.81 -31.77 -64.41
CA GLY R 37 -5.03 -32.47 -63.14
C GLY R 37 -4.02 -33.56 -62.84
N VAL R 38 -4.14 -34.12 -61.65
CA VAL R 38 -3.37 -35.31 -61.26
C VAL R 38 -4.41 -36.36 -60.92
N VAL R 39 -4.26 -37.56 -61.48
CA VAL R 39 -5.20 -38.65 -61.20
C VAL R 39 -4.57 -39.71 -60.32
N LEU R 40 -5.27 -40.04 -59.24
CA LEU R 40 -4.89 -41.12 -58.36
C LEU R 40 -5.92 -42.24 -58.48
N GLY R 41 -5.45 -43.47 -58.37
CA GLY R 41 -6.35 -44.62 -58.37
C GLY R 41 -5.80 -45.77 -57.55
N VAL R 42 -6.70 -46.49 -56.87
CA VAL R 42 -6.26 -47.63 -56.08
C VAL R 42 -7.10 -48.89 -56.32
N GLU R 43 -6.46 -50.05 -56.12
CA GLU R 43 -7.15 -51.32 -55.99
C GLU R 43 -7.60 -51.45 -54.54
N LYS R 44 -8.90 -51.69 -54.33
CA LYS R 44 -9.42 -51.92 -52.98
C LYS R 44 -8.91 -53.24 -52.39
N ARG R 45 -9.25 -54.35 -53.06
CA ARG R 45 -8.80 -55.70 -52.65
C ARG R 45 -9.37 -56.18 -51.30
N ALA R 46 -10.67 -56.43 -51.26
CA ALA R 46 -11.32 -57.00 -50.07
C ALA R 46 -10.95 -58.47 -49.82
N THR R 47 -10.78 -58.88 -48.57
CA THR R 47 -10.46 -60.28 -48.27
C THR R 47 -11.70 -61.19 -48.24
N SER R 48 -12.87 -60.60 -48.45
CA SER R 48 -14.13 -61.34 -48.45
C SER R 48 -15.22 -60.47 -49.08
N PRO R 49 -16.21 -61.10 -49.75
CA PRO R 49 -17.29 -60.28 -50.30
C PRO R 49 -18.20 -59.72 -49.21
N LEU R 50 -18.07 -60.23 -47.98
CA LEU R 50 -18.85 -59.77 -46.83
C LEU R 50 -18.40 -58.42 -46.30
N LEU R 51 -17.13 -58.10 -46.55
CA LEU R 51 -16.53 -56.81 -46.24
C LEU R 51 -17.24 -55.74 -47.08
N GLU R 52 -17.78 -54.72 -46.41
CA GLU R 52 -18.50 -53.65 -47.11
C GLU R 52 -17.53 -52.88 -47.98
N SER R 53 -17.67 -53.10 -49.28
CA SER R 53 -16.67 -52.75 -50.29
C SER R 53 -16.09 -51.33 -50.25
N ASP R 54 -16.88 -50.36 -49.80
CA ASP R 54 -16.42 -48.96 -49.76
C ASP R 54 -16.09 -48.39 -48.37
N SER R 55 -15.97 -49.25 -47.36
CA SER R 55 -15.37 -48.84 -46.08
C SER R 55 -13.85 -48.83 -46.21
N ILE R 56 -13.34 -49.34 -47.33
CA ILE R 56 -11.90 -49.33 -47.62
C ILE R 56 -11.44 -47.93 -48.08
N GLU R 57 -10.69 -47.27 -47.20
CA GLU R 57 -10.21 -45.91 -47.44
C GLU R 57 -8.72 -45.88 -47.68
N LYS R 58 -8.34 -45.95 -48.95
CA LYS R 58 -6.92 -45.92 -49.30
C LYS R 58 -6.56 -44.66 -50.11
N ILE R 59 -7.56 -43.81 -50.33
CA ILE R 59 -7.34 -42.47 -50.89
C ILE R 59 -7.93 -41.42 -49.93
N VAL R 60 -7.06 -40.61 -49.33
CA VAL R 60 -7.51 -39.59 -48.37
C VAL R 60 -7.25 -38.16 -48.84
N GLU R 61 -8.02 -37.22 -48.31
CA GLU R 61 -7.77 -35.80 -48.55
C GLU R 61 -6.83 -35.26 -47.49
N ILE R 62 -5.80 -34.55 -47.92
CA ILE R 62 -4.90 -33.85 -47.00
C ILE R 62 -5.28 -32.37 -46.84
N ASP R 63 -5.34 -31.64 -47.95
CA ASP R 63 -6.06 -30.36 -47.98
C ASP R 63 -6.84 -30.27 -49.28
N ARG R 64 -7.59 -29.19 -49.48
CA ARG R 64 -8.46 -29.07 -50.64
C ARG R 64 -7.70 -29.13 -51.96
N HIS R 65 -6.40 -28.87 -51.90
CA HIS R 65 -5.53 -28.90 -53.07
C HIS R 65 -4.46 -30.01 -53.00
N ILE R 66 -4.59 -30.92 -52.04
CA ILE R 66 -3.64 -32.05 -51.86
C ILE R 66 -4.32 -33.38 -51.52
N GLY R 67 -4.18 -34.35 -52.43
CA GLY R 67 -4.66 -35.72 -52.20
C GLY R 67 -3.55 -36.73 -51.93
N CYS R 68 -3.95 -37.94 -51.57
CA CYS R 68 -3.01 -38.96 -51.14
C CYS R 68 -3.51 -40.39 -51.40
N ALA R 69 -2.65 -41.18 -52.04
CA ALA R 69 -2.90 -42.62 -52.20
C ALA R 69 -1.84 -43.44 -51.47
N MET R 70 -2.24 -44.59 -50.93
CA MET R 70 -1.38 -45.39 -50.07
C MET R 70 -1.29 -46.87 -50.44
N SER R 71 -0.18 -47.50 -50.08
CA SER R 71 0.10 -48.87 -50.46
C SER R 71 1.06 -49.50 -49.45
N GLY R 72 0.73 -50.70 -48.98
CA GLY R 72 1.51 -51.38 -47.94
C GLY R 72 0.67 -51.58 -46.69
N LEU R 73 1.32 -51.59 -45.53
CA LEU R 73 0.60 -51.60 -44.25
C LEU R 73 -0.15 -50.28 -44.09
N THR R 74 -1.44 -50.27 -44.45
CA THR R 74 -2.20 -49.02 -44.54
C THR R 74 -2.55 -48.41 -43.18
N ALA R 75 -2.46 -49.21 -42.12
CA ALA R 75 -2.65 -48.71 -40.76
C ALA R 75 -1.56 -47.69 -40.40
N ASP R 76 -0.34 -47.94 -40.88
CA ASP R 76 0.81 -47.09 -40.55
C ASP R 76 0.65 -45.66 -41.05
N ALA R 77 -0.13 -45.49 -42.11
CA ALA R 77 -0.31 -44.19 -42.73
C ALA R 77 -1.28 -43.27 -41.98
N ARG R 78 -2.09 -43.83 -41.06
CA ARG R 78 -3.03 -43.00 -40.29
C ARG R 78 -2.35 -41.78 -39.69
N SER R 79 -1.27 -42.01 -38.95
CA SER R 79 -0.51 -40.93 -38.32
C SER R 79 0.28 -40.06 -39.32
N MET R 80 0.56 -40.62 -40.50
CA MET R 80 1.20 -39.87 -41.58
C MET R 80 0.22 -38.85 -42.17
N ILE R 81 -1.03 -39.28 -42.36
CA ILE R 81 -2.10 -38.43 -42.87
C ILE R 81 -2.41 -37.39 -41.80
N GLU R 82 -2.44 -37.85 -40.55
CA GLU R 82 -2.69 -36.98 -39.41
C GLU R 82 -1.66 -35.86 -39.38
N HIS R 83 -0.38 -36.22 -39.40
CA HIS R 83 0.70 -35.23 -39.42
C HIS R 83 0.63 -34.33 -40.65
N ALA R 84 0.24 -34.91 -41.79
CA ALA R 84 0.11 -34.20 -43.04
C ALA R 84 -0.95 -33.12 -42.97
N ARG R 85 -2.14 -33.47 -42.49
CA ARG R 85 -3.26 -32.54 -42.46
C ARG R 85 -3.01 -31.40 -41.45
N THR R 86 -2.39 -31.77 -40.33
CA THR R 86 -1.98 -30.84 -39.28
C THR R 86 -1.00 -29.83 -39.84
N ALA R 87 0.02 -30.31 -40.56
CA ALA R 87 1.04 -29.44 -41.16
C ALA R 87 0.50 -28.50 -42.24
N ALA R 88 -0.41 -29.01 -43.07
CA ALA R 88 -1.03 -28.21 -44.13
C ALA R 88 -1.89 -27.09 -43.57
N VAL R 89 -2.62 -27.40 -42.50
CA VAL R 89 -3.52 -26.45 -41.84
C VAL R 89 -2.74 -25.48 -40.97
N THR R 90 -1.73 -25.97 -40.25
CA THR R 90 -0.80 -25.11 -39.51
C THR R 90 -0.20 -24.07 -40.47
N HIS R 91 0.29 -24.53 -41.61
CA HIS R 91 0.88 -23.60 -42.58
C HIS R 91 -0.12 -22.56 -43.03
N ASN R 92 -1.39 -22.94 -43.13
CA ASN R 92 -2.38 -21.96 -43.51
C ASN R 92 -2.54 -20.90 -42.44
N LEU R 93 -2.61 -21.35 -41.20
CA LEU R 93 -2.71 -20.46 -40.05
C LEU R 93 -1.55 -19.48 -39.95
N TYR R 94 -0.32 -19.96 -40.13
CA TYR R 94 0.88 -19.14 -39.96
C TYR R 94 1.16 -18.22 -41.14
N TYR R 95 0.48 -18.42 -42.27
CA TYR R 95 0.81 -17.63 -43.47
C TYR R 95 -0.36 -17.22 -44.37
N ASP R 96 -1.58 -17.56 -43.99
CA ASP R 96 -2.75 -17.11 -44.76
C ASP R 96 -2.73 -17.58 -46.23
N GLU R 97 -2.22 -18.79 -46.46
CA GLU R 97 -2.10 -19.34 -47.81
C GLU R 97 -2.09 -20.88 -47.79
N ASP R 98 -2.18 -21.47 -48.99
CA ASP R 98 -2.04 -22.91 -49.19
C ASP R 98 -0.58 -23.32 -49.08
N ILE R 99 -0.33 -24.52 -48.57
CA ILE R 99 1.04 -25.03 -48.50
C ILE R 99 1.49 -25.60 -49.86
N ASN R 100 2.74 -25.32 -50.24
CA ASN R 100 3.34 -25.92 -51.44
C ASN R 100 3.34 -27.45 -51.37
N VAL R 101 2.95 -28.11 -52.46
CA VAL R 101 2.86 -29.58 -52.46
C VAL R 101 4.19 -30.23 -52.03
N GLU R 102 5.31 -29.71 -52.52
CA GLU R 102 6.61 -30.21 -52.11
C GLU R 102 6.81 -30.12 -50.59
N SER R 103 6.43 -28.98 -50.03
CA SER R 103 6.66 -28.67 -48.62
C SER R 103 5.86 -29.60 -47.72
N LEU R 104 4.63 -29.86 -48.12
CA LEU R 104 3.78 -30.83 -47.43
C LEU R 104 4.46 -32.19 -47.41
N THR R 105 4.97 -32.59 -48.57
CA THR R 105 5.68 -33.86 -48.73
C THR R 105 6.95 -33.86 -47.89
N GLN R 106 7.80 -32.85 -48.08
CA GLN R 106 9.06 -32.74 -47.36
C GLN R 106 8.87 -32.87 -45.85
N SER R 107 7.77 -32.33 -45.34
CA SER R 107 7.39 -32.43 -43.92
C SER R 107 6.97 -33.84 -43.50
N VAL R 108 6.18 -34.50 -44.35
CA VAL R 108 5.77 -35.90 -44.13
C VAL R 108 6.97 -36.84 -44.10
N CYS R 109 7.90 -36.62 -45.02
CA CYS R 109 9.11 -37.41 -45.12
C CYS R 109 9.99 -37.27 -43.89
N ASP R 110 10.10 -36.06 -43.35
CA ASP R 110 10.81 -35.82 -42.11
C ASP R 110 10.43 -36.86 -41.04
N LEU R 111 9.12 -37.07 -40.89
CA LEU R 111 8.57 -38.10 -40.00
C LEU R 111 9.17 -39.49 -40.17
N ALA R 112 9.44 -39.86 -41.41
CA ALA R 112 9.85 -41.22 -41.74
C ALA R 112 11.13 -41.72 -41.06
N LEU R 113 12.14 -40.87 -40.94
CA LEU R 113 13.40 -41.32 -40.32
C LEU R 113 13.50 -41.11 -38.81
N ARG R 114 12.41 -40.61 -38.22
CA ARG R 114 12.30 -40.52 -36.78
C ARG R 114 12.16 -41.90 -36.12
N PHE R 115 13.01 -42.85 -36.48
CA PHE R 115 12.94 -44.17 -35.87
C PHE R 115 14.27 -44.67 -35.32
N GLY R 116 14.19 -45.52 -34.29
CA GLY R 116 15.37 -46.05 -33.62
C GLY R 116 15.10 -46.42 -32.18
N GLU R 117 16.11 -46.29 -31.32
CA GLU R 117 16.00 -46.65 -29.90
C GLU R 117 16.51 -45.52 -28.98
N GLY R 118 15.68 -44.49 -28.78
CA GLY R 118 16.04 -43.31 -27.95
C GLY R 118 17.51 -42.96 -28.04
N ALA R 119 17.99 -42.80 -29.28
CA ALA R 119 19.41 -42.92 -29.65
C ALA R 119 20.28 -41.66 -29.43
N SER R 120 21.36 -41.57 -30.21
CA SER R 120 22.13 -40.32 -30.33
C SER R 120 21.45 -39.33 -31.29
N GLY R 121 20.11 -39.38 -31.32
CA GLY R 121 19.29 -38.40 -32.05
C GLY R 121 19.03 -37.18 -31.18
N GLU R 122 17.85 -37.16 -30.57
CA GLU R 122 17.47 -36.17 -29.53
C GLU R 122 16.50 -37.01 -28.71
N GLU R 123 15.48 -37.53 -29.40
CA GLU R 123 14.45 -38.41 -28.87
C GLU R 123 13.69 -38.90 -30.11
N ARG R 124 14.30 -39.89 -30.80
CA ARG R 124 13.73 -40.54 -32.00
C ARG R 124 12.76 -41.67 -31.58
N LEU R 125 11.56 -41.29 -31.14
CA LEU R 125 10.62 -42.28 -30.60
C LEU R 125 9.66 -42.88 -31.65
N MET R 126 10.03 -44.07 -32.15
CA MET R 126 9.28 -44.84 -33.15
C MET R 126 10.13 -46.09 -33.42
N SER R 127 9.62 -47.26 -33.10
CA SER R 127 10.45 -48.46 -33.03
C SER R 127 10.89 -49.00 -34.38
N ARG R 128 10.10 -48.71 -35.40
CA ARG R 128 10.34 -49.22 -36.75
C ARG R 128 9.96 -48.17 -37.80
N PRO R 129 10.48 -48.31 -39.03
CA PRO R 129 10.01 -47.41 -40.10
C PRO R 129 8.57 -47.70 -40.44
N PHE R 130 7.96 -46.81 -41.22
CA PHE R 130 6.61 -47.06 -41.71
C PHE R 130 6.63 -48.18 -42.73
N GLY R 131 5.52 -48.89 -42.88
CA GLY R 131 5.41 -49.94 -43.89
C GLY R 131 4.46 -49.57 -45.00
N VAL R 132 4.58 -48.34 -45.48
CA VAL R 132 3.64 -47.81 -46.42
C VAL R 132 4.32 -46.74 -47.29
N ALA R 133 3.99 -46.76 -48.58
CA ALA R 133 4.40 -45.70 -49.48
C ALA R 133 3.19 -44.81 -49.75
N LEU R 134 3.43 -43.54 -50.03
CA LEU R 134 2.35 -42.64 -50.37
C LEU R 134 2.61 -42.02 -51.72
N LEU R 135 1.54 -41.88 -52.51
CA LEU R 135 1.57 -41.05 -53.68
C LEU R 135 0.87 -39.79 -53.28
N ILE R 136 1.59 -38.67 -53.31
CA ILE R 136 1.02 -37.39 -52.90
C ILE R 136 0.76 -36.52 -54.13
N ALA R 137 -0.51 -36.21 -54.35
CA ALA R 137 -0.93 -35.48 -55.54
C ALA R 137 -1.47 -34.12 -55.18
N GLY R 138 -1.09 -33.10 -55.93
CA GLY R 138 -1.61 -31.76 -55.65
C GLY R 138 -1.28 -30.65 -56.63
N HIS R 139 -1.77 -29.46 -56.33
CA HIS R 139 -1.52 -28.29 -57.13
C HIS R 139 -1.17 -27.08 -56.27
N ASP R 140 -0.20 -26.30 -56.73
CA ASP R 140 0.07 -24.98 -56.17
C ASP R 140 0.50 -24.03 -57.29
N ALA R 141 0.39 -22.73 -57.04
CA ALA R 141 0.65 -21.73 -58.07
C ALA R 141 2.07 -21.74 -58.68
N ASP R 142 3.06 -22.07 -57.87
CA ASP R 142 4.47 -21.95 -58.29
C ASP R 142 4.94 -23.09 -59.20
N ASP R 143 4.31 -24.25 -59.06
CA ASP R 143 4.79 -25.47 -59.71
C ASP R 143 3.68 -26.34 -60.30
N GLY R 144 2.53 -25.75 -60.59
CA GLY R 144 1.42 -26.48 -61.24
C GLY R 144 1.04 -27.77 -60.54
N TYR R 145 0.48 -28.71 -61.31
CA TYR R 145 0.07 -30.01 -60.77
C TYR R 145 1.30 -30.88 -60.46
N GLN R 146 1.25 -31.63 -59.37
CA GLN R 146 2.42 -32.37 -58.86
C GLN R 146 2.11 -33.73 -58.28
N LEU R 147 2.95 -34.71 -58.63
CA LEU R 147 2.86 -36.06 -58.08
C LEU R 147 4.17 -36.45 -57.43
N PHE R 148 4.06 -36.97 -56.22
CA PHE R 148 5.20 -37.30 -55.39
C PHE R 148 5.07 -38.71 -54.84
N HIS R 149 6.20 -39.38 -54.71
CA HIS R 149 6.24 -40.67 -54.07
C HIS R 149 7.07 -40.55 -52.79
N ALA R 150 6.47 -40.88 -51.65
CA ALA R 150 7.15 -40.79 -50.38
C ALA R 150 7.33 -42.16 -49.74
N GLU R 151 8.57 -42.53 -49.49
CA GLU R 151 8.89 -43.85 -48.96
C GLU R 151 9.21 -43.82 -47.46
N PRO R 152 9.32 -44.99 -46.81
CA PRO R 152 9.72 -45.06 -45.40
C PRO R 152 11.19 -44.68 -45.16
N SER R 153 11.91 -44.40 -46.24
CA SER R 153 13.31 -44.02 -46.17
C SER R 153 13.51 -42.53 -45.83
N GLY R 154 12.47 -41.73 -46.04
CA GLY R 154 12.58 -40.27 -45.90
C GLY R 154 12.94 -39.55 -47.18
N THR R 155 13.18 -40.32 -48.25
CA THR R 155 13.37 -39.76 -49.59
C THR R 155 12.05 -39.71 -50.32
N PHE R 156 11.86 -38.64 -51.07
CA PHE R 156 10.68 -38.49 -51.91
C PHE R 156 11.12 -38.10 -53.31
N TYR R 157 10.35 -38.56 -54.28
CA TYR R 157 10.70 -38.41 -55.68
C TYR R 157 9.50 -37.83 -56.38
N ARG R 158 9.75 -36.94 -57.34
CA ARG R 158 8.67 -36.41 -58.15
C ARG R 158 8.54 -37.20 -59.44
N TYR R 159 7.31 -37.56 -59.81
CA TYR R 159 7.05 -38.39 -60.97
C TYR R 159 6.00 -37.76 -61.87
N ASN R 160 6.04 -38.10 -63.15
CA ASN R 160 4.96 -37.74 -64.07
C ASN R 160 3.88 -38.81 -64.00
N ALA R 161 4.30 -39.98 -63.54
CA ALA R 161 3.43 -41.10 -63.26
C ALA R 161 4.24 -42.04 -62.38
N LYS R 162 3.55 -42.80 -61.55
CA LYS R 162 4.20 -43.78 -60.70
C LYS R 162 3.17 -44.77 -60.18
N ALA R 163 3.60 -46.02 -60.09
CA ALA R 163 2.81 -47.05 -59.47
C ALA R 163 3.60 -47.55 -58.29
N ILE R 164 2.90 -47.78 -57.18
CA ILE R 164 3.48 -48.46 -56.03
C ILE R 164 2.56 -49.61 -55.68
N GLY R 165 3.12 -50.66 -55.08
CA GLY R 165 2.32 -51.81 -54.68
C GLY R 165 2.70 -53.08 -55.41
N SER R 166 1.84 -54.10 -55.29
CA SER R 166 2.16 -55.43 -55.79
C SER R 166 2.22 -55.53 -57.31
N GLY R 167 1.53 -54.63 -58.01
CA GLY R 167 1.58 -54.63 -59.45
C GLY R 167 2.52 -53.61 -60.06
N SER R 168 3.42 -53.06 -59.24
CA SER R 168 4.09 -51.80 -59.58
C SER R 168 5.09 -51.84 -60.73
N GLU R 169 6.01 -52.80 -60.70
CA GLU R 169 7.07 -52.90 -61.73
C GLU R 169 6.48 -53.24 -63.11
N GLY R 170 5.41 -54.03 -63.12
CA GLY R 170 4.65 -54.31 -64.33
C GLY R 170 3.86 -53.11 -64.82
N ALA R 171 3.26 -52.39 -63.88
CA ALA R 171 2.49 -51.18 -64.15
C ALA R 171 3.36 -50.00 -64.54
N GLN R 172 4.58 -49.94 -64.01
CA GLN R 172 5.50 -48.85 -64.27
C GLN R 172 5.98 -48.87 -65.73
N ALA R 173 6.37 -50.06 -66.19
CA ALA R 173 6.82 -50.27 -67.57
C ALA R 173 5.71 -49.94 -68.55
N GLU R 174 4.47 -50.14 -68.11
CA GLU R 174 3.29 -49.79 -68.90
C GLU R 174 3.02 -48.29 -68.89
N LEU R 175 3.32 -47.65 -67.76
CA LEU R 175 3.18 -46.20 -67.64
C LEU R 175 4.25 -45.53 -68.49
N LEU R 176 5.40 -46.19 -68.59
CA LEU R 176 6.52 -45.71 -69.39
C LEU R 176 6.09 -45.53 -70.85
N ASN R 177 5.38 -46.53 -71.37
CA ASN R 177 4.83 -46.48 -72.72
C ASN R 177 3.86 -45.33 -72.87
N GLU R 178 2.89 -45.28 -71.97
CA GLU R 178 1.66 -44.52 -72.20
C GLU R 178 1.74 -43.03 -71.94
N TRP R 179 2.66 -42.59 -71.06
CA TRP R 179 2.71 -41.19 -70.67
C TRP R 179 3.35 -40.23 -71.70
N HIS R 180 2.64 -39.15 -72.01
CA HIS R 180 3.20 -38.00 -72.73
C HIS R 180 2.70 -36.68 -72.14
N SER R 181 3.43 -35.60 -72.41
CA SER R 181 3.15 -34.30 -71.78
C SER R 181 1.88 -33.61 -72.29
N SER R 182 1.11 -34.30 -73.14
CA SER R 182 -0.12 -33.73 -73.69
C SER R 182 -1.35 -34.56 -73.36
N LEU R 183 -1.27 -35.34 -72.29
CA LEU R 183 -2.38 -36.15 -71.80
C LEU R 183 -3.46 -35.30 -71.16
N THR R 184 -4.67 -35.46 -71.65
CA THR R 184 -5.84 -34.81 -71.06
C THR R 184 -6.24 -35.59 -69.80
N LEU R 185 -7.09 -34.98 -68.98
CA LEU R 185 -7.52 -35.60 -67.74
C LEU R 185 -8.30 -36.90 -68.00
N LYS R 186 -9.26 -36.84 -68.93
CA LYS R 186 -10.10 -38.00 -69.27
C LYS R 186 -9.28 -39.17 -69.83
N GLU R 187 -8.20 -38.83 -70.54
CA GLU R 187 -7.27 -39.83 -71.03
C GLU R 187 -6.51 -40.47 -69.88
N ALA R 188 -6.07 -39.64 -68.94
CA ALA R 188 -5.33 -40.11 -67.76
C ALA R 188 -6.21 -40.97 -66.84
N GLU R 189 -7.50 -40.66 -66.77
CA GLU R 189 -8.44 -41.43 -65.96
C GLU R 189 -8.56 -42.87 -66.46
N LEU R 190 -8.66 -43.02 -67.78
CA LEU R 190 -8.81 -44.33 -68.41
C LEU R 190 -7.51 -45.14 -68.32
N LEU R 191 -6.38 -44.47 -68.45
CA LEU R 191 -5.06 -45.10 -68.34
C LEU R 191 -4.83 -45.71 -66.96
N VAL R 192 -5.27 -45.02 -65.91
CA VAL R 192 -5.22 -45.55 -64.54
C VAL R 192 -6.13 -46.76 -64.43
N LEU R 193 -7.32 -46.62 -65.01
CA LEU R 193 -8.35 -47.63 -64.99
C LEU R 193 -7.92 -48.89 -65.74
N LYS R 194 -7.25 -48.68 -66.88
CA LYS R 194 -6.72 -49.76 -67.71
C LYS R 194 -5.59 -50.49 -67.00
N ILE R 195 -4.56 -49.75 -66.59
CA ILE R 195 -3.42 -50.35 -65.91
C ILE R 195 -3.82 -51.06 -64.60
N LEU R 196 -4.83 -50.53 -63.90
CA LEU R 196 -5.33 -51.21 -62.71
C LEU R 196 -5.96 -52.55 -63.05
N LYS R 197 -6.69 -52.59 -64.17
CA LYS R 197 -7.36 -53.80 -64.64
C LYS R 197 -6.35 -54.92 -64.88
N GLN R 198 -5.21 -54.55 -65.47
CA GLN R 198 -4.12 -55.48 -65.76
C GLN R 198 -3.55 -56.12 -64.52
N VAL R 199 -3.03 -55.30 -63.60
CA VAL R 199 -2.20 -55.81 -62.51
C VAL R 199 -3.01 -56.25 -61.29
N MET R 200 -4.32 -56.07 -61.34
CA MET R 200 -5.21 -56.53 -60.28
C MET R 200 -5.43 -58.03 -60.32
N GLU R 201 -5.54 -58.65 -59.14
CA GLU R 201 -5.95 -60.05 -59.04
C GLU R 201 -7.40 -60.20 -59.54
N GLU R 202 -8.28 -59.32 -59.07
CA GLU R 202 -9.71 -59.34 -59.42
C GLU R 202 -10.05 -58.76 -60.79
N LYS R 203 -11.28 -59.01 -61.22
CA LYS R 203 -11.81 -58.43 -62.43
C LYS R 203 -12.36 -57.06 -62.08
N LEU R 204 -11.66 -56.00 -62.51
CA LEU R 204 -11.97 -54.62 -62.12
C LEU R 204 -13.40 -54.13 -62.40
N ASP R 205 -14.20 -54.01 -61.33
CA ASP R 205 -15.47 -53.29 -61.40
C ASP R 205 -15.39 -52.02 -60.52
N GLU R 206 -16.48 -51.26 -60.48
CA GLU R 206 -16.50 -50.00 -59.71
C GLU R 206 -16.64 -50.20 -58.19
N ASN R 207 -16.53 -51.45 -57.75
CA ASN R 207 -16.66 -51.78 -56.34
C ASN R 207 -15.36 -52.17 -55.62
N ASN R 208 -14.36 -52.54 -56.41
CA ASN R 208 -13.03 -52.88 -55.88
C ASN R 208 -11.94 -51.99 -56.47
N ALA R 209 -12.35 -50.93 -57.14
CA ALA R 209 -11.45 -49.87 -57.56
C ALA R 209 -12.05 -48.51 -57.18
N GLN R 210 -11.16 -47.54 -56.97
CA GLN R 210 -11.56 -46.18 -56.64
C GLN R 210 -10.72 -45.23 -57.48
N LEU R 211 -11.35 -44.17 -57.99
CA LEU R 211 -10.62 -43.11 -58.71
C LEU R 211 -10.73 -41.79 -57.99
N SER R 212 -9.72 -40.95 -58.14
CA SER R 212 -9.73 -39.60 -57.57
C SER R 212 -8.79 -38.68 -58.33
N CYS R 213 -9.05 -37.38 -58.25
CA CYS R 213 -8.22 -36.40 -58.94
C CYS R 213 -8.13 -35.11 -58.16
N ILE R 214 -7.17 -34.27 -58.50
CA ILE R 214 -7.15 -32.91 -58.01
C ILE R 214 -7.02 -31.93 -59.19
N THR R 215 -8.02 -31.06 -59.33
CA THR R 215 -7.98 -29.97 -60.31
C THR R 215 -7.91 -28.65 -59.57
N LYS R 216 -7.23 -27.68 -60.17
CA LYS R 216 -7.14 -26.32 -59.61
C LYS R 216 -8.52 -25.78 -59.32
N GLN R 217 -9.41 -25.88 -60.32
CA GLN R 217 -10.79 -25.44 -60.18
C GLN R 217 -11.49 -26.13 -58.99
N ASP R 218 -11.72 -27.43 -59.11
CA ASP R 218 -12.62 -28.14 -58.19
C ASP R 218 -11.96 -28.75 -56.96
N GLY R 219 -10.65 -28.58 -56.85
CA GLY R 219 -9.90 -29.11 -55.72
C GLY R 219 -9.74 -30.61 -55.80
N PHE R 220 -9.68 -31.28 -54.65
CA PHE R 220 -9.51 -32.72 -54.61
C PHE R 220 -10.85 -33.42 -54.47
N LYS R 221 -11.18 -34.26 -55.45
CA LYS R 221 -12.42 -35.04 -55.42
C LYS R 221 -12.14 -36.53 -55.46
N ILE R 222 -12.99 -37.32 -54.80
CA ILE R 222 -13.02 -38.76 -54.99
C ILE R 222 -14.27 -39.11 -55.81
N TYR R 223 -14.08 -39.83 -56.92
CA TYR R 223 -15.18 -40.30 -57.76
C TYR R 223 -15.89 -41.43 -57.03
N ASP R 224 -17.19 -41.27 -56.79
CA ASP R 224 -17.99 -42.35 -56.19
C ASP R 224 -18.34 -43.40 -57.26
N ASN R 225 -18.68 -44.60 -56.79
CA ASN R 225 -18.97 -45.76 -57.64
C ASN R 225 -19.65 -45.47 -59.00
N GLU R 226 -20.70 -44.65 -58.98
CA GLU R 226 -21.46 -44.36 -60.20
C GLU R 226 -20.62 -43.70 -61.30
N LYS R 227 -19.84 -42.69 -60.91
CA LYS R 227 -19.03 -41.96 -61.88
C LYS R 227 -17.88 -42.81 -62.43
N THR R 228 -17.45 -43.79 -61.63
CA THR R 228 -16.36 -44.69 -62.00
C THR R 228 -16.87 -45.83 -62.89
N ALA R 229 -18.03 -46.39 -62.54
CA ALA R 229 -18.68 -47.44 -63.34
C ALA R 229 -18.73 -47.06 -64.82
N GLU R 230 -19.11 -45.81 -65.12
CA GLU R 230 -19.23 -45.31 -66.48
C GLU R 230 -17.90 -45.16 -67.21
N LEU R 231 -16.82 -45.08 -66.45
CA LEU R 231 -15.48 -44.96 -67.03
C LEU R 231 -14.83 -46.32 -67.31
N ILE R 232 -15.27 -47.36 -66.59
CA ILE R 232 -14.91 -48.74 -66.93
C ILE R 232 -15.67 -49.14 -68.20
N LYS R 233 -16.96 -48.80 -68.21
CA LYS R 233 -17.84 -48.94 -69.38
C LYS R 233 -17.17 -48.32 -70.60
N GLU R 234 -16.81 -47.05 -70.50
CA GLU R 234 -16.14 -46.34 -71.60
C GLU R 234 -14.84 -47.02 -72.05
N LEU R 235 -14.11 -47.61 -71.10
CA LEU R 235 -12.84 -48.28 -71.39
C LEU R 235 -13.05 -49.57 -72.17
N LYS R 236 -13.93 -50.43 -71.63
CA LYS R 236 -14.30 -51.70 -72.24
C LYS R 236 -14.72 -51.52 -73.71
N GLU R 237 -15.52 -50.49 -73.96
CA GLU R 237 -15.94 -50.12 -75.32
C GLU R 237 -14.76 -49.69 -76.18
N LYS R 238 -13.88 -48.88 -75.61
CA LYS R 238 -12.80 -48.26 -76.38
C LYS R 238 -11.67 -49.24 -76.72
N GLU R 239 -11.61 -50.35 -76.00
CA GLU R 239 -10.58 -51.35 -76.25
C GLU R 239 -11.03 -52.45 -77.21
N ALA R 240 -12.30 -52.82 -77.12
CA ALA R 240 -12.91 -53.76 -78.05
C ALA R 240 -12.91 -53.21 -79.48
N ALA R 241 -12.93 -51.88 -79.62
CA ALA R 241 -12.95 -51.20 -80.92
C ALA R 241 -11.75 -51.61 -81.78
N GLU R 242 -10.55 -51.34 -81.27
CA GLU R 242 -9.30 -51.72 -81.92
C GLU R 242 -8.16 -51.67 -80.90
N PHE S 1 35.65 -62.55 -37.23
CA PHE S 1 35.94 -61.33 -38.05
C PHE S 1 34.77 -60.98 -39.00
N ARG S 2 34.92 -59.82 -39.67
CA ARG S 2 33.94 -59.25 -40.61
C ARG S 2 32.54 -59.13 -39.98
N ASN S 3 31.81 -60.24 -39.99
CA ASN S 3 30.42 -60.30 -39.57
C ASN S 3 30.20 -60.22 -38.05
N ASN S 4 31.23 -60.51 -37.27
CA ASN S 4 31.10 -60.51 -35.81
C ASN S 4 31.23 -59.14 -35.13
N TYR S 5 31.85 -58.21 -35.82
CA TYR S 5 32.17 -56.90 -35.24
C TYR S 5 31.50 -55.74 -35.98
N ASP S 6 30.44 -56.04 -36.73
CA ASP S 6 29.77 -55.01 -37.54
C ASP S 6 28.31 -54.77 -37.13
N GLY S 7 27.98 -55.13 -35.89
CA GLY S 7 26.60 -55.05 -35.41
C GLY S 7 26.12 -53.67 -35.03
N ASP S 8 27.08 -52.77 -34.74
CA ASP S 8 26.81 -51.39 -34.32
C ASP S 8 28.10 -50.56 -34.38
N THR S 9 28.00 -49.27 -34.05
CA THR S 9 29.17 -48.38 -34.15
C THR S 9 30.01 -48.37 -32.87
N VAL S 10 29.47 -48.98 -31.82
CA VAL S 10 30.15 -48.98 -30.54
C VAL S 10 31.24 -50.07 -30.46
N THR S 11 31.51 -50.71 -31.60
CA THR S 11 32.41 -51.87 -31.66
C THR S 11 33.59 -51.71 -32.65
N PHE S 12 34.80 -51.79 -32.10
CA PHE S 12 36.03 -51.89 -32.89
C PHE S 12 36.25 -53.32 -33.33
N SER S 13 36.86 -53.52 -34.49
CA SER S 13 37.31 -54.86 -34.89
C SER S 13 38.70 -55.09 -34.31
N PRO S 14 39.19 -56.34 -34.32
CA PRO S 14 40.53 -56.60 -33.81
C PRO S 14 41.64 -55.85 -34.55
N THR S 15 41.41 -55.54 -35.83
CA THR S 15 42.34 -54.74 -36.64
C THR S 15 42.37 -53.26 -36.22
N GLY S 16 41.21 -52.74 -35.81
CA GLY S 16 41.09 -51.35 -35.35
C GLY S 16 40.06 -50.56 -36.14
N ARG S 17 39.18 -51.28 -36.83
CA ARG S 17 38.29 -50.66 -37.81
C ARG S 17 36.86 -50.60 -37.29
N LEU S 18 36.13 -49.59 -37.73
CA LEU S 18 34.71 -49.47 -37.42
C LEU S 18 33.91 -49.77 -38.67
N PHE S 19 33.33 -50.96 -38.71
CA PHE S 19 32.68 -51.46 -39.91
C PHE S 19 31.41 -50.69 -40.26
N GLN S 20 30.57 -50.46 -39.26
CA GLN S 20 29.37 -49.65 -39.45
C GLN S 20 29.67 -48.28 -40.08
N VAL S 21 30.81 -47.70 -39.74
CA VAL S 21 31.25 -46.46 -40.37
C VAL S 21 31.58 -46.73 -41.84
N GLU S 22 32.40 -47.74 -42.10
CA GLU S 22 32.82 -48.03 -43.47
C GLU S 22 31.65 -48.42 -44.37
N TYR S 23 30.65 -49.07 -43.80
CA TYR S 23 29.44 -49.45 -44.52
C TYR S 23 28.69 -48.19 -44.93
N ALA S 24 28.63 -47.24 -44.00
CA ALA S 24 28.04 -45.93 -44.28
C ALA S 24 28.73 -45.32 -45.50
N LEU S 25 30.06 -45.34 -45.50
CA LEU S 25 30.86 -44.83 -46.63
C LEU S 25 30.48 -45.47 -47.96
N GLU S 26 30.05 -46.73 -47.91
CA GLU S 26 29.68 -47.47 -49.11
C GLU S 26 28.39 -46.92 -49.74
N ALA S 27 27.51 -46.36 -48.90
CA ALA S 27 26.26 -45.75 -49.37
C ALA S 27 26.53 -44.49 -50.20
N ILE S 28 27.73 -43.92 -50.01
CA ILE S 28 28.20 -42.77 -50.78
C ILE S 28 28.55 -43.25 -52.18
N LYS S 29 29.51 -44.18 -52.24
CA LYS S 29 29.98 -44.80 -53.48
C LYS S 29 28.82 -45.19 -54.40
N GLN S 30 27.67 -45.55 -53.81
CA GLN S 30 26.48 -45.93 -54.56
C GLN S 30 25.57 -44.74 -54.84
N GLY S 31 25.93 -43.58 -54.30
CA GLY S 31 25.22 -42.32 -54.60
C GLY S 31 25.79 -41.67 -55.85
N SER S 32 24.96 -40.90 -56.55
CA SER S 32 25.35 -40.29 -57.82
C SER S 32 26.56 -39.38 -57.72
N VAL S 33 27.13 -39.02 -58.86
CA VAL S 33 28.38 -38.28 -58.85
C VAL S 33 28.13 -36.78 -58.70
N THR S 34 29.04 -36.13 -57.96
CA THR S 34 29.06 -34.68 -57.79
C THR S 34 30.49 -34.19 -57.57
N VAL S 35 30.81 -33.02 -58.12
CA VAL S 35 32.19 -32.52 -58.23
C VAL S 35 32.37 -31.10 -57.68
N GLY S 36 33.46 -30.90 -56.93
CA GLY S 36 33.83 -29.59 -56.41
C GLY S 36 35.19 -29.08 -56.87
N LEU S 37 35.28 -27.78 -57.11
CA LEU S 37 36.49 -27.11 -57.59
C LEU S 37 36.43 -25.60 -57.31
N ARG S 38 37.60 -24.99 -57.10
CA ARG S 38 37.68 -23.56 -56.74
C ARG S 38 38.90 -22.84 -57.34
N SER S 39 38.72 -21.59 -57.74
CA SER S 39 39.85 -20.71 -58.06
C SER S 39 40.26 -19.90 -56.82
N ASN S 40 40.68 -18.67 -57.01
CA ASN S 40 40.90 -17.77 -55.87
C ASN S 40 39.75 -16.80 -55.71
N THR S 41 38.93 -16.68 -56.75
CA THR S 41 37.78 -15.76 -56.73
C THR S 41 36.44 -16.47 -56.69
N HIS S 42 36.40 -17.75 -57.04
CA HIS S 42 35.14 -18.49 -57.05
C HIS S 42 35.28 -19.93 -56.53
N ALA S 43 34.13 -20.60 -56.41
CA ALA S 43 34.06 -22.02 -56.07
C ALA S 43 32.77 -22.58 -56.66
N VAL S 44 32.90 -23.69 -57.38
CA VAL S 44 31.74 -24.26 -58.09
C VAL S 44 31.45 -25.68 -57.63
N LEU S 45 30.17 -25.99 -57.49
CA LEU S 45 29.72 -27.36 -57.35
C LEU S 45 29.08 -27.79 -58.66
N VAL S 46 29.47 -28.97 -59.13
CA VAL S 46 28.82 -29.63 -60.26
C VAL S 46 28.30 -30.98 -59.79
N ALA S 47 26.99 -31.14 -59.85
CA ALA S 47 26.37 -32.36 -59.39
C ALA S 47 25.56 -33.01 -60.51
N LEU S 48 25.71 -34.33 -60.64
CA LEU S 48 24.88 -35.14 -61.53
C LEU S 48 23.72 -35.77 -60.74
N LYS S 49 22.50 -35.33 -61.00
CA LYS S 49 21.34 -35.84 -60.29
C LYS S 49 20.87 -37.17 -60.89
N ARG S 50 20.72 -38.19 -60.04
CA ARG S 50 20.21 -39.49 -60.48
C ARG S 50 18.70 -39.50 -60.53
N ASN S 51 18.14 -40.15 -61.55
CA ASN S 51 16.69 -40.39 -61.61
C ASN S 51 16.27 -41.86 -61.39
N ALA S 52 15.18 -42.05 -60.65
CA ALA S 52 14.64 -43.39 -60.35
C ALA S 52 13.92 -44.00 -61.55
N ASP S 53 13.44 -43.12 -62.44
CA ASP S 53 12.66 -43.51 -63.61
C ASP S 53 12.94 -42.53 -64.74
N GLU S 54 12.51 -42.91 -65.94
CA GLU S 54 12.47 -41.98 -67.07
C GLU S 54 11.27 -41.07 -66.90
N LEU S 55 10.45 -41.41 -65.91
CA LEU S 55 9.23 -40.71 -65.60
C LEU S 55 9.38 -39.91 -64.29
N SER S 56 10.54 -40.05 -63.64
CA SER S 56 10.83 -39.35 -62.38
C SER S 56 11.66 -38.06 -62.56
N SER S 57 11.88 -37.35 -61.47
CA SER S 57 12.77 -36.20 -61.45
C SER S 57 14.16 -36.70 -61.08
N TYR S 58 15.17 -36.01 -61.60
CA TYR S 58 16.55 -36.16 -61.14
C TYR S 58 16.64 -35.32 -59.85
N GLN S 59 16.54 -36.00 -58.71
CA GLN S 59 16.28 -35.37 -57.40
C GLN S 59 17.42 -34.47 -56.94
N LYS S 60 17.06 -33.27 -56.45
CA LYS S 60 18.02 -32.18 -56.21
C LYS S 60 19.16 -32.55 -55.27
N LYS S 61 20.35 -32.05 -55.57
CA LYS S 61 21.55 -32.50 -54.87
C LYS S 61 22.41 -31.37 -54.31
N ILE S 62 21.92 -30.13 -54.48
CA ILE S 62 22.60 -28.94 -53.96
C ILE S 62 21.68 -28.16 -53.03
N ILE S 63 22.19 -27.88 -51.84
CA ILE S 63 21.44 -27.16 -50.81
C ILE S 63 22.24 -25.92 -50.39
N LYS S 64 21.54 -24.79 -50.32
CA LYS S 64 22.13 -23.51 -49.89
C LYS S 64 22.12 -23.40 -48.36
N CYS S 65 23.20 -22.88 -47.78
CA CYS S 65 23.33 -22.82 -46.32
C CYS S 65 23.33 -21.41 -45.74
N ASP S 66 23.99 -20.50 -46.44
CA ASP S 66 23.82 -19.05 -46.22
C ASP S 66 23.97 -18.35 -47.57
N GLU S 67 24.16 -17.03 -47.57
CA GLU S 67 24.35 -16.30 -48.81
C GLU S 67 25.74 -16.54 -49.37
N HIS S 68 26.65 -16.97 -48.50
CA HIS S 68 28.05 -17.14 -48.86
C HIS S 68 28.51 -18.61 -48.79
N MET S 69 27.58 -19.56 -48.74
CA MET S 69 27.91 -20.96 -48.49
C MET S 69 26.81 -21.93 -48.93
N GLY S 70 27.23 -23.09 -49.41
CA GLY S 70 26.30 -24.15 -49.81
C GLY S 70 27.05 -25.46 -50.01
N LEU S 71 26.29 -26.54 -50.20
CA LEU S 71 26.89 -27.88 -50.31
C LEU S 71 26.12 -28.84 -51.23
N SER S 72 26.86 -29.80 -51.79
CA SER S 72 26.28 -30.88 -52.62
C SER S 72 26.33 -32.21 -51.88
N LEU S 73 25.38 -33.08 -52.20
CA LEU S 73 25.25 -34.36 -51.50
C LEU S 73 25.51 -35.58 -52.40
N ALA S 74 26.18 -36.59 -51.85
CA ALA S 74 26.25 -37.91 -52.46
C ALA S 74 25.96 -38.98 -51.41
N GLY S 75 24.86 -39.71 -51.59
CA GLY S 75 24.49 -40.75 -50.64
C GLY S 75 23.05 -40.63 -50.21
N LEU S 76 22.79 -40.95 -48.93
CA LEU S 76 21.46 -40.84 -48.34
C LEU S 76 20.99 -39.38 -48.25
N ALA S 77 19.92 -39.06 -48.98
CA ALA S 77 19.42 -37.68 -49.05
C ALA S 77 18.89 -37.12 -47.72
N PRO S 78 18.02 -37.87 -47.00
CA PRO S 78 17.47 -37.32 -45.75
C PRO S 78 18.56 -36.92 -44.75
N ASP S 79 19.69 -37.62 -44.77
CA ASP S 79 20.80 -37.30 -43.88
C ASP S 79 21.49 -35.99 -44.23
N ALA S 80 21.53 -35.67 -45.52
CA ALA S 80 22.10 -34.39 -45.95
C ALA S 80 21.17 -33.25 -45.59
N ARG S 81 19.88 -33.56 -45.48
CA ARG S 81 18.90 -32.58 -45.03
C ARG S 81 19.16 -32.24 -43.57
N VAL S 82 19.23 -33.27 -42.72
CA VAL S 82 19.59 -33.12 -41.30
C VAL S 82 20.86 -32.28 -41.14
N LEU S 83 21.94 -32.71 -41.76
CA LEU S 83 23.25 -32.04 -41.69
C LEU S 83 23.28 -30.62 -42.23
N SER S 84 22.64 -30.42 -43.39
CA SER S 84 22.60 -29.11 -44.04
C SER S 84 21.76 -28.15 -43.24
N ASN S 85 20.64 -28.64 -42.71
CA ASN S 85 19.79 -27.82 -41.89
C ASN S 85 20.47 -27.42 -40.59
N TYR S 86 21.25 -28.34 -40.02
CA TYR S 86 22.08 -28.03 -38.87
C TYR S 86 23.14 -26.98 -39.22
N LEU S 87 23.60 -27.00 -40.46
CA LEU S 87 24.58 -26.03 -40.92
C LEU S 87 23.95 -24.66 -41.15
N ARG S 88 22.68 -24.64 -41.56
CA ARG S 88 21.93 -23.40 -41.74
C ARG S 88 21.76 -22.69 -40.42
N GLN S 89 21.52 -23.48 -39.37
CA GLN S 89 21.43 -22.99 -38.01
C GLN S 89 22.72 -22.31 -37.54
N GLN S 90 23.85 -23.00 -37.72
CA GLN S 90 25.12 -22.45 -37.24
C GLN S 90 25.55 -21.18 -37.99
N CYS S 91 25.33 -21.17 -39.30
CA CYS S 91 25.59 -19.98 -40.11
C CYS S 91 24.73 -18.85 -39.59
N ASN S 92 23.43 -19.13 -39.50
CA ASN S 92 22.41 -18.21 -39.03
C ASN S 92 22.72 -17.70 -37.64
N TYR S 93 23.17 -18.60 -36.77
CA TYR S 93 23.53 -18.25 -35.42
C TYR S 93 24.67 -17.25 -35.42
N SER S 94 25.67 -17.48 -36.27
CA SER S 94 26.83 -16.58 -36.34
C SER S 94 26.41 -15.16 -36.75
N SER S 95 25.48 -15.06 -37.71
CA SER S 95 24.95 -13.78 -38.18
C SER S 95 24.20 -13.04 -37.09
N LEU S 96 23.30 -13.74 -36.40
CA LEU S 96 22.47 -13.09 -35.38
C LEU S 96 23.29 -12.66 -34.16
N VAL S 97 23.98 -13.61 -33.53
CA VAL S 97 24.71 -13.31 -32.31
C VAL S 97 25.95 -12.44 -32.56
N PHE S 98 26.64 -12.67 -33.67
CA PHE S 98 27.95 -12.03 -33.89
C PHE S 98 28.06 -11.08 -35.07
N ASN S 99 27.03 -11.02 -35.92
CA ASN S 99 27.03 -10.17 -37.13
C ASN S 99 28.18 -10.58 -38.05
N ARG S 100 28.56 -11.85 -37.91
CA ARG S 100 29.76 -12.42 -38.50
C ARG S 100 29.30 -13.53 -39.42
N LYS S 101 29.78 -13.51 -40.65
CA LYS S 101 29.53 -14.63 -41.54
C LYS S 101 30.40 -15.78 -41.07
N LEU S 102 29.84 -16.98 -41.04
CA LEU S 102 30.54 -18.15 -40.53
C LEU S 102 31.65 -18.60 -41.48
N ALA S 103 32.83 -18.82 -40.91
CA ALA S 103 34.02 -19.28 -41.65
C ALA S 103 33.82 -20.67 -42.25
N VAL S 104 34.11 -20.80 -43.54
CA VAL S 104 33.92 -22.07 -44.26
C VAL S 104 34.69 -23.20 -43.56
N GLU S 105 35.87 -22.88 -43.05
CA GLU S 105 36.66 -23.80 -42.26
C GLU S 105 35.92 -24.24 -41.00
N ARG S 106 35.25 -23.29 -40.34
CA ARG S 106 34.63 -23.55 -39.04
C ARG S 106 33.37 -24.41 -39.15
N ALA S 107 32.66 -24.27 -40.27
CA ALA S 107 31.55 -25.15 -40.61
C ALA S 107 32.05 -26.59 -40.71
N GLY S 108 33.24 -26.76 -41.29
CA GLY S 108 33.89 -28.05 -41.39
C GLY S 108 34.06 -28.70 -40.04
N HIS S 109 34.64 -27.95 -39.11
CA HIS S 109 34.81 -28.41 -37.74
C HIS S 109 33.48 -28.84 -37.12
N LEU S 110 32.44 -28.04 -37.35
CA LEU S 110 31.15 -28.28 -36.73
C LEU S 110 30.45 -29.52 -37.25
N LEU S 111 30.54 -29.75 -38.56
CA LEU S 111 30.00 -30.98 -39.17
C LEU S 111 30.75 -32.22 -38.72
N CYS S 112 32.07 -32.11 -38.64
CA CYS S 112 32.92 -33.20 -38.15
C CYS S 112 32.55 -33.57 -36.71
N ASP S 113 32.36 -32.58 -35.85
CA ASP S 113 32.08 -32.83 -34.45
C ASP S 113 30.67 -33.39 -34.24
N LYS S 114 29.81 -33.17 -35.22
CA LYS S 114 28.45 -33.66 -35.17
C LYS S 114 28.41 -35.11 -35.61
N ALA S 115 29.10 -35.40 -36.72
CA ALA S 115 29.14 -36.74 -37.28
C ALA S 115 29.91 -37.70 -36.38
N GLN S 116 30.94 -37.19 -35.71
CA GLN S 116 31.74 -37.96 -34.75
C GLN S 116 30.87 -38.50 -33.63
N LYS S 117 29.90 -37.69 -33.20
CA LYS S 117 29.06 -38.02 -32.05
C LYS S 117 28.25 -39.29 -32.28
N ASN S 118 27.89 -39.51 -33.54
CA ASN S 118 27.11 -40.67 -33.94
C ASN S 118 27.96 -41.92 -34.14
N THR S 119 29.27 -41.81 -33.95
CA THR S 119 30.17 -42.93 -34.18
C THR S 119 30.74 -43.49 -32.89
N GLN S 120 30.40 -42.87 -31.76
CA GLN S 120 30.95 -43.28 -30.48
C GLN S 120 29.85 -43.74 -29.51
N SER S 121 28.60 -43.58 -29.93
CA SER S 121 27.46 -43.94 -29.08
C SER S 121 26.65 -45.11 -29.59
N TYR S 122 26.05 -45.82 -28.64
CA TYR S 122 25.13 -46.90 -28.92
C TYR S 122 23.84 -46.38 -29.55
N GLY S 123 23.09 -47.25 -30.20
CA GLY S 123 21.80 -46.89 -30.74
C GLY S 123 21.90 -46.11 -32.03
N GLY S 124 22.49 -44.92 -31.96
CA GLY S 124 22.63 -44.05 -33.15
C GLY S 124 23.51 -44.65 -34.22
N ARG S 125 23.17 -44.38 -35.49
CA ARG S 125 23.96 -44.78 -36.64
C ARG S 125 24.86 -43.62 -37.13
N PRO S 126 25.85 -43.92 -38.00
CA PRO S 126 26.54 -42.84 -38.71
C PRO S 126 25.66 -42.23 -39.79
N TYR S 127 25.97 -40.99 -40.18
CA TYR S 127 25.28 -40.38 -41.31
C TYR S 127 25.78 -41.04 -42.59
N GLY S 128 24.87 -41.38 -43.49
CA GLY S 128 25.26 -42.07 -44.71
C GLY S 128 25.26 -41.15 -45.92
N VAL S 129 25.98 -40.04 -45.81
CA VAL S 129 26.08 -39.08 -46.90
C VAL S 129 27.41 -38.35 -46.89
N GLY S 130 28.02 -38.26 -48.06
CA GLY S 130 29.22 -37.46 -48.25
C GLY S 130 28.78 -36.09 -48.71
N LEU S 131 29.54 -35.07 -48.32
CA LEU S 131 29.15 -33.70 -48.64
C LEU S 131 30.34 -32.89 -49.13
N LEU S 132 30.05 -32.06 -50.13
CA LEU S 132 31.04 -31.13 -50.66
C LEU S 132 30.52 -29.72 -50.40
N ILE S 133 31.33 -28.92 -49.73
CA ILE S 133 30.92 -27.58 -49.31
C ILE S 133 31.82 -26.55 -49.93
N ILE S 134 31.22 -25.65 -50.70
CA ILE S 134 31.92 -24.48 -51.22
C ILE S 134 31.47 -23.26 -50.42
N GLY S 135 32.30 -22.22 -50.42
CA GLY S 135 31.93 -20.94 -49.84
C GLY S 135 32.97 -19.86 -49.92
N TYR S 136 32.53 -18.63 -50.18
CA TYR S 136 33.41 -17.46 -50.14
C TYR S 136 33.29 -16.72 -48.80
N ASP S 137 34.41 -16.49 -48.14
CA ASP S 137 34.39 -15.74 -46.89
C ASP S 137 35.50 -14.68 -46.79
N LYS S 138 36.05 -14.48 -45.60
CA LYS S 138 37.05 -13.45 -45.39
C LYS S 138 38.43 -13.85 -45.92
N SER S 139 38.71 -15.15 -45.94
CA SER S 139 39.99 -15.65 -46.45
C SER S 139 39.90 -16.18 -47.90
N GLY S 140 38.96 -15.63 -48.67
CA GLY S 140 38.80 -15.98 -50.07
C GLY S 140 37.88 -17.17 -50.28
N ALA S 141 38.16 -17.93 -51.34
CA ALA S 141 37.32 -19.07 -51.71
C ALA S 141 37.79 -20.35 -51.03
N HIS S 142 36.85 -21.24 -50.77
CA HIS S 142 37.13 -22.52 -50.12
C HIS S 142 36.25 -23.64 -50.69
N LEU S 143 36.81 -24.84 -50.71
CA LEU S 143 36.05 -26.07 -50.95
C LEU S 143 36.42 -27.13 -49.90
N LEU S 144 35.41 -27.76 -49.31
CA LEU S 144 35.63 -28.77 -48.29
C LEU S 144 34.99 -30.10 -48.67
N GLU S 145 35.62 -31.20 -48.25
CA GLU S 145 35.06 -32.55 -48.41
C GLU S 145 34.72 -33.16 -47.06
N PHE S 146 33.47 -33.62 -46.94
CA PHE S 146 32.98 -34.20 -45.70
C PHE S 146 32.70 -35.70 -45.85
N GLN S 147 33.30 -36.50 -44.97
CA GLN S 147 32.97 -37.92 -44.88
C GLN S 147 32.32 -38.29 -43.53
N PRO S 148 31.21 -39.06 -43.56
CA PRO S 148 30.42 -39.59 -42.45
C PRO S 148 31.21 -40.15 -41.27
N SER S 149 32.50 -40.38 -41.47
CA SER S 149 33.37 -40.81 -40.41
C SER S 149 33.76 -39.62 -39.55
N GLY S 150 33.49 -38.42 -40.08
CA GLY S 150 33.87 -37.16 -39.43
C GLY S 150 35.15 -36.55 -39.96
N ASN S 151 35.58 -36.96 -41.15
CA ASN S 151 36.83 -36.47 -41.72
C ASN S 151 36.55 -35.37 -42.72
N VAL S 152 37.11 -34.18 -42.43
CA VAL S 152 36.88 -32.99 -43.24
C VAL S 152 38.21 -32.47 -43.78
N THR S 153 38.22 -32.15 -45.07
CA THR S 153 39.44 -31.75 -45.74
C THR S 153 39.19 -30.61 -46.73
N GLU S 154 40.05 -29.60 -46.70
CA GLU S 154 40.00 -28.52 -47.66
C GLU S 154 40.86 -28.89 -48.87
N LEU S 155 40.28 -28.69 -50.05
CA LEU S 155 40.88 -29.07 -51.31
C LEU S 155 40.68 -27.95 -52.33
N TYR S 156 41.50 -27.92 -53.39
CA TYR S 156 41.25 -27.05 -54.55
C TYR S 156 40.14 -27.64 -55.39
N GLY S 157 40.02 -28.97 -55.34
CA GLY S 157 39.02 -29.70 -56.11
C GLY S 157 38.79 -31.09 -55.58
N THR S 158 37.67 -31.70 -55.99
CA THR S 158 37.36 -33.11 -55.71
C THR S 158 36.02 -33.54 -56.28
N ALA S 159 35.73 -34.82 -56.15
CA ALA S 159 34.43 -35.39 -56.49
C ALA S 159 34.19 -36.61 -55.60
N ILE S 160 32.91 -36.92 -55.39
CA ILE S 160 32.49 -38.07 -54.60
C ILE S 160 31.29 -38.73 -55.26
N GLY S 161 31.17 -40.05 -55.06
CA GLY S 161 30.06 -40.82 -55.61
C GLY S 161 30.41 -41.96 -56.58
N ALA S 162 29.43 -42.33 -57.40
CA ALA S 162 29.60 -43.39 -58.40
C ALA S 162 30.55 -42.95 -59.49
N ARG S 163 31.70 -43.63 -59.57
CA ARG S 163 32.71 -43.42 -60.62
C ARG S 163 33.56 -42.19 -60.35
N SER S 164 33.30 -41.54 -59.22
CA SER S 164 33.99 -40.30 -58.83
C SER S 164 35.49 -40.30 -59.07
N GLN S 165 36.10 -41.48 -58.91
CA GLN S 165 37.55 -41.65 -59.06
C GLN S 165 38.11 -41.14 -60.41
N GLY S 166 37.30 -41.19 -61.47
CA GLY S 166 37.70 -40.68 -62.78
C GLY S 166 37.94 -39.18 -62.79
N ALA S 167 36.93 -38.44 -62.34
CA ALA S 167 36.98 -36.98 -62.24
C ALA S 167 38.07 -36.48 -61.31
N LYS S 168 38.29 -37.19 -60.20
CA LYS S 168 39.32 -36.82 -59.22
C LYS S 168 40.72 -36.91 -59.81
N THR S 169 40.94 -37.88 -60.72
CA THR S 169 42.22 -38.01 -61.45
C THR S 169 42.36 -36.89 -62.47
N TYR S 170 41.23 -36.48 -63.06
CA TYR S 170 41.21 -35.37 -64.01
C TYR S 170 41.56 -34.03 -63.34
N LEU S 171 41.01 -33.80 -62.15
CA LEU S 171 41.24 -32.55 -61.43
C LEU S 171 42.67 -32.43 -60.91
N GLU S 172 43.30 -33.58 -60.64
CA GLU S 172 44.71 -33.67 -60.28
C GLU S 172 45.56 -33.22 -61.46
N ARG S 173 45.05 -33.52 -62.64
CA ARG S 173 45.70 -33.25 -63.93
C ARG S 173 45.62 -31.75 -64.29
N THR S 174 44.41 -31.18 -64.24
CA THR S 174 44.15 -29.79 -64.65
C THR S 174 44.38 -28.75 -63.55
N LEU S 175 45.00 -29.16 -62.44
CA LEU S 175 45.16 -28.33 -61.23
C LEU S 175 45.54 -26.87 -61.46
N ASP S 176 46.58 -26.63 -62.26
CA ASP S 176 47.08 -25.27 -62.47
C ASP S 176 46.30 -24.49 -63.52
N THR S 177 45.41 -25.18 -64.24
CA THR S 177 44.50 -24.53 -65.19
C THR S 177 43.36 -23.83 -64.45
N PHE S 178 42.56 -24.58 -63.69
CA PHE S 178 41.35 -24.02 -63.06
C PHE S 178 41.64 -23.02 -61.92
N ILE S 179 42.66 -23.29 -61.11
CA ILE S 179 43.01 -22.45 -59.98
C ILE S 179 43.32 -21.02 -60.43
N LYS S 180 43.66 -20.88 -61.71
CA LYS S 180 43.98 -19.59 -62.28
C LYS S 180 42.79 -18.93 -62.97
N ILE S 181 41.63 -19.58 -62.99
CA ILE S 181 40.42 -18.91 -63.49
C ILE S 181 39.87 -17.94 -62.42
N ASP S 182 40.65 -16.89 -62.16
CA ASP S 182 40.27 -15.82 -61.24
C ASP S 182 39.51 -14.74 -62.00
N GLY S 183 38.32 -14.41 -61.54
CA GLY S 183 37.55 -13.33 -62.15
C GLY S 183 36.76 -13.73 -63.39
N ASN S 184 36.80 -15.01 -63.72
CA ASN S 184 35.90 -15.54 -64.74
C ASN S 184 35.06 -16.66 -64.11
N PRO S 185 33.73 -16.47 -64.07
CA PRO S 185 32.86 -17.54 -63.59
C PRO S 185 32.58 -18.62 -64.65
N ASP S 186 32.24 -18.18 -65.87
CA ASP S 186 31.77 -19.07 -66.94
C ASP S 186 32.83 -20.09 -67.40
N GLU S 187 34.10 -19.72 -67.28
CA GLU S 187 35.19 -20.64 -67.58
C GLU S 187 35.34 -21.68 -66.47
N LEU S 188 35.15 -21.26 -65.22
CA LEU S 188 35.27 -22.17 -64.07
C LEU S 188 34.11 -23.17 -64.03
N ILE S 189 32.95 -22.75 -64.52
CA ILE S 189 31.81 -23.66 -64.69
C ILE S 189 32.09 -24.68 -65.80
N LYS S 190 32.69 -24.22 -66.91
CA LYS S 190 33.07 -25.09 -68.04
C LYS S 190 34.04 -26.18 -67.61
N ALA S 191 35.04 -25.81 -66.78
CA ALA S 191 36.04 -26.75 -66.25
C ALA S 191 35.44 -27.69 -65.21
N GLY S 192 34.23 -27.37 -64.77
CA GLY S 192 33.51 -28.20 -63.82
C GLY S 192 32.76 -29.30 -64.53
N VAL S 193 32.05 -28.94 -65.59
CA VAL S 193 31.31 -29.90 -66.40
C VAL S 193 32.26 -30.88 -67.11
N GLU S 194 33.49 -30.43 -67.36
CA GLU S 194 34.51 -31.28 -67.96
C GLU S 194 35.03 -32.31 -66.95
N ALA S 195 35.04 -31.93 -65.67
CA ALA S 195 35.43 -32.85 -64.61
C ALA S 195 34.38 -33.93 -64.38
N ILE S 196 33.09 -33.57 -64.46
CA ILE S 196 31.99 -34.52 -64.20
C ILE S 196 31.78 -35.55 -65.33
N SER S 197 32.29 -35.25 -66.53
CA SER S 197 32.15 -36.17 -67.65
C SER S 197 33.13 -37.34 -67.52
N GLN S 198 34.31 -37.05 -67.00
CA GLN S 198 35.35 -38.04 -66.69
C GLN S 198 34.86 -39.23 -65.82
N SER S 199 33.58 -39.22 -65.46
CA SER S 199 32.99 -40.26 -64.62
C SER S 199 31.58 -40.63 -65.10
N LEU S 200 31.47 -40.93 -66.39
CA LEU S 200 30.17 -41.29 -66.99
C LEU S 200 30.23 -42.44 -67.99
N ARG S 201 29.84 -43.63 -67.54
CA ARG S 201 29.53 -44.75 -68.45
C ARG S 201 28.06 -44.59 -68.87
N ASP S 202 27.29 -44.04 -67.93
CA ASP S 202 25.86 -43.73 -68.06
C ASP S 202 25.46 -43.15 -69.44
N GLU S 203 25.80 -41.87 -69.67
CA GLU S 203 25.22 -41.14 -70.79
C GLU S 203 25.85 -39.77 -71.01
N SER S 204 25.38 -39.11 -72.07
CA SER S 204 25.58 -37.68 -72.31
C SER S 204 24.60 -36.92 -71.40
N LEU S 205 25.11 -35.94 -70.66
CA LEU S 205 24.30 -35.21 -69.64
C LEU S 205 23.30 -34.20 -70.21
N THR S 206 22.03 -34.36 -69.83
CA THR S 206 20.93 -33.55 -70.36
C THR S 206 20.70 -32.24 -69.58
N VAL S 207 19.54 -31.61 -69.79
CA VAL S 207 19.16 -30.38 -69.09
C VAL S 207 18.85 -30.66 -67.61
N ASP S 208 17.91 -31.58 -67.39
CA ASP S 208 17.43 -31.88 -66.04
C ASP S 208 18.44 -32.75 -65.27
N ASN S 209 19.41 -33.26 -66.00
CA ASN S 209 20.51 -34.06 -65.45
C ASN S 209 21.48 -33.21 -64.61
N LEU S 210 21.78 -32.01 -65.13
CA LEU S 210 22.87 -31.20 -64.61
C LEU S 210 22.41 -30.24 -63.51
N SER S 211 23.29 -30.07 -62.53
CA SER S 211 23.07 -29.17 -61.41
C SER S 211 24.36 -28.41 -61.10
N ILE S 212 24.30 -27.09 -61.21
CA ILE S 212 25.46 -26.23 -60.95
C ILE S 212 25.13 -25.12 -59.96
N ALA S 213 26.05 -24.91 -59.01
CA ALA S 213 25.95 -23.83 -58.04
C ALA S 213 27.29 -23.10 -57.92
N ILE S 214 27.22 -21.78 -57.81
CA ILE S 214 28.42 -20.96 -57.77
C ILE S 214 28.39 -19.94 -56.63
N VAL S 215 29.56 -19.65 -56.07
CA VAL S 215 29.71 -18.59 -55.08
C VAL S 215 31.11 -17.97 -55.20
N GLY S 216 31.19 -16.66 -55.05
CA GLY S 216 32.48 -15.97 -55.16
C GLY S 216 32.46 -14.53 -54.70
N LYS S 217 33.51 -13.80 -55.07
CA LYS S 217 33.73 -12.43 -54.62
C LYS S 217 32.53 -11.51 -54.83
N ASP S 218 31.99 -11.50 -56.04
CA ASP S 218 30.85 -10.64 -56.32
C ASP S 218 29.59 -11.44 -56.60
N THR S 219 29.49 -12.60 -55.97
CA THR S 219 28.35 -13.49 -56.19
C THR S 219 27.82 -14.15 -54.92
N PRO S 220 26.52 -13.99 -54.66
CA PRO S 220 25.89 -14.81 -53.63
C PRO S 220 25.73 -16.23 -54.16
N PHE S 221 25.85 -17.21 -53.27
CA PHE S 221 25.64 -18.61 -53.61
C PHE S 221 24.29 -18.81 -54.28
N THR S 222 24.31 -19.24 -55.55
CA THR S 222 23.08 -19.40 -56.34
C THR S 222 23.02 -20.68 -57.18
N ILE S 223 21.83 -21.26 -57.26
CA ILE S 223 21.61 -22.59 -57.85
C ILE S 223 21.00 -22.51 -59.25
N TYR S 224 21.58 -23.27 -60.18
CA TYR S 224 21.14 -23.26 -61.58
C TYR S 224 20.63 -24.61 -62.08
N ASP S 225 19.41 -24.62 -62.61
CA ASP S 225 18.73 -25.81 -63.16
C ASP S 225 17.81 -25.42 -64.31
N GLY S 226 17.74 -26.26 -65.34
CA GLY S 226 16.90 -25.98 -66.52
C GLY S 226 17.70 -25.28 -67.61
N GLU S 227 17.06 -24.35 -68.32
CA GLU S 227 17.74 -23.59 -69.37
C GLU S 227 18.96 -22.87 -68.82
N ALA S 228 18.91 -22.53 -67.53
CA ALA S 228 20.01 -21.85 -66.86
C ALA S 228 21.33 -22.59 -67.03
N VAL S 229 21.25 -23.92 -67.24
CA VAL S 229 22.43 -24.76 -67.46
C VAL S 229 22.62 -25.20 -68.92
N ALA S 230 21.58 -24.99 -69.74
CA ALA S 230 21.61 -25.37 -71.17
C ALA S 230 22.83 -24.82 -71.89
N LYS S 231 23.20 -23.58 -71.57
CA LYS S 231 24.39 -22.94 -72.15
C LYS S 231 25.71 -23.58 -71.70
N TYR S 232 25.62 -24.69 -70.95
CA TYR S 232 26.80 -25.43 -70.54
C TYR S 232 26.78 -26.91 -70.97
N ILE S 233 25.71 -27.30 -71.67
CA ILE S 233 25.64 -28.61 -72.31
C ILE S 233 26.57 -28.65 -73.54
N GLY T 1 33.02 -70.79 -23.87
CA GLY T 1 34.28 -70.37 -24.55
C GLY T 1 34.69 -68.92 -24.31
N THR T 2 34.58 -68.10 -25.36
CA THR T 2 34.99 -66.68 -25.32
C THR T 2 33.89 -65.70 -25.78
N GLY T 3 34.24 -64.72 -26.62
CA GLY T 3 33.33 -63.63 -27.00
C GLY T 3 33.55 -62.38 -26.17
N TYR T 4 34.63 -62.37 -25.38
CA TYR T 4 34.97 -61.27 -24.46
C TYR T 4 35.37 -59.97 -25.14
N ASP T 5 35.57 -60.01 -26.45
CA ASP T 5 36.04 -58.85 -27.19
C ASP T 5 34.94 -58.08 -27.92
N LEU T 6 33.69 -58.47 -27.71
CA LEU T 6 32.57 -57.85 -28.41
C LEU T 6 31.92 -56.66 -27.68
N SER T 7 31.97 -56.65 -26.35
CA SER T 7 31.45 -55.53 -25.54
C SER T 7 32.56 -54.64 -25.03
N ASN T 8 32.24 -53.36 -24.77
CA ASN T 8 33.25 -52.44 -24.34
C ASN T 8 33.78 -52.65 -22.91
N SER T 9 32.93 -52.81 -21.92
CA SER T 9 33.48 -52.80 -20.55
C SER T 9 33.74 -54.16 -19.90
N VAL T 10 34.09 -55.16 -20.72
CA VAL T 10 34.21 -56.56 -20.27
C VAL T 10 35.64 -57.02 -19.99
N PHE T 11 35.87 -57.50 -18.78
CA PHE T 11 37.11 -58.16 -18.44
C PHE T 11 37.18 -59.59 -19.03
N SER T 12 38.19 -59.81 -19.87
CA SER T 12 38.57 -61.15 -20.34
C SER T 12 39.22 -61.93 -19.19
N PRO T 13 39.25 -63.28 -19.27
CA PRO T 13 39.75 -64.09 -18.14
C PRO T 13 41.17 -63.77 -17.69
N ASP T 14 41.97 -63.22 -18.59
CA ASP T 14 43.35 -62.82 -18.29
C ASP T 14 43.40 -61.50 -17.55
N GLY T 15 42.38 -60.67 -17.72
CA GLY T 15 42.24 -59.44 -16.95
C GLY T 15 42.22 -58.20 -17.79
N ARG T 16 42.34 -58.38 -19.09
CA ARG T 16 42.42 -57.26 -20.03
C ARG T 16 41.05 -56.77 -20.45
N ASN T 17 41.01 -55.64 -21.13
CA ASN T 17 39.80 -55.14 -21.75
C ASN T 17 40.07 -55.03 -23.25
N PHE T 18 39.62 -56.03 -24.00
CA PHE T 18 40.02 -56.18 -25.41
C PHE T 18 39.63 -55.03 -26.33
N GLN T 19 38.42 -54.50 -26.14
CA GLN T 19 37.93 -53.39 -26.93
C GLN T 19 38.83 -52.14 -26.84
N VAL T 20 39.50 -51.99 -25.71
CA VAL T 20 40.43 -50.90 -25.50
C VAL T 20 41.67 -51.13 -26.35
N GLU T 21 42.14 -52.37 -26.36
CA GLU T 21 43.35 -52.75 -27.09
C GLU T 21 43.16 -52.73 -28.60
N TYR T 22 41.92 -52.91 -29.02
CA TYR T 22 41.53 -52.79 -30.43
C TYR T 22 41.51 -51.33 -30.85
N ALA T 23 41.37 -50.42 -29.89
CA ALA T 23 41.41 -49.00 -30.16
C ALA T 23 42.85 -48.62 -30.40
N VAL T 24 43.75 -49.16 -29.56
CA VAL T 24 45.17 -48.91 -29.70
C VAL T 24 45.68 -49.31 -31.08
N LYS T 25 45.05 -50.32 -31.69
CA LYS T 25 45.35 -50.70 -33.07
C LYS T 25 45.06 -49.53 -34.01
N ALA T 26 43.87 -48.94 -33.88
CA ALA T 26 43.47 -47.79 -34.70
C ALA T 26 44.41 -46.60 -34.49
N VAL T 27 45.06 -46.54 -33.33
CA VAL T 27 46.10 -45.55 -33.06
C VAL T 27 47.35 -45.86 -33.91
N GLU T 28 47.89 -47.06 -33.70
CA GLU T 28 49.09 -47.54 -34.38
C GLU T 28 48.93 -47.48 -35.90
N ASN T 29 47.68 -47.31 -36.32
CA ASN T 29 47.30 -47.36 -37.72
C ASN T 29 47.35 -46.00 -38.42
N GLY T 30 47.35 -44.92 -37.66
CA GLY T 30 47.30 -43.59 -38.24
C GLY T 30 48.63 -42.87 -38.24
N THR T 31 48.60 -41.63 -38.77
CA THR T 31 49.75 -40.71 -38.82
C THR T 31 50.56 -40.66 -37.53
N THR T 32 51.87 -40.49 -37.66
CA THR T 32 52.73 -40.38 -36.48
C THR T 32 52.84 -38.93 -35.97
N SER T 33 53.04 -38.79 -34.65
CA SER T 33 53.12 -37.48 -34.02
C SER T 33 53.93 -37.53 -32.72
N ILE T 34 54.67 -36.47 -32.45
CA ILE T 34 55.65 -36.48 -31.35
C ILE T 34 55.58 -35.26 -30.44
N GLY T 35 56.13 -35.41 -29.24
CA GLY T 35 56.27 -34.31 -28.33
C GLY T 35 57.63 -34.33 -27.67
N ILE T 36 58.28 -33.15 -27.61
CA ILE T 36 59.55 -32.99 -26.92
C ILE T 36 59.41 -31.92 -25.85
N LYS T 37 59.62 -32.32 -24.60
CA LYS T 37 59.73 -31.39 -23.48
C LYS T 37 61.14 -30.85 -23.51
N CYS T 38 61.28 -29.52 -23.44
CA CYS T 38 62.59 -28.91 -23.25
C CYS T 38 62.71 -28.26 -21.85
N ASN T 39 63.70 -27.39 -21.68
CA ASN T 39 64.02 -26.89 -20.35
C ASN T 39 63.24 -25.64 -19.92
N ASP T 40 62.43 -25.09 -20.83
CA ASP T 40 61.50 -24.01 -20.46
C ASP T 40 60.16 -24.07 -21.21
N GLY T 41 59.98 -25.10 -22.04
CA GLY T 41 58.75 -25.25 -22.81
C GLY T 41 58.54 -26.66 -23.35
N VAL T 42 57.68 -26.77 -24.36
CA VAL T 42 57.39 -28.04 -25.03
C VAL T 42 57.21 -27.82 -26.53
N VAL T 43 57.45 -28.86 -27.33
CA VAL T 43 57.32 -28.76 -28.78
C VAL T 43 56.45 -29.91 -29.31
N PHE T 44 55.53 -29.58 -30.21
CA PHE T 44 54.65 -30.58 -30.78
C PHE T 44 54.85 -30.64 -32.28
N ALA T 45 54.74 -31.84 -32.84
CA ALA T 45 54.93 -32.04 -34.27
C ALA T 45 54.09 -33.19 -34.82
N VAL T 46 53.71 -33.10 -36.09
CA VAL T 46 52.87 -34.12 -36.70
C VAL T 46 53.04 -34.27 -38.22
N GLU T 47 53.13 -35.53 -38.65
CA GLU T 47 53.12 -35.90 -40.06
C GLU T 47 51.75 -35.60 -40.67
N LYS T 48 51.72 -35.04 -41.87
CA LYS T 48 50.45 -34.84 -42.58
C LYS T 48 50.48 -35.46 -43.97
N LEU T 49 49.82 -36.60 -44.13
CA LEU T 49 49.89 -37.34 -45.38
C LEU T 49 49.13 -36.66 -46.52
N ILE T 50 49.89 -36.03 -47.42
CA ILE T 50 49.38 -35.42 -48.65
C ILE T 50 48.87 -36.53 -49.57
N THR T 51 47.58 -36.87 -49.43
CA THR T 51 46.93 -37.87 -50.25
C THR T 51 47.11 -37.51 -51.72
N SER T 52 46.79 -36.27 -52.07
CA SER T 52 46.75 -35.79 -53.45
C SER T 52 47.30 -34.36 -53.54
N LYS T 53 47.59 -33.90 -54.76
CA LYS T 53 48.01 -32.51 -54.97
C LYS T 53 46.89 -31.53 -54.62
N LEU T 54 45.65 -32.03 -54.64
CA LEU T 54 44.44 -31.22 -54.43
C LEU T 54 44.29 -30.69 -53.01
N LEU T 55 44.86 -31.40 -52.03
CA LEU T 55 44.98 -30.89 -50.67
C LEU T 55 45.67 -29.53 -50.69
N VAL T 56 44.94 -28.49 -50.31
CA VAL T 56 45.52 -27.15 -50.18
C VAL T 56 46.61 -27.21 -49.10
N PRO T 57 47.86 -26.91 -49.47
CA PRO T 57 48.92 -27.00 -48.47
C PRO T 57 48.71 -25.98 -47.36
N GLN T 58 49.26 -26.28 -46.18
CA GLN T 58 49.17 -25.40 -45.00
C GLN T 58 47.75 -25.18 -44.48
N LYS T 59 46.82 -26.07 -44.83
CA LYS T 59 45.41 -25.84 -44.49
C LYS T 59 44.86 -26.74 -43.38
N ASN T 60 44.52 -27.97 -43.72
CA ASN T 60 43.84 -28.89 -42.81
C ASN T 60 44.68 -29.10 -41.57
N VAL T 61 44.69 -28.08 -40.70
CA VAL T 61 45.52 -28.05 -39.50
C VAL T 61 45.10 -29.15 -38.54
N LYS T 62 46.08 -29.85 -37.98
CA LYS T 62 45.80 -30.98 -37.13
C LYS T 62 46.06 -30.66 -35.67
N ILE T 63 47.09 -29.86 -35.40
CA ILE T 63 47.42 -29.47 -34.02
C ILE T 63 46.37 -28.51 -33.46
N GLN T 64 46.00 -28.70 -32.19
CA GLN T 64 44.97 -27.89 -31.57
C GLN T 64 45.47 -27.17 -30.31
N VAL T 65 44.87 -26.01 -30.03
CA VAL T 65 45.15 -25.26 -28.82
C VAL T 65 43.99 -25.38 -27.82
N VAL T 66 44.35 -25.39 -26.54
CA VAL T 66 43.38 -25.45 -25.46
C VAL T 66 43.70 -24.31 -24.50
N ASP T 67 42.69 -23.49 -24.22
CA ASP T 67 42.87 -22.23 -23.49
C ASP T 67 43.85 -21.36 -24.27
N ARG T 68 44.97 -21.00 -23.65
CA ARG T 68 45.98 -20.18 -24.31
C ARG T 68 47.37 -20.76 -24.15
N HIS T 69 47.52 -21.73 -23.26
CA HIS T 69 48.84 -22.24 -22.86
C HIS T 69 49.07 -23.71 -23.12
N ILE T 70 48.04 -24.41 -23.60
CA ILE T 70 48.13 -25.85 -23.85
C ILE T 70 48.02 -26.12 -25.33
N GLY T 71 48.87 -27.02 -25.81
CA GLY T 71 48.78 -27.53 -27.17
C GLY T 71 48.54 -29.03 -27.15
N CYS T 72 47.70 -29.49 -28.07
CA CYS T 72 47.32 -30.90 -28.15
C CYS T 72 47.52 -31.49 -29.54
N VAL T 73 48.07 -32.69 -29.59
CA VAL T 73 48.29 -33.39 -30.84
C VAL T 73 48.00 -34.88 -30.64
N TYR T 74 47.33 -35.45 -31.63
CA TYR T 74 46.85 -36.80 -31.50
C TYR T 74 47.04 -37.59 -32.79
N SER T 75 47.07 -38.91 -32.64
CA SER T 75 47.22 -39.85 -33.74
C SER T 75 46.09 -40.85 -33.66
N GLY T 76 45.45 -41.11 -34.79
CA GLY T 76 44.36 -42.07 -34.84
C GLY T 76 43.18 -41.56 -35.62
N LEU T 77 42.00 -41.63 -35.00
CA LEU T 77 40.77 -41.10 -35.59
C LEU T 77 40.66 -39.61 -35.24
N ILE T 78 40.94 -38.76 -36.23
CA ILE T 78 40.94 -37.30 -36.02
C ILE T 78 39.64 -36.80 -35.35
N PRO T 79 38.47 -37.28 -35.81
CA PRO T 79 37.25 -36.98 -35.08
C PRO T 79 37.34 -37.27 -33.57
N ASP T 80 37.76 -38.47 -33.18
CA ASP T 80 37.88 -38.77 -31.76
C ASP T 80 38.85 -37.82 -31.05
N GLY T 81 39.75 -37.22 -31.81
CA GLY T 81 40.73 -36.30 -31.25
C GLY T 81 40.10 -34.96 -30.95
N ARG T 82 39.46 -34.40 -31.98
CA ARG T 82 38.73 -33.14 -31.89
C ARG T 82 37.71 -33.15 -30.77
N HIS T 83 36.87 -34.19 -30.77
CA HIS T 83 35.89 -34.42 -29.70
C HIS T 83 36.58 -34.31 -28.34
N LEU T 84 37.73 -34.95 -28.21
CA LEU T 84 38.45 -34.95 -26.94
C LEU T 84 39.01 -33.55 -26.58
N VAL T 85 39.39 -32.77 -27.59
CA VAL T 85 39.87 -31.40 -27.37
C VAL T 85 38.74 -30.46 -26.97
N ASN T 86 37.56 -30.66 -27.57
CA ASN T 86 36.37 -29.91 -27.21
C ASN T 86 36.06 -30.05 -25.74
N ARG T 87 36.02 -31.28 -25.25
CA ARG T 87 35.85 -31.54 -23.84
C ARG T 87 36.96 -30.88 -23.01
N GLY T 88 38.17 -30.89 -23.55
CA GLY T 88 39.31 -30.27 -22.89
C GLY T 88 39.11 -28.79 -22.72
N ARG T 89 38.55 -28.15 -23.75
CA ARG T 89 38.32 -26.72 -23.75
C ARG T 89 37.27 -26.28 -22.71
N GLU T 90 36.14 -26.97 -22.69
CA GLU T 90 35.14 -26.80 -21.64
C GLU T 90 35.68 -27.06 -20.25
N GLU T 91 36.55 -28.04 -20.11
CA GLU T 91 37.06 -28.42 -18.82
C GLU T 91 38.06 -27.37 -18.31
N ALA T 92 38.78 -26.73 -19.22
CA ALA T 92 39.71 -25.66 -18.86
C ALA T 92 39.00 -24.35 -18.55
N ALA T 93 38.00 -24.01 -19.37
CA ALA T 93 37.16 -22.83 -19.15
C ALA T 93 36.39 -22.89 -17.82
N SER T 94 35.96 -24.10 -17.44
CA SER T 94 35.33 -24.36 -16.14
C SER T 94 36.31 -24.11 -14.98
N PHE T 95 37.53 -24.64 -15.10
CA PHE T 95 38.57 -24.46 -14.08
C PHE T 95 38.94 -22.99 -13.95
N LYS T 96 39.09 -22.31 -15.08
CA LYS T 96 39.46 -20.88 -15.08
C LYS T 96 38.36 -20.02 -14.47
N LYS T 97 37.10 -20.31 -14.83
CA LYS T 97 35.94 -19.62 -14.31
C LYS T 97 35.87 -19.68 -12.78
N LEU T 98 36.07 -20.86 -12.22
CA LEU T 98 35.98 -21.01 -10.76
C LEU T 98 37.24 -20.53 -10.04
N TYR T 99 38.41 -20.89 -10.57
CA TYR T 99 39.66 -20.78 -9.81
C TYR T 99 40.58 -19.64 -10.24
N LYS T 100 40.21 -18.97 -11.34
CA LYS T 100 40.87 -17.75 -11.86
C LYS T 100 42.12 -18.04 -12.66
N THR T 101 43.11 -18.61 -11.99
CA THR T 101 44.33 -19.06 -12.63
C THR T 101 44.01 -20.01 -13.79
N PRO T 102 44.66 -19.80 -14.97
CA PRO T 102 44.47 -20.77 -16.06
C PRO T 102 45.01 -22.14 -15.65
N ILE T 103 44.42 -23.20 -16.20
CA ILE T 103 44.58 -24.56 -15.67
C ILE T 103 46.02 -25.12 -15.71
N PRO T 104 46.54 -25.58 -14.56
CA PRO T 104 47.81 -26.29 -14.47
C PRO T 104 47.85 -27.53 -15.38
N ILE T 105 49.03 -27.87 -15.91
CA ILE T 105 49.13 -29.01 -16.83
C ILE T 105 48.80 -30.37 -16.18
N PRO T 106 49.41 -30.71 -15.02
CA PRO T 106 49.03 -31.97 -14.38
C PRO T 106 47.51 -32.05 -14.14
N ALA T 107 46.92 -30.94 -13.69
CA ALA T 107 45.49 -30.84 -13.49
C ALA T 107 44.73 -31.16 -14.77
N PHE T 108 45.15 -30.56 -15.87
CA PHE T 108 44.47 -30.74 -17.16
C PHE T 108 44.58 -32.16 -17.65
N ALA T 109 45.75 -32.77 -17.46
CA ALA T 109 45.99 -34.14 -17.87
C ALA T 109 44.98 -35.08 -17.23
N ASP T 110 44.70 -34.88 -15.93
CA ASP T 110 43.71 -35.71 -15.26
C ASP T 110 42.29 -35.46 -15.74
N ARG T 111 41.96 -34.21 -16.05
CA ARG T 111 40.64 -33.90 -16.60
C ARG T 111 40.37 -34.71 -17.86
N LEU T 112 41.41 -34.95 -18.64
CA LEU T 112 41.30 -35.81 -19.81
C LEU T 112 41.45 -37.28 -19.42
N GLY T 113 42.28 -37.55 -18.41
CA GLY T 113 42.40 -38.89 -17.87
C GLY T 113 41.04 -39.49 -17.56
N GLN T 114 40.36 -38.88 -16.59
CA GLN T 114 39.07 -39.33 -16.10
C GLN T 114 37.99 -39.41 -17.18
N TYR T 115 38.06 -38.52 -18.16
CA TYR T 115 37.05 -38.49 -19.23
C TYR T 115 37.24 -39.63 -20.22
N VAL T 116 38.49 -39.84 -20.66
CA VAL T 116 38.79 -40.94 -21.56
C VAL T 116 38.55 -42.27 -20.83
N GLN T 117 39.05 -42.36 -19.59
CA GLN T 117 38.83 -43.52 -18.72
C GLN T 117 37.35 -43.86 -18.62
N ALA T 118 36.52 -42.83 -18.55
CA ALA T 118 35.06 -43.00 -18.44
C ALA T 118 34.43 -43.77 -19.61
N HIS T 119 35.06 -43.73 -20.78
CA HIS T 119 34.57 -44.49 -21.91
C HIS T 119 35.08 -45.94 -21.93
N THR T 120 35.68 -46.36 -20.82
CA THR T 120 36.07 -47.77 -20.65
C THR T 120 35.29 -48.41 -19.51
N LEU T 121 34.23 -47.72 -19.08
CA LEU T 121 33.39 -48.12 -17.95
C LEU T 121 32.04 -48.72 -18.33
N TYR T 122 31.56 -48.45 -19.54
CA TYR T 122 30.22 -48.87 -19.95
C TYR T 122 30.28 -49.47 -21.34
N ASN T 123 29.37 -50.41 -21.63
CA ASN T 123 29.32 -51.00 -22.95
C ASN T 123 28.52 -50.18 -23.97
N SER T 124 27.89 -49.11 -23.49
CA SER T 124 27.10 -48.22 -24.34
C SER T 124 27.95 -47.13 -25.02
N VAL T 125 29.21 -47.03 -24.63
CA VAL T 125 30.17 -46.17 -25.34
C VAL T 125 31.30 -47.03 -25.90
N ARG T 126 32.03 -46.49 -26.88
CA ARG T 126 33.27 -47.13 -27.33
C ARG T 126 34.47 -46.25 -26.98
N PRO T 127 35.62 -46.87 -26.65
CA PRO T 127 36.76 -46.06 -26.17
C PRO T 127 37.27 -45.09 -27.25
N PHE T 128 38.24 -44.27 -26.90
CA PHE T 128 38.76 -43.30 -27.85
C PHE T 128 39.80 -43.89 -28.82
N GLY T 129 39.60 -43.67 -30.12
CA GLY T 129 40.53 -44.15 -31.12
C GLY T 129 41.72 -43.24 -31.41
N VAL T 130 42.34 -42.72 -30.35
CA VAL T 130 43.51 -41.84 -30.47
C VAL T 130 44.43 -41.92 -29.26
N SER T 131 45.69 -41.61 -29.48
CA SER T 131 46.60 -41.27 -28.39
C SER T 131 46.82 -39.78 -28.46
N THR T 132 47.04 -39.13 -27.32
CA THR T 132 47.16 -37.67 -27.33
C THR T 132 48.45 -37.25 -26.65
N ILE T 133 49.18 -36.36 -27.32
CA ILE T 133 50.35 -35.77 -26.71
C ILE T 133 50.00 -34.30 -26.53
N PHE T 134 50.25 -33.79 -25.34
CA PHE T 134 49.86 -32.44 -24.98
C PHE T 134 50.75 -31.97 -23.83
N GLY T 135 50.76 -30.66 -23.59
CA GLY T 135 51.59 -30.08 -22.56
C GLY T 135 51.60 -28.57 -22.68
N GLY T 136 52.40 -27.93 -21.84
CA GLY T 136 52.50 -26.48 -21.83
C GLY T 136 53.26 -25.98 -20.63
N VAL T 137 53.12 -24.69 -20.33
CA VAL T 137 53.91 -24.06 -19.27
C VAL T 137 53.01 -23.42 -18.23
N ASP T 138 53.03 -23.98 -17.02
CA ASP T 138 52.23 -23.45 -15.93
C ASP T 138 53.08 -22.70 -14.89
N LYS T 139 52.46 -22.33 -13.78
CA LYS T 139 53.09 -21.58 -12.69
C LYS T 139 54.38 -22.22 -12.14
N ASN T 140 54.59 -23.51 -12.38
CA ASN T 140 55.88 -24.13 -12.08
C ASN T 140 56.37 -25.09 -13.17
N GLY T 141 57.02 -24.53 -14.18
CA GLY T 141 57.71 -25.32 -15.18
C GLY T 141 56.86 -25.84 -16.33
N ALA T 142 57.50 -26.57 -17.23
CA ALA T 142 56.85 -27.13 -18.40
C ALA T 142 56.55 -28.61 -18.17
N HIS T 143 55.49 -29.09 -18.81
CA HIS T 143 55.05 -30.47 -18.67
C HIS T 143 54.66 -31.05 -20.03
N LEU T 144 55.07 -32.30 -20.25
CA LEU T 144 54.65 -33.06 -21.43
C LEU T 144 53.90 -34.31 -20.98
N TYR T 145 52.86 -34.67 -21.71
CA TYR T 145 51.97 -35.77 -21.34
C TYR T 145 51.50 -36.52 -22.58
N MET T 146 51.40 -37.85 -22.43
CA MET T 146 50.77 -38.70 -23.43
C MET T 146 49.67 -39.55 -22.78
N LEU T 147 48.57 -39.74 -23.49
CA LEU T 147 47.37 -40.38 -22.97
C LEU T 147 46.85 -41.43 -23.93
N GLU T 148 46.77 -42.69 -23.46
CA GLU T 148 46.30 -43.84 -24.24
C GLU T 148 44.80 -44.08 -24.04
N PRO T 149 44.09 -44.68 -25.04
CA PRO T 149 42.65 -44.92 -24.96
C PRO T 149 42.20 -45.64 -23.68
N SER T 150 43.15 -46.31 -23.04
CA SER T 150 42.92 -46.97 -21.77
C SER T 150 42.62 -45.98 -20.65
N GLY T 151 42.80 -44.69 -20.95
CA GLY T 151 42.74 -43.63 -19.95
C GLY T 151 44.08 -43.42 -19.30
N SER T 152 45.04 -44.30 -19.59
CA SER T 152 46.38 -44.17 -19.01
C SER T 152 47.14 -43.02 -19.62
N TYR T 153 47.74 -42.22 -18.74
CA TYR T 153 48.55 -41.09 -19.13
C TYR T 153 49.73 -41.00 -18.19
N TRP T 154 50.84 -40.46 -18.71
CA TRP T 154 52.06 -40.30 -17.92
C TRP T 154 52.80 -39.04 -18.35
N GLY T 155 53.64 -38.52 -17.45
CA GLY T 155 54.55 -37.43 -17.78
C GLY T 155 55.74 -37.90 -18.62
N TYR T 156 56.25 -37.03 -19.47
CA TYR T 156 57.29 -37.41 -20.43
C TYR T 156 58.40 -36.41 -20.62
N LYS T 157 59.61 -36.95 -20.72
CA LYS T 157 60.77 -36.24 -21.24
C LYS T 157 60.57 -36.06 -22.73
N GLY T 158 60.09 -37.12 -23.37
CA GLY T 158 59.71 -37.05 -24.77
C GLY T 158 58.67 -38.13 -25.00
N ALA T 159 57.91 -38.01 -26.08
CA ALA T 159 56.81 -38.93 -26.33
C ALA T 159 56.38 -38.90 -27.78
N ALA T 160 55.90 -40.05 -28.24
CA ALA T 160 55.48 -40.19 -29.62
C ALA T 160 54.52 -41.37 -29.75
N THR T 161 53.77 -41.36 -30.84
CA THR T 161 52.76 -42.36 -31.10
C THR T 161 52.25 -42.20 -32.53
N GLY T 162 51.61 -43.24 -33.05
CA GLY T 162 51.25 -43.30 -34.47
C GLY T 162 52.08 -44.37 -35.18
N LYS T 163 52.04 -44.36 -36.51
CA LYS T 163 52.75 -45.36 -37.32
C LYS T 163 54.26 -45.41 -37.06
N GLY T 164 54.94 -44.26 -37.21
CA GLY T 164 56.38 -44.16 -36.97
C GLY T 164 56.77 -44.11 -35.50
N ARG T 165 56.00 -44.81 -34.67
CA ARG T 165 56.12 -44.69 -33.23
C ARG T 165 57.48 -45.16 -32.69
N GLN T 166 57.96 -46.32 -33.18
CA GLN T 166 59.15 -46.97 -32.60
C GLN T 166 60.43 -46.28 -33.06
N SER T 167 60.43 -45.78 -34.30
CA SER T 167 61.59 -45.02 -34.80
C SER T 167 61.74 -43.70 -34.06
N ALA T 168 60.63 -42.97 -33.91
CA ALA T 168 60.61 -41.72 -33.16
C ALA T 168 61.08 -41.95 -31.72
N LYS T 169 60.46 -42.91 -31.05
CA LYS T 169 60.82 -43.27 -29.67
C LYS T 169 62.32 -43.49 -29.55
N ALA T 170 62.91 -44.15 -30.55
CA ALA T 170 64.33 -44.43 -30.58
C ALA T 170 65.15 -43.13 -30.60
N GLU T 171 64.85 -42.27 -31.58
CA GLU T 171 65.49 -40.95 -31.73
C GLU T 171 65.41 -40.16 -30.42
N LEU T 172 64.23 -40.18 -29.82
CA LEU T 172 63.97 -39.45 -28.60
C LEU T 172 64.89 -39.94 -27.46
N GLU T 173 65.03 -41.26 -27.34
CA GLU T 173 65.84 -41.86 -26.28
C GLU T 173 67.31 -41.41 -26.35
N LYS T 174 67.80 -41.21 -27.58
CA LYS T 174 69.14 -40.65 -27.83
C LYS T 174 69.34 -39.30 -27.13
N LEU T 175 68.41 -38.38 -27.39
CA LEU T 175 68.42 -37.03 -26.82
C LEU T 175 68.43 -37.01 -25.29
N VAL T 176 67.64 -37.89 -24.68
CA VAL T 176 67.53 -37.98 -23.22
C VAL T 176 68.87 -38.37 -22.58
N ASP T 177 69.60 -39.25 -23.25
CA ASP T 177 70.93 -39.68 -22.79
C ASP T 177 71.95 -38.57 -23.02
N HIS T 178 71.99 -38.10 -24.27
CA HIS T 178 73.01 -37.16 -24.73
C HIS T 178 72.96 -35.78 -24.07
N HIS T 179 71.75 -35.26 -23.84
CA HIS T 179 71.61 -33.93 -23.25
C HIS T 179 70.88 -33.98 -21.90
N PRO T 180 71.62 -34.30 -20.81
CA PRO T 180 70.98 -34.38 -19.49
C PRO T 180 70.66 -33.01 -18.90
N GLU T 181 71.38 -31.98 -19.36
CA GLU T 181 71.21 -30.61 -18.87
C GLU T 181 69.92 -29.97 -19.42
N GLY T 182 69.33 -30.58 -20.44
CA GLY T 182 68.11 -30.09 -21.06
C GLY T 182 68.39 -29.52 -22.44
N LEU T 183 67.54 -29.87 -23.40
CA LEU T 183 67.58 -29.29 -24.73
C LEU T 183 66.99 -27.88 -24.70
N SER T 184 67.34 -27.04 -25.67
CA SER T 184 66.78 -25.69 -25.71
C SER T 184 65.53 -25.63 -26.58
N ALA T 185 64.67 -24.66 -26.30
CA ALA T 185 63.41 -24.48 -27.00
C ALA T 185 63.65 -24.39 -28.50
N ARG T 186 64.61 -23.54 -28.86
CA ARG T 186 65.05 -23.33 -30.23
C ARG T 186 65.47 -24.65 -30.89
N GLU T 187 66.30 -25.40 -30.16
CA GLU T 187 66.91 -26.66 -30.61
C GLU T 187 65.90 -27.76 -30.89
N ALA T 188 64.90 -27.84 -30.02
CA ALA T 188 63.88 -28.88 -30.09
C ALA T 188 62.96 -28.72 -31.30
N VAL T 189 62.76 -27.49 -31.74
CA VAL T 189 62.00 -27.21 -32.97
C VAL T 189 62.66 -27.92 -34.17
N LYS T 190 63.95 -27.67 -34.35
CA LYS T 190 64.78 -28.33 -35.35
C LYS T 190 64.69 -29.83 -35.19
N GLN T 191 64.92 -30.28 -33.96
CA GLN T 191 65.00 -31.69 -33.64
C GLN T 191 63.72 -32.45 -33.96
N ALA T 192 62.58 -31.91 -33.53
CA ALA T 192 61.28 -32.46 -33.85
C ALA T 192 61.07 -32.58 -35.36
N ALA T 193 61.58 -31.60 -36.11
CA ALA T 193 61.44 -31.59 -37.57
C ALA T 193 62.22 -32.74 -38.20
N LYS T 194 63.36 -33.07 -37.61
CA LYS T 194 64.14 -34.24 -38.01
C LYS T 194 63.35 -35.53 -37.69
N ILE T 195 63.04 -35.73 -36.42
CA ILE T 195 62.35 -36.93 -35.93
C ILE T 195 61.07 -37.29 -36.72
N ILE T 196 60.38 -36.29 -37.25
CA ILE T 196 59.17 -36.54 -38.07
C ILE T 196 59.56 -36.98 -39.47
N TYR T 197 60.59 -36.35 -40.02
CA TYR T 197 61.17 -36.77 -41.31
C TYR T 197 61.70 -38.22 -41.23
N LEU T 198 62.37 -38.53 -40.13
CA LEU T 198 62.85 -39.88 -39.86
C LEU T 198 61.70 -40.87 -39.71
N ALA T 199 60.82 -40.64 -38.74
CA ALA T 199 59.65 -41.50 -38.52
C ALA T 199 58.80 -41.72 -39.77
N HIS T 200 58.94 -40.85 -40.77
CA HIS T 200 58.21 -40.97 -42.06
C HIS T 200 58.62 -42.24 -42.81
N GLU T 201 59.79 -42.78 -42.44
CA GLU T 201 60.32 -44.08 -42.88
C GLU T 201 59.26 -45.17 -43.08
N ASP T 202 58.39 -45.34 -42.08
CA ASP T 202 57.44 -46.44 -42.01
C ASP T 202 56.06 -46.06 -42.58
N ASN T 203 56.08 -45.01 -43.39
CA ASN T 203 54.90 -44.45 -44.05
C ASN T 203 55.38 -43.69 -45.30
N LYS T 204 56.53 -44.15 -45.83
CA LYS T 204 57.35 -43.41 -46.79
C LYS T 204 56.81 -43.31 -48.22
N GLU T 205 55.84 -44.16 -48.55
CA GLU T 205 55.29 -44.21 -49.91
C GLU T 205 54.38 -43.02 -50.23
N LYS T 206 53.86 -42.36 -49.19
CA LYS T 206 53.04 -41.16 -49.37
C LYS T 206 53.84 -39.88 -49.15
N ASP T 207 53.51 -38.87 -49.95
CA ASP T 207 54.11 -37.54 -49.81
C ASP T 207 53.48 -36.84 -48.60
N PHE T 208 54.30 -36.13 -47.81
CA PHE T 208 53.82 -35.58 -46.54
C PHE T 208 54.17 -34.10 -46.28
N GLU T 209 53.42 -33.48 -45.35
CA GLU T 209 53.64 -32.09 -44.95
C GLU T 209 53.85 -31.97 -43.43
N LEU T 210 54.93 -31.32 -43.03
CA LEU T 210 55.25 -31.18 -41.62
C LEU T 210 54.47 -30.03 -40.99
N GLU T 211 54.26 -30.11 -39.69
CA GLU T 211 53.54 -29.12 -38.93
C GLU T 211 54.07 -29.16 -37.49
N ILE T 212 54.72 -28.07 -37.08
CA ILE T 212 55.29 -27.97 -35.75
C ILE T 212 54.55 -26.89 -34.96
N SER T 213 54.62 -26.99 -33.64
CA SER T 213 54.15 -25.94 -32.75
C SER T 213 54.95 -25.98 -31.46
N TRP T 214 55.01 -24.86 -30.76
CA TRP T 214 55.79 -24.78 -29.54
C TRP T 214 55.16 -23.86 -28.50
N CYS T 215 55.72 -23.93 -27.31
CA CYS T 215 55.16 -23.33 -26.14
C CYS T 215 56.31 -23.23 -25.17
N SER T 216 56.89 -22.03 -25.08
CA SER T 216 58.12 -21.76 -24.32
C SER T 216 58.03 -20.43 -23.56
N LEU T 217 58.59 -20.42 -22.35
CA LEU T 217 58.53 -19.23 -21.49
C LEU T 217 59.27 -18.05 -22.10
N SER T 218 60.46 -18.30 -22.63
CA SER T 218 61.31 -17.22 -23.15
C SER T 218 61.04 -16.92 -24.62
N GLU T 219 60.48 -17.88 -25.34
CA GLU T 219 60.29 -17.71 -26.77
C GLU T 219 58.86 -17.34 -27.19
N THR T 220 57.89 -17.67 -26.32
CA THR T 220 56.47 -17.43 -26.60
C THR T 220 55.74 -16.79 -25.42
N ASN T 221 56.45 -16.61 -24.32
CA ASN T 221 55.93 -15.97 -23.10
C ASN T 221 55.06 -16.87 -22.24
N GLY T 222 54.74 -18.06 -22.75
CA GLY T 222 53.96 -19.02 -22.00
C GLY T 222 52.82 -19.53 -22.84
N LEU T 223 52.45 -18.74 -23.85
CA LEU T 223 51.36 -19.08 -24.76
C LEU T 223 51.79 -20.10 -25.80
N HIS T 224 50.82 -20.74 -26.42
CA HIS T 224 51.06 -21.74 -27.46
C HIS T 224 50.94 -21.14 -28.87
N LYS T 225 52.08 -20.89 -29.51
CA LYS T 225 52.11 -20.42 -30.90
C LYS T 225 52.44 -21.57 -31.85
N PHE T 226 52.00 -21.44 -33.10
CA PHE T 226 52.48 -22.26 -34.20
C PHE T 226 53.90 -21.84 -34.61
N VAL T 227 54.55 -22.70 -35.39
CA VAL T 227 55.83 -22.34 -36.01
C VAL T 227 55.55 -22.08 -37.49
N LYS T 228 55.86 -20.86 -37.93
CA LYS T 228 55.45 -20.35 -39.25
C LYS T 228 56.62 -19.72 -40.02
N GLY T 229 56.43 -19.55 -41.33
CA GLY T 229 57.39 -18.85 -42.20
C GLY T 229 58.86 -19.25 -42.10
N ASP T 230 59.66 -18.39 -41.46
CA ASP T 230 61.12 -18.53 -41.40
C ASP T 230 61.63 -19.68 -40.54
N LEU T 231 61.18 -19.73 -39.30
CA LEU T 231 61.63 -20.76 -38.38
C LEU T 231 61.14 -22.14 -38.82
N LEU T 232 60.05 -22.16 -39.58
CA LEU T 232 59.53 -23.40 -40.17
C LEU T 232 60.49 -23.93 -41.23
N GLN T 233 60.98 -23.03 -42.09
CA GLN T 233 61.90 -23.39 -43.16
C GLN T 233 63.26 -23.83 -42.61
N GLU T 234 63.76 -23.11 -41.62
CA GLU T 234 65.01 -23.44 -40.95
C GLU T 234 65.01 -24.86 -40.38
N ALA T 235 63.85 -25.31 -39.89
CA ALA T 235 63.71 -26.65 -39.33
C ALA T 235 63.49 -27.72 -40.41
N ILE T 236 62.72 -27.39 -41.45
CA ILE T 236 62.54 -28.30 -42.60
C ILE T 236 63.87 -28.48 -43.33
N ASP T 237 64.71 -27.45 -43.29
CA ASP T 237 66.05 -27.49 -43.86
C ASP T 237 66.99 -28.34 -43.02
N PHE T 238 66.93 -28.20 -41.70
CA PHE T 238 67.73 -29.00 -40.76
C PHE T 238 67.40 -30.48 -40.87
N ALA T 239 66.20 -30.78 -41.38
CA ALA T 239 65.74 -32.14 -41.59
C ALA T 239 66.31 -32.76 -42.88
N GLN T 240 66.04 -32.13 -44.02
CA GLN T 240 66.53 -32.61 -45.32
C GLN T 240 68.05 -32.77 -45.38
N LYS T 241 68.76 -31.90 -44.67
CA LYS T 241 70.23 -31.92 -44.59
C LYS T 241 70.75 -33.11 -43.78
N GLU T 242 69.96 -33.56 -42.80
CA GLU T 242 70.34 -34.72 -41.98
C GLU T 242 69.56 -36.00 -42.33
N ILE T 243 68.92 -36.00 -43.50
CA ILE T 243 68.34 -37.21 -44.08
C ILE T 243 69.21 -37.69 -45.28
N ASN T 244 70.15 -36.84 -45.69
CA ASN T 244 71.18 -37.18 -46.68
C ASN T 244 72.59 -37.07 -46.10
N ALA U 1 24.41 -69.74 -24.99
CA ALA U 1 25.27 -68.55 -24.69
C ALA U 1 26.11 -68.74 -23.42
N GLY U 2 27.32 -68.15 -23.43
CA GLY U 2 28.17 -68.10 -22.24
C GLY U 2 28.21 -66.69 -21.64
N TYR U 3 27.06 -66.02 -21.63
CA TYR U 3 26.93 -64.61 -21.21
C TYR U 3 26.94 -64.35 -19.72
N ASP U 4 26.84 -65.41 -18.92
CA ASP U 4 26.89 -65.24 -17.46
C ASP U 4 28.33 -65.00 -16.97
N ARG U 5 29.21 -64.74 -17.92
CA ARG U 5 30.62 -64.42 -17.66
C ARG U 5 30.98 -63.03 -18.14
N HIS U 6 30.06 -62.38 -18.85
CA HIS U 6 30.29 -61.05 -19.41
C HIS U 6 29.81 -59.90 -18.52
N ILE U 7 28.63 -60.07 -17.93
CA ILE U 7 28.08 -59.10 -17.01
C ILE U 7 28.15 -59.65 -15.59
N THR U 8 27.88 -58.82 -14.59
CA THR U 8 27.96 -59.25 -13.19
C THR U 8 26.69 -59.93 -12.72
N ILE U 9 26.35 -61.06 -13.35
CA ILE U 9 25.29 -61.95 -12.84
C ILE U 9 25.87 -63.28 -12.37
N PHE U 10 25.05 -64.09 -11.71
CA PHE U 10 25.52 -65.32 -11.12
C PHE U 10 25.72 -66.44 -12.15
N SER U 11 26.81 -67.18 -11.96
CA SER U 11 27.05 -68.43 -12.67
C SER U 11 26.40 -69.57 -11.86
N PRO U 12 26.00 -70.66 -12.54
CA PRO U 12 25.40 -71.81 -11.86
C PRO U 12 26.09 -72.25 -10.55
N GLU U 13 27.41 -72.10 -10.45
CA GLU U 13 28.12 -72.43 -9.20
C GLU U 13 27.89 -71.37 -8.11
N GLY U 14 27.28 -70.25 -8.50
CA GLY U 14 27.04 -69.11 -7.60
C GLY U 14 28.17 -68.10 -7.64
N ARG U 15 28.77 -67.92 -8.82
CA ARG U 15 29.97 -67.12 -8.93
C ARG U 15 29.78 -65.95 -9.88
N LEU U 16 30.54 -64.89 -9.63
CA LEU U 16 30.52 -63.71 -10.47
C LEU U 16 31.87 -63.59 -11.16
N TYR U 17 31.92 -64.02 -12.42
CA TYR U 17 33.19 -64.15 -13.14
C TYR U 17 33.91 -62.81 -13.34
N GLN U 18 33.13 -61.78 -13.64
CA GLN U 18 33.65 -60.43 -13.87
C GLN U 18 34.40 -59.89 -12.67
N VAL U 19 33.93 -60.22 -11.47
CA VAL U 19 34.58 -59.80 -10.24
C VAL U 19 35.93 -60.49 -10.10
N GLU U 20 35.98 -61.74 -10.55
CA GLU U 20 37.20 -62.55 -10.50
C GLU U 20 38.21 -62.02 -11.50
N TYR U 21 37.77 -61.75 -12.73
CA TYR U 21 38.67 -61.22 -13.76
C TYR U 21 39.09 -59.78 -13.47
N ALA U 22 38.30 -59.07 -12.66
CA ALA U 22 38.72 -57.77 -12.15
C ALA U 22 39.91 -57.98 -11.21
N PHE U 23 39.77 -58.92 -10.27
CA PHE U 23 40.85 -59.26 -9.32
C PHE U 23 42.14 -59.59 -10.04
N LYS U 24 42.01 -60.20 -11.22
CA LYS U 24 43.15 -60.54 -12.05
C LYS U 24 43.86 -59.26 -12.45
N ALA U 25 43.11 -58.34 -13.06
CA ALA U 25 43.67 -57.10 -13.59
C ALA U 25 44.51 -56.33 -12.56
N THR U 26 44.20 -56.48 -11.28
CA THR U 26 44.95 -55.79 -10.22
C THR U 26 46.44 -56.09 -10.25
N ASN U 27 46.79 -57.30 -10.70
CA ASN U 27 48.18 -57.70 -10.76
C ASN U 27 48.92 -57.22 -12.00
N GLN U 28 48.15 -56.94 -13.06
CA GLN U 28 48.68 -56.49 -14.36
C GLN U 28 49.89 -55.53 -14.35
N THR U 29 49.97 -54.65 -13.36
CA THR U 29 51.09 -53.72 -13.24
C THR U 29 52.33 -54.38 -12.63
N ASN U 30 52.16 -55.58 -12.09
CA ASN U 30 53.27 -56.37 -11.57
C ASN U 30 54.06 -55.65 -10.46
N ILE U 31 53.34 -54.85 -9.68
CA ILE U 31 53.89 -54.07 -8.58
C ILE U 31 53.54 -54.71 -7.25
N ASN U 32 54.51 -54.78 -6.35
CA ASN U 32 54.23 -55.24 -4.99
C ASN U 32 54.23 -54.10 -4.00
N SER U 33 53.40 -54.21 -2.97
CA SER U 33 53.24 -53.15 -1.98
C SER U 33 52.82 -53.70 -0.62
N LEU U 34 53.44 -53.20 0.44
CA LEU U 34 53.07 -53.62 1.77
C LEU U 34 52.83 -52.40 2.67
N ALA U 35 52.15 -52.64 3.79
CA ALA U 35 51.83 -51.61 4.75
C ALA U 35 52.01 -52.14 6.17
N VAL U 36 52.52 -51.29 7.06
CA VAL U 36 52.67 -51.67 8.47
C VAL U 36 52.37 -50.51 9.38
N ARG U 37 51.99 -50.84 10.62
CA ARG U 37 51.67 -49.83 11.60
C ARG U 37 52.80 -49.72 12.61
N GLY U 38 53.27 -48.50 12.81
CA GLY U 38 54.24 -48.18 13.86
C GLY U 38 53.55 -47.98 15.20
N LYS U 39 54.20 -47.21 16.07
CA LYS U 39 53.68 -46.95 17.40
C LYS U 39 52.64 -45.84 17.28
N ASP U 40 52.91 -44.89 16.38
CA ASP U 40 52.04 -43.74 16.12
C ASP U 40 52.19 -43.27 14.67
N CYS U 41 52.30 -44.24 13.77
CA CYS U 41 52.41 -43.96 12.35
C CYS U 41 52.02 -45.16 11.50
N THR U 42 51.87 -44.94 10.21
CA THR U 42 51.55 -45.98 9.24
C THR U 42 52.35 -45.73 7.97
N VAL U 43 53.04 -46.78 7.49
CA VAL U 43 53.94 -46.66 6.36
C VAL U 43 53.48 -47.60 5.25
N VAL U 44 53.56 -47.14 4.02
CA VAL U 44 53.27 -47.99 2.88
C VAL U 44 54.44 -47.96 1.90
N ILE U 45 54.85 -49.15 1.45
CA ILE U 45 55.88 -49.29 0.44
C ILE U 45 55.23 -49.79 -0.84
N SER U 46 55.74 -49.33 -1.97
CA SER U 46 55.30 -49.84 -3.26
C SER U 46 56.51 -49.90 -4.18
N GLN U 47 56.49 -50.81 -5.15
CA GLN U 47 57.59 -50.88 -6.10
C GLN U 47 57.40 -49.82 -7.17
N LYS U 48 58.41 -48.97 -7.33
CA LYS U 48 58.42 -48.00 -8.42
C LYS U 48 59.20 -48.62 -9.56
N LYS U 49 58.48 -48.97 -10.62
CA LYS U 49 59.08 -49.60 -11.78
C LYS U 49 58.94 -48.71 -13.01
N VAL U 50 60.03 -48.04 -13.39
CA VAL U 50 60.05 -47.16 -14.56
C VAL U 50 60.62 -47.92 -15.77
N PRO U 51 59.72 -48.40 -16.66
CA PRO U 51 60.13 -49.26 -17.78
C PRO U 51 60.82 -48.50 -18.90
N ASP U 52 60.51 -47.20 -19.03
CA ASP U 52 60.94 -46.39 -20.15
C ASP U 52 61.73 -45.17 -19.69
N LYS U 53 62.81 -44.85 -20.42
CA LYS U 53 63.67 -43.71 -20.09
C LYS U 53 63.08 -42.40 -20.62
N LEU U 54 62.10 -42.51 -21.52
CA LEU U 54 61.38 -41.37 -22.08
C LEU U 54 60.41 -40.74 -21.08
N LEU U 55 60.08 -41.51 -20.04
CA LEU U 55 59.12 -41.08 -19.03
C LEU U 55 59.73 -40.08 -18.08
N ASP U 56 58.88 -39.19 -17.58
CA ASP U 56 59.22 -38.37 -16.43
C ASP U 56 58.94 -39.22 -15.17
N PRO U 57 60.01 -39.77 -14.56
CA PRO U 57 59.92 -40.65 -13.38
C PRO U 57 59.14 -40.12 -12.17
N THR U 58 59.03 -38.80 -12.02
CA THR U 58 58.27 -38.23 -10.88
C THR U 58 56.76 -38.43 -11.03
N THR U 59 56.28 -38.41 -12.27
CA THR U 59 54.86 -38.56 -12.55
C THR U 59 54.35 -40.00 -12.39
N VAL U 60 55.27 -40.95 -12.31
CA VAL U 60 54.91 -42.35 -12.07
C VAL U 60 54.76 -42.62 -10.55
N SER U 61 53.51 -42.61 -10.09
CA SER U 61 53.17 -42.95 -8.70
C SER U 61 51.84 -43.69 -8.61
N TYR U 62 51.81 -44.69 -7.73
CA TYR U 62 50.57 -45.43 -7.41
C TYR U 62 50.18 -45.15 -5.94
N ILE U 63 50.86 -44.20 -5.31
CA ILE U 63 50.48 -43.69 -4.00
C ILE U 63 49.77 -42.35 -4.18
N PHE U 64 48.68 -42.16 -3.45
CA PHE U 64 47.86 -40.95 -3.57
C PHE U 64 47.62 -40.29 -2.21
N CYS U 65 47.58 -38.97 -2.19
CA CYS U 65 47.21 -38.22 -0.99
C CYS U 65 45.75 -37.83 -1.07
N ILE U 66 44.91 -38.53 -0.30
CA ILE U 66 43.47 -38.35 -0.37
C ILE U 66 43.06 -37.13 0.46
N SER U 67 43.65 -36.98 1.63
CA SER U 67 43.42 -35.81 2.46
C SER U 67 44.68 -35.42 3.23
N ARG U 68 44.57 -34.37 4.03
CA ARG U 68 45.59 -34.06 5.02
C ARG U 68 45.92 -35.30 5.90
N THR U 69 44.92 -36.17 6.12
CA THR U 69 45.11 -37.32 7.04
C THR U 69 45.21 -38.70 6.37
N ILE U 70 44.63 -38.85 5.19
CA ILE U 70 44.50 -40.16 4.53
C ILE U 70 45.37 -40.33 3.28
N GLY U 71 46.14 -41.42 3.26
CA GLY U 71 46.88 -41.81 2.07
C GLY U 71 46.35 -43.13 1.55
N MET U 72 46.42 -43.31 0.23
CA MET U 72 45.87 -44.49 -0.42
C MET U 72 46.85 -45.02 -1.47
N VAL U 73 47.09 -46.33 -1.41
CA VAL U 73 47.94 -46.97 -2.42
C VAL U 73 47.14 -47.99 -3.21
N VAL U 74 47.41 -48.06 -4.51
CA VAL U 74 46.58 -48.85 -5.43
C VAL U 74 47.39 -49.89 -6.19
N ASN U 75 47.00 -51.17 -6.07
CA ASN U 75 47.47 -52.20 -7.00
C ASN U 75 46.48 -52.35 -8.13
N GLY U 76 46.92 -52.01 -9.34
CA GLY U 76 46.07 -52.19 -10.51
C GLY U 76 46.38 -51.12 -11.53
N PRO U 77 45.73 -51.18 -12.71
CA PRO U 77 45.93 -50.24 -13.81
C PRO U 77 45.74 -48.78 -13.37
N ILE U 78 46.62 -47.89 -13.83
CA ILE U 78 46.59 -46.50 -13.37
C ILE U 78 45.27 -45.76 -13.65
N PRO U 79 44.68 -45.92 -14.85
CA PRO U 79 43.46 -45.16 -15.10
C PRO U 79 42.33 -45.44 -14.09
N ASP U 80 42.20 -46.71 -13.69
CA ASP U 80 41.22 -47.12 -12.68
C ASP U 80 41.60 -46.60 -11.31
N ALA U 81 42.87 -46.71 -10.98
CA ALA U 81 43.39 -46.14 -9.72
C ALA U 81 43.12 -44.64 -9.61
N ARG U 82 43.21 -43.93 -10.74
CA ARG U 82 42.96 -42.49 -10.79
C ARG U 82 41.46 -42.15 -10.70
N ASN U 83 40.64 -42.96 -11.38
CA ASN U 83 39.20 -42.95 -11.18
C ASN U 83 38.81 -43.17 -9.72
N ALA U 84 39.43 -44.14 -9.07
CA ALA U 84 39.13 -44.45 -7.68
C ALA U 84 39.71 -43.40 -6.77
N ALA U 85 40.90 -42.91 -7.09
CA ALA U 85 41.58 -41.86 -6.31
C ALA U 85 40.80 -40.53 -6.27
N LEU U 86 40.27 -40.11 -7.41
CA LEU U 86 39.54 -38.86 -7.49
C LEU U 86 38.32 -38.95 -6.60
N ARG U 87 37.50 -39.98 -6.85
CA ARG U 87 36.28 -40.25 -6.10
C ARG U 87 36.53 -40.34 -4.62
N ALA U 88 37.67 -40.91 -4.24
CA ALA U 88 38.08 -41.01 -2.85
C ALA U 88 38.36 -39.64 -2.24
N LYS U 89 38.91 -38.72 -3.03
CA LYS U 89 39.16 -37.34 -2.61
C LYS U 89 37.85 -36.56 -2.52
N ALA U 90 37.07 -36.56 -3.61
CA ALA U 90 35.73 -35.99 -3.63
C ALA U 90 34.90 -36.39 -2.41
N GLU U 91 34.94 -37.69 -2.06
CA GLU U 91 34.16 -38.20 -0.94
C GLU U 91 34.65 -37.73 0.42
N ALA U 92 35.96 -37.55 0.54
CA ALA U 92 36.57 -37.23 1.84
C ALA U 92 36.35 -35.77 2.18
N ALA U 93 36.18 -34.96 1.14
CA ALA U 93 35.91 -33.55 1.30
C ALA U 93 34.43 -33.36 1.65
N GLU U 94 33.56 -33.90 0.80
CA GLU U 94 32.11 -33.81 0.96
C GLU U 94 31.66 -34.25 2.35
N PHE U 95 32.39 -35.20 2.93
CA PHE U 95 32.11 -35.73 4.28
C PHE U 95 32.43 -34.69 5.34
N ARG U 96 33.58 -34.04 5.19
CA ARG U 96 34.02 -33.03 6.14
C ARG U 96 33.06 -31.83 6.16
N TYR U 97 32.64 -31.39 4.98
CA TYR U 97 31.68 -30.29 4.83
C TYR U 97 30.38 -30.56 5.57
N LYS U 98 29.88 -31.79 5.45
CA LYS U 98 28.57 -32.18 5.96
C LYS U 98 28.58 -32.55 7.43
N TYR U 99 29.64 -33.16 7.91
CA TYR U 99 29.66 -33.69 9.29
C TYR U 99 30.70 -33.05 10.21
N GLY U 100 31.47 -32.09 9.70
CA GLY U 100 32.30 -31.23 10.57
C GLY U 100 33.56 -31.78 11.22
N TYR U 101 33.84 -33.06 10.98
CA TYR U 101 35.13 -33.65 11.36
C TYR U 101 35.77 -34.31 10.16
N ASP U 102 37.08 -34.54 10.23
CA ASP U 102 37.84 -35.16 9.15
C ASP U 102 37.39 -36.61 8.90
N MET U 103 37.17 -36.96 7.62
CA MET U 103 36.69 -38.31 7.28
C MET U 103 37.66 -39.40 7.75
N PRO U 104 37.17 -40.35 8.55
CA PRO U 104 38.05 -41.40 9.04
C PRO U 104 38.36 -42.42 7.95
N CYS U 105 39.60 -42.87 7.96
CA CYS U 105 40.12 -43.87 7.04
C CYS U 105 39.24 -45.13 6.81
N ASP U 106 38.69 -45.70 7.89
CA ASP U 106 37.89 -46.93 7.76
C ASP U 106 36.49 -46.66 7.23
N VAL U 107 36.06 -45.41 7.34
CA VAL U 107 34.77 -45.04 6.80
C VAL U 107 34.95 -44.88 5.30
N LEU U 108 35.97 -44.14 4.88
CA LEU U 108 36.28 -43.97 3.46
C LEU U 108 36.54 -45.31 2.78
N ALA U 109 37.08 -46.26 3.55
CA ALA U 109 37.21 -47.64 3.10
C ALA U 109 35.82 -48.21 2.84
N LYS U 110 34.96 -48.17 3.85
CA LYS U 110 33.59 -48.66 3.73
C LYS U 110 32.86 -47.98 2.57
N ARG U 111 32.93 -46.66 2.50
CA ARG U 111 32.20 -45.92 1.47
C ARG U 111 32.69 -46.26 0.06
N MET U 112 34.00 -46.44 -0.09
CA MET U 112 34.62 -46.87 -1.34
C MET U 112 34.27 -48.31 -1.66
N ALA U 113 34.21 -49.15 -0.63
CA ALA U 113 33.86 -50.56 -0.76
C ALA U 113 32.40 -50.73 -1.22
N ASN U 114 31.50 -49.99 -0.58
CA ASN U 114 30.09 -49.97 -0.96
C ASN U 114 29.88 -49.51 -2.42
N LEU U 115 30.74 -48.60 -2.87
CA LEU U 115 30.75 -48.21 -4.28
C LEU U 115 31.08 -49.37 -5.19
N SER U 116 32.09 -50.15 -4.82
CA SER U 116 32.50 -51.34 -5.59
C SER U 116 31.40 -52.39 -5.56
N GLN U 117 30.84 -52.60 -4.36
CA GLN U 117 29.73 -53.53 -4.17
C GLN U 117 28.65 -53.29 -5.21
N ILE U 118 28.42 -52.03 -5.55
CA ILE U 118 27.39 -51.68 -6.54
C ILE U 118 27.72 -52.17 -7.95
N TYR U 119 28.97 -52.12 -8.38
CA TYR U 119 29.31 -52.51 -9.76
C TYR U 119 29.24 -54.04 -9.93
N THR U 120 29.37 -54.70 -8.78
CA THR U 120 29.17 -56.11 -8.57
C THR U 120 27.71 -56.52 -8.83
N GLN U 121 26.78 -55.64 -8.46
CA GLN U 121 25.34 -55.93 -8.54
C GLN U 121 24.64 -55.30 -9.74
N ARG U 122 25.02 -54.07 -10.08
CA ARG U 122 24.46 -53.40 -11.26
C ARG U 122 25.18 -53.86 -12.52
N ALA U 123 24.39 -54.11 -13.57
CA ALA U 123 24.89 -54.75 -14.77
C ALA U 123 25.68 -53.82 -15.66
N TYR U 124 25.24 -52.56 -15.78
CA TYR U 124 25.88 -51.59 -16.70
C TYR U 124 27.22 -51.08 -16.24
N MET U 125 27.40 -51.02 -14.91
CA MET U 125 28.68 -50.67 -14.29
C MET U 125 29.59 -51.89 -14.26
N ARG U 126 30.82 -51.71 -14.74
CA ARG U 126 31.87 -52.72 -14.60
C ARG U 126 32.61 -52.53 -13.27
N PRO U 127 33.21 -53.59 -12.70
CA PRO U 127 34.00 -53.39 -11.48
C PRO U 127 35.27 -52.62 -11.78
N LEU U 128 35.89 -52.06 -10.76
CA LEU U 128 37.17 -51.38 -10.94
C LEU U 128 38.28 -52.35 -10.61
N GLY U 129 39.15 -52.56 -11.60
CA GLY U 129 40.23 -53.52 -11.46
C GLY U 129 41.34 -52.97 -10.60
N VAL U 130 41.05 -52.74 -9.32
CA VAL U 130 42.04 -52.19 -8.40
C VAL U 130 41.78 -52.72 -7.02
N ILE U 131 42.79 -52.53 -6.18
CA ILE U 131 42.74 -52.84 -4.76
C ILE U 131 43.31 -51.65 -4.01
N LEU U 132 42.55 -51.14 -3.06
CA LEU U 132 42.90 -49.88 -2.43
C LEU U 132 43.25 -50.08 -0.96
N THR U 133 44.46 -49.66 -0.60
CA THR U 133 44.94 -49.75 0.77
C THR U 133 44.97 -48.35 1.39
N PHE U 134 43.99 -48.05 2.24
CA PHE U 134 43.94 -46.76 2.92
C PHE U 134 44.73 -46.81 4.21
N VAL U 135 45.45 -45.73 4.49
CA VAL U 135 46.20 -45.61 5.73
C VAL U 135 46.04 -44.22 6.33
N SER U 136 46.09 -44.18 7.66
CA SER U 136 46.06 -42.94 8.41
C SER U 136 46.50 -43.22 9.82
N VAL U 137 46.62 -42.16 10.61
CA VAL U 137 46.61 -42.31 12.06
C VAL U 137 45.30 -41.66 12.52
N ASP U 138 44.26 -42.48 12.63
CA ASP U 138 42.93 -41.98 12.98
C ASP U 138 42.94 -41.43 14.39
N GLU U 139 42.19 -40.34 14.59
CA GLU U 139 42.16 -39.64 15.88
C GLU U 139 41.44 -40.44 16.94
N GLU U 140 40.51 -41.26 16.51
CA GLU U 140 39.78 -42.09 17.45
C GLU U 140 40.45 -43.46 17.57
N LEU U 141 40.91 -44.01 16.45
CA LEU U 141 41.36 -45.41 16.37
C LEU U 141 42.86 -45.70 16.51
N GLY U 142 43.73 -44.73 16.25
CA GLY U 142 45.17 -45.00 16.18
C GLY U 142 45.58 -45.30 14.74
N PRO U 143 46.85 -45.76 14.54
CA PRO U 143 47.35 -46.07 13.20
C PRO U 143 46.53 -47.18 12.59
N SER U 144 46.09 -47.01 11.34
CA SER U 144 45.04 -47.84 10.76
C SER U 144 45.31 -48.23 9.32
N ILE U 145 45.12 -49.52 9.01
CA ILE U 145 45.20 -50.00 7.62
C ILE U 145 43.90 -50.69 7.23
N TYR U 146 43.28 -50.18 6.17
CA TYR U 146 42.02 -50.72 5.66
C TYR U 146 42.12 -50.89 4.14
N LYS U 147 41.57 -51.99 3.63
CA LYS U 147 41.77 -52.36 2.24
C LYS U 147 40.53 -52.91 1.58
N THR U 148 40.31 -52.51 0.33
CA THR U 148 39.16 -52.99 -0.43
C THR U 148 39.60 -53.48 -1.79
N ASP U 149 38.74 -54.29 -2.39
CA ASP U 149 39.01 -54.96 -3.65
C ASP U 149 37.74 -54.89 -4.49
N PRO U 150 37.77 -55.44 -5.73
CA PRO U 150 36.64 -55.28 -6.65
C PRO U 150 35.41 -56.09 -6.28
N ALA U 151 35.47 -56.79 -5.15
CA ALA U 151 34.38 -57.63 -4.66
C ALA U 151 33.35 -56.82 -3.90
N GLY U 152 33.80 -55.71 -3.33
CA GLY U 152 32.98 -54.88 -2.46
C GLY U 152 33.36 -55.19 -1.04
N TYR U 153 34.37 -56.03 -0.90
CA TYR U 153 34.85 -56.50 0.38
C TYR U 153 35.85 -55.48 0.97
N TYR U 154 35.91 -55.39 2.29
CA TYR U 154 36.86 -54.47 2.96
C TYR U 154 37.16 -54.93 4.37
N VAL U 155 38.38 -54.68 4.85
CA VAL U 155 38.73 -55.12 6.21
C VAL U 155 39.99 -54.43 6.74
N GLY U 156 40.09 -54.37 8.05
CA GLY U 156 41.22 -53.71 8.72
C GLY U 156 42.33 -54.66 9.06
N TYR U 157 43.57 -54.18 8.93
CA TYR U 157 44.76 -55.02 9.05
C TYR U 157 45.77 -54.52 10.08
N LYS U 158 46.39 -55.47 10.78
CA LYS U 158 47.60 -55.20 11.57
C LYS U 158 48.72 -54.77 10.64
N ALA U 159 48.85 -55.51 9.55
CA ALA U 159 49.70 -55.16 8.40
C ALA U 159 49.13 -55.89 7.20
N THR U 160 49.56 -55.52 6.01
CA THR U 160 49.08 -56.19 4.81
C THR U 160 50.05 -56.00 3.64
N ALA U 161 49.92 -56.86 2.63
CA ALA U 161 50.63 -56.68 1.38
C ALA U 161 49.74 -57.09 0.24
N THR U 162 50.11 -56.68 -0.96
CA THR U 162 49.32 -56.97 -2.15
C THR U 162 50.22 -56.85 -3.37
N GLY U 163 49.81 -57.51 -4.45
CA GLY U 163 50.63 -57.59 -5.65
C GLY U 163 50.86 -59.06 -6.01
N PRO U 164 51.67 -59.31 -7.06
CA PRO U 164 51.92 -60.68 -7.52
C PRO U 164 52.60 -61.55 -6.49
N LYS U 165 53.48 -60.97 -5.69
CA LYS U 165 54.17 -61.70 -4.62
C LYS U 165 53.54 -61.44 -3.25
N GLN U 166 52.26 -61.05 -3.29
CA GLN U 166 51.38 -60.85 -2.14
C GLN U 166 51.65 -61.85 -1.02
N GLN U 167 51.50 -63.14 -1.36
CA GLN U 167 51.60 -64.24 -0.41
C GLN U 167 52.93 -64.34 0.36
N GLU U 168 54.06 -64.20 -0.34
CA GLU U 168 55.39 -64.31 0.31
C GLU U 168 55.62 -63.24 1.37
N ILE U 169 55.24 -62.00 1.02
CA ILE U 169 55.36 -60.83 1.89
C ILE U 169 54.48 -60.99 3.13
N THR U 170 53.27 -61.51 2.92
CA THR U 170 52.33 -61.73 4.02
C THR U 170 52.88 -62.72 5.05
N THR U 171 53.24 -63.91 4.60
CA THR U 171 53.76 -64.97 5.48
C THR U 171 55.12 -64.61 6.06
N ASN U 172 55.79 -63.67 5.39
CA ASN U 172 57.00 -63.06 5.94
C ASN U 172 56.66 -62.22 7.16
N LEU U 173 55.66 -61.35 7.03
CA LEU U 173 55.22 -60.47 8.12
C LEU U 173 54.54 -61.26 9.23
N GLU U 174 53.70 -62.23 8.84
CA GLU U 174 53.03 -63.12 9.79
C GLU U 174 54.03 -63.71 10.76
N ASN U 175 55.20 -64.04 10.24
CA ASN U 175 56.26 -64.66 11.00
C ASN U 175 56.84 -63.69 12.00
N HIS U 176 57.08 -62.46 11.56
CA HIS U 176 57.61 -61.41 12.44
C HIS U 176 56.70 -61.17 13.65
N PHE U 177 55.41 -61.05 13.40
CA PHE U 177 54.43 -60.75 14.46
C PHE U 177 54.17 -61.92 15.40
N LYS U 178 54.41 -63.15 14.92
CA LYS U 178 54.44 -64.33 15.81
C LYS U 178 55.58 -64.22 16.82
N LYS U 179 56.77 -63.85 16.34
CA LYS U 179 57.97 -63.76 17.17
C LYS U 179 57.93 -62.58 18.15
N SER U 180 57.68 -61.37 17.62
CA SER U 180 57.61 -60.14 18.43
C SER U 180 56.39 -60.13 19.34
N LYS U 181 55.38 -60.92 18.97
CA LYS U 181 54.19 -61.18 19.81
C LYS U 181 53.27 -59.97 20.05
N ILE U 182 53.65 -58.81 19.50
CA ILE U 182 52.83 -57.60 19.46
C ILE U 182 52.26 -57.43 18.05
N ASP U 183 51.19 -56.66 17.92
CA ASP U 183 50.55 -56.47 16.61
C ASP U 183 51.00 -55.19 15.85
N HIS U 184 52.09 -54.58 16.31
CA HIS U 184 52.70 -53.40 15.64
C HIS U 184 54.26 -53.42 15.59
N ILE U 185 54.85 -52.37 15.03
CA ILE U 185 56.31 -52.22 15.03
C ILE U 185 56.66 -51.30 16.19
N ASN U 186 57.35 -51.83 17.20
CA ASN U 186 57.61 -51.08 18.42
C ASN U 186 58.70 -50.02 18.29
N GLU U 187 58.74 -49.35 17.14
CA GLU U 187 59.70 -48.27 16.91
C GLU U 187 59.00 -46.89 16.95
N GLU U 188 59.70 -45.91 17.53
CA GLU U 188 59.11 -44.61 17.90
C GLU U 188 59.15 -43.61 16.76
N SER U 189 60.33 -43.41 16.17
CA SER U 189 60.43 -42.55 15.00
C SER U 189 59.89 -43.31 13.80
N TRP U 190 59.21 -42.61 12.90
CA TRP U 190 58.67 -43.25 11.70
C TRP U 190 59.77 -43.76 10.77
N GLU U 191 60.94 -43.12 10.82
CA GLU U 191 62.06 -43.42 9.92
C GLU U 191 62.55 -44.86 10.05
N LYS U 192 62.57 -45.35 11.29
CA LYS U 192 62.94 -46.72 11.62
C LYS U 192 61.82 -47.73 11.34
N VAL U 193 60.58 -47.24 11.29
CA VAL U 193 59.44 -48.07 10.87
C VAL U 193 59.39 -48.17 9.35
N VAL U 194 59.88 -47.14 8.66
CA VAL U 194 60.04 -47.19 7.22
C VAL U 194 61.21 -48.12 6.89
N GLU U 195 62.25 -48.06 7.74
CA GLU U 195 63.43 -48.92 7.61
C GLU U 195 63.07 -50.40 7.77
N PHE U 196 62.26 -50.72 8.77
CA PHE U 196 61.75 -52.07 8.96
C PHE U 196 60.97 -52.54 7.74
N ALA U 197 60.06 -51.70 7.26
CA ALA U 197 59.18 -52.04 6.15
C ALA U 197 59.91 -52.35 4.85
N ILE U 198 61.03 -51.68 4.63
CA ILE U 198 61.82 -51.92 3.43
C ILE U 198 62.67 -53.18 3.59
N THR U 199 63.28 -53.34 4.76
CA THR U 199 64.03 -54.54 5.09
C THR U 199 63.17 -55.77 4.76
N HIS U 200 61.95 -55.83 5.27
CA HIS U 200 61.08 -56.98 5.04
C HIS U 200 60.54 -57.12 3.61
N MET U 201 60.55 -56.02 2.85
CA MET U 201 60.21 -56.07 1.43
C MET U 201 61.33 -56.74 0.64
N ILE U 202 62.57 -56.57 1.12
CA ILE U 202 63.75 -57.15 0.47
C ILE U 202 63.81 -58.67 0.71
N ASP U 203 63.65 -59.08 1.98
CA ASP U 203 63.70 -60.50 2.37
C ASP U 203 62.65 -61.34 1.66
N ALA U 204 61.50 -60.73 1.36
CA ALA U 204 60.37 -61.42 0.78
C ALA U 204 60.43 -61.46 -0.73
N LEU U 205 60.97 -60.41 -1.34
CA LEU U 205 61.11 -60.37 -2.79
C LEU U 205 62.45 -60.95 -3.23
N GLY U 206 63.38 -61.06 -2.27
CA GLY U 206 64.76 -61.49 -2.55
C GLY U 206 65.42 -60.61 -3.59
N THR U 207 65.25 -59.30 -3.45
CA THR U 207 65.79 -58.32 -4.41
C THR U 207 66.28 -57.07 -3.70
N GLU U 208 67.27 -56.43 -4.32
CA GLU U 208 67.85 -55.22 -3.76
C GLU U 208 67.21 -54.01 -4.42
N PHE U 209 67.19 -52.89 -3.70
CA PHE U 209 66.57 -51.67 -4.20
C PHE U 209 67.56 -50.52 -4.24
N SER U 210 67.47 -49.71 -5.29
CA SER U 210 68.07 -48.38 -5.28
C SER U 210 66.94 -47.37 -5.03
N LYS U 211 67.31 -46.13 -4.66
CA LYS U 211 66.35 -45.07 -4.34
C LYS U 211 65.21 -44.85 -5.36
N ASN U 212 65.37 -45.33 -6.58
CA ASN U 212 64.37 -45.15 -7.64
C ASN U 212 63.46 -46.35 -7.93
N ASP U 213 63.63 -47.41 -7.15
CA ASP U 213 62.85 -48.65 -7.28
C ASP U 213 61.71 -48.69 -6.27
N LEU U 214 61.70 -47.71 -5.37
CA LEU U 214 60.71 -47.62 -4.30
C LEU U 214 59.81 -46.36 -4.32
N GLU U 215 58.75 -46.43 -3.52
CA GLU U 215 57.77 -45.38 -3.34
C GLU U 215 57.27 -45.56 -1.92
N VAL U 216 57.43 -44.53 -1.09
CA VAL U 216 57.08 -44.62 0.32
C VAL U 216 56.10 -43.52 0.73
N GLY U 217 55.11 -43.88 1.56
CA GLY U 217 54.21 -42.92 2.16
C GLY U 217 54.23 -43.12 3.67
N VAL U 218 54.06 -42.03 4.41
CA VAL U 218 54.00 -42.10 5.87
C VAL U 218 52.80 -41.32 6.35
N ALA U 219 52.04 -41.92 7.26
CA ALA U 219 50.95 -41.24 7.93
C ALA U 219 51.31 -41.02 9.40
N THR U 220 51.09 -39.80 9.89
CA THR U 220 51.31 -39.46 11.30
C THR U 220 50.07 -38.77 11.84
N LYS U 221 50.06 -38.52 13.15
CA LYS U 221 49.07 -37.64 13.76
C LYS U 221 48.95 -36.35 12.94
N ASP U 222 47.83 -36.22 12.23
CA ASP U 222 47.50 -34.98 11.48
C ASP U 222 48.23 -34.75 10.14
N LYS U 223 48.92 -35.76 9.62
CA LYS U 223 49.58 -35.61 8.33
C LYS U 223 49.82 -36.92 7.58
N PHE U 224 49.60 -36.91 6.27
CA PHE U 224 50.07 -37.96 5.38
C PHE U 224 50.91 -37.40 4.22
N PHE U 225 52.17 -37.84 4.17
CA PHE U 225 53.17 -37.33 3.23
C PHE U 225 53.96 -38.46 2.60
N THR U 226 54.27 -38.33 1.32
CA THR U 226 55.12 -39.30 0.62
C THR U 226 56.59 -38.87 0.70
N LEU U 227 57.52 -39.84 0.69
CA LEU U 227 58.95 -39.54 0.71
C LEU U 227 59.53 -39.31 -0.69
N SER U 228 60.55 -38.46 -0.74
CA SER U 228 61.27 -38.15 -1.96
C SER U 228 62.32 -39.23 -2.19
N ALA U 229 62.93 -39.23 -3.37
CA ALA U 229 64.03 -40.15 -3.66
C ALA U 229 65.19 -39.93 -2.69
N GLU U 230 65.44 -38.68 -2.31
CA GLU U 230 66.50 -38.36 -1.36
C GLU U 230 66.17 -38.82 0.05
N ASN U 231 64.89 -38.74 0.41
CA ASN U 231 64.42 -39.23 1.71
C ASN U 231 64.59 -40.72 1.81
N ILE U 232 64.29 -41.39 0.68
CA ILE U 232 64.36 -42.83 0.54
C ILE U 232 65.81 -43.28 0.63
N GLU U 233 66.68 -42.59 -0.11
CA GLU U 233 68.11 -42.84 -0.12
C GLU U 233 68.68 -42.84 1.30
N GLU U 234 68.22 -41.89 2.11
CA GLU U 234 68.62 -41.77 3.51
C GLU U 234 68.24 -43.01 4.32
N ARG U 235 67.09 -43.59 4.00
CA ARG U 235 66.59 -44.83 4.60
C ARG U 235 67.39 -46.05 4.15
N LEU U 236 67.61 -46.16 2.83
CA LEU U 236 68.39 -47.24 2.23
C LEU U 236 69.82 -47.27 2.74
N VAL U 237 70.40 -46.10 2.97
CA VAL U 237 71.73 -46.00 3.56
C VAL U 237 71.78 -46.65 4.94
N ALA U 238 70.83 -46.32 5.81
CA ALA U 238 70.85 -46.78 7.19
C ALA U 238 70.53 -48.27 7.37
N ILE U 239 69.80 -48.88 6.43
CA ILE U 239 69.54 -50.33 6.53
C ILE U 239 70.80 -51.11 6.19
N ALA U 240 71.57 -50.59 5.23
CA ALA U 240 72.80 -51.24 4.79
C ALA U 240 73.84 -51.28 5.91
N GLU U 241 73.91 -50.21 6.71
CA GLU U 241 74.88 -50.11 7.81
C GLU U 241 74.45 -50.84 9.07
N GLN U 242 73.87 -52.03 8.90
CA GLN U 242 73.35 -52.84 10.00
C GLN U 242 73.15 -54.29 9.55
N ASP U 243 72.64 -54.45 8.32
CA ASP U 243 72.33 -55.75 7.71
C ASP U 243 72.73 -55.84 6.21
N THR V 1 9.57 -18.95 26.88
CA THR V 1 10.68 -19.94 27.02
C THR V 1 11.99 -19.32 27.46
N THR V 2 12.61 -19.92 28.47
CA THR V 2 13.98 -19.60 28.87
C THR V 2 14.75 -20.90 28.79
N ILE V 3 15.77 -20.92 27.93
CA ILE V 3 16.71 -22.04 27.90
C ILE V 3 18.11 -21.50 28.01
N VAL V 4 18.94 -22.19 28.79
CA VAL V 4 20.34 -21.82 28.97
C VAL V 4 21.26 -23.01 28.82
N GLY V 5 22.53 -22.71 28.61
CA GLY V 5 23.58 -23.70 28.57
C GLY V 5 24.78 -23.11 29.27
N VAL V 6 25.33 -23.86 30.21
CA VAL V 6 26.51 -23.43 30.94
C VAL V 6 27.55 -24.54 30.83
N LYS V 7 28.72 -24.20 30.30
CA LYS V 7 29.82 -25.14 30.23
C LYS V 7 30.64 -25.08 31.52
N PHE V 8 30.88 -26.25 32.14
CA PHE V 8 31.70 -26.33 33.36
C PHE V 8 33.00 -27.10 33.11
N ASN V 9 33.85 -27.18 34.14
CA ASN V 9 35.21 -27.71 33.99
C ASN V 9 35.34 -29.10 33.37
N ASN V 10 34.34 -29.98 33.56
CA ASN V 10 34.42 -31.33 33.00
C ASN V 10 33.21 -31.78 32.18
N GLY V 11 32.48 -30.82 31.63
CA GLY V 11 31.33 -31.11 30.77
C GLY V 11 30.45 -29.91 30.50
N VAL V 12 29.20 -30.18 30.15
CA VAL V 12 28.24 -29.14 29.79
C VAL V 12 26.87 -29.46 30.40
N VAL V 13 26.17 -28.42 30.87
CA VAL V 13 24.80 -28.55 31.40
C VAL V 13 23.81 -27.60 30.70
N ILE V 14 22.62 -28.10 30.37
CA ILE V 14 21.53 -27.27 29.86
C ILE V 14 20.28 -27.38 30.70
N ALA V 15 19.58 -26.27 30.85
CA ALA V 15 18.37 -26.19 31.64
C ALA V 15 17.30 -25.45 30.85
N ALA V 16 16.04 -25.66 31.20
CA ALA V 16 14.92 -24.99 30.54
C ALA V 16 13.69 -24.87 31.43
N ASP V 17 12.85 -23.88 31.15
CA ASP V 17 11.57 -23.72 31.82
C ASP V 17 10.58 -24.74 31.24
N THR V 18 9.35 -24.78 31.78
CA THR V 18 8.40 -25.83 31.40
C THR V 18 7.05 -25.33 30.90
N ARG V 19 6.89 -24.03 30.72
CA ARG V 19 5.61 -23.46 30.29
C ARG V 19 5.55 -23.35 28.76
N SER V 20 4.42 -23.72 28.16
CA SER V 20 4.25 -23.51 26.71
C SER V 20 2.97 -22.75 26.39
N THR V 21 3.12 -21.67 25.64
CA THR V 21 2.05 -20.70 25.54
C THR V 21 1.48 -20.62 24.15
N GLN V 22 0.15 -20.65 24.10
CA GLN V 22 -0.64 -20.45 22.89
C GLN V 22 -1.05 -18.97 22.85
N GLY V 23 -0.17 -18.10 22.37
CA GLY V 23 -0.44 -16.66 22.44
C GLY V 23 -0.27 -16.21 23.87
N PRO V 24 -1.35 -15.65 24.49
CA PRO V 24 -1.29 -15.30 25.91
C PRO V 24 -1.75 -16.43 26.84
N ILE V 25 -2.14 -17.56 26.27
CA ILE V 25 -2.71 -18.67 27.04
C ILE V 25 -1.74 -19.83 27.26
N VAL V 26 -1.54 -20.19 28.53
CA VAL V 26 -0.71 -21.33 28.90
C VAL V 26 -1.40 -22.65 28.53
N ALA V 27 -0.85 -23.36 27.54
CA ALA V 27 -1.45 -24.63 27.09
C ALA V 27 -0.95 -25.83 27.93
N ASP V 28 0.36 -25.91 28.13
CA ASP V 28 0.96 -26.96 28.94
C ASP V 28 1.71 -26.31 30.09
N LYS V 29 1.33 -26.67 31.32
CA LYS V 29 1.94 -26.05 32.50
C LYS V 29 3.25 -26.73 32.90
N ASN V 30 3.53 -27.88 32.30
CA ASN V 30 4.75 -28.66 32.57
C ASN V 30 5.10 -29.55 31.39
N CYS V 31 5.52 -28.94 30.28
CA CYS V 31 6.03 -29.71 29.16
C CYS V 31 7.54 -29.71 29.24
N ALA V 32 8.18 -30.73 28.65
CA ALA V 32 9.64 -30.77 28.62
C ALA V 32 10.17 -30.16 27.32
N LYS V 33 11.10 -29.23 27.47
CA LYS V 33 11.66 -28.56 26.32
C LYS V 33 13.04 -29.14 25.97
N LEU V 34 13.58 -29.92 26.92
CA LEU V 34 14.87 -30.59 26.75
C LEU V 34 14.71 -31.83 25.87
N HIS V 35 15.43 -31.83 24.76
CA HIS V 35 15.37 -32.91 23.77
C HIS V 35 16.69 -33.60 23.56
N ARG V 36 16.60 -34.84 23.12
CA ARG V 36 17.76 -35.67 22.95
C ARG V 36 18.08 -35.81 21.46
N ILE V 37 19.33 -35.55 21.08
CA ILE V 37 19.75 -35.76 19.69
C ILE V 37 20.44 -37.14 19.54
N SER V 38 21.29 -37.45 20.51
CA SER V 38 21.85 -38.78 20.68
C SER V 38 21.93 -38.93 22.18
N PRO V 39 22.24 -40.13 22.69
CA PRO V 39 22.23 -40.34 24.15
C PRO V 39 22.99 -39.28 24.94
N LYS V 40 24.04 -38.70 24.36
CA LYS V 40 24.87 -37.74 25.08
C LYS V 40 24.94 -36.34 24.46
N ILE V 41 24.10 -36.09 23.46
CA ILE V 41 23.99 -34.77 22.88
C ILE V 41 22.55 -34.27 23.03
N TRP V 42 22.36 -33.31 23.93
CA TRP V 42 21.03 -32.81 24.22
C TRP V 42 20.81 -31.44 23.62
N CYS V 43 19.59 -30.95 23.78
CA CYS V 43 19.10 -29.92 22.92
C CYS V 43 17.98 -29.16 23.59
N ALA V 44 17.86 -27.86 23.29
CA ALA V 44 16.76 -27.06 23.83
C ALA V 44 16.30 -26.06 22.76
N GLY V 45 15.00 -25.81 22.70
CA GLY V 45 14.42 -25.04 21.59
C GLY V 45 13.41 -23.97 21.91
N ALA V 46 13.40 -22.93 21.09
CA ALA V 46 12.49 -21.79 21.21
C ALA V 46 12.05 -21.32 19.82
N GLY V 47 10.95 -20.57 19.75
CA GLY V 47 10.37 -20.18 18.46
C GLY V 47 9.30 -21.18 18.15
N THR V 48 9.01 -21.40 16.87
CA THR V 48 7.95 -22.34 16.49
C THR V 48 8.20 -23.73 17.05
N ALA V 49 7.39 -24.14 18.02
CA ALA V 49 7.65 -25.34 18.84
C ALA V 49 7.54 -26.66 18.05
N ALA V 50 6.79 -26.64 16.96
CA ALA V 50 6.76 -27.77 16.04
C ALA V 50 8.05 -27.87 15.22
N ASP V 51 8.65 -26.73 14.90
CA ASP V 51 9.90 -26.68 14.13
C ASP V 51 11.10 -27.11 14.97
N THR V 52 11.22 -26.58 16.17
CA THR V 52 12.28 -27.00 17.08
C THR V 52 12.17 -28.49 17.29
N GLU V 53 10.93 -28.96 17.49
CA GLU V 53 10.65 -30.38 17.69
C GLU V 53 11.06 -31.26 16.51
N ALA V 54 10.52 -30.94 15.33
CA ALA V 54 10.73 -31.72 14.11
C ALA V 54 12.18 -31.76 13.66
N VAL V 55 12.81 -30.59 13.58
CA VAL V 55 14.19 -30.47 13.12
C VAL V 55 15.15 -31.21 14.06
N THR V 56 14.78 -31.31 15.34
CA THR V 56 15.57 -32.02 16.34
C THR V 56 15.55 -33.52 16.12
N GLN V 57 14.41 -34.04 15.70
CA GLN V 57 14.23 -35.45 15.45
C GLN V 57 14.86 -35.88 14.13
N LEU V 58 14.63 -35.11 13.06
CA LEU V 58 15.21 -35.42 11.75
C LEU V 58 16.74 -35.53 11.89
N ILE V 59 17.33 -34.58 12.60
CA ILE V 59 18.77 -34.63 12.85
C ILE V 59 19.12 -35.78 13.79
N GLY V 60 18.31 -36.01 14.81
CA GLY V 60 18.47 -37.19 15.68
C GLY V 60 18.47 -38.50 14.90
N SER V 61 17.54 -38.62 13.97
CA SER V 61 17.44 -39.77 13.07
C SER V 61 18.67 -39.92 12.17
N ASN V 62 19.05 -38.85 11.48
CA ASN V 62 20.22 -38.91 10.61
C ASN V 62 21.54 -39.15 11.34
N ILE V 63 21.69 -38.52 12.51
CA ILE V 63 22.87 -38.72 13.37
C ILE V 63 22.99 -40.17 13.83
N GLU V 64 21.88 -40.79 14.23
CA GLU V 64 21.94 -42.17 14.65
C GLU V 64 22.44 -43.01 13.48
N LEU V 65 21.78 -42.88 12.34
CA LEU V 65 22.14 -43.59 11.11
C LEU V 65 23.62 -43.42 10.79
N HIS V 66 24.13 -42.22 11.04
CA HIS V 66 25.52 -41.90 10.79
C HIS V 66 26.42 -42.68 11.74
N SER V 67 26.10 -42.64 13.02
CA SER V 67 26.88 -43.29 14.07
C SER V 67 26.96 -44.82 13.89
N LEU V 68 25.90 -45.42 13.36
CA LEU V 68 25.89 -46.84 13.06
C LEU V 68 26.80 -47.13 11.88
N TYR V 69 26.59 -46.40 10.78
CA TYR V 69 27.40 -46.52 9.57
C TYR V 69 28.88 -46.43 9.89
N THR V 70 29.26 -45.48 10.75
CA THR V 70 30.67 -45.18 11.02
C THR V 70 31.26 -45.88 12.24
N SER V 71 30.41 -46.58 13.01
CA SER V 71 30.83 -47.28 14.23
C SER V 71 31.52 -46.37 15.23
N ARG V 72 31.01 -45.14 15.33
CA ARG V 72 31.57 -44.10 16.20
C ARG V 72 30.48 -43.36 16.95
N GLU V 73 30.77 -43.00 18.20
CA GLU V 73 29.91 -42.10 18.95
C GLU V 73 29.67 -40.82 18.11
N PRO V 74 28.45 -40.26 18.20
CA PRO V 74 28.12 -39.06 17.42
C PRO V 74 28.87 -37.85 17.94
N ARG V 75 29.31 -36.99 17.03
CA ARG V 75 29.95 -35.74 17.42
C ARG V 75 28.93 -34.58 17.47
N VAL V 76 29.13 -33.68 18.44
CA VAL V 76 28.25 -32.52 18.58
C VAL V 76 28.45 -31.61 17.38
N VAL V 77 29.70 -31.47 16.94
CA VAL V 77 29.97 -30.69 15.73
C VAL V 77 29.22 -31.24 14.51
N SER V 78 28.87 -32.53 14.54
CA SER V 78 28.10 -33.15 13.46
C SER V 78 26.65 -32.74 13.52
N ALA V 79 26.06 -32.80 14.72
CA ALA V 79 24.69 -32.33 14.93
C ALA V 79 24.60 -30.89 14.44
N LEU V 80 25.50 -30.06 14.95
CA LEU V 80 25.62 -28.65 14.55
C LEU V 80 25.58 -28.46 13.04
N GLN V 81 26.52 -29.06 12.35
CA GLN V 81 26.62 -28.91 10.91
C GLN V 81 25.35 -29.35 10.19
N MET V 82 24.81 -30.48 10.63
CA MET V 82 23.62 -31.03 10.02
C MET V 82 22.44 -30.09 10.18
N LEU V 83 22.31 -29.52 11.38
CA LEU V 83 21.25 -28.55 11.71
C LEU V 83 21.40 -27.26 10.89
N LYS V 84 22.51 -26.57 11.13
CA LYS V 84 22.92 -25.39 10.37
C LYS V 84 22.53 -25.44 8.88
N GLN V 85 22.93 -26.49 8.19
CA GLN V 85 22.74 -26.51 6.74
C GLN V 85 21.29 -26.71 6.33
N HIS V 86 20.53 -27.33 7.23
CA HIS V 86 19.13 -27.60 7.00
C HIS V 86 18.33 -26.32 7.22
N LEU V 87 18.53 -25.69 8.39
CA LEU V 87 17.88 -24.44 8.70
C LEU V 87 18.14 -23.42 7.61
N PHE V 88 19.42 -23.25 7.26
CA PHE V 88 19.84 -22.30 6.25
C PHE V 88 19.11 -22.50 4.92
N LYS V 89 18.98 -23.75 4.51
CA LYS V 89 18.36 -24.09 3.23
C LYS V 89 16.95 -23.50 3.13
N TYR V 90 16.31 -23.32 4.29
CA TYR V 90 14.94 -22.76 4.37
C TYR V 90 14.94 -21.30 4.77
N GLN V 91 15.76 -20.50 4.07
CA GLN V 91 16.17 -19.16 4.49
C GLN V 91 15.33 -18.48 5.61
N GLY V 92 15.16 -19.16 6.75
CA GLY V 92 14.48 -18.61 7.94
C GLY V 92 13.13 -19.20 8.32
N HIS V 93 12.45 -19.82 7.36
CA HIS V 93 11.06 -20.29 7.50
C HIS V 93 10.79 -21.40 8.51
N ILE V 94 11.84 -22.07 8.96
CA ILE V 94 11.71 -23.03 10.04
C ILE V 94 12.15 -22.31 11.30
N GLY V 95 11.15 -21.88 12.07
CA GLY V 95 11.38 -21.04 13.25
C GLY V 95 12.00 -21.80 14.38
N ALA V 96 13.20 -22.30 14.15
CA ALA V 96 13.88 -23.12 15.13
C ALA V 96 15.09 -22.38 15.66
N TYR V 97 15.01 -21.99 16.92
CA TYR V 97 16.16 -21.45 17.63
C TYR V 97 16.53 -22.46 18.70
N LEU V 98 17.77 -22.94 18.65
CA LEU V 98 18.21 -24.03 19.53
C LEU V 98 19.48 -23.75 20.31
N ILE V 99 19.57 -24.33 21.51
CA ILE V 99 20.87 -24.50 22.18
C ILE V 99 21.21 -25.99 22.21
N VAL V 100 22.31 -26.35 21.55
CA VAL V 100 22.73 -27.74 21.50
C VAL V 100 24.01 -27.90 22.32
N ALA V 101 23.99 -28.90 23.20
CA ALA V 101 25.13 -29.20 24.04
C ALA V 101 25.28 -30.69 24.18
N GLY V 102 26.54 -31.14 24.31
CA GLY V 102 26.81 -32.55 24.55
C GLY V 102 28.26 -32.88 24.76
N VAL V 103 28.52 -34.14 25.12
CA VAL V 103 29.87 -34.69 25.14
C VAL V 103 30.02 -35.75 24.05
N ASP V 104 31.21 -35.78 23.46
CA ASP V 104 31.62 -36.86 22.56
C ASP V 104 33.09 -37.18 22.87
N PRO V 105 33.73 -38.06 22.06
CA PRO V 105 35.14 -38.32 22.32
C PRO V 105 36.12 -37.14 22.20
N THR V 106 35.73 -36.06 21.55
CA THR V 106 36.60 -34.87 21.47
C THR V 106 36.57 -33.98 22.72
N GLY V 107 35.45 -33.99 23.44
CA GLY V 107 35.30 -33.20 24.68
C GLY V 107 33.88 -32.71 24.90
N SER V 108 33.73 -31.65 25.71
CA SER V 108 32.43 -31.03 25.91
C SER V 108 32.25 -29.85 24.96
N HIS V 109 31.03 -29.68 24.46
CA HIS V 109 30.74 -28.63 23.49
C HIS V 109 29.43 -27.91 23.81
N LEU V 110 29.38 -26.62 23.49
CA LEU V 110 28.18 -25.81 23.66
C LEU V 110 28.07 -24.88 22.45
N PHE V 111 26.97 -25.01 21.72
CA PHE V 111 26.70 -24.13 20.59
C PHE V 111 25.27 -23.63 20.69
N SER V 112 24.94 -22.58 19.94
CA SER V 112 23.55 -22.19 19.72
C SER V 112 23.26 -22.08 18.22
N ILE V 113 22.02 -22.30 17.81
CA ILE V 113 21.63 -22.14 16.40
C ILE V 113 20.39 -21.27 16.23
N HIS V 114 20.43 -20.38 15.23
CA HIS V 114 19.28 -19.52 14.94
C HIS V 114 18.53 -19.94 13.68
N ALA V 115 17.23 -19.65 13.64
CA ALA V 115 16.37 -20.11 12.55
C ALA V 115 16.95 -19.91 11.16
N HIS V 116 17.82 -18.93 11.00
CA HIS V 116 18.36 -18.63 9.68
C HIS V 116 19.52 -19.51 9.30
N GLY V 117 20.17 -20.05 10.31
CA GLY V 117 21.27 -21.00 10.13
C GLY V 117 22.61 -20.43 10.47
N SER V 118 22.65 -19.54 11.45
CA SER V 118 23.91 -19.06 12.00
C SER V 118 24.15 -19.73 13.34
N THR V 119 25.40 -20.15 13.59
CA THR V 119 25.74 -20.77 14.86
C THR V 119 26.74 -19.92 15.62
N ASP V 120 26.79 -20.10 16.92
CA ASP V 120 27.77 -19.43 17.78
C ASP V 120 28.19 -20.29 18.96
N VAL V 121 29.49 -20.31 19.22
CA VAL V 121 30.06 -21.08 20.31
C VAL V 121 30.21 -20.17 21.53
N GLY V 122 29.93 -20.70 22.70
CA GLY V 122 30.09 -19.93 23.92
C GLY V 122 30.36 -20.82 25.11
N TYR V 123 30.72 -20.20 26.24
CA TYR V 123 30.92 -20.92 27.50
C TYR V 123 29.66 -20.89 28.36
N TYR V 124 28.74 -20.02 27.96
CA TYR V 124 27.41 -19.87 28.57
C TYR V 124 26.54 -19.11 27.57
N LEU V 125 25.30 -19.58 27.38
CA LEU V 125 24.37 -19.03 26.41
C LEU V 125 22.92 -19.15 26.88
N SER V 126 22.03 -18.34 26.30
CA SER V 126 20.59 -18.45 26.56
C SER V 126 19.75 -18.09 25.32
N LEU V 127 18.52 -18.58 25.27
CA LEU V 127 17.59 -18.24 24.18
C LEU V 127 16.14 -18.25 24.63
N GLY V 128 15.32 -17.44 23.98
CA GLY V 128 13.87 -17.45 24.18
C GLY V 128 13.37 -16.11 24.69
N SER V 129 12.06 -16.02 24.90
CA SER V 129 11.48 -14.80 25.48
C SER V 129 12.14 -14.46 26.83
N GLY V 130 12.35 -15.47 27.69
CA GLY V 130 13.06 -15.27 28.95
C GLY V 130 14.57 -15.08 28.85
N SER V 131 15.05 -14.81 27.64
CA SER V 131 16.47 -14.89 27.33
C SER V 131 17.37 -13.90 28.07
N LEU V 132 17.02 -12.62 28.01
CA LEU V 132 17.82 -11.53 28.60
C LEU V 132 17.73 -11.52 30.13
N ALA V 133 16.64 -12.10 30.65
CA ALA V 133 16.50 -12.29 32.08
C ALA V 133 17.56 -13.27 32.58
N ALA V 134 17.62 -14.43 31.94
CA ALA V 134 18.65 -15.44 32.21
C ALA V 134 20.05 -14.86 32.07
N MET V 135 20.32 -14.28 30.91
CA MET V 135 21.64 -13.76 30.58
C MET V 135 22.15 -12.75 31.60
N ALA V 136 21.25 -12.03 32.25
CA ALA V 136 21.61 -11.11 33.32
C ALA V 136 22.27 -11.85 34.48
N VAL V 137 21.63 -12.94 34.89
CA VAL V 137 22.12 -13.81 35.95
C VAL V 137 23.48 -14.40 35.56
N LEU V 138 23.56 -14.94 34.34
CA LEU V 138 24.78 -15.60 33.86
C LEU V 138 25.93 -14.64 33.91
N GLU V 139 25.77 -13.46 33.31
CA GLU V 139 26.82 -12.45 33.29
C GLU V 139 27.24 -12.01 34.68
N SER V 140 26.29 -12.00 35.61
CA SER V 140 26.55 -11.62 37.00
C SER V 140 27.35 -12.64 37.82
N HIS V 141 27.19 -13.93 37.52
CA HIS V 141 27.77 -14.98 38.36
C HIS V 141 28.78 -15.91 37.70
N TRP V 142 28.69 -16.12 36.38
CA TRP V 142 29.57 -17.06 35.68
C TRP V 142 31.04 -16.77 35.91
N LYS V 143 31.80 -17.85 36.12
CA LYS V 143 33.26 -17.78 36.17
C LYS V 143 33.87 -18.97 35.43
N GLN V 144 35.12 -18.81 35.03
CA GLN V 144 35.87 -19.89 34.41
C GLN V 144 36.21 -20.92 35.49
N ASP V 145 36.14 -22.19 35.12
CA ASP V 145 36.39 -23.31 36.06
C ASP V 145 35.30 -23.41 37.11
N LEU V 146 34.12 -23.87 36.68
CA LEU V 146 33.01 -24.16 37.58
C LEU V 146 32.95 -25.65 37.84
N THR V 147 32.59 -26.03 39.05
CA THR V 147 32.30 -27.43 39.35
C THR V 147 30.88 -27.78 38.84
N LYS V 148 30.60 -29.08 38.71
CA LYS V 148 29.25 -29.56 38.39
C LYS V 148 28.16 -28.99 39.31
N GLU V 149 28.44 -28.86 40.60
CA GLU V 149 27.48 -28.29 41.57
C GLU V 149 27.23 -26.84 41.27
N GLU V 150 28.32 -26.12 41.00
CA GLU V 150 28.32 -24.71 40.67
C GLU V 150 27.59 -24.45 39.35
N ALA V 151 27.77 -25.35 38.39
CA ALA V 151 27.15 -25.21 37.07
C ALA V 151 25.63 -25.33 37.12
N ILE V 152 25.13 -26.40 37.75
CA ILE V 152 23.69 -26.63 37.89
C ILE V 152 23.02 -25.49 38.68
N LYS V 153 23.61 -25.10 39.80
CA LYS V 153 23.14 -23.96 40.58
C LYS V 153 22.97 -22.74 39.68
N LEU V 154 24.01 -22.39 38.92
CA LEU V 154 24.02 -21.26 38.02
C LEU V 154 23.00 -21.39 36.90
N ALA V 155 22.99 -22.54 36.24
CA ALA V 155 22.01 -22.83 35.18
C ALA V 155 20.57 -22.75 35.72
N SER V 156 20.39 -23.18 36.96
CA SER V 156 19.08 -23.14 37.62
C SER V 156 18.63 -21.70 37.94
N ASP V 157 19.55 -20.92 38.52
CA ASP V 157 19.29 -19.51 38.83
C ASP V 157 18.92 -18.70 37.58
N ALA V 158 19.49 -19.10 36.45
CA ALA V 158 19.27 -18.42 35.17
C ALA V 158 17.89 -18.70 34.58
N ILE V 159 17.42 -19.94 34.69
CA ILE V 159 16.06 -20.27 34.26
C ILE V 159 15.07 -19.60 35.21
N GLN V 160 15.45 -19.51 36.50
CA GLN V 160 14.60 -18.90 37.50
C GLN V 160 14.30 -17.44 37.20
N ALA V 161 15.34 -16.66 36.91
CA ALA V 161 15.17 -15.27 36.46
C ALA V 161 14.15 -15.19 35.34
N GLY V 162 14.25 -16.12 34.38
CA GLY V 162 13.28 -16.23 33.29
C GLY V 162 11.88 -16.59 33.73
N ILE V 163 11.77 -17.51 34.69
CA ILE V 163 10.46 -17.94 35.17
C ILE V 163 9.67 -16.78 35.83
N TRP V 164 10.29 -16.12 36.80
CA TRP V 164 9.64 -15.05 37.51
C TRP V 164 9.44 -13.84 36.60
N ASN V 165 10.56 -13.30 36.10
CA ASN V 165 10.56 -12.01 35.43
C ASN V 165 10.02 -11.98 34.00
N ASP V 166 9.91 -13.15 33.38
CA ASP V 166 9.38 -13.23 32.02
C ASP V 166 8.01 -13.90 32.03
N LEU V 167 7.14 -13.41 31.15
CA LEU V 167 5.76 -13.88 31.12
C LEU V 167 5.63 -15.04 30.17
N GLY V 168 6.64 -15.19 29.31
CA GLY V 168 6.66 -16.27 28.33
C GLY V 168 7.22 -17.55 28.91
N SER V 169 7.64 -17.48 30.17
CA SER V 169 8.26 -18.60 30.86
C SER V 169 7.66 -18.75 32.23
N GLY V 170 7.55 -19.99 32.68
CA GLY V 170 7.15 -20.27 34.06
C GLY V 170 7.26 -21.72 34.49
N SER V 171 6.58 -22.03 35.59
CA SER V 171 6.41 -23.39 36.12
C SER V 171 7.68 -23.96 36.72
N ASN V 172 8.30 -24.90 36.02
CA ASN V 172 9.40 -25.68 36.59
C ASN V 172 10.70 -25.61 35.80
N VAL V 173 11.76 -26.16 36.39
CA VAL V 173 13.10 -26.19 35.80
C VAL V 173 13.54 -27.63 35.47
N ASP V 174 13.63 -27.96 34.18
CA ASP V 174 14.26 -29.20 33.71
C ASP V 174 15.75 -28.96 33.52
N VAL V 175 16.58 -29.90 33.96
CA VAL V 175 18.03 -29.77 33.82
C VAL V 175 18.60 -31.06 33.25
N CYS V 176 19.62 -30.95 32.41
CA CYS V 176 20.35 -32.11 31.90
C CYS V 176 21.85 -31.91 31.96
N VAL V 177 22.53 -32.77 32.73
CA VAL V 177 23.98 -32.65 32.89
C VAL V 177 24.68 -33.64 31.98
N MET V 178 25.72 -33.18 31.31
CA MET V 178 26.58 -34.06 30.54
C MET V 178 28.02 -33.88 31.01
N GLU V 179 28.70 -35.00 31.26
CA GLU V 179 30.06 -34.99 31.78
C GLU V 179 30.92 -35.90 30.88
N ILE V 180 32.19 -35.57 30.68
CA ILE V 180 33.02 -36.32 29.72
C ILE V 180 33.22 -37.77 30.18
N GLY V 181 33.28 -37.99 31.48
CA GLY V 181 33.42 -39.34 32.01
C GLY V 181 32.19 -40.24 31.88
N LYS V 182 31.01 -39.70 32.21
CA LYS V 182 29.86 -40.53 32.59
C LYS V 182 28.72 -40.61 31.55
N ASP V 183 27.52 -40.98 32.01
CA ASP V 183 26.29 -40.91 31.22
C ASP V 183 25.69 -39.53 31.37
N ALA V 184 25.05 -39.05 30.31
CA ALA V 184 24.20 -37.88 30.41
C ALA V 184 23.07 -38.14 31.42
N GLU V 185 22.87 -37.22 32.37
CA GLU V 185 21.76 -37.38 33.32
C GLU V 185 20.66 -36.31 33.25
N TYR V 186 19.46 -36.78 32.92
CA TYR V 186 18.32 -35.93 32.65
C TYR V 186 17.50 -35.77 33.92
N LEU V 187 17.59 -34.59 34.51
CA LEU V 187 16.84 -34.29 35.73
C LEU V 187 15.54 -33.55 35.43
N ARG V 188 14.55 -34.27 34.90
CA ARG V 188 13.19 -33.74 34.71
C ARG V 188 12.61 -33.21 36.02
N ASN V 189 11.88 -32.09 35.95
CA ASN V 189 11.33 -31.42 37.13
C ASN V 189 12.32 -31.33 38.29
N TYR V 190 13.50 -30.81 38.00
CA TYR V 190 14.55 -30.67 38.99
C TYR V 190 14.18 -29.62 40.04
N LEU V 191 13.32 -28.69 39.65
CA LEU V 191 12.73 -27.72 40.58
C LEU V 191 11.25 -27.55 40.34
N THR V 192 10.49 -27.46 41.42
CA THR V 192 9.05 -27.22 41.33
C THR V 192 8.59 -26.09 42.28
N PRO V 193 9.05 -24.84 42.02
CA PRO V 193 8.72 -23.74 42.92
C PRO V 193 7.29 -23.21 42.74
N ASN V 194 6.68 -23.50 41.59
CA ASN V 194 5.30 -23.13 41.31
C ASN V 194 4.38 -24.33 41.46
N VAL V 195 3.85 -24.49 42.67
CA VAL V 195 2.79 -25.45 42.93
C VAL V 195 1.50 -24.62 42.93
N ARG V 196 0.43 -25.18 42.37
CA ARG V 196 -0.89 -24.56 42.45
C ARG V 196 -1.43 -24.74 43.87
N GLU V 197 -1.92 -23.66 44.48
CA GLU V 197 -2.49 -23.76 45.82
C GLU V 197 -3.81 -24.53 45.80
N GLU V 198 -4.14 -25.15 46.92
CA GLU V 198 -5.36 -25.93 47.01
C GLU V 198 -6.53 -24.97 46.85
N LYS V 199 -7.45 -25.30 45.94
CA LYS V 199 -8.60 -24.43 45.67
C LYS V 199 -9.54 -24.33 46.86
N GLN V 200 -10.44 -23.35 46.82
CA GLN V 200 -11.28 -23.04 47.97
C GLN V 200 -12.52 -23.96 48.10
N LYS V 201 -12.79 -24.72 47.03
CA LYS V 201 -14.06 -25.42 46.89
C LYS V 201 -13.89 -26.55 45.88
N SER V 202 -14.53 -27.68 46.13
CA SER V 202 -14.56 -28.76 45.15
C SER V 202 -15.71 -28.53 44.20
N TYR V 203 -15.45 -28.55 42.89
CA TYR V 203 -16.51 -28.23 41.93
C TYR V 203 -17.12 -29.46 41.30
N LYS V 204 -17.00 -30.56 42.02
CA LYS V 204 -17.64 -31.83 41.69
C LYS V 204 -19.14 -31.62 41.68
N PHE V 205 -19.80 -32.05 40.61
CA PHE V 205 -21.23 -31.88 40.46
C PHE V 205 -21.97 -33.09 41.02
N PRO V 206 -23.17 -32.90 41.60
CA PRO V 206 -24.05 -34.02 41.86
C PRO V 206 -24.42 -34.73 40.54
N ARG V 207 -24.46 -36.06 40.56
CA ARG V 207 -24.76 -36.83 39.36
C ARG V 207 -26.18 -36.58 38.90
N GLY V 208 -26.37 -36.56 37.58
CA GLY V 208 -27.66 -36.25 36.99
C GLY V 208 -27.85 -34.77 36.68
N THR V 209 -26.86 -33.95 37.09
CA THR V 209 -26.87 -32.51 36.85
C THR V 209 -27.01 -32.11 35.38
N THR V 210 -26.38 -32.88 34.48
CA THR V 210 -26.45 -32.55 33.06
C THR V 210 -27.65 -33.19 32.42
N ALA V 211 -28.33 -32.45 31.56
CA ALA V 211 -29.46 -32.98 30.80
C ALA V 211 -28.95 -33.76 29.61
N VAL V 212 -29.62 -34.88 29.33
CA VAL V 212 -29.24 -35.82 28.28
C VAL V 212 -30.42 -36.01 27.31
N LEU V 213 -30.17 -36.00 26.00
CA LEU V 213 -31.23 -36.22 25.00
C LEU V 213 -31.46 -37.69 24.62
N LYS V 214 -30.38 -38.40 24.30
CA LYS V 214 -30.42 -39.84 24.02
C LYS V 214 -29.06 -40.45 24.38
N GLU V 215 -28.98 -41.78 24.40
CA GLU V 215 -27.82 -42.47 24.96
C GLU V 215 -27.58 -43.81 24.29
N SER V 216 -26.36 -44.05 23.83
CA SER V 216 -26.02 -45.30 23.13
C SER V 216 -24.67 -45.88 23.55
N ILE V 217 -24.50 -47.17 23.31
CA ILE V 217 -23.24 -47.87 23.57
C ILE V 217 -22.54 -48.04 22.23
N VAL V 218 -21.30 -47.57 22.14
CA VAL V 218 -20.57 -47.60 20.87
C VAL V 218 -19.75 -48.87 20.70
N ASN V 219 -19.82 -49.42 19.50
CA ASN V 219 -19.08 -50.60 19.12
C ASN V 219 -17.63 -50.26 18.73
N ILE V 220 -16.68 -50.93 19.39
CA ILE V 220 -15.25 -50.69 19.18
C ILE V 220 -14.60 -51.74 18.26
N CYS V 221 -14.93 -53.01 18.50
CA CYS V 221 -14.32 -54.16 17.80
C CYS V 221 -15.03 -54.48 16.48
N ASP V 222 -14.91 -55.74 16.03
CA ASP V 222 -15.54 -56.24 14.78
C ASP V 222 -15.55 -57.78 14.67
N SER W 1 -13.19 -15.28 7.42
CA SER W 1 -11.98 -15.08 6.57
C SER W 1 -10.74 -15.83 7.10
N ASP W 2 -10.57 -15.84 8.43
CA ASP W 2 -9.53 -16.64 9.07
C ASP W 2 -10.02 -18.10 9.19
N PRO W 3 -9.32 -19.05 8.53
CA PRO W 3 -9.80 -20.42 8.27
C PRO W 3 -10.32 -21.17 9.49
N SER W 4 -9.65 -21.00 10.62
CA SER W 4 -9.99 -21.71 11.84
C SER W 4 -11.31 -21.21 12.46
N SER W 5 -11.80 -20.09 11.96
CA SER W 5 -13.01 -19.42 12.48
C SER W 5 -14.23 -19.42 11.55
N ILE W 6 -14.16 -20.04 10.39
CA ILE W 6 -15.30 -20.02 9.47
C ILE W 6 -16.44 -20.93 9.97
N ASN W 7 -16.07 -22.14 10.41
CA ASN W 7 -17.04 -23.18 10.76
C ASN W 7 -17.29 -23.32 12.25
N GLY W 8 -16.39 -22.75 13.05
CA GLY W 8 -16.50 -22.78 14.50
C GLY W 8 -16.43 -24.18 15.08
N GLY W 9 -16.85 -24.32 16.33
CA GLY W 9 -16.89 -25.64 16.93
C GLY W 9 -15.77 -25.87 17.92
N ILE W 10 -16.02 -26.79 18.85
CA ILE W 10 -15.09 -27.08 19.93
C ILE W 10 -14.98 -28.57 20.25
N VAL W 11 -13.81 -28.96 20.77
CA VAL W 11 -13.56 -30.29 21.27
C VAL W 11 -12.79 -30.14 22.57
N VAL W 12 -13.00 -31.09 23.48
CA VAL W 12 -12.32 -31.11 24.76
C VAL W 12 -12.20 -32.57 25.21
N ALA W 13 -11.10 -32.89 25.87
CA ALA W 13 -10.85 -34.23 26.38
C ALA W 13 -10.31 -34.17 27.80
N MET W 14 -10.69 -35.15 28.62
CA MET W 14 -10.26 -35.21 30.03
C MET W 14 -9.94 -36.63 30.52
N THR W 15 -9.12 -36.71 31.56
CA THR W 15 -8.74 -37.99 32.15
C THR W 15 -9.31 -38.18 33.56
N GLY W 16 -9.92 -39.33 33.77
CA GLY W 16 -10.40 -39.74 35.09
C GLY W 16 -9.68 -41.00 35.52
N LYS W 17 -10.19 -41.62 36.59
CA LYS W 17 -9.64 -42.88 37.11
C LYS W 17 -10.03 -44.04 36.19
N ASP W 18 -9.01 -44.61 35.54
CA ASP W 18 -9.17 -45.75 34.61
C ASP W 18 -10.16 -45.43 33.49
N CYS W 19 -10.18 -44.17 33.06
CA CYS W 19 -11.10 -43.74 32.00
C CYS W 19 -10.71 -42.39 31.42
N VAL W 20 -11.20 -42.13 30.20
CA VAL W 20 -11.04 -40.82 29.56
C VAL W 20 -12.34 -40.41 28.93
N ALA W 21 -12.48 -39.11 28.66
CA ALA W 21 -13.70 -38.57 28.09
C ALA W 21 -13.35 -37.53 27.05
N ILE W 22 -14.10 -37.54 25.95
CA ILE W 22 -13.91 -36.59 24.87
C ILE W 22 -15.28 -36.08 24.38
N ALA W 23 -15.41 -34.77 24.20
CA ALA W 23 -16.69 -34.19 23.83
C ALA W 23 -16.56 -33.10 22.80
N CYS W 24 -17.53 -33.00 21.89
CA CYS W 24 -17.58 -31.91 20.92
C CYS W 24 -18.97 -31.27 20.86
N ASP W 25 -19.04 -30.02 20.41
CA ASP W 25 -20.32 -29.42 20.03
C ASP W 25 -20.73 -29.97 18.66
N LEU W 26 -21.87 -29.56 18.13
CA LEU W 26 -22.38 -30.16 16.90
C LEU W 26 -22.58 -29.19 15.76
N ARG W 27 -22.13 -27.96 15.96
CA ARG W 27 -22.43 -26.90 15.00
C ARG W 27 -21.51 -26.91 13.78
N LEU W 28 -22.11 -26.73 12.62
CA LEU W 28 -21.37 -26.35 11.44
C LEU W 28 -21.97 -25.03 10.98
N GLY W 29 -21.14 -24.01 10.88
CA GLY W 29 -21.59 -22.72 10.38
C GLY W 29 -20.84 -22.30 9.15
N SER W 30 -21.26 -21.18 8.58
CA SER W 30 -20.45 -20.42 7.63
C SER W 30 -20.56 -18.98 8.07
N GLN W 31 -19.58 -18.54 8.86
CA GLN W 31 -19.62 -17.26 9.58
C GLN W 31 -20.86 -17.27 10.49
N SER W 32 -21.71 -16.27 10.35
CA SER W 32 -22.89 -16.10 11.18
C SER W 32 -23.98 -17.15 10.95
N LEU W 33 -24.13 -17.58 9.69
CA LEU W 33 -25.18 -18.52 9.33
C LEU W 33 -24.89 -19.93 9.85
N GLY W 34 -25.76 -20.47 10.68
CA GLY W 34 -25.64 -21.87 11.09
C GLY W 34 -26.11 -22.78 9.97
N VAL W 35 -25.38 -23.86 9.69
CA VAL W 35 -25.72 -24.74 8.56
C VAL W 35 -26.17 -26.15 8.99
N SER W 36 -25.50 -26.73 10.00
CA SER W 36 -25.85 -28.06 10.48
C SER W 36 -25.73 -28.26 12.01
N ASN W 37 -26.63 -29.09 12.55
CA ASN W 37 -26.63 -29.50 13.95
C ASN W 37 -26.08 -30.91 14.13
N LYS W 38 -25.64 -31.52 13.03
CA LYS W 38 -25.30 -32.93 13.04
C LYS W 38 -23.82 -33.19 12.74
N PHE W 39 -23.08 -32.12 12.48
CA PHE W 39 -21.64 -32.20 12.23
C PHE W 39 -20.85 -32.59 13.48
N GLU W 40 -20.63 -33.89 13.64
CA GLU W 40 -19.85 -34.41 14.75
C GLU W 40 -18.37 -34.26 14.44
N LYS W 41 -17.59 -34.00 15.47
CA LYS W 41 -16.19 -33.69 15.31
C LYS W 41 -15.30 -34.72 15.98
N ILE W 42 -15.91 -35.78 16.50
CA ILE W 42 -15.18 -36.89 17.11
C ILE W 42 -15.34 -38.17 16.32
N PHE W 43 -14.22 -38.78 15.98
CA PHE W 43 -14.17 -40.02 15.22
C PHE W 43 -13.38 -41.04 16.00
N HIS W 44 -13.49 -42.30 15.61
CA HIS W 44 -12.66 -43.33 16.25
C HIS W 44 -12.10 -44.33 15.25
N TYR W 45 -10.91 -44.81 15.56
CA TYR W 45 -10.24 -45.85 14.79
C TYR W 45 -9.85 -46.95 15.77
N GLY W 46 -10.71 -47.97 15.86
CA GLY W 46 -10.57 -48.99 16.91
C GLY W 46 -10.96 -48.37 18.22
N HIS W 47 -10.09 -48.46 19.22
CA HIS W 47 -10.40 -47.91 20.53
C HIS W 47 -9.79 -46.52 20.71
N VAL W 48 -9.31 -45.95 19.61
CA VAL W 48 -8.64 -44.67 19.66
C VAL W 48 -9.56 -43.59 19.11
N PHE W 49 -9.70 -42.51 19.87
CA PHE W 49 -10.60 -41.44 19.49
C PHE W 49 -9.88 -40.17 19.10
N LEU W 50 -10.38 -39.53 18.06
CA LEU W 50 -9.83 -38.26 17.58
C LEU W 50 -10.95 -37.24 17.33
N GLY W 51 -10.82 -36.07 17.96
CA GLY W 51 -11.67 -34.92 17.66
C GLY W 51 -10.89 -33.89 16.85
N ILE W 52 -11.55 -33.28 15.87
CA ILE W 52 -10.87 -32.28 15.05
C ILE W 52 -11.72 -31.02 14.97
N THR W 53 -11.13 -29.87 15.35
CA THR W 53 -11.75 -28.56 15.16
C THR W 53 -11.11 -27.79 14.00
N GLY W 54 -11.70 -26.68 13.60
CA GLY W 54 -11.10 -25.85 12.56
C GLY W 54 -11.83 -26.02 11.25
N LEU W 55 -11.19 -25.64 10.15
CA LEU W 55 -11.83 -25.65 8.83
C LEU W 55 -12.48 -27.02 8.57
N ALA W 56 -13.75 -27.03 8.17
CA ALA W 56 -14.57 -28.25 8.13
C ALA W 56 -14.15 -29.24 7.05
N THR W 57 -13.84 -28.71 5.86
CA THR W 57 -13.30 -29.55 4.77
C THR W 57 -12.05 -30.33 5.24
N ASP W 58 -11.26 -29.71 6.11
CA ASP W 58 -10.06 -30.34 6.65
C ASP W 58 -10.37 -31.37 7.72
N VAL W 59 -11.30 -31.05 8.62
CA VAL W 59 -11.75 -32.04 9.60
C VAL W 59 -12.13 -33.34 8.89
N THR W 60 -12.91 -33.22 7.82
CA THR W 60 -13.35 -34.36 7.04
C THR W 60 -12.15 -35.08 6.37
N THR W 61 -11.39 -34.35 5.55
CA THR W 61 -10.23 -34.91 4.86
C THR W 61 -9.30 -35.66 5.80
N LEU W 62 -9.03 -35.07 6.98
CA LEU W 62 -8.20 -35.72 7.98
C LEU W 62 -8.80 -37.03 8.49
N ASN W 63 -10.10 -37.02 8.79
CA ASN W 63 -10.74 -38.25 9.25
C ASN W 63 -10.61 -39.34 8.18
N GLU W 64 -11.02 -39.02 6.96
CA GLU W 64 -10.82 -39.90 5.82
C GLU W 64 -9.38 -40.43 5.78
N MET W 65 -8.40 -39.52 5.86
CA MET W 65 -6.98 -39.90 5.87
C MET W 65 -6.57 -40.85 7.00
N PHE W 66 -6.98 -40.56 8.23
CA PHE W 66 -6.59 -41.39 9.39
C PHE W 66 -7.32 -42.74 9.44
N ARG W 67 -8.53 -42.81 8.88
CA ARG W 67 -9.22 -44.07 8.65
C ARG W 67 -8.35 -44.89 7.72
N TYR W 68 -8.14 -44.36 6.51
CA TYR W 68 -7.26 -44.94 5.50
C TYR W 68 -5.91 -45.40 6.04
N LYS W 69 -5.25 -44.55 6.83
CA LYS W 69 -3.94 -44.87 7.38
C LYS W 69 -3.95 -45.90 8.50
N THR W 70 -4.92 -45.84 9.40
CA THR W 70 -5.02 -46.84 10.48
C THR W 70 -5.50 -48.20 9.97
N ASN W 71 -6.38 -48.19 8.96
CA ASN W 71 -6.79 -49.39 8.26
C ASN W 71 -5.59 -50.23 7.82
N LEU W 72 -4.71 -49.63 7.02
CA LEU W 72 -3.50 -50.28 6.55
C LEU W 72 -2.58 -50.64 7.72
N TYR W 73 -2.64 -49.88 8.80
CA TYR W 73 -1.79 -50.16 9.96
C TYR W 73 -2.23 -51.45 10.61
N LYS W 74 -3.54 -51.68 10.64
CA LYS W 74 -4.09 -52.89 11.23
C LYS W 74 -3.68 -54.10 10.40
N LEU W 75 -3.83 -54.00 9.08
CA LEU W 75 -3.50 -55.07 8.13
C LEU W 75 -2.03 -55.51 8.19
N LYS W 76 -1.13 -54.57 8.44
CA LYS W 76 0.30 -54.85 8.50
C LYS W 76 0.76 -55.37 9.87
N GLU W 77 0.31 -54.73 10.94
CA GLU W 77 0.80 -55.07 12.29
C GLU W 77 0.00 -56.18 12.94
N GLU W 78 -1.12 -56.56 12.30
CA GLU W 78 -2.11 -57.51 12.83
C GLU W 78 -2.53 -57.15 14.27
N ARG W 79 -2.87 -55.87 14.46
CA ARG W 79 -3.39 -55.36 15.73
C ARG W 79 -3.87 -53.92 15.57
N ALA W 80 -4.67 -53.44 16.51
CA ALA W 80 -5.20 -52.08 16.45
C ALA W 80 -4.20 -51.08 17.01
N ILE W 81 -4.17 -49.90 16.41
CA ILE W 81 -3.25 -48.83 16.83
C ILE W 81 -3.56 -48.36 18.26
N GLU W 82 -2.50 -48.13 19.04
CA GLU W 82 -2.60 -47.55 20.38
C GLU W 82 -2.57 -46.01 20.33
N PRO W 83 -3.07 -45.32 21.37
CA PRO W 83 -3.16 -43.86 21.32
C PRO W 83 -1.79 -43.17 21.22
N GLU W 84 -0.83 -43.63 22.01
CA GLU W 84 0.53 -43.08 21.99
C GLU W 84 1.12 -43.08 20.56
N THR W 85 0.92 -44.19 19.86
CA THR W 85 1.41 -44.34 18.50
C THR W 85 0.61 -43.47 17.55
N PHE W 86 -0.68 -43.32 17.81
CA PHE W 86 -1.55 -42.64 16.89
C PHE W 86 -1.28 -41.14 16.96
N THR W 87 -1.00 -40.68 18.18
CA THR W 87 -0.54 -39.32 18.41
C THR W 87 0.64 -39.04 17.47
N GLN W 88 1.69 -39.83 17.59
CA GLN W 88 2.86 -39.74 16.72
C GLN W 88 2.49 -39.73 15.25
N LEU W 89 1.48 -40.52 14.86
CA LEU W 89 1.07 -40.55 13.46
C LEU W 89 0.48 -39.20 13.05
N VAL W 90 -0.44 -38.69 13.87
CA VAL W 90 -1.08 -37.40 13.59
C VAL W 90 -0.06 -36.28 13.46
N SER W 91 0.80 -36.17 14.47
CA SER W 91 1.86 -35.18 14.51
C SER W 91 2.64 -35.17 13.19
N SER W 92 3.22 -36.31 12.83
CA SER W 92 4.05 -36.40 11.65
C SER W 92 3.26 -36.16 10.36
N SER W 93 2.00 -36.59 10.34
CA SER W 93 1.13 -36.46 9.17
C SER W 93 0.80 -35.01 8.93
N LEU W 94 0.65 -34.27 10.02
CA LEU W 94 0.40 -32.83 9.95
C LEU W 94 1.63 -32.02 9.51
N TYR W 95 2.80 -32.35 10.07
CA TYR W 95 4.05 -31.68 9.75
C TYR W 95 4.48 -31.92 8.30
N GLU W 96 4.08 -33.06 7.77
CA GLU W 96 4.25 -33.39 6.38
C GLU W 96 3.71 -32.27 5.49
N ARG W 97 2.75 -31.51 5.99
CA ARG W 97 2.10 -30.43 5.24
C ARG W 97 2.51 -29.04 5.77
N ARG W 98 3.70 -28.97 6.35
CA ARG W 98 4.23 -27.78 7.04
C ARG W 98 3.98 -26.44 6.35
N PHE W 99 4.19 -26.36 5.04
CA PHE W 99 4.09 -25.06 4.37
C PHE W 99 2.81 -24.86 3.58
N GLY W 100 1.81 -25.67 3.91
CA GLY W 100 0.45 -25.52 3.41
C GLY W 100 -0.40 -26.33 4.37
N PRO W 101 -0.47 -25.90 5.63
CA PRO W 101 -1.00 -26.79 6.64
C PRO W 101 -2.52 -26.93 6.58
N TYR W 102 -3.01 -27.99 7.21
CA TYR W 102 -4.43 -28.13 7.48
C TYR W 102 -4.77 -27.21 8.62
N PHE W 103 -5.90 -26.53 8.53
CA PHE W 103 -6.31 -25.61 9.57
C PHE W 103 -7.19 -26.34 10.56
N VAL W 104 -6.53 -27.16 11.37
CA VAL W 104 -7.20 -28.06 12.30
C VAL W 104 -6.58 -27.94 13.67
N GLY W 105 -7.31 -28.43 14.68
CA GLY W 105 -6.77 -28.52 16.03
C GLY W 105 -7.22 -29.84 16.63
N PRO W 106 -6.48 -30.94 16.32
CA PRO W 106 -6.95 -32.27 16.69
C PRO W 106 -6.69 -32.61 18.15
N VAL W 107 -7.53 -33.49 18.69
CA VAL W 107 -7.38 -34.02 20.05
C VAL W 107 -7.51 -35.53 20.03
N VAL W 108 -6.53 -36.22 20.61
CA VAL W 108 -6.56 -37.68 20.68
C VAL W 108 -6.95 -38.11 22.10
N ALA W 109 -7.82 -39.11 22.19
CA ALA W 109 -8.23 -39.66 23.47
C ALA W 109 -8.40 -41.18 23.34
N GLY W 110 -7.96 -41.89 24.38
CA GLY W 110 -8.11 -43.33 24.42
C GLY W 110 -7.30 -44.00 25.50
N ILE W 111 -7.64 -45.28 25.76
CA ILE W 111 -6.93 -46.07 26.76
C ILE W 111 -6.03 -47.12 26.13
N ASN W 112 -4.81 -47.19 26.64
CA ASN W 112 -3.83 -48.13 26.13
C ASN W 112 -4.21 -49.57 26.51
N SER W 113 -4.53 -50.39 25.51
CA SER W 113 -5.03 -51.75 25.77
C SER W 113 -4.02 -52.69 26.47
N LYS W 114 -2.73 -52.42 26.35
CA LYS W 114 -1.73 -53.20 27.08
C LYS W 114 -1.55 -52.65 28.51
N SER W 115 -1.33 -51.34 28.62
CA SER W 115 -0.95 -50.72 29.88
C SER W 115 -2.14 -50.37 30.76
N GLY W 116 -3.33 -50.33 30.16
CA GLY W 116 -4.55 -49.94 30.87
C GLY W 116 -4.69 -48.45 31.15
N LYS W 117 -3.58 -47.72 31.12
CA LYS W 117 -3.55 -46.32 31.55
C LYS W 117 -4.17 -45.36 30.53
N PRO W 118 -4.88 -44.31 31.01
CA PRO W 118 -5.56 -43.34 30.15
C PRO W 118 -4.57 -42.38 29.51
N PHE W 119 -4.93 -41.93 28.30
CA PHE W 119 -4.06 -41.07 27.51
C PHE W 119 -4.85 -40.09 26.66
N ILE W 120 -4.40 -38.83 26.69
CA ILE W 120 -4.95 -37.77 25.86
C ILE W 120 -3.81 -36.92 25.31
N ALA W 121 -4.03 -36.29 24.16
CA ALA W 121 -3.07 -35.34 23.60
C ALA W 121 -3.74 -34.39 22.62
N GLY W 122 -3.14 -33.21 22.46
CA GLY W 122 -3.54 -32.27 21.44
C GLY W 122 -2.35 -31.79 20.64
N PHE W 123 -2.61 -31.20 19.48
CA PHE W 123 -1.54 -30.65 18.65
C PHE W 123 -2.02 -29.33 18.07
N ASP W 124 -1.09 -28.50 17.59
CA ASP W 124 -1.46 -27.40 16.71
C ASP W 124 -1.47 -27.84 15.24
N LEU W 125 -1.79 -26.91 14.33
CA LEU W 125 -2.05 -27.20 12.92
C LEU W 125 -0.85 -27.79 12.17
N ILE W 126 0.35 -27.48 12.62
CA ILE W 126 1.55 -28.07 12.04
C ILE W 126 2.06 -29.29 12.83
N GLY W 127 1.33 -29.67 13.87
CA GLY W 127 1.54 -30.98 14.51
C GLY W 127 2.45 -31.03 15.72
N CYS W 128 2.68 -29.90 16.36
CA CYS W 128 3.37 -29.90 17.65
C CYS W 128 2.50 -30.58 18.70
N ILE W 129 2.97 -31.72 19.20
CA ILE W 129 2.26 -32.46 20.25
C ILE W 129 2.31 -31.70 21.57
N ASP W 130 1.14 -31.46 22.14
CA ASP W 130 1.01 -30.99 23.51
C ASP W 130 0.45 -32.15 24.32
N GLU W 131 1.20 -32.60 25.32
CA GLU W 131 0.74 -33.69 26.18
C GLU W 131 0.57 -33.27 27.64
N ALA W 132 -0.66 -32.91 27.98
CA ALA W 132 -1.03 -32.71 29.36
C ALA W 132 -1.74 -33.98 29.81
N LYS W 133 -1.59 -34.32 31.08
CA LYS W 133 -2.27 -35.48 31.64
C LYS W 133 -3.68 -35.15 32.16
N ASP W 134 -4.00 -33.85 32.31
CA ASP W 134 -5.32 -33.41 32.79
C ASP W 134 -6.39 -33.27 31.69
N PHE W 135 -6.28 -32.23 30.88
CA PHE W 135 -7.24 -31.95 29.82
C PHE W 135 -6.58 -31.28 28.62
N ILE W 136 -7.27 -31.37 27.49
CA ILE W 136 -6.85 -30.76 26.24
C ILE W 136 -8.10 -30.08 25.69
N VAL W 137 -7.94 -28.86 25.24
CA VAL W 137 -9.06 -28.12 24.64
C VAL W 137 -8.68 -27.64 23.24
N SER W 138 -9.68 -27.32 22.43
CA SER W 138 -9.43 -26.90 21.05
C SER W 138 -10.68 -26.34 20.41
N GLY W 139 -10.55 -25.22 19.72
CA GLY W 139 -11.66 -24.66 18.99
C GLY W 139 -11.74 -23.16 19.07
N THR W 140 -12.86 -22.62 18.58
CA THR W 140 -13.14 -21.20 18.60
C THR W 140 -13.47 -20.73 20.02
N ALA W 141 -13.78 -21.67 20.88
CA ALA W 141 -14.04 -21.36 22.29
C ALA W 141 -12.96 -21.95 23.19
N SER W 142 -11.75 -22.07 22.66
CA SER W 142 -10.66 -22.67 23.44
C SER W 142 -10.30 -21.88 24.69
N ASP W 143 -10.43 -20.55 24.62
CA ASP W 143 -10.17 -19.67 25.76
C ASP W 143 -11.14 -19.95 26.91
N GLN W 144 -12.42 -20.01 26.56
CA GLN W 144 -13.48 -20.29 27.52
C GLN W 144 -13.25 -21.67 28.11
N LEU W 145 -13.00 -22.64 27.24
CA LEU W 145 -12.76 -24.03 27.65
C LEU W 145 -11.56 -24.16 28.58
N PHE W 146 -10.52 -23.39 28.34
CA PHE W 146 -9.37 -23.37 29.24
C PHE W 146 -9.77 -22.90 30.63
N GLY W 147 -10.69 -21.94 30.68
CA GLY W 147 -11.10 -21.32 31.92
C GLY W 147 -12.04 -22.22 32.69
N MET W 148 -12.92 -22.91 31.97
CA MET W 148 -13.83 -23.88 32.57
C MET W 148 -13.03 -25.00 33.23
N CYS W 149 -12.31 -25.75 32.40
CA CYS W 149 -11.49 -26.87 32.83
C CYS W 149 -10.59 -26.56 34.01
N GLU W 150 -9.85 -25.47 33.95
CA GLU W 150 -8.90 -25.16 35.01
C GLU W 150 -9.55 -25.10 36.39
N SER W 151 -10.84 -24.72 36.43
CA SER W 151 -11.56 -24.60 37.69
C SER W 151 -12.33 -25.87 38.02
N LEU W 152 -13.07 -26.39 37.04
CA LEU W 152 -13.96 -27.54 37.22
C LEU W 152 -13.27 -28.88 37.43
N TYR W 153 -12.03 -28.99 36.96
CA TYR W 153 -11.34 -30.27 36.94
C TYR W 153 -10.62 -30.59 38.26
N GLU W 154 -10.62 -31.87 38.60
CA GLU W 154 -9.79 -32.45 39.65
C GLU W 154 -9.37 -33.85 39.20
N PRO W 155 -8.26 -34.40 39.75
CA PRO W 155 -7.81 -35.67 39.22
C PRO W 155 -8.57 -36.87 39.79
N ASN W 156 -8.54 -38.00 39.07
CA ASN W 156 -9.11 -39.27 39.54
C ASN W 156 -10.63 -39.31 39.63
N LEU W 157 -11.29 -38.63 38.70
CA LEU W 157 -12.75 -38.69 38.64
C LEU W 157 -13.24 -40.04 38.12
N GLU W 158 -14.24 -40.59 38.79
CA GLU W 158 -14.92 -41.78 38.29
C GLU W 158 -15.70 -41.40 37.03
N PRO W 159 -15.97 -42.38 36.14
CA PRO W 159 -16.67 -42.09 34.88
C PRO W 159 -17.95 -41.23 34.98
N GLU W 160 -18.79 -41.49 35.98
CA GLU W 160 -20.05 -40.73 36.14
C GLU W 160 -19.85 -39.31 36.68
N ASP W 161 -18.74 -39.10 37.39
CA ASP W 161 -18.37 -37.77 37.84
C ASP W 161 -17.72 -37.05 36.66
N LEU W 162 -16.72 -37.71 36.05
CA LEU W 162 -16.03 -37.17 34.87
C LEU W 162 -17.03 -36.70 33.83
N PHE W 163 -18.07 -37.49 33.58
CA PHE W 163 -19.09 -37.10 32.62
C PHE W 163 -19.73 -35.75 32.94
N GLU W 164 -20.05 -35.52 34.21
CA GLU W 164 -20.70 -34.26 34.62
C GLU W 164 -19.75 -33.08 34.40
N THR W 165 -18.47 -33.27 34.70
CA THR W 165 -17.47 -32.22 34.54
C THR W 165 -17.28 -31.81 33.09
N ILE W 166 -16.91 -32.78 32.25
CA ILE W 166 -16.65 -32.50 30.85
C ILE W 166 -17.88 -31.92 30.17
N SER W 167 -19.06 -32.39 30.56
CA SER W 167 -20.31 -31.89 30.00
C SER W 167 -20.54 -30.45 30.40
N GLN W 168 -20.31 -30.14 31.68
CA GLN W 168 -20.54 -28.79 32.19
C GLN W 168 -19.47 -27.80 31.73
N ALA W 169 -18.29 -28.31 31.37
CA ALA W 169 -17.22 -27.48 30.82
C ALA W 169 -17.57 -27.06 29.39
N LEU W 170 -17.81 -28.06 28.54
CA LEU W 170 -18.18 -27.86 27.15
C LEU W 170 -19.37 -26.92 27.02
N LEU W 171 -20.49 -27.31 27.63
CA LEU W 171 -21.75 -26.57 27.59
C LEU W 171 -21.59 -25.07 27.89
N ASN W 172 -20.89 -24.76 28.97
CA ASN W 172 -20.77 -23.38 29.43
C ASN W 172 -19.86 -22.52 28.56
N ALA W 173 -18.77 -23.09 28.08
CA ALA W 173 -17.93 -22.41 27.11
C ALA W 173 -18.69 -22.16 25.79
N ALA W 174 -19.39 -23.18 25.28
CA ALA W 174 -20.15 -23.08 24.03
C ALA W 174 -21.25 -22.00 24.04
N ASP W 175 -21.68 -21.62 25.23
CA ASP W 175 -22.75 -20.64 25.38
C ASP W 175 -22.21 -19.22 25.44
N ARG W 176 -20.92 -19.11 25.74
CA ARG W 176 -20.19 -17.84 25.64
C ARG W 176 -19.47 -17.71 24.29
N ASP W 177 -19.61 -18.71 23.42
CA ASP W 177 -19.04 -18.64 22.07
C ASP W 177 -20.13 -18.58 21.01
N ALA W 178 -20.04 -17.54 20.20
CA ALA W 178 -21.01 -17.26 19.14
C ALA W 178 -21.00 -18.35 18.09
N LEU W 179 -19.81 -18.91 17.86
CA LEU W 179 -19.62 -19.88 16.79
C LEU W 179 -19.68 -21.33 17.24
N SER W 180 -19.88 -21.55 18.54
CA SER W 180 -20.06 -22.90 19.08
C SER W 180 -21.48 -23.13 19.59
N GLY W 181 -21.82 -24.39 19.78
CA GLY W 181 -23.11 -24.78 20.33
C GLY W 181 -23.91 -25.65 19.39
N TRP W 182 -25.21 -25.39 19.33
CA TRP W 182 -26.16 -26.12 18.47
C TRP W 182 -26.32 -27.62 18.76
N GLY W 183 -25.88 -28.05 19.95
CA GLY W 183 -25.94 -29.44 20.34
C GLY W 183 -24.55 -29.92 20.68
N ALA W 184 -24.49 -30.98 21.48
CA ALA W 184 -23.20 -31.52 21.92
C ALA W 184 -23.32 -33.04 22.04
N VAL W 185 -22.17 -33.72 22.04
CA VAL W 185 -22.09 -35.17 22.23
C VAL W 185 -20.86 -35.52 23.07
N VAL W 186 -21.02 -36.40 24.05
CA VAL W 186 -19.91 -36.78 24.93
C VAL W 186 -19.65 -38.27 24.82
N TYR W 187 -18.38 -38.62 24.64
CA TYR W 187 -17.95 -40.01 24.68
C TYR W 187 -17.24 -40.25 25.99
N ILE W 188 -17.74 -41.22 26.77
CA ILE W 188 -17.03 -41.72 27.95
C ILE W 188 -16.41 -43.06 27.60
N ILE W 189 -15.09 -43.16 27.78
CA ILE W 189 -14.29 -44.27 27.32
C ILE W 189 -13.65 -44.98 28.50
N LYS W 190 -13.86 -46.29 28.58
CA LYS W 190 -13.17 -47.15 29.55
C LYS W 190 -12.58 -48.40 28.87
N LYS W 191 -11.55 -48.97 29.51
CA LYS W 191 -10.92 -50.30 29.18
C LYS W 191 -11.75 -51.25 28.29
N ASP W 192 -13.06 -51.29 28.54
CA ASP W 192 -13.99 -52.23 27.94
C ASP W 192 -15.01 -51.51 27.04
N GLU W 193 -16.15 -51.12 27.61
CA GLU W 193 -17.21 -50.42 26.87
C GLU W 193 -17.04 -48.90 26.81
N VAL W 194 -17.78 -48.29 25.88
CA VAL W 194 -17.73 -46.85 25.62
C VAL W 194 -19.16 -46.34 25.43
N VAL W 195 -19.54 -45.34 26.23
CA VAL W 195 -20.89 -44.77 26.19
C VAL W 195 -20.90 -43.40 25.52
N LYS W 196 -21.84 -43.20 24.60
CA LYS W 196 -21.94 -41.95 23.85
C LYS W 196 -23.26 -41.24 24.13
N ARG W 197 -23.19 -40.09 24.79
CA ARG W 197 -24.38 -39.36 25.17
C ARG W 197 -24.53 -38.08 24.36
N TYR W 198 -25.77 -37.78 24.00
CA TYR W 198 -26.11 -36.49 23.40
C TYR W 198 -26.64 -35.57 24.49
N LEU W 199 -26.13 -34.34 24.52
CA LEU W 199 -26.51 -33.37 25.54
C LEU W 199 -27.59 -32.40 25.06
N LYS W 200 -28.40 -31.95 26.01
CA LYS W 200 -29.45 -30.96 25.75
C LYS W 200 -28.93 -29.55 26.09
N MET W 201 -28.85 -28.69 25.07
CA MET W 201 -28.32 -27.34 25.25
C MET W 201 -29.06 -26.27 24.44
N ARG W 202 -28.73 -25.02 24.74
CA ARG W 202 -29.33 -23.86 24.06
C ARG W 202 -29.17 -23.95 22.55
N GLN W 203 -30.27 -23.85 21.82
CA GLN W 203 -30.21 -23.91 20.36
C GLN W 203 -30.10 -22.54 19.70
N ASP W 204 -29.38 -21.63 20.36
CA ASP W 204 -29.06 -20.34 19.78
C ASP W 204 -27.55 -20.14 19.66
N MET X 1 -26.22 -12.58 -6.00
CA MET X 1 -25.75 -13.85 -6.64
C MET X 1 -26.87 -14.90 -6.79
N ASP X 2 -26.72 -15.72 -7.86
CA ASP X 2 -27.31 -17.06 -8.06
C ASP X 2 -28.03 -17.82 -6.92
N ILE X 3 -29.21 -18.36 -7.22
CA ILE X 3 -29.98 -19.07 -6.19
C ILE X 3 -30.04 -20.58 -6.40
N ILE X 4 -29.55 -21.32 -5.41
CA ILE X 4 -29.55 -22.77 -5.42
C ILE X 4 -30.25 -23.26 -4.17
N LEU X 5 -31.39 -23.91 -4.37
CA LEU X 5 -32.24 -24.37 -3.28
C LEU X 5 -32.52 -25.85 -3.37
N GLY X 6 -32.67 -26.49 -2.22
CA GLY X 6 -32.90 -27.92 -2.18
C GLY X 6 -33.69 -28.34 -0.97
N ILE X 7 -34.62 -29.26 -1.18
CA ILE X 7 -35.53 -29.71 -0.14
C ILE X 7 -35.86 -31.21 -0.30
N ARG X 8 -35.59 -31.98 0.75
CA ARG X 8 -35.83 -33.42 0.77
C ARG X 8 -37.10 -33.77 1.55
N VAL X 9 -38.14 -34.16 0.81
CA VAL X 9 -39.42 -34.59 1.38
C VAL X 9 -39.42 -36.10 1.66
N GLN X 10 -40.59 -36.71 1.77
CA GLN X 10 -40.67 -38.13 2.12
C GLN X 10 -40.02 -39.03 1.09
N ASP X 11 -40.46 -38.90 -0.17
CA ASP X 11 -40.10 -39.86 -1.19
C ASP X 11 -39.34 -39.27 -2.36
N SER X 12 -38.98 -38.00 -2.25
CA SER X 12 -38.23 -37.33 -3.31
C SER X 12 -37.37 -36.17 -2.84
N VAL X 13 -36.52 -35.68 -3.73
CA VAL X 13 -35.73 -34.49 -3.50
C VAL X 13 -36.11 -33.46 -4.57
N ILE X 14 -36.23 -32.20 -4.16
CA ILE X 14 -36.63 -31.13 -5.08
C ILE X 14 -35.55 -30.07 -5.16
N LEU X 15 -35.14 -29.73 -6.37
CA LEU X 15 -34.12 -28.70 -6.56
C LEU X 15 -34.66 -27.50 -7.32
N ALA X 16 -34.44 -26.32 -6.73
CA ALA X 16 -34.84 -25.07 -7.35
C ALA X 16 -33.59 -24.26 -7.69
N SER X 17 -33.56 -23.76 -8.92
CA SER X 17 -32.37 -23.09 -9.44
C SER X 17 -32.73 -21.89 -10.29
N SER X 18 -32.20 -20.73 -9.91
CA SER X 18 -32.46 -19.46 -10.59
C SER X 18 -32.14 -19.51 -12.07
N LYS X 19 -33.00 -18.89 -12.88
CA LYS X 19 -32.87 -18.94 -14.34
C LYS X 19 -31.99 -17.84 -14.94
N ALA X 20 -31.51 -16.93 -14.09
CA ALA X 20 -30.80 -15.73 -14.58
C ALA X 20 -29.29 -15.90 -14.64
N VAL X 21 -28.70 -15.30 -15.66
CA VAL X 21 -27.24 -15.24 -15.83
C VAL X 21 -26.88 -13.80 -16.19
N THR X 22 -26.20 -13.12 -15.28
CA THR X 22 -25.84 -11.71 -15.46
C THR X 22 -24.33 -11.52 -15.57
N ARG X 23 -23.88 -10.98 -16.69
CA ARG X 23 -22.50 -10.52 -16.78
C ARG X 23 -22.46 -9.03 -16.53
N GLY X 24 -21.95 -8.66 -15.35
CA GLY X 24 -21.80 -7.25 -14.94
C GLY X 24 -23.08 -6.44 -14.86
N ILE X 25 -23.43 -5.81 -15.98
CA ILE X 25 -24.56 -4.87 -16.03
C ILE X 25 -25.84 -5.41 -16.67
N SER X 26 -25.74 -6.29 -17.66
CA SER X 26 -26.92 -6.82 -18.33
C SER X 26 -27.18 -8.30 -18.07
N VAL X 27 -28.44 -8.62 -17.80
CA VAL X 27 -28.90 -10.00 -17.71
C VAL X 27 -28.89 -10.57 -19.13
N LEU X 28 -28.08 -11.61 -19.32
CA LEU X 28 -27.87 -12.22 -20.64
C LEU X 28 -28.86 -13.33 -21.01
N LYS X 29 -29.31 -14.08 -19.99
CA LYS X 29 -30.24 -15.19 -20.19
C LYS X 29 -31.18 -15.30 -19.01
N ASP X 30 -32.47 -15.52 -19.29
CA ASP X 30 -33.52 -15.66 -18.27
C ASP X 30 -34.14 -17.07 -18.24
N SER X 31 -33.41 -18.01 -18.83
CA SER X 31 -33.89 -19.37 -19.05
C SER X 31 -32.69 -20.31 -18.98
N ASP X 32 -32.09 -20.41 -17.79
CA ASP X 32 -30.85 -21.15 -17.61
C ASP X 32 -31.02 -22.31 -16.63
N ASP X 33 -30.47 -23.45 -17.00
CA ASP X 33 -30.57 -24.63 -16.20
C ASP X 33 -29.27 -24.85 -15.43
N LYS X 34 -29.27 -24.50 -14.15
CA LYS X 34 -28.07 -24.61 -13.31
C LYS X 34 -27.94 -25.99 -12.69
N THR X 35 -28.12 -27.02 -13.53
CA THR X 35 -28.11 -28.40 -13.09
C THR X 35 -27.57 -29.40 -14.14
N ARG X 36 -27.03 -30.52 -13.65
CA ARG X 36 -26.65 -31.63 -14.52
C ARG X 36 -27.19 -32.91 -13.93
N GLN X 37 -27.65 -33.82 -14.79
CA GLN X 37 -27.98 -35.16 -14.34
C GLN X 37 -26.73 -36.03 -14.38
N LEU X 38 -26.37 -36.57 -13.22
CA LEU X 38 -25.17 -37.38 -13.10
C LEU X 38 -25.46 -38.84 -13.39
N SER X 39 -26.68 -39.27 -13.09
CA SER X 39 -27.14 -40.61 -13.41
C SER X 39 -28.65 -40.65 -13.21
N PRO X 40 -29.35 -41.61 -13.86
CA PRO X 40 -30.79 -41.86 -13.75
C PRO X 40 -31.51 -41.38 -12.46
N HIS X 41 -30.84 -41.50 -11.30
CA HIS X 41 -31.45 -41.17 -10.02
C HIS X 41 -30.63 -40.18 -9.18
N THR X 42 -29.72 -39.44 -9.81
CA THR X 42 -28.91 -38.43 -9.12
C THR X 42 -28.74 -37.15 -9.93
N LEU X 43 -29.06 -36.01 -9.30
CA LEU X 43 -29.01 -34.69 -9.91
C LEU X 43 -28.09 -33.73 -9.14
N MET X 44 -27.47 -32.79 -9.86
CA MET X 44 -26.59 -31.81 -9.25
C MET X 44 -26.83 -30.39 -9.74
N SER X 45 -27.23 -29.51 -8.82
CA SER X 45 -27.33 -28.09 -9.10
C SER X 45 -26.08 -27.41 -8.59
N PHE X 46 -25.68 -26.32 -9.25
CA PHE X 46 -24.39 -25.67 -9.00
C PHE X 46 -24.48 -24.18 -9.21
N ALA X 47 -23.71 -23.42 -8.41
CA ALA X 47 -23.60 -21.98 -8.63
C ALA X 47 -22.24 -21.48 -8.15
N GLY X 48 -21.72 -20.45 -8.80
CA GLY X 48 -20.45 -19.86 -8.41
C GLY X 48 -19.83 -19.05 -9.52
N GLU X 49 -18.50 -19.10 -9.62
CA GLU X 49 -17.72 -18.26 -10.50
C GLU X 49 -17.85 -18.61 -11.99
N ALA X 50 -18.33 -17.63 -12.76
CA ALA X 50 -18.46 -17.70 -14.22
C ALA X 50 -18.13 -19.02 -14.93
N GLY X 51 -16.89 -19.20 -15.34
CA GLY X 51 -16.53 -20.40 -16.09
C GLY X 51 -16.54 -21.67 -15.27
N ASP X 52 -15.93 -21.63 -14.08
CA ASP X 52 -15.72 -22.80 -13.21
C ASP X 52 -16.99 -23.64 -13.00
N THR X 53 -18.11 -22.93 -12.98
CA THR X 53 -19.42 -23.48 -12.68
C THR X 53 -19.80 -24.69 -13.57
N VAL X 54 -20.07 -24.44 -14.86
CA VAL X 54 -20.37 -25.48 -15.84
C VAL X 54 -19.19 -26.47 -16.04
N GLN X 55 -17.96 -25.98 -16.11
CA GLN X 55 -16.78 -26.83 -16.35
C GLN X 55 -16.65 -27.95 -15.35
N PHE X 56 -16.83 -27.61 -14.07
CA PHE X 56 -16.80 -28.60 -12.99
C PHE X 56 -17.95 -29.58 -13.10
N ALA X 57 -19.17 -29.06 -13.23
CA ALA X 57 -20.38 -29.88 -13.39
C ALA X 57 -20.20 -30.96 -14.45
N GLU X 58 -19.84 -30.53 -15.66
CA GLU X 58 -19.70 -31.44 -16.81
C GLU X 58 -18.58 -32.46 -16.64
N TYR X 59 -17.54 -32.06 -15.92
CA TYR X 59 -16.44 -32.96 -15.60
C TYR X 59 -16.91 -34.03 -14.61
N ILE X 60 -17.64 -33.63 -13.57
CA ILE X 60 -18.28 -34.60 -12.68
C ILE X 60 -19.23 -35.50 -13.47
N GLN X 61 -20.10 -34.90 -14.28
CA GLN X 61 -21.03 -35.68 -15.10
C GLN X 61 -20.31 -36.84 -15.81
N ALA X 62 -19.32 -36.49 -16.63
CA ALA X 62 -18.62 -37.47 -17.46
C ALA X 62 -17.95 -38.56 -16.63
N ASN X 63 -17.32 -38.16 -15.52
CA ASN X 63 -16.72 -39.13 -14.59
C ASN X 63 -17.69 -40.15 -13.99
N ILE X 64 -18.90 -39.70 -13.67
CA ILE X 64 -19.93 -40.59 -13.12
C ILE X 64 -20.47 -41.51 -14.22
N GLN X 65 -20.80 -40.94 -15.37
CA GLN X 65 -21.19 -41.71 -16.55
C GLN X 65 -20.15 -42.76 -16.94
N LEU X 66 -18.87 -42.43 -16.76
CA LEU X 66 -17.80 -43.39 -17.02
C LEU X 66 -17.80 -44.51 -15.98
N TYR X 67 -18.18 -44.20 -14.75
CA TYR X 67 -18.30 -45.25 -13.75
C TYR X 67 -19.53 -46.12 -14.03
N SER X 68 -20.63 -45.49 -14.44
CA SER X 68 -21.87 -46.20 -14.79
C SER X 68 -21.62 -47.30 -15.82
N ILE X 69 -21.03 -46.91 -16.95
CA ILE X 69 -20.75 -47.86 -18.02
C ILE X 69 -19.75 -48.95 -17.62
N ARG X 70 -18.66 -48.58 -16.94
CA ARG X 70 -17.62 -49.54 -16.55
C ARG X 70 -18.18 -50.68 -15.73
N GLU X 71 -18.98 -50.37 -14.72
CA GLU X 71 -19.51 -51.40 -13.83
C GLU X 71 -20.99 -51.78 -14.07
N ASP X 72 -21.58 -51.24 -15.14
CA ASP X 72 -22.99 -51.46 -15.45
C ASP X 72 -23.84 -51.42 -14.17
N TYR X 73 -23.75 -50.28 -13.49
CA TYR X 73 -24.29 -50.09 -12.15
C TYR X 73 -24.26 -48.59 -11.90
N GLU X 74 -25.32 -48.08 -11.27
CA GLU X 74 -25.39 -46.66 -10.92
C GLU X 74 -24.93 -46.49 -9.48
N LEU X 75 -24.02 -45.54 -9.26
CA LEU X 75 -23.50 -45.24 -7.92
C LEU X 75 -24.57 -44.64 -7.02
N SER X 76 -24.52 -45.03 -5.74
CA SER X 76 -25.43 -44.50 -4.73
C SER X 76 -25.17 -43.01 -4.49
N PRO X 77 -26.24 -42.21 -4.24
CA PRO X 77 -26.09 -40.78 -3.98
C PRO X 77 -25.01 -40.50 -2.92
N GLN X 78 -25.06 -41.22 -1.81
CA GLN X 78 -24.04 -41.07 -0.76
C GLN X 78 -22.62 -41.11 -1.36
N ALA X 79 -22.39 -42.06 -2.27
CA ALA X 79 -21.07 -42.23 -2.90
C ALA X 79 -20.71 -41.11 -3.88
N VAL X 80 -21.65 -40.76 -4.75
CA VAL X 80 -21.48 -39.69 -5.73
C VAL X 80 -21.00 -38.40 -5.06
N SER X 81 -21.60 -38.07 -3.93
CA SER X 81 -21.26 -36.88 -3.17
C SER X 81 -19.85 -36.94 -2.57
N SER X 82 -19.46 -38.12 -2.06
CA SER X 82 -18.09 -38.32 -1.55
C SER X 82 -17.06 -38.10 -2.66
N PHE X 83 -17.45 -38.44 -3.89
CA PHE X 83 -16.58 -38.24 -5.03
C PHE X 83 -16.47 -36.76 -5.31
N VAL X 84 -17.63 -36.09 -5.42
CA VAL X 84 -17.70 -34.64 -5.63
C VAL X 84 -16.97 -33.86 -4.54
N ARG X 85 -17.16 -34.25 -3.28
CA ARG X 85 -16.48 -33.56 -2.19
C ARG X 85 -14.98 -33.60 -2.37
N GLN X 86 -14.43 -34.79 -2.59
CA GLN X 86 -12.99 -34.97 -2.70
C GLN X 86 -12.42 -34.25 -3.89
N GLU X 87 -13.20 -34.17 -4.98
CA GLU X 87 -12.79 -33.39 -6.13
C GLU X 87 -12.65 -31.90 -5.79
N LEU X 88 -13.59 -31.36 -5.03
CA LEU X 88 -13.51 -29.97 -4.58
C LEU X 88 -12.43 -29.82 -3.51
N ALA X 89 -12.29 -30.84 -2.67
CA ALA X 89 -11.33 -30.81 -1.58
C ALA X 89 -9.90 -30.71 -2.08
N LYS X 90 -9.63 -31.33 -3.21
CA LYS X 90 -8.33 -31.25 -3.87
C LYS X 90 -8.22 -29.92 -4.57
N SER X 91 -9.26 -29.55 -5.30
CA SER X 91 -9.36 -28.28 -6.01
C SER X 91 -8.96 -27.06 -5.16
N ILE X 92 -9.33 -27.05 -3.88
CA ILE X 92 -9.05 -25.89 -3.03
C ILE X 92 -7.55 -25.54 -2.86
N ARG X 93 -6.70 -26.56 -2.84
CA ARG X 93 -5.27 -26.34 -2.62
C ARG X 93 -4.42 -26.36 -3.89
N SER X 94 -5.06 -26.21 -5.04
CA SER X 94 -4.35 -26.18 -6.32
C SER X 94 -3.95 -24.75 -6.74
N ARG X 95 -3.27 -24.65 -7.88
CA ARG X 95 -2.84 -23.36 -8.44
C ARG X 95 -4.03 -22.41 -8.64
N ARG X 96 -5.15 -22.96 -9.12
CA ARG X 96 -6.37 -22.17 -9.31
C ARG X 96 -7.59 -23.03 -9.06
N PRO X 97 -8.21 -22.85 -7.87
CA PRO X 97 -9.38 -23.63 -7.43
C PRO X 97 -10.65 -23.32 -8.20
N TYR X 98 -11.47 -24.35 -8.39
CA TYR X 98 -12.85 -24.18 -8.79
C TYR X 98 -13.60 -23.47 -7.67
N GLN X 99 -14.26 -22.38 -8.01
CA GLN X 99 -15.14 -21.70 -7.07
C GLN X 99 -16.59 -22.00 -7.41
N VAL X 100 -17.02 -23.18 -7.00
CA VAL X 100 -18.36 -23.67 -7.31
C VAL X 100 -18.99 -24.30 -6.07
N ASN X 101 -20.25 -23.96 -5.82
CA ASN X 101 -21.03 -24.60 -4.79
C ASN X 101 -22.08 -25.46 -5.44
N VAL X 102 -22.31 -26.63 -4.85
CA VAL X 102 -23.24 -27.56 -5.43
C VAL X 102 -24.25 -28.08 -4.42
N LEU X 103 -25.40 -28.47 -4.95
CA LEU X 103 -26.34 -29.32 -4.24
C LEU X 103 -26.45 -30.65 -4.97
N ILE X 104 -26.47 -31.75 -4.22
CA ILE X 104 -26.66 -33.06 -4.83
C ILE X 104 -27.93 -33.70 -4.31
N GLY X 105 -28.87 -33.95 -5.21
CA GLY X 105 -30.14 -34.56 -4.86
C GLY X 105 -30.31 -35.91 -5.51
N GLY X 106 -30.30 -36.95 -4.69
CA GLY X 106 -30.43 -38.31 -5.19
C GLY X 106 -31.51 -39.12 -4.52
N TYR X 107 -32.00 -40.13 -5.24
CA TYR X 107 -32.87 -41.15 -4.68
C TYR X 107 -32.12 -42.47 -4.69
N ASP X 108 -31.86 -42.98 -3.49
CA ASP X 108 -31.13 -44.24 -3.34
C ASP X 108 -32.04 -45.43 -3.58
N LYS X 109 -31.91 -46.07 -4.75
CA LYS X 109 -32.78 -47.19 -5.14
C LYS X 109 -32.56 -48.45 -4.29
N LYS X 110 -31.42 -48.53 -3.60
CA LYS X 110 -31.14 -49.63 -2.68
C LYS X 110 -31.85 -49.44 -1.32
N LYS X 111 -31.83 -48.23 -0.79
CA LYS X 111 -32.45 -47.96 0.51
C LYS X 111 -33.90 -47.48 0.41
N ASN X 112 -34.34 -47.21 -0.82
CA ASN X 112 -35.62 -46.55 -1.13
C ASN X 112 -35.85 -45.26 -0.35
N LYS X 113 -34.81 -44.43 -0.30
CA LYS X 113 -34.85 -43.17 0.43
C LYS X 113 -34.23 -42.04 -0.37
N PRO X 114 -34.90 -40.87 -0.36
CA PRO X 114 -34.32 -39.68 -0.96
C PRO X 114 -33.24 -39.12 -0.05
N GLU X 115 -32.24 -38.47 -0.65
CA GLU X 115 -31.10 -37.91 0.08
C GLU X 115 -30.69 -36.58 -0.55
N LEU X 116 -30.36 -35.60 0.29
CA LEU X 116 -29.88 -34.30 -0.18
C LEU X 116 -28.56 -33.89 0.44
N TYR X 117 -27.60 -33.55 -0.42
CA TYR X 117 -26.25 -33.18 0.00
C TYR X 117 -25.87 -31.75 -0.39
N GLN X 118 -25.23 -31.03 0.54
CA GLN X 118 -24.77 -29.69 0.29
C GLN X 118 -23.25 -29.65 0.45
N ILE X 119 -22.56 -29.14 -0.58
CA ILE X 119 -21.10 -29.07 -0.58
C ILE X 119 -20.60 -27.74 -1.16
N ASP X 120 -19.81 -26.99 -0.38
CA ASP X 120 -19.26 -25.71 -0.85
C ASP X 120 -17.91 -25.87 -1.55
N TYR X 121 -17.47 -24.83 -2.24
CA TYR X 121 -16.21 -24.88 -2.99
C TYR X 121 -14.99 -25.36 -2.18
N LEU X 122 -15.09 -25.30 -0.87
CA LEU X 122 -13.99 -25.74 -0.01
C LEU X 122 -13.96 -27.25 0.18
N GLY X 123 -15.04 -27.91 -0.24
CA GLY X 123 -15.25 -29.33 0.05
C GLY X 123 -15.81 -29.58 1.44
N THR X 124 -16.70 -28.68 1.89
CA THR X 124 -17.45 -28.91 3.13
C THR X 124 -18.77 -29.55 2.75
N LYS X 125 -18.89 -30.83 3.09
CA LYS X 125 -20.10 -31.58 2.80
C LYS X 125 -20.89 -31.79 4.09
N VAL X 126 -22.19 -31.59 3.98
CA VAL X 126 -23.13 -32.05 4.98
C VAL X 126 -24.46 -32.47 4.32
N GLU X 127 -25.13 -33.45 4.93
CA GLU X 127 -26.42 -33.93 4.46
C GLU X 127 -27.54 -33.25 5.26
N LEU X 128 -28.56 -32.78 4.56
CA LEU X 128 -29.58 -31.94 5.19
C LEU X 128 -30.99 -32.30 4.76
N PRO X 129 -32.01 -31.93 5.57
CA PRO X 129 -33.40 -32.01 5.11
C PRO X 129 -33.68 -31.03 3.97
N TYR X 130 -33.16 -29.81 4.13
CA TYR X 130 -33.25 -28.75 3.11
C TYR X 130 -31.92 -27.98 3.09
N GLY X 131 -31.55 -27.49 1.92
CA GLY X 131 -30.30 -26.77 1.77
C GLY X 131 -30.40 -25.61 0.82
N ALA X 132 -29.40 -24.73 0.89
CA ALA X 132 -29.31 -23.53 0.06
C ALA X 132 -27.85 -23.07 -0.03
N HIS X 133 -27.52 -22.36 -1.10
CA HIS X 133 -26.16 -21.87 -1.29
C HIS X 133 -26.15 -20.37 -1.51
N GLY X 134 -25.25 -19.71 -0.79
CA GLY X 134 -25.10 -18.27 -0.83
C GLY X 134 -26.06 -17.56 0.09
N TYR X 135 -26.44 -16.34 -0.30
CA TYR X 135 -27.32 -15.49 0.48
C TYR X 135 -28.72 -16.09 0.63
N SER X 136 -29.10 -16.94 -0.32
CA SER X 136 -30.40 -17.62 -0.33
C SER X 136 -30.75 -18.23 1.02
N GLY X 137 -29.76 -18.85 1.65
CA GLY X 137 -29.94 -19.45 2.98
C GLY X 137 -30.48 -18.48 4.02
N PHE X 138 -29.90 -17.28 4.05
CA PHE X 138 -30.30 -16.24 4.99
C PHE X 138 -31.81 -15.97 4.99
N TYR X 139 -32.44 -16.11 3.82
CA TYR X 139 -33.86 -15.85 3.69
C TYR X 139 -34.73 -17.06 3.98
N THR X 140 -34.33 -18.22 3.47
CA THR X 140 -35.20 -19.40 3.46
C THR X 140 -35.08 -20.30 4.69
N PHE X 141 -33.87 -20.47 5.22
CA PHE X 141 -33.64 -21.38 6.33
C PHE X 141 -34.58 -21.21 7.51
N SER X 142 -34.90 -19.96 7.84
CA SER X 142 -35.78 -19.65 8.96
C SER X 142 -37.21 -20.01 8.61
N LEU X 143 -37.53 -19.83 7.34
CA LEU X 143 -38.84 -20.11 6.79
C LEU X 143 -39.12 -21.63 6.78
N LEU X 144 -38.12 -22.41 6.37
CA LEU X 144 -38.19 -23.87 6.39
C LEU X 144 -38.08 -24.46 7.80
N ASP X 145 -37.17 -23.94 8.61
CA ASP X 145 -37.07 -24.33 10.03
C ASP X 145 -38.45 -24.44 10.65
N HIS X 146 -39.37 -23.62 10.14
CA HIS X 146 -40.73 -23.48 10.63
C HIS X 146 -41.66 -24.49 9.98
N HIS X 147 -41.84 -24.36 8.66
CA HIS X 147 -42.88 -25.11 7.95
C HIS X 147 -42.50 -26.53 7.51
N TYR X 148 -41.26 -26.96 7.74
CA TYR X 148 -40.79 -28.27 7.25
C TYR X 148 -41.29 -29.44 8.07
N ARG X 149 -41.66 -30.51 7.39
CA ARG X 149 -42.04 -31.77 8.04
C ARG X 149 -41.41 -32.97 7.31
N PRO X 150 -40.67 -33.84 8.05
CA PRO X 150 -39.89 -34.93 7.45
C PRO X 150 -40.72 -35.87 6.57
N ASP X 151 -42.05 -35.79 6.69
CA ASP X 151 -42.94 -36.66 5.95
C ASP X 151 -43.88 -35.92 4.99
N MET X 152 -43.41 -34.84 4.36
CA MET X 152 -44.22 -34.13 3.37
C MET X 152 -44.37 -34.95 2.11
N THR X 153 -45.47 -34.74 1.41
CA THR X 153 -45.60 -35.32 0.09
C THR X 153 -44.86 -34.42 -0.88
N THR X 154 -44.49 -34.97 -2.03
CA THR X 154 -43.87 -34.19 -3.10
C THR X 154 -44.69 -32.93 -3.36
N GLU X 155 -46.00 -33.05 -3.17
CA GLU X 155 -46.93 -31.94 -3.37
C GLU X 155 -46.81 -30.84 -2.31
N GLU X 156 -46.67 -31.25 -1.05
CA GLU X 156 -46.49 -30.34 0.07
C GLU X 156 -45.13 -29.66 0.00
N GLY X 157 -44.15 -30.36 -0.56
CA GLY X 157 -42.81 -29.82 -0.74
C GLY X 157 -42.74 -28.73 -1.78
N LEU X 158 -43.44 -28.90 -2.90
CA LEU X 158 -43.53 -27.86 -3.91
C LEU X 158 -44.24 -26.61 -3.40
N ASP X 159 -45.21 -26.80 -2.50
CA ASP X 159 -45.91 -25.68 -1.84
C ASP X 159 -44.97 -24.93 -0.92
N LEU X 160 -44.15 -25.70 -0.20
CA LEU X 160 -43.17 -25.16 0.72
C LEU X 160 -42.10 -24.40 -0.03
N LEU X 161 -41.69 -24.90 -1.18
CA LEU X 161 -40.72 -24.23 -2.04
C LEU X 161 -41.25 -22.93 -2.61
N LYS X 162 -42.53 -22.94 -2.98
CA LYS X 162 -43.19 -21.78 -3.58
C LYS X 162 -43.17 -20.62 -2.59
N LEU X 163 -43.28 -20.95 -1.31
CA LEU X 163 -43.26 -19.97 -0.23
C LEU X 163 -41.84 -19.39 -0.02
N CYS X 164 -40.83 -20.12 -0.48
CA CYS X 164 -39.44 -19.66 -0.42
C CYS X 164 -39.13 -18.68 -1.56
N VAL X 165 -39.53 -19.05 -2.77
CA VAL X 165 -39.26 -18.22 -3.93
C VAL X 165 -39.96 -16.87 -3.79
N GLN X 166 -41.14 -16.88 -3.18
CA GLN X 166 -41.90 -15.64 -2.93
C GLN X 166 -41.21 -14.72 -1.93
N GLU X 167 -40.66 -15.31 -0.88
CA GLU X 167 -39.87 -14.58 0.11
C GLU X 167 -38.60 -14.03 -0.51
N LEU X 168 -37.92 -14.83 -1.33
CA LEU X 168 -36.73 -14.37 -2.03
C LEU X 168 -37.05 -13.30 -3.06
N GLU X 169 -38.23 -13.36 -3.68
CA GLU X 169 -38.61 -12.32 -4.63
C GLU X 169 -39.00 -11.03 -3.94
N LYS X 170 -39.38 -11.11 -2.67
CA LYS X 170 -39.78 -9.93 -1.92
C LYS X 170 -38.58 -9.16 -1.42
N ARG X 171 -37.63 -9.86 -0.80
CA ARG X 171 -36.57 -9.24 -0.02
C ARG X 171 -35.16 -9.22 -0.65
N MET X 172 -34.98 -9.92 -1.76
CA MET X 172 -33.70 -9.95 -2.47
C MET X 172 -33.50 -8.75 -3.41
N PRO X 173 -32.33 -8.11 -3.35
CA PRO X 173 -32.07 -6.92 -4.16
C PRO X 173 -32.09 -7.23 -5.63
N MET X 174 -31.74 -8.47 -5.99
CA MET X 174 -31.54 -8.84 -7.39
C MET X 174 -32.65 -9.66 -7.99
N ASP X 175 -32.94 -9.39 -9.27
CA ASP X 175 -33.91 -10.17 -10.04
C ASP X 175 -33.22 -11.39 -10.63
N PHE X 176 -33.60 -12.56 -10.13
CA PHE X 176 -33.00 -13.81 -10.57
C PHE X 176 -33.89 -14.52 -11.58
N LYS X 177 -34.86 -13.81 -12.13
CA LYS X 177 -35.72 -14.30 -13.22
C LYS X 177 -36.41 -15.65 -12.96
N GLY X 178 -36.80 -15.89 -11.71
CA GLY X 178 -37.52 -17.10 -11.32
C GLY X 178 -36.64 -18.32 -11.29
N VAL X 179 -37.25 -19.49 -11.11
CA VAL X 179 -36.51 -20.71 -10.88
C VAL X 179 -36.91 -21.84 -11.85
N ILE X 180 -36.06 -22.86 -11.92
CA ILE X 180 -36.38 -24.11 -12.60
C ILE X 180 -36.36 -25.24 -11.56
N VAL X 181 -37.48 -25.95 -11.45
CA VAL X 181 -37.68 -26.96 -10.41
C VAL X 181 -37.62 -28.36 -10.99
N LYS X 182 -36.95 -29.26 -10.27
CA LYS X 182 -36.79 -30.64 -10.71
C LYS X 182 -36.98 -31.63 -9.56
N ILE X 183 -37.57 -32.78 -9.88
CA ILE X 183 -37.81 -33.78 -8.85
C ILE X 183 -37.03 -35.06 -9.12
N VAL X 184 -36.46 -35.61 -8.05
CA VAL X 184 -35.73 -36.85 -8.10
C VAL X 184 -36.44 -37.84 -7.18
N ASP X 185 -37.09 -38.85 -7.75
CA ASP X 185 -37.79 -39.87 -6.97
C ASP X 185 -37.37 -41.27 -7.41
N LYS X 186 -38.21 -42.25 -7.12
CA LYS X 186 -37.93 -43.63 -7.52
C LYS X 186 -37.96 -43.82 -9.05
N ASP X 187 -38.71 -42.98 -9.76
CA ASP X 187 -38.76 -43.09 -11.22
C ASP X 187 -37.86 -42.06 -11.91
N GLY X 188 -36.81 -41.66 -11.19
CA GLY X 188 -35.78 -40.79 -11.74
C GLY X 188 -36.05 -39.30 -11.62
N ILE X 189 -35.59 -38.57 -12.63
CA ILE X 189 -35.64 -37.12 -12.68
C ILE X 189 -36.69 -36.66 -13.69
N ARG X 190 -37.58 -35.77 -13.25
CA ARG X 190 -38.47 -35.05 -14.15
C ARG X 190 -38.46 -33.58 -13.77
N GLN X 191 -38.87 -32.71 -14.70
CA GLN X 191 -38.84 -31.28 -14.47
C GLN X 191 -40.23 -30.65 -14.42
N VAL X 192 -40.55 -29.96 -13.32
CA VAL X 192 -41.86 -29.34 -13.14
C VAL X 192 -42.01 -28.12 -14.05
N ASP X 193 -42.35 -28.35 -15.31
CA ASP X 193 -42.28 -27.28 -16.33
C ASP X 193 -43.45 -26.27 -16.28
N ASP X 194 -44.07 -26.15 -15.12
CA ASP X 194 -45.17 -25.19 -14.95
C ASP X 194 -45.05 -24.38 -13.64
N PHE X 195 -43.83 -23.97 -13.29
CA PHE X 195 -43.60 -23.14 -12.10
C PHE X 195 -43.75 -21.64 -12.41
N GLN X 196 -43.87 -21.33 -13.71
CA GLN X 196 -44.09 -19.95 -14.19
C GLN X 196 -45.52 -19.46 -13.87
N ALA X 197 -46.48 -20.36 -14.04
CA ALA X 197 -47.88 -20.11 -13.69
C ALA X 197 -48.43 -21.29 -12.85
N GLN X 198 -48.16 -21.26 -11.54
CA GLN X 198 -48.57 -22.32 -10.60
C GLN X 198 -49.36 -21.75 -9.41
N THR Y 1 -17.34 -0.67 -28.62
CA THR Y 1 -17.66 -1.91 -29.38
C THR Y 1 -19.11 -2.30 -29.18
N THR Y 2 -19.81 -2.53 -30.28
CA THR Y 2 -21.15 -3.11 -30.25
C THR Y 2 -21.31 -4.22 -31.30
N THR Y 3 -21.48 -5.44 -30.80
CA THR Y 3 -21.73 -6.58 -31.65
C THR Y 3 -23.02 -7.19 -31.15
N LEU Y 4 -23.90 -7.53 -32.10
CA LEU Y 4 -25.12 -8.25 -31.78
C LEU Y 4 -25.37 -9.41 -32.75
N ALA Y 5 -26.20 -10.36 -32.31
CA ALA Y 5 -26.60 -11.50 -33.13
C ALA Y 5 -27.92 -12.09 -32.62
N PHE Y 6 -28.86 -12.27 -33.55
CA PHE Y 6 -30.14 -12.87 -33.18
C PHE Y 6 -30.63 -13.93 -34.17
N ARG Y 7 -31.52 -14.78 -33.66
CA ARG Y 7 -32.11 -15.90 -34.37
C ARG Y 7 -33.55 -15.53 -34.69
N PHE Y 8 -33.98 -15.86 -35.91
CA PHE Y 8 -35.36 -15.63 -36.35
C PHE Y 8 -35.88 -16.68 -37.34
N GLN Y 9 -37.13 -16.52 -37.76
CA GLN Y 9 -37.79 -17.34 -38.81
C GLN Y 9 -36.92 -17.62 -40.03
N GLY Y 10 -36.09 -16.65 -40.45
CA GLY Y 10 -35.26 -16.79 -41.64
C GLY Y 10 -33.79 -17.00 -41.35
N GLY Y 11 -33.48 -17.47 -40.14
CA GLY Y 11 -32.10 -17.82 -39.77
C GLY Y 11 -31.49 -16.96 -38.67
N ILE Y 12 -30.34 -16.36 -38.99
CA ILE Y 12 -29.58 -15.54 -38.04
C ILE Y 12 -29.15 -14.19 -38.65
N ILE Y 13 -29.37 -13.12 -37.90
CA ILE Y 13 -28.78 -11.81 -38.25
C ILE Y 13 -27.60 -11.50 -37.33
N VAL Y 14 -26.47 -11.12 -37.93
CA VAL Y 14 -25.27 -10.72 -37.21
C VAL Y 14 -24.86 -9.32 -37.69
N ALA Y 15 -24.84 -8.35 -36.77
CA ALA Y 15 -24.32 -7.00 -37.08
C ALA Y 15 -23.37 -6.46 -36.00
N VAL Y 16 -22.41 -5.64 -36.46
CA VAL Y 16 -21.32 -5.15 -35.63
C VAL Y 16 -20.90 -3.74 -36.05
N ASP Y 17 -20.23 -3.02 -35.18
CA ASP Y 17 -19.61 -1.74 -35.55
C ASP Y 17 -18.19 -1.98 -36.06
N SER Y 18 -17.39 -0.91 -36.08
CA SER Y 18 -16.04 -1.01 -36.62
C SER Y 18 -15.08 -0.01 -35.98
N ARG Y 19 -15.42 0.44 -34.78
CA ARG Y 19 -14.56 1.41 -34.06
C ARG Y 19 -13.58 0.71 -33.12
N ALA Y 20 -12.31 1.08 -33.22
CA ALA Y 20 -11.28 0.55 -32.34
C ALA Y 20 -10.62 1.71 -31.61
N THR Y 21 -10.63 1.65 -30.28
CA THR Y 21 -10.04 2.71 -29.46
C THR Y 21 -8.78 2.26 -28.71
N ALA Y 22 -8.07 3.23 -28.15
CA ALA Y 22 -6.99 2.99 -27.20
C ALA Y 22 -7.03 4.16 -26.22
N GLY Y 23 -7.66 3.92 -25.07
CA GLY Y 23 -8.05 5.00 -24.18
C GLY Y 23 -9.11 5.83 -24.88
N ASN Y 24 -8.84 7.11 -25.07
CA ASN Y 24 -9.77 8.04 -25.71
C ASN Y 24 -9.45 8.27 -27.18
N TRP Y 25 -8.38 7.62 -27.62
CA TRP Y 25 -7.93 7.70 -28.99
C TRP Y 25 -8.76 6.77 -29.86
N VAL Y 26 -9.37 7.31 -30.91
CA VAL Y 26 -10.07 6.48 -31.90
C VAL Y 26 -9.05 5.99 -32.93
N ALA Y 27 -8.47 4.82 -32.63
CA ALA Y 27 -7.39 4.23 -33.43
C ALA Y 27 -7.82 3.82 -34.83
N SER Y 28 -9.05 3.30 -34.97
CA SER Y 28 -9.59 2.99 -36.28
C SER Y 28 -11.11 3.05 -36.34
N GLN Y 29 -11.64 3.38 -37.52
CA GLN Y 29 -13.08 3.46 -37.77
C GLN Y 29 -13.53 2.35 -38.72
N THR Y 30 -12.59 1.47 -39.09
CA THR Y 30 -12.80 0.46 -40.13
C THR Y 30 -12.17 -0.92 -39.81
N VAL Y 31 -12.60 -1.51 -38.71
CA VAL Y 31 -12.09 -2.81 -38.29
C VAL Y 31 -13.13 -3.88 -38.59
N LYS Y 32 -12.71 -5.00 -39.18
CA LYS Y 32 -13.61 -6.14 -39.30
C LYS Y 32 -13.73 -6.82 -37.95
N LYS Y 33 -14.93 -6.80 -37.39
CA LYS Y 33 -15.19 -7.43 -36.09
C LYS Y 33 -15.92 -8.76 -36.25
N VAL Y 34 -16.19 -9.13 -37.49
CA VAL Y 34 -16.83 -10.40 -37.80
C VAL Y 34 -15.81 -11.29 -38.49
N ILE Y 35 -15.44 -12.40 -37.85
CA ILE Y 35 -14.59 -13.40 -38.49
C ILE Y 35 -15.41 -14.39 -39.30
N GLU Y 36 -15.02 -14.57 -40.56
CA GLU Y 36 -15.58 -15.63 -41.40
C GLU Y 36 -14.79 -16.94 -41.20
N ILE Y 37 -15.23 -17.72 -40.21
CA ILE Y 37 -14.59 -18.99 -39.80
C ILE Y 37 -14.62 -20.02 -40.94
N ASN Y 38 -15.79 -20.18 -41.55
CA ASN Y 38 -15.95 -20.90 -42.80
C ASN Y 38 -17.31 -20.52 -43.40
N PRO Y 39 -17.55 -20.83 -44.69
CA PRO Y 39 -18.84 -20.67 -45.37
C PRO Y 39 -20.10 -20.76 -44.50
N PHE Y 40 -20.02 -21.52 -43.39
CA PHE Y 40 -21.19 -21.76 -42.53
C PHE Y 40 -21.08 -21.19 -41.10
N LEU Y 41 -19.87 -20.83 -40.65
CA LEU Y 41 -19.62 -20.38 -39.27
C LEU Y 41 -19.09 -18.97 -39.18
N LEU Y 42 -19.75 -18.15 -38.37
CA LEU Y 42 -19.33 -16.77 -38.11
C LEU Y 42 -18.95 -16.57 -36.64
N GLY Y 43 -17.91 -15.78 -36.39
CA GLY Y 43 -17.59 -15.31 -35.05
C GLY Y 43 -17.61 -13.78 -35.01
N THR Y 44 -17.86 -13.20 -33.83
CA THR Y 44 -17.80 -11.75 -33.64
C THR Y 44 -16.74 -11.41 -32.62
N MET Y 45 -16.43 -10.12 -32.46
CA MET Y 45 -15.31 -9.74 -31.59
C MET Y 45 -15.57 -8.54 -30.70
N ALA Y 46 -15.31 -8.73 -29.42
CA ALA Y 46 -15.44 -7.68 -28.42
C ALA Y 46 -14.44 -7.98 -27.32
N GLY Y 47 -13.82 -6.95 -26.77
CA GLY Y 47 -12.72 -7.12 -25.84
C GLY Y 47 -11.44 -6.87 -26.58
N GLY Y 48 -10.39 -7.56 -26.17
CA GLY Y 48 -9.08 -7.46 -26.81
C GLY Y 48 -9.16 -7.86 -28.28
N ALA Y 49 -8.72 -6.95 -29.14
CA ALA Y 49 -8.68 -7.19 -30.58
C ALA Y 49 -7.79 -8.38 -30.91
N ALA Y 50 -6.55 -8.35 -30.41
CA ALA Y 50 -5.59 -9.43 -30.64
C ALA Y 50 -6.17 -10.75 -30.20
N ASP Y 51 -6.49 -10.88 -28.93
CA ASP Y 51 -7.06 -12.10 -28.38
C ASP Y 51 -8.21 -12.63 -29.21
N CYS Y 52 -9.01 -11.74 -29.79
CA CYS Y 52 -10.18 -12.14 -30.57
C CYS Y 52 -9.85 -12.64 -31.96
N GLN Y 53 -9.06 -11.89 -32.72
CA GLN Y 53 -8.55 -12.32 -34.03
C GLN Y 53 -7.78 -13.65 -33.94
N PHE Y 54 -6.78 -13.68 -33.07
CA PHE Y 54 -5.87 -14.79 -32.98
C PHE Y 54 -6.60 -16.08 -32.65
N TRP Y 55 -7.40 -16.07 -31.59
CA TRP Y 55 -7.99 -17.30 -31.12
C TRP Y 55 -9.16 -17.75 -31.97
N GLU Y 56 -9.76 -16.82 -32.71
CA GLU Y 56 -10.79 -17.23 -33.67
C GLU Y 56 -10.24 -17.72 -35.00
N THR Y 57 -9.13 -17.15 -35.47
CA THR Y 57 -8.48 -17.69 -36.67
C THR Y 57 -8.06 -19.12 -36.36
N TRP Y 58 -7.53 -19.33 -35.16
CA TRP Y 58 -7.16 -20.65 -34.67
C TRP Y 58 -8.34 -21.57 -34.64
N LEU Y 59 -9.50 -21.04 -34.23
CA LEU Y 59 -10.72 -21.85 -34.25
C LEU Y 59 -10.99 -22.36 -35.67
N GLY Y 60 -10.87 -21.48 -36.65
CA GLY Y 60 -11.09 -21.83 -38.06
C GLY Y 60 -10.22 -23.00 -38.50
N SER Y 61 -8.98 -22.99 -38.02
CA SER Y 61 -8.06 -24.07 -38.29
C SER Y 61 -8.43 -25.35 -37.57
N GLN Y 62 -8.95 -25.25 -36.36
CA GLN Y 62 -9.44 -26.42 -35.64
C GLN Y 62 -10.66 -27.04 -36.31
N CYS Y 63 -11.49 -26.20 -36.92
CA CYS Y 63 -12.72 -26.63 -37.58
C CYS Y 63 -12.45 -27.32 -38.90
N ARG Y 64 -11.43 -26.85 -39.61
CA ARG Y 64 -11.03 -27.43 -40.89
C ARG Y 64 -10.47 -28.83 -40.65
N LEU Y 65 -9.64 -28.92 -39.62
CA LEU Y 65 -9.00 -30.14 -39.17
C LEU Y 65 -10.04 -31.16 -38.71
N HIS Y 66 -11.20 -30.68 -38.26
CA HIS Y 66 -12.30 -31.54 -37.88
C HIS Y 66 -12.98 -32.10 -39.14
N GLU Y 67 -13.25 -31.22 -40.11
CA GLU Y 67 -13.87 -31.60 -41.39
C GLU Y 67 -13.06 -32.63 -42.15
N LEU Y 68 -11.73 -32.55 -42.02
CA LEU Y 68 -10.86 -33.53 -42.63
C LEU Y 68 -10.91 -34.86 -41.87
N ARG Y 69 -10.81 -34.79 -40.54
CA ARG Y 69 -10.87 -35.98 -39.68
C ARG Y 69 -12.18 -36.75 -39.72
N GLU Y 70 -13.30 -36.03 -39.77
CA GLU Y 70 -14.63 -36.64 -39.61
C GLU Y 70 -15.52 -36.63 -40.85
N LYS Y 71 -15.09 -35.93 -41.90
CA LYS Y 71 -15.88 -35.78 -43.13
C LYS Y 71 -17.14 -34.90 -43.00
N GLU Y 72 -17.74 -34.93 -41.81
CA GLU Y 72 -18.86 -34.04 -41.47
C GLU Y 72 -18.40 -32.59 -41.40
N ARG Y 73 -19.33 -31.64 -41.45
CA ARG Y 73 -19.02 -30.24 -41.10
C ARG Y 73 -19.20 -30.10 -39.59
N ILE Y 74 -18.36 -29.29 -38.93
CA ILE Y 74 -18.46 -29.20 -37.47
C ILE Y 74 -19.76 -28.52 -37.02
N SER Y 75 -20.35 -29.03 -35.94
CA SER Y 75 -21.52 -28.41 -35.37
C SER Y 75 -21.13 -27.12 -34.67
N VAL Y 76 -22.06 -26.18 -34.61
CA VAL Y 76 -21.84 -24.90 -33.93
C VAL Y 76 -21.64 -25.12 -32.43
N ALA Y 77 -22.29 -26.14 -31.87
CA ALA Y 77 -22.11 -26.51 -30.47
C ALA Y 77 -20.67 -26.95 -30.22
N ALA Y 78 -20.18 -27.86 -31.06
CA ALA Y 78 -18.83 -28.40 -30.91
C ALA Y 78 -17.72 -27.38 -31.24
N ALA Y 79 -18.04 -26.42 -32.12
CA ALA Y 79 -17.10 -25.35 -32.45
C ALA Y 79 -16.93 -24.40 -31.26
N SER Y 80 -18.05 -23.86 -30.81
CA SER Y 80 -18.08 -22.97 -29.66
C SER Y 80 -17.36 -23.56 -28.45
N LYS Y 81 -17.46 -24.88 -28.30
CA LYS Y 81 -16.85 -25.54 -27.15
C LYS Y 81 -15.34 -25.64 -27.32
N ILE Y 82 -14.88 -25.83 -28.55
CA ILE Y 82 -13.44 -25.88 -28.84
C ILE Y 82 -12.79 -24.56 -28.43
N LEU Y 83 -13.48 -23.44 -28.71
CA LEU Y 83 -13.01 -22.11 -28.32
C LEU Y 83 -13.06 -21.92 -26.81
N SER Y 84 -14.21 -22.20 -26.23
CA SER Y 84 -14.44 -22.08 -24.80
C SER Y 84 -13.47 -22.90 -23.96
N ASN Y 85 -13.10 -24.08 -24.43
CA ASN Y 85 -12.24 -24.95 -23.65
C ASN Y 85 -10.81 -24.42 -23.64
N LEU Y 86 -10.44 -23.82 -24.77
CA LEU Y 86 -9.17 -23.13 -24.92
C LEU Y 86 -9.12 -21.96 -23.95
N VAL Y 87 -10.11 -21.09 -24.08
CA VAL Y 87 -10.27 -19.90 -23.24
C VAL Y 87 -10.18 -20.24 -21.74
N TYR Y 88 -10.79 -21.37 -21.35
CA TYR Y 88 -10.78 -21.80 -19.95
C TYR Y 88 -9.42 -22.32 -19.49
N GLN Y 89 -8.64 -22.83 -20.43
CA GLN Y 89 -7.23 -23.19 -20.19
C GLN Y 89 -6.43 -21.97 -19.70
N TYR Y 90 -6.85 -20.79 -20.13
CA TYR Y 90 -6.13 -19.55 -19.88
C TYR Y 90 -6.80 -18.67 -18.81
N LYS Y 91 -7.77 -19.23 -18.07
CA LYS Y 91 -8.44 -18.45 -17.05
C LYS Y 91 -7.44 -17.96 -16.01
N GLY Y 92 -7.54 -16.68 -15.68
CA GLY Y 92 -6.65 -16.05 -14.72
C GLY Y 92 -5.54 -15.25 -15.39
N ALA Y 93 -5.17 -15.65 -16.62
CA ALA Y 93 -4.05 -15.02 -17.32
C ALA Y 93 -4.40 -13.64 -17.88
N GLY Y 94 -5.69 -13.30 -17.83
CA GLY Y 94 -6.16 -12.00 -18.29
C GLY Y 94 -6.42 -11.92 -19.78
N LEU Y 95 -6.79 -13.04 -20.39
CA LEU Y 95 -7.33 -13.00 -21.74
C LEU Y 95 -8.58 -12.15 -21.72
N SER Y 96 -8.80 -11.36 -22.76
CA SER Y 96 -9.97 -10.50 -22.78
C SER Y 96 -10.77 -10.59 -24.06
N MET Y 97 -11.84 -11.37 -24.02
CA MET Y 97 -12.71 -11.50 -25.18
C MET Y 97 -14.16 -11.80 -24.80
N GLY Y 98 -15.07 -11.22 -25.57
CA GLY Y 98 -16.49 -11.52 -25.51
C GLY Y 98 -16.88 -11.80 -26.94
N THR Y 99 -17.50 -12.94 -27.18
CA THR Y 99 -17.69 -13.37 -28.56
C THR Y 99 -18.88 -14.29 -28.76
N MET Y 100 -19.42 -14.26 -29.97
CA MET Y 100 -20.56 -15.09 -30.32
C MET Y 100 -20.27 -15.92 -31.57
N ILE Y 101 -20.52 -17.22 -31.45
CA ILE Y 101 -20.30 -18.18 -32.53
C ILE Y 101 -21.65 -18.51 -33.15
N CYS Y 102 -21.79 -18.23 -34.44
CA CYS Y 102 -23.07 -18.37 -35.11
C CYS Y 102 -22.94 -19.28 -36.32
N GLY Y 103 -23.97 -20.10 -36.55
CA GLY Y 103 -23.96 -20.96 -37.72
C GLY Y 103 -25.24 -21.76 -37.89
N TYR Y 104 -25.56 -22.07 -39.13
CA TYR Y 104 -26.64 -23.00 -39.42
C TYR Y 104 -26.07 -24.36 -39.79
N THR Y 105 -26.49 -25.38 -39.06
CA THR Y 105 -26.23 -26.75 -39.46
C THR Y 105 -27.58 -27.45 -39.75
N ARG Y 106 -27.51 -28.49 -40.59
CA ARG Y 106 -28.64 -29.38 -40.83
C ARG Y 106 -29.14 -29.97 -39.51
N LYS Y 107 -28.21 -30.34 -38.63
CA LYS Y 107 -28.51 -31.02 -37.37
C LYS Y 107 -29.20 -30.10 -36.36
N GLU Y 108 -28.70 -28.87 -36.23
CA GLU Y 108 -29.09 -27.98 -35.14
C GLU Y 108 -30.05 -26.87 -35.54
N GLY Y 109 -29.99 -26.45 -36.80
CA GLY Y 109 -30.71 -25.27 -37.27
C GLY Y 109 -29.82 -24.07 -37.01
N PRO Y 110 -30.39 -22.84 -37.03
CA PRO Y 110 -29.55 -21.70 -36.67
C PRO Y 110 -29.25 -21.77 -35.18
N THR Y 111 -28.00 -21.52 -34.80
CA THR Y 111 -27.61 -21.54 -33.39
C THR Y 111 -26.60 -20.45 -33.09
N ILE Y 112 -26.78 -19.81 -31.93
CA ILE Y 112 -25.86 -18.78 -31.47
C ILE Y 112 -25.28 -19.17 -30.10
N TYR Y 113 -23.96 -19.06 -29.97
CA TYR Y 113 -23.29 -19.27 -28.69
C TYR Y 113 -22.47 -18.06 -28.27
N TYR Y 114 -22.78 -17.53 -27.09
CA TYR Y 114 -21.93 -16.54 -26.43
C TYR Y 114 -20.81 -17.29 -25.73
N VAL Y 115 -19.57 -16.86 -25.94
CA VAL Y 115 -18.41 -17.41 -25.25
C VAL Y 115 -17.54 -16.22 -24.82
N ASP Y 116 -17.21 -16.13 -23.53
CA ASP Y 116 -16.35 -15.04 -23.06
C ASP Y 116 -15.10 -15.58 -22.38
N SER Y 117 -14.13 -14.69 -22.14
CA SER Y 117 -12.85 -15.11 -21.57
C SER Y 117 -12.93 -15.54 -20.10
N ASP Y 118 -14.09 -15.37 -19.47
CA ASP Y 118 -14.35 -15.91 -18.13
C ASP Y 118 -14.59 -17.42 -18.20
N GLY Y 119 -14.79 -17.95 -19.41
CA GLY Y 119 -15.09 -19.36 -19.62
C GLY Y 119 -16.58 -19.67 -19.75
N THR Y 120 -17.38 -18.61 -19.84
CA THR Y 120 -18.82 -18.72 -19.96
C THR Y 120 -19.19 -19.05 -21.40
N ARG Y 121 -20.00 -20.09 -21.57
CA ARG Y 121 -20.56 -20.50 -22.86
C ARG Y 121 -22.09 -20.64 -22.73
N LEU Y 122 -22.85 -19.94 -23.58
CA LEU Y 122 -24.31 -19.91 -23.50
C LEU Y 122 -24.99 -20.01 -24.85
N LYS Y 123 -26.01 -20.85 -24.91
CA LYS Y 123 -26.85 -20.93 -26.10
C LYS Y 123 -27.94 -19.88 -26.00
N GLY Y 124 -28.21 -19.17 -27.10
CA GLY Y 124 -29.24 -18.15 -27.05
C GLY Y 124 -29.93 -17.85 -28.37
N ASP Y 125 -30.94 -16.99 -28.27
CA ASP Y 125 -31.66 -16.47 -29.44
C ASP Y 125 -31.26 -15.04 -29.74
N ILE Y 126 -31.05 -14.24 -28.68
CA ILE Y 126 -30.59 -12.84 -28.79
C ILE Y 126 -29.35 -12.60 -27.91
N PHE Y 127 -28.30 -11.98 -28.47
CA PHE Y 127 -27.13 -11.56 -27.69
C PHE Y 127 -26.55 -10.24 -28.16
N CYS Y 128 -26.05 -9.44 -27.22
CA CYS Y 128 -25.26 -8.24 -27.52
C CYS Y 128 -24.04 -8.15 -26.61
N VAL Y 129 -22.88 -7.93 -27.23
CA VAL Y 129 -21.64 -7.84 -26.47
C VAL Y 129 -20.88 -6.59 -26.83
N GLY Y 130 -20.17 -6.05 -25.86
CA GLY Y 130 -19.40 -4.82 -26.03
C GLY Y 130 -19.87 -3.73 -25.08
N SER Y 131 -19.20 -2.59 -25.14
CA SER Y 131 -19.53 -1.46 -24.29
C SER Y 131 -20.87 -0.88 -24.68
N GLY Y 132 -21.22 -1.00 -25.95
CA GLY Y 132 -22.48 -0.46 -26.45
C GLY Y 132 -23.67 -1.39 -26.34
N GLN Y 133 -23.49 -2.53 -25.68
CA GLN Y 133 -24.51 -3.59 -25.68
C GLN Y 133 -25.90 -3.14 -25.22
N THR Y 134 -25.94 -2.42 -24.10
CA THR Y 134 -27.19 -1.99 -23.49
C THR Y 134 -28.03 -1.13 -24.43
N PHE Y 135 -27.35 -0.33 -25.24
CA PHE Y 135 -28.02 0.50 -26.23
C PHE Y 135 -28.61 -0.35 -27.34
N ALA Y 136 -27.87 -1.36 -27.77
CA ALA Y 136 -28.34 -2.29 -28.81
C ALA Y 136 -29.55 -3.11 -28.34
N TYR Y 137 -29.48 -3.64 -27.12
CA TYR Y 137 -30.57 -4.41 -26.53
C TYR Y 137 -31.87 -3.63 -26.49
N GLY Y 138 -31.77 -2.36 -26.10
CA GLY Y 138 -32.95 -1.49 -25.97
C GLY Y 138 -33.81 -1.49 -27.22
N VAL Y 139 -33.21 -1.11 -28.34
CA VAL Y 139 -33.85 -1.07 -29.65
C VAL Y 139 -34.33 -2.46 -30.04
N LEU Y 140 -33.40 -3.41 -29.93
CA LEU Y 140 -33.61 -4.77 -30.40
C LEU Y 140 -34.75 -5.49 -29.67
N ASP Y 141 -34.75 -5.44 -28.34
CA ASP Y 141 -35.77 -6.12 -27.52
C ASP Y 141 -37.19 -5.71 -27.84
N SER Y 142 -37.41 -4.40 -27.95
CA SER Y 142 -38.74 -3.84 -28.20
C SER Y 142 -39.25 -4.10 -29.61
N ASN Y 143 -38.34 -4.27 -30.57
CA ASN Y 143 -38.74 -4.53 -31.94
C ASN Y 143 -38.50 -5.96 -32.40
N TYR Y 144 -38.26 -6.87 -31.47
CA TYR Y 144 -37.94 -8.24 -31.84
C TYR Y 144 -39.19 -9.08 -32.06
N LYS Y 145 -39.23 -9.74 -33.21
CA LYS Y 145 -40.29 -10.69 -33.52
C LYS Y 145 -39.67 -11.87 -34.28
N TRP Y 146 -40.07 -13.09 -33.92
CA TRP Y 146 -39.61 -14.27 -34.66
C TRP Y 146 -40.02 -14.20 -36.14
N ASP Y 147 -41.15 -13.53 -36.40
CA ASP Y 147 -41.80 -13.47 -37.70
C ASP Y 147 -41.08 -12.60 -38.74
N LEU Y 148 -40.40 -11.55 -38.26
CA LEU Y 148 -39.60 -10.65 -39.10
C LEU Y 148 -39.12 -11.24 -40.42
N SER Y 149 -39.42 -10.55 -41.53
CA SER Y 149 -38.87 -10.93 -42.83
C SER Y 149 -37.37 -10.72 -42.87
N VAL Y 150 -36.68 -11.51 -43.69
CA VAL Y 150 -35.22 -11.37 -43.88
C VAL Y 150 -34.77 -9.91 -44.07
N GLU Y 151 -35.42 -9.22 -45.02
CA GLU Y 151 -35.20 -7.79 -45.28
C GLU Y 151 -35.39 -6.92 -44.01
N ASP Y 152 -36.50 -7.13 -43.31
CA ASP Y 152 -36.82 -6.39 -42.07
C ASP Y 152 -35.94 -6.74 -40.87
N ALA Y 153 -35.59 -8.02 -40.73
CA ALA Y 153 -34.72 -8.48 -39.65
C ALA Y 153 -33.34 -7.83 -39.76
N LEU Y 154 -32.77 -7.87 -40.95
CA LEU Y 154 -31.54 -7.15 -41.27
C LEU Y 154 -31.57 -5.69 -40.81
N TYR Y 155 -32.68 -4.99 -41.10
CA TYR Y 155 -32.84 -3.60 -40.71
C TYR Y 155 -32.76 -3.40 -39.20
N LEU Y 156 -33.41 -4.29 -38.44
CA LEU Y 156 -33.41 -4.21 -36.97
C LEU Y 156 -32.00 -4.35 -36.36
N GLY Y 157 -31.21 -5.26 -36.89
CA GLY Y 157 -29.81 -5.39 -36.49
C GLY Y 157 -29.04 -4.14 -36.86
N LYS Y 158 -29.23 -3.68 -38.10
CA LYS Y 158 -28.55 -2.51 -38.62
C LYS Y 158 -28.86 -1.29 -37.75
N ARG Y 159 -30.13 -1.15 -37.37
CA ARG Y 159 -30.61 0.01 -36.62
C ARG Y 159 -30.17 -0.03 -35.16
N SER Y 160 -30.10 -1.24 -34.58
CA SER Y 160 -29.66 -1.41 -33.20
C SER Y 160 -28.17 -1.07 -33.02
N ILE Y 161 -27.36 -1.35 -34.03
CA ILE Y 161 -25.94 -1.00 -33.98
C ILE Y 161 -25.77 0.50 -34.22
N LEU Y 162 -26.66 1.08 -35.02
CA LEU Y 162 -26.68 2.53 -35.25
C LEU Y 162 -27.08 3.21 -33.95
N ALA Y 163 -28.08 2.65 -33.30
CA ALA Y 163 -28.51 3.09 -31.98
C ALA Y 163 -27.33 3.21 -31.01
N ALA Y 164 -26.56 2.13 -30.87
CA ALA Y 164 -25.41 2.12 -29.97
C ALA Y 164 -24.24 2.97 -30.46
N ALA Y 165 -24.08 3.11 -31.78
CA ALA Y 165 -23.05 4.00 -32.33
C ALA Y 165 -23.26 5.42 -31.84
N HIS Y 166 -24.51 5.83 -31.82
CA HIS Y 166 -24.90 7.19 -31.47
C HIS Y 166 -24.60 7.54 -30.02
N ARG Y 167 -24.90 6.64 -29.09
CA ARG Y 167 -24.75 6.96 -27.67
C ARG Y 167 -23.40 6.56 -27.06
N ASP Y 168 -22.88 5.39 -27.46
CA ASP Y 168 -21.59 4.93 -26.97
C ASP Y 168 -20.44 5.68 -27.65
N ALA Y 169 -19.55 6.19 -26.82
CA ALA Y 169 -18.38 6.92 -27.29
C ALA Y 169 -17.43 5.93 -27.94
N TYR Y 170 -17.45 4.70 -27.45
CA TYR Y 170 -16.50 3.70 -27.88
C TYR Y 170 -17.03 2.84 -29.01
N SER Y 171 -18.25 3.14 -29.44
CA SER Y 171 -18.82 2.46 -30.59
C SER Y 171 -19.09 3.42 -31.73
N GLY Y 172 -18.98 2.89 -32.95
CA GLY Y 172 -19.27 3.65 -34.18
C GLY Y 172 -18.48 3.23 -35.40
N GLY Y 173 -18.24 4.21 -36.27
CA GLY Y 173 -17.57 3.96 -37.53
C GLY Y 173 -18.53 3.55 -38.63
N SER Y 174 -18.83 2.26 -38.67
CA SER Y 174 -19.71 1.69 -39.69
C SER Y 174 -20.28 0.35 -39.26
N VAL Y 175 -21.49 0.07 -39.73
CA VAL Y 175 -22.18 -1.17 -39.43
C VAL Y 175 -21.89 -2.20 -40.51
N ASN Y 176 -21.55 -3.43 -40.10
CA ASN Y 176 -21.43 -4.54 -41.03
C ASN Y 176 -22.54 -5.55 -40.82
N LEU Y 177 -23.11 -6.04 -41.92
CA LEU Y 177 -24.27 -6.92 -41.86
C LEU Y 177 -24.02 -8.29 -42.46
N TYR Y 178 -24.48 -9.32 -41.75
CA TYR Y 178 -24.35 -10.70 -42.19
C TYR Y 178 -25.67 -11.44 -42.01
N HIS Y 179 -26.05 -12.22 -43.02
CA HIS Y 179 -27.22 -13.09 -42.93
C HIS Y 179 -26.77 -14.55 -42.94
N VAL Y 180 -27.07 -15.28 -41.87
CA VAL Y 180 -26.75 -16.70 -41.86
C VAL Y 180 -27.98 -17.52 -42.18
N THR Y 181 -27.93 -18.16 -43.35
CA THR Y 181 -29.04 -18.96 -43.89
C THR Y 181 -28.72 -20.45 -43.74
N GLU Y 182 -29.73 -21.25 -44.08
CA GLU Y 182 -29.59 -22.65 -44.38
C GLU Y 182 -28.33 -22.92 -45.24
N ASP Y 183 -28.20 -22.15 -46.33
CA ASP Y 183 -27.18 -22.30 -47.38
C ASP Y 183 -25.75 -21.88 -46.95
N GLY Y 184 -25.65 -21.12 -45.85
CA GLY Y 184 -24.37 -20.54 -45.39
C GLY Y 184 -24.57 -19.07 -45.00
N TRP Y 185 -23.49 -18.30 -44.96
CA TRP Y 185 -23.62 -16.86 -44.64
C TRP Y 185 -23.53 -15.98 -45.88
N ILE Y 186 -24.24 -14.86 -45.83
CA ILE Y 186 -24.20 -13.88 -46.91
C ILE Y 186 -23.95 -12.49 -46.34
N TYR Y 187 -22.83 -11.90 -46.76
CA TYR Y 187 -22.49 -10.53 -46.39
C TYR Y 187 -23.47 -9.56 -47.02
N HIS Y 188 -23.96 -8.64 -46.20
CA HIS Y 188 -24.89 -7.62 -46.66
C HIS Y 188 -24.31 -6.21 -46.53
N GLY Y 189 -23.04 -6.08 -46.89
CA GLY Y 189 -22.42 -4.76 -47.03
C GLY Y 189 -22.01 -4.01 -45.78
N ASN Y 190 -21.21 -2.97 -46.00
CA ASN Y 190 -20.74 -2.06 -44.96
C ASN Y 190 -21.50 -0.74 -45.03
N HIS Y 191 -21.96 -0.25 -43.89
CA HIS Y 191 -22.73 0.99 -43.85
C HIS Y 191 -22.13 2.03 -42.93
N ASP Y 192 -21.60 3.09 -43.51
CA ASP Y 192 -20.95 4.15 -42.76
C ASP Y 192 -22.00 4.89 -41.94
N VAL Y 193 -21.74 5.05 -40.65
CA VAL Y 193 -22.67 5.70 -39.72
C VAL Y 193 -22.79 7.20 -40.00
N GLY Y 194 -21.74 7.75 -40.61
CA GLY Y 194 -21.76 9.12 -41.12
C GLY Y 194 -22.98 9.31 -41.97
N GLU Y 195 -23.05 8.59 -43.09
CA GLU Y 195 -24.21 8.62 -43.98
C GLU Y 195 -25.49 8.06 -43.35
N LEU Y 196 -25.38 6.88 -42.73
CA LEU Y 196 -26.53 6.12 -42.23
C LEU Y 196 -27.42 6.89 -41.26
N PHE Y 197 -26.81 7.58 -40.30
CA PHE Y 197 -27.53 8.35 -39.28
C PHE Y 197 -28.54 9.33 -39.87
N TRP Y 198 -28.07 10.20 -40.76
CA TRP Y 198 -28.90 11.24 -41.36
C TRP Y 198 -30.03 10.66 -42.19
N LYS Y 199 -29.72 9.68 -43.03
CA LYS Y 199 -30.71 8.98 -43.83
C LYS Y 199 -31.78 8.33 -42.94
N VAL Y 200 -31.35 7.62 -41.90
CA VAL Y 200 -32.28 7.00 -40.95
C VAL Y 200 -33.15 8.03 -40.22
N LYS Y 201 -32.55 9.15 -39.80
CA LYS Y 201 -33.32 10.21 -39.17
C LYS Y 201 -34.40 10.73 -40.12
N GLU Y 202 -33.95 11.20 -41.28
CA GLU Y 202 -34.79 11.63 -42.39
C GLU Y 202 -35.99 10.71 -42.57
N GLU Y 203 -35.72 9.45 -42.92
CA GLU Y 203 -36.78 8.52 -43.32
C GLU Y 203 -37.63 8.05 -42.14
N GLU Y 204 -36.99 7.50 -41.13
CA GLU Y 204 -37.66 6.91 -39.97
C GLU Y 204 -38.39 7.93 -39.09
N GLY Y 205 -37.84 9.14 -39.01
CA GLY Y 205 -38.44 10.22 -38.20
C GLY Y 205 -37.95 10.30 -36.75
N SER Y 206 -36.98 9.46 -36.41
CA SER Y 206 -36.46 9.38 -35.06
C SER Y 206 -35.27 10.31 -34.89
N PHE Y 207 -34.65 10.26 -33.71
CA PHE Y 207 -33.53 11.14 -33.34
C PHE Y 207 -33.90 12.62 -33.34
N ASN Y 208 -35.00 12.97 -32.72
CA ASN Y 208 -35.37 14.37 -32.57
C ASN Y 208 -34.41 15.07 -31.63
N ASN Y 209 -34.05 14.33 -30.57
CA ASN Y 209 -32.86 14.54 -29.76
C ASN Y 209 -31.77 15.38 -30.43
N VAL Y 210 -31.49 15.08 -31.69
CA VAL Y 210 -30.40 15.72 -32.45
C VAL Y 210 -30.94 16.84 -33.33
N ILE Y 211 -30.23 17.96 -33.35
CA ILE Y 211 -30.59 19.07 -34.22
C ILE Y 211 -29.98 18.91 -35.61
N GLY Y 212 -30.79 19.20 -36.63
CA GLY Y 212 -30.39 19.03 -38.03
C GLY Y 212 -31.52 18.51 -38.90
N GLN Z 1 11.73 -1.30 -8.41
CA GLN Z 1 11.96 -2.58 -9.13
C GLN Z 1 12.67 -2.30 -10.47
N PHE Z 2 13.05 -3.36 -11.18
CA PHE Z 2 13.53 -3.23 -12.55
C PHE Z 2 12.35 -3.08 -13.48
N ASN Z 3 12.45 -2.15 -14.42
CA ASN Z 3 11.43 -1.99 -15.43
C ASN Z 3 11.97 -2.41 -16.78
N PRO Z 4 11.39 -3.47 -17.38
CA PRO Z 4 12.01 -4.07 -18.55
C PRO Z 4 11.77 -3.26 -19.81
N TYR Z 5 10.93 -2.23 -19.69
CA TYR Z 5 10.55 -1.42 -20.82
C TYR Z 5 11.15 0.00 -20.79
N GLY Z 6 10.92 0.75 -21.86
CA GLY Z 6 11.35 2.13 -21.99
C GLY Z 6 10.69 2.69 -23.23
N ASP Z 7 10.94 3.95 -23.53
CA ASP Z 7 10.31 4.56 -24.71
C ASP Z 7 11.31 5.43 -25.44
N ASN Z 8 11.57 5.08 -26.71
CA ASN Z 8 12.60 5.74 -27.52
C ASN Z 8 12.06 6.70 -28.56
N GLY Z 9 10.81 7.11 -28.35
CA GLY Z 9 10.19 8.15 -29.15
C GLY Z 9 9.94 7.74 -30.57
N GLY Z 10 10.25 8.64 -31.48
CA GLY Z 10 9.99 8.41 -32.89
C GLY Z 10 8.53 8.41 -33.31
N THR Z 11 8.33 8.41 -34.62
CA THR Z 11 7.01 8.36 -35.22
C THR Z 11 7.21 7.76 -36.60
N ILE Z 12 6.25 6.95 -37.05
CA ILE Z 12 6.33 6.28 -38.33
C ILE Z 12 5.02 6.48 -39.08
N LEU Z 13 5.08 6.42 -40.41
CA LEU Z 13 3.93 6.71 -41.25
C LEU Z 13 3.95 5.94 -42.58
N GLY Z 14 2.89 5.19 -42.84
CA GLY Z 14 2.80 4.38 -44.05
C GLY Z 14 1.57 4.68 -44.87
N ILE Z 15 1.75 4.94 -46.15
CA ILE Z 15 0.63 5.22 -47.04
C ILE Z 15 0.72 4.28 -48.22
N ALA Z 16 -0.43 3.72 -48.60
CA ALA Z 16 -0.51 2.83 -49.74
C ALA Z 16 -1.16 3.53 -50.93
N GLY Z 17 -0.42 3.65 -52.02
CA GLY Z 17 -0.97 4.17 -53.27
C GLY Z 17 -1.51 3.06 -54.15
N GLU Z 18 -2.04 3.45 -55.31
CA GLU Z 18 -2.71 2.54 -56.24
C GLU Z 18 -1.81 1.42 -56.78
N ASP Z 19 -0.52 1.70 -56.97
CA ASP Z 19 0.44 0.67 -57.40
C ASP Z 19 1.82 0.86 -56.77
N PHE Z 20 1.81 1.36 -55.53
CA PHE Z 20 3.01 1.63 -54.72
C PHE Z 20 2.62 1.80 -53.24
N ALA Z 21 3.63 1.95 -52.38
CA ALA Z 21 3.43 2.20 -50.96
C ALA Z 21 4.65 2.90 -50.40
N VAL Z 22 4.44 3.79 -49.44
CA VAL Z 22 5.55 4.42 -48.73
C VAL Z 22 5.52 4.05 -47.25
N LEU Z 23 6.69 3.99 -46.63
CA LEU Z 23 6.78 3.87 -45.19
C LEU Z 23 7.92 4.75 -44.73
N ALA Z 24 7.57 5.80 -44.00
CA ALA Z 24 8.52 6.82 -43.58
C ALA Z 24 8.65 6.85 -42.06
N GLY Z 25 9.75 7.41 -41.59
CA GLY Z 25 9.96 7.63 -40.17
C GLY Z 25 10.99 8.70 -39.92
N ASP Z 26 10.89 9.34 -38.76
CA ASP Z 26 11.95 10.25 -38.33
C ASP Z 26 13.12 9.43 -37.83
N THR Z 27 14.29 10.04 -37.80
CA THR Z 27 15.50 9.28 -37.52
C THR Z 27 16.04 9.56 -36.14
N ARG Z 28 15.19 10.06 -35.26
CA ARG Z 28 15.66 10.49 -33.96
C ARG Z 28 15.32 9.46 -32.90
N ASN Z 29 16.31 9.19 -32.06
CA ASN Z 29 16.17 8.25 -30.96
C ASN Z 29 16.34 8.99 -29.64
N ILE Z 30 15.35 8.89 -28.75
CA ILE Z 30 15.36 9.64 -27.49
C ILE Z 30 15.19 8.79 -26.21
N THR Z 31 15.57 9.37 -25.08
CA THR Z 31 15.24 8.83 -23.75
C THR Z 31 14.95 9.99 -22.82
N ASP Z 32 13.69 10.10 -22.40
CA ASP Z 32 13.22 11.23 -21.58
C ASP Z 32 13.43 12.54 -22.33
N TYR Z 33 14.41 13.33 -21.88
CA TYR Z 33 14.68 14.64 -22.49
C TYR Z 33 16.00 14.72 -23.25
N SER Z 34 16.71 13.60 -23.28
CA SER Z 34 17.95 13.50 -24.01
C SER Z 34 17.70 13.05 -25.44
N ILE Z 35 18.59 13.43 -26.35
CA ILE Z 35 18.65 12.83 -27.67
C ILE Z 35 19.78 11.82 -27.64
N ASN Z 36 19.53 10.62 -28.16
CA ASN Z 36 20.55 9.58 -28.22
C ASN Z 36 21.27 9.56 -29.57
N SER Z 37 20.49 9.76 -30.63
CA SER Z 37 21.03 9.87 -31.97
C SER Z 37 20.10 10.72 -32.82
N ARG Z 38 20.69 11.47 -33.75
CA ARG Z 38 19.91 12.23 -34.72
C ARG Z 38 19.70 11.42 -36.00
N TYR Z 39 20.54 10.39 -36.18
CA TYR Z 39 20.39 9.42 -37.27
C TYR Z 39 20.55 7.97 -36.80
N GLU Z 40 19.40 7.31 -36.62
CA GLU Z 40 19.32 5.90 -36.23
C GLU Z 40 18.06 5.35 -36.91
N PRO Z 41 18.21 4.83 -38.14
CA PRO Z 41 17.04 4.57 -38.97
C PRO Z 41 16.14 3.50 -38.35
N LYS Z 42 14.83 3.64 -38.51
CA LYS Z 42 13.91 2.65 -37.94
C LYS Z 42 13.00 1.94 -38.95
N VAL Z 43 13.08 2.36 -40.21
CA VAL Z 43 12.36 1.71 -41.30
C VAL Z 43 13.36 0.85 -42.10
N PHE Z 44 12.96 -0.38 -42.42
CA PHE Z 44 13.90 -1.39 -42.95
C PHE Z 44 13.43 -2.14 -44.20
N ASP Z 45 14.38 -2.50 -45.05
CA ASP Z 45 14.15 -3.43 -46.15
C ASP Z 45 14.38 -4.86 -45.65
N CYS Z 46 13.34 -5.68 -45.69
CA CYS Z 46 13.43 -7.06 -45.21
C CYS Z 46 13.48 -8.04 -46.38
N GLY Z 47 13.74 -7.50 -47.58
CA GLY Z 47 13.74 -8.28 -48.82
C GLY Z 47 12.32 -8.65 -49.24
N ASP Z 48 12.22 -9.28 -50.40
CA ASP Z 48 10.93 -9.66 -50.98
C ASP Z 48 10.01 -8.47 -51.13
N ASN Z 49 10.61 -7.29 -51.34
CA ASN Z 49 9.87 -6.06 -51.58
C ASN Z 49 8.95 -5.69 -50.43
N ILE Z 50 9.40 -5.99 -49.20
CA ILE Z 50 8.71 -5.65 -47.97
C ILE Z 50 9.53 -4.65 -47.15
N VAL Z 51 8.87 -3.61 -46.65
CA VAL Z 51 9.47 -2.70 -45.70
C VAL Z 51 8.70 -2.73 -44.38
N MET Z 52 9.42 -2.53 -43.29
CA MET Z 52 8.87 -2.74 -41.95
C MET Z 52 9.41 -1.72 -40.95
N SER Z 53 8.59 -1.36 -39.98
CA SER Z 53 9.05 -0.53 -38.88
C SER Z 53 8.34 -0.88 -37.59
N ALA Z 54 9.12 -0.90 -36.51
CA ALA Z 54 8.62 -1.27 -35.20
C ALA Z 54 8.92 -0.15 -34.21
N ASN Z 55 7.98 0.79 -34.08
CA ASN Z 55 8.20 1.98 -33.29
C ASN Z 55 7.75 1.81 -31.85
N GLY Z 56 8.50 2.40 -30.93
CA GLY Z 56 8.15 2.36 -29.52
C GLY Z 56 9.39 2.17 -28.69
N PHE Z 57 9.43 1.05 -27.97
CA PHE Z 57 10.61 0.65 -27.23
C PHE Z 57 11.59 0.08 -28.23
N ALA Z 58 12.71 0.76 -28.43
CA ALA Z 58 13.61 0.44 -29.54
C ALA Z 58 14.36 -0.91 -29.42
N ALA Z 59 14.39 -1.51 -28.23
CA ALA Z 59 14.96 -2.87 -28.09
C ALA Z 59 13.99 -3.95 -28.56
N ASP Z 60 12.73 -3.88 -28.13
CA ASP Z 60 11.71 -4.80 -28.63
C ASP Z 60 11.56 -4.64 -30.13
N GLY Z 61 11.62 -3.40 -30.60
CA GLY Z 61 11.47 -3.08 -32.02
C GLY Z 61 12.55 -3.71 -32.88
N ASP Z 62 13.80 -3.64 -32.40
CA ASP Z 62 14.93 -4.21 -33.13
C ASP Z 62 14.90 -5.73 -33.12
N ALA Z 63 14.55 -6.29 -31.96
CA ALA Z 63 14.46 -7.72 -31.77
C ALA Z 63 13.46 -8.34 -32.73
N LEU Z 64 12.37 -7.62 -32.97
CA LEU Z 64 11.31 -8.10 -33.83
C LEU Z 64 11.71 -7.99 -35.30
N VAL Z 65 12.27 -6.85 -35.70
CA VAL Z 65 12.74 -6.66 -37.07
C VAL Z 65 13.78 -7.73 -37.45
N LYS Z 66 14.68 -8.08 -36.52
CA LYS Z 66 15.56 -9.23 -36.67
C LYS Z 66 14.77 -10.51 -36.93
N ARG Z 67 13.94 -10.89 -35.96
CA ARG Z 67 13.18 -12.14 -35.98
C ARG Z 67 12.34 -12.31 -37.23
N PHE Z 68 11.85 -11.19 -37.77
CA PHE Z 68 11.06 -11.22 -39.00
C PHE Z 68 11.96 -11.44 -40.21
N LYS Z 69 13.04 -10.66 -40.32
CA LYS Z 69 14.00 -10.83 -41.42
C LYS Z 69 14.40 -12.30 -41.54
N ASN Z 70 14.64 -12.91 -40.38
CA ASN Z 70 14.96 -14.31 -40.30
C ASN Z 70 13.82 -15.23 -40.69
N SER Z 71 12.59 -14.78 -40.47
CA SER Z 71 11.44 -15.51 -40.97
C SER Z 71 11.50 -15.52 -42.49
N VAL Z 72 11.82 -14.37 -43.08
CA VAL Z 72 11.98 -14.26 -44.53
C VAL Z 72 12.99 -15.27 -45.08
N LYS Z 73 14.21 -15.25 -44.54
CA LYS Z 73 15.29 -16.19 -44.87
C LYS Z 73 14.83 -17.65 -44.74
N TRP Z 74 14.21 -17.99 -43.62
CA TRP Z 74 13.79 -19.37 -43.36
C TRP Z 74 12.57 -19.78 -44.17
N TYR Z 75 11.82 -18.80 -44.64
CA TYR Z 75 10.72 -19.07 -45.55
C TYR Z 75 11.29 -19.62 -46.84
N HIS Z 76 12.25 -18.90 -47.42
CA HIS Z 76 12.93 -19.31 -48.64
C HIS Z 76 13.56 -20.68 -48.51
N PHE Z 77 14.27 -20.92 -47.40
CA PHE Z 77 14.84 -22.22 -47.11
C PHE Z 77 13.75 -23.29 -47.19
N ASP Z 78 12.82 -23.24 -46.24
CA ASP Z 78 11.83 -24.29 -46.07
C ASP Z 78 10.86 -24.47 -47.25
N HIS Z 79 10.71 -23.44 -48.07
CA HIS Z 79 9.69 -23.47 -49.11
C HIS Z 79 10.22 -23.18 -50.52
N ASN Z 80 11.44 -23.63 -50.77
CA ASN Z 80 12.08 -23.50 -52.08
C ASN Z 80 11.89 -22.08 -52.66
N ASP Z 81 12.60 -21.13 -52.04
CA ASP Z 81 12.71 -19.74 -52.50
C ASP Z 81 11.42 -19.02 -52.92
N LYS Z 82 10.27 -19.41 -52.36
CA LYS Z 82 9.01 -18.75 -52.69
C LYS Z 82 9.04 -17.31 -52.22
N LYS Z 83 8.39 -16.42 -52.99
CA LYS Z 83 8.26 -15.02 -52.59
C LYS Z 83 7.24 -14.89 -51.47
N LEU Z 84 7.63 -14.25 -50.38
CA LEU Z 84 6.76 -14.08 -49.21
C LEU Z 84 5.73 -12.98 -49.50
N SER Z 85 4.49 -13.40 -49.73
CA SER Z 85 3.42 -12.46 -50.06
C SER Z 85 3.09 -11.65 -48.81
N ILE Z 86 2.84 -10.35 -49.02
CA ILE Z 86 2.58 -9.41 -47.92
C ILE Z 86 1.51 -9.89 -46.92
N ASN Z 87 0.38 -10.39 -47.42
CA ASN Z 87 -0.66 -10.93 -46.56
C ASN Z 87 -0.15 -12.06 -45.68
N SER Z 88 0.86 -12.78 -46.18
CA SER Z 88 1.47 -13.89 -45.45
C SER Z 88 2.37 -13.32 -44.36
N ALA Z 89 3.25 -12.42 -44.75
CA ALA Z 89 4.11 -11.71 -43.82
C ALA Z 89 3.30 -11.15 -42.64
N ALA Z 90 2.23 -10.40 -42.94
CA ALA Z 90 1.32 -9.88 -41.92
C ALA Z 90 0.99 -10.99 -40.93
N ARG Z 91 0.40 -12.07 -41.43
CA ARG Z 91 0.03 -13.20 -40.60
C ARG Z 91 1.22 -13.76 -39.81
N ASN Z 92 2.36 -13.88 -40.48
CA ASN Z 92 3.56 -14.38 -39.83
C ASN Z 92 3.96 -13.49 -38.65
N ILE Z 93 3.83 -12.18 -38.84
CA ILE Z 93 4.14 -11.19 -37.78
C ILE Z 93 3.15 -11.27 -36.63
N GLN Z 94 1.86 -11.42 -36.93
CA GLN Z 94 0.86 -11.67 -35.88
C GLN Z 94 1.37 -12.75 -34.92
N HIS Z 95 1.81 -13.87 -35.50
CA HIS Z 95 2.28 -15.00 -34.70
C HIS Z 95 3.53 -14.72 -33.88
N LEU Z 96 4.42 -13.91 -34.44
CA LEU Z 96 5.62 -13.45 -33.75
C LEU Z 96 5.23 -12.68 -32.50
N LEU Z 97 4.35 -11.71 -32.71
CA LEU Z 97 3.93 -10.79 -31.69
C LEU Z 97 3.14 -11.50 -30.62
N TYR Z 98 2.12 -12.26 -31.05
CA TYR Z 98 1.23 -12.91 -30.10
C TYR Z 98 1.96 -14.00 -29.33
N GLY Z 99 3.01 -14.54 -29.93
CA GLY Z 99 3.90 -15.45 -29.22
C GLY Z 99 4.41 -14.87 -27.92
N LYS Z 100 4.41 -13.55 -27.81
CA LYS Z 100 4.80 -12.84 -26.60
C LYS Z 100 3.61 -12.10 -25.98
N ARG Z 101 2.48 -12.78 -25.92
CA ARG Z 101 1.25 -12.20 -25.42
C ARG Z 101 1.39 -11.79 -23.96
N PHE Z 102 2.14 -12.54 -23.17
CA PHE Z 102 2.23 -12.24 -21.76
C PHE Z 102 3.54 -11.60 -21.34
N PHE Z 103 4.30 -11.16 -22.35
CA PHE Z 103 5.45 -10.28 -22.18
C PHE Z 103 5.64 -9.58 -23.51
N PRO Z 104 4.75 -8.62 -23.82
CA PRO Z 104 4.66 -8.03 -25.16
C PRO Z 104 5.91 -7.33 -25.66
N TYR Z 105 6.04 -7.29 -26.98
CA TYR Z 105 6.94 -6.36 -27.64
C TYR Z 105 6.26 -5.00 -27.53
N TYR Z 106 6.86 -4.05 -26.82
CA TYR Z 106 6.22 -2.73 -26.69
C TYR Z 106 6.41 -1.87 -27.95
N VAL Z 107 5.78 -2.30 -29.05
CA VAL Z 107 5.90 -1.62 -30.33
C VAL Z 107 4.59 -1.54 -31.10
N HIS Z 108 4.39 -0.43 -31.77
CA HIS Z 108 3.38 -0.34 -32.80
C HIS Z 108 4.13 -0.57 -34.10
N THR Z 109 3.68 -1.58 -34.85
CA THR Z 109 4.45 -2.08 -35.99
C THR Z 109 3.66 -2.06 -37.30
N ILE Z 110 4.30 -1.54 -38.35
CA ILE Z 110 3.67 -1.34 -39.65
C ILE Z 110 4.55 -1.88 -40.78
N ILE Z 111 3.96 -2.68 -41.67
CA ILE Z 111 4.64 -3.10 -42.89
C ILE Z 111 3.97 -2.57 -44.14
N ALA Z 112 4.78 -2.31 -45.16
CA ALA Z 112 4.30 -1.79 -46.42
C ALA Z 112 4.90 -2.57 -47.58
N GLY Z 113 4.15 -2.66 -48.67
CA GLY Z 113 4.62 -3.31 -49.88
C GLY Z 113 3.51 -3.35 -50.90
N LEU Z 114 3.54 -4.41 -51.73
CA LEU Z 114 2.53 -4.61 -52.76
C LEU Z 114 1.89 -5.98 -52.54
N ASP Z 115 0.59 -6.06 -52.79
CA ASP Z 115 -0.15 -7.32 -52.63
C ASP Z 115 -0.03 -8.23 -53.86
N GLU Z 116 -0.71 -9.37 -53.81
CA GLU Z 116 -0.75 -10.32 -54.91
C GLU Z 116 -1.07 -9.67 -56.29
N ASP Z 117 -2.00 -8.70 -56.29
CA ASP Z 117 -2.49 -8.07 -57.52
C ASP Z 117 -1.64 -6.93 -58.05
N GLY Z 118 -0.60 -6.56 -57.31
CA GLY Z 118 0.27 -5.46 -57.71
C GLY Z 118 -0.16 -4.08 -57.21
N LYS Z 119 -1.29 -4.02 -56.51
CA LYS Z 119 -1.75 -2.79 -55.83
C LYS Z 119 -0.90 -2.51 -54.58
N GLY Z 120 -1.03 -1.30 -54.01
CA GLY Z 120 -0.27 -0.94 -52.80
C GLY Z 120 -0.93 -1.43 -51.52
N ALA Z 121 -0.13 -1.63 -50.47
CA ALA Z 121 -0.67 -2.18 -49.22
C ALA Z 121 0.11 -1.84 -47.94
N VAL Z 122 -0.64 -1.39 -46.93
CA VAL Z 122 -0.10 -1.18 -45.59
C VAL Z 122 -0.83 -2.05 -44.55
N TYR Z 123 -0.07 -2.68 -43.66
CA TYR Z 123 -0.65 -3.44 -42.54
C TYR Z 123 -0.17 -2.84 -41.22
N SER Z 124 -1.08 -2.70 -40.25
CA SER Z 124 -0.71 -2.12 -38.94
C SER Z 124 -1.01 -3.07 -37.78
N PHE Z 125 -0.05 -3.25 -36.89
CA PHE Z 125 -0.18 -4.19 -35.79
C PHE Z 125 -0.15 -3.50 -34.44
N ASP Z 126 -1.07 -3.86 -33.55
CA ASP Z 126 -0.93 -3.46 -32.15
C ASP Z 126 0.24 -4.24 -31.52
N PRO Z 127 0.60 -3.94 -30.25
CA PRO Z 127 1.79 -4.64 -29.73
C PRO Z 127 1.64 -6.13 -29.51
N VAL Z 128 0.41 -6.64 -29.46
CA VAL Z 128 0.23 -8.08 -29.30
C VAL Z 128 -0.32 -8.77 -30.56
N GLY Z 129 -0.13 -8.13 -31.71
CA GLY Z 129 -0.39 -8.76 -32.99
C GLY Z 129 -1.79 -8.70 -33.58
N SER Z 130 -2.62 -7.78 -33.11
CA SER Z 130 -3.88 -7.56 -33.77
C SER Z 130 -3.55 -6.76 -35.02
N TYR Z 131 -4.00 -7.21 -36.19
CA TYR Z 131 -3.61 -6.52 -37.43
C TYR Z 131 -4.75 -6.29 -38.42
N GLU Z 132 -4.51 -5.35 -39.33
CA GLU Z 132 -5.50 -4.92 -40.31
C GLU Z 132 -4.79 -4.32 -41.51
N ARG Z 133 -5.30 -4.60 -42.71
CA ARG Z 133 -4.82 -3.89 -43.91
C ARG Z 133 -5.51 -2.54 -43.97
N GLU Z 134 -4.71 -1.49 -44.12
CA GLU Z 134 -5.20 -0.11 -44.10
C GLU Z 134 -4.62 0.72 -45.23
N GLN Z 135 -5.38 1.71 -45.68
CA GLN Z 135 -4.93 2.60 -46.74
C GLN Z 135 -3.75 3.45 -46.27
N CYS Z 136 -3.85 3.99 -45.07
CA CYS Z 136 -2.74 4.75 -44.45
C CYS Z 136 -2.78 4.67 -42.93
N ARG Z 137 -1.62 4.85 -42.31
CA ARG Z 137 -1.50 4.73 -40.86
C ARG Z 137 -0.26 5.43 -40.35
N ALA Z 138 -0.47 6.28 -39.35
CA ALA Z 138 0.62 6.88 -38.61
C ALA Z 138 0.76 6.15 -37.29
N GLY Z 139 2.00 6.00 -36.83
CA GLY Z 139 2.29 5.27 -35.61
C GLY Z 139 3.38 5.88 -34.76
N GLY Z 140 3.15 5.91 -33.45
CA GLY Z 140 4.16 6.44 -32.53
C GLY Z 140 3.72 7.70 -31.81
N ALA Z 141 4.71 8.44 -31.31
CA ALA Z 141 4.48 9.62 -30.49
C ALA Z 141 3.49 10.58 -31.13
N ALA Z 142 3.76 10.96 -32.38
CA ALA Z 142 2.99 11.99 -33.07
C ALA Z 142 1.82 11.47 -33.91
N ALA Z 143 1.47 10.19 -33.75
CA ALA Z 143 0.36 9.59 -34.52
C ALA Z 143 -0.95 10.37 -34.33
N SER Z 144 -1.24 10.74 -33.09
CA SER Z 144 -2.40 11.54 -32.76
C SER Z 144 -2.48 12.83 -33.58
N LEU Z 145 -1.33 13.44 -33.86
CA LEU Z 145 -1.28 14.70 -34.63
C LEU Z 145 -1.34 14.52 -36.14
N ILE Z 146 -0.91 13.35 -36.62
CA ILE Z 146 -0.83 13.06 -38.06
C ILE Z 146 -2.11 12.41 -38.59
N MET Z 147 -2.68 11.46 -37.86
CA MET Z 147 -3.86 10.71 -38.32
C MET Z 147 -5.00 11.59 -38.83
N PRO Z 148 -5.42 12.60 -38.04
CA PRO Z 148 -6.54 13.41 -38.51
C PRO Z 148 -6.22 14.10 -39.83
N PHE Z 149 -4.99 14.60 -39.96
CA PHE Z 149 -4.50 15.20 -41.20
C PHE Z 149 -4.68 14.26 -42.40
N LEU Z 150 -4.24 13.02 -42.24
CA LEU Z 150 -4.41 11.99 -43.25
C LEU Z 150 -5.88 11.71 -43.52
N ASP Z 151 -6.67 11.50 -42.46
CA ASP Z 151 -8.12 11.36 -42.60
C ASP Z 151 -8.67 12.45 -43.50
N ASN Z 152 -8.16 13.66 -43.34
CA ASN Z 152 -8.64 14.80 -44.08
C ASN Z 152 -8.07 14.88 -45.48
N GLN Z 153 -6.80 14.50 -45.66
CA GLN Z 153 -6.09 14.78 -46.91
C GLN Z 153 -5.95 13.59 -47.86
N VAL Z 154 -5.86 12.40 -47.29
CA VAL Z 154 -5.75 11.17 -48.06
C VAL Z 154 -7.14 10.62 -48.35
N ASN Z 155 -7.90 10.36 -47.28
CA ASN Z 155 -9.25 9.79 -47.40
C ASN Z 155 -10.32 10.84 -47.74
N PHE Z 156 -9.92 12.11 -47.70
CA PHE Z 156 -10.82 13.25 -47.95
C PHE Z 156 -12.07 13.26 -47.08
N LYS Z 157 -11.90 12.95 -45.79
CA LYS Z 157 -13.00 12.97 -44.82
C LYS Z 157 -13.47 14.40 -44.54
N ASN Z 158 -14.76 14.54 -44.20
CA ASN Z 158 -15.38 15.85 -43.88
C ASN Z 158 -15.46 16.89 -45.01
N GLN Z 159 -14.80 16.63 -46.13
CA GLN Z 159 -14.84 17.54 -47.28
C GLN Z 159 -16.01 17.24 -48.20
N TYR Z 160 -16.53 18.28 -48.83
CA TYR Z 160 -17.69 18.18 -49.72
C TYR Z 160 -17.55 19.04 -50.98
N GLU Z 161 -18.59 19.01 -51.82
CA GLU Z 161 -18.61 19.78 -53.07
C GLU Z 161 -19.05 21.22 -52.85
N PRO Z 162 -18.20 22.18 -53.25
CA PRO Z 162 -18.49 23.62 -53.13
C PRO Z 162 -19.74 24.03 -53.94
N GLY Z 163 -20.92 23.74 -53.40
CA GLY Z 163 -22.15 24.09 -54.09
C GLY Z 163 -23.30 23.10 -53.92
N THR Z 164 -22.98 21.86 -53.58
CA THR Z 164 -24.01 20.86 -53.24
C THR Z 164 -24.36 21.05 -51.77
N ASN Z 165 -23.70 22.06 -51.20
CA ASN Z 165 -23.65 22.30 -49.75
C ASN Z 165 -22.75 21.26 -49.09
N GLY Z 166 -23.30 20.05 -48.95
CA GLY Z 166 -22.67 18.92 -48.30
C GLY Z 166 -23.62 17.77 -48.51
N LYS Z 167 -24.30 17.78 -49.65
CA LYS Z 167 -25.18 16.69 -50.06
C LYS Z 167 -24.45 15.71 -50.98
N VAL Z 168 -23.29 16.13 -51.49
CA VAL Z 168 -22.40 15.26 -52.29
C VAL Z 168 -20.99 15.30 -51.68
N LYS Z 169 -20.53 14.17 -51.14
CA LYS Z 169 -19.18 14.06 -50.57
C LYS Z 169 -18.16 14.32 -51.66
N LYS Z 170 -17.15 15.13 -51.37
CA LYS Z 170 -16.08 15.40 -52.33
C LYS Z 170 -15.74 14.06 -52.98
N PRO Z 171 -15.70 14.02 -54.34
CA PRO Z 171 -15.89 12.76 -55.07
C PRO Z 171 -14.75 11.78 -54.82
N LEU Z 172 -14.96 10.76 -53.98
CA LEU Z 172 -13.88 9.92 -53.39
C LEU Z 172 -12.62 9.77 -54.28
N LYS Z 173 -12.00 10.92 -54.47
CA LYS Z 173 -10.86 11.13 -55.36
C LYS Z 173 -9.58 10.42 -54.83
N TYR Z 174 -8.58 10.13 -55.71
CA TYR Z 174 -7.34 9.36 -55.30
C TYR Z 174 -5.93 9.58 -55.97
N LEU Z 175 -4.87 9.20 -55.23
CA LEU Z 175 -3.52 9.85 -55.27
C LEU Z 175 -2.32 9.18 -55.91
N SER Z 176 -1.34 10.01 -56.28
CA SER Z 176 -0.10 9.60 -56.97
C SER Z 176 1.14 9.73 -56.08
N VAL Z 177 2.28 9.22 -56.55
CA VAL Z 177 3.46 8.97 -55.71
C VAL Z 177 4.25 10.19 -55.25
N GLU Z 178 4.22 11.27 -56.01
CA GLU Z 178 4.90 12.49 -55.60
C GLU Z 178 3.95 13.25 -54.69
N GLU Z 179 2.66 13.22 -55.07
CA GLU Z 179 1.59 13.83 -54.29
C GLU Z 179 1.52 13.21 -52.89
N VAL Z 180 1.91 11.95 -52.77
CA VAL Z 180 1.96 11.28 -51.47
C VAL Z 180 3.21 11.68 -50.66
N ILE Z 181 4.36 11.79 -51.31
CA ILE Z 181 5.59 12.21 -50.63
C ILE Z 181 5.50 13.66 -50.13
N LYS Z 182 4.55 14.42 -50.68
CA LYS Z 182 4.29 15.78 -50.21
C LYS Z 182 3.63 15.76 -48.84
N LEU Z 183 2.53 15.01 -48.73
CA LEU Z 183 1.79 14.87 -47.49
C LEU Z 183 2.65 14.27 -46.40
N VAL Z 184 3.51 13.33 -46.77
CA VAL Z 184 4.45 12.74 -45.83
C VAL Z 184 5.36 13.83 -45.25
N ARG Z 185 5.99 14.60 -46.14
CA ARG Z 185 6.92 15.65 -45.73
C ARG Z 185 6.26 16.72 -44.88
N ASP Z 186 5.00 17.04 -45.19
CA ASP Z 186 4.24 18.01 -44.43
C ASP Z 186 3.84 17.47 -43.06
N SER Z 187 3.26 16.26 -43.05
CA SER Z 187 2.95 15.55 -41.81
C SER Z 187 4.10 15.58 -40.83
N PHE Z 188 5.32 15.47 -41.36
CA PHE Z 188 6.49 15.39 -40.51
C PHE Z 188 7.03 16.75 -40.08
N THR Z 189 7.05 17.72 -40.99
CA THR Z 189 7.42 19.08 -40.61
C THR Z 189 6.46 19.58 -39.52
N SER Z 190 5.18 19.29 -39.68
CA SER Z 190 4.15 19.60 -38.67
C SER Z 190 4.41 18.90 -37.34
N ALA Z 191 4.51 17.58 -37.38
CA ALA Z 191 4.80 16.78 -36.19
C ALA Z 191 6.02 17.32 -35.44
N THR Z 192 7.07 17.68 -36.19
CA THR Z 192 8.32 18.20 -35.61
C THR Z 192 8.12 19.48 -34.82
N GLU Z 193 7.25 20.35 -35.32
CA GLU Z 193 6.97 21.65 -34.72
C GLU Z 193 6.27 21.52 -33.38
N ARG Z 194 5.35 20.57 -33.29
CA ARG Z 194 4.47 20.47 -32.14
C ARG Z 194 4.73 19.27 -31.23
N HIS Z 195 5.62 18.37 -31.63
CA HIS Z 195 6.04 17.28 -30.73
C HIS Z 195 7.54 17.33 -30.46
N ILE Z 196 7.89 17.25 -29.19
CA ILE Z 196 9.28 17.37 -28.78
C ILE Z 196 10.13 16.14 -29.12
N GLN Z 197 9.48 14.99 -29.29
CA GLN Z 197 10.17 13.74 -29.63
C GLN Z 197 10.50 13.62 -31.13
N VAL Z 198 9.67 14.25 -31.97
CA VAL Z 198 9.84 14.20 -33.43
C VAL Z 198 10.87 15.23 -33.93
N GLY Z 199 11.81 14.79 -34.76
CA GLY Z 199 12.73 15.73 -35.41
C GLY Z 199 13.99 15.14 -36.04
N ASP Z 200 14.90 16.04 -36.42
CA ASP Z 200 16.25 15.73 -36.92
C ASP Z 200 16.32 15.29 -38.37
N GLY Z 201 15.65 14.17 -38.67
CA GLY Z 201 15.65 13.62 -40.02
C GLY Z 201 14.36 12.88 -40.35
N LEU Z 202 14.11 12.72 -41.63
CA LEU Z 202 13.00 11.91 -42.11
C LEU Z 202 13.54 10.99 -43.18
N GLU Z 203 13.34 9.69 -43.00
CA GLU Z 203 13.72 8.71 -43.99
C GLU Z 203 12.49 8.00 -44.53
N ILE Z 204 12.14 8.29 -45.78
CA ILE Z 204 11.07 7.59 -46.49
C ILE Z 204 11.64 6.41 -47.26
N LEU Z 205 10.89 5.31 -47.30
CA LEU Z 205 11.21 4.15 -48.12
C LEU Z 205 10.02 3.87 -49.04
N ILE Z 206 10.27 3.94 -50.35
CA ILE Z 206 9.20 3.82 -51.38
C ILE Z 206 9.24 2.44 -52.06
N VAL Z 207 8.08 1.83 -52.23
CA VAL Z 207 8.01 0.47 -52.75
C VAL Z 207 7.12 0.40 -53.99
N THR Z 208 7.77 0.15 -55.13
CA THR Z 208 7.08 -0.03 -56.40
C THR Z 208 7.33 -1.45 -56.88
N LYS Z 209 6.81 -1.81 -58.05
CA LYS Z 209 7.12 -3.11 -58.63
C LYS Z 209 8.62 -3.24 -58.96
N ASP Z 210 9.31 -2.12 -59.07
CA ASP Z 210 10.73 -2.12 -59.40
C ASP Z 210 11.66 -2.21 -58.21
N GLY Z 211 11.09 -2.27 -57.00
CA GLY Z 211 11.88 -2.44 -55.79
C GLY Z 211 11.76 -1.34 -54.77
N VAL Z 212 12.73 -1.31 -53.85
CA VAL Z 212 12.76 -0.37 -52.73
C VAL Z 212 13.68 0.82 -53.05
N ARG Z 213 13.15 2.03 -52.88
CA ARG Z 213 13.93 3.26 -53.05
C ARG Z 213 13.90 4.12 -51.78
N LYS Z 214 15.04 4.74 -51.44
CA LYS Z 214 15.15 5.59 -50.25
C LYS Z 214 15.31 7.09 -50.54
N GLU Z 215 14.45 7.90 -49.93
CA GLU Z 215 14.64 9.34 -49.90
C GLU Z 215 14.93 9.82 -48.47
N PHE Z 216 15.82 10.79 -48.34
CA PHE Z 216 16.13 11.37 -47.03
C PHE Z 216 15.93 12.89 -47.01
N TYR Z 217 15.40 13.39 -45.90
CA TYR Z 217 15.19 14.82 -45.72
C TYR Z 217 15.61 15.29 -44.33
N GLU Z 218 16.18 16.49 -44.27
CA GLU Z 218 16.47 17.14 -43.00
C GLU Z 218 15.16 17.54 -42.31
N LEU Z 219 15.19 17.51 -40.98
CA LEU Z 219 14.12 18.08 -40.16
C LEU Z 219 14.75 19.01 -39.12
N LYS Z 220 13.94 19.88 -38.53
CA LYS Z 220 14.44 20.78 -37.49
C LYS Z 220 15.00 20.02 -36.27
N ARG Z 221 16.07 20.55 -35.69
CA ARG Z 221 16.89 19.80 -34.73
C ARG Z 221 16.74 20.19 -33.24
N ASP Z 222 15.60 20.78 -32.86
CA ASP Z 222 15.33 21.04 -31.45
C ASP Z 222 14.51 19.91 -30.77
N THR AA 1 16.33 -9.52 -11.53
CA THR AA 1 15.66 -8.31 -10.96
C THR AA 1 16.44 -7.82 -9.74
N GLN AA 2 17.39 -6.91 -9.98
CA GLN AA 2 18.42 -6.59 -9.00
C GLN AA 2 18.49 -5.10 -8.72
N GLN AA 3 19.62 -4.66 -8.17
CA GLN AA 3 19.90 -3.25 -7.94
C GLN AA 3 21.41 -3.01 -7.82
N PRO AA 4 21.95 -2.01 -8.54
CA PRO AA 4 23.38 -1.76 -8.57
C PRO AA 4 23.95 -1.46 -7.17
N ILE AA 5 25.16 -1.93 -6.88
CA ILE AA 5 25.75 -1.72 -5.56
C ILE AA 5 27.04 -0.91 -5.63
N VAL AA 6 28.04 -1.40 -6.36
CA VAL AA 6 29.25 -0.61 -6.58
C VAL AA 6 29.18 -0.16 -8.02
N THR AA 7 29.31 1.15 -8.26
CA THR AA 7 29.01 1.69 -9.59
C THR AA 7 30.01 2.70 -10.15
N GLY AA 8 30.15 2.65 -11.47
CA GLY AA 8 31.00 3.58 -12.21
C GLY AA 8 30.14 4.52 -13.02
N THR AA 9 30.55 5.78 -13.08
CA THR AA 9 29.74 6.84 -13.69
C THR AA 9 29.93 6.94 -15.22
N SER AA 10 30.04 8.15 -15.75
CA SER AA 10 29.95 8.37 -17.21
C SER AA 10 31.08 7.72 -18.02
N VAL AA 11 30.76 7.38 -19.25
CA VAL AA 11 31.72 6.98 -20.26
C VAL AA 11 31.45 7.87 -21.47
N ILE AA 12 32.41 8.69 -21.86
CA ILE AA 12 32.23 9.55 -23.02
C ILE AA 12 33.07 9.11 -24.23
N SER AA 13 32.51 9.32 -25.41
CA SER AA 13 33.18 8.92 -26.63
C SER AA 13 32.69 9.68 -27.84
N MET AA 14 33.61 9.92 -28.77
CA MET AA 14 33.33 10.60 -30.04
C MET AA 14 34.27 10.04 -31.10
N LYS AA 15 33.83 10.10 -32.34
CA LYS AA 15 34.65 9.64 -33.44
C LYS AA 15 35.20 10.79 -34.26
N TYR AA 16 36.51 10.77 -34.52
CA TYR AA 16 37.19 11.75 -35.39
C TYR AA 16 37.57 11.10 -36.73
N ASP AA 17 38.16 11.87 -37.66
CA ASP AA 17 38.39 11.40 -39.05
C ASP AA 17 39.11 10.05 -39.22
N ASN AA 18 40.04 9.76 -38.31
CA ASN AA 18 40.85 8.56 -38.43
C ASN AA 18 40.59 7.48 -37.38
N GLY AA 19 39.74 7.79 -36.40
CA GLY AA 19 39.43 6.79 -35.37
C GLY AA 19 38.36 7.20 -34.39
N VAL AA 20 38.45 6.65 -33.19
CA VAL AA 20 37.50 6.93 -32.13
C VAL AA 20 38.26 7.26 -30.85
N ILE AA 21 37.65 8.07 -29.99
CA ILE AA 21 38.23 8.33 -28.67
C ILE AA 21 37.22 7.95 -27.62
N ILE AA 22 37.69 7.27 -26.58
CA ILE AA 22 36.84 6.87 -25.47
C ILE AA 22 37.53 7.19 -24.16
N ALA AA 23 36.74 7.60 -23.18
CA ALA AA 23 37.28 7.88 -21.85
C ALA AA 23 36.27 7.62 -20.73
N ALA AA 24 36.80 7.26 -19.56
CA ALA AA 24 35.99 7.01 -18.37
C ALA AA 24 36.85 7.16 -17.13
N ASP AA 25 36.31 7.80 -16.09
CA ASP AA 25 37.07 7.99 -14.84
C ASP AA 25 37.30 6.71 -14.07
N ASN AA 26 38.23 6.75 -13.13
CA ASN AA 26 38.71 5.55 -12.47
C ASN AA 26 38.00 5.24 -11.15
N LEU AA 27 36.74 5.64 -11.05
CA LEU AA 27 35.99 5.54 -9.79
C LEU AA 27 34.89 4.46 -9.78
N GLY AA 28 34.79 3.76 -8.65
CA GLY AA 28 33.64 2.92 -8.35
C GLY AA 28 33.06 3.35 -7.01
N SER AA 29 31.88 3.97 -7.05
CA SER AA 29 31.24 4.48 -5.83
C SER AA 29 30.36 3.42 -5.22
N TYR AA 30 30.13 3.55 -3.93
CA TYR AA 30 29.26 2.68 -3.17
C TYR AA 30 28.13 3.57 -2.65
N GLY AA 31 27.13 3.81 -3.48
CA GLY AA 31 26.14 4.84 -3.18
C GLY AA 31 26.85 6.17 -3.28
N SER AA 32 26.81 6.94 -2.20
CA SER AA 32 27.48 8.25 -2.19
C SER AA 32 28.89 8.23 -1.56
N LEU AA 33 29.31 7.07 -1.05
CA LEU AA 33 30.73 6.87 -0.68
C LEU AA 33 31.58 6.59 -1.93
N LEU AA 34 32.63 7.39 -2.14
CA LEU AA 34 33.51 7.22 -3.28
C LEU AA 34 34.59 6.20 -2.94
N ARG AA 35 34.19 4.93 -2.99
CA ARG AA 35 34.91 3.84 -2.35
C ARG AA 35 36.18 3.42 -3.06
N PHE AA 36 36.08 3.11 -4.35
CA PHE AA 36 37.24 2.57 -5.05
C PHE AA 36 37.77 3.49 -6.12
N ASN AA 37 39.03 3.86 -5.95
CA ASN AA 37 39.72 4.76 -6.88
C ASN AA 37 40.61 4.12 -7.92
N GLY AA 38 40.88 2.83 -7.78
CA GLY AA 38 41.74 2.16 -8.72
C GLY AA 38 41.00 1.35 -9.75
N VAL AA 39 39.83 1.82 -10.20
CA VAL AA 39 38.97 1.00 -11.07
C VAL AA 39 39.09 1.31 -12.55
N GLU AA 40 39.68 0.41 -13.32
CA GLU AA 40 39.73 0.63 -14.76
C GLU AA 40 38.38 0.27 -15.35
N ARG AA 41 37.78 1.22 -16.05
CA ARG AA 41 36.46 1.00 -16.63
C ARG AA 41 36.51 0.94 -18.16
N LEU AA 42 37.71 1.06 -18.73
CA LEU AA 42 37.92 0.84 -20.16
C LEU AA 42 38.57 -0.52 -20.36
N ILE AA 43 37.93 -1.34 -21.19
CA ILE AA 43 38.40 -2.69 -21.43
C ILE AA 43 38.80 -2.86 -22.90
N PRO AA 44 40.10 -3.07 -23.14
CA PRO AA 44 40.58 -3.20 -24.51
C PRO AA 44 40.55 -4.66 -24.93
N VAL AA 45 39.82 -4.92 -26.01
CA VAL AA 45 39.70 -6.26 -26.59
C VAL AA 45 40.35 -6.32 -27.96
N GLY AA 46 41.46 -7.05 -28.04
CA GLY AA 46 42.29 -7.06 -29.23
C GLY AA 46 43.09 -5.77 -29.30
N ASP AA 47 43.51 -5.41 -30.50
CA ASP AA 47 44.27 -4.19 -30.70
C ASP AA 47 43.41 -3.13 -31.38
N ASN AA 48 42.17 -3.49 -31.74
CA ASN AA 48 41.33 -2.63 -32.57
C ASN AA 48 39.97 -2.24 -31.98
N THR AA 49 39.72 -2.66 -30.75
CA THR AA 49 38.46 -2.37 -30.09
C THR AA 49 38.74 -2.03 -28.63
N VAL AA 50 38.05 -1.00 -28.13
CA VAL AA 50 37.96 -0.73 -26.68
C VAL AA 50 36.50 -0.59 -26.23
N VAL AA 51 36.17 -1.25 -25.12
CA VAL AA 51 34.82 -1.24 -24.57
C VAL AA 51 34.83 -0.54 -23.22
N GLY AA 52 34.06 0.53 -23.12
CA GLY AA 52 33.92 1.25 -21.86
C GLY AA 52 32.60 0.95 -21.18
N ILE AA 53 32.64 0.82 -19.85
CA ILE AA 53 31.47 0.36 -19.11
C ILE AA 53 31.12 1.24 -17.92
N SER AA 54 29.82 1.51 -17.75
CA SER AA 54 29.31 2.21 -16.58
C SER AA 54 28.18 1.42 -15.94
N GLY AA 55 27.88 1.72 -14.69
CA GLY AA 55 26.85 0.97 -13.97
C GLY AA 55 27.44 0.07 -12.91
N ASP AA 56 26.81 -1.09 -12.69
CA ASP AA 56 27.22 -2.01 -11.65
C ASP AA 56 28.59 -2.61 -11.96
N ILE AA 57 29.51 -2.48 -11.00
CA ILE AA 57 30.91 -2.90 -11.17
C ILE AA 57 31.06 -4.42 -11.16
N SER AA 58 30.27 -5.12 -10.35
CA SER AA 58 30.32 -6.58 -10.36
C SER AA 58 29.83 -7.12 -11.72
N ASP AA 59 28.83 -6.48 -12.30
CA ASP AA 59 28.38 -6.86 -13.62
C ASP AA 59 29.40 -6.47 -14.67
N MET AA 60 30.15 -5.40 -14.44
CA MET AA 60 31.21 -4.99 -15.38
C MET AA 60 32.30 -6.06 -15.42
N GLN AA 61 32.68 -6.54 -14.23
CA GLN AA 61 33.71 -7.54 -14.07
C GLN AA 61 33.29 -8.86 -14.72
N HIS AA 62 31.98 -9.12 -14.72
CA HIS AA 62 31.42 -10.27 -15.42
C HIS AA 62 31.68 -10.09 -16.91
N ILE AA 63 31.25 -8.97 -17.47
CA ILE AA 63 31.42 -8.68 -18.89
C ILE AA 63 32.89 -8.73 -19.31
N GLU AA 64 33.79 -8.25 -18.45
CA GLU AA 64 35.23 -8.40 -18.65
C GLU AA 64 35.61 -9.83 -19.00
N ARG AA 65 35.29 -10.74 -18.07
CA ARG AA 65 35.62 -12.14 -18.18
C ARG AA 65 35.04 -12.71 -19.46
N LEU AA 66 33.83 -12.30 -19.81
CA LEU AA 66 33.18 -12.78 -21.02
C LEU AA 66 33.94 -12.43 -22.29
N LEU AA 67 34.63 -11.30 -22.27
CA LEU AA 67 35.39 -10.82 -23.44
C LEU AA 67 36.78 -11.47 -23.58
N LYS AA 68 37.55 -11.48 -22.48
CA LYS AA 68 38.86 -12.12 -22.44
C LYS AA 68 38.70 -13.54 -22.93
N ASP AA 69 37.62 -14.14 -22.47
CA ASP AA 69 37.29 -15.52 -22.74
C ASP AA 69 36.55 -15.65 -24.09
N LEU AA 70 36.08 -14.55 -24.64
CA LEU AA 70 35.51 -14.53 -26.00
C LEU AA 70 36.63 -14.41 -27.03
N VAL AA 71 37.78 -13.92 -26.58
CA VAL AA 71 38.98 -13.87 -27.41
C VAL AA 71 39.60 -15.26 -27.46
N THR AA 72 39.85 -15.85 -26.30
CA THR AA 72 40.35 -17.23 -26.16
C THR AA 72 39.65 -18.19 -27.13
N GLU AA 73 38.33 -18.07 -27.19
CA GLU AA 73 37.46 -18.91 -27.99
C GLU AA 73 37.58 -18.62 -29.49
N ASN AA 74 37.85 -17.38 -29.84
CA ASN AA 74 37.98 -17.02 -31.25
C ASN AA 74 39.29 -17.58 -31.82
N ALA AA 75 40.26 -17.81 -30.93
CA ALA AA 75 41.55 -18.35 -31.34
C ALA AA 75 41.45 -19.82 -31.75
N TYR AA 76 40.57 -20.55 -31.07
CA TYR AA 76 40.33 -21.99 -31.30
C TYR AA 76 40.08 -22.40 -32.77
N ASP AA 77 40.98 -23.26 -33.28
CA ASP AA 77 40.93 -23.80 -34.64
C ASP AA 77 40.79 -22.69 -35.68
N ASN AA 78 41.61 -21.67 -35.50
CA ASN AA 78 41.55 -20.47 -36.29
C ASN AA 78 42.97 -19.95 -36.56
N PRO AA 79 43.58 -20.40 -37.68
CA PRO AA 79 44.92 -19.99 -38.07
C PRO AA 79 45.00 -18.48 -38.39
N LEU AA 80 43.85 -17.88 -38.69
CA LEU AA 80 43.78 -16.45 -38.98
C LEU AA 80 43.24 -15.64 -37.80
N ALA AA 81 43.70 -16.02 -36.61
CA ALA AA 81 43.27 -15.38 -35.36
C ALA AA 81 43.66 -13.91 -35.24
N ASP AA 82 44.75 -13.52 -35.91
CA ASP AA 82 45.08 -12.10 -36.06
C ASP AA 82 45.36 -11.76 -37.53
N ALA AA 83 44.34 -11.97 -38.34
CA ALA AA 83 44.32 -11.58 -39.74
C ALA AA 83 42.86 -11.49 -40.11
N GLU AA 84 42.51 -12.04 -41.27
CA GLU AA 84 41.14 -11.98 -41.77
C GLU AA 84 40.10 -12.34 -40.70
N GLU AA 85 40.45 -13.23 -39.78
CA GLU AA 85 39.49 -13.73 -38.80
C GLU AA 85 39.80 -13.30 -37.36
N ALA AA 86 40.44 -12.14 -37.21
CA ALA AA 86 40.57 -11.48 -35.91
C ALA AA 86 39.23 -10.89 -35.53
N LEU AA 87 39.09 -10.51 -34.26
CA LEU AA 87 37.82 -9.96 -33.81
C LEU AA 87 37.60 -8.53 -34.29
N GLU AA 88 36.47 -8.30 -34.94
CA GLU AA 88 36.04 -6.95 -35.32
C GLU AA 88 35.29 -6.33 -34.15
N PRO AA 89 35.23 -4.98 -34.09
CA PRO AA 89 34.35 -4.39 -33.08
C PRO AA 89 32.88 -4.73 -33.32
N SER AA 90 32.44 -4.76 -34.58
CA SER AA 90 31.03 -5.02 -34.87
C SER AA 90 30.56 -6.38 -34.35
N TYR AA 91 31.53 -7.29 -34.16
CA TYR AA 91 31.28 -8.62 -33.59
C TYR AA 91 31.18 -8.52 -32.07
N ILE AA 92 32.18 -7.87 -31.45
CA ILE AA 92 32.18 -7.69 -29.99
C ILE AA 92 30.93 -6.98 -29.48
N PHE AA 93 30.40 -6.04 -30.28
CA PHE AA 93 29.18 -5.35 -29.89
C PHE AA 93 27.98 -6.26 -30.03
N GLU AA 94 27.70 -6.68 -31.26
CA GLU AA 94 26.58 -7.57 -31.56
C GLU AA 94 26.46 -8.70 -30.53
N TYR AA 95 27.59 -9.16 -30.03
CA TYR AA 95 27.62 -10.19 -28.98
C TYR AA 95 27.04 -9.65 -27.69
N LEU AA 96 27.68 -8.61 -27.16
CA LEU AA 96 27.23 -7.95 -25.94
C LEU AA 96 25.79 -7.45 -26.04
N ALA AA 97 25.44 -6.86 -27.19
CA ALA AA 97 24.08 -6.39 -27.42
C ALA AA 97 23.06 -7.52 -27.29
N THR AA 98 23.47 -8.72 -27.70
CA THR AA 98 22.64 -9.92 -27.61
C THR AA 98 22.51 -10.30 -26.15
N VAL AA 99 23.64 -10.52 -25.49
CA VAL AA 99 23.65 -10.87 -24.08
C VAL AA 99 22.80 -9.90 -23.27
N MET AA 100 22.97 -8.60 -23.51
CA MET AA 100 22.27 -7.56 -22.73
C MET AA 100 20.77 -7.76 -22.82
N TYR AA 101 20.27 -7.87 -24.04
CA TYR AA 101 18.85 -8.03 -24.29
C TYR AA 101 18.27 -9.31 -23.69
N GLN AA 102 18.97 -10.43 -23.86
CA GLN AA 102 18.54 -11.71 -23.30
C GLN AA 102 18.39 -11.60 -21.81
N ARG AA 103 19.35 -10.91 -21.20
CA ARG AA 103 19.38 -10.79 -19.75
C ARG AA 103 18.20 -9.97 -19.22
N ARG AA 104 17.89 -8.87 -19.91
CA ARG AA 104 16.72 -8.09 -19.52
C ARG AA 104 15.46 -8.91 -19.76
N SER AA 105 15.42 -9.61 -20.90
CA SER AA 105 14.25 -10.39 -21.26
C SER AA 105 14.03 -11.59 -20.36
N LYS AA 106 15.03 -11.91 -19.53
CA LYS AA 106 14.90 -12.89 -18.46
C LYS AA 106 14.58 -12.22 -17.12
N MET AA 107 14.26 -10.92 -17.17
CA MET AA 107 14.09 -10.08 -15.98
C MET AA 107 15.28 -10.13 -15.00
N ASN AA 108 16.49 -10.19 -15.55
CA ASN AA 108 17.69 -10.27 -14.72
C ASN AA 108 18.87 -9.60 -15.43
N PRO AA 109 18.88 -8.25 -15.46
CA PRO AA 109 19.74 -7.59 -16.42
C PRO AA 109 21.14 -7.43 -15.86
N LEU AA 110 22.11 -7.20 -16.73
CA LEU AA 110 23.41 -6.69 -16.33
C LEU AA 110 23.24 -5.18 -16.21
N TRP AA 111 23.40 -4.66 -15.01
CA TRP AA 111 23.06 -3.26 -14.72
C TRP AA 111 24.12 -2.30 -15.28
N ASN AA 112 24.15 -2.16 -16.60
CA ASN AA 112 25.22 -1.43 -17.25
C ASN AA 112 24.76 -0.62 -18.45
N ALA AA 113 25.50 0.46 -18.69
CA ALA AA 113 25.51 1.10 -19.99
C ALA AA 113 26.91 0.88 -20.57
N ILE AA 114 26.94 0.54 -21.86
CA ILE AA 114 28.18 0.14 -22.53
C ILE AA 114 28.37 0.90 -23.85
N ILE AA 115 29.59 1.39 -24.06
CA ILE AA 115 29.98 1.90 -25.37
C ILE AA 115 31.14 1.08 -25.95
N VAL AA 116 30.97 0.63 -27.18
CA VAL AA 116 31.98 -0.16 -27.87
C VAL AA 116 32.60 0.76 -28.90
N ALA AA 117 33.85 1.14 -28.67
CA ALA AA 117 34.54 2.04 -29.57
C ALA AA 117 35.60 1.25 -30.31
N GLY AA 118 35.62 1.39 -31.63
CA GLY AA 118 36.62 0.66 -32.41
C GLY AA 118 36.80 1.11 -33.85
N VAL AA 119 37.86 0.57 -34.46
CA VAL AA 119 38.11 0.70 -35.89
C VAL AA 119 37.99 -0.67 -36.57
N GLN AA 120 37.13 -0.73 -37.59
CA GLN AA 120 36.91 -1.95 -38.37
C GLN AA 120 38.11 -2.23 -39.26
N SER AA 121 38.33 -3.51 -39.57
CA SER AA 121 39.45 -3.93 -40.45
C SER AA 121 39.51 -3.19 -41.80
N ASN AA 122 38.37 -2.67 -42.25
CA ASN AA 122 38.35 -1.88 -43.46
C ASN AA 122 38.56 -0.37 -43.22
N GLY AA 123 38.99 0.00 -42.01
CA GLY AA 123 39.28 1.41 -41.70
C GLY AA 123 38.13 2.29 -41.20
N ASP AA 124 36.90 1.79 -41.26
CA ASP AA 124 35.73 2.49 -40.71
C ASP AA 124 35.85 2.67 -39.19
N GLN AA 125 35.21 3.72 -38.68
CA GLN AA 125 35.03 3.89 -37.23
C GLN AA 125 33.81 3.12 -36.78
N PHE AA 126 33.95 2.41 -35.66
CA PHE AA 126 32.79 1.79 -35.01
C PHE AA 126 32.50 2.45 -33.67
N LEU AA 127 31.30 3.02 -33.55
CA LEU AA 127 30.87 3.60 -32.28
C LEU AA 127 29.39 3.35 -32.01
N ARG AA 128 29.13 2.45 -31.06
CA ARG AA 128 27.76 2.09 -30.75
C ARG AA 128 27.56 1.95 -29.24
N TYR AA 129 26.31 2.01 -28.80
CA TYR AA 129 25.94 2.03 -27.38
C TYR AA 129 24.93 0.94 -27.07
N VAL AA 130 25.09 0.28 -25.93
CA VAL AA 130 24.09 -0.67 -25.45
C VAL AA 130 23.97 -0.66 -23.92
N ASN AA 131 22.75 -0.76 -23.42
CA ASN AA 131 22.48 -0.71 -21.98
C ASN AA 131 21.69 -1.90 -21.43
N LEU AA 132 21.31 -1.80 -20.15
CA LEU AA 132 20.65 -2.89 -19.42
C LEU AA 132 19.34 -3.38 -20.04
N LEU AA 133 18.69 -2.52 -20.82
CA LEU AA 133 17.42 -2.87 -21.48
C LEU AA 133 17.70 -3.49 -22.83
N GLY AA 134 18.95 -3.39 -23.28
CA GLY AA 134 19.36 -3.90 -24.57
C GLY AA 134 19.07 -2.96 -25.71
N VAL AA 135 18.72 -1.72 -25.39
CA VAL AA 135 18.53 -0.66 -26.40
C VAL AA 135 19.87 -0.29 -27.01
N THR AA 136 19.92 -0.13 -28.32
CA THR AA 136 21.18 0.23 -28.97
C THR AA 136 21.03 1.39 -29.94
N TYR AA 137 22.09 2.19 -30.06
CA TYR AA 137 22.13 3.27 -31.03
C TYR AA 137 23.54 3.69 -31.39
N SER AA 138 23.67 4.11 -32.65
CA SER AA 138 24.90 4.67 -33.15
C SER AA 138 24.71 6.19 -33.17
N SER AA 139 25.81 6.94 -33.01
CA SER AA 139 25.80 8.41 -33.11
C SER AA 139 27.23 8.92 -33.04
N PRO AA 140 27.58 9.94 -33.86
CA PRO AA 140 28.94 10.48 -33.91
C PRO AA 140 29.53 10.78 -32.54
N THR AA 141 28.66 11.07 -31.57
CA THR AA 141 29.03 11.20 -30.15
C THR AA 141 28.14 10.30 -29.29
N LEU AA 142 28.73 9.68 -28.27
CA LEU AA 142 27.98 8.82 -27.37
C LEU AA 142 28.45 8.98 -25.95
N ALA AA 143 27.50 9.13 -25.03
CA ALA AA 143 27.83 9.19 -23.61
C ALA AA 143 26.82 8.45 -22.73
N THR AA 144 27.29 8.01 -21.57
CA THR AA 144 26.42 7.31 -20.62
C THR AA 144 26.23 8.11 -19.34
N GLY AA 145 25.05 7.99 -18.72
CA GLY AA 145 24.79 8.60 -17.43
C GLY AA 145 24.81 10.11 -17.52
N PHE AA 146 25.60 10.75 -16.64
CA PHE AA 146 25.74 12.22 -16.65
C PHE AA 146 26.31 12.82 -17.91
N GLY AA 147 27.30 12.14 -18.50
CA GLY AA 147 27.91 12.56 -19.75
C GLY AA 147 26.90 12.79 -20.85
N ALA AA 148 25.79 12.06 -20.82
CA ALA AA 148 24.75 12.22 -21.82
C ALA AA 148 24.13 13.61 -21.78
N HIS AA 149 24.15 14.22 -20.58
CA HIS AA 149 23.52 15.52 -20.38
C HIS AA 149 24.52 16.67 -20.47
N MET AA 150 25.79 16.38 -20.17
CA MET AA 150 26.79 17.43 -20.11
C MET AA 150 27.86 17.31 -21.17
N ALA AA 151 28.34 16.09 -21.40
CA ALA AA 151 29.39 15.88 -22.37
C ALA AA 151 28.87 15.89 -23.80
N ASN AA 152 27.76 15.21 -24.05
CA ASN AA 152 27.14 15.29 -25.36
C ASN AA 152 27.05 16.73 -25.91
N PRO AA 153 26.46 17.67 -25.14
CA PRO AA 153 26.36 19.05 -25.63
C PRO AA 153 27.69 19.67 -26.09
N LEU AA 154 28.77 19.36 -25.36
CA LEU AA 154 30.09 19.93 -25.65
C LEU AA 154 30.76 19.28 -26.86
N LEU AA 155 30.60 17.97 -26.99
CA LEU AA 155 31.21 17.23 -28.09
C LEU AA 155 30.45 17.45 -29.38
N ARG AA 156 29.14 17.68 -29.28
CA ARG AA 156 28.32 17.93 -30.46
C ARG AA 156 28.62 19.29 -31.09
N LYS AA 157 29.35 20.13 -30.36
CA LYS AA 157 29.81 21.42 -30.88
C LYS AA 157 30.99 21.26 -31.83
N VAL AA 158 31.73 20.16 -31.66
CA VAL AA 158 32.87 19.81 -32.53
C VAL AA 158 32.43 18.97 -33.72
N VAL AA 159 31.73 17.87 -33.45
CA VAL AA 159 31.11 17.06 -34.49
C VAL AA 159 29.58 17.09 -34.37
N ASP AA 160 28.95 17.93 -35.19
CA ASP AA 160 27.52 18.14 -35.16
C ASP AA 160 26.82 17.05 -35.96
N ARG AA 161 27.10 16.99 -37.26
CA ARG AA 161 26.59 15.92 -38.12
C ARG AA 161 27.69 15.01 -38.68
N GLU AA 162 27.32 14.10 -39.58
CA GLU AA 162 28.24 13.07 -40.08
C GLU AA 162 29.42 13.66 -40.86
N SER AA 163 29.13 14.67 -41.66
CA SER AA 163 30.15 15.33 -42.48
C SER AA 163 31.20 16.12 -41.67
N ASP AA 164 30.97 16.29 -40.36
CA ASP AA 164 31.93 16.96 -39.48
C ASP AA 164 33.09 16.06 -39.06
N ILE AA 165 32.93 14.75 -39.27
CA ILE AA 165 33.93 13.77 -38.82
C ILE AA 165 35.24 13.91 -39.61
N PRO AA 166 35.18 13.90 -40.95
CA PRO AA 166 36.37 14.14 -41.78
C PRO AA 166 37.23 15.35 -41.39
N LYS AA 167 36.62 16.35 -40.74
CA LYS AA 167 37.31 17.58 -40.35
C LYS AA 167 37.88 17.57 -38.93
N THR AA 168 37.63 16.51 -38.18
CA THR AA 168 38.06 16.52 -36.79
C THR AA 168 39.32 15.72 -36.58
N THR AA 169 40.37 16.42 -36.16
CA THR AA 169 41.67 15.80 -35.92
C THR AA 169 41.77 15.27 -34.48
N VAL AA 170 42.61 14.26 -34.29
CA VAL AA 170 42.91 13.71 -32.96
C VAL AA 170 43.28 14.78 -31.90
N GLN AA 171 43.76 15.94 -32.35
CA GLN AA 171 44.15 17.01 -31.45
C GLN AA 171 42.91 17.78 -31.04
N VAL AA 172 42.11 18.17 -32.03
CA VAL AA 172 40.82 18.86 -31.83
C VAL AA 172 39.89 17.99 -30.98
N ALA AA 173 39.70 16.74 -31.42
CA ALA AA 173 38.84 15.77 -30.76
C ALA AA 173 39.28 15.39 -29.35
N GLU AA 174 40.55 15.10 -29.16
CA GLU AA 174 41.05 14.73 -27.83
C GLU AA 174 40.89 15.86 -26.83
N GLU AA 175 41.00 17.10 -27.32
CA GLU AA 175 40.88 18.29 -26.48
C GLU AA 175 39.46 18.41 -25.95
N ALA AA 176 38.49 18.22 -26.85
CA ALA AA 176 37.08 18.23 -26.52
C ALA AA 176 36.78 17.24 -25.39
N ILE AA 177 37.29 16.02 -25.54
CA ILE AA 177 37.13 14.97 -24.56
C ILE AA 177 37.74 15.36 -23.20
N VAL AA 178 38.96 15.90 -23.21
CA VAL AA 178 39.65 16.21 -21.95
C VAL AA 178 39.01 17.41 -21.24
N ASN AA 179 38.40 18.29 -22.03
CA ASN AA 179 37.60 19.39 -21.51
C ASN AA 179 36.31 18.85 -20.88
N ALA AA 180 35.53 18.10 -21.66
CA ALA AA 180 34.30 17.44 -21.18
C ALA AA 180 34.51 16.63 -19.91
N MET AA 181 35.62 15.91 -19.80
CA MET AA 181 35.95 15.18 -18.58
C MET AA 181 36.09 16.10 -17.38
N ARG AA 182 36.57 17.32 -17.62
CA ARG AA 182 36.75 18.31 -16.53
C ARG AA 182 35.41 18.91 -16.13
N VAL AA 183 34.60 19.27 -17.13
CA VAL AA 183 33.24 19.71 -16.91
C VAL AA 183 32.54 18.71 -15.98
N LEU AA 184 32.48 17.44 -16.40
CA LEU AA 184 31.91 16.37 -15.59
C LEU AA 184 32.50 16.24 -14.17
N TYR AA 185 33.78 16.59 -13.99
CA TYR AA 185 34.37 16.56 -12.65
C TYR AA 185 33.85 17.70 -11.79
N TYR AA 186 33.42 18.79 -12.46
CA TYR AA 186 32.83 19.94 -11.78
C TYR AA 186 31.43 19.64 -11.23
N ARG AA 187 30.61 18.97 -12.04
CA ARG AA 187 29.17 18.91 -11.81
C ARG AA 187 28.59 17.53 -11.46
N ASP AA 188 29.42 16.48 -11.46
CA ASP AA 188 28.95 15.11 -11.20
C ASP AA 188 29.45 14.65 -9.84
N ALA AA 189 28.56 14.66 -8.85
CA ALA AA 189 28.90 14.26 -7.47
C ALA AA 189 29.53 12.88 -7.42
N ARG AA 190 29.33 12.10 -8.48
CA ARG AA 190 29.75 10.70 -8.53
C ARG AA 190 31.04 10.48 -9.34
N SER AA 191 31.78 11.56 -9.61
CA SER AA 191 32.97 11.50 -10.46
C SER AA 191 34.28 11.61 -9.67
N SER AA 192 35.37 11.43 -10.39
CA SER AA 192 36.70 11.39 -9.82
C SER AA 192 37.65 12.18 -10.71
N ARG AA 193 38.76 12.63 -10.14
CA ARG AA 193 39.74 13.44 -10.89
C ARG AA 193 40.52 12.59 -11.88
N ASN AA 194 40.89 11.38 -11.46
CA ASN AA 194 41.65 10.45 -12.28
C ASN AA 194 40.79 9.71 -13.27
N PHE AA 195 41.24 9.70 -14.51
CA PHE AA 195 40.53 9.02 -15.56
C PHE AA 195 41.47 8.34 -16.53
N SER AA 196 40.90 7.50 -17.38
CA SER AA 196 41.66 6.83 -18.42
C SER AA 196 41.09 7.23 -19.77
N LEU AA 197 41.95 7.30 -20.78
CA LEU AA 197 41.55 7.67 -22.12
C LEU AA 197 42.16 6.72 -23.14
N ALA AA 198 41.38 6.35 -24.15
CA ALA AA 198 41.89 5.49 -25.21
C ALA AA 198 41.54 6.05 -26.59
N ILE AA 199 42.51 6.02 -27.49
CA ILE AA 199 42.31 6.41 -28.90
C ILE AA 199 42.54 5.19 -29.76
N ILE AA 200 41.62 4.94 -30.69
CA ILE AA 200 41.78 3.84 -31.63
C ILE AA 200 41.87 4.45 -33.02
N ASP AA 201 43.10 4.53 -33.53
CA ASP AA 201 43.39 5.13 -34.82
C ASP AA 201 43.71 4.04 -35.86
N LYS AA 202 43.22 4.21 -37.08
CA LYS AA 202 43.47 3.23 -38.14
C LYS AA 202 44.93 3.17 -38.61
N ASN AA 203 45.76 4.11 -38.17
CA ASN AA 203 47.18 4.15 -38.52
C ASN AA 203 48.12 3.96 -37.33
N THR AA 204 47.79 4.58 -36.20
CA THR AA 204 48.59 4.47 -34.97
C THR AA 204 48.14 3.28 -34.09
N GLY AA 205 47.01 2.67 -34.45
CA GLY AA 205 46.41 1.58 -33.68
C GLY AA 205 45.75 2.04 -32.39
N LEU AA 206 45.96 1.29 -31.32
CA LEU AA 206 45.41 1.58 -30.01
C LEU AA 206 46.47 2.22 -29.09
N THR AA 207 46.20 3.46 -28.67
CA THR AA 207 46.99 4.14 -27.64
C THR AA 207 46.13 4.16 -26.36
N PHE AA 208 46.72 3.79 -25.24
CA PHE AA 208 45.95 3.64 -23.99
C PHE AA 208 46.56 4.44 -22.84
N LYS AA 209 45.96 5.58 -22.54
CA LYS AA 209 46.48 6.49 -21.51
C LYS AA 209 45.87 6.28 -20.12
N LYS AA 210 46.66 5.68 -19.22
CA LYS AA 210 46.27 5.45 -17.84
C LYS AA 210 46.67 6.65 -16.99
N ASN AA 211 46.04 6.78 -15.83
CA ASN AA 211 46.41 7.76 -14.79
C ASN AA 211 46.46 9.21 -15.26
N LEU AA 212 45.48 9.62 -16.08
CA LEU AA 212 45.37 11.02 -16.44
C LEU AA 212 44.75 11.79 -15.28
N GLN AA 213 44.94 13.11 -15.27
CA GLN AA 213 44.33 13.95 -14.26
C GLN AA 213 43.65 15.14 -14.91
N VAL AA 214 42.55 15.56 -14.31
CA VAL AA 214 41.90 16.79 -14.74
C VAL AA 214 42.76 17.95 -14.22
N GLU AA 215 43.22 18.78 -15.16
CA GLU AA 215 44.03 19.96 -14.85
C GLU AA 215 43.37 21.24 -15.38
N ASN AA 216 44.00 22.39 -15.12
CA ASN AA 216 43.56 23.70 -15.61
C ASN AA 216 42.16 24.11 -15.14
N MET AA 217 41.89 23.89 -13.86
CA MET AA 217 40.58 24.18 -13.31
C MET AA 217 40.47 25.64 -12.86
N LYS AA 218 39.26 26.19 -13.01
CA LYS AA 218 38.95 27.53 -12.54
C LYS AA 218 38.20 27.46 -11.22
N TRP AA 219 38.84 27.89 -10.14
CA TRP AA 219 38.22 27.91 -8.83
C TRP AA 219 38.41 29.25 -8.13
N ASP AA 220 39.19 30.13 -8.75
CA ASP AA 220 39.60 31.38 -8.08
C ASP AA 220 38.43 32.24 -7.64
N PHE AA 221 37.47 32.44 -8.54
CA PHE AA 221 36.30 33.29 -8.29
C PHE AA 221 35.53 32.94 -7.00
N ALA AA 222 35.81 31.77 -6.42
CA ALA AA 222 35.08 31.29 -5.26
C ALA AA 222 35.26 32.16 -4.03
N LYS AA 223 36.43 32.80 -3.92
CA LYS AA 223 36.76 33.67 -2.80
C LYS AA 223 35.87 34.92 -2.77
N ASP AA 224 35.53 35.39 -3.97
CA ASP AA 224 34.70 36.58 -4.17
C ASP AA 224 33.24 36.36 -3.78
N ILE AA 225 32.83 35.10 -3.68
CA ILE AA 225 31.45 34.73 -3.36
C ILE AA 225 31.31 34.51 -1.86
N LYS AA 226 30.42 35.28 -1.25
CA LYS AA 226 30.16 35.16 0.19
C LYS AA 226 28.67 35.25 0.50
N GLY AA 227 28.22 34.47 1.49
CA GLY AA 227 26.82 34.44 1.89
C GLY AA 227 25.95 33.74 0.87
N TYR AA 228 24.63 33.88 1.00
CA TYR AA 228 23.70 33.29 0.04
C TYR AA 228 22.60 34.27 -0.38
N GLY AA 229 22.88 35.56 -0.27
CA GLY AA 229 21.95 36.56 -0.76
C GLY AA 229 22.25 37.98 -0.33
N THR AA 230 22.10 38.22 0.96
CA THR AA 230 22.15 39.58 1.50
C THR AA 230 23.45 39.83 2.25
N GLN AA 231 24.13 38.75 2.63
CA GLN AA 231 25.37 38.84 3.41
C GLN AA 231 26.50 39.49 2.63
N LYS AA 232 27.25 40.36 3.31
CA LYS AA 232 28.22 41.25 2.68
C LYS AA 232 29.69 40.82 2.89
N ILE AA 233 29.99 40.29 4.07
CA ILE AA 233 31.36 39.92 4.43
C ILE AA 233 31.61 38.41 4.38
N THR BA 1 29.59 -4.30 13.12
CA THR BA 1 30.84 -5.08 12.79
C THR BA 1 31.91 -4.15 12.25
N SER BA 2 33.12 -4.31 12.75
CA SER BA 2 34.30 -3.61 12.24
C SER BA 2 35.40 -4.60 11.89
N ILE BA 3 35.84 -4.58 10.63
CA ILE BA 3 36.80 -5.57 10.13
C ILE BA 3 37.79 -4.99 9.12
N MET BA 4 39.05 -5.39 9.24
CA MET BA 4 40.09 -4.96 8.32
C MET BA 4 41.16 -6.03 8.13
N ALA BA 5 41.88 -5.90 7.02
CA ALA BA 5 43.06 -6.71 6.71
C ALA BA 5 44.10 -5.78 6.07
N VAL BA 6 45.35 -5.90 6.50
CA VAL BA 6 46.42 -4.98 6.11
C VAL BA 6 47.69 -5.71 5.65
N THR BA 7 48.19 -5.42 4.45
CA THR BA 7 49.39 -6.06 3.94
C THR BA 7 50.64 -5.29 4.33
N PHE BA 8 51.44 -5.89 5.21
CA PHE BA 8 52.71 -5.31 5.59
C PHE BA 8 53.89 -6.07 4.96
N LYS BA 9 55.10 -5.89 5.50
CA LYS BA 9 56.31 -6.44 4.92
C LYS BA 9 56.44 -7.99 5.00
N ASP BA 10 56.19 -8.57 6.17
CA ASP BA 10 56.28 -10.03 6.33
C ASP BA 10 54.98 -10.77 5.99
N GLY BA 11 54.01 -10.06 5.41
CA GLY BA 11 52.73 -10.66 5.04
C GLY BA 11 51.53 -9.78 5.30
N VAL BA 12 50.57 -10.32 6.05
CA VAL BA 12 49.27 -9.65 6.24
C VAL BA 12 48.69 -9.95 7.62
N ILE BA 13 47.99 -8.98 8.21
CA ILE BA 13 47.23 -9.20 9.45
C ILE BA 13 45.75 -8.88 9.29
N LEU BA 14 44.92 -9.73 9.90
CA LEU BA 14 43.47 -9.58 9.90
C LEU BA 14 43.03 -9.15 11.29
N GLY BA 15 42.09 -8.21 11.34
CA GLY BA 15 41.55 -7.69 12.61
C GLY BA 15 40.04 -7.49 12.60
N ALA BA 16 39.40 -7.78 13.73
CA ALA BA 16 37.95 -7.66 13.87
C ALA BA 16 37.55 -7.35 15.30
N ASP BA 17 36.34 -6.83 15.47
CA ASP BA 17 35.75 -6.77 16.79
C ASP BA 17 35.11 -8.13 17.13
N SER BA 18 34.29 -8.16 18.18
CA SER BA 18 33.69 -9.43 18.60
C SER BA 18 32.23 -9.27 18.98
N ARG BA 19 31.56 -8.27 18.41
CA ARG BA 19 30.17 -8.00 18.75
C ARG BA 19 29.17 -8.41 17.68
N THR BA 20 28.24 -9.29 18.02
CA THR BA 20 27.07 -9.49 17.16
C THR BA 20 25.78 -9.06 17.87
N THR BA 21 25.07 -8.14 17.21
CA THR BA 21 23.84 -7.60 17.75
C THR BA 21 22.67 -8.07 16.91
N THR BA 22 21.54 -8.29 17.57
CA THR BA 22 20.26 -8.38 16.89
C THR BA 22 19.41 -7.24 17.44
N GLY BA 23 19.15 -6.23 16.60
CA GLY BA 23 18.59 -4.97 17.09
C GLY BA 23 19.62 -4.28 17.98
N ALA BA 24 19.22 -3.91 19.19
CA ALA BA 24 20.14 -3.24 20.11
C ALA BA 24 20.65 -4.19 21.18
N TYR BA 25 20.26 -5.44 21.09
CA TYR BA 25 20.74 -6.44 22.01
C TYR BA 25 22.01 -7.10 21.47
N ILE BA 26 23.06 -7.13 22.29
CA ILE BA 26 24.25 -7.88 21.93
C ILE BA 26 24.01 -9.35 22.21
N ALA BA 27 23.74 -10.11 21.15
CA ALA BA 27 23.49 -11.54 21.24
C ALA BA 27 24.76 -12.29 21.62
N ASN BA 28 25.89 -11.85 21.09
CA ASN BA 28 27.18 -12.43 21.45
C ASN BA 28 28.31 -11.39 21.46
N ARG BA 29 29.06 -11.34 22.55
CA ARG BA 29 30.11 -10.31 22.73
C ARG BA 29 31.55 -10.87 22.60
N VAL BA 30 31.66 -12.13 22.16
CA VAL BA 30 32.96 -12.79 22.03
C VAL BA 30 33.14 -13.44 20.65
N THR BA 31 32.27 -13.06 19.70
CA THR BA 31 32.27 -13.61 18.34
C THR BA 31 33.68 -13.70 17.77
N ASP BA 32 34.02 -14.84 17.19
CA ASP BA 32 35.24 -14.89 16.37
C ASP BA 32 34.85 -14.63 14.92
N LYS BA 33 35.12 -13.41 14.48
CA LYS BA 33 34.71 -12.95 13.15
C LYS BA 33 35.76 -13.31 12.11
N LEU BA 34 36.93 -13.73 12.60
CA LEU BA 34 38.04 -14.17 11.77
C LEU BA 34 37.90 -15.67 11.46
N THR BA 35 37.83 -16.00 10.18
CA THR BA 35 37.48 -17.36 9.74
C THR BA 35 38.56 -17.95 8.86
N ARG BA 36 38.88 -19.22 9.11
CA ARG BA 36 39.92 -19.93 8.39
C ARG BA 36 39.31 -20.71 7.21
N VAL BA 37 39.76 -20.42 6.00
CA VAL BA 37 39.32 -21.19 4.82
C VAL BA 37 40.45 -22.05 4.24
N HIS BA 38 41.67 -21.86 4.75
CA HIS BA 38 42.83 -22.70 4.42
C HIS BA 38 43.92 -22.39 5.43
N ASP BA 39 45.04 -23.09 5.33
CA ASP BA 39 46.15 -22.88 6.26
C ASP BA 39 46.53 -21.42 6.43
N LYS BA 40 46.81 -20.74 5.32
CA LYS BA 40 47.21 -19.34 5.34
C LYS BA 40 46.32 -18.49 4.46
N ILE BA 41 45.06 -18.87 4.34
CA ILE BA 41 44.03 -18.02 3.76
C ILE BA 41 42.92 -17.91 4.78
N TRP BA 42 42.70 -16.70 5.29
CA TRP BA 42 41.62 -16.44 6.21
C TRP BA 42 40.69 -15.38 5.63
N CYS BA 43 39.57 -15.12 6.32
CA CYS BA 43 38.64 -14.09 5.88
C CYS BA 43 37.94 -13.37 7.03
N CYS BA 44 37.42 -12.19 6.71
CA CYS BA 44 36.65 -11.40 7.65
C CYS BA 44 35.20 -11.27 7.19
N ARG BA 45 34.29 -11.63 8.09
CA ARG BA 45 32.86 -11.71 7.77
C ARG BA 45 32.05 -10.53 8.28
N SER BA 46 31.33 -9.88 7.36
CA SER BA 46 30.39 -8.81 7.70
C SER BA 46 29.08 -9.00 6.93
N GLY BA 47 27.97 -8.61 7.57
CA GLY BA 47 26.65 -8.79 6.99
C GLY BA 47 25.90 -9.88 7.74
N SER BA 48 25.05 -10.61 7.02
CA SER BA 48 24.31 -11.75 7.57
C SER BA 48 25.23 -12.88 8.05
N ALA BA 49 25.20 -13.18 9.36
CA ALA BA 49 26.06 -14.24 9.90
C ALA BA 49 25.73 -15.57 9.23
N ALA BA 50 24.44 -15.88 9.13
CA ALA BA 50 24.01 -17.06 8.42
C ALA BA 50 24.65 -17.11 7.02
N ASP BA 51 24.49 -16.04 6.24
CA ASP BA 51 24.98 -16.02 4.86
C ASP BA 51 26.52 -16.11 4.78
N THR BA 52 27.22 -15.42 5.67
CA THR BA 52 28.69 -15.43 5.65
C THR BA 52 29.26 -16.75 6.19
N GLN BA 53 28.66 -17.31 7.24
CA GLN BA 53 29.07 -18.64 7.75
C GLN BA 53 28.88 -19.72 6.67
N ALA BA 54 27.73 -19.72 6.01
CA ALA BA 54 27.45 -20.67 4.95
C ALA BA 54 28.44 -20.58 3.81
N ILE BA 55 28.70 -19.35 3.35
CA ILE BA 55 29.67 -19.10 2.30
C ILE BA 55 31.07 -19.56 2.70
N ALA BA 56 31.50 -19.19 3.90
CA ALA BA 56 32.82 -19.54 4.40
C ALA BA 56 33.00 -21.05 4.42
N ASP BA 57 32.00 -21.76 4.94
CA ASP BA 57 31.96 -23.23 5.01
C ASP BA 57 32.15 -23.89 3.64
N ILE BA 58 31.44 -23.39 2.64
CA ILE BA 58 31.50 -23.93 1.28
C ILE BA 58 32.85 -23.66 0.63
N VAL BA 59 33.38 -22.45 0.83
CA VAL BA 59 34.70 -22.10 0.30
C VAL BA 59 35.77 -23.01 0.90
N GLN BA 60 35.76 -23.17 2.23
CA GLN BA 60 36.71 -24.04 2.90
C GLN BA 60 36.74 -25.44 2.29
N TYR BA 61 35.56 -25.98 2.03
CA TYR BA 61 35.40 -27.25 1.34
C TYR BA 61 35.99 -27.19 -0.07
N HIS BA 62 35.66 -26.15 -0.83
CA HIS BA 62 36.18 -26.02 -2.20
C HIS BA 62 37.70 -25.94 -2.28
N LEU BA 63 38.31 -25.37 -1.26
CA LEU BA 63 39.77 -25.24 -1.20
C LEU BA 63 40.46 -26.47 -0.60
N GLU BA 64 39.71 -27.24 0.20
CA GLU BA 64 40.17 -28.57 0.66
C GLU BA 64 40.26 -29.55 -0.50
N LEU BA 65 39.25 -29.52 -1.38
CA LEU BA 65 39.17 -30.40 -2.55
C LEU BA 65 40.14 -29.98 -3.62
N TYR BA 66 40.35 -28.67 -3.75
CA TYR BA 66 41.38 -28.10 -4.64
C TYR BA 66 42.79 -28.59 -4.23
N THR BA 67 43.09 -28.47 -2.94
CA THR BA 67 44.35 -28.91 -2.38
C THR BA 67 44.58 -30.39 -2.66
N SER BA 68 43.62 -31.24 -2.32
CA SER BA 68 43.69 -32.67 -2.61
C SER BA 68 44.10 -32.96 -4.02
N GLN BA 69 43.53 -32.24 -4.97
CA GLN BA 69 43.84 -32.47 -6.36
C GLN BA 69 45.04 -31.70 -6.90
N TYR BA 70 45.22 -30.43 -6.50
CA TYR BA 70 46.26 -29.58 -7.13
C TYR BA 70 47.21 -28.80 -6.21
N GLY BA 71 47.45 -29.28 -5.00
CA GLY BA 71 48.31 -28.56 -4.05
C GLY BA 71 47.72 -27.23 -3.61
N THR BA 72 48.53 -26.41 -2.94
CA THR BA 72 48.04 -25.18 -2.29
C THR BA 72 47.45 -24.17 -3.28
N PRO BA 73 46.29 -23.57 -2.95
CA PRO BA 73 45.70 -22.53 -3.77
C PRO BA 73 46.28 -21.17 -3.44
N SER BA 74 46.31 -20.28 -4.43
CA SER BA 74 46.73 -18.90 -4.19
C SER BA 74 45.58 -18.11 -3.57
N THR BA 75 45.93 -17.05 -2.84
CA THR BA 75 44.96 -16.16 -2.23
C THR BA 75 44.01 -15.61 -3.30
N GLU BA 76 44.52 -15.42 -4.51
CA GLU BA 76 43.67 -15.00 -5.61
C GLU BA 76 42.60 -16.03 -5.93
N THR BA 77 42.92 -17.32 -5.78
CA THR BA 77 41.97 -18.38 -6.07
C THR BA 77 40.87 -18.37 -5.02
N ALA BA 78 41.26 -18.32 -3.76
CA ALA BA 78 40.31 -18.25 -2.65
C ALA BA 78 39.30 -17.12 -2.88
N ALA BA 79 39.81 -15.93 -3.23
CA ALA BA 79 38.96 -14.76 -3.51
C ALA BA 79 38.03 -15.02 -4.70
N SER BA 80 38.55 -15.67 -5.72
CA SER BA 80 37.77 -16.02 -6.89
C SER BA 80 36.60 -16.96 -6.51
N VAL BA 81 36.84 -17.85 -5.57
CA VAL BA 81 35.82 -18.82 -5.15
C VAL BA 81 34.74 -18.10 -4.32
N PHE BA 82 35.17 -17.17 -3.45
CA PHE BA 82 34.23 -16.36 -2.69
C PHE BA 82 33.35 -15.57 -3.63
N LYS BA 83 33.97 -14.82 -4.54
CA LYS BA 83 33.28 -14.05 -5.59
C LYS BA 83 32.25 -14.85 -6.38
N GLU BA 84 32.61 -16.07 -6.79
CA GLU BA 84 31.72 -16.88 -7.58
C GLU BA 84 30.41 -17.06 -6.82
N LEU BA 85 30.51 -17.39 -5.54
CA LEU BA 85 29.34 -17.62 -4.71
C LEU BA 85 28.52 -16.35 -4.48
N CYS BA 86 29.20 -15.24 -4.18
CA CYS BA 86 28.56 -13.98 -3.86
C CYS BA 86 27.92 -13.32 -5.07
N TYR BA 87 28.62 -13.36 -6.20
CA TYR BA 87 28.12 -12.74 -7.41
C TYR BA 87 26.95 -13.52 -7.94
N GLU BA 88 27.09 -14.85 -7.96
CA GLU BA 88 26.10 -15.71 -8.57
C GLU BA 88 24.83 -15.83 -7.74
N ASN BA 89 24.88 -15.33 -6.51
CA ASN BA 89 23.77 -15.43 -5.56
C ASN BA 89 23.51 -14.10 -4.85
N LYS BA 90 23.75 -13.01 -5.56
CA LYS BA 90 23.60 -11.66 -5.00
C LYS BA 90 22.16 -11.36 -4.53
N ASP BA 91 21.19 -11.95 -5.22
CA ASP BA 91 19.77 -11.82 -4.89
C ASP BA 91 19.37 -12.31 -3.49
N ASN BA 92 20.13 -13.25 -2.94
CA ASN BA 92 19.77 -13.89 -1.66
C ASN BA 92 20.84 -13.80 -0.58
N LEU BA 93 21.87 -12.98 -0.84
CA LEU BA 93 22.96 -12.82 0.11
C LEU BA 93 23.12 -11.39 0.63
N THR BA 94 23.70 -11.26 1.82
CA THR BA 94 24.05 -9.99 2.40
C THR BA 94 25.37 -10.27 3.08
N ALA BA 95 26.42 -10.28 2.27
CA ALA BA 95 27.76 -10.62 2.72
C ALA BA 95 28.80 -9.69 2.12
N GLY BA 96 29.50 -8.98 3.00
CA GLY BA 96 30.72 -8.31 2.64
C GLY BA 96 31.84 -9.10 3.28
N ILE BA 97 32.79 -9.53 2.46
CA ILE BA 97 33.88 -10.38 2.93
C ILE BA 97 35.24 -9.83 2.49
N ILE BA 98 36.18 -9.76 3.43
CA ILE BA 98 37.56 -9.46 3.09
C ILE BA 98 38.37 -10.73 3.22
N VAL BA 99 39.12 -11.05 2.16
CA VAL BA 99 39.93 -12.25 2.10
C VAL BA 99 41.40 -11.86 2.21
N ALA BA 100 42.13 -12.58 3.05
CA ALA BA 100 43.55 -12.28 3.25
C ALA BA 100 44.32 -13.58 3.34
N GLY BA 101 45.44 -13.63 2.63
CA GLY BA 101 46.26 -14.84 2.61
C GLY BA 101 47.73 -14.55 2.42
N TYR BA 102 48.53 -15.56 2.78
CA TYR BA 102 49.99 -15.49 2.64
C TYR BA 102 50.51 -16.53 1.63
N ASP BA 103 51.53 -16.12 0.91
CA ASP BA 103 52.11 -16.85 -0.20
C ASP BA 103 53.60 -16.76 0.05
N ASP BA 104 54.39 -17.62 -0.57
CA ASP BA 104 55.85 -17.46 -0.50
C ASP BA 104 56.33 -16.52 -1.59
N LYS BA 105 55.69 -16.65 -2.76
CA LYS BA 105 55.97 -15.83 -3.93
C LYS BA 105 55.42 -14.42 -3.75
N ASN BA 106 54.20 -14.30 -3.23
CA ASN BA 106 53.46 -13.03 -3.19
C ASN BA 106 53.46 -12.28 -1.86
N LYS BA 107 53.88 -12.96 -0.79
CA LYS BA 107 53.76 -12.45 0.59
C LYS BA 107 52.28 -12.15 0.90
N GLY BA 108 52.01 -11.08 1.65
CA GLY BA 108 50.63 -10.68 1.95
C GLY BA 108 49.85 -10.21 0.74
N GLU BA 109 48.56 -10.54 0.71
CA GLU BA 109 47.64 -10.09 -0.33
C GLU BA 109 46.27 -9.91 0.30
N VAL BA 110 45.54 -8.88 -0.13
CA VAL BA 110 44.20 -8.58 0.41
C VAL BA 110 43.19 -8.28 -0.70
N TYR BA 111 42.12 -9.07 -0.72
CA TYR BA 111 40.97 -8.87 -1.61
C TYR BA 111 39.71 -8.52 -0.83
N THR BA 112 38.92 -7.60 -1.37
CA THR BA 112 37.63 -7.30 -0.78
C THR BA 112 36.48 -7.63 -1.73
N ILE BA 113 35.51 -8.37 -1.21
CA ILE BA 113 34.27 -8.61 -1.91
C ILE BA 113 33.12 -7.95 -1.14
N PRO BA 114 32.67 -6.77 -1.61
CA PRO BA 114 31.55 -6.09 -0.98
C PRO BA 114 30.22 -6.70 -1.41
N LEU BA 115 29.12 -6.11 -0.96
CA LEU BA 115 27.77 -6.57 -1.35
C LEU BA 115 27.65 -6.96 -2.83
N GLY BA 116 28.13 -6.13 -3.73
CA GLY BA 116 28.06 -6.47 -5.16
C GLY BA 116 28.24 -7.95 -5.56
N GLY BA 117 29.42 -8.48 -5.26
CA GLY BA 117 29.94 -9.70 -5.88
C GLY BA 117 31.25 -9.39 -6.58
N SER BA 118 31.58 -8.09 -6.67
CA SER BA 118 32.81 -7.61 -7.30
C SER BA 118 34.04 -7.92 -6.45
N VAL BA 119 35.22 -7.98 -7.08
CA VAL BA 119 36.44 -8.21 -6.32
C VAL BA 119 37.38 -7.06 -6.50
N HIS BA 120 38.05 -6.69 -5.41
CA HIS BA 120 39.03 -5.61 -5.42
C HIS BA 120 40.30 -6.01 -4.66
N LYS BA 121 41.42 -6.06 -5.39
CA LYS BA 121 42.72 -6.24 -4.76
C LYS BA 121 43.15 -4.88 -4.25
N LEU BA 122 43.70 -4.86 -3.04
CA LEU BA 122 44.02 -3.62 -2.34
C LEU BA 122 45.19 -3.84 -1.41
N PRO BA 123 45.96 -2.78 -1.10
CA PRO BA 123 46.96 -2.82 -0.05
C PRO BA 123 46.32 -3.18 1.29
N TYR BA 124 45.18 -2.56 1.60
CA TYR BA 124 44.39 -2.92 2.78
C TYR BA 124 42.93 -2.70 2.51
N ALA BA 125 42.08 -3.26 3.35
CA ALA BA 125 40.65 -3.10 3.20
C ALA BA 125 39.97 -2.97 4.55
N ILE BA 126 38.94 -2.14 4.60
CA ILE BA 126 38.09 -2.02 5.79
C ILE BA 126 36.61 -2.27 5.45
N ALA BA 127 35.87 -2.79 6.43
CA ALA BA 127 34.47 -3.16 6.18
C ALA BA 127 33.63 -3.29 7.45
N GLY BA 128 32.32 -3.47 7.27
CA GLY BA 128 31.38 -3.57 8.37
C GLY BA 128 30.82 -2.20 8.72
N SER BA 129 29.71 -2.18 9.47
CA SER BA 129 29.05 -0.94 9.86
C SER BA 129 30.05 0.05 10.45
N GLY BA 130 30.83 -0.40 11.44
CA GLY BA 130 31.79 0.45 12.16
C GLY BA 130 32.91 1.08 11.36
N SER BA 131 33.10 0.63 10.13
CA SER BA 131 34.22 1.08 9.31
C SER BA 131 34.05 2.47 8.71
N THR BA 132 32.82 2.97 8.66
CA THR BA 132 32.58 4.27 8.04
C THR BA 132 33.38 5.35 8.76
N PHE BA 133 33.48 5.20 10.08
CA PHE BA 133 34.07 6.20 10.94
C PHE BA 133 35.60 6.28 10.83
N ILE BA 134 36.20 5.31 10.15
CA ILE BA 134 37.66 5.25 10.10
C ILE BA 134 38.27 5.38 8.71
N TYR BA 135 37.43 5.56 7.70
CA TYR BA 135 37.90 5.85 6.34
C TYR BA 135 38.95 6.97 6.30
N GLY BA 136 38.63 8.10 6.92
CA GLY BA 136 39.56 9.22 7.03
C GLY BA 136 40.83 8.86 7.79
N TYR BA 137 40.67 8.34 9.00
CA TYR BA 137 41.80 7.99 9.85
C TYR BA 137 42.75 6.95 9.25
N CYS BA 138 42.22 5.94 8.57
CA CYS BA 138 43.08 4.93 7.95
C CYS BA 138 43.86 5.46 6.75
N ASP BA 139 43.17 6.19 5.86
CA ASP BA 139 43.81 6.67 4.64
C ASP BA 139 45.01 7.53 4.98
N LYS BA 140 44.89 8.32 6.04
CA LYS BA 140 45.95 9.20 6.50
C LYS BA 140 47.13 8.45 7.13
N ASN BA 141 46.86 7.27 7.69
CA ASN BA 141 47.86 6.55 8.49
C ASN BA 141 48.46 5.27 7.90
N PHE BA 142 47.91 4.79 6.78
CA PHE BA 142 48.48 3.60 6.16
C PHE BA 142 49.74 3.89 5.37
N ARG BA 143 50.77 3.09 5.64
CA ARG BA 143 52.02 3.08 4.87
C ARG BA 143 52.27 1.67 4.39
N GLU BA 144 52.82 1.55 3.18
CA GLU BA 144 53.20 0.24 2.64
C GLU BA 144 54.47 -0.30 3.27
N ASN BA 145 54.44 -1.59 3.60
CA ASN BA 145 55.58 -2.29 4.16
C ASN BA 145 55.96 -1.86 5.56
N MET BA 146 54.93 -1.67 6.40
CA MET BA 146 55.16 -1.42 7.82
C MET BA 146 55.76 -2.68 8.43
N SER BA 147 56.34 -2.55 9.62
CA SER BA 147 56.80 -3.71 10.37
C SER BA 147 55.60 -4.42 10.96
N LYS BA 148 55.79 -5.63 11.47
CA LYS BA 148 54.69 -6.37 12.06
C LYS BA 148 54.05 -5.58 13.20
N GLU BA 149 54.83 -5.18 14.20
CA GLU BA 149 54.26 -4.48 15.35
C GLU BA 149 53.99 -2.98 15.10
N GLU BA 150 54.20 -2.53 13.87
CA GLU BA 150 53.66 -1.26 13.41
C GLU BA 150 52.24 -1.49 12.93
N THR BA 151 52.05 -2.55 12.16
CA THR BA 151 50.74 -2.93 11.61
C THR BA 151 49.74 -3.32 12.68
N VAL BA 152 50.17 -4.07 13.69
CA VAL BA 152 49.32 -4.35 14.83
C VAL BA 152 48.79 -3.03 15.40
N ASP BA 153 49.68 -2.04 15.56
CA ASP BA 153 49.30 -0.70 16.04
C ASP BA 153 48.27 -0.01 15.16
N PHE BA 154 48.54 0.01 13.86
CA PHE BA 154 47.61 0.59 12.89
C PHE BA 154 46.21 0.00 12.99
N ILE BA 155 46.11 -1.32 13.14
CA ILE BA 155 44.81 -1.99 13.28
C ILE BA 155 44.17 -1.68 14.62
N LYS BA 156 44.93 -1.88 15.70
CA LYS BA 156 44.46 -1.63 17.07
C LYS BA 156 43.91 -0.21 17.25
N HIS BA 157 44.57 0.77 16.64
CA HIS BA 157 44.10 2.14 16.70
C HIS BA 157 42.83 2.34 15.88
N SER BA 158 42.90 2.09 14.57
CA SER BA 158 41.72 2.14 13.68
C SER BA 158 40.48 1.50 14.30
N LEU BA 159 40.63 0.27 14.78
CA LEU BA 159 39.51 -0.51 15.30
C LEU BA 159 39.00 0.02 16.62
N SER BA 160 39.89 0.57 17.45
CA SER BA 160 39.43 1.19 18.70
C SER BA 160 38.54 2.39 18.39
N GLN BA 161 38.83 3.08 17.29
CA GLN BA 161 38.03 4.21 16.84
C GLN BA 161 36.72 3.75 16.24
N ALA BA 162 36.80 2.77 15.33
CA ALA BA 162 35.62 2.13 14.79
C ALA BA 162 34.70 1.68 15.92
N ILE BA 163 35.26 1.04 16.93
CA ILE BA 163 34.47 0.56 18.07
C ILE BA 163 33.87 1.72 18.88
N LYS BA 164 34.64 2.80 19.02
CA LYS BA 164 34.22 3.95 19.82
C LYS BA 164 32.91 4.52 19.33
N TRP BA 165 32.85 4.72 18.02
CA TRP BA 165 31.73 5.38 17.37
C TRP BA 165 30.60 4.46 16.94
N ASP BA 166 30.92 3.29 16.40
CA ASP BA 166 29.88 2.33 16.04
C ASP BA 166 29.31 1.60 17.24
N GLY BA 167 28.00 1.70 17.42
CA GLY BA 167 27.31 1.00 18.49
C GLY BA 167 27.15 -0.46 18.17
N SER BA 168 27.30 -0.83 16.90
CA SER BA 168 27.16 -2.21 16.45
C SER BA 168 28.48 -2.97 16.58
N SER BA 169 29.55 -2.25 16.88
CA SER BA 169 30.87 -2.83 17.05
C SER BA 169 31.32 -2.67 18.49
N GLY BA 170 32.13 -3.60 18.96
CA GLY BA 170 32.63 -3.59 20.33
C GLY BA 170 33.30 -4.89 20.78
N GLY BA 171 33.48 -5.03 22.08
CA GLY BA 171 34.06 -6.25 22.65
C GLY BA 171 35.58 -6.25 22.69
N VAL BA 172 36.19 -7.30 22.15
CA VAL BA 172 37.64 -7.40 22.06
C VAL BA 172 38.11 -7.22 20.62
N ILE BA 173 39.37 -6.86 20.43
CA ILE BA 173 39.93 -6.84 19.09
C ILE BA 173 40.70 -8.13 18.86
N ARG BA 174 40.23 -8.93 17.90
CA ARG BA 174 40.97 -10.13 17.49
C ARG BA 174 41.82 -9.80 16.28
N MET BA 175 43.02 -10.39 16.23
CA MET BA 175 43.85 -10.28 15.05
C MET BA 175 44.42 -11.63 14.74
N VAL BA 176 44.61 -11.89 13.46
CA VAL BA 176 45.30 -13.11 13.03
C VAL BA 176 46.42 -12.75 12.09
N VAL BA 177 47.65 -13.11 12.48
CA VAL BA 177 48.85 -12.75 11.71
C VAL BA 177 49.24 -13.87 10.75
N LEU BA 178 49.46 -13.50 9.49
CA LEU BA 178 49.77 -14.45 8.44
C LEU BA 178 51.14 -14.15 7.82
N THR BA 179 52.13 -14.98 8.15
CA THR BA 179 53.52 -14.80 7.69
C THR BA 179 54.13 -16.14 7.28
N ALA BA 180 55.42 -16.12 6.93
CA ALA BA 180 56.17 -17.35 6.67
C ALA BA 180 56.26 -18.20 7.93
N ALA BA 181 56.40 -17.52 9.07
CA ALA BA 181 56.59 -18.18 10.37
C ALA BA 181 55.43 -19.05 10.84
N GLY BA 182 54.28 -18.93 10.18
CA GLY BA 182 53.05 -19.60 10.64
C GLY BA 182 51.93 -18.62 10.99
N VAL BA 183 50.94 -19.09 11.76
CA VAL BA 183 49.75 -18.31 12.06
C VAL BA 183 49.74 -17.89 13.52
N GLU BA 184 49.62 -16.58 13.78
CA GLU BA 184 49.58 -16.07 15.15
C GLU BA 184 48.26 -15.43 15.55
N ARG BA 185 47.67 -15.95 16.64
CA ARG BA 185 46.45 -15.43 17.23
C ARG BA 185 46.73 -14.31 18.20
N LEU BA 186 46.06 -13.17 18.01
CA LEU BA 186 46.19 -12.04 18.93
C LEU BA 186 44.85 -11.53 19.43
N ILE BA 187 44.80 -11.20 20.72
CA ILE BA 187 43.62 -10.60 21.32
C ILE BA 187 44.00 -9.35 22.10
N PHE BA 188 43.13 -8.33 22.02
CA PHE BA 188 43.27 -7.12 22.83
C PHE BA 188 41.93 -6.77 23.48
N TYR BA 189 41.99 -6.51 24.78
CA TYR BA 189 40.80 -6.32 25.60
C TYR BA 189 40.48 -4.82 25.79
N PRO BA 190 39.22 -4.48 26.13
CA PRO BA 190 38.79 -3.10 26.41
C PRO BA 190 39.82 -2.27 27.16
N ASP BA 191 40.06 -2.60 28.43
CA ASP BA 191 40.96 -1.84 29.31
C ASP BA 191 42.27 -1.46 28.63
N GLU BA 192 42.78 -2.38 27.80
CA GLU BA 192 43.92 -2.11 26.93
C GLU BA 192 43.55 -1.05 25.87
N TYR BA 193 42.77 -1.43 24.85
CA TYR BA 193 42.60 -0.57 23.65
C TYR BA 193 41.77 0.72 23.77
N GLU BA 194 40.95 0.84 24.82
CA GLU BA 194 40.14 2.05 25.03
C GLU BA 194 41.00 3.25 25.38
N GLN BA 195 42.00 3.00 26.23
CA GLN BA 195 43.05 3.97 26.57
C GLN BA 195 43.72 4.52 25.30
N LEU BA 196 44.07 3.64 24.35
CA LEU BA 196 44.72 4.06 23.09
C LEU BA 196 43.97 5.29 22.55
MG MG CA . -29.37 9.84 42.55
MG MG DA . 12.66 61.70 40.48
MG MG EA . -6.31 59.93 18.93
MG MG FA . -9.22 57.45 23.97
MG MG GA . 15.47 21.16 -27.95
MG MG HA . -5.89 18.12 -23.46
MG MG IA . -15.48 11.74 -31.89
MG MG JA . -27.82 -17.94 17.71
C1 LXT KA . -20.10 -3.83 22.68
N2 LXT KA . -18.84 -3.05 22.68
C3 LXT KA . -20.95 -3.43 23.91
C4 LXT KA . -20.89 -3.63 21.37
N5 LXT KA . -21.23 -4.77 20.76
O6 LXT KA . -21.15 -2.49 20.96
C7 LXT KA . -21.98 -4.85 19.49
C8 LXT KA . -21.13 -5.66 18.48
C9 LXT KA . -23.36 -5.48 19.75
O10 LXT KA . -23.46 -6.52 20.38
N11 LXT KA . -24.39 -4.79 19.27
C12 LXT KA . -25.80 -5.18 19.46
C13 LXT KA . -26.33 -4.33 20.61
C14 LXT KA . -27.24 -3.29 20.37
C15 LXT KA . -27.72 -2.51 21.43
C16 LXT KA . -27.27 -2.76 22.73
C17 LXT KA . -26.37 -3.79 22.97
C18 LXT KA . -25.89 -4.57 21.92
C19 LXT KA . -27.78 -1.91 23.89
C20 LXT KA . -21.28 -5.23 17.02
C21 LXT KA . -20.82 -3.81 16.67
C22 LXT KA . -21.29 -3.24 15.48
C23 LXT KA . -20.92 -1.94 15.12
C24 LXT KA . -20.08 -1.20 15.95
C25 LXT KA . -19.59 -1.76 17.14
C26 LXT KA . -19.98 -3.07 17.50
C27 LXT KA . -21.97 -4.51 24.33
C28 LXT KA . -22.18 -4.51 25.86
C29 LXT KA . -21.35 -5.28 26.69
C30 LXT KA . -21.53 -5.28 28.09
C31 LXT KA . -22.55 -4.51 28.64
C32 LXT KA . -23.38 -3.74 27.80
C33 LXT KA . -23.20 -3.73 26.41
C34 LXT KA . -17.88 -3.10 21.75
O35 LXT KA . -17.90 -3.82 20.75
C36 LXT KA . -16.65 -2.20 22.05
C37 LXT KA . -16.11 -1.52 20.78
N38 LXT KA . -15.60 -3.02 22.68
C41 LXT KA . -15.77 -0.04 21.01
C42 LXT KA . -16.02 0.81 19.75
C43 LXT KA . -14.95 1.53 19.19
C44 LXT KA . -15.16 2.29 18.04
C45 LXT KA . -16.43 2.35 17.45
C46 LXT KA . -17.50 1.64 18.00
C47 LXT KA . -17.28 0.87 19.16
O1 MES LA . -19.98 -9.09 13.39
C2 MES LA . -20.06 -8.64 14.75
C3 MES LA . -21.53 -8.42 15.12
N4 MES LA . -22.16 -7.48 14.16
C5 MES LA . -22.01 -7.95 12.77
C6 MES LA . -20.54 -8.18 12.44
C7 MES LA . -23.59 -7.34 14.52
C8 MES LA . -24.14 -6.00 14.01
S MES LA . -25.76 -5.80 14.39
O1S MES LA . -25.86 -4.94 15.59
O2S MES LA . -26.45 -5.17 13.24
O3S MES LA . -26.42 -7.09 14.71
MG MG MA . -0.13 -16.41 35.08
MG MG NA . 34.23 14.51 -2.85
C1 LXT OA . -6.16 -2.05 -29.89
N2 LXT OA . -4.82 -2.14 -29.22
C3 LXT OA . -6.03 -2.62 -31.31
C4 LXT OA . -7.29 -2.80 -29.15
N5 LXT OA . -8.37 -2.05 -28.91
O6 LXT OA . -7.18 -3.99 -28.84
C7 LXT OA . -9.57 -2.52 -28.18
C8 LXT OA . -9.74 -1.71 -26.88
C9 LXT OA . -10.80 -2.42 -29.10
O10 LXT OA . -11.00 -1.41 -29.77
N11 LXT OA . -11.59 -3.50 -29.11
C12 LXT OA . -12.78 -3.62 -29.97
C13 LXT OA . -12.37 -4.50 -31.14
C14 LXT OA . -12.86 -5.80 -31.26
C15 LXT OA . -12.44 -6.60 -32.34
C16 LXT OA . -11.54 -6.10 -33.29
C17 LXT OA . -11.04 -4.80 -33.15
C18 LXT OA . -11.45 -4.01 -32.08
C19 LXT OA . -11.08 -6.98 -34.46
C20 LXT OA . -10.45 -2.50 -25.77
C21 LXT OA . -9.52 -3.27 -24.80
C22 LXT OA . -9.81 -3.25 -23.43
C23 LXT OA . -8.99 -3.93 -22.53
C24 LXT OA . -7.88 -4.65 -22.99
C25 LXT OA . -7.59 -4.68 -24.36
C26 LXT OA . -8.41 -3.98 -25.26
C27 LXT OA . -7.11 -2.08 -32.26
C28 LXT OA . -6.59 -2.06 -33.71
C29 LXT OA . -5.66 -1.09 -34.10
C30 LXT OA . -5.18 -1.06 -35.41
C31 LXT OA . -5.65 -2.03 -36.31
C32 LXT OA . -6.57 -3.00 -35.91
C33 LXT OA . -7.05 -3.02 -34.61
C34 LXT OA . -4.56 -2.07 -27.89
O35 LXT OA . -5.40 -1.91 -27.01
C36 LXT OA . -3.06 -2.20 -27.54
C37 LXT OA . -2.89 -2.78 -26.13
N38 LXT OA . -2.42 -0.88 -27.61
C41 LXT OA . -2.22 -4.16 -26.15
C42 LXT OA . -2.60 -4.98 -24.90
C43 LXT OA . -1.66 -5.17 -23.90
C44 LXT OA . -2.00 -5.92 -22.76
C45 LXT OA . -3.28 -6.47 -22.64
C46 LXT OA . -4.22 -6.28 -23.65
C47 LXT OA . -3.88 -5.53 -24.79
O1 MES PA . -11.97 1.69 -22.40
C2 MES PA . -12.38 1.91 -23.77
C3 MES PA . -13.63 1.08 -24.05
N4 MES PA . -13.32 -0.35 -23.79
C5 MES PA . -12.98 -0.53 -22.37
C6 MES PA . -11.73 0.31 -22.06
C7 MES PA . -14.47 -1.19 -24.15
C8 MES PA . -14.27 -1.88 -25.51
S MES PA . -15.04 -3.37 -25.59
O1S MES PA . -16.41 -3.21 -26.10
O2S MES PA . -14.27 -4.23 -26.52
O3S MES PA . -15.13 -4.04 -24.28
#